data_7UZK
#
_entry.id   7UZK
#
_cell.length_a   1.00
_cell.length_b   1.00
_cell.length_c   1.00
_cell.angle_alpha   90.00
_cell.angle_beta   90.00
_cell.angle_gamma   90.00
#
_symmetry.space_group_name_H-M   'P 1'
#
loop_
_entity.id
_entity.type
_entity.pdbx_description
1 polymer 'ATPase H+-transporting V1 subunit A'
2 polymer 'V-type proton ATPase subunit B, brain isoform'
3 polymer 'V-type proton ATPase subunit C 1'
4 polymer 'ATPase H+-transporting V1 subunit D'
5 polymer 'V-type proton ATPase subunit E 1'
6 polymer 'V-type proton ATPase subunit F'
7 polymer 'V-type proton ATPase subunit G'
8 polymer 'Effector SidK'
9 polymer 'Nuclear receptor coactivator 7B'
10 non-polymer "ADENOSINE-5'-DIPHOSPHATE"
11 non-polymer 'MAGNESIUM ION'
#
loop_
_entity_poly.entity_id
_entity_poly.type
_entity_poly.pdbx_seq_one_letter_code
_entity_poly.pdbx_strand_id
1 'polypeptide(L)'
;MDFSKLPKIRDEDKESTFGYVHGVSGPVVTACDMAGAAMYELVRVGHSELVGEIIRLEGDMATIQVYEETSGVSVGDPVL
RTGKPLSVELGPGIMGAIFDGIQRPLSDISSQTQSIYIPRGVNVSALSRDIKWEFIPSKNLRVGSHITGGDIYGIVNENS
LIKHKIMLPPRSRGSVTYIAPPGNYDASDVVLELEFEGVKEKLSMVQVWPVRQVRPVTEKLPANHPLLTGQRVLDALFPC
VQGGTTAIPGAFGCGKTVISQSLSKYSNSDVIIYVGCGERGNEMSEVLRDFPELTMEVDGKVESIMKRTALVANTSNMPV
AAREASIYTGITLSEYFRDMGYHVSMMADSTSRWAEALREISGRLAEMPADSGYPAYLGARLASFYERAGRVKCLGNPER
EGSVSIVGAVSPPGGDFSDPVTSATLGIVQVFWGLDKKLAQRKHFPSVNWLISYSKYMRALDEYYDKHFTEFVPLRTKAK
EILQEEEDLAEIVQLVGKASLAETDKITLEVAKLIKDDFLQQNGYTPYDRFCPFYKTVGMLSNMISFYDMARRAVETTAQ
SDNKITWSIIREHMGEILYKLSSMKFKDPVKDGEAKIKADYAQLLEDMQNAFRSLED
;
A,B,C
2 'polypeptide(L)'
;MALRAMRGIVNGAAPELPVPTGGPMAGAREQALAVSRNYLSQPRLTYKTVSGVNGPLVILDHVKFPRYAEIVHLTLPDGT
KRSGQVLEVSGSKAVVQVFEGTSGIDAKKTSCEFTGDILRTPVSEDMLGRVFNGSGKPIDRGPVVLAEDFLDIMGQPINP
QCRIYPEEMIQTGISAIDGMNSIARGQKIPIFSAAGLPHNEIAAQICRQAGLVKKSKDVVDYSEENFAIVFAAMGVNMET
ARFFKSDFEENGSMDNVCLFLNLANDPTIERIITPRLALTTAEFLAYQCEKHVLVILTDMSSYAEALREVSAAREEVPGR
RGFPGYMYTDLATIYERAGRVEGRNGSITQIPILTMPNDDITHPIPDLTGYITEGQIYVDRQLHNRQIYPPINVLPSLSR
LMKSAIGEGMTRKDHADVSNQLYACYAIGKDVQAMKAVVGEEALTSDDLLYLEFLQKFEKNFITQGPYENRTVYETLDIG
WQLLRIFPKEMLKRIPQSTLSEFYPRDSAKH
;
D,E,F
3 'polypeptide(L)'
;MTEFWLISAPGEKTCQQTWEKLHAATTKNNNLAVSSKFNIPDLKVGTLDVLVGLSDELAKLDAFVEGVVKKVAQYMADVL
EDSKDKVQENLLASGVDLVTYITRFQWDMAKYPIKQSLKNISEIIAKGVTQIDNDLKSRASAYNNLKGNLQNLERKNAGS
LLTRSLAEIVKKDDFVLDSEYLVTLLVVVPKLNHNDWIKQYETLAEMVVPRSSNVLSEDQDSYLCNVTLFKKAVDDFRHK
ARENKFIVRDFQYNEEEMRADKEEMNRLSTDKKKQFGPLVRWLKVNFSEAFIAWIHIKALRVFVESVLRYGLPVNFQAML
LQPNKKSVKKLREVLHELYKHLDSSAAAIIDAPMDIPGLNLSQQEYYPYVYYKIDCNLLEFK
;
G
4 'polypeptide(L)'
;MSGKDRIEIFPSRMAQTIMKARLKGAQTGRNLLKKKSDALTLRFRQILKKIIETKMLMGEVMREAAFSLAEAKFTAGDFS
TTVIQNVNKAQVKIRAKKDNVAGVTLPVFEHYHEGTDSYELTGLARGGEQLAKLKRNYAKAVELLVELASLQTSFVTLDE
AIKITNRRVNAIEHVIIPRIERTLAYIITELDEREREEFYRLKKIQEKKKIIKEKSEKDLERRRAAGEVMEPANLLAEEK
DEDLLFE
;
H
5 'polypeptide(L)'
;MALSDADVQKQIKHMMAFIEQEANEKAEEIDAKAEEEFNIEKGRLVQTQRLKIMEYYEKKEKQIEQQKKIQMSNLMNQAR
LKVLRARDDLITDLLNEAKQRLSKVVKDTTRYQVLLDGLVLQGLYQLLEPRMIVRCRKQDFPLVKAAVQKAIPMYKIATK
KDVDVQIDLEAYLPEDIAGGVEIYNGDRKIKVSNTLESRLDLIAQQMMPEVRGALFGANANRKFLD
;
I,J,K
6 'polypeptide(L)'
;MAGRGKLIAVIGDEDTVTGFLLGGIGELNKNRHPNFLVVEKDTTINEIEDTFRQFLNRDDIGIILINQYIAEMVRHALDA
HQRSIPAVLEIPSKEHPYDAAKDSILRRAKGMFTAEDLR
;
L
7 'polypeptide(L)'
;MASQSQGIQQLLQAEKRAAEKVSEARKRKNRRLKQAKEEAQAEIEQYRLQREKEFKAKEAAALGSHGSCSSEVEKETQEK
MTILQNYFEQNRDEVLDNLLAFVCDIRPEIHENYRING
;
M,N,O
8 'polypeptide(L)'
;MSFIKVGIKMGGLTSEQYHSQVVGKIGYIARCMQTIDPENNLKKIREDYQDVLIWAEKNYRFEEILEASKSGKCPNDLDA
LSRRSLILQELLRLVSSISPFKMKLDLIESQYEKMKQHVNLWKSDYHVKLNQLNQLTDYLKNAAPTPKNNFLRAMTSVLQ
MQIAQYGITEDNEGINQLFKLGLHLLAMANEKIDEQYHLFKGYVKDQPEESPFEGILPAEDQKILVKTMIDYAMPKLSSK
VLQDKLSALSSSDVLTKTLLDSIDRIVKENEKLNALSKVK
;
Q,R,S
9 'polypeptide(L)'
;MRGRRLPLDIQIFYCARPDQEPFVKIITVEEAKRRKSTCSYYEEEEEEEEGLPILQSHSALLENMHIEQLARRLPARVQG
YPWRLAYSTLEHGTSLKTLYRKSASLDSPVLLVIKDMDNQIFGAYATHPFRFSDHYYGTGETFLYTFSPNFKVFKWSGEN
SYFINGDISSLELGGGGGRFGLWLDADLYHGRSNSCSTFNNDILSKKEDFIVQDLEVWTFE
;
T
#
# COMPACT_ATOMS: atom_id res chain seq x y z
N SER A 16 15.28 38.83 40.61
CA SER A 16 15.52 39.91 39.61
C SER A 16 14.31 40.83 39.36
N THR A 17 13.05 40.38 39.48
CA THR A 17 11.81 41.10 39.06
C THR A 17 11.67 41.25 37.54
N PHE A 18 12.72 41.68 36.85
CA PHE A 18 12.77 41.74 35.39
C PHE A 18 14.12 41.29 34.82
N GLY A 19 14.07 40.64 33.68
CA GLY A 19 15.21 40.33 32.84
C GLY A 19 15.20 41.18 31.58
N TYR A 20 16.00 40.80 30.59
CA TYR A 20 16.14 41.54 29.34
C TYR A 20 16.04 40.61 28.14
N VAL A 21 15.45 41.09 27.06
CA VAL A 21 15.46 40.39 25.78
C VAL A 21 16.89 40.21 25.32
N HIS A 22 17.30 38.97 25.10
CA HIS A 22 18.57 38.59 24.49
C HIS A 22 18.44 38.39 22.98
N GLY A 23 17.33 37.83 22.51
CA GLY A 23 17.10 37.58 21.10
C GLY A 23 15.64 37.34 20.77
N VAL A 24 15.28 37.52 19.51
CA VAL A 24 13.93 37.34 18.98
C VAL A 24 13.99 36.63 17.63
N SER A 25 13.09 35.68 17.39
CA SER A 25 12.89 35.00 16.12
C SER A 25 11.42 34.60 15.97
N GLY A 26 10.63 35.38 15.24
CA GLY A 26 9.18 35.15 15.15
C GLY A 26 8.50 35.30 16.52
N PRO A 27 7.55 34.42 16.89
CA PRO A 27 6.87 34.48 18.19
C PRO A 27 7.71 34.03 19.39
N VAL A 28 8.98 33.64 19.18
CA VAL A 28 9.85 33.11 20.24
C VAL A 28 10.89 34.15 20.64
N VAL A 29 10.90 34.49 21.92
CA VAL A 29 11.81 35.43 22.56
C VAL A 29 12.72 34.67 23.50
N THR A 30 14.01 34.99 23.50
CA THR A 30 14.93 34.54 24.53
C THR A 30 15.27 35.69 25.44
N ALA A 31 15.23 35.47 26.74
CA ALA A 31 15.51 36.45 27.77
C ALA A 31 16.61 35.98 28.71
N CYS A 32 17.24 36.91 29.42
CA CYS A 32 18.35 36.66 30.34
C CYS A 32 18.17 37.46 31.65
N ASP A 33 18.90 37.09 32.70
CA ASP A 33 18.64 37.48 34.10
C ASP A 33 17.30 36.97 34.64
N MET A 34 16.89 35.78 34.21
CA MET A 34 15.62 35.13 34.54
C MET A 34 15.80 33.94 35.50
N ALA A 35 16.79 34.00 36.40
CA ALA A 35 17.30 32.85 37.14
C ALA A 35 16.26 32.11 38.00
N GLY A 36 15.36 32.83 38.66
CA GLY A 36 14.33 32.21 39.53
C GLY A 36 13.04 31.82 38.81
N ALA A 37 12.91 32.09 37.51
CA ALA A 37 11.65 31.93 36.77
C ALA A 37 11.21 30.48 36.61
N ALA A 38 9.93 30.18 36.80
CA ALA A 38 9.38 28.84 36.67
C ALA A 38 8.73 28.55 35.32
N MET A 39 8.77 27.28 34.91
CA MET A 39 8.09 26.80 33.71
C MET A 39 6.59 27.12 33.70
N TYR A 40 6.12 27.63 32.56
CA TYR A 40 4.77 28.14 32.31
C TYR A 40 4.36 29.37 33.12
N GLU A 41 5.27 30.11 33.75
CA GLU A 41 4.97 31.47 34.20
C GLU A 41 4.59 32.37 33.02
N LEU A 42 3.66 33.30 33.23
CA LEU A 42 3.49 34.44 32.35
C LEU A 42 4.53 35.52 32.62
N VAL A 43 4.87 36.22 31.57
CA VAL A 43 5.89 37.26 31.55
C VAL A 43 5.42 38.37 30.60
N ARG A 44 5.82 39.62 30.83
CA ARG A 44 5.51 40.75 29.96
C ARG A 44 6.77 41.25 29.27
N VAL A 45 6.75 41.25 27.95
CA VAL A 45 7.91 41.43 27.06
C VAL A 45 7.86 42.79 26.38
N GLY A 46 8.98 43.50 26.35
CA GLY A 46 9.10 44.73 25.60
C GLY A 46 8.57 45.95 26.34
N HIS A 47 8.78 47.12 25.74
CA HIS A 47 8.25 48.39 26.24
C HIS A 47 6.73 48.49 26.14
N SER A 48 6.12 47.73 25.23
CA SER A 48 4.66 47.61 25.06
C SER A 48 4.03 46.51 25.90
N GLU A 49 4.81 45.79 26.73
CA GLU A 49 4.33 44.77 27.68
C GLU A 49 3.44 43.68 27.06
N LEU A 50 3.90 43.10 25.96
CA LEU A 50 3.27 41.96 25.29
C LEU A 50 3.27 40.74 26.20
N VAL A 51 2.20 39.96 26.23
CA VAL A 51 2.16 38.73 27.05
C VAL A 51 2.98 37.62 26.39
N GLY A 52 3.79 36.94 27.18
CA GLY A 52 4.41 35.66 26.83
C GLY A 52 4.34 34.68 28.00
N GLU A 53 4.69 33.43 27.73
CA GLU A 53 4.73 32.35 28.71
C GLU A 53 6.06 31.59 28.61
N ILE A 54 6.70 31.29 29.74
CA ILE A 54 8.01 30.66 29.79
C ILE A 54 7.91 29.17 29.47
N ILE A 55 8.67 28.69 28.49
CA ILE A 55 8.55 27.32 27.94
C ILE A 55 9.86 26.52 27.93
N ARG A 56 11.01 27.12 28.23
CA ARG A 56 12.29 26.42 28.43
C ARG A 56 13.17 27.24 29.35
N LEU A 57 13.99 26.59 30.16
CA LEU A 57 14.95 27.22 31.06
C LEU A 57 16.34 26.64 30.84
N GLU A 58 17.36 27.48 30.83
CA GLU A 58 18.78 27.10 30.77
C GLU A 58 19.61 28.07 31.60
N GLY A 59 20.09 27.66 32.77
CA GLY A 59 20.81 28.55 33.68
C GLY A 59 19.94 29.74 34.07
N ASP A 60 20.43 30.97 33.85
CA ASP A 60 19.68 32.22 34.05
C ASP A 60 18.98 32.75 32.79
N MET A 61 18.79 31.93 31.76
CA MET A 61 18.06 32.29 30.54
C MET A 61 16.76 31.50 30.39
N ALA A 62 15.78 32.16 29.79
CA ALA A 62 14.44 31.65 29.57
C ALA A 62 14.04 31.83 28.10
N THR A 63 13.34 30.85 27.56
CA THR A 63 12.70 30.95 26.24
C THR A 63 11.22 31.12 26.43
N ILE A 64 10.64 32.07 25.72
CA ILE A 64 9.31 32.57 25.95
C ILE A 64 8.52 32.46 24.65
N GLN A 65 7.28 32.02 24.76
CA GLN A 65 6.32 31.99 23.67
C GLN A 65 5.40 33.20 23.79
N VAL A 66 5.43 34.13 22.84
CA VAL A 66 4.69 35.40 22.91
C VAL A 66 3.31 35.25 22.28
N TYR A 67 2.28 35.79 22.93
CA TYR A 67 0.86 35.70 22.54
C TYR A 67 0.41 36.81 21.58
N GLU A 68 1.35 37.60 21.08
CA GLU A 68 1.15 38.86 20.33
C GLU A 68 2.25 38.97 19.28
N GLU A 69 2.09 39.82 18.26
CA GLU A 69 3.16 40.04 17.29
C GLU A 69 4.38 40.71 17.93
N THR A 70 5.57 40.28 17.54
CA THR A 70 6.87 40.66 18.13
C THR A 70 7.65 41.70 17.32
N SER A 71 7.16 42.14 16.16
CA SER A 71 7.82 43.14 15.30
C SER A 71 8.23 44.39 16.08
N GLY A 72 9.49 44.80 15.98
CA GLY A 72 9.99 45.95 16.73
C GLY A 72 10.49 45.66 18.15
N VAL A 73 10.32 44.45 18.70
CA VAL A 73 10.98 44.06 19.95
C VAL A 73 12.48 44.03 19.72
N SER A 74 13.25 44.59 20.66
CA SER A 74 14.66 44.90 20.49
C SER A 74 15.51 44.28 21.59
N VAL A 75 16.74 43.89 21.27
CA VAL A 75 17.66 43.35 22.28
C VAL A 75 17.89 44.38 23.38
N GLY A 76 17.89 43.93 24.63
CA GLY A 76 17.95 44.77 25.82
C GLY A 76 16.59 45.30 26.30
N ASP A 77 15.49 45.05 25.59
CA ASP A 77 14.15 45.41 26.06
C ASP A 77 13.82 44.73 27.39
N PRO A 78 12.96 45.30 28.24
CA PRO A 78 12.56 44.70 29.50
C PRO A 78 11.80 43.39 29.32
N VAL A 79 11.90 42.49 30.30
CA VAL A 79 11.12 41.26 30.41
C VAL A 79 10.65 41.14 31.86
N LEU A 80 9.48 41.70 32.16
CA LEU A 80 8.89 41.79 33.48
C LEU A 80 8.24 40.47 33.90
N ARG A 81 8.69 39.95 35.05
CA ARG A 81 8.27 38.60 35.49
C ARG A 81 7.09 38.63 36.45
N THR A 82 5.99 38.01 36.05
CA THR A 82 4.79 37.86 36.90
C THR A 82 4.85 36.55 37.70
N GLY A 83 4.19 36.45 38.85
CA GLY A 83 4.28 35.27 39.71
C GLY A 83 3.48 34.04 39.27
N LYS A 84 2.67 34.15 38.21
CA LYS A 84 1.50 33.30 37.94
C LYS A 84 1.56 32.64 36.55
N PRO A 85 0.93 31.47 36.36
CA PRO A 85 0.71 30.86 35.06
C PRO A 85 -0.48 31.46 34.30
N LEU A 86 -0.65 31.06 33.04
CA LEU A 86 -1.81 31.42 32.22
C LEU A 86 -3.11 31.01 32.93
N SER A 87 -3.94 31.99 33.26
CA SER A 87 -5.10 31.83 34.14
C SER A 87 -6.25 32.74 33.71
N VAL A 88 -7.46 32.35 34.10
CA VAL A 88 -8.74 32.94 33.64
C VAL A 88 -9.47 33.59 34.82
N GLU A 89 -10.10 34.74 34.62
CA GLU A 89 -11.01 35.35 35.59
C GLU A 89 -12.37 34.64 35.55
N LEU A 90 -12.89 34.24 36.70
CA LEU A 90 -14.14 33.51 36.83
C LEU A 90 -15.08 34.22 37.80
N GLY A 91 -16.24 34.66 37.34
CA GLY A 91 -17.18 35.43 38.15
C GLY A 91 -18.30 36.05 37.31
N PRO A 92 -19.13 36.93 37.88
CA PRO A 92 -20.25 37.54 37.17
C PRO A 92 -19.79 38.42 36.01
N GLY A 93 -20.46 38.35 34.86
CA GLY A 93 -20.10 39.07 33.64
C GLY A 93 -19.57 38.17 32.53
N ILE A 94 -19.56 36.85 32.70
CA ILE A 94 -19.17 35.88 31.66
C ILE A 94 -20.29 35.65 30.65
N MET A 95 -21.56 35.61 31.05
CA MET A 95 -22.64 35.33 30.10
C MET A 95 -22.81 36.46 29.09
N GLY A 96 -22.95 36.08 27.82
CA GLY A 96 -23.03 36.99 26.69
C GLY A 96 -21.70 37.62 26.28
N ALA A 97 -20.57 37.27 26.91
CA ALA A 97 -19.26 37.82 26.57
C ALA A 97 -18.64 37.16 25.34
N ILE A 98 -17.91 37.95 24.55
CA ILE A 98 -17.01 37.48 23.49
C ILE A 98 -15.58 37.68 23.97
N PHE A 99 -14.76 36.65 23.92
CA PHE A 99 -13.39 36.66 24.40
C PHE A 99 -12.39 36.27 23.30
N ASP A 100 -11.18 36.79 23.42
CA ASP A 100 -9.97 36.28 22.78
C ASP A 100 -9.57 34.90 23.38
N GLY A 101 -8.69 34.15 22.72
CA GLY A 101 -8.20 32.86 23.22
C GLY A 101 -7.51 32.93 24.59
N ILE A 102 -6.96 34.09 24.94
CA ILE A 102 -6.36 34.45 26.23
C ILE A 102 -7.30 35.31 27.11
N GLN A 103 -8.62 35.19 26.92
CA GLN A 103 -9.70 35.84 27.67
C GLN A 103 -9.76 37.39 27.62
N ARG A 104 -9.21 38.04 26.60
CA ARG A 104 -9.39 39.49 26.41
C ARG A 104 -10.82 39.82 25.94
N PRO A 105 -11.52 40.79 26.53
CA PRO A 105 -12.93 41.06 26.25
C PRO A 105 -13.13 41.94 25.01
N LEU A 106 -13.39 41.33 23.86
CA LEU A 106 -13.43 42.02 22.56
C LEU A 106 -14.43 43.18 22.52
N SER A 107 -15.58 43.04 23.15
CA SER A 107 -16.63 44.07 23.23
C SER A 107 -16.22 45.29 24.04
N ASP A 108 -15.41 45.10 25.08
CA ASP A 108 -14.93 46.18 25.94
C ASP A 108 -13.74 46.87 25.29
N ILE A 109 -12.82 46.13 24.69
CA ILE A 109 -11.72 46.69 23.87
C ILE A 109 -12.27 47.57 22.75
N SER A 110 -13.32 47.11 22.07
CA SER A 110 -14.05 47.89 21.07
C SER A 110 -14.61 49.17 21.65
N SER A 111 -15.39 49.06 22.73
CA SER A 111 -16.08 50.20 23.37
C SER A 111 -15.13 51.23 23.99
N GLN A 112 -14.02 50.80 24.61
CA GLN A 112 -13.12 51.70 25.33
C GLN A 112 -12.09 52.39 24.43
N THR A 113 -11.57 51.71 23.41
CA THR A 113 -10.63 52.31 22.45
C THR A 113 -11.33 53.09 21.33
N GLN A 114 -12.63 52.85 21.10
CA GLN A 114 -13.45 53.44 20.04
C GLN A 114 -12.90 53.21 18.61
N SER A 115 -12.11 52.16 18.41
CA SER A 115 -11.46 51.80 17.14
C SER A 115 -11.88 50.40 16.68
N ILE A 116 -11.82 50.15 15.37
CA ILE A 116 -12.03 48.82 14.77
C ILE A 116 -10.88 47.85 15.05
N TYR A 117 -9.72 48.34 15.51
CA TYR A 117 -8.52 47.51 15.70
C TYR A 117 -8.35 47.02 17.14
N ILE A 118 -7.51 46.00 17.34
CA ILE A 118 -6.99 45.57 18.65
C ILE A 118 -5.54 46.09 18.79
N PRO A 119 -5.19 46.92 19.79
CA PRO A 119 -3.82 47.38 19.99
C PRO A 119 -2.89 46.29 20.52
N ARG A 120 -1.64 46.21 20.05
CA ARG A 120 -0.64 45.28 20.60
C ARG A 120 -0.31 45.64 22.05
N GLY A 121 -0.36 44.67 22.95
CA GLY A 121 -0.14 44.86 24.38
C GLY A 121 -1.32 45.51 25.13
N VAL A 122 -2.53 45.58 24.55
CA VAL A 122 -3.71 46.13 25.23
C VAL A 122 -4.04 45.34 26.50
N ASN A 123 -4.39 46.05 27.58
CA ASN A 123 -4.69 45.45 28.88
C ASN A 123 -6.04 45.98 29.42
N VAL A 124 -7.05 45.12 29.42
CA VAL A 124 -8.38 45.37 29.99
C VAL A 124 -8.74 44.13 30.83
N SER A 125 -9.30 44.29 32.03
CA SER A 125 -9.78 43.17 32.85
C SER A 125 -10.85 42.38 32.10
N ALA A 126 -10.82 41.05 32.15
CA ALA A 126 -11.77 40.22 31.41
C ALA A 126 -13.20 40.38 31.94
N LEU A 127 -13.35 40.52 33.25
CA LEU A 127 -14.62 40.80 33.91
C LEU A 127 -14.63 42.25 34.40
N SER A 128 -15.68 43.00 34.05
CA SER A 128 -15.83 44.43 34.39
C SER A 128 -15.83 44.68 35.90
N ARG A 129 -15.08 45.69 36.33
CA ARG A 129 -15.07 46.18 37.72
C ARG A 129 -15.99 47.40 37.94
N ASP A 130 -16.67 47.88 36.90
CA ASP A 130 -17.59 49.02 36.97
C ASP A 130 -19.06 48.61 37.21
N ILE A 131 -19.49 47.45 36.68
CA ILE A 131 -20.86 46.96 36.82
C ILE A 131 -21.11 46.57 38.28
N LYS A 132 -22.29 46.89 38.83
CA LYS A 132 -22.73 46.48 40.17
C LYS A 132 -23.74 45.34 40.12
N TRP A 133 -23.50 44.31 40.91
CA TRP A 133 -24.23 43.04 40.91
C TRP A 133 -25.06 42.87 42.16
N GLU A 134 -26.31 42.46 42.00
CA GLU A 134 -27.22 42.15 43.10
C GLU A 134 -26.85 40.80 43.74
N PHE A 135 -26.19 40.85 44.88
CA PHE A 135 -25.68 39.70 45.64
C PHE A 135 -26.53 39.43 46.88
N ILE A 136 -26.95 38.18 47.06
CA ILE A 136 -27.60 37.69 48.28
C ILE A 136 -26.71 36.62 48.94
N PRO A 137 -26.24 36.80 50.18
CA PRO A 137 -25.47 35.78 50.91
C PRO A 137 -26.33 34.57 51.27
N SER A 138 -25.73 33.42 51.58
CA SER A 138 -26.44 32.13 51.65
C SER A 138 -27.40 31.93 52.84
N LYS A 139 -27.56 32.94 53.71
CA LYS A 139 -28.35 33.03 54.97
C LYS A 139 -28.07 32.02 56.08
N ASN A 140 -27.67 30.79 55.77
CA ASN A 140 -27.22 29.82 56.77
C ASN A 140 -25.85 30.16 57.38
N LEU A 141 -24.98 30.86 56.64
CA LEU A 141 -23.65 31.25 57.11
C LEU A 141 -23.70 32.48 58.02
N ARG A 142 -22.91 32.43 59.08
CA ARG A 142 -22.68 33.47 60.08
C ARG A 142 -21.20 33.50 60.45
N VAL A 143 -20.75 34.55 61.13
CA VAL A 143 -19.36 34.62 61.63
C VAL A 143 -19.03 33.39 62.48
N GLY A 144 -17.84 32.83 62.29
CA GLY A 144 -17.36 31.60 62.93
C GLY A 144 -17.70 30.30 62.19
N SER A 145 -18.52 30.33 61.13
CA SER A 145 -18.88 29.13 60.35
C SER A 145 -17.67 28.51 59.66
N HIS A 146 -17.53 27.18 59.71
CA HIS A 146 -16.50 26.44 58.97
C HIS A 146 -16.93 26.22 57.53
N ILE A 147 -16.07 26.56 56.57
CA ILE A 147 -16.34 26.45 55.12
C ILE A 147 -15.10 26.01 54.36
N THR A 148 -15.32 25.42 53.19
CA THR A 148 -14.30 24.70 52.42
C THR A 148 -14.44 24.94 50.92
N GLY A 149 -13.46 24.53 50.13
CA GLY A 149 -13.45 24.81 48.69
C GLY A 149 -14.67 24.26 47.96
N GLY A 150 -15.31 25.08 47.13
CA GLY A 150 -16.54 24.76 46.41
C GLY A 150 -17.83 25.08 47.17
N ASP A 151 -17.77 25.52 48.42
CA ASP A 151 -18.93 25.94 49.19
C ASP A 151 -19.57 27.20 48.60
N ILE A 152 -20.85 27.15 48.24
CA ILE A 152 -21.59 28.33 47.80
C ILE A 152 -21.88 29.19 49.04
N TYR A 153 -21.48 30.47 49.03
CA TYR A 153 -21.72 31.41 50.13
C TYR A 153 -22.58 32.62 49.74
N GLY A 154 -22.96 32.75 48.47
CA GLY A 154 -23.97 33.71 48.02
C GLY A 154 -24.34 33.49 46.56
N ILE A 155 -25.32 34.23 46.06
CA ILE A 155 -25.83 34.11 44.69
C ILE A 155 -26.00 35.50 44.08
N VAL A 156 -25.64 35.65 42.81
CA VAL A 156 -25.86 36.85 41.99
C VAL A 156 -26.93 36.59 40.94
N ASN A 157 -27.90 37.49 40.81
CA ASN A 157 -28.80 37.52 39.67
C ASN A 157 -28.08 38.11 38.44
N GLU A 158 -27.38 37.26 37.66
CA GLU A 158 -26.63 37.71 36.49
C GLU A 158 -27.56 38.07 35.32
N ASN A 159 -28.50 37.17 35.03
CA ASN A 159 -29.47 37.24 33.92
C ASN A 159 -30.81 36.65 34.38
N SER A 160 -31.86 36.84 33.58
CA SER A 160 -33.18 36.23 33.78
C SER A 160 -33.17 34.70 33.85
N LEU A 161 -32.23 34.03 33.16
CA LEU A 161 -32.06 32.58 33.13
C LEU A 161 -31.10 32.05 34.21
N ILE A 162 -29.99 32.76 34.46
CA ILE A 162 -28.84 32.24 35.22
C ILE A 162 -28.75 32.88 36.60
N LYS A 163 -28.84 32.06 37.65
CA LYS A 163 -28.38 32.39 39.01
C LYS A 163 -26.90 32.05 39.11
N HIS A 164 -26.03 33.04 39.20
CA HIS A 164 -24.61 32.83 39.26
C HIS A 164 -24.19 32.53 40.71
N LYS A 165 -23.88 31.27 41.01
CA LYS A 165 -23.48 30.84 42.35
C LYS A 165 -22.08 31.34 42.70
N ILE A 166 -21.93 32.00 43.84
CA ILE A 166 -20.63 32.46 44.34
C ILE A 166 -20.06 31.39 45.25
N MET A 167 -19.09 30.65 44.76
CA MET A 167 -18.42 29.55 45.43
C MET A 167 -17.12 29.99 46.08
N LEU A 168 -16.76 29.41 47.21
CA LEU A 168 -15.41 29.55 47.76
C LEU A 168 -14.42 28.85 46.82
N PRO A 169 -13.27 29.46 46.48
CA PRO A 169 -12.30 28.85 45.59
C PRO A 169 -11.84 27.46 46.06
N PRO A 170 -11.52 26.52 45.17
CA PRO A 170 -10.74 25.35 45.55
C PRO A 170 -9.42 25.79 46.19
N ARG A 171 -8.79 24.97 47.03
CA ARG A 171 -7.55 25.32 47.75
C ARG A 171 -7.69 26.49 48.74
N SER A 172 -8.90 26.96 49.02
CA SER A 172 -9.24 27.91 50.08
C SER A 172 -10.24 27.27 51.05
N ARG A 173 -10.12 27.60 52.35
CA ARG A 173 -10.87 27.03 53.48
C ARG A 173 -10.72 27.90 54.73
N GLY A 174 -11.58 27.71 55.71
CA GLY A 174 -11.37 28.28 57.04
C GLY A 174 -12.67 28.60 57.78
N SER A 175 -12.56 29.49 58.76
CA SER A 175 -13.67 30.01 59.55
C SER A 175 -14.05 31.40 59.06
N VAL A 176 -15.33 31.68 58.83
CA VAL A 176 -15.81 33.00 58.40
C VAL A 176 -15.50 34.07 59.44
N THR A 177 -14.89 35.19 59.05
CA THR A 177 -14.67 36.37 59.89
C THR A 177 -15.47 37.59 59.43
N TYR A 178 -15.89 37.64 58.17
CA TYR A 178 -16.86 38.61 57.64
C TYR A 178 -17.70 37.98 56.53
N ILE A 179 -18.97 38.35 56.45
CA ILE A 179 -19.90 37.99 55.37
C ILE A 179 -20.80 39.20 55.10
N ALA A 180 -20.75 39.73 53.88
CA ALA A 180 -21.45 40.96 53.52
C ALA A 180 -22.98 40.78 53.53
N PRO A 181 -23.77 41.80 53.91
CA PRO A 181 -25.22 41.75 53.83
C PRO A 181 -25.72 41.75 52.37
N PRO A 182 -26.99 41.40 52.11
CA PRO A 182 -27.60 41.51 50.78
C PRO A 182 -27.47 42.93 50.23
N GLY A 183 -27.14 43.08 48.94
CA GLY A 183 -26.96 44.41 48.34
C GLY A 183 -26.33 44.39 46.95
N ASN A 184 -25.91 45.57 46.47
CA ASN A 184 -25.24 45.73 45.17
C ASN A 184 -23.73 45.92 45.37
N TYR A 185 -22.90 45.19 44.63
CA TYR A 185 -21.44 45.18 44.78
C TYR A 185 -20.69 45.20 43.45
N ASP A 186 -19.52 45.83 43.40
CA ASP A 186 -18.56 45.66 42.30
C ASP A 186 -17.90 44.28 42.36
N ALA A 187 -17.41 43.78 41.23
CA ALA A 187 -16.52 42.62 41.20
C ALA A 187 -15.20 42.79 42.00
N SER A 188 -14.82 44.03 42.34
CA SER A 188 -13.69 44.33 43.22
C SER A 188 -14.03 44.36 44.72
N ASP A 189 -15.30 44.45 45.11
CA ASP A 189 -15.68 44.59 46.53
C ASP A 189 -15.52 43.28 47.32
N VAL A 190 -14.93 43.34 48.51
CA VAL A 190 -14.83 42.19 49.42
C VAL A 190 -16.22 41.83 49.95
N VAL A 191 -16.72 40.64 49.60
CA VAL A 191 -18.00 40.10 50.08
C VAL A 191 -17.85 39.05 51.18
N LEU A 192 -16.68 38.44 51.32
CA LEU A 192 -16.38 37.46 52.37
C LEU A 192 -14.96 37.66 52.90
N GLU A 193 -14.75 37.46 54.19
CA GLU A 193 -13.40 37.24 54.75
C GLU A 193 -13.41 36.00 55.62
N LEU A 194 -12.31 35.26 55.63
CA LEU A 194 -12.15 34.05 56.43
C LEU A 194 -10.74 33.94 57.00
N GLU A 195 -10.58 33.10 58.02
CA GLU A 195 -9.33 32.88 58.75
C GLU A 195 -8.99 31.40 58.86
N PHE A 196 -7.70 31.05 58.73
CA PHE A 196 -7.16 29.70 58.88
C PHE A 196 -5.72 29.77 59.38
N GLU A 197 -5.43 29.17 60.52
CA GLU A 197 -4.15 29.26 61.25
C GLU A 197 -3.70 30.72 61.52
N GLY A 198 -4.67 31.61 61.78
CA GLY A 198 -4.46 33.03 62.03
C GLY A 198 -4.19 33.89 60.80
N VAL A 199 -3.91 33.30 59.64
CA VAL A 199 -3.84 33.98 58.34
C VAL A 199 -5.26 34.25 57.82
N LYS A 200 -5.48 35.35 57.10
CA LYS A 200 -6.80 35.72 56.54
C LYS A 200 -6.81 35.79 55.02
N GLU A 201 -7.94 35.43 54.42
CA GLU A 201 -8.27 35.71 53.02
C GLU A 201 -9.48 36.64 52.93
N LYS A 202 -9.39 37.63 52.04
CA LYS A 202 -10.48 38.56 51.71
C LYS A 202 -10.90 38.32 50.26
N LEU A 203 -12.18 38.06 50.02
CA LEU A 203 -12.66 37.55 48.72
C LEU A 203 -13.78 38.41 48.13
N SER A 204 -13.65 38.76 46.85
CA SER A 204 -14.70 39.35 46.04
C SER A 204 -15.40 38.30 45.15
N MET A 205 -16.41 38.69 44.40
CA MET A 205 -17.19 37.78 43.53
C MET A 205 -16.40 37.16 42.37
N VAL A 206 -15.17 37.61 42.09
CA VAL A 206 -14.30 37.05 41.02
C VAL A 206 -13.16 36.24 41.63
N GLN A 207 -13.02 34.99 41.19
CA GLN A 207 -11.85 34.14 41.47
C GLN A 207 -10.96 33.98 40.22
N VAL A 208 -9.78 33.39 40.36
CA VAL A 208 -8.82 33.17 39.27
C VAL A 208 -8.34 31.71 39.30
N TRP A 209 -8.25 31.06 38.13
CA TRP A 209 -7.81 29.66 38.03
C TRP A 209 -6.82 29.43 36.87
N PRO A 210 -5.73 28.66 37.03
CA PRO A 210 -4.83 28.30 35.92
C PRO A 210 -5.49 27.43 34.86
N VAL A 211 -5.51 27.83 33.60
CA VAL A 211 -6.31 27.14 32.56
C VAL A 211 -5.80 25.73 32.24
N ARG A 212 -4.51 25.48 32.47
CA ARG A 212 -3.84 24.19 32.21
C ARG A 212 -4.02 23.21 33.38
N GLN A 213 -4.72 23.58 34.46
CA GLN A 213 -5.04 22.74 35.61
C GLN A 213 -6.53 22.38 35.67
N VAL A 214 -6.84 21.13 36.01
CA VAL A 214 -8.22 20.62 36.12
C VAL A 214 -8.89 21.11 37.40
N ARG A 215 -10.08 21.71 37.32
CA ARG A 215 -10.84 22.09 38.52
C ARG A 215 -11.36 20.84 39.26
N PRO A 216 -11.03 20.64 40.55
CA PRO A 216 -11.35 19.43 41.29
C PRO A 216 -12.85 19.21 41.57
N VAL A 217 -13.22 17.96 41.83
CA VAL A 217 -14.59 17.49 42.14
C VAL A 217 -14.58 16.48 43.30
N THR A 218 -15.73 16.24 43.92
CA THR A 218 -15.85 15.19 44.95
C THR A 218 -15.76 13.81 44.28
N GLU A 219 -16.47 13.62 43.18
CA GLU A 219 -16.57 12.32 42.50
C GLU A 219 -16.90 12.51 41.01
N LYS A 220 -16.47 11.58 40.18
CA LYS A 220 -16.82 11.48 38.75
C LYS A 220 -17.82 10.35 38.57
N LEU A 221 -18.90 10.59 37.84
CA LEU A 221 -20.08 9.72 37.77
C LEU A 221 -20.30 9.18 36.35
N PRO A 222 -20.90 7.99 36.19
CA PRO A 222 -21.25 7.46 34.87
C PRO A 222 -22.24 8.35 34.12
N ALA A 223 -22.04 8.53 32.82
CA ALA A 223 -22.92 9.34 32.00
C ALA A 223 -24.09 8.47 31.50
N ASN A 224 -25.33 8.82 31.85
CA ASN A 224 -26.48 7.93 31.67
C ASN A 224 -27.79 8.62 31.22
N HIS A 225 -27.79 9.94 30.98
CA HIS A 225 -28.95 10.69 30.48
C HIS A 225 -28.65 11.29 29.10
N PRO A 226 -29.51 11.13 28.08
CA PRO A 226 -29.25 11.65 26.75
C PRO A 226 -28.95 13.14 26.68
N LEU A 227 -28.13 13.51 25.71
CA LEU A 227 -27.98 14.87 25.23
C LEU A 227 -28.62 14.95 23.86
N LEU A 228 -29.93 15.18 23.81
CA LEU A 228 -30.67 15.25 22.56
C LEU A 228 -30.17 16.42 21.71
N THR A 229 -29.73 16.10 20.50
CA THR A 229 -29.51 17.07 19.42
C THR A 229 -30.85 17.29 18.71
N GLY A 230 -30.93 18.04 17.63
CA GLY A 230 -32.15 18.09 16.82
C GLY A 230 -32.35 16.94 15.82
N GLN A 231 -31.35 16.09 15.58
CA GLN A 231 -31.27 15.25 14.38
C GLN A 231 -31.60 13.78 14.63
N ARG A 232 -32.55 13.21 13.88
CA ARG A 232 -33.00 11.80 14.00
C ARG A 232 -31.88 10.78 13.93
N VAL A 233 -30.90 10.96 13.04
CA VAL A 233 -29.74 10.05 12.88
C VAL A 233 -28.94 9.91 14.17
N LEU A 234 -28.65 11.05 14.79
CA LEU A 234 -27.76 11.13 15.93
C LEU A 234 -28.48 10.69 17.18
N ASP A 235 -29.72 11.12 17.38
CA ASP A 235 -30.50 10.74 18.55
C ASP A 235 -30.90 9.27 18.52
N ALA A 236 -31.19 8.69 17.36
CA ALA A 236 -31.58 7.30 17.25
C ALA A 236 -30.36 6.36 17.15
N LEU A 237 -29.52 6.53 16.14
CA LEU A 237 -28.51 5.53 15.81
C LEU A 237 -27.19 5.71 16.58
N PHE A 238 -26.75 6.93 16.85
CA PHE A 238 -25.44 7.21 17.46
C PHE A 238 -25.53 8.20 18.63
N PRO A 239 -26.20 7.87 19.74
CA PRO A 239 -26.50 8.79 20.83
C PRO A 239 -25.29 9.42 21.53
N CYS A 240 -25.39 10.69 21.91
CA CYS A 240 -24.54 11.31 22.92
C CYS A 240 -25.28 11.50 24.25
N VAL A 241 -24.58 11.93 25.29
CA VAL A 241 -24.99 11.83 26.70
C VAL A 241 -24.51 13.06 27.49
N GLN A 242 -25.19 13.42 28.57
CA GLN A 242 -24.72 14.48 29.46
C GLN A 242 -23.45 14.07 30.20
N GLY A 243 -22.34 14.77 29.96
CA GLY A 243 -21.02 14.30 30.33
C GLY A 243 -20.29 13.54 29.21
N GLY A 244 -20.80 13.55 27.99
CA GLY A 244 -20.24 12.83 26.86
C GLY A 244 -19.00 13.45 26.20
N THR A 245 -18.23 12.64 25.48
CA THR A 245 -17.21 13.10 24.52
C THR A 245 -17.56 12.65 23.11
N THR A 246 -17.50 13.58 22.16
CA THR A 246 -17.86 13.38 20.76
C THR A 246 -16.81 13.99 19.86
N ALA A 247 -16.46 13.30 18.78
CA ALA A 247 -15.77 13.91 17.64
C ALA A 247 -16.68 13.96 16.41
N ILE A 248 -16.62 15.06 15.65
CA ILE A 248 -17.48 15.34 14.50
C ILE A 248 -16.68 15.89 13.32
N PRO A 249 -17.19 15.90 12.08
CA PRO A 249 -16.46 16.34 10.90
C PRO A 249 -16.40 17.87 10.80
N GLY A 250 -15.22 18.42 10.54
CA GLY A 250 -15.04 19.86 10.27
C GLY A 250 -15.14 20.15 8.78
N VAL A 258 -25.35 22.57 10.83
CA VAL A 258 -26.61 22.74 11.58
C VAL A 258 -26.42 22.47 13.08
N ILE A 259 -25.57 21.51 13.44
CA ILE A 259 -25.47 20.94 14.80
C ILE A 259 -25.10 22.00 15.85
N SER A 260 -24.18 22.93 15.55
CA SER A 260 -23.76 23.99 16.49
C SER A 260 -24.91 24.93 16.85
N GLN A 261 -25.69 25.39 15.87
CA GLN A 261 -26.93 26.16 16.15
C GLN A 261 -27.94 25.28 16.90
N SER A 262 -28.13 24.04 16.45
CA SER A 262 -29.13 23.11 16.98
C SER A 262 -28.93 22.86 18.48
N LEU A 263 -27.72 22.46 18.92
CA LEU A 263 -27.39 22.29 20.34
C LEU A 263 -27.54 23.58 21.16
N SER A 264 -27.33 24.74 20.54
CA SER A 264 -27.38 26.05 21.21
C SER A 264 -28.81 26.54 21.47
N LYS A 265 -29.72 26.38 20.50
CA LYS A 265 -31.15 26.70 20.67
C LYS A 265 -31.93 25.57 21.34
N TYR A 266 -31.54 24.31 21.10
CA TYR A 266 -32.24 23.11 21.57
C TYR A 266 -31.25 22.07 22.13
N SER A 267 -31.11 22.00 23.45
CA SER A 267 -30.50 20.85 24.13
C SER A 267 -30.87 20.87 25.62
N ASN A 268 -30.68 19.75 26.31
CA ASN A 268 -30.85 19.64 27.77
C ASN A 268 -29.84 20.50 28.56
N SER A 269 -28.89 21.16 27.89
CA SER A 269 -27.82 21.92 28.52
C SER A 269 -28.29 23.29 29.00
N ASP A 270 -27.83 23.70 30.17
CA ASP A 270 -28.17 24.97 30.81
C ASP A 270 -27.34 26.10 30.23
N VAL A 271 -26.07 25.82 29.96
CA VAL A 271 -25.03 26.76 29.49
C VAL A 271 -24.35 26.17 28.27
N ILE A 272 -24.09 26.99 27.24
CA ILE A 272 -23.31 26.62 26.05
C ILE A 272 -22.04 27.44 25.99
N ILE A 273 -20.90 26.80 25.70
CA ILE A 273 -19.64 27.49 25.43
C ILE A 273 -19.13 27.11 24.05
N TYR A 274 -18.91 28.10 23.20
CA TYR A 274 -18.41 27.91 21.84
C TYR A 274 -16.98 28.43 21.74
N VAL A 275 -16.06 27.58 21.29
CA VAL A 275 -14.68 27.99 20.99
C VAL A 275 -14.47 27.94 19.49
N GLY A 276 -14.27 29.09 18.87
CA GLY A 276 -13.87 29.25 17.48
C GLY A 276 -12.37 29.11 17.33
N CYS A 277 -11.84 27.91 17.50
CA CYS A 277 -10.40 27.66 17.45
C CYS A 277 -9.86 27.66 16.01
N GLY A 278 -9.15 28.71 15.61
CA GLY A 278 -8.58 28.84 14.26
C GLY A 278 -9.61 29.08 13.17
N GLU A 279 -10.73 29.74 13.49
CA GLU A 279 -11.89 29.87 12.60
C GLU A 279 -11.65 30.87 11.44
N ARG A 280 -12.33 30.71 10.30
CA ARG A 280 -12.26 31.66 9.18
C ARG A 280 -12.90 32.99 9.57
N GLY A 281 -12.33 34.13 9.18
CA GLY A 281 -12.81 35.46 9.60
C GLY A 281 -14.28 35.75 9.28
N ASN A 282 -14.77 35.43 8.07
CA ASN A 282 -16.17 35.65 7.72
C ASN A 282 -17.12 34.60 8.32
N GLU A 283 -16.67 33.38 8.59
CA GLU A 283 -17.49 32.40 9.30
C GLU A 283 -17.60 32.72 10.79
N MET A 284 -16.53 33.18 11.43
CA MET A 284 -16.58 33.71 12.78
C MET A 284 -17.51 34.93 12.84
N SER A 285 -17.42 35.82 11.86
CA SER A 285 -18.31 36.98 11.73
C SER A 285 -19.77 36.59 11.53
N GLU A 286 -20.08 35.40 11.03
CA GLU A 286 -21.43 34.86 11.03
C GLU A 286 -21.87 34.52 12.44
N VAL A 287 -21.11 33.68 13.16
CA VAL A 287 -21.41 33.25 14.53
C VAL A 287 -21.66 34.44 15.45
N LEU A 288 -20.79 35.47 15.37
CA LEU A 288 -20.87 36.66 16.20
C LEU A 288 -22.09 37.56 15.90
N ARG A 289 -22.71 37.42 14.73
CA ARG A 289 -24.02 38.04 14.41
C ARG A 289 -25.17 37.12 14.80
N ASP A 290 -25.05 35.86 14.45
CA ASP A 290 -26.09 34.85 14.48
C ASP A 290 -26.58 34.57 15.92
N PHE A 291 -25.66 34.28 16.83
CA PHE A 291 -26.01 33.96 18.23
C PHE A 291 -26.78 35.09 18.96
N PRO A 292 -26.40 36.38 18.89
CA PRO A 292 -27.20 37.44 19.49
C PRO A 292 -28.51 37.75 18.75
N GLU A 293 -28.75 37.23 17.53
CA GLU A 293 -30.09 37.26 16.93
C GLU A 293 -30.99 36.13 17.47
N LEU A 294 -30.42 34.96 17.78
CA LEU A 294 -31.16 33.76 18.16
C LEU A 294 -31.87 33.88 19.52
N THR A 295 -33.00 33.19 19.62
CA THR A 295 -33.90 33.17 20.79
C THR A 295 -34.43 31.76 21.04
N MET A 296 -34.92 31.53 22.25
CA MET A 296 -35.51 30.28 22.76
C MET A 296 -36.75 30.60 23.60
N GLU A 297 -37.59 29.61 23.83
CA GLU A 297 -38.83 29.84 24.64
C GLU A 297 -38.68 29.14 25.98
N VAL A 298 -38.64 29.89 27.07
CA VAL A 298 -38.54 29.30 28.44
C VAL A 298 -39.57 29.96 29.36
N ASP A 299 -40.37 29.17 30.08
CA ASP A 299 -41.44 29.72 30.98
C ASP A 299 -42.51 30.43 30.15
N GLY A 300 -42.95 29.81 29.05
CA GLY A 300 -43.98 30.39 28.19
C GLY A 300 -43.63 31.78 27.62
N LYS A 301 -42.36 32.16 27.69
CA LYS A 301 -41.80 33.47 27.31
C LYS A 301 -40.58 33.30 26.42
N VAL A 302 -40.39 34.17 25.43
CA VAL A 302 -39.23 34.13 24.52
C VAL A 302 -38.07 34.96 25.08
N GLU A 303 -36.86 34.38 25.03
CA GLU A 303 -35.62 34.86 25.63
C GLU A 303 -34.46 34.72 24.63
N SER A 304 -33.40 35.53 24.75
CA SER A 304 -32.20 35.38 23.92
C SER A 304 -31.33 34.22 24.42
N ILE A 305 -30.80 33.39 23.51
CA ILE A 305 -29.83 32.34 23.91
C ILE A 305 -28.50 32.94 24.40
N MET A 306 -28.22 34.20 24.09
CA MET A 306 -27.03 34.92 24.53
C MET A 306 -27.03 35.25 26.03
N LYS A 307 -28.13 35.03 26.75
CA LYS A 307 -28.19 35.08 28.23
C LYS A 307 -27.54 33.86 28.91
N ARG A 308 -27.26 32.79 28.16
CA ARG A 308 -26.71 31.53 28.71
C ARG A 308 -25.58 30.98 27.83
N THR A 309 -24.93 31.81 27.03
CA THR A 309 -23.84 31.47 26.11
C THR A 309 -22.63 32.38 26.35
N ALA A 310 -21.41 31.86 26.25
CA ALA A 310 -20.18 32.64 26.16
C ALA A 310 -19.31 32.12 25.01
N LEU A 311 -18.58 33.01 24.31
CA LEU A 311 -17.81 32.65 23.12
C LEU A 311 -16.33 32.97 23.28
N VAL A 312 -15.46 32.05 22.87
CA VAL A 312 -14.02 32.28 22.71
C VAL A 312 -13.72 32.28 21.22
N ALA A 313 -13.32 33.42 20.68
CA ALA A 313 -13.08 33.64 19.27
C ALA A 313 -11.58 33.69 18.98
N ASN A 314 -11.11 32.96 17.97
CA ASN A 314 -9.71 32.94 17.60
C ASN A 314 -9.58 32.74 16.09
N THR A 315 -9.67 33.80 15.29
CA THR A 315 -9.57 33.70 13.83
C THR A 315 -8.17 33.24 13.38
N SER A 316 -8.04 32.73 12.16
CA SER A 316 -6.82 32.03 11.75
C SER A 316 -5.56 32.88 11.65
N ASN A 317 -5.69 34.21 11.50
CA ASN A 317 -4.58 35.17 11.50
C ASN A 317 -4.09 35.58 12.90
N MET A 318 -4.79 35.25 13.98
CA MET A 318 -4.34 35.55 15.33
C MET A 318 -3.12 34.70 15.73
N PRO A 319 -2.28 35.12 16.68
CA PRO A 319 -1.00 34.46 16.97
C PRO A 319 -1.12 32.99 17.37
N VAL A 320 -0.15 32.17 16.98
CA VAL A 320 -0.21 30.70 17.12
C VAL A 320 -0.34 30.22 18.56
N ALA A 321 0.18 30.95 19.55
CA ALA A 321 0.06 30.59 20.95
C ALA A 321 -1.36 30.81 21.50
N ALA A 322 -2.05 31.86 21.07
CA ALA A 322 -3.44 32.11 21.43
C ALA A 322 -4.37 31.00 20.92
N ARG A 323 -4.06 30.41 19.76
CA ARG A 323 -4.74 29.23 19.21
C ARG A 323 -4.72 28.06 20.19
N GLU A 324 -3.59 27.76 20.81
CA GLU A 324 -3.48 26.75 21.87
C GLU A 324 -4.27 27.15 23.13
N ALA A 325 -4.07 28.37 23.64
CA ALA A 325 -4.74 28.82 24.86
C ALA A 325 -6.27 28.85 24.74
N SER A 326 -6.83 29.06 23.55
CA SER A 326 -8.26 29.13 23.34
C SER A 326 -9.00 27.89 23.85
N ILE A 327 -8.43 26.70 23.65
CA ILE A 327 -9.03 25.43 24.07
C ILE A 327 -9.08 25.35 25.60
N TYR A 328 -7.98 25.69 26.26
CA TYR A 328 -7.87 25.66 27.72
C TYR A 328 -8.74 26.71 28.40
N THR A 329 -8.88 27.89 27.82
CA THR A 329 -9.80 28.93 28.28
C THR A 329 -11.23 28.41 28.27
N GLY A 330 -11.73 27.90 27.14
CA GLY A 330 -13.09 27.40 27.03
C GLY A 330 -13.43 26.21 27.94
N ILE A 331 -12.53 25.25 28.15
CA ILE A 331 -12.78 24.16 29.10
C ILE A 331 -12.72 24.63 30.55
N THR A 332 -11.89 25.62 30.89
CA THR A 332 -11.86 26.16 32.24
C THR A 332 -13.13 26.95 32.57
N LEU A 333 -13.64 27.74 31.62
CA LEU A 333 -14.96 28.34 31.72
C LEU A 333 -16.06 27.28 31.84
N SER A 334 -15.97 26.17 31.13
CA SER A 334 -16.96 25.09 31.21
C SER A 334 -17.01 24.38 32.57
N GLU A 335 -15.85 24.07 33.15
CA GLU A 335 -15.76 23.47 34.49
C GLU A 335 -16.28 24.39 35.59
N TYR A 336 -16.12 25.70 35.44
CA TYR A 336 -16.60 26.67 36.42
C TYR A 336 -18.14 26.70 36.56
N PHE A 337 -18.89 26.59 35.47
CA PHE A 337 -20.35 26.45 35.54
C PHE A 337 -20.78 25.03 35.91
N ARG A 338 -20.05 23.98 35.52
CA ARG A 338 -20.29 22.62 36.03
C ARG A 338 -20.29 22.61 37.55
N ASP A 339 -19.32 23.25 38.18
CA ASP A 339 -19.20 23.34 39.62
C ASP A 339 -20.40 24.01 40.30
N MET A 340 -21.14 24.87 39.62
CA MET A 340 -22.37 25.46 40.15
C MET A 340 -23.55 24.48 40.18
N GLY A 341 -23.39 23.30 39.57
CA GLY A 341 -24.44 22.31 39.41
C GLY A 341 -25.16 22.39 38.08
N TYR A 342 -24.59 23.05 37.07
CA TYR A 342 -25.16 23.11 35.72
C TYR A 342 -24.71 21.95 34.85
N HIS A 343 -25.49 21.69 33.81
CA HIS A 343 -25.10 20.88 32.67
C HIS A 343 -24.64 21.79 31.55
N VAL A 344 -23.36 21.74 31.24
CA VAL A 344 -22.69 22.58 30.25
C VAL A 344 -22.43 21.77 28.99
N SER A 345 -22.70 22.33 27.83
CA SER A 345 -22.25 21.78 26.56
C SER A 345 -21.18 22.66 25.93
N MET A 346 -20.08 22.08 25.47
CA MET A 346 -18.97 22.79 24.85
C MET A 346 -18.73 22.32 23.41
N MET A 347 -18.54 23.27 22.50
CA MET A 347 -18.13 23.01 21.11
C MET A 347 -16.72 23.58 20.86
N ALA A 348 -15.79 22.75 20.39
CA ALA A 348 -14.46 23.17 19.93
C ALA A 348 -14.39 23.12 18.39
N ASP A 349 -14.51 24.27 17.73
CA ASP A 349 -14.78 24.40 16.30
C ASP A 349 -13.73 23.79 15.37
N SER A 350 -12.47 23.64 15.81
CA SER A 350 -11.58 22.67 15.19
C SER A 350 -10.41 22.29 16.08
N THR A 351 -10.38 21.03 16.50
CA THR A 351 -9.22 20.44 17.18
C THR A 351 -8.08 20.14 16.21
N SER A 352 -8.34 20.07 14.90
CA SER A 352 -7.30 20.02 13.88
C SER A 352 -6.51 21.31 13.76
N ARG A 353 -7.16 22.47 13.88
CA ARG A 353 -6.49 23.78 13.88
C ARG A 353 -5.73 24.04 15.18
N TRP A 354 -6.11 23.42 16.29
CA TRP A 354 -5.31 23.38 17.51
C TRP A 354 -4.04 22.53 17.32
N ALA A 355 -4.15 21.33 16.74
CA ALA A 355 -3.02 20.47 16.48
C ALA A 355 -2.00 21.09 15.52
N GLU A 356 -2.45 21.90 14.56
CA GLU A 356 -1.63 22.75 13.69
C GLU A 356 -0.70 23.70 14.46
N ALA A 357 -1.15 24.27 15.58
CA ALA A 357 -0.38 25.16 16.43
C ALA A 357 0.65 24.40 17.26
N LEU A 358 0.32 23.21 17.76
CA LEU A 358 1.28 22.36 18.45
C LEU A 358 2.43 22.00 17.52
N ARG A 359 2.13 21.67 16.25
CA ARG A 359 3.12 21.40 15.21
C ARG A 359 4.00 22.60 14.89
N GLU A 360 3.45 23.80 14.65
CA GLU A 360 4.28 24.99 14.43
C GLU A 360 5.20 25.27 15.62
N ILE A 361 4.66 25.33 16.83
CA ILE A 361 5.44 25.67 18.03
C ILE A 361 6.50 24.61 18.31
N SER A 362 6.17 23.33 18.17
CA SER A 362 7.13 22.23 18.31
C SER A 362 8.27 22.32 17.30
N GLY A 363 7.97 22.72 16.05
CA GLY A 363 8.97 22.96 15.01
C GLY A 363 9.87 24.14 15.32
N ARG A 364 9.34 25.26 15.83
CA ARG A 364 10.14 26.44 16.22
C ARG A 364 11.11 26.16 17.35
N LEU A 365 10.74 25.27 18.26
CA LEU A 365 11.56 24.83 19.40
C LEU A 365 12.55 23.71 19.07
N ALA A 366 12.64 23.28 17.81
CA ALA A 366 13.56 22.26 17.34
C ALA A 366 13.40 20.88 18.03
N GLU A 367 12.17 20.51 18.40
CA GLU A 367 11.84 19.18 18.91
C GLU A 367 11.80 18.13 17.78
N MET A 368 12.10 16.86 18.06
CA MET A 368 11.90 15.77 17.09
C MET A 368 10.40 15.43 16.96
N PRO A 369 9.83 15.35 15.74
CA PRO A 369 8.44 14.94 15.52
C PRO A 369 8.23 13.43 15.75
N ALA A 370 7.01 12.94 15.51
CA ALA A 370 6.67 11.51 15.48
C ALA A 370 6.07 11.08 14.13
N ASP A 371 4.79 11.37 13.87
CA ASP A 371 4.08 11.02 12.64
C ASP A 371 3.66 12.29 11.90
N SER A 372 3.98 12.40 10.62
CA SER A 372 3.53 13.50 9.76
C SER A 372 3.88 14.90 10.28
N GLY A 373 5.01 15.02 10.97
CA GLY A 373 5.53 16.27 11.51
C GLY A 373 4.94 16.72 12.85
N TYR A 374 3.92 16.04 13.38
CA TYR A 374 3.36 16.38 14.69
C TYR A 374 4.31 16.03 15.84
N PRO A 375 4.25 16.75 16.97
CA PRO A 375 4.96 16.34 18.17
C PRO A 375 4.44 15.01 18.70
N ALA A 376 5.32 14.22 19.33
CA ALA A 376 4.93 12.90 19.80
C ALA A 376 3.89 12.91 20.92
N TYR A 377 3.86 14.00 21.70
CA TYR A 377 2.87 14.28 22.75
C TYR A 377 1.50 14.77 22.26
N LEU A 378 1.20 14.75 20.96
CA LEU A 378 -0.11 15.15 20.44
C LEU A 378 -1.26 14.40 21.13
N GLY A 379 -1.16 13.08 21.24
CA GLY A 379 -2.21 12.26 21.86
C GLY A 379 -2.38 12.49 23.35
N ALA A 380 -1.28 12.79 24.06
CA ALA A 380 -1.30 13.14 25.47
C ALA A 380 -2.00 14.49 25.72
N ARG A 381 -1.78 15.48 24.86
CA ARG A 381 -2.49 16.77 24.89
C ARG A 381 -3.98 16.58 24.65
N LEU A 382 -4.36 15.88 23.58
CA LEU A 382 -5.75 15.63 23.24
C LEU A 382 -6.48 14.86 24.34
N ALA A 383 -5.87 13.83 24.94
CA ALA A 383 -6.47 13.09 26.04
C ALA A 383 -6.66 13.94 27.29
N SER A 384 -5.69 14.77 27.62
CA SER A 384 -5.79 15.74 28.72
C SER A 384 -6.90 16.78 28.50
N PHE A 385 -7.22 17.14 27.26
CA PHE A 385 -8.39 17.98 26.94
C PHE A 385 -9.71 17.19 27.08
N TYR A 386 -9.90 16.12 26.33
CA TYR A 386 -11.18 15.40 26.30
C TYR A 386 -11.55 14.73 27.62
N GLU A 387 -10.57 14.29 28.43
CA GLU A 387 -10.85 13.66 29.73
C GLU A 387 -11.22 14.65 30.85
N ARG A 388 -11.33 15.95 30.56
CA ARG A 388 -11.96 16.95 31.44
C ARG A 388 -13.49 16.97 31.32
N ALA A 389 -14.08 16.30 30.33
CA ALA A 389 -15.53 16.07 30.26
C ALA A 389 -16.01 15.02 31.26
N GLY A 390 -17.30 15.02 31.58
CA GLY A 390 -17.92 14.06 32.49
C GLY A 390 -19.08 14.65 33.28
N ARG A 391 -19.88 13.79 33.89
CA ARG A 391 -20.84 14.13 34.94
C ARG A 391 -20.16 13.96 36.29
N VAL A 392 -20.41 14.83 37.25
CA VAL A 392 -19.63 14.93 38.49
C VAL A 392 -20.53 15.24 39.67
N LYS A 393 -20.03 14.93 40.87
CA LYS A 393 -20.54 15.44 42.13
C LYS A 393 -19.57 16.53 42.57
N CYS A 394 -20.05 17.77 42.68
CA CYS A 394 -19.19 18.93 42.79
C CYS A 394 -18.38 18.95 44.10
N LEU A 395 -17.30 19.72 44.18
CA LEU A 395 -16.70 20.03 45.48
C LEU A 395 -17.66 20.87 46.32
N GLY A 396 -17.48 20.87 47.63
CA GLY A 396 -18.13 21.82 48.51
C GLY A 396 -19.56 21.46 48.89
N ASN A 397 -20.04 22.14 49.93
CA ASN A 397 -21.04 21.66 50.86
C ASN A 397 -22.45 21.39 50.34
N PRO A 398 -23.13 22.29 49.61
CA PRO A 398 -24.42 21.96 49.03
C PRO A 398 -24.23 20.81 48.04
N GLU A 399 -24.89 19.67 48.28
CA GLU A 399 -24.77 18.51 47.42
C GLU A 399 -25.40 18.85 46.06
N ARG A 400 -24.62 18.66 44.99
CA ARG A 400 -24.92 19.02 43.60
C ARG A 400 -24.48 17.90 42.68
N GLU A 401 -25.01 17.90 41.47
CA GLU A 401 -24.38 17.26 40.33
C GLU A 401 -24.31 18.23 39.16
N GLY A 402 -23.22 18.20 38.41
CA GLY A 402 -23.03 18.99 37.19
C GLY A 402 -22.41 18.14 36.10
N SER A 403 -22.30 18.65 34.89
CA SER A 403 -21.59 17.95 33.82
C SER A 403 -20.99 18.89 32.80
N VAL A 404 -19.92 18.46 32.12
CA VAL A 404 -19.46 19.06 30.86
C VAL A 404 -19.55 18.02 29.77
N SER A 405 -20.23 18.33 28.69
CA SER A 405 -20.21 17.53 27.45
C SER A 405 -19.33 18.24 26.42
N ILE A 406 -18.44 17.52 25.76
CA ILE A 406 -17.53 18.09 24.75
C ILE A 406 -17.85 17.51 23.38
N VAL A 407 -18.04 18.38 22.41
CA VAL A 407 -18.06 18.06 20.99
C VAL A 407 -16.87 18.74 20.33
N GLY A 408 -15.95 17.97 19.75
CA GLY A 408 -14.74 18.49 19.12
C GLY A 408 -14.69 18.19 17.63
N ALA A 409 -14.70 19.22 16.79
CA ALA A 409 -14.61 19.02 15.35
C ALA A 409 -13.19 18.63 14.91
N VAL A 410 -13.13 17.73 13.94
CA VAL A 410 -11.89 17.19 13.35
C VAL A 410 -12.00 17.27 11.83
N SER A 411 -10.99 17.84 11.18
CA SER A 411 -10.76 17.73 9.74
C SER A 411 -9.47 16.92 9.50
N PRO A 412 -9.50 15.83 8.72
CA PRO A 412 -8.30 15.06 8.38
C PRO A 412 -7.18 15.89 7.73
N SER A 418 -7.15 8.33 8.52
CA SER A 418 -5.73 7.94 8.65
C SER A 418 -4.90 8.95 9.45
N ASP A 419 -5.39 10.19 9.54
CA ASP A 419 -4.69 11.36 10.07
C ASP A 419 -4.26 11.18 11.54
N PRO A 420 -3.09 11.70 11.98
CA PRO A 420 -2.69 11.67 13.38
C PRO A 420 -3.69 12.28 14.38
N VAL A 421 -4.41 13.35 14.03
CA VAL A 421 -5.43 13.97 14.88
C VAL A 421 -6.64 13.05 15.00
N THR A 422 -7.10 12.45 13.90
CA THR A 422 -8.22 11.50 13.95
C THR A 422 -7.83 10.24 14.71
N SER A 423 -6.66 9.68 14.43
CA SER A 423 -6.13 8.48 15.10
C SER A 423 -5.95 8.68 16.60
N ALA A 424 -5.47 9.84 17.03
CA ALA A 424 -5.40 10.20 18.44
C ALA A 424 -6.80 10.36 19.04
N THR A 425 -7.70 11.07 18.36
CA THR A 425 -9.05 11.36 18.85
C THR A 425 -9.91 10.12 19.01
N LEU A 426 -9.90 9.19 18.05
CA LEU A 426 -10.70 7.96 18.16
C LEU A 426 -10.17 7.00 19.22
N GLY A 427 -8.91 7.16 19.63
CA GLY A 427 -8.36 6.51 20.83
C GLY A 427 -8.94 7.02 22.15
N ILE A 428 -9.69 8.13 22.14
CA ILE A 428 -10.20 8.79 23.35
C ILE A 428 -11.74 8.83 23.35
N VAL A 429 -12.37 9.41 22.34
CA VAL A 429 -13.80 9.78 22.40
C VAL A 429 -14.74 8.58 22.39
N GLN A 430 -15.86 8.72 23.08
CA GLN A 430 -16.88 7.68 23.19
C GLN A 430 -17.90 7.71 22.06
N VAL A 431 -18.00 8.80 21.31
CA VAL A 431 -18.90 8.93 20.15
C VAL A 431 -18.11 9.50 18.98
N PHE A 432 -18.32 8.94 17.80
CA PHE A 432 -17.81 9.46 16.55
C PHE A 432 -18.89 9.46 15.49
N TRP A 433 -19.18 10.63 14.92
CA TRP A 433 -20.09 10.79 13.79
C TRP A 433 -19.26 11.05 12.53
N GLY A 434 -19.00 10.05 11.71
CA GLY A 434 -18.22 10.20 10.48
C GLY A 434 -19.07 10.74 9.34
N LEU A 435 -18.50 11.50 8.40
CA LEU A 435 -19.21 11.87 7.15
C LEU A 435 -19.05 10.83 6.04
N ASP A 436 -19.92 10.87 5.05
CA ASP A 436 -19.72 10.23 3.74
C ASP A 436 -19.71 11.31 2.67
N LYS A 437 -18.61 11.45 1.93
CA LYS A 437 -18.51 12.40 0.81
C LYS A 437 -19.51 12.09 -0.30
N LYS A 438 -19.92 10.84 -0.50
CA LYS A 438 -20.99 10.51 -1.46
C LYS A 438 -22.33 11.08 -1.03
N LEU A 439 -22.71 10.96 0.25
CA LEU A 439 -23.93 11.58 0.77
C LEU A 439 -23.86 13.10 0.66
N ALA A 440 -22.72 13.69 1.01
CA ALA A 440 -22.51 15.13 0.87
C ALA A 440 -22.65 15.60 -0.59
N GLN A 441 -22.00 14.94 -1.55
CA GLN A 441 -22.08 15.28 -2.97
C GLN A 441 -23.48 15.06 -3.55
N ARG A 442 -24.21 14.03 -3.11
CA ARG A 442 -25.60 13.81 -3.49
C ARG A 442 -26.59 14.68 -2.68
N LYS A 443 -26.09 15.66 -1.91
CA LYS A 443 -26.85 16.63 -1.10
C LYS A 443 -27.86 15.98 -0.15
N HIS A 444 -27.54 14.80 0.39
CA HIS A 444 -28.22 14.17 1.51
C HIS A 444 -27.68 14.76 2.82
N PHE A 445 -28.57 15.29 3.67
CA PHE A 445 -28.18 15.96 4.92
C PHE A 445 -29.03 15.50 6.11
N PRO A 446 -28.45 15.37 7.32
CA PRO A 446 -27.02 15.45 7.61
C PRO A 446 -26.25 14.27 7.01
N SER A 447 -25.08 14.53 6.43
CA SER A 447 -24.29 13.60 5.61
C SER A 447 -23.53 12.51 6.40
N VAL A 448 -24.11 12.07 7.52
CA VAL A 448 -23.52 11.11 8.48
C VAL A 448 -23.48 9.70 7.91
N ASN A 449 -22.32 9.06 7.98
CA ASN A 449 -22.08 7.69 7.55
C ASN A 449 -22.49 6.69 8.64
N TRP A 450 -23.67 6.09 8.49
CA TRP A 450 -24.23 5.12 9.43
C TRP A 450 -23.54 3.75 9.45
N LEU A 451 -22.48 3.53 8.66
CA LEU A 451 -21.68 2.29 8.72
C LEU A 451 -20.24 2.48 9.22
N ILE A 452 -19.80 3.70 9.53
CA ILE A 452 -18.53 3.93 10.26
C ILE A 452 -18.69 4.72 11.56
N SER A 453 -19.79 5.47 11.72
CA SER A 453 -20.09 6.14 12.99
C SER A 453 -20.27 5.15 14.13
N TYR A 454 -20.04 5.58 15.36
CA TYR A 454 -20.27 4.76 16.55
C TYR A 454 -20.65 5.60 17.77
N SER A 455 -21.34 4.98 18.72
CA SER A 455 -21.53 5.47 20.07
C SER A 455 -21.25 4.34 21.04
N LYS A 456 -20.43 4.58 22.06
CA LYS A 456 -20.14 3.63 23.14
C LYS A 456 -20.98 3.87 24.39
N TYR A 457 -22.01 4.71 24.29
CA TYR A 457 -22.98 5.00 25.34
C TYR A 457 -24.28 4.20 25.21
N MET A 458 -24.44 3.32 24.23
CA MET A 458 -25.71 2.63 23.99
C MET A 458 -26.12 1.67 25.12
N ARG A 459 -25.17 1.08 25.86
CA ARG A 459 -25.47 0.32 27.09
C ARG A 459 -25.75 1.20 28.30
N ALA A 460 -25.13 2.37 28.39
CA ALA A 460 -25.37 3.32 29.47
C ALA A 460 -26.78 3.91 29.41
N LEU A 461 -27.26 4.23 28.20
CA LEU A 461 -28.61 4.75 27.94
C LEU A 461 -29.70 3.68 27.99
N ASP A 462 -29.36 2.41 28.17
CA ASP A 462 -30.31 1.30 28.10
C ASP A 462 -31.40 1.38 29.17
N GLU A 463 -31.05 1.76 30.41
CA GLU A 463 -32.03 1.99 31.48
C GLU A 463 -32.92 3.21 31.25
N TYR A 464 -32.41 4.26 30.58
CA TYR A 464 -33.22 5.42 30.24
C TYR A 464 -34.27 5.04 29.20
N TYR A 465 -33.88 4.34 28.13
CA TYR A 465 -34.82 3.88 27.12
C TYR A 465 -35.80 2.88 27.70
N ASP A 466 -35.37 1.95 28.54
CA ASP A 466 -36.27 0.99 29.19
C ASP A 466 -37.31 1.69 30.07
N LYS A 467 -36.93 2.70 30.87
CA LYS A 467 -37.86 3.43 31.73
C LYS A 467 -38.80 4.35 30.95
N HIS A 468 -38.28 5.15 30.02
CA HIS A 468 -39.02 6.25 29.39
C HIS A 468 -39.65 5.94 28.03
N PHE A 469 -39.15 4.95 27.29
CA PHE A 469 -39.63 4.67 25.93
C PHE A 469 -40.08 3.22 25.69
N THR A 470 -39.44 2.22 26.28
CA THR A 470 -39.76 0.76 26.24
C THR A 470 -39.69 0.07 24.88
N GLU A 471 -40.16 0.71 23.81
CA GLU A 471 -40.30 0.17 22.46
C GLU A 471 -39.04 0.31 21.60
N PHE A 472 -38.20 1.31 21.89
CA PHE A 472 -37.24 1.86 20.95
C PHE A 472 -36.06 0.94 20.60
N VAL A 473 -35.42 0.30 21.58
CA VAL A 473 -34.17 -0.46 21.33
C VAL A 473 -34.34 -1.60 20.30
N PRO A 474 -35.44 -2.38 20.31
CA PRO A 474 -35.79 -3.28 19.22
C PRO A 474 -35.94 -2.62 17.84
N LEU A 475 -36.52 -1.41 17.76
CA LEU A 475 -36.63 -0.66 16.49
C LEU A 475 -35.27 -0.26 15.97
N ARG A 476 -34.42 0.34 16.82
CA ARG A 476 -33.05 0.74 16.47
C ARG A 476 -32.23 -0.44 15.97
N THR A 477 -32.34 -1.57 16.66
CA THR A 477 -31.64 -2.82 16.32
C THR A 477 -32.01 -3.26 14.90
N LYS A 478 -33.31 -3.36 14.61
CA LYS A 478 -33.79 -3.75 13.28
C LYS A 478 -33.41 -2.73 12.22
N ALA A 479 -33.46 -1.44 12.50
CA ALA A 479 -33.05 -0.41 11.56
C ALA A 479 -31.59 -0.59 11.11
N LYS A 480 -30.68 -0.79 12.07
CA LYS A 480 -29.26 -1.05 11.78
C LYS A 480 -29.02 -2.34 11.00
N GLU A 481 -29.80 -3.38 11.27
CA GLU A 481 -29.80 -4.58 10.43
C GLU A 481 -30.26 -4.27 9.00
N ILE A 482 -31.39 -3.60 8.79
CA ILE A 482 -31.92 -3.27 7.44
C ILE A 482 -30.89 -2.47 6.65
N LEU A 483 -30.27 -1.47 7.25
CA LEU A 483 -29.29 -0.61 6.60
C LEU A 483 -27.99 -1.37 6.27
N GLN A 484 -27.57 -2.34 7.08
CA GLN A 484 -26.42 -3.18 6.72
C GLN A 484 -26.78 -4.24 5.67
N GLU A 485 -27.94 -4.87 5.75
CA GLU A 485 -28.41 -5.83 4.73
C GLU A 485 -28.50 -5.15 3.36
N GLU A 486 -29.03 -3.93 3.29
CA GLU A 486 -29.05 -3.21 2.03
C GLU A 486 -27.65 -2.87 1.51
N GLU A 487 -26.68 -2.58 2.37
CA GLU A 487 -25.31 -2.35 1.90
C GLU A 487 -24.68 -3.64 1.35
N ASP A 488 -25.04 -4.79 1.89
CA ASP A 488 -24.62 -6.09 1.35
C ASP A 488 -25.30 -6.40 0.01
N LEU A 489 -26.58 -6.09 -0.16
CA LEU A 489 -27.32 -6.30 -1.42
C LEU A 489 -26.85 -5.37 -2.53
N ALA A 490 -26.64 -4.08 -2.23
CA ALA A 490 -26.36 -3.05 -3.22
C ALA A 490 -25.07 -3.29 -4.02
N GLU A 491 -24.06 -3.92 -3.42
CA GLU A 491 -22.83 -4.29 -4.13
C GLU A 491 -23.05 -5.33 -5.25
N ILE A 492 -24.06 -6.19 -5.11
CA ILE A 492 -24.32 -7.29 -6.06
C ILE A 492 -25.30 -6.86 -7.15
N VAL A 493 -26.35 -6.09 -6.85
CA VAL A 493 -27.30 -5.66 -7.89
C VAL A 493 -26.64 -4.79 -8.97
N GLN A 494 -25.54 -4.10 -8.65
CA GLN A 494 -24.72 -3.39 -9.64
C GLN A 494 -24.12 -4.31 -10.70
N LEU A 495 -23.73 -5.55 -10.36
CA LEU A 495 -23.19 -6.51 -11.33
C LEU A 495 -24.29 -7.21 -12.14
N VAL A 496 -25.29 -7.77 -11.47
CA VAL A 496 -26.25 -8.72 -12.08
C VAL A 496 -27.68 -8.18 -12.24
N GLY A 497 -27.92 -6.89 -12.00
CA GLY A 497 -29.07 -6.19 -12.55
C GLY A 497 -30.44 -6.54 -11.99
N LYS A 498 -30.53 -6.88 -10.69
CA LYS A 498 -31.77 -7.12 -9.90
C LYS A 498 -32.66 -8.30 -10.33
N ALA A 499 -32.50 -8.87 -11.52
CA ALA A 499 -33.42 -9.88 -12.05
C ALA A 499 -33.51 -11.17 -11.22
N SER A 500 -32.43 -11.55 -10.53
CA SER A 500 -32.39 -12.71 -9.62
C SER A 500 -32.84 -12.42 -8.18
N LEU A 501 -33.08 -11.15 -7.82
CA LEU A 501 -33.32 -10.71 -6.45
C LEU A 501 -34.66 -11.25 -5.90
N ALA A 502 -34.69 -11.79 -4.68
CA ALA A 502 -35.91 -12.29 -4.06
C ALA A 502 -36.86 -11.16 -3.61
N GLU A 503 -38.15 -11.46 -3.44
CA GLU A 503 -39.15 -10.46 -3.03
C GLU A 503 -38.84 -9.88 -1.65
N THR A 504 -38.39 -10.69 -0.68
CA THR A 504 -37.93 -10.20 0.63
C THR A 504 -36.77 -9.21 0.53
N ASP A 505 -36.00 -9.29 -0.54
CA ASP A 505 -34.80 -8.50 -0.73
C ASP A 505 -35.17 -7.22 -1.45
N LYS A 506 -36.14 -7.26 -2.38
CA LYS A 506 -36.81 -6.05 -2.90
C LYS A 506 -37.48 -5.27 -1.77
N ILE A 507 -38.19 -5.96 -0.88
CA ILE A 507 -38.78 -5.38 0.34
C ILE A 507 -37.70 -4.71 1.19
N THR A 508 -36.54 -5.35 1.36
CA THR A 508 -35.41 -4.81 2.12
C THR A 508 -34.83 -3.56 1.48
N LEU A 509 -34.58 -3.55 0.16
CA LEU A 509 -34.10 -2.35 -0.53
C LEU A 509 -35.10 -1.19 -0.40
N GLU A 510 -36.38 -1.45 -0.61
CA GLU A 510 -37.39 -0.41 -0.62
C GLU A 510 -37.67 0.19 0.75
N VAL A 511 -37.58 -0.59 1.84
CA VAL A 511 -37.61 -0.01 3.19
C VAL A 511 -36.31 0.70 3.54
N ALA A 512 -35.16 0.21 3.11
CA ALA A 512 -33.91 0.92 3.35
C ALA A 512 -33.94 2.31 2.70
N LYS A 513 -34.46 2.44 1.48
CA LYS A 513 -34.70 3.74 0.84
C LYS A 513 -35.62 4.63 1.65
N LEU A 514 -36.73 4.10 2.14
CA LEU A 514 -37.69 4.84 2.95
C LEU A 514 -37.03 5.41 4.21
N ILE A 515 -36.25 4.59 4.92
CA ILE A 515 -35.49 5.03 6.09
C ILE A 515 -34.48 6.10 5.68
N LYS A 516 -33.65 5.86 4.67
CA LYS A 516 -32.63 6.82 4.24
C LYS A 516 -33.20 8.17 3.85
N ASP A 517 -34.24 8.18 3.03
CA ASP A 517 -34.78 9.37 2.42
C ASP A 517 -35.77 10.12 3.32
N ASP A 518 -36.53 9.41 4.15
CA ASP A 518 -37.66 9.97 4.89
C ASP A 518 -37.53 9.86 6.41
N PHE A 519 -36.43 9.30 6.93
CA PHE A 519 -36.08 9.33 8.34
C PHE A 519 -34.65 9.86 8.55
N LEU A 520 -33.64 9.30 7.91
CA LEU A 520 -32.26 9.72 8.14
C LEU A 520 -31.95 11.08 7.52
N GLN A 521 -32.53 11.37 6.36
CA GLN A 521 -32.52 12.72 5.81
C GLN A 521 -33.36 13.67 6.66
N GLN A 522 -32.84 14.85 6.97
CA GLN A 522 -33.52 15.87 7.78
C GLN A 522 -33.03 17.27 7.40
N ASN A 523 -33.91 18.11 6.85
CA ASN A 523 -33.59 19.50 6.52
C ASN A 523 -33.57 20.38 7.79
N GLY A 524 -32.41 20.95 8.12
CA GLY A 524 -32.23 21.77 9.32
C GLY A 524 -32.69 23.22 9.21
N TYR A 525 -33.18 23.65 8.04
CA TYR A 525 -33.52 25.04 7.72
C TYR A 525 -34.99 25.22 7.35
N THR A 526 -35.89 24.47 8.00
CA THR A 526 -37.34 24.51 7.79
C THR A 526 -38.11 24.27 9.10
N PRO A 527 -39.29 24.88 9.33
CA PRO A 527 -39.92 24.89 10.65
C PRO A 527 -40.25 23.51 11.23
N TYR A 528 -40.68 22.55 10.41
CA TYR A 528 -41.12 21.24 10.88
C TYR A 528 -39.97 20.31 11.31
N ASP A 529 -38.73 20.52 10.84
CA ASP A 529 -37.58 19.63 11.07
C ASP A 529 -36.29 20.33 11.56
N ARG A 530 -36.39 21.62 11.91
CA ARG A 530 -35.34 22.37 12.64
C ARG A 530 -34.86 21.64 13.90
N PHE A 531 -35.78 20.96 14.59
CA PHE A 531 -35.55 20.10 15.75
C PHE A 531 -36.62 19.00 15.77
N CYS A 532 -36.22 17.73 15.67
CA CYS A 532 -37.14 16.60 15.79
C CYS A 532 -37.11 16.05 17.22
N PRO A 533 -38.18 16.19 18.04
CA PRO A 533 -38.21 15.63 19.38
C PRO A 533 -38.20 14.10 19.38
N PHE A 534 -37.84 13.48 20.50
CA PHE A 534 -37.63 12.04 20.51
C PHE A 534 -38.92 11.23 20.39
N TYR A 535 -40.08 11.77 20.80
CA TYR A 535 -41.37 11.12 20.52
C TYR A 535 -41.70 11.11 19.02
N LYS A 536 -41.37 12.18 18.28
CA LYS A 536 -41.52 12.24 16.82
C LYS A 536 -40.58 11.22 16.18
N THR A 537 -39.33 11.18 16.65
CA THR A 537 -38.30 10.23 16.19
C THR A 537 -38.70 8.77 16.41
N VAL A 538 -39.07 8.37 17.62
CA VAL A 538 -39.51 6.99 17.93
C VAL A 538 -40.78 6.62 17.17
N GLY A 539 -41.75 7.53 17.05
CA GLY A 539 -43.00 7.30 16.31
C GLY A 539 -42.78 7.03 14.81
N MET A 540 -42.00 7.84 14.12
CA MET A 540 -41.65 7.61 12.71
C MET A 540 -40.97 6.25 12.52
N LEU A 541 -39.97 5.93 13.34
CA LEU A 541 -39.23 4.67 13.20
C LEU A 541 -40.10 3.46 13.52
N SER A 542 -40.99 3.58 14.50
CA SER A 542 -41.96 2.55 14.84
C SER A 542 -42.84 2.20 13.64
N ASN A 543 -43.38 3.20 12.95
CA ASN A 543 -44.21 2.96 11.78
C ASN A 543 -43.42 2.35 10.62
N MET A 544 -42.23 2.83 10.30
CA MET A 544 -41.42 2.25 9.22
C MET A 544 -41.03 0.80 9.49
N ILE A 545 -40.65 0.46 10.73
CA ILE A 545 -40.31 -0.92 11.09
C ILE A 545 -41.56 -1.80 11.20
N SER A 546 -42.71 -1.25 11.57
CA SER A 546 -44.00 -1.96 11.51
C SER A 546 -44.39 -2.32 10.08
N PHE A 547 -44.20 -1.40 9.14
CA PHE A 547 -44.40 -1.69 7.73
C PHE A 547 -43.49 -2.84 7.27
N TYR A 548 -42.20 -2.82 7.61
CA TYR A 548 -41.26 -3.89 7.26
C TYR A 548 -41.72 -5.26 7.78
N ASP A 549 -42.15 -5.35 9.04
CA ASP A 549 -42.69 -6.60 9.60
C ASP A 549 -43.90 -7.11 8.81
N MET A 550 -44.89 -6.26 8.55
CA MET A 550 -46.10 -6.65 7.83
C MET A 550 -45.82 -7.00 6.36
N ALA A 551 -45.05 -6.19 5.66
CA ALA A 551 -44.72 -6.38 4.26
C ALA A 551 -43.92 -7.67 4.05
N ARG A 552 -42.90 -7.92 4.88
CA ARG A 552 -42.11 -9.14 4.81
C ARG A 552 -42.95 -10.37 5.14
N ARG A 553 -43.83 -10.31 6.15
CA ARG A 553 -44.75 -11.40 6.46
C ARG A 553 -45.69 -11.70 5.28
N ALA A 554 -46.29 -10.70 4.65
CA ALA A 554 -47.19 -10.92 3.51
C ALA A 554 -46.50 -11.66 2.36
N VAL A 555 -45.27 -11.27 2.02
CA VAL A 555 -44.46 -11.95 1.00
C VAL A 555 -44.10 -13.38 1.42
N GLU A 556 -43.45 -13.58 2.56
CA GLU A 556 -43.04 -14.93 3.00
C GLU A 556 -44.24 -15.88 3.13
N THR A 557 -45.31 -15.44 3.77
CA THR A 557 -46.52 -16.25 4.06
C THR A 557 -47.35 -16.57 2.81
N THR A 558 -46.93 -16.10 1.62
CA THR A 558 -47.55 -16.48 0.33
C THR A 558 -46.53 -17.01 -0.67
N ALA A 559 -45.31 -17.33 -0.24
CA ALA A 559 -44.47 -18.30 -0.95
C ALA A 559 -45.10 -19.72 -0.88
N GLN A 560 -44.74 -20.60 -1.80
CA GLN A 560 -45.38 -21.94 -1.86
C GLN A 560 -46.90 -21.75 -1.88
N SER A 561 -47.42 -21.09 -2.92
CA SER A 561 -48.85 -20.80 -3.04
C SER A 561 -49.26 -20.58 -4.51
N ASP A 562 -50.52 -20.84 -4.85
CA ASP A 562 -51.09 -20.51 -6.15
C ASP A 562 -51.30 -19.00 -6.35
N ASN A 563 -51.54 -18.27 -5.26
CA ASN A 563 -51.53 -16.80 -5.22
C ASN A 563 -50.35 -16.33 -4.36
N LYS A 564 -49.42 -15.58 -4.95
CA LYS A 564 -48.17 -15.13 -4.32
C LYS A 564 -48.08 -13.61 -4.31
N ILE A 565 -47.88 -13.01 -3.14
CA ILE A 565 -47.66 -11.57 -2.98
C ILE A 565 -46.23 -11.22 -3.40
N THR A 566 -46.07 -10.00 -3.92
CA THR A 566 -44.80 -9.42 -4.34
C THR A 566 -44.72 -7.99 -3.82
N TRP A 567 -43.53 -7.41 -3.83
CA TRP A 567 -43.37 -5.98 -3.57
C TRP A 567 -44.25 -5.15 -4.50
N SER A 568 -44.25 -5.42 -5.81
CA SER A 568 -45.09 -4.72 -6.77
C SER A 568 -46.59 -4.80 -6.45
N ILE A 569 -47.11 -5.97 -6.04
CA ILE A 569 -48.50 -6.11 -5.60
C ILE A 569 -48.78 -5.25 -4.36
N ILE A 570 -47.87 -5.25 -3.37
CA ILE A 570 -48.01 -4.40 -2.19
C ILE A 570 -48.02 -2.92 -2.58
N ARG A 571 -47.10 -2.48 -3.43
CA ARG A 571 -47.00 -1.09 -3.90
C ARG A 571 -48.25 -0.63 -4.63
N GLU A 572 -48.79 -1.47 -5.51
CA GLU A 572 -50.05 -1.19 -6.22
C GLU A 572 -51.26 -1.13 -5.28
N HIS A 573 -51.29 -1.94 -4.22
CA HIS A 573 -52.38 -1.96 -3.24
C HIS A 573 -52.28 -0.84 -2.19
N MET A 574 -51.07 -0.38 -1.87
CA MET A 574 -50.76 0.43 -0.68
C MET A 574 -50.05 1.77 -0.96
N GLY A 575 -50.15 2.31 -2.17
CA GLY A 575 -49.50 3.57 -2.56
C GLY A 575 -49.83 4.77 -1.63
N GLU A 576 -51.06 4.87 -1.12
CA GLU A 576 -51.45 5.91 -0.17
C GLU A 576 -50.83 5.71 1.22
N ILE A 577 -50.62 4.48 1.68
CA ILE A 577 -49.87 4.21 2.91
C ILE A 577 -48.41 4.61 2.72
N LEU A 578 -47.79 4.22 1.60
CA LEU A 578 -46.42 4.61 1.27
C LEU A 578 -46.28 6.15 1.20
N TYR A 579 -47.28 6.85 0.67
CA TYR A 579 -47.31 8.31 0.69
C TYR A 579 -47.39 8.87 2.11
N LYS A 580 -48.28 8.34 2.96
CA LYS A 580 -48.40 8.78 4.36
C LYS A 580 -47.10 8.51 5.14
N LEU A 581 -46.52 7.32 5.06
CA LEU A 581 -45.23 6.98 5.68
C LEU A 581 -44.10 7.92 5.27
N SER A 582 -43.87 8.08 3.96
CA SER A 582 -42.84 8.98 3.45
C SER A 582 -43.09 10.45 3.82
N SER A 583 -44.32 10.82 4.17
CA SER A 583 -44.70 12.16 4.61
C SER A 583 -44.69 12.39 6.13
N MET A 584 -44.38 11.41 6.99
CA MET A 584 -44.45 11.59 8.45
C MET A 584 -43.53 12.70 8.98
N LYS A 585 -42.43 12.99 8.28
CA LYS A 585 -41.48 14.05 8.62
C LYS A 585 -42.08 15.45 8.61
N PHE A 586 -43.11 15.71 7.81
CA PHE A 586 -43.72 17.05 7.64
C PHE A 586 -44.59 17.52 8.82
N LYS A 587 -44.84 16.68 9.83
CA LYS A 587 -45.47 17.14 11.09
C LYS A 587 -44.60 18.20 11.76
N ASP A 588 -45.18 19.34 12.13
CA ASP A 588 -44.49 20.42 12.84
C ASP A 588 -44.83 20.37 14.34
N PRO A 589 -43.89 20.00 15.22
CA PRO A 589 -44.15 19.88 16.66
C PRO A 589 -44.44 21.23 17.36
N VAL A 590 -44.20 22.36 16.70
CA VAL A 590 -44.53 23.69 17.24
C VAL A 590 -46.00 24.03 17.01
N LYS A 591 -46.59 23.53 15.92
CA LYS A 591 -48.03 23.68 15.62
C LYS A 591 -48.86 22.55 16.21
N ASP A 592 -48.38 21.31 16.10
CA ASP A 592 -49.09 20.11 16.49
C ASP A 592 -48.51 19.52 17.78
N GLY A 593 -49.34 19.29 18.79
CA GLY A 593 -48.89 18.75 20.07
C GLY A 593 -48.49 17.28 20.02
N GLU A 594 -47.88 16.77 21.09
CA GLU A 594 -47.49 15.37 21.24
C GLU A 594 -48.69 14.43 21.03
N ALA A 595 -49.85 14.78 21.60
CA ALA A 595 -51.08 14.00 21.48
C ALA A 595 -51.57 13.91 20.03
N LYS A 596 -51.55 15.00 19.27
CA LYS A 596 -51.93 15.00 17.85
C LYS A 596 -50.96 14.17 17.02
N ILE A 597 -49.65 14.38 17.15
CA ILE A 597 -48.64 13.65 16.38
C ILE A 597 -48.73 12.14 16.68
N LYS A 598 -48.89 11.75 17.95
CA LYS A 598 -49.13 10.35 18.33
C LYS A 598 -50.43 9.80 17.73
N ALA A 599 -51.54 10.54 17.79
CA ALA A 599 -52.82 10.10 17.23
C ALA A 599 -52.75 9.92 15.70
N ASP A 600 -52.09 10.84 14.99
CA ASP A 600 -51.87 10.71 13.54
C ASP A 600 -51.01 9.48 13.21
N TYR A 601 -49.90 9.28 13.91
CA TYR A 601 -49.02 8.14 13.68
C TYR A 601 -49.68 6.81 14.08
N ALA A 602 -50.52 6.78 15.11
CA ALA A 602 -51.31 5.61 15.48
C ALA A 602 -52.41 5.30 14.46
N GLN A 603 -53.02 6.33 13.88
CA GLN A 603 -53.98 6.15 12.79
C GLN A 603 -53.30 5.57 11.54
N LEU A 604 -52.06 5.97 11.25
CA LEU A 604 -51.31 5.36 10.16
C LEU A 604 -50.98 3.88 10.42
N LEU A 605 -50.71 3.46 11.66
CA LEU A 605 -50.57 2.05 11.99
C LEU A 605 -51.87 1.27 11.75
N GLU A 606 -53.01 1.82 12.18
CA GLU A 606 -54.33 1.23 11.89
C GLU A 606 -54.60 1.15 10.38
N ASP A 607 -54.36 2.21 9.62
CA ASP A 607 -54.46 2.20 8.16
C ASP A 607 -53.55 1.13 7.53
N MET A 608 -52.30 0.97 8.00
CA MET A 608 -51.42 -0.12 7.54
C MET A 608 -52.00 -1.49 7.84
N GLN A 609 -52.43 -1.74 9.08
CA GLN A 609 -52.98 -3.02 9.49
C GLN A 609 -54.25 -3.36 8.70
N ASN A 610 -55.14 -2.41 8.49
CA ASN A 610 -56.35 -2.60 7.68
C ASN A 610 -55.98 -2.88 6.21
N ALA A 611 -55.02 -2.15 5.64
CA ALA A 611 -54.59 -2.38 4.27
C ALA A 611 -53.96 -3.77 4.08
N PHE A 612 -53.05 -4.20 4.96
CA PHE A 612 -52.47 -5.55 4.89
C PHE A 612 -53.50 -6.65 5.15
N ARG A 613 -54.44 -6.46 6.09
CA ARG A 613 -55.53 -7.43 6.32
C ARG A 613 -56.45 -7.56 5.11
N SER A 614 -56.65 -6.47 4.37
CA SER A 614 -57.43 -6.43 3.13
C SER A 614 -56.72 -7.07 1.93
N LEU A 615 -55.39 -7.16 1.94
CA LEU A 615 -54.60 -7.80 0.89
C LEU A 615 -54.77 -9.33 0.93
N SER B 16 46.17 -0.12 30.84
CA SER B 16 45.36 -1.07 31.64
C SER B 16 44.36 -1.81 30.77
N THR B 17 43.86 -2.95 31.23
CA THR B 17 42.70 -3.66 30.65
C THR B 17 41.34 -3.04 31.02
N PHE B 18 41.29 -2.10 31.98
CA PHE B 18 40.07 -1.38 32.37
C PHE B 18 40.06 0.08 31.90
N GLY B 19 38.99 0.47 31.20
CA GLY B 19 38.49 1.84 31.15
C GLY B 19 37.36 2.05 32.16
N TYR B 20 36.68 3.19 32.10
CA TYR B 20 35.55 3.51 32.99
C TYR B 20 34.37 4.10 32.23
N VAL B 21 33.15 3.81 32.66
CA VAL B 21 31.92 4.40 32.12
C VAL B 21 31.92 5.91 32.35
N HIS B 22 31.79 6.68 31.28
CA HIS B 22 31.59 8.12 31.30
C HIS B 22 30.11 8.51 31.17
N GLY B 23 29.30 7.73 30.44
CA GLY B 23 27.89 8.03 30.27
C GLY B 23 27.08 6.85 29.73
N VAL B 24 25.78 6.87 29.96
CA VAL B 24 24.83 5.84 29.54
C VAL B 24 23.59 6.51 28.97
N SER B 25 23.12 6.05 27.82
CA SER B 25 21.91 6.52 27.18
C SER B 25 21.24 5.37 26.44
N GLY B 26 20.29 4.70 27.07
CA GLY B 26 19.72 3.47 26.54
C GLY B 26 20.78 2.36 26.46
N PRO B 27 20.85 1.57 25.38
CA PRO B 27 21.84 0.51 25.22
C PRO B 27 23.25 1.01 24.86
N VAL B 28 23.45 2.32 24.75
CA VAL B 28 24.73 2.91 24.37
C VAL B 28 25.47 3.40 25.59
N VAL B 29 26.70 2.93 25.76
CA VAL B 29 27.61 3.31 26.84
C VAL B 29 28.79 4.04 26.23
N THR B 30 29.22 5.12 26.87
CA THR B 30 30.45 5.82 26.52
C THR B 30 31.46 5.56 27.60
N ALA B 31 32.69 5.20 27.23
CA ALA B 31 33.75 4.88 28.16
C ALA B 31 35.02 5.67 27.87
N CYS B 32 35.86 5.85 28.88
CA CYS B 32 37.09 6.63 28.83
C CYS B 32 38.26 5.84 29.42
N ASP B 33 39.48 6.28 29.12
CA ASP B 33 40.73 5.49 29.26
C ASP B 33 40.76 4.25 28.35
N MET B 34 40.12 4.33 27.18
CA MET B 34 39.94 3.24 26.21
C MET B 34 40.92 3.32 25.03
N ALA B 35 42.11 3.90 25.21
CA ALA B 35 42.99 4.35 24.12
C ALA B 35 43.43 3.27 23.12
N GLY B 36 43.85 2.09 23.61
CA GLY B 36 44.29 0.98 22.76
C GLY B 36 43.20 -0.03 22.38
N ALA B 37 41.93 0.24 22.69
CA ALA B 37 40.83 -0.63 22.34
C ALA B 37 40.50 -0.54 20.85
N ALA B 38 40.40 -1.66 20.16
CA ALA B 38 40.15 -1.69 18.72
C ALA B 38 38.66 -1.71 18.36
N MET B 39 38.33 -1.27 17.15
CA MET B 39 36.99 -1.37 16.60
C MET B 39 36.45 -2.79 16.62
N TYR B 40 35.20 -2.94 17.04
CA TYR B 40 34.47 -4.19 17.19
C TYR B 40 35.06 -5.19 18.20
N GLU B 41 35.97 -4.79 19.09
CA GLU B 41 36.25 -5.57 20.29
C GLU B 41 35.01 -5.73 21.16
N LEU B 42 34.90 -6.87 21.86
CA LEU B 42 33.96 -7.04 22.94
C LEU B 42 34.52 -6.50 24.27
N VAL B 43 33.63 -6.01 25.11
CA VAL B 43 33.91 -5.45 26.42
C VAL B 43 32.89 -5.96 27.44
N ARG B 44 33.26 -5.94 28.71
CA ARG B 44 32.38 -6.22 29.84
C ARG B 44 32.19 -4.94 30.64
N VAL B 45 30.94 -4.52 30.80
CA VAL B 45 30.57 -3.22 31.35
C VAL B 45 29.96 -3.37 32.73
N GLY B 46 30.48 -2.62 33.70
CA GLY B 46 29.93 -2.55 35.05
C GLY B 46 30.24 -3.73 35.95
N HIS B 47 29.76 -3.64 37.18
CA HIS B 47 30.03 -4.60 38.25
C HIS B 47 29.40 -5.98 38.02
N SER B 48 28.32 -6.03 37.23
CA SER B 48 27.70 -7.26 36.75
C SER B 48 28.29 -7.78 35.43
N GLU B 49 29.21 -7.07 34.78
CA GLU B 49 29.91 -7.50 33.56
C GLU B 49 28.99 -7.78 32.37
N LEU B 50 28.12 -6.83 32.02
CA LEU B 50 27.28 -6.89 30.81
C LEU B 50 28.13 -6.90 29.55
N VAL B 51 27.84 -7.73 28.56
CA VAL B 51 28.62 -7.70 27.30
C VAL B 51 28.13 -6.62 26.34
N GLY B 52 29.07 -5.98 25.65
CA GLY B 52 28.82 -5.09 24.52
C GLY B 52 30.00 -5.07 23.57
N GLU B 53 29.88 -4.34 22.47
CA GLU B 53 30.96 -4.17 21.49
C GLU B 53 31.27 -2.71 21.21
N ILE B 54 32.54 -2.40 20.95
CA ILE B 54 32.99 -1.05 20.57
C ILE B 54 32.58 -0.74 19.14
N ILE B 55 31.74 0.28 18.96
CA ILE B 55 31.22 0.74 17.66
C ILE B 55 31.83 2.05 17.16
N ARG B 56 32.41 2.89 18.03
CA ARG B 56 33.13 4.12 17.64
C ARG B 56 34.32 4.33 18.54
N LEU B 57 35.40 4.88 18.00
CA LEU B 57 36.54 5.40 18.77
C LEU B 57 36.66 6.90 18.53
N GLU B 58 37.00 7.66 19.56
CA GLU B 58 37.30 9.09 19.44
C GLU B 58 38.22 9.56 20.57
N GLY B 59 39.42 10.02 20.25
CA GLY B 59 40.43 10.35 21.25
C GLY B 59 40.85 9.10 22.03
N ASP B 60 40.79 9.18 23.36
CA ASP B 60 40.95 8.04 24.28
C ASP B 60 39.61 7.54 24.86
N MET B 61 38.51 7.77 24.15
CA MET B 61 37.16 7.33 24.49
C MET B 61 36.58 6.37 23.45
N ALA B 62 35.67 5.52 23.88
CA ALA B 62 34.99 4.54 23.06
C ALA B 62 33.48 4.58 23.28
N THR B 63 32.71 4.33 22.23
CA THR B 63 31.28 4.10 22.33
C THR B 63 31.02 2.62 22.18
N ILE B 64 30.34 2.06 23.17
CA ILE B 64 29.99 0.67 23.31
C ILE B 64 28.50 0.52 23.01
N GLN B 65 28.13 -0.42 22.17
CA GLN B 65 26.77 -0.92 22.03
C GLN B 65 26.61 -2.12 22.96
N VAL B 66 25.90 -1.95 24.07
CA VAL B 66 25.67 -3.02 25.06
C VAL B 66 24.54 -3.94 24.61
N TYR B 67 24.74 -5.25 24.75
CA TYR B 67 23.78 -6.25 24.30
C TYR B 67 22.65 -6.49 25.31
N GLU B 68 22.93 -6.27 26.58
CA GLU B 68 22.04 -6.54 27.73
C GLU B 68 21.34 -5.27 28.24
N GLU B 69 20.37 -5.36 29.15
CA GLU B 69 19.79 -4.17 29.78
C GLU B 69 20.83 -3.37 30.60
N THR B 70 21.00 -2.08 30.28
CA THR B 70 21.91 -1.15 30.96
C THR B 70 21.36 -0.54 32.24
N SER B 71 20.14 -0.86 32.67
CA SER B 71 19.50 -0.34 33.88
C SER B 71 20.38 -0.52 35.11
N GLY B 72 20.70 0.56 35.82
CA GLY B 72 21.55 0.50 37.01
C GLY B 72 23.06 0.65 36.77
N VAL B 73 23.56 0.72 35.53
CA VAL B 73 24.97 1.02 35.26
C VAL B 73 25.29 2.47 35.65
N SER B 74 26.43 2.69 36.31
CA SER B 74 26.78 3.97 36.91
C SER B 74 28.01 4.61 36.27
N VAL B 75 28.08 5.93 36.26
CA VAL B 75 29.32 6.63 35.91
C VAL B 75 30.46 6.20 36.83
N GLY B 76 31.65 5.99 36.26
CA GLY B 76 32.81 5.44 36.96
C GLY B 76 32.85 3.92 37.04
N ASP B 77 31.82 3.20 36.60
CA ASP B 77 31.84 1.74 36.54
C ASP B 77 32.97 1.20 35.63
N PRO B 78 33.57 0.05 35.96
CA PRO B 78 34.65 -0.52 35.16
C PRO B 78 34.17 -0.98 33.78
N VAL B 79 34.97 -0.72 32.75
CA VAL B 79 34.81 -1.33 31.43
C VAL B 79 36.06 -2.16 31.15
N LEU B 80 35.96 -3.45 31.43
CA LEU B 80 36.99 -4.43 31.14
C LEU B 80 36.97 -4.78 29.65
N ARG B 81 38.09 -4.65 28.94
CA ARG B 81 38.16 -4.96 27.51
C ARG B 81 38.74 -6.35 27.24
N THR B 82 38.09 -7.08 26.35
CA THR B 82 38.61 -8.34 25.80
C THR B 82 39.40 -8.00 24.54
N GLY B 83 40.58 -8.54 24.32
CA GLY B 83 41.40 -8.20 23.16
C GLY B 83 40.87 -8.69 21.80
N LYS B 84 39.64 -9.20 21.74
CA LYS B 84 39.05 -10.01 20.67
C LYS B 84 37.69 -9.45 20.21
N PRO B 85 37.32 -9.61 18.93
CA PRO B 85 35.96 -9.47 18.46
C PRO B 85 35.08 -10.68 18.87
N LEU B 86 33.81 -10.66 18.46
CA LEU B 86 32.91 -11.80 18.67
C LEU B 86 33.46 -13.05 17.98
N SER B 87 33.63 -14.11 18.76
CA SER B 87 34.37 -15.32 18.38
C SER B 87 33.81 -16.55 19.09
N VAL B 88 34.16 -17.74 18.59
CA VAL B 88 33.68 -19.04 19.08
C VAL B 88 34.81 -19.80 19.76
N GLU B 89 34.55 -20.44 20.89
CA GLU B 89 35.42 -21.51 21.41
C GLU B 89 35.20 -22.78 20.58
N LEU B 90 36.26 -23.27 19.94
CA LEU B 90 36.24 -24.43 19.07
C LEU B 90 37.11 -25.52 19.67
N GLY B 91 36.49 -26.61 20.11
CA GLY B 91 37.16 -27.69 20.82
C GLY B 91 36.17 -28.79 21.21
N PRO B 92 36.60 -29.83 21.95
CA PRO B 92 35.71 -30.89 22.38
C PRO B 92 34.71 -30.40 23.44
N GLY B 93 33.47 -30.88 23.35
CA GLY B 93 32.32 -30.42 24.13
C GLY B 93 31.21 -29.75 23.29
N ILE B 94 31.40 -29.60 21.97
CA ILE B 94 30.42 -28.99 21.06
C ILE B 94 29.30 -29.96 20.69
N MET B 95 29.59 -31.25 20.51
CA MET B 95 28.56 -32.21 20.13
C MET B 95 27.56 -32.44 21.26
N GLY B 96 26.28 -32.37 20.92
CA GLY B 96 25.16 -32.43 21.85
C GLY B 96 24.85 -31.12 22.57
N ALA B 97 25.65 -30.06 22.39
CA ALA B 97 25.50 -28.80 23.12
C ALA B 97 24.37 -27.93 22.58
N ILE B 98 23.76 -27.16 23.49
CA ILE B 98 22.82 -26.10 23.17
C ILE B 98 23.50 -24.78 23.45
N PHE B 99 23.49 -23.88 22.47
CA PHE B 99 24.08 -22.55 22.53
C PHE B 99 23.04 -21.52 22.13
N ASP B 100 23.25 -20.24 22.42
CA ASP B 100 22.57 -19.15 21.74
C ASP B 100 23.46 -18.48 20.68
N GLY B 101 23.02 -17.38 20.08
CA GLY B 101 23.69 -16.76 18.94
C GLY B 101 25.08 -16.21 19.24
N ILE B 102 25.39 -15.92 20.51
CA ILE B 102 26.72 -15.52 21.00
C ILE B 102 27.40 -16.64 21.82
N GLN B 103 27.01 -17.90 21.61
CA GLN B 103 27.63 -19.08 22.19
C GLN B 103 27.59 -19.15 23.73
N ARG B 104 26.52 -18.71 24.39
CA ARG B 104 26.28 -19.03 25.81
C ARG B 104 25.72 -20.44 25.96
N PRO B 105 26.24 -21.29 26.85
CA PRO B 105 25.82 -22.68 26.99
C PRO B 105 24.53 -22.84 27.79
N LEU B 106 23.38 -22.85 27.13
CA LEU B 106 22.08 -22.70 27.80
C LEU B 106 21.76 -23.80 28.81
N SER B 107 22.20 -25.03 28.55
CA SER B 107 22.05 -26.16 29.45
C SER B 107 23.02 -26.15 30.63
N ASP B 108 24.23 -25.62 30.48
CA ASP B 108 25.14 -25.44 31.61
C ASP B 108 24.70 -24.27 32.50
N ILE B 109 24.24 -23.18 31.90
CA ILE B 109 23.68 -22.04 32.64
C ILE B 109 22.48 -22.49 33.46
N SER B 110 21.59 -23.31 32.90
CA SER B 110 20.45 -23.92 33.60
C SER B 110 20.91 -24.77 34.78
N SER B 111 21.82 -25.72 34.52
CA SER B 111 22.39 -26.65 35.50
C SER B 111 23.10 -25.96 36.67
N GLN B 112 23.96 -25.00 36.39
CA GLN B 112 24.75 -24.28 37.41
C GLN B 112 23.91 -23.29 38.21
N THR B 113 23.00 -22.55 37.57
CA THR B 113 22.23 -21.49 38.23
C THR B 113 21.03 -22.05 39.02
N GLN B 114 20.47 -23.20 38.60
CA GLN B 114 19.20 -23.74 39.12
C GLN B 114 18.03 -22.75 38.97
N SER B 115 18.05 -21.93 37.92
CA SER B 115 17.05 -20.92 37.61
C SER B 115 16.43 -21.17 36.24
N ILE B 116 15.19 -20.74 36.06
CA ILE B 116 14.51 -20.76 34.77
C ILE B 116 14.89 -19.59 33.85
N TYR B 117 15.62 -18.58 34.35
CA TYR B 117 16.03 -17.39 33.60
C TYR B 117 17.49 -17.42 33.15
N ILE B 118 17.89 -16.48 32.28
CA ILE B 118 19.30 -16.24 31.94
C ILE B 118 19.79 -14.99 32.71
N PRO B 119 20.77 -15.09 33.63
CA PRO B 119 21.24 -13.93 34.40
C PRO B 119 21.95 -12.85 33.56
N ARG B 120 21.79 -11.56 33.90
CA ARG B 120 22.50 -10.48 33.19
C ARG B 120 24.00 -10.56 33.48
N GLY B 121 24.82 -10.45 32.45
CA GLY B 121 26.28 -10.55 32.56
C GLY B 121 26.76 -11.92 33.04
N VAL B 122 26.07 -13.00 32.67
CA VAL B 122 26.53 -14.38 32.94
C VAL B 122 27.80 -14.68 32.13
N ASN B 123 28.80 -15.33 32.73
CA ASN B 123 30.14 -15.53 32.15
C ASN B 123 30.64 -16.97 32.33
N VAL B 124 29.78 -17.96 32.05
CA VAL B 124 30.16 -19.37 31.87
C VAL B 124 30.90 -19.53 30.53
N SER B 125 32.02 -20.27 30.46
CA SER B 125 32.72 -20.56 29.19
C SER B 125 31.90 -21.54 28.33
N ALA B 126 31.93 -21.39 27.01
CA ALA B 126 31.10 -22.20 26.13
C ALA B 126 31.47 -23.69 26.16
N LEU B 127 32.76 -24.01 26.28
CA LEU B 127 33.26 -25.37 26.48
C LEU B 127 33.68 -25.54 27.94
N SER B 128 33.24 -26.61 28.59
CA SER B 128 33.54 -26.88 29.99
C SER B 128 35.02 -27.20 30.22
N ARG B 129 35.62 -26.52 31.20
CA ARG B 129 37.04 -26.69 31.56
C ARG B 129 37.26 -27.68 32.71
N ASP B 130 36.20 -28.38 33.13
CA ASP B 130 36.24 -29.42 34.18
C ASP B 130 36.02 -30.85 33.67
N ILE B 131 35.54 -31.03 32.43
CA ILE B 131 35.45 -32.35 31.81
C ILE B 131 36.84 -32.74 31.28
N LYS B 132 37.28 -33.98 31.56
CA LYS B 132 38.58 -34.52 31.13
C LYS B 132 38.41 -35.45 29.92
N TRP B 133 39.18 -35.21 28.88
CA TRP B 133 39.08 -35.85 27.58
C TRP B 133 40.23 -36.80 27.31
N GLU B 134 39.93 -38.01 26.85
CA GLU B 134 40.92 -38.98 26.39
C GLU B 134 41.56 -38.54 25.07
N PHE B 135 42.86 -38.28 25.07
CA PHE B 135 43.63 -37.71 23.96
C PHE B 135 44.73 -38.63 23.46
N ILE B 136 44.78 -38.86 22.14
CA ILE B 136 45.81 -39.66 21.47
C ILE B 136 46.60 -38.77 20.48
N PRO B 137 47.92 -38.58 20.62
CA PRO B 137 48.73 -37.82 19.66
C PRO B 137 48.89 -38.51 18.30
N SER B 138 49.34 -37.78 17.27
CA SER B 138 49.49 -38.31 15.88
C SER B 138 50.63 -39.31 15.63
N LYS B 139 51.17 -39.95 16.67
CA LYS B 139 52.17 -41.05 16.66
C LYS B 139 53.57 -40.74 16.10
N ASN B 140 53.68 -40.13 14.93
CA ASN B 140 54.95 -39.78 14.27
C ASN B 140 55.32 -38.28 14.32
N LEU B 141 54.56 -37.45 15.06
CA LEU B 141 55.07 -36.17 15.53
C LEU B 141 56.02 -36.37 16.71
N ARG B 142 57.13 -35.64 16.72
CA ARG B 142 58.20 -35.71 17.74
C ARG B 142 58.72 -34.30 18.01
N VAL B 143 59.49 -34.13 19.09
CA VAL B 143 60.23 -32.88 19.31
C VAL B 143 61.13 -32.60 18.08
N GLY B 144 61.03 -31.40 17.53
CA GLY B 144 61.68 -30.96 16.29
C GLY B 144 60.82 -31.06 15.02
N SER B 145 59.67 -31.74 15.03
CA SER B 145 58.82 -31.87 13.82
C SER B 145 58.24 -30.53 13.35
N HIS B 146 58.31 -30.26 12.05
CA HIS B 146 57.74 -29.06 11.42
C HIS B 146 56.25 -29.21 11.23
N ILE B 147 55.49 -28.23 11.71
CA ILE B 147 54.03 -28.28 11.81
C ILE B 147 53.41 -26.94 11.40
N THR B 148 52.29 -26.94 10.70
CA THR B 148 51.66 -25.77 10.06
C THR B 148 50.15 -25.72 10.33
N GLY B 149 49.50 -24.58 10.14
CA GLY B 149 48.08 -24.42 10.45
C GLY B 149 47.19 -25.41 9.69
N GLY B 150 46.27 -26.06 10.41
CA GLY B 150 45.41 -27.12 9.92
C GLY B 150 45.95 -28.53 10.12
N ASP B 151 47.18 -28.70 10.60
CA ASP B 151 47.76 -30.02 10.91
C ASP B 151 47.07 -30.68 12.10
N ILE B 152 46.59 -31.91 11.91
CA ILE B 152 46.02 -32.73 12.99
C ILE B 152 47.16 -33.32 13.82
N TYR B 153 47.28 -32.91 15.09
CA TYR B 153 48.33 -33.41 16.01
C TYR B 153 47.83 -34.33 17.12
N GLY B 154 46.52 -34.55 17.23
CA GLY B 154 45.95 -35.62 18.03
C GLY B 154 44.45 -35.75 17.85
N ILE B 155 43.85 -36.77 18.45
CA ILE B 155 42.42 -37.05 18.38
C ILE B 155 41.87 -37.25 19.79
N VAL B 156 40.69 -36.71 20.04
CA VAL B 156 39.89 -36.93 21.24
C VAL B 156 38.70 -37.80 20.89
N ASN B 157 38.51 -38.91 21.61
CA ASN B 157 37.30 -39.73 21.49
C ASN B 157 36.14 -39.04 22.22
N GLU B 158 35.44 -38.13 21.54
CA GLU B 158 34.37 -37.34 22.16
C GLU B 158 33.15 -38.19 22.53
N ASN B 159 32.74 -39.10 21.64
CA ASN B 159 31.69 -40.10 21.87
C ASN B 159 31.87 -41.29 20.90
N SER B 160 30.90 -42.20 20.84
CA SER B 160 30.95 -43.39 19.96
C SER B 160 30.99 -43.08 18.46
N LEU B 161 30.61 -41.88 18.02
CA LEU B 161 30.47 -41.53 16.59
C LEU B 161 31.51 -40.54 16.09
N ILE B 162 31.76 -39.47 16.86
CA ILE B 162 32.63 -38.38 16.44
C ILE B 162 33.98 -38.52 17.12
N LYS B 163 35.01 -38.85 16.34
CA LYS B 163 36.40 -38.63 16.71
C LYS B 163 36.73 -37.18 16.43
N HIS B 164 37.08 -36.43 17.46
CA HIS B 164 37.32 -35.00 17.37
C HIS B 164 38.80 -34.75 17.12
N LYS B 165 39.15 -34.24 15.94
CA LYS B 165 40.55 -34.12 15.51
C LYS B 165 41.11 -32.76 15.94
N ILE B 166 42.08 -32.78 16.84
CA ILE B 166 42.75 -31.59 17.37
C ILE B 166 43.76 -31.09 16.33
N MET B 167 43.57 -29.85 15.87
CA MET B 167 44.32 -29.23 14.79
C MET B 167 45.12 -28.03 15.29
N LEU B 168 46.27 -27.77 14.68
CA LEU B 168 46.99 -26.52 14.90
C LEU B 168 46.20 -25.36 14.28
N PRO B 169 45.97 -24.23 14.98
CA PRO B 169 45.18 -23.13 14.43
C PRO B 169 45.67 -22.63 13.08
N PRO B 170 44.81 -22.07 12.21
CA PRO B 170 45.28 -21.25 11.10
C PRO B 170 46.11 -20.08 11.65
N ARG B 171 47.02 -19.52 10.85
CA ARG B 171 47.94 -18.46 11.30
C ARG B 171 48.88 -18.87 12.45
N SER B 172 49.11 -20.18 12.63
CA SER B 172 50.13 -20.75 13.54
C SER B 172 51.01 -21.75 12.78
N ARG B 173 52.30 -21.79 13.08
CA ARG B 173 53.32 -22.63 12.43
C ARG B 173 54.57 -22.75 13.31
N GLY B 174 55.41 -23.75 13.08
CA GLY B 174 56.72 -23.83 13.72
C GLY B 174 57.27 -25.25 13.86
N SER B 175 58.18 -25.43 14.81
CA SER B 175 58.78 -26.70 15.16
C SER B 175 58.30 -27.15 16.54
N VAL B 176 57.80 -28.37 16.68
CA VAL B 176 57.26 -28.89 17.94
C VAL B 176 58.34 -28.94 19.02
N THR B 177 58.19 -28.20 20.11
CA THR B 177 59.11 -28.24 21.26
C THR B 177 58.57 -29.11 22.40
N TYR B 178 57.27 -29.34 22.47
CA TYR B 178 56.64 -30.34 23.34
C TYR B 178 55.39 -30.90 22.69
N ILE B 179 55.11 -32.19 22.88
CA ILE B 179 53.79 -32.79 22.62
C ILE B 179 53.43 -33.76 23.76
N ALA B 180 52.21 -33.67 24.27
CA ALA B 180 51.78 -34.45 25.42
C ALA B 180 51.64 -35.95 25.11
N PRO B 181 51.92 -36.86 26.05
CA PRO B 181 51.70 -38.29 25.87
C PRO B 181 50.20 -38.64 25.89
N PRO B 182 49.80 -39.83 25.43
CA PRO B 182 48.44 -40.33 25.59
C PRO B 182 47.94 -40.21 27.04
N GLY B 183 46.71 -39.75 27.24
CA GLY B 183 46.17 -39.54 28.60
C GLY B 183 44.82 -38.82 28.63
N ASN B 184 44.37 -38.45 29.83
CA ASN B 184 43.14 -37.68 30.07
C ASN B 184 43.47 -36.26 30.49
N TYR B 185 42.90 -35.26 29.81
CA TYR B 185 43.26 -33.85 29.98
C TYR B 185 42.04 -32.93 30.05
N ASP B 186 42.10 -31.89 30.87
CA ASP B 186 41.15 -30.78 30.80
C ASP B 186 41.34 -29.97 29.51
N ALA B 187 40.30 -29.31 29.04
CA ALA B 187 40.38 -28.35 27.94
C ALA B 187 41.32 -27.15 28.20
N SER B 188 41.73 -26.91 29.45
CA SER B 188 42.72 -25.90 29.84
C SER B 188 44.16 -26.41 29.88
N ASP B 189 44.42 -27.72 29.79
CA ASP B 189 45.78 -28.28 29.82
C ASP B 189 46.53 -28.02 28.52
N VAL B 190 47.81 -27.68 28.59
CA VAL B 190 48.67 -27.61 27.40
C VAL B 190 48.97 -29.02 26.89
N VAL B 191 48.71 -29.27 25.61
CA VAL B 191 48.97 -30.54 24.92
C VAL B 191 50.02 -30.44 23.81
N LEU B 192 50.34 -29.23 23.34
CA LEU B 192 51.41 -28.97 22.37
C LEU B 192 52.13 -27.67 22.73
N GLU B 193 53.43 -27.61 22.51
CA GLU B 193 54.18 -26.37 22.37
C GLU B 193 54.98 -26.42 21.08
N LEU B 194 55.10 -25.29 20.41
CA LEU B 194 55.96 -25.15 19.24
C LEU B 194 56.70 -23.82 19.26
N GLU B 195 57.73 -23.71 18.43
CA GLU B 195 58.58 -22.54 18.34
C GLU B 195 58.79 -22.11 16.89
N PHE B 196 58.75 -20.80 16.65
CA PHE B 196 59.06 -20.19 15.35
C PHE B 196 59.75 -18.84 15.56
N GLU B 197 60.88 -18.62 14.90
CA GLU B 197 61.77 -17.45 15.08
C GLU B 197 62.18 -17.21 16.54
N GLY B 198 62.35 -18.29 17.32
CA GLY B 198 62.68 -18.24 18.74
C GLY B 198 61.54 -17.83 19.68
N VAL B 199 60.32 -17.66 19.16
CA VAL B 199 59.12 -17.34 19.94
C VAL B 199 58.29 -18.62 20.12
N LYS B 200 57.82 -18.88 21.35
CA LYS B 200 57.12 -20.12 21.72
C LYS B 200 55.61 -19.93 21.89
N GLU B 201 54.82 -20.81 21.31
CA GLU B 201 53.36 -20.87 21.44
C GLU B 201 52.95 -22.16 22.17
N LYS B 202 52.18 -22.04 23.25
CA LYS B 202 51.62 -23.16 24.04
C LYS B 202 50.14 -23.32 23.73
N LEU B 203 49.65 -24.53 23.47
CA LEU B 203 48.30 -24.78 22.99
C LEU B 203 47.57 -25.88 23.77
N SER B 204 46.30 -25.63 24.10
CA SER B 204 45.35 -26.63 24.61
C SER B 204 44.41 -27.14 23.51
N MET B 205 43.45 -28.00 23.87
CA MET B 205 42.44 -28.55 22.95
C MET B 205 41.44 -27.53 22.37
N VAL B 206 41.35 -26.32 22.93
CA VAL B 206 40.41 -25.29 22.46
C VAL B 206 41.16 -24.20 21.71
N GLN B 207 40.79 -23.95 20.46
CA GLN B 207 41.15 -22.76 19.71
C GLN B 207 39.98 -21.77 19.67
N VAL B 208 40.22 -20.52 19.33
CA VAL B 208 39.21 -19.46 19.29
C VAL B 208 39.24 -18.75 17.94
N TRP B 209 38.11 -18.54 17.29
CA TRP B 209 38.05 -17.94 15.95
C TRP B 209 36.95 -16.87 15.81
N PRO B 210 37.21 -15.70 15.19
CA PRO B 210 36.21 -14.65 14.94
C PRO B 210 35.06 -15.11 14.05
N VAL B 211 33.80 -14.90 14.46
CA VAL B 211 32.66 -15.43 13.68
C VAL B 211 32.53 -14.80 12.29
N ARG B 212 33.02 -13.58 12.10
CA ARG B 212 32.90 -12.83 10.84
C ARG B 212 34.04 -13.05 9.84
N GLN B 213 35.04 -13.87 10.17
CA GLN B 213 36.13 -14.24 9.25
C GLN B 213 35.97 -15.66 8.71
N VAL B 214 36.03 -15.82 7.39
CA VAL B 214 35.92 -17.12 6.73
C VAL B 214 37.14 -17.98 7.08
N ARG B 215 36.94 -19.22 7.56
CA ARG B 215 38.07 -20.10 7.89
C ARG B 215 38.78 -20.59 6.61
N PRO B 216 40.12 -20.43 6.50
CA PRO B 216 40.87 -20.68 5.28
C PRO B 216 40.98 -22.16 4.91
N VAL B 217 41.19 -22.44 3.63
CA VAL B 217 41.29 -23.80 3.04
C VAL B 217 42.39 -23.84 1.99
N THR B 218 42.92 -25.02 1.69
CA THR B 218 43.95 -25.17 0.64
C THR B 218 43.36 -24.86 -0.73
N GLU B 219 42.15 -25.32 -0.98
CA GLU B 219 41.42 -25.06 -2.22
C GLU B 219 39.92 -25.20 -2.00
N LYS B 220 39.12 -24.40 -2.71
CA LYS B 220 37.67 -24.53 -2.78
C LYS B 220 37.29 -25.21 -4.10
N LEU B 221 36.47 -26.25 -4.04
CA LEU B 221 36.26 -27.24 -5.11
C LEU B 221 34.81 -27.25 -5.60
N PRO B 222 34.55 -27.62 -6.87
CA PRO B 222 33.19 -27.83 -7.36
C PRO B 222 32.51 -29.01 -6.66
N ALA B 223 31.21 -28.89 -6.43
CA ALA B 223 30.41 -29.87 -5.69
C ALA B 223 29.85 -30.96 -6.62
N ASN B 224 30.18 -32.23 -6.36
CA ASN B 224 30.00 -33.36 -7.29
C ASN B 224 29.08 -34.47 -6.78
N HIS B 225 28.97 -34.68 -5.47
CA HIS B 225 28.31 -35.83 -4.86
C HIS B 225 26.94 -35.42 -4.31
N PRO B 226 25.86 -36.20 -4.49
CA PRO B 226 24.55 -35.84 -3.94
C PRO B 226 24.53 -35.82 -2.42
N LEU B 227 23.77 -34.89 -1.86
CA LEU B 227 23.32 -34.86 -0.48
C LEU B 227 21.98 -35.60 -0.43
N LEU B 228 22.01 -36.91 -0.27
CA LEU B 228 20.81 -37.75 -0.27
C LEU B 228 20.00 -37.52 0.99
N THR B 229 18.67 -37.54 0.89
CA THR B 229 17.76 -37.31 2.02
C THR B 229 16.90 -38.53 2.32
N GLY B 230 16.85 -39.50 1.41
CA GLY B 230 15.94 -40.63 1.48
C GLY B 230 14.53 -40.34 0.98
N GLN B 231 14.22 -39.11 0.58
CA GLN B 231 12.94 -38.78 -0.04
C GLN B 231 13.02 -39.02 -1.55
N ARG B 232 11.98 -39.57 -2.19
CA ARG B 232 11.97 -39.85 -3.64
C ARG B 232 11.93 -38.56 -4.47
N VAL B 233 10.93 -37.71 -4.22
CA VAL B 233 11.06 -36.27 -4.52
C VAL B 233 12.19 -35.69 -3.65
N LEU B 234 12.72 -34.52 -3.96
CA LEU B 234 14.07 -34.12 -3.52
C LEU B 234 15.14 -34.97 -4.21
N ASP B 235 15.41 -36.21 -3.77
CA ASP B 235 16.60 -36.94 -4.25
C ASP B 235 16.59 -37.22 -5.76
N ALA B 236 15.44 -37.50 -6.39
CA ALA B 236 15.35 -37.69 -7.84
C ALA B 236 15.14 -36.38 -8.61
N LEU B 237 14.03 -35.67 -8.40
CA LEU B 237 13.63 -34.52 -9.22
C LEU B 237 14.41 -33.22 -8.93
N PHE B 238 14.81 -32.97 -7.68
CA PHE B 238 15.36 -31.69 -7.22
C PHE B 238 16.59 -31.89 -6.33
N PRO B 239 17.64 -32.58 -6.83
CA PRO B 239 18.75 -32.97 -5.98
C PRO B 239 19.55 -31.76 -5.47
N CYS B 240 20.12 -31.90 -4.29
CA CYS B 240 21.17 -31.02 -3.77
C CYS B 240 22.49 -31.80 -3.73
N VAL B 241 23.62 -31.12 -3.90
CA VAL B 241 24.96 -31.67 -3.71
C VAL B 241 25.46 -31.44 -2.28
N GLN B 242 26.44 -32.21 -1.85
CA GLN B 242 27.26 -31.89 -0.68
C GLN B 242 28.12 -30.67 -0.99
N GLY B 243 28.06 -29.64 -0.15
CA GLY B 243 28.58 -28.31 -0.46
C GLY B 243 27.56 -27.39 -1.14
N GLY B 244 26.32 -27.83 -1.32
CA GLY B 244 25.29 -27.05 -1.99
C GLY B 244 24.67 -25.94 -1.15
N THR B 245 23.77 -25.16 -1.76
CA THR B 245 22.90 -24.20 -1.06
C THR B 245 21.44 -24.37 -1.47
N THR B 246 20.53 -24.36 -0.49
CA THR B 246 19.09 -24.58 -0.68
C THR B 246 18.30 -23.55 0.10
N ALA B 247 17.13 -23.15 -0.41
CA ALA B 247 16.12 -22.46 0.38
C ALA B 247 14.80 -23.22 0.41
N ILE B 248 14.06 -23.07 1.50
CA ILE B 248 12.72 -23.63 1.72
C ILE B 248 11.79 -22.52 2.23
N PRO B 249 10.49 -22.54 1.94
CA PRO B 249 9.57 -21.58 2.51
C PRO B 249 9.30 -21.90 3.99
N GLY B 250 9.59 -20.95 4.87
CA GLY B 250 9.31 -21.05 6.30
C GLY B 250 7.94 -20.48 6.65
N ALA B 251 6.92 -21.34 6.71
CA ALA B 251 5.54 -20.98 7.01
C ALA B 251 4.81 -22.10 7.78
N PHE B 252 3.71 -21.75 8.46
CA PHE B 252 3.06 -22.57 9.49
C PHE B 252 2.59 -23.95 9.01
N GLY B 253 1.74 -23.99 7.98
CA GLY B 253 1.06 -25.22 7.56
C GLY B 253 1.85 -26.15 6.65
N CYS B 254 2.92 -25.65 6.02
CA CYS B 254 3.62 -26.35 4.94
C CYS B 254 4.30 -27.66 5.35
N GLY B 255 4.71 -27.82 6.61
CA GLY B 255 5.36 -29.03 7.12
C GLY B 255 6.88 -29.08 6.91
N LYS B 256 7.63 -28.10 7.43
CA LYS B 256 9.10 -28.03 7.30
C LYS B 256 9.85 -29.23 7.85
N THR B 257 9.31 -29.87 8.89
CA THR B 257 10.05 -30.84 9.71
C THR B 257 10.58 -32.03 8.93
N VAL B 258 9.96 -32.41 7.81
CA VAL B 258 10.46 -33.49 6.95
C VAL B 258 11.86 -33.21 6.43
N ILE B 259 12.22 -31.95 6.14
CA ILE B 259 13.57 -31.58 5.68
C ILE B 259 14.56 -31.75 6.84
N SER B 260 14.28 -31.09 7.96
CA SER B 260 15.09 -31.09 9.17
C SER B 260 15.36 -32.49 9.72
N GLN B 261 14.34 -33.34 9.79
CA GLN B 261 14.45 -34.69 10.31
C GLN B 261 15.05 -35.67 9.30
N SER B 262 14.83 -35.52 8.00
CA SER B 262 15.51 -36.35 7.01
C SER B 262 17.00 -36.04 6.94
N LEU B 263 17.39 -34.76 7.00
CA LEU B 263 18.79 -34.37 7.13
C LEU B 263 19.41 -34.98 8.39
N SER B 264 18.76 -34.79 9.53
CA SER B 264 19.30 -35.23 10.83
C SER B 264 19.41 -36.74 10.95
N LYS B 265 18.40 -37.51 10.55
CA LYS B 265 18.39 -38.98 10.67
C LYS B 265 19.04 -39.72 9.52
N TYR B 266 18.84 -39.26 8.29
CA TYR B 266 19.08 -40.08 7.09
C TYR B 266 20.06 -39.51 6.07
N SER B 267 20.46 -38.23 6.14
CA SER B 267 21.43 -37.73 5.16
C SER B 267 22.80 -38.38 5.32
N ASN B 268 23.58 -38.35 4.24
CA ASN B 268 24.99 -38.72 4.22
C ASN B 268 25.91 -37.61 4.81
N SER B 269 25.38 -36.72 5.63
CA SER B 269 26.17 -35.79 6.46
C SER B 269 26.88 -36.55 7.57
N ASP B 270 28.05 -36.10 7.99
CA ASP B 270 28.74 -36.61 9.18
C ASP B 270 28.36 -35.83 10.43
N VAL B 271 28.08 -34.53 10.32
CA VAL B 271 27.71 -33.63 11.42
C VAL B 271 26.57 -32.71 10.99
N ILE B 272 25.70 -32.34 11.93
CA ILE B 272 24.56 -31.45 11.71
C ILE B 272 24.67 -30.22 12.63
N ILE B 273 24.53 -29.02 12.08
CA ILE B 273 24.38 -27.79 12.87
C ILE B 273 23.01 -27.18 12.57
N TYR B 274 22.20 -26.96 13.60
CA TYR B 274 20.90 -26.31 13.48
C TYR B 274 20.92 -24.94 14.13
N VAL B 275 20.48 -23.89 13.45
CA VAL B 275 20.36 -22.53 14.00
C VAL B 275 18.91 -22.08 14.03
N GLY B 276 18.38 -21.81 15.22
CA GLY B 276 17.26 -20.89 15.44
C GLY B 276 17.81 -19.49 15.64
N CYS B 277 17.24 -18.49 14.97
CA CYS B 277 17.82 -17.15 14.84
C CYS B 277 16.80 -16.03 15.12
N GLY B 278 16.00 -16.21 16.16
CA GLY B 278 14.95 -15.28 16.61
C GLY B 278 13.56 -15.87 16.48
N GLU B 279 13.40 -17.16 16.80
CA GLU B 279 12.15 -17.91 16.63
C GLU B 279 11.16 -17.63 17.77
N ARG B 280 9.89 -17.96 17.61
CA ARG B 280 8.91 -17.84 18.71
C ARG B 280 9.28 -18.80 19.85
N GLY B 281 9.10 -18.38 21.10
CA GLY B 281 9.42 -19.18 22.29
C GLY B 281 8.82 -20.59 22.31
N ASN B 282 7.55 -20.76 21.93
CA ASN B 282 6.90 -22.07 21.87
C ASN B 282 7.37 -22.91 20.66
N GLU B 283 7.73 -22.31 19.52
CA GLU B 283 8.39 -23.03 18.41
C GLU B 283 9.79 -23.53 18.78
N MET B 284 10.60 -22.70 19.42
CA MET B 284 11.96 -23.06 19.81
C MET B 284 11.93 -24.20 20.85
N SER B 285 10.96 -24.15 21.76
CA SER B 285 10.68 -25.20 22.74
C SER B 285 10.33 -26.53 22.09
N GLU B 286 9.58 -26.53 20.98
CA GLU B 286 9.27 -27.73 20.22
C GLU B 286 10.51 -28.38 19.59
N VAL B 287 11.40 -27.59 18.98
CA VAL B 287 12.68 -28.07 18.43
C VAL B 287 13.56 -28.68 19.52
N LEU B 288 13.76 -27.96 20.63
CA LEU B 288 14.61 -28.41 21.73
C LEU B 288 14.04 -29.62 22.49
N ARG B 289 12.72 -29.83 22.51
CA ARG B 289 12.07 -31.07 22.96
C ARG B 289 12.28 -32.22 21.97
N ASP B 290 12.03 -31.99 20.68
CA ASP B 290 12.00 -33.03 19.67
C ASP B 290 13.39 -33.58 19.31
N PHE B 291 14.41 -32.74 19.12
CA PHE B 291 15.72 -33.20 18.62
C PHE B 291 16.41 -34.25 19.49
N PRO B 292 16.44 -34.14 20.83
CA PRO B 292 17.01 -35.18 21.68
C PRO B 292 16.33 -36.55 21.57
N GLU B 293 15.05 -36.59 21.18
CA GLU B 293 14.26 -37.82 21.03
C GLU B 293 14.48 -38.51 19.68
N LEU B 294 15.04 -37.83 18.68
CA LEU B 294 15.41 -38.43 17.41
C LEU B 294 16.60 -39.37 17.56
N THR B 295 16.57 -40.50 16.85
CA THR B 295 17.61 -41.53 16.85
C THR B 295 17.87 -42.06 15.45
N MET B 296 19.01 -42.70 15.25
CA MET B 296 19.42 -43.32 14.00
C MET B 296 20.10 -44.66 14.27
N GLU B 297 20.08 -45.59 13.32
CA GLU B 297 20.82 -46.84 13.45
C GLU B 297 22.16 -46.74 12.75
N VAL B 298 23.24 -47.00 13.50
CA VAL B 298 24.61 -46.98 13.00
C VAL B 298 25.04 -48.41 12.64
N ASP B 299 25.98 -49.03 13.36
CA ASP B 299 26.49 -50.37 13.03
C ASP B 299 25.61 -51.48 13.60
N GLY B 300 24.32 -51.45 13.28
CA GLY B 300 23.33 -52.36 13.85
C GLY B 300 22.89 -52.01 15.28
N LYS B 301 23.21 -50.79 15.75
CA LYS B 301 22.89 -50.26 17.07
C LYS B 301 22.24 -48.89 16.93
N VAL B 302 21.21 -48.61 17.72
CA VAL B 302 20.51 -47.32 17.71
C VAL B 302 21.23 -46.30 18.59
N GLU B 303 21.47 -45.11 18.05
CA GLU B 303 22.24 -44.02 18.63
C GLU B 303 21.43 -42.72 18.61
N SER B 304 21.67 -41.82 19.56
CA SER B 304 21.04 -40.50 19.58
C SER B 304 21.59 -39.58 18.49
N ILE B 305 20.71 -38.80 17.87
CA ILE B 305 21.09 -37.71 16.96
C ILE B 305 22.00 -36.69 17.63
N MET B 306 21.86 -36.46 18.93
CA MET B 306 22.66 -35.49 19.65
C MET B 306 24.13 -35.91 19.84
N LYS B 307 24.55 -37.10 19.41
CA LYS B 307 25.98 -37.44 19.33
C LYS B 307 26.72 -36.79 18.15
N ARG B 308 26.00 -36.36 17.11
CA ARG B 308 26.56 -35.72 15.89
C ARG B 308 25.94 -34.36 15.56
N THR B 309 25.23 -33.77 16.50
CA THR B 309 24.42 -32.55 16.30
C THR B 309 24.77 -31.51 17.33
N ALA B 310 24.78 -30.24 16.96
CA ALA B 310 24.77 -29.11 17.89
C ALA B 310 23.68 -28.12 17.50
N LEU B 311 23.01 -27.53 18.49
CA LEU B 311 21.92 -26.58 18.28
C LEU B 311 22.35 -25.18 18.73
N VAL B 312 22.10 -24.17 17.90
CA VAL B 312 22.06 -22.76 18.29
C VAL B 312 20.60 -22.36 18.38
N ALA B 313 20.17 -21.77 19.48
CA ALA B 313 18.78 -21.49 19.79
C ALA B 313 18.60 -20.07 20.30
N ASN B 314 17.67 -19.32 19.72
CA ASN B 314 17.41 -17.94 20.09
C ASN B 314 15.92 -17.69 19.97
N THR B 315 15.28 -17.29 21.06
CA THR B 315 13.89 -16.82 21.06
C THR B 315 13.80 -15.32 20.75
N SER B 316 12.61 -14.79 20.45
CA SER B 316 12.47 -13.41 20.00
C SER B 316 12.80 -12.33 21.04
N ASN B 317 12.95 -12.68 22.34
CA ASN B 317 13.38 -11.78 23.42
C ASN B 317 14.84 -11.95 23.87
N MET B 318 15.66 -12.74 23.17
CA MET B 318 17.11 -12.71 23.35
C MET B 318 17.69 -11.37 22.84
N PRO B 319 18.91 -10.95 23.24
CA PRO B 319 19.55 -9.76 22.68
C PRO B 319 19.56 -9.70 21.16
N VAL B 320 19.29 -8.56 20.54
CA VAL B 320 19.28 -8.43 19.07
C VAL B 320 20.64 -8.75 18.43
N ALA B 321 21.74 -8.51 19.15
CA ALA B 321 23.08 -8.87 18.75
C ALA B 321 23.29 -10.39 18.62
N ALA B 322 22.69 -11.20 19.50
CA ALA B 322 22.71 -12.65 19.39
C ALA B 322 21.89 -13.16 18.21
N ARG B 323 20.67 -12.63 18.02
CA ARG B 323 19.80 -13.04 16.92
C ARG B 323 20.44 -12.78 15.56
N GLU B 324 21.19 -11.70 15.42
CA GLU B 324 22.01 -11.41 14.24
C GLU B 324 23.32 -12.22 14.16
N ALA B 325 24.07 -12.39 15.24
CA ALA B 325 25.28 -13.21 15.25
C ALA B 325 25.06 -14.69 14.95
N SER B 326 23.86 -15.19 15.23
CA SER B 326 23.51 -16.60 15.23
C SER B 326 23.99 -17.40 14.02
N ILE B 327 23.77 -16.93 12.79
CA ILE B 327 24.19 -17.64 11.59
C ILE B 327 25.70 -17.63 11.41
N TYR B 328 26.40 -16.62 11.92
CA TYR B 328 27.86 -16.55 11.90
C TYR B 328 28.48 -17.48 12.93
N THR B 329 27.85 -17.64 14.10
CA THR B 329 28.21 -18.68 15.06
C THR B 329 27.99 -20.06 14.47
N GLY B 330 26.82 -20.33 13.89
CA GLY B 330 26.51 -21.62 13.28
C GLY B 330 27.38 -21.98 12.09
N ILE B 331 27.67 -21.07 11.17
CA ILE B 331 28.59 -21.34 10.07
C ILE B 331 30.04 -21.50 10.54
N THR B 332 30.49 -20.79 11.57
CA THR B 332 31.86 -20.97 12.08
C THR B 332 32.03 -22.34 12.74
N LEU B 333 31.03 -22.82 13.47
CA LEU B 333 31.00 -24.20 13.96
C LEU B 333 31.00 -25.19 12.79
N SER B 334 30.23 -24.93 11.73
CA SER B 334 30.21 -25.81 10.56
C SER B 334 31.57 -25.88 9.86
N GLU B 335 32.22 -24.76 9.62
CA GLU B 335 33.56 -24.70 9.04
C GLU B 335 34.62 -25.39 9.89
N TYR B 336 34.51 -25.40 11.21
CA TYR B 336 35.44 -26.14 12.06
C TYR B 336 35.38 -27.67 11.86
N PHE B 337 34.20 -28.26 11.71
CA PHE B 337 34.08 -29.68 11.42
C PHE B 337 34.38 -30.03 9.96
N ARG B 338 34.11 -29.14 9.00
CA ARG B 338 34.62 -29.27 7.63
C ARG B 338 36.13 -29.44 7.61
N ASP B 339 36.85 -28.65 8.38
CA ASP B 339 38.30 -28.68 8.43
C ASP B 339 38.89 -29.97 8.99
N MET B 340 38.12 -30.76 9.75
CA MET B 340 38.50 -32.12 10.17
C MET B 340 38.31 -33.16 9.06
N GLY B 341 37.71 -32.78 7.93
CA GLY B 341 37.37 -33.66 6.83
C GLY B 341 35.99 -34.30 6.97
N TYR B 342 35.08 -33.69 7.73
CA TYR B 342 33.68 -34.11 7.76
C TYR B 342 32.84 -33.41 6.70
N HIS B 343 31.71 -33.99 6.36
CA HIS B 343 30.65 -33.36 5.58
C HIS B 343 29.57 -32.86 6.52
N VAL B 344 29.24 -31.58 6.46
CA VAL B 344 28.33 -30.91 7.39
C VAL B 344 27.10 -30.43 6.63
N SER B 345 25.92 -30.59 7.22
CA SER B 345 24.73 -29.83 6.83
C SER B 345 24.41 -28.81 7.91
N MET B 346 24.22 -27.56 7.51
CA MET B 346 23.73 -26.50 8.37
C MET B 346 22.32 -26.08 7.95
N MET B 347 21.39 -26.02 8.89
CA MET B 347 20.03 -25.52 8.70
C MET B 347 19.82 -24.23 9.48
N ALA B 348 19.35 -23.15 8.84
CA ALA B 348 18.89 -21.93 9.50
C ALA B 348 17.35 -21.83 9.49
N ASP B 349 16.75 -21.79 10.67
CA ASP B 349 15.32 -22.00 10.93
C ASP B 349 14.42 -20.87 10.40
N SER B 350 14.87 -19.61 10.42
CA SER B 350 14.39 -18.60 9.48
C SER B 350 15.36 -17.44 9.30
N THR B 351 15.90 -17.29 8.10
CA THR B 351 16.74 -16.15 7.74
C THR B 351 15.99 -14.82 7.70
N SER B 352 14.66 -14.83 7.65
CA SER B 352 13.84 -13.62 7.77
C SER B 352 13.91 -13.00 9.17
N ARG B 353 13.94 -13.83 10.22
CA ARG B 353 14.12 -13.35 11.59
C ARG B 353 15.52 -12.79 11.80
N TRP B 354 16.53 -13.37 11.16
CA TRP B 354 17.88 -12.82 11.14
C TRP B 354 17.95 -11.45 10.46
N ALA B 355 17.28 -11.29 9.32
CA ALA B 355 17.26 -10.03 8.59
C ALA B 355 16.54 -8.93 9.37
N GLU B 356 15.46 -9.24 10.10
CA GLU B 356 14.79 -8.28 10.97
C GLU B 356 15.67 -7.81 12.13
N ALA B 357 16.50 -8.69 12.70
CA ALA B 357 17.50 -8.29 13.69
C ALA B 357 18.55 -7.35 13.09
N LEU B 358 19.02 -7.63 11.89
CA LEU B 358 19.95 -6.77 11.15
C LEU B 358 19.34 -5.38 10.88
N ARG B 359 18.05 -5.34 10.52
CA ARG B 359 17.31 -4.09 10.36
C ARG B 359 17.21 -3.31 11.66
N GLU B 360 16.82 -3.93 12.77
CA GLU B 360 16.79 -3.27 14.08
C GLU B 360 18.14 -2.69 14.48
N ILE B 361 19.24 -3.41 14.25
CA ILE B 361 20.59 -2.91 14.55
C ILE B 361 20.93 -1.69 13.70
N SER B 362 20.59 -1.69 12.40
CA SER B 362 20.80 -0.50 11.58
C SER B 362 19.95 0.69 12.02
N GLY B 363 18.76 0.43 12.57
CA GLY B 363 17.89 1.44 13.15
C GLY B 363 18.49 2.08 14.41
N ARG B 364 19.04 1.28 15.32
CA ARG B 364 19.79 1.75 16.50
C ARG B 364 21.01 2.59 16.09
N LEU B 365 21.70 2.20 15.03
CA LEU B 365 22.82 2.95 14.46
C LEU B 365 22.40 4.15 13.61
N ALA B 366 21.09 4.39 13.44
CA ALA B 366 20.48 5.45 12.64
C ALA B 366 20.98 5.50 11.18
N GLU B 367 21.12 4.35 10.53
CA GLU B 367 21.61 4.22 9.14
C GLU B 367 20.50 4.48 8.11
N MET B 368 20.88 4.89 6.89
CA MET B 368 19.96 5.21 5.79
C MET B 368 19.09 3.99 5.41
N PRO B 369 17.76 4.12 5.33
CA PRO B 369 16.87 2.97 5.35
C PRO B 369 16.75 2.14 4.05
N ALA B 370 17.37 2.54 2.93
CA ALA B 370 17.44 1.80 1.65
C ALA B 370 16.15 1.02 1.26
N ASP B 371 16.25 -0.25 0.85
CA ASP B 371 15.12 -1.07 0.40
C ASP B 371 14.22 -1.58 1.54
N SER B 372 12.95 -1.15 1.58
CA SER B 372 11.95 -1.52 2.61
C SER B 372 12.37 -1.30 4.07
N GLY B 373 13.30 -0.39 4.33
CA GLY B 373 13.86 -0.15 5.66
C GLY B 373 15.07 -1.02 6.02
N TYR B 374 15.46 -1.99 5.20
CA TYR B 374 16.65 -2.82 5.44
C TYR B 374 17.94 -2.06 5.12
N PRO B 375 19.05 -2.28 5.85
CA PRO B 375 20.31 -1.58 5.59
C PRO B 375 20.86 -1.87 4.19
N ALA B 376 21.66 -0.94 3.66
CA ALA B 376 22.20 -1.01 2.28
C ALA B 376 22.99 -2.29 2.00
N TYR B 377 23.64 -2.85 3.01
CA TYR B 377 24.47 -4.05 2.92
C TYR B 377 23.71 -5.39 2.96
N LEU B 378 22.38 -5.44 3.14
CA LEU B 378 21.63 -6.70 3.31
C LEU B 378 22.01 -7.78 2.29
N GLY B 379 21.96 -7.46 1.00
CA GLY B 379 22.23 -8.42 -0.07
C GLY B 379 23.68 -8.90 -0.12
N ALA B 380 24.64 -8.03 0.23
CA ALA B 380 26.04 -8.39 0.38
C ALA B 380 26.28 -9.29 1.59
N ARG B 381 25.59 -9.08 2.72
CA ARG B 381 25.67 -9.94 3.90
C ARG B 381 25.13 -11.34 3.61
N LEU B 382 23.99 -11.45 2.93
CA LEU B 382 23.45 -12.74 2.47
C LEU B 382 24.38 -13.43 1.48
N ALA B 383 24.89 -12.72 0.47
CA ALA B 383 25.83 -13.28 -0.50
C ALA B 383 27.11 -13.79 0.16
N SER B 384 27.72 -13.01 1.05
CA SER B 384 28.95 -13.39 1.74
C SER B 384 28.74 -14.56 2.70
N PHE B 385 27.55 -14.69 3.30
CA PHE B 385 27.17 -15.85 4.11
C PHE B 385 27.06 -17.12 3.27
N TYR B 386 26.23 -17.13 2.21
CA TYR B 386 26.08 -18.31 1.36
C TYR B 386 27.35 -18.67 0.58
N GLU B 387 28.28 -17.74 0.37
CA GLU B 387 29.58 -18.03 -0.22
C GLU B 387 30.48 -18.89 0.70
N ARG B 388 30.13 -19.10 1.97
CA ARG B 388 30.84 -20.05 2.85
C ARG B 388 30.47 -21.53 2.65
N ALA B 389 29.40 -21.82 1.91
CA ALA B 389 29.05 -23.18 1.51
C ALA B 389 30.05 -23.70 0.47
N GLY B 390 30.32 -25.00 0.48
CA GLY B 390 31.13 -25.64 -0.56
C GLY B 390 31.89 -26.87 -0.10
N ARG B 391 32.41 -27.62 -1.07
CA ARG B 391 33.41 -28.68 -0.87
C ARG B 391 34.81 -28.08 -0.88
N VAL B 392 35.73 -28.58 -0.06
CA VAL B 392 37.07 -27.99 0.07
C VAL B 392 38.14 -29.05 0.20
N LYS B 393 39.37 -28.66 -0.11
CA LYS B 393 40.60 -29.34 0.26
C LYS B 393 41.13 -28.62 1.49
N CYS B 394 41.22 -29.29 2.62
CA CYS B 394 41.41 -28.65 3.91
C CYS B 394 42.84 -28.08 4.06
N LEU B 395 43.05 -27.11 4.94
CA LEU B 395 44.41 -26.72 5.32
C LEU B 395 45.12 -27.87 6.02
N GLY B 396 46.45 -27.90 5.92
CA GLY B 396 47.28 -28.73 6.77
C GLY B 396 47.46 -30.16 6.30
N ASN B 397 48.39 -30.84 6.95
CA ASN B 397 49.18 -31.92 6.38
C ASN B 397 48.45 -33.20 5.98
N PRO B 398 47.70 -33.91 6.84
CA PRO B 398 46.98 -35.11 6.42
C PRO B 398 45.94 -34.75 5.38
N GLU B 399 46.10 -35.26 4.16
CA GLU B 399 45.36 -34.78 3.00
C GLU B 399 43.91 -35.24 3.07
N ARG B 400 42.95 -34.31 3.06
CA ARG B 400 41.53 -34.59 3.32
C ARG B 400 40.60 -33.60 2.63
N GLU B 401 39.35 -34.02 2.43
CA GLU B 401 38.27 -33.18 1.91
C GLU B 401 37.12 -33.09 2.90
N GLY B 402 36.50 -31.93 3.02
CA GLY B 402 35.28 -31.71 3.80
C GLY B 402 34.28 -30.91 2.99
N SER B 403 33.08 -30.70 3.52
CA SER B 403 32.11 -29.78 2.91
C SER B 403 31.15 -29.20 3.93
N VAL B 404 30.58 -28.04 3.64
CA VAL B 404 29.41 -27.51 4.36
C VAL B 404 28.30 -27.22 3.37
N SER B 405 27.12 -27.78 3.60
CA SER B 405 25.93 -27.56 2.80
C SER B 405 24.95 -26.72 3.61
N ILE B 406 24.37 -25.66 3.04
CA ILE B 406 23.46 -24.75 3.77
C ILE B 406 22.04 -24.92 3.29
N VAL B 407 21.10 -25.12 4.20
CA VAL B 407 19.67 -24.95 3.95
C VAL B 407 19.18 -23.76 4.77
N GLY B 408 18.65 -22.72 4.12
CA GLY B 408 18.12 -21.54 4.81
C GLY B 408 16.64 -21.38 4.55
N ALA B 409 15.81 -21.52 5.57
CA ALA B 409 14.40 -21.19 5.47
C ALA B 409 14.18 -19.69 5.35
N VAL B 410 13.16 -19.27 4.60
CA VAL B 410 12.84 -17.85 4.40
C VAL B 410 11.33 -17.66 4.35
N SER B 411 10.81 -16.56 4.88
CA SER B 411 9.38 -16.34 5.14
C SER B 411 8.82 -15.15 4.34
N PRO B 412 8.51 -15.30 3.04
CA PRO B 412 7.90 -14.23 2.26
C PRO B 412 6.51 -13.85 2.83
N PRO B 413 6.27 -12.57 3.18
CA PRO B 413 5.02 -12.14 3.81
C PRO B 413 3.84 -12.34 2.86
N GLY B 414 2.83 -13.11 3.29
CA GLY B 414 1.68 -13.50 2.45
C GLY B 414 2.05 -14.29 1.19
N GLY B 415 3.26 -14.87 1.11
CA GLY B 415 3.79 -15.50 -0.09
C GLY B 415 4.38 -14.54 -1.13
N ASP B 416 4.61 -13.26 -0.80
CA ASP B 416 5.24 -12.30 -1.71
C ASP B 416 6.77 -12.49 -1.85
N PHE B 417 7.20 -13.22 -2.88
CA PHE B 417 8.61 -13.49 -3.18
C PHE B 417 9.40 -12.24 -3.61
N SER B 418 8.76 -11.09 -3.83
CA SER B 418 9.46 -9.82 -4.09
C SER B 418 10.02 -9.13 -2.83
N ASP B 419 9.75 -9.68 -1.64
CA ASP B 419 10.40 -9.30 -0.38
C ASP B 419 11.93 -9.21 -0.52
N PRO B 420 12.62 -8.18 0.02
CA PRO B 420 14.05 -8.03 -0.20
C PRO B 420 14.90 -9.22 0.24
N VAL B 421 14.54 -9.92 1.33
CA VAL B 421 15.30 -11.07 1.83
C VAL B 421 15.02 -12.29 0.94
N THR B 422 13.77 -12.55 0.57
CA THR B 422 13.42 -13.65 -0.32
C THR B 422 13.99 -13.46 -1.71
N SER B 423 13.86 -12.26 -2.27
CA SER B 423 14.39 -11.89 -3.58
C SER B 423 15.91 -12.06 -3.65
N ALA B 424 16.64 -11.62 -2.62
CA ALA B 424 18.07 -11.88 -2.52
C ALA B 424 18.36 -13.38 -2.39
N THR B 425 17.64 -14.11 -1.53
CA THR B 425 17.89 -15.52 -1.28
C THR B 425 17.72 -16.38 -2.53
N LEU B 426 16.60 -16.25 -3.25
CA LEU B 426 16.38 -16.99 -4.49
C LEU B 426 17.26 -16.50 -5.64
N GLY B 427 17.82 -15.29 -5.56
CA GLY B 427 18.88 -14.83 -6.45
C GLY B 427 20.22 -15.53 -6.22
N ILE B 428 20.47 -16.05 -5.01
CA ILE B 428 21.72 -16.69 -4.60
C ILE B 428 21.63 -18.22 -4.66
N VAL B 429 20.66 -18.85 -4.00
CA VAL B 429 20.65 -20.31 -3.80
C VAL B 429 20.40 -21.08 -5.09
N GLN B 430 20.98 -22.27 -5.16
CA GLN B 430 20.94 -23.12 -6.36
C GLN B 430 19.83 -24.18 -6.31
N VAL B 431 19.17 -24.37 -5.18
CA VAL B 431 17.99 -25.23 -5.06
C VAL B 431 16.89 -24.48 -4.32
N PHE B 432 15.66 -24.58 -4.81
CA PHE B 432 14.49 -24.20 -4.04
C PHE B 432 13.57 -25.41 -3.90
N TRP B 433 13.34 -25.87 -2.67
CA TRP B 433 12.35 -26.91 -2.37
C TRP B 433 11.08 -26.22 -1.88
N GLY B 434 10.13 -26.01 -2.79
CA GLY B 434 8.90 -25.29 -2.49
C GLY B 434 7.88 -26.15 -1.76
N LEU B 435 8.02 -26.31 -0.45
CA LEU B 435 6.98 -26.89 0.41
C LEU B 435 5.69 -26.08 0.30
N ASP B 436 4.53 -26.74 0.31
CA ASP B 436 3.26 -26.09 -0.03
C ASP B 436 2.10 -26.50 0.90
N LYS B 437 1.46 -25.49 1.50
CA LYS B 437 0.30 -25.63 2.38
C LYS B 437 -0.86 -26.34 1.69
N LYS B 438 -1.13 -26.08 0.40
CA LYS B 438 -2.22 -26.73 -0.34
C LYS B 438 -2.01 -28.25 -0.44
N LEU B 439 -0.79 -28.69 -0.69
CA LEU B 439 -0.46 -30.12 -0.71
C LEU B 439 -0.59 -30.74 0.69
N ALA B 440 -0.17 -30.05 1.74
CA ALA B 440 -0.37 -30.52 3.12
C ALA B 440 -1.87 -30.67 3.47
N GLN B 441 -2.72 -29.74 3.02
CA GLN B 441 -4.18 -29.83 3.16
C GLN B 441 -4.81 -30.99 2.37
N ARG B 442 -4.21 -31.41 1.23
CA ARG B 442 -4.59 -32.64 0.49
C ARG B 442 -4.08 -33.94 1.13
N LYS B 443 -3.37 -33.87 2.26
CA LYS B 443 -2.56 -34.95 2.85
C LYS B 443 -1.48 -35.50 1.90
N HIS B 444 -1.08 -34.72 0.89
CA HIS B 444 0.02 -35.07 -0.01
C HIS B 444 1.33 -34.80 0.71
N PHE B 445 1.98 -35.84 1.21
CA PHE B 445 3.24 -35.74 1.97
C PHE B 445 4.34 -36.62 1.36
N PRO B 446 5.59 -36.13 1.27
CA PRO B 446 6.01 -34.76 1.58
C PRO B 446 5.40 -33.73 0.63
N SER B 447 5.09 -32.56 1.18
CA SER B 447 4.30 -31.47 0.57
C SER B 447 5.10 -30.60 -0.42
N VAL B 448 6.09 -31.16 -1.11
CA VAL B 448 6.92 -30.44 -2.09
C VAL B 448 6.14 -30.19 -3.36
N ASN B 449 5.96 -28.94 -3.76
CA ASN B 449 5.35 -28.55 -5.03
C ASN B 449 6.36 -28.71 -6.18
N TRP B 450 6.13 -29.67 -7.07
CA TRP B 450 6.99 -29.99 -8.22
C TRP B 450 6.93 -28.97 -9.36
N LEU B 451 5.95 -28.07 -9.39
CA LEU B 451 5.85 -27.02 -10.41
C LEU B 451 6.76 -25.83 -10.08
N ILE B 452 6.75 -25.38 -8.81
CA ILE B 452 7.49 -24.19 -8.37
C ILE B 452 8.95 -24.50 -8.03
N SER B 453 9.23 -25.69 -7.48
CA SER B 453 10.56 -26.12 -7.06
C SER B 453 11.55 -26.24 -8.24
N TYR B 454 12.85 -26.08 -7.97
CA TYR B 454 13.93 -26.27 -8.95
C TYR B 454 15.25 -26.70 -8.30
N SER B 455 16.14 -27.30 -9.08
CA SER B 455 17.55 -27.51 -8.75
C SER B 455 18.43 -27.16 -9.94
N LYS B 456 19.53 -26.43 -9.68
CA LYS B 456 20.52 -26.02 -10.69
C LYS B 456 21.79 -26.89 -10.67
N TYR B 457 21.83 -27.93 -9.83
CA TYR B 457 22.97 -28.88 -9.73
C TYR B 457 22.88 -30.08 -10.67
N MET B 458 21.85 -30.20 -11.50
CA MET B 458 21.62 -31.37 -12.37
C MET B 458 22.75 -31.65 -13.38
N ARG B 459 23.49 -30.62 -13.83
CA ARG B 459 24.70 -30.79 -14.67
C ARG B 459 25.91 -31.26 -13.87
N ALA B 460 26.15 -30.74 -12.68
CA ALA B 460 27.27 -31.16 -11.84
C ALA B 460 27.16 -32.63 -11.41
N LEU B 461 25.93 -33.12 -11.21
CA LEU B 461 25.64 -34.52 -10.89
C LEU B 461 25.66 -35.46 -12.10
N ASP B 462 25.78 -34.95 -13.33
CA ASP B 462 25.73 -35.78 -14.54
C ASP B 462 26.81 -36.88 -14.56
N GLU B 463 28.05 -36.55 -14.20
CA GLU B 463 29.15 -37.53 -14.13
C GLU B 463 28.93 -38.59 -13.05
N TYR B 464 28.33 -38.23 -11.92
CA TYR B 464 28.03 -39.17 -10.84
C TYR B 464 26.92 -40.14 -11.26
N TYR B 465 25.80 -39.62 -11.77
CA TYR B 465 24.71 -40.47 -12.23
C TYR B 465 25.14 -41.35 -13.41
N ASP B 466 25.92 -40.83 -14.36
CA ASP B 466 26.50 -41.61 -15.45
C ASP B 466 27.32 -42.80 -14.95
N LYS B 467 28.21 -42.58 -13.98
CA LYS B 467 29.07 -43.61 -13.40
C LYS B 467 28.30 -44.65 -12.60
N HIS B 468 27.37 -44.24 -11.73
CA HIS B 468 26.78 -45.12 -10.71
C HIS B 468 25.41 -45.71 -11.05
N PHE B 469 24.63 -45.08 -11.93
CA PHE B 469 23.24 -45.48 -12.20
C PHE B 469 22.91 -45.57 -13.70
N THR B 470 23.43 -44.65 -14.50
CA THR B 470 23.50 -44.64 -15.98
C THR B 470 22.16 -44.53 -16.73
N GLU B 471 21.10 -45.21 -16.29
CA GLU B 471 19.75 -45.10 -16.85
C GLU B 471 18.96 -43.88 -16.34
N PHE B 472 19.42 -43.20 -15.28
CA PHE B 472 18.57 -42.30 -14.50
C PHE B 472 18.23 -40.97 -15.19
N VAL B 473 19.19 -40.29 -15.83
CA VAL B 473 18.95 -38.96 -16.41
C VAL B 473 17.81 -38.94 -17.45
N PRO B 474 17.70 -39.92 -18.39
CA PRO B 474 16.51 -40.06 -19.22
C PRO B 474 15.21 -40.22 -18.45
N LEU B 475 15.18 -41.06 -17.41
CA LEU B 475 13.98 -41.30 -16.61
C LEU B 475 13.51 -40.03 -15.90
N ARG B 476 14.42 -39.27 -15.30
CA ARG B 476 14.13 -37.96 -14.69
C ARG B 476 13.51 -37.01 -15.71
N THR B 477 14.09 -36.95 -16.90
CA THR B 477 13.64 -36.05 -17.98
C THR B 477 12.21 -36.41 -18.43
N LYS B 478 11.93 -37.69 -18.69
CA LYS B 478 10.58 -38.16 -19.04
C LYS B 478 9.58 -37.90 -17.92
N ALA B 479 9.92 -38.20 -16.67
CA ALA B 479 9.05 -37.99 -15.53
C ALA B 479 8.66 -36.50 -15.34
N LYS B 480 9.61 -35.58 -15.47
CA LYS B 480 9.32 -34.13 -15.44
C LYS B 480 8.39 -33.72 -16.58
N GLU B 481 8.59 -34.23 -17.79
CA GLU B 481 7.67 -33.95 -18.90
C GLU B 481 6.26 -34.49 -18.64
N ILE B 482 6.08 -35.72 -18.17
CA ILE B 482 4.75 -36.28 -17.90
C ILE B 482 3.99 -35.43 -16.87
N LEU B 483 4.65 -35.03 -15.77
CA LEU B 483 4.04 -34.19 -14.75
C LEU B 483 3.74 -32.78 -15.26
N GLN B 484 4.48 -32.26 -16.24
CA GLN B 484 4.19 -30.99 -16.89
C GLN B 484 3.06 -31.12 -17.94
N GLU B 485 2.99 -32.22 -18.69
CA GLU B 485 1.91 -32.43 -19.65
C GLU B 485 0.56 -32.46 -18.95
N GLU B 486 0.44 -33.16 -17.82
CA GLU B 486 -0.80 -33.20 -17.06
C GLU B 486 -1.27 -31.80 -16.63
N GLU B 487 -0.33 -30.89 -16.32
CA GLU B 487 -0.65 -29.51 -15.96
C GLU B 487 -1.09 -28.66 -17.16
N ASP B 488 -0.74 -29.03 -18.39
CA ASP B 488 -1.30 -28.44 -19.61
C ASP B 488 -2.65 -29.06 -19.99
N LEU B 489 -2.78 -30.39 -19.84
CA LEU B 489 -3.99 -31.12 -20.18
C LEU B 489 -5.17 -30.77 -19.26
N ALA B 490 -4.94 -30.36 -18.02
CA ALA B 490 -5.99 -30.03 -17.06
C ALA B 490 -6.98 -28.97 -17.58
N GLU B 491 -6.48 -27.85 -18.13
CA GLU B 491 -7.34 -26.80 -18.69
C GLU B 491 -8.09 -27.24 -19.96
N ILE B 492 -7.53 -28.18 -20.72
CA ILE B 492 -8.19 -28.81 -21.87
C ILE B 492 -9.31 -29.73 -21.36
N VAL B 493 -9.04 -30.59 -20.37
CA VAL B 493 -10.03 -31.50 -19.77
C VAL B 493 -11.24 -30.77 -19.19
N GLN B 494 -11.05 -29.59 -18.60
CA GLN B 494 -12.14 -28.74 -18.12
C GLN B 494 -13.16 -28.36 -19.22
N LEU B 495 -12.78 -28.40 -20.49
CA LEU B 495 -13.63 -28.14 -21.65
C LEU B 495 -14.01 -29.42 -22.42
N VAL B 496 -13.05 -30.32 -22.63
CA VAL B 496 -13.18 -31.57 -23.41
C VAL B 496 -13.96 -32.66 -22.66
N GLY B 497 -14.11 -32.54 -21.34
CA GLY B 497 -14.95 -33.44 -20.54
C GLY B 497 -14.35 -34.84 -20.31
N LYS B 498 -13.02 -34.97 -20.37
CA LYS B 498 -12.19 -36.18 -20.15
C LYS B 498 -12.39 -37.32 -21.15
N ALA B 499 -13.62 -37.77 -21.39
CA ALA B 499 -13.92 -38.90 -22.26
C ALA B 499 -13.49 -38.67 -23.73
N SER B 500 -13.67 -37.46 -24.25
CA SER B 500 -13.35 -37.08 -25.63
C SER B 500 -11.86 -36.83 -25.90
N LEU B 501 -10.99 -37.00 -24.90
CA LEU B 501 -9.54 -36.80 -25.02
C LEU B 501 -8.86 -37.93 -25.81
N ALA B 502 -7.69 -37.67 -26.41
CA ALA B 502 -6.90 -38.69 -27.10
C ALA B 502 -6.36 -39.78 -26.15
N GLU B 503 -6.27 -41.03 -26.58
CA GLU B 503 -5.82 -42.17 -25.74
C GLU B 503 -4.37 -42.01 -25.25
N THR B 504 -3.50 -41.38 -26.05
CA THR B 504 -2.14 -40.98 -25.64
C THR B 504 -2.15 -40.09 -24.39
N ASP B 505 -3.12 -39.18 -24.32
CA ASP B 505 -3.22 -38.16 -23.31
C ASP B 505 -3.94 -38.70 -22.07
N LYS B 506 -4.88 -39.64 -22.24
CA LYS B 506 -5.41 -40.43 -21.14
C LYS B 506 -4.30 -41.23 -20.46
N ILE B 507 -3.41 -41.86 -21.23
CA ILE B 507 -2.21 -42.51 -20.68
C ILE B 507 -1.36 -41.49 -19.91
N THR B 508 -1.04 -40.32 -20.47
CA THR B 508 -0.33 -39.27 -19.74
C THR B 508 -1.01 -38.91 -18.42
N LEU B 509 -2.31 -38.60 -18.42
CA LEU B 509 -3.03 -38.22 -17.21
C LEU B 509 -2.99 -39.33 -16.15
N GLU B 510 -3.19 -40.59 -16.53
CA GLU B 510 -3.24 -41.66 -15.55
C GLU B 510 -1.85 -42.09 -15.08
N VAL B 511 -0.81 -41.98 -15.93
CA VAL B 511 0.57 -42.19 -15.48
C VAL B 511 1.05 -41.02 -14.63
N ALA B 512 0.66 -39.79 -14.94
CA ALA B 512 0.92 -38.68 -14.05
C ALA B 512 0.31 -38.94 -12.67
N LYS B 513 -0.92 -39.45 -12.59
CA LYS B 513 -1.53 -39.89 -11.33
C LYS B 513 -0.74 -41.04 -10.66
N LEU B 514 -0.24 -42.01 -11.41
CA LEU B 514 0.60 -43.10 -10.89
C LEU B 514 1.89 -42.56 -10.24
N ILE B 515 2.62 -41.68 -10.93
CA ILE B 515 3.82 -41.04 -10.39
C ILE B 515 3.46 -40.19 -9.16
N LYS B 516 2.41 -39.38 -9.24
CA LYS B 516 1.99 -38.47 -8.19
C LYS B 516 1.61 -39.19 -6.90
N ASP B 517 0.77 -40.22 -6.98
CA ASP B 517 0.30 -40.95 -5.80
C ASP B 517 1.28 -42.01 -5.28
N ASP B 518 2.09 -42.63 -6.15
CA ASP B 518 2.91 -43.80 -5.77
C ASP B 518 4.42 -43.60 -5.86
N PHE B 519 4.91 -42.51 -6.46
CA PHE B 519 6.34 -42.14 -6.42
C PHE B 519 6.58 -40.85 -5.62
N LEU B 520 5.87 -39.77 -5.90
CA LEU B 520 6.10 -38.48 -5.21
C LEU B 520 5.67 -38.50 -3.75
N GLN B 521 4.53 -39.12 -3.41
CA GLN B 521 4.12 -39.32 -2.02
C GLN B 521 4.96 -40.41 -1.32
N GLN B 522 5.20 -40.24 -0.03
CA GLN B 522 6.06 -41.11 0.78
C GLN B 522 5.70 -40.97 2.26
N ASN B 523 5.04 -41.97 2.84
CA ASN B 523 4.56 -41.94 4.22
C ASN B 523 5.71 -42.22 5.21
N GLY B 524 6.31 -41.16 5.75
CA GLY B 524 7.47 -41.24 6.64
C GLY B 524 7.25 -41.96 7.98
N TYR B 525 6.02 -42.22 8.39
CA TYR B 525 5.71 -42.98 9.60
C TYR B 525 5.81 -44.51 9.41
N THR B 526 5.92 -45.01 8.18
CA THR B 526 5.82 -46.44 7.86
C THR B 526 7.19 -47.08 7.61
N PRO B 527 7.49 -48.27 8.19
CA PRO B 527 8.85 -48.83 8.19
C PRO B 527 9.52 -49.01 6.81
N TYR B 528 8.74 -49.29 5.77
CA TYR B 528 9.23 -49.45 4.40
C TYR B 528 9.54 -48.13 3.66
N ASP B 529 9.10 -46.98 4.18
CA ASP B 529 9.19 -45.68 3.47
C ASP B 529 9.77 -44.53 4.31
N ARG B 530 10.20 -44.77 5.55
CA ARG B 530 10.96 -43.80 6.37
C ARG B 530 12.18 -43.25 5.62
N PHE B 531 12.89 -44.14 4.94
CA PHE B 531 14.04 -43.89 4.08
C PHE B 531 13.88 -44.70 2.80
N CYS B 532 14.05 -44.07 1.64
CA CYS B 532 14.04 -44.73 0.33
C CYS B 532 15.43 -44.56 -0.31
N PRO B 533 16.25 -45.63 -0.41
CA PRO B 533 17.56 -45.54 -1.03
C PRO B 533 17.47 -45.29 -2.53
N PHE B 534 18.57 -44.85 -3.16
CA PHE B 534 18.51 -44.37 -4.53
C PHE B 534 18.31 -45.52 -5.54
N TYR B 535 18.78 -46.74 -5.26
CA TYR B 535 18.46 -47.91 -6.08
C TYR B 535 16.95 -48.22 -6.09
N LYS B 536 16.27 -48.16 -4.95
CA LYS B 536 14.80 -48.30 -4.85
C LYS B 536 14.12 -47.17 -5.62
N THR B 537 14.62 -45.95 -5.48
CA THR B 537 14.11 -44.76 -6.17
C THR B 537 14.18 -44.90 -7.69
N VAL B 538 15.36 -45.19 -8.27
CA VAL B 538 15.46 -45.37 -9.73
C VAL B 538 14.71 -46.61 -10.20
N GLY B 539 14.70 -47.71 -9.44
CA GLY B 539 13.96 -48.93 -9.79
C GLY B 539 12.45 -48.69 -9.96
N MET B 540 11.83 -47.99 -9.01
CA MET B 540 10.42 -47.58 -9.12
C MET B 540 10.18 -46.74 -10.37
N LEU B 541 10.98 -45.70 -10.58
CA LEU B 541 10.75 -44.78 -11.70
C LEU B 541 10.96 -45.48 -13.05
N SER B 542 11.99 -46.32 -13.13
CA SER B 542 12.32 -47.10 -14.32
C SER B 542 11.12 -47.92 -14.80
N ASN B 543 10.45 -48.63 -13.89
CA ASN B 543 9.27 -49.40 -14.21
C ASN B 543 8.08 -48.53 -14.62
N MET B 544 7.75 -47.46 -13.90
CA MET B 544 6.64 -46.58 -14.25
C MET B 544 6.81 -45.96 -15.65
N ILE B 545 8.02 -45.53 -15.99
CA ILE B 545 8.32 -44.98 -17.32
C ILE B 545 8.37 -46.08 -18.38
N SER B 546 8.82 -47.30 -18.05
CA SER B 546 8.77 -48.44 -18.97
C SER B 546 7.34 -48.79 -19.35
N PHE B 547 6.44 -48.84 -18.36
CA PHE B 547 5.02 -49.07 -18.58
C PHE B 547 4.42 -47.97 -19.47
N TYR B 548 4.70 -46.70 -19.18
CA TYR B 548 4.21 -45.57 -19.98
C TYR B 548 4.64 -45.69 -21.44
N ASP B 549 5.92 -45.95 -21.71
CA ASP B 549 6.42 -46.07 -23.07
C ASP B 549 5.75 -47.25 -23.81
N MET B 550 5.59 -48.39 -23.16
CA MET B 550 4.91 -49.53 -23.78
C MET B 550 3.41 -49.27 -24.01
N ALA B 551 2.71 -48.63 -23.08
CA ALA B 551 1.32 -48.24 -23.25
C ALA B 551 1.14 -47.25 -24.41
N ARG B 552 2.00 -46.23 -24.50
CA ARG B 552 2.04 -45.29 -25.63
C ARG B 552 2.31 -46.03 -26.94
N ARG B 553 3.30 -46.93 -26.97
CA ARG B 553 3.64 -47.71 -28.17
C ARG B 553 2.47 -48.59 -28.63
N ALA B 554 1.75 -49.25 -27.72
CA ALA B 554 0.58 -50.06 -28.07
C ALA B 554 -0.53 -49.22 -28.72
N VAL B 555 -0.88 -48.07 -28.13
CA VAL B 555 -1.85 -47.13 -28.73
C VAL B 555 -1.36 -46.63 -30.08
N GLU B 556 -0.16 -46.05 -30.16
CA GLU B 556 0.34 -45.40 -31.38
C GLU B 556 0.63 -46.37 -32.53
N THR B 557 0.93 -47.64 -32.24
CA THR B 557 1.08 -48.70 -33.26
C THR B 557 -0.26 -49.08 -33.89
N THR B 558 -1.32 -49.14 -33.10
CA THR B 558 -2.63 -49.66 -33.55
C THR B 558 -3.57 -48.57 -34.03
N ALA B 559 -3.74 -47.48 -33.28
CA ALA B 559 -4.70 -46.40 -33.58
C ALA B 559 -4.42 -45.64 -34.89
N GLN B 560 -3.21 -45.76 -35.46
CA GLN B 560 -2.83 -45.13 -36.71
C GLN B 560 -3.66 -45.61 -37.93
N SER B 561 -4.09 -46.88 -37.95
CA SER B 561 -4.93 -47.43 -39.04
C SER B 561 -5.66 -48.75 -38.71
N ASP B 562 -5.25 -49.50 -37.67
CA ASP B 562 -5.86 -50.77 -37.27
C ASP B 562 -7.04 -50.56 -36.30
N ASN B 563 -7.70 -51.64 -35.83
CA ASN B 563 -8.62 -51.54 -34.70
C ASN B 563 -7.83 -51.11 -33.44
N LYS B 564 -8.17 -49.95 -32.87
CA LYS B 564 -7.33 -49.27 -31.88
C LYS B 564 -7.29 -49.99 -30.53
N ILE B 565 -6.11 -50.00 -29.90
CA ILE B 565 -5.99 -50.15 -28.45
C ILE B 565 -6.40 -48.82 -27.78
N THR B 566 -6.91 -48.89 -26.56
CA THR B 566 -7.32 -47.74 -25.75
C THR B 566 -6.78 -47.90 -24.32
N TRP B 567 -6.71 -46.81 -23.57
CA TRP B 567 -6.32 -46.86 -22.16
C TRP B 567 -7.33 -47.67 -21.32
N SER B 568 -8.59 -47.74 -21.72
CA SER B 568 -9.58 -48.65 -21.14
C SER B 568 -9.22 -50.12 -21.42
N ILE B 569 -8.90 -50.46 -22.67
CA ILE B 569 -8.44 -51.82 -23.02
C ILE B 569 -7.18 -52.19 -22.23
N ILE B 570 -6.21 -51.27 -22.12
CA ILE B 570 -4.99 -51.51 -21.35
C ILE B 570 -5.32 -51.76 -19.88
N ARG B 571 -6.12 -50.91 -19.23
CA ARG B 571 -6.52 -51.09 -17.83
C ARG B 571 -7.26 -52.40 -17.60
N GLU B 572 -8.17 -52.76 -18.51
CA GLU B 572 -8.92 -54.01 -18.45
C GLU B 572 -8.02 -55.25 -18.62
N HIS B 573 -6.98 -55.15 -19.44
CA HIS B 573 -6.01 -56.23 -19.68
C HIS B 573 -4.91 -56.32 -18.62
N MET B 574 -4.51 -55.20 -18.01
CA MET B 574 -3.26 -55.07 -17.23
C MET B 574 -3.45 -54.61 -15.78
N GLY B 575 -4.66 -54.71 -15.22
CA GLY B 575 -4.96 -54.24 -13.87
C GLY B 575 -4.08 -54.85 -12.77
N GLU B 576 -3.64 -56.10 -12.92
CA GLU B 576 -2.66 -56.72 -12.03
C GLU B 576 -1.28 -56.04 -12.11
N ILE B 577 -0.81 -55.73 -13.32
CA ILE B 577 0.46 -55.01 -13.52
C ILE B 577 0.36 -53.64 -12.88
N LEU B 578 -0.74 -52.92 -13.11
CA LEU B 578 -0.96 -51.60 -12.53
C LEU B 578 -1.02 -51.65 -10.99
N TYR B 579 -1.60 -52.71 -10.42
CA TYR B 579 -1.56 -52.95 -8.97
C TYR B 579 -0.15 -53.29 -8.46
N LYS B 580 0.63 -54.11 -9.17
CA LYS B 580 2.03 -54.35 -8.82
C LYS B 580 2.84 -53.05 -8.84
N LEU B 581 2.66 -52.20 -9.86
CA LEU B 581 3.30 -50.88 -9.92
C LEU B 581 2.95 -50.01 -8.71
N SER B 582 1.67 -49.87 -8.35
CA SER B 582 1.29 -49.19 -7.11
C SER B 582 1.82 -49.85 -5.84
N SER B 583 2.08 -51.16 -5.86
CA SER B 583 2.66 -51.88 -4.73
C SER B 583 4.17 -51.72 -4.59
N MET B 584 4.90 -51.18 -5.59
CA MET B 584 6.37 -51.14 -5.53
C MET B 584 6.94 -50.40 -4.31
N LYS B 585 6.27 -49.33 -3.86
CA LYS B 585 6.70 -48.53 -2.72
C LYS B 585 6.71 -49.29 -1.38
N PHE B 586 5.95 -50.38 -1.24
CA PHE B 586 5.88 -51.20 -0.02
C PHE B 586 7.11 -52.09 0.22
N LYS B 587 8.04 -52.22 -0.74
CA LYS B 587 9.28 -52.98 -0.54
C LYS B 587 10.12 -52.35 0.55
N ASP B 588 10.60 -53.15 1.50
CA ASP B 588 11.30 -52.68 2.70
C ASP B 588 12.82 -52.88 2.56
N PRO B 589 13.64 -51.80 2.48
CA PRO B 589 15.09 -51.92 2.28
C PRO B 589 15.85 -52.63 3.39
N VAL B 590 15.25 -52.82 4.58
CA VAL B 590 15.86 -53.51 5.71
C VAL B 590 15.50 -54.99 5.70
N LYS B 591 14.21 -55.32 5.49
CA LYS B 591 13.75 -56.73 5.45
C LYS B 591 14.05 -57.43 4.12
N ASP B 592 14.05 -56.70 3.00
CA ASP B 592 14.40 -57.19 1.67
C ASP B 592 15.74 -56.58 1.22
N GLY B 593 16.70 -57.42 0.81
CA GLY B 593 18.01 -56.94 0.33
C GLY B 593 17.93 -56.17 -0.99
N GLU B 594 18.99 -55.44 -1.33
CA GLU B 594 19.10 -54.68 -2.58
C GLU B 594 18.86 -55.57 -3.80
N ALA B 595 19.53 -56.72 -3.86
CA ALA B 595 19.39 -57.69 -4.96
C ALA B 595 17.98 -58.29 -5.04
N LYS B 596 17.32 -58.56 -3.90
CA LYS B 596 15.94 -59.06 -3.85
C LYS B 596 14.96 -58.03 -4.40
N ILE B 597 15.03 -56.78 -3.95
CA ILE B 597 14.18 -55.70 -4.47
C ILE B 597 14.42 -55.52 -5.96
N LYS B 598 15.69 -55.46 -6.42
CA LYS B 598 16.01 -55.33 -7.84
C LYS B 598 15.45 -56.48 -8.68
N ALA B 599 15.55 -57.73 -8.19
CA ALA B 599 14.98 -58.89 -8.87
C ALA B 599 13.45 -58.82 -8.98
N ASP B 600 12.77 -58.39 -7.92
CA ASP B 600 11.33 -58.16 -7.97
C ASP B 600 10.95 -57.04 -8.95
N TYR B 601 11.67 -55.93 -8.95
CA TYR B 601 11.44 -54.86 -9.91
C TYR B 601 11.76 -55.28 -11.36
N ALA B 602 12.71 -56.19 -11.60
CA ALA B 602 12.90 -56.81 -12.91
C ALA B 602 11.73 -57.73 -13.27
N GLN B 603 11.13 -58.42 -12.30
CA GLN B 603 9.97 -59.28 -12.57
C GLN B 603 8.75 -58.46 -13.02
N LEU B 604 8.51 -57.26 -12.46
CA LEU B 604 7.46 -56.38 -12.99
C LEU B 604 7.74 -55.97 -14.44
N LEU B 605 9.00 -55.74 -14.81
CA LEU B 605 9.35 -55.39 -16.19
C LEU B 605 9.07 -56.57 -17.13
N GLU B 606 9.48 -57.78 -16.75
CA GLU B 606 9.17 -59.00 -17.49
C GLU B 606 7.65 -59.22 -17.61
N ASP B 607 6.91 -59.15 -16.51
CA ASP B 607 5.46 -59.29 -16.50
C ASP B 607 4.76 -58.25 -17.38
N MET B 608 5.15 -56.96 -17.32
CA MET B 608 4.50 -55.95 -18.17
C MET B 608 4.87 -56.15 -19.64
N GLN B 609 6.11 -56.51 -19.97
CA GLN B 609 6.49 -56.80 -21.35
C GLN B 609 5.73 -58.01 -21.90
N ASN B 610 5.58 -59.07 -21.10
CA ASN B 610 4.76 -60.22 -21.47
C ASN B 610 3.30 -59.79 -21.68
N ALA B 611 2.71 -59.05 -20.75
CA ALA B 611 1.33 -58.60 -20.85
C ALA B 611 1.09 -57.73 -22.11
N PHE B 612 1.98 -56.77 -22.41
CA PHE B 612 1.89 -56.00 -23.66
C PHE B 612 2.10 -56.87 -24.90
N ARG B 613 3.02 -57.85 -24.89
CA ARG B 613 3.21 -58.77 -26.03
C ARG B 613 1.97 -59.65 -26.26
N SER B 614 1.24 -60.02 -25.21
CA SER B 614 -0.05 -60.70 -25.31
C SER B 614 -1.19 -59.79 -25.80
N LEU B 615 -1.11 -58.48 -25.53
CA LEU B 615 -2.08 -57.50 -26.03
C LEU B 615 -1.87 -57.19 -27.53
N GLU B 616 -0.63 -57.02 -27.94
CA GLU B 616 -0.24 -56.64 -29.30
C GLU B 616 -0.58 -57.71 -30.34
N SER C 16 44.39 41.51 0.15
CA SER C 16 45.07 40.28 -0.31
C SER C 16 44.80 40.00 -1.80
N THR C 17 45.73 39.38 -2.51
CA THR C 17 45.53 38.86 -3.88
C THR C 17 45.45 37.32 -3.95
N PHE C 18 45.92 36.64 -2.91
CA PHE C 18 45.80 35.19 -2.72
C PHE C 18 45.17 34.89 -1.37
N GLY C 19 44.22 33.96 -1.35
CA GLY C 19 43.93 33.15 -0.18
C GLY C 19 44.72 31.85 -0.24
N TYR C 20 44.45 30.94 0.69
CA TYR C 20 45.02 29.60 0.70
C TYR C 20 43.94 28.55 0.89
N VAL C 21 44.10 27.38 0.27
CA VAL C 21 43.19 26.25 0.43
C VAL C 21 43.24 25.78 1.88
N HIS C 22 42.12 25.84 2.58
CA HIS C 22 41.94 25.34 3.93
C HIS C 22 41.46 23.88 3.96
N GLY C 23 40.60 23.49 3.02
CA GLY C 23 40.05 22.15 2.95
C GLY C 23 39.38 21.87 1.62
N VAL C 24 39.28 20.59 1.26
CA VAL C 24 38.77 20.10 -0.02
C VAL C 24 37.85 18.90 0.23
N SER C 25 36.71 18.87 -0.45
CA SER C 25 35.78 17.74 -0.43
C SER C 25 35.03 17.68 -1.76
N GLY C 26 35.42 16.80 -2.67
CA GLY C 26 34.83 16.74 -4.00
C GLY C 26 35.08 18.04 -4.78
N PRO C 27 34.09 18.57 -5.53
CA PRO C 27 34.22 19.83 -6.27
C PRO C 27 34.23 21.10 -5.40
N VAL C 28 34.11 21.00 -4.08
CA VAL C 28 33.99 22.13 -3.16
C VAL C 28 35.29 22.33 -2.39
N VAL C 29 35.77 23.57 -2.36
CA VAL C 29 37.00 23.98 -1.69
C VAL C 29 36.67 25.11 -0.73
N THR C 30 37.25 25.09 0.45
CA THR C 30 37.24 26.22 1.37
C THR C 30 38.60 26.87 1.34
N ALA C 31 38.64 28.19 1.26
CA ALA C 31 39.85 28.98 1.30
C ALA C 31 39.79 30.01 2.43
N CYS C 32 40.95 30.45 2.89
CA CYS C 32 41.12 31.43 3.96
C CYS C 32 42.08 32.55 3.52
N ASP C 33 42.16 33.66 4.25
CA ASP C 33 42.71 34.95 3.78
C ASP C 33 41.95 35.57 2.58
N MET C 34 40.68 35.22 2.43
CA MET C 34 39.80 35.63 1.31
C MET C 34 38.93 36.85 1.65
N ALA C 35 39.29 37.66 2.66
CA ALA C 35 38.37 38.57 3.34
C ALA C 35 37.64 39.59 2.44
N GLY C 36 38.30 40.15 1.43
CA GLY C 36 37.66 41.08 0.49
C GLY C 36 36.91 40.45 -0.69
N ALA C 37 36.93 39.13 -0.86
CA ALA C 37 36.35 38.45 -2.02
C ALA C 37 34.81 38.51 -2.01
N ALA C 38 34.19 38.87 -3.13
CA ALA C 38 32.74 38.96 -3.26
C ALA C 38 32.08 37.64 -3.68
N MET C 39 30.80 37.51 -3.37
CA MET C 39 29.92 36.47 -3.88
C MET C 39 29.94 36.42 -5.41
N TYR C 40 30.17 35.25 -5.97
CA TYR C 40 30.35 35.00 -7.40
C TYR C 40 31.52 35.71 -8.07
N GLU C 41 32.63 35.97 -7.38
CA GLU C 41 33.92 36.12 -8.07
C GLU C 41 34.43 34.77 -8.58
N LEU C 42 35.14 34.80 -9.70
CA LEU C 42 36.06 33.72 -10.06
C LEU C 42 37.34 33.75 -9.22
N VAL C 43 37.88 32.58 -8.98
CA VAL C 43 39.18 32.34 -8.36
C VAL C 43 39.93 31.29 -9.14
N ARG C 44 41.24 31.20 -8.96
CA ARG C 44 42.07 30.11 -9.48
C ARG C 44 42.72 29.34 -8.34
N VAL C 45 42.43 28.05 -8.25
CA VAL C 45 42.73 27.19 -7.11
C VAL C 45 43.89 26.25 -7.44
N GLY C 46 44.88 26.19 -6.56
CA GLY C 46 45.99 25.26 -6.71
C GLY C 46 47.13 25.76 -7.58
N HIS C 47 48.22 24.98 -7.62
CA HIS C 47 49.41 25.28 -8.43
C HIS C 47 49.19 25.10 -9.94
N SER C 48 48.17 24.34 -10.32
CA SER C 48 47.65 24.23 -11.69
C SER C 48 46.61 25.32 -12.03
N GLU C 49 46.20 26.16 -11.09
CA GLU C 49 45.32 27.32 -11.29
C GLU C 49 43.95 26.97 -11.89
N LEU C 50 43.28 25.98 -11.31
CA LEU C 50 41.95 25.53 -11.68
C LEU C 50 40.90 26.62 -11.46
N VAL C 51 40.07 26.92 -12.45
CA VAL C 51 39.02 27.94 -12.30
C VAL C 51 37.90 27.45 -11.38
N GLY C 52 37.43 28.30 -10.46
CA GLY C 52 36.23 28.08 -9.68
C GLY C 52 35.54 29.39 -9.34
N GLU C 53 34.33 29.35 -8.78
CA GLU C 53 33.53 30.53 -8.44
C GLU C 53 33.10 30.53 -6.97
N ILE C 54 33.15 31.68 -6.30
CA ILE C 54 32.82 31.82 -4.88
C ILE C 54 31.32 31.73 -4.63
N ILE C 55 30.91 30.88 -3.71
CA ILE C 55 29.51 30.45 -3.54
C ILE C 55 28.98 30.63 -2.11
N ARG C 56 29.84 30.90 -1.12
CA ARG C 56 29.48 31.27 0.25
C ARG C 56 30.64 32.04 0.91
N LEU C 57 30.35 32.95 1.84
CA LEU C 57 31.34 33.68 2.64
C LEU C 57 31.08 33.48 4.14
N GLU C 58 32.13 33.38 4.94
CA GLU C 58 32.04 33.30 6.39
C GLU C 58 33.34 33.73 7.07
N GLY C 59 33.35 34.87 7.77
CA GLY C 59 34.59 35.44 8.30
C GLY C 59 35.58 35.82 7.19
N ASP C 60 36.85 35.46 7.34
CA ASP C 60 37.86 35.59 6.28
C ASP C 60 37.82 34.47 5.24
N MET C 61 37.00 33.43 5.45
CA MET C 61 36.90 32.30 4.53
C MET C 61 35.89 32.51 3.41
N ALA C 62 36.18 31.85 2.29
CA ALA C 62 35.30 31.72 1.15
C ALA C 62 35.13 30.23 0.81
N THR C 63 33.94 29.83 0.38
CA THR C 63 33.70 28.52 -0.21
C THR C 63 33.58 28.67 -1.72
N ILE C 64 34.24 27.77 -2.44
CA ILE C 64 34.48 27.85 -3.87
C ILE C 64 34.00 26.57 -4.50
N GLN C 65 33.31 26.72 -5.62
CA GLN C 65 32.83 25.66 -6.50
C GLN C 65 33.79 25.58 -7.70
N VAL C 66 34.55 24.49 -7.84
CA VAL C 66 35.64 24.38 -8.84
C VAL C 66 35.13 23.72 -10.13
N TYR C 67 35.50 24.26 -11.29
CA TYR C 67 35.04 23.80 -12.61
C TYR C 67 35.97 22.77 -13.28
N GLU C 68 36.94 22.23 -12.55
CA GLU C 68 37.98 21.30 -13.00
C GLU C 68 38.23 20.30 -11.87
N GLU C 69 38.72 19.09 -12.14
CA GLU C 69 38.83 18.06 -11.10
C GLU C 69 39.88 18.42 -10.02
N THR C 70 39.47 18.33 -8.75
CA THR C 70 40.20 18.74 -7.54
C THR C 70 41.13 17.67 -6.97
N SER C 71 41.15 16.46 -7.54
CA SER C 71 42.02 15.38 -7.10
C SER C 71 43.49 15.81 -7.07
N GLY C 72 44.18 15.60 -5.95
CA GLY C 72 45.57 16.00 -5.76
C GLY C 72 45.79 17.44 -5.26
N VAL C 73 44.76 18.27 -5.11
CA VAL C 73 44.87 19.60 -4.50
C VAL C 73 45.18 19.47 -3.01
N SER C 74 46.12 20.27 -2.49
CA SER C 74 46.62 20.18 -1.12
C SER C 74 46.19 21.37 -0.27
N VAL C 75 46.04 21.15 1.04
CA VAL C 75 45.90 22.25 2.00
C VAL C 75 47.14 23.14 1.95
N GLY C 76 46.94 24.44 2.04
CA GLY C 76 47.96 25.47 1.89
C GLY C 76 48.24 25.88 0.45
N ASP C 77 47.64 25.23 -0.56
CA ASP C 77 47.76 25.67 -1.95
C ASP C 77 47.22 27.10 -2.13
N PRO C 78 47.72 27.89 -3.09
CA PRO C 78 47.27 29.25 -3.32
C PRO C 78 45.88 29.29 -3.96
N VAL C 79 45.11 30.35 -3.65
CA VAL C 79 43.82 30.63 -4.25
C VAL C 79 43.84 32.06 -4.76
N LEU C 80 44.17 32.24 -6.04
CA LEU C 80 44.30 33.56 -6.66
C LEU C 80 42.92 34.20 -6.83
N ARG C 81 42.73 35.36 -6.20
CA ARG C 81 41.49 36.12 -6.15
C ARG C 81 41.38 37.02 -7.38
N THR C 82 40.44 36.77 -8.28
CA THR C 82 40.23 37.58 -9.50
C THR C 82 39.03 38.51 -9.30
N GLY C 83 39.17 39.80 -9.62
CA GLY C 83 38.13 40.80 -9.34
C GLY C 83 36.89 40.77 -10.22
N LYS C 84 36.53 39.62 -10.81
CA LYS C 84 35.57 39.45 -11.90
C LYS C 84 34.67 38.21 -11.69
N PRO C 85 33.40 38.22 -12.13
CA PRO C 85 32.54 37.04 -12.18
C PRO C 85 32.83 36.16 -13.41
N LEU C 86 32.19 35.00 -13.52
CA LEU C 86 32.23 34.21 -14.76
C LEU C 86 31.63 35.00 -15.94
N SER C 87 32.38 35.08 -17.03
CA SER C 87 32.07 35.90 -18.20
C SER C 87 32.44 35.19 -19.49
N VAL C 88 31.97 35.70 -20.64
CA VAL C 88 32.20 35.13 -21.97
C VAL C 88 32.76 36.21 -22.89
N GLU C 89 33.77 35.87 -23.71
CA GLU C 89 34.26 36.71 -24.80
C GLU C 89 33.35 36.60 -26.03
N LEU C 90 32.89 37.76 -26.51
CA LEU C 90 31.92 37.91 -27.57
C LEU C 90 32.51 38.71 -28.72
N GLY C 91 32.57 38.12 -29.90
CA GLY C 91 33.21 38.73 -31.06
C GLY C 91 33.32 37.74 -32.21
N PRO C 92 33.99 38.09 -33.31
CA PRO C 92 34.14 37.19 -34.45
C PRO C 92 35.02 35.99 -34.09
N GLY C 93 34.70 34.82 -34.63
CA GLY C 93 35.34 33.54 -34.32
C GLY C 93 34.47 32.55 -33.54
N ILE C 94 33.21 32.91 -33.22
CA ILE C 94 32.29 32.03 -32.50
C ILE C 94 31.61 31.03 -33.46
N MET C 95 31.22 31.44 -34.67
CA MET C 95 30.55 30.54 -35.61
C MET C 95 31.49 29.44 -36.14
N GLY C 96 30.99 28.22 -36.19
CA GLY C 96 31.74 27.01 -36.54
C GLY C 96 32.61 26.44 -35.42
N ALA C 97 32.67 27.08 -34.25
CA ALA C 97 33.47 26.63 -33.11
C ALA C 97 32.72 25.66 -32.18
N ILE C 98 33.51 24.95 -31.39
CA ILE C 98 33.07 24.15 -30.25
C ILE C 98 33.90 24.54 -29.03
N PHE C 99 33.22 24.74 -27.91
CA PHE C 99 33.80 25.16 -26.65
C PHE C 99 33.47 24.20 -25.52
N ASP C 100 34.28 24.17 -24.47
CA ASP C 100 33.84 23.61 -23.19
C ASP C 100 32.86 24.55 -22.46
N GLY C 101 32.32 24.12 -21.31
CA GLY C 101 31.35 24.90 -20.54
C GLY C 101 31.84 26.25 -20.00
N ILE C 102 33.16 26.48 -19.87
CA ILE C 102 33.75 27.78 -19.50
C ILE C 102 34.40 28.47 -20.71
N GLN C 103 33.91 28.17 -21.92
CA GLN C 103 34.29 28.80 -23.18
C GLN C 103 35.75 28.58 -23.62
N ARG C 104 36.46 27.52 -23.18
CA ARG C 104 37.75 27.19 -23.81
C ARG C 104 37.52 26.46 -25.14
N PRO C 105 38.23 26.82 -26.22
CA PRO C 105 38.02 26.25 -27.55
C PRO C 105 38.70 24.89 -27.72
N LEU C 106 37.92 23.84 -27.98
CA LEU C 106 38.40 22.46 -27.96
C LEU C 106 39.30 22.08 -29.15
N SER C 107 39.18 22.75 -30.28
CA SER C 107 40.05 22.57 -31.44
C SER C 107 41.43 23.19 -31.25
N ASP C 108 41.51 24.38 -30.65
CA ASP C 108 42.79 25.01 -30.30
C ASP C 108 43.49 24.29 -29.16
N ILE C 109 42.76 23.74 -28.17
CA ILE C 109 43.35 22.84 -27.17
C ILE C 109 43.99 21.63 -27.86
N SER C 110 43.29 20.97 -28.80
CA SER C 110 43.86 19.86 -29.56
C SER C 110 45.11 20.25 -30.34
N SER C 111 45.10 21.43 -30.96
CA SER C 111 46.22 21.98 -31.72
C SER C 111 47.45 22.29 -30.84
N GLN C 112 47.26 22.89 -29.66
CA GLN C 112 48.36 23.20 -28.74
C GLN C 112 48.94 21.96 -28.05
N THR C 113 48.10 21.08 -27.49
CA THR C 113 48.59 19.95 -26.69
C THR C 113 49.06 18.78 -27.55
N GLN C 114 48.60 18.67 -28.79
CA GLN C 114 48.87 17.53 -29.68
C GLN C 114 48.45 16.18 -29.04
N SER C 115 47.38 16.19 -28.24
CA SER C 115 46.89 15.05 -27.46
C SER C 115 45.37 15.00 -27.37
N ILE C 116 44.83 13.84 -27.04
CA ILE C 116 43.39 13.52 -27.03
C ILE C 116 42.63 14.01 -25.79
N TYR C 117 43.27 14.71 -24.86
CA TYR C 117 42.74 15.07 -23.54
C TYR C 117 42.70 16.58 -23.33
N ILE C 118 41.80 17.07 -22.47
CA ILE C 118 41.83 18.45 -21.98
C ILE C 118 42.65 18.48 -20.66
N PRO C 119 43.80 19.16 -20.58
CA PRO C 119 44.56 19.27 -19.34
C PRO C 119 43.84 20.12 -18.30
N ARG C 120 43.94 19.79 -17.01
CA ARG C 120 43.34 20.62 -15.96
C ARG C 120 44.10 21.93 -15.83
N GLY C 121 43.37 23.02 -15.64
CA GLY C 121 43.92 24.36 -15.52
C GLY C 121 44.46 24.95 -16.82
N VAL C 122 44.24 24.31 -17.97
CA VAL C 122 44.71 24.83 -19.26
C VAL C 122 44.00 26.16 -19.58
N ASN C 123 44.78 27.15 -20.03
CA ASN C 123 44.27 28.39 -20.61
C ASN C 123 44.54 28.42 -22.11
N VAL C 124 43.49 28.70 -22.88
CA VAL C 124 43.56 29.14 -24.28
C VAL C 124 42.58 30.31 -24.40
N SER C 125 42.93 31.39 -25.08
CA SER C 125 42.02 32.53 -25.29
C SER C 125 40.76 32.05 -26.02
N ALA C 126 39.58 32.45 -25.56
CA ALA C 126 38.32 31.94 -26.08
C ALA C 126 38.14 32.21 -27.58
N LEU C 127 38.46 33.44 -28.01
CA LEU C 127 38.50 33.85 -29.42
C LEU C 127 39.95 34.11 -29.82
N SER C 128 40.39 33.55 -30.95
CA SER C 128 41.78 33.63 -31.41
C SER C 128 42.20 35.06 -31.75
N ARG C 129 43.31 35.51 -31.16
CA ARG C 129 43.87 36.85 -31.39
C ARG C 129 44.86 36.93 -32.56
N ASP C 130 45.12 35.81 -33.24
CA ASP C 130 46.02 35.72 -34.40
C ASP C 130 45.30 35.89 -35.75
N ILE C 131 44.05 35.48 -35.87
CA ILE C 131 43.26 35.58 -37.11
C ILE C 131 42.97 37.05 -37.42
N LYS C 132 43.10 37.44 -38.70
CA LYS C 132 42.69 38.76 -39.19
C LYS C 132 41.30 38.71 -39.82
N TRP C 133 40.50 39.73 -39.53
CA TRP C 133 39.12 39.86 -39.96
C TRP C 133 38.97 41.13 -40.81
N GLU C 134 38.22 41.05 -41.91
CA GLU C 134 37.91 42.22 -42.73
C GLU C 134 36.83 43.06 -42.05
N PHE C 135 37.18 44.27 -41.61
CA PHE C 135 36.29 45.20 -40.92
C PHE C 135 35.90 46.35 -41.84
N ILE C 136 34.59 46.61 -41.97
CA ILE C 136 34.06 47.78 -42.67
C ILE C 136 33.33 48.69 -41.67
N PRO C 137 33.76 49.94 -41.44
CA PRO C 137 33.07 50.88 -40.57
C PRO C 137 31.76 51.38 -41.23
N SER C 138 30.80 51.79 -40.43
CA SER C 138 29.39 51.99 -40.82
C SER C 138 29.05 53.29 -41.59
N LYS C 139 29.99 53.88 -42.34
CA LYS C 139 29.87 55.08 -43.20
C LYS C 139 29.49 56.40 -42.50
N ASN C 140 28.34 56.45 -41.81
CA ASN C 140 27.77 57.67 -41.24
C ASN C 140 28.45 58.11 -39.93
N LEU C 141 29.18 57.21 -39.26
CA LEU C 141 29.93 57.55 -38.06
C LEU C 141 31.21 58.30 -38.41
N ARG C 142 31.41 59.43 -37.74
CA ARG C 142 32.53 60.38 -37.88
C ARG C 142 33.02 60.80 -36.49
N VAL C 143 34.19 61.42 -36.39
CA VAL C 143 34.63 62.03 -35.13
C VAL C 143 33.56 62.99 -34.60
N GLY C 144 33.27 62.94 -33.31
CA GLY C 144 32.22 63.70 -32.65
C GLY C 144 30.81 63.08 -32.67
N SER C 145 30.59 61.94 -33.34
CA SER C 145 29.28 61.25 -33.32
C SER C 145 28.91 60.79 -31.92
N HIS C 146 27.68 61.04 -31.47
CA HIS C 146 27.15 60.49 -30.22
C HIS C 146 26.69 59.05 -30.42
N ILE C 147 27.15 58.14 -29.56
CA ILE C 147 26.98 56.69 -29.70
C ILE C 147 26.67 56.05 -28.34
N THR C 148 25.83 55.03 -28.30
CA THR C 148 25.34 54.38 -27.08
C THR C 148 25.33 52.86 -27.20
N GLY C 149 25.31 52.14 -26.09
CA GLY C 149 25.40 50.68 -26.04
C GLY C 149 24.40 50.00 -26.96
N GLY C 150 24.85 48.99 -27.70
CA GLY C 150 24.10 48.32 -28.75
C GLY C 150 24.20 48.96 -30.13
N ASP C 151 24.79 50.14 -30.29
CA ASP C 151 24.96 50.75 -31.62
C ASP C 151 25.95 49.96 -32.48
N ILE C 152 25.51 49.44 -33.64
CA ILE C 152 26.38 48.79 -34.62
C ILE C 152 27.24 49.85 -35.29
N TYR C 153 28.56 49.78 -35.12
CA TYR C 153 29.52 50.74 -35.68
C TYR C 153 30.36 50.20 -36.83
N GLY C 154 30.40 48.88 -37.04
CA GLY C 154 30.98 48.26 -38.22
C GLY C 154 30.48 46.84 -38.44
N ILE C 155 30.89 46.20 -39.53
CA ILE C 155 30.56 44.80 -39.83
C ILE C 155 31.82 44.04 -40.21
N VAL C 156 31.93 42.79 -39.75
CA VAL C 156 32.97 41.83 -40.12
C VAL C 156 32.37 40.75 -41.03
N ASN C 157 33.01 40.48 -42.16
CA ASN C 157 32.64 39.37 -43.05
C ASN C 157 33.15 38.04 -42.46
N GLU C 158 32.52 37.55 -41.40
CA GLU C 158 33.02 36.39 -40.63
C GLU C 158 33.08 35.12 -41.49
N ASN C 159 32.03 34.84 -42.25
CA ASN C 159 32.02 33.83 -43.31
C ASN C 159 30.94 34.16 -44.35
N SER C 160 30.82 33.32 -45.38
CA SER C 160 29.86 33.49 -46.47
C SER C 160 28.38 33.39 -46.09
N LEU C 161 28.04 32.88 -44.91
CA LEU C 161 26.67 32.72 -44.43
C LEU C 161 26.28 33.71 -43.32
N ILE C 162 27.22 34.08 -42.43
CA ILE C 162 27.02 35.04 -41.33
C ILE C 162 27.85 36.31 -41.53
N LYS C 163 27.19 37.47 -41.60
CA LYS C 163 27.82 38.78 -41.38
C LYS C 163 27.81 39.08 -39.90
N HIS C 164 28.96 39.39 -39.32
CA HIS C 164 29.09 39.61 -37.88
C HIS C 164 29.09 41.11 -37.60
N LYS C 165 27.98 41.62 -37.08
CA LYS C 165 27.83 43.03 -36.73
C LYS C 165 28.68 43.35 -35.50
N ILE C 166 29.46 44.43 -35.53
CA ILE C 166 30.27 44.89 -34.41
C ILE C 166 29.55 46.06 -33.78
N MET C 167 29.23 45.98 -32.50
CA MET C 167 28.37 46.94 -31.82
C MET C 167 28.88 47.29 -30.44
N LEU C 168 28.55 48.51 -30.00
CA LEU C 168 29.06 49.07 -28.76
C LEU C 168 28.59 48.23 -27.56
N PRO C 169 29.44 47.91 -26.58
CA PRO C 169 29.01 47.14 -25.41
C PRO C 169 27.83 47.80 -24.70
N PRO C 170 26.87 47.05 -24.14
CA PRO C 170 25.94 47.62 -23.18
C PRO C 170 26.73 48.25 -22.04
N ARG C 171 26.23 49.32 -21.42
CA ARG C 171 26.96 50.08 -20.37
C ARG C 171 28.20 50.83 -20.89
N SER C 172 28.31 51.04 -22.20
CA SER C 172 29.28 51.92 -22.84
C SER C 172 28.55 53.00 -23.66
N ARG C 173 29.09 54.21 -23.72
CA ARG C 173 28.51 55.40 -24.37
C ARG C 173 29.55 56.49 -24.58
N GLY C 174 29.27 57.47 -25.42
CA GLY C 174 30.06 58.70 -25.50
C GLY C 174 30.05 59.35 -26.88
N SER C 175 31.07 60.15 -27.14
CA SER C 175 31.37 60.78 -28.43
C SER C 175 32.56 60.09 -29.08
N VAL C 176 32.43 59.67 -30.33
CA VAL C 176 33.50 59.03 -31.10
C VAL C 176 34.71 59.96 -31.23
N THR C 177 35.90 59.52 -30.80
CA THR C 177 37.17 60.25 -31.03
C THR C 177 38.03 59.60 -32.11
N TYR C 178 37.84 58.31 -32.41
CA TYR C 178 38.49 57.58 -33.51
C TYR C 178 37.60 56.46 -34.02
N ILE C 179 37.69 56.14 -35.31
CA ILE C 179 36.96 55.04 -35.97
C ILE C 179 37.85 54.49 -37.09
N ALA C 180 38.19 53.21 -37.02
CA ALA C 180 39.16 52.59 -37.90
C ALA C 180 38.68 52.51 -39.37
N PRO C 181 39.52 52.84 -40.37
CA PRO C 181 39.17 52.70 -41.79
C PRO C 181 38.92 51.25 -42.22
N PRO C 182 38.31 51.02 -43.40
CA PRO C 182 38.21 49.68 -43.99
C PRO C 182 39.56 48.98 -44.04
N GLY C 183 39.64 47.72 -43.62
CA GLY C 183 40.91 46.99 -43.56
C GLY C 183 40.82 45.61 -42.93
N ASN C 184 41.97 44.96 -42.70
CA ASN C 184 42.07 43.67 -42.03
C ASN C 184 42.70 43.84 -40.64
N TYR C 185 42.05 43.34 -39.59
CA TYR C 185 42.41 43.62 -38.19
C TYR C 185 42.42 42.37 -37.32
N ASP C 186 43.26 42.36 -36.29
CA ASP C 186 43.24 41.37 -35.23
C ASP C 186 42.08 41.64 -34.25
N ALA C 187 41.63 40.62 -33.53
CA ALA C 187 40.72 40.81 -32.39
C ALA C 187 41.30 41.68 -31.26
N SER C 188 42.61 41.90 -31.24
CA SER C 188 43.33 42.79 -30.32
C SER C 188 43.53 44.23 -30.83
N ASP C 189 43.34 44.51 -32.13
CA ASP C 189 43.48 45.87 -32.69
C ASP C 189 42.32 46.78 -32.26
N VAL C 190 42.62 48.02 -31.89
CA VAL C 190 41.59 49.04 -31.60
C VAL C 190 40.90 49.45 -32.88
N VAL C 191 39.57 49.33 -32.92
CA VAL C 191 38.73 49.75 -34.05
C VAL C 191 37.89 51.00 -33.75
N LEU C 192 37.70 51.36 -32.48
CA LEU C 192 36.96 52.56 -32.06
C LEU C 192 37.62 53.18 -30.82
N GLU C 193 37.59 54.50 -30.72
CA GLU C 193 37.79 55.21 -29.46
C GLU C 193 36.67 56.22 -29.27
N LEU C 194 36.28 56.43 -28.01
CA LEU C 194 35.23 57.37 -27.64
C LEU C 194 35.44 57.89 -26.22
N GLU C 195 34.86 59.04 -25.87
CA GLU C 195 34.94 59.59 -24.51
C GLU C 195 33.58 60.12 -24.04
N PHE C 196 33.35 60.13 -22.73
CA PHE C 196 32.07 60.53 -22.13
C PHE C 196 32.26 61.62 -21.07
N GLU C 197 32.84 61.30 -19.91
CA GLU C 197 33.10 62.26 -18.82
C GLU C 197 34.44 63.01 -18.98
N GLY C 198 35.00 63.06 -20.19
CA GLY C 198 36.38 63.49 -20.46
C GLY C 198 37.44 62.39 -20.27
N VAL C 199 37.03 61.17 -19.96
CA VAL C 199 37.89 59.97 -19.91
C VAL C 199 37.64 59.14 -21.17
N LYS C 200 38.72 58.77 -21.87
CA LYS C 200 38.67 57.97 -23.10
C LYS C 200 38.47 56.48 -22.80
N GLU C 201 37.73 55.81 -23.67
CA GLU C 201 37.61 54.37 -23.79
C GLU C 201 38.09 53.95 -25.20
N LYS C 202 38.79 52.82 -25.30
CA LYS C 202 39.25 52.23 -26.57
C LYS C 202 38.72 50.81 -26.70
N LEU C 203 38.28 50.42 -27.89
CA LEU C 203 37.59 49.15 -28.10
C LEU C 203 38.16 48.37 -29.28
N SER C 204 38.26 47.05 -29.13
CA SER C 204 38.53 46.11 -30.21
C SER C 204 37.26 45.35 -30.64
N MET C 205 37.36 44.45 -31.62
CA MET C 205 36.22 43.66 -32.11
C MET C 205 35.64 42.64 -31.11
N VAL C 206 36.28 42.42 -29.95
CA VAL C 206 35.82 41.50 -28.91
C VAL C 206 35.37 42.28 -27.67
N GLN C 207 34.14 42.04 -27.21
CA GLN C 207 33.63 42.49 -25.92
C GLN C 207 33.57 41.34 -24.92
N VAL C 208 33.31 41.62 -23.65
CA VAL C 208 33.17 40.61 -22.58
C VAL C 208 31.91 40.88 -21.75
N TRP C 209 31.12 39.84 -21.45
CA TRP C 209 29.86 39.97 -20.71
C TRP C 209 29.74 38.94 -19.57
N PRO C 210 29.26 39.30 -18.36
CA PRO C 210 28.99 38.33 -17.29
C PRO C 210 27.87 37.36 -17.65
N VAL C 211 28.08 36.05 -17.58
CA VAL C 211 27.08 35.09 -18.09
C VAL C 211 25.81 35.02 -17.24
N ARG C 212 25.89 35.35 -15.95
CA ARG C 212 24.78 35.34 -14.99
C ARG C 212 23.91 36.60 -15.05
N GLN C 213 24.18 37.54 -15.95
CA GLN C 213 23.41 38.76 -16.18
C GLN C 213 22.72 38.74 -17.55
N VAL C 214 21.45 39.13 -17.62
CA VAL C 214 20.70 39.24 -18.88
C VAL C 214 21.22 40.41 -19.71
N ARG C 215 21.53 40.20 -21.00
CA ARG C 215 21.86 41.30 -21.90
C ARG C 215 20.63 42.18 -22.22
N PRO C 216 20.67 43.50 -22.03
CA PRO C 216 19.50 44.39 -22.18
C PRO C 216 18.91 44.44 -23.59
N VAL C 217 17.64 44.86 -23.68
CA VAL C 217 16.90 45.10 -24.93
C VAL C 217 16.06 46.37 -24.81
N THR C 218 15.67 46.98 -25.94
CA THR C 218 14.78 48.15 -25.91
C THR C 218 13.37 47.74 -25.48
N GLU C 219 12.85 46.65 -26.04
CA GLU C 219 11.52 46.14 -25.72
C GLU C 219 11.41 44.64 -26.02
N LYS C 220 10.60 43.91 -25.26
CA LYS C 220 10.16 42.54 -25.59
C LYS C 220 8.80 42.56 -26.28
N LEU C 221 8.65 41.71 -27.28
CA LEU C 221 7.55 41.72 -28.24
C LEU C 221 6.76 40.41 -28.18
N PRO C 222 5.45 40.41 -28.50
CA PRO C 222 4.70 39.19 -28.73
C PRO C 222 5.30 38.37 -29.89
N ALA C 223 5.29 37.05 -29.78
CA ALA C 223 5.83 36.14 -30.79
C ALA C 223 4.73 35.73 -31.78
N ASN C 224 4.89 36.07 -33.06
CA ASN C 224 3.83 35.97 -34.07
C ASN C 224 4.16 35.00 -35.23
N HIS C 225 5.41 34.55 -35.36
CA HIS C 225 5.91 33.78 -36.51
C HIS C 225 6.38 32.39 -36.06
N PRO C 226 6.11 31.31 -36.83
CA PRO C 226 6.42 29.97 -36.39
C PRO C 226 7.92 29.66 -36.44
N LEU C 227 8.33 28.74 -35.58
CA LEU C 227 9.59 28.03 -35.69
C LEU C 227 9.27 26.68 -36.33
N LEU C 228 9.85 26.41 -37.50
CA LEU C 228 9.53 25.23 -38.29
C LEU C 228 10.54 24.13 -38.00
N THR C 229 10.08 22.97 -37.55
CA THR C 229 10.95 21.86 -37.15
C THR C 229 11.20 20.85 -38.27
N GLY C 230 10.33 20.84 -39.29
CA GLY C 230 10.31 19.81 -40.33
C GLY C 230 9.64 18.49 -39.90
N GLN C 231 9.09 18.40 -38.70
CA GLN C 231 8.25 17.28 -38.30
C GLN C 231 6.77 17.57 -38.57
N ARG C 232 5.97 16.57 -38.95
CA ARG C 232 4.52 16.68 -39.24
C ARG C 232 3.70 16.85 -37.97
N VAL C 233 3.83 15.93 -37.02
CA VAL C 233 3.62 16.27 -35.60
C VAL C 233 4.59 17.40 -35.24
N LEU C 234 4.39 18.16 -34.18
CA LEU C 234 5.10 19.42 -33.92
C LEU C 234 4.64 20.53 -34.88
N ASP C 235 5.00 20.54 -36.17
CA ASP C 235 4.62 21.66 -37.04
C ASP C 235 3.11 21.80 -37.22
N ALA C 236 2.35 20.71 -37.35
CA ALA C 236 0.90 20.75 -37.41
C ALA C 236 0.22 20.75 -36.03
N LEU C 237 0.47 19.72 -35.20
CA LEU C 237 -0.30 19.48 -33.97
C LEU C 237 0.11 20.35 -32.77
N PHE C 238 1.40 20.67 -32.59
CA PHE C 238 1.94 21.32 -31.38
C PHE C 238 2.97 22.42 -31.71
N PRO C 239 2.57 23.52 -32.37
CA PRO C 239 3.48 24.51 -32.92
C PRO C 239 4.38 25.23 -31.91
N CYS C 240 5.48 25.79 -32.37
CA CYS C 240 6.37 26.65 -31.62
C CYS C 240 6.66 27.94 -32.43
N VAL C 241 7.23 28.96 -31.81
CA VAL C 241 7.39 30.31 -32.38
C VAL C 241 8.83 30.81 -32.25
N GLN C 242 9.20 31.75 -33.09
CA GLN C 242 10.43 32.50 -32.95
C GLN C 242 10.35 33.42 -31.72
N GLY C 243 11.12 33.12 -30.68
CA GLY C 243 10.96 33.67 -29.34
C GLY C 243 10.27 32.74 -28.33
N GLY C 244 10.02 31.49 -28.68
CA GLY C 244 9.29 30.53 -27.85
C GLY C 244 10.13 29.84 -26.77
N THR C 245 9.45 29.18 -25.82
CA THR C 245 10.08 28.23 -24.87
C THR C 245 9.42 26.86 -24.95
N THR C 246 10.23 25.81 -25.03
CA THR C 246 9.77 24.43 -25.21
C THR C 246 10.48 23.51 -24.23
N ALA C 247 9.79 22.49 -23.74
CA ALA C 247 10.42 21.35 -23.07
C ALA C 247 10.10 20.03 -23.75
N ILE C 248 11.08 19.13 -23.76
CA ILE C 248 10.96 17.78 -24.28
C ILE C 248 11.32 16.77 -23.18
N PRO C 249 10.39 16.41 -22.29
CA PRO C 249 10.59 15.33 -21.34
C PRO C 249 10.43 13.97 -22.02
N GLY C 250 11.17 12.98 -21.54
CA GLY C 250 10.99 11.60 -21.94
C GLY C 250 11.88 10.64 -21.16
N ALA C 251 11.53 9.37 -21.15
CA ALA C 251 12.41 8.29 -20.72
C ALA C 251 13.65 8.16 -21.63
N PHE C 252 14.56 7.23 -21.31
CA PHE C 252 15.75 7.04 -22.13
C PHE C 252 15.42 6.40 -23.48
N GLY C 253 15.98 6.92 -24.55
CA GLY C 253 15.85 6.35 -25.89
C GLY C 253 14.54 6.72 -26.57
N CYS C 254 13.96 7.87 -26.23
CA CYS C 254 12.69 8.31 -26.82
C CYS C 254 12.88 9.18 -28.06
N GLY C 255 13.96 9.94 -28.15
CA GLY C 255 14.21 10.82 -29.29
C GLY C 255 14.57 12.26 -28.90
N LYS C 256 14.83 12.57 -27.63
CA LYS C 256 15.10 13.95 -27.19
C LYS C 256 16.30 14.52 -27.95
N THR C 257 17.34 13.72 -28.15
CA THR C 257 18.52 14.12 -28.91
C THR C 257 18.22 14.23 -30.39
N VAL C 258 17.54 13.24 -30.97
CA VAL C 258 17.22 13.26 -32.40
C VAL C 258 16.30 14.41 -32.80
N ILE C 259 15.32 14.78 -31.97
CA ILE C 259 14.50 15.98 -32.21
C ILE C 259 15.39 17.23 -32.15
N SER C 260 16.24 17.35 -31.12
CA SER C 260 17.14 18.48 -30.96
C SER C 260 18.10 18.63 -32.12
N GLN C 261 18.67 17.54 -32.63
CA GLN C 261 19.54 17.57 -33.79
C GLN C 261 18.78 17.86 -35.09
N SER C 262 17.58 17.33 -35.27
CA SER C 262 16.79 17.57 -36.50
C SER C 262 16.34 19.02 -36.60
N LEU C 263 15.88 19.61 -35.49
CA LEU C 263 15.52 21.02 -35.37
C LEU C 263 16.74 21.92 -35.59
N SER C 264 17.91 21.49 -35.13
CA SER C 264 19.19 22.17 -35.39
C SER C 264 19.64 22.12 -36.84
N LYS C 265 19.38 21.02 -37.57
CA LYS C 265 19.72 20.87 -38.99
C LYS C 265 18.77 21.64 -39.91
N TYR C 266 17.47 21.47 -39.73
CA TYR C 266 16.44 21.93 -40.66
C TYR C 266 15.44 22.82 -39.94
N SER C 267 15.64 24.13 -39.96
CA SER C 267 14.72 25.11 -39.39
C SER C 267 14.98 26.51 -39.94
N ASN C 268 14.04 27.43 -39.72
CA ASN C 268 14.05 28.79 -40.23
C ASN C 268 14.85 29.79 -39.37
N SER C 269 15.62 29.31 -38.39
CA SER C 269 16.50 30.13 -37.56
C SER C 269 17.77 30.55 -38.30
N ASP C 270 18.29 31.74 -38.01
CA ASP C 270 19.51 32.29 -38.61
C ASP C 270 20.78 31.70 -38.02
N VAL C 271 20.79 31.44 -36.70
CA VAL C 271 21.93 30.93 -35.92
C VAL C 271 21.45 29.83 -34.98
N ILE C 272 22.25 28.78 -34.80
CA ILE C 272 21.97 27.70 -33.84
C ILE C 272 23.06 27.65 -32.79
N ILE C 273 22.69 27.67 -31.51
CA ILE C 273 23.59 27.39 -30.40
C ILE C 273 23.20 26.04 -29.82
N TYR C 274 24.11 25.06 -29.80
CA TYR C 274 23.83 23.74 -29.26
C TYR C 274 24.61 23.51 -27.97
N VAL C 275 23.93 23.36 -26.84
CA VAL C 275 24.58 23.02 -25.57
C VAL C 275 24.32 21.56 -25.24
N GLY C 276 25.39 20.80 -25.09
CA GLY C 276 25.38 19.42 -24.60
C GLY C 276 26.03 19.34 -23.23
N CYS C 277 25.26 19.52 -22.16
CA CYS C 277 25.76 19.38 -20.79
C CYS C 277 25.29 18.05 -20.18
N GLY C 278 26.20 17.29 -19.60
CA GLY C 278 25.91 16.03 -18.92
C GLY C 278 25.52 14.87 -19.84
N GLU C 279 25.71 14.99 -21.15
CA GLU C 279 25.34 13.98 -22.15
C GLU C 279 26.58 13.38 -22.84
N ARG C 280 26.39 12.43 -23.77
CA ARG C 280 27.47 11.61 -24.35
C ARG C 280 28.48 12.41 -25.16
N GLY C 281 29.76 12.00 -25.14
CA GLY C 281 30.77 12.52 -26.07
C GLY C 281 30.57 12.08 -27.52
N ASN C 282 30.03 10.89 -27.77
CA ASN C 282 29.75 10.40 -29.13
C ASN C 282 28.71 11.25 -29.87
N GLU C 283 27.83 11.98 -29.18
CA GLU C 283 26.83 12.86 -29.79
C GLU C 283 27.40 14.21 -30.23
N MET C 284 28.34 14.79 -29.49
CA MET C 284 29.03 15.99 -29.96
C MET C 284 29.92 15.65 -31.17
N SER C 285 30.52 14.46 -31.16
CA SER C 285 31.28 13.93 -32.30
C SER C 285 30.40 13.68 -33.53
N GLU C 286 29.16 13.22 -33.34
CA GLU C 286 28.15 13.06 -34.39
C GLU C 286 27.81 14.36 -35.09
N VAL C 287 27.53 15.44 -34.35
CA VAL C 287 27.26 16.76 -34.94
C VAL C 287 28.48 17.27 -35.71
N LEU C 288 29.69 17.18 -35.15
CA LEU C 288 30.94 17.58 -35.82
C LEU C 288 31.22 16.77 -37.10
N ARG C 289 30.78 15.52 -37.21
CA ARG C 289 30.87 14.71 -38.43
C ARG C 289 29.79 15.09 -39.45
N ASP C 290 28.56 15.23 -38.99
CA ASP C 290 27.38 15.34 -39.84
C ASP C 290 27.17 16.75 -40.42
N PHE C 291 27.26 17.80 -39.60
CA PHE C 291 26.89 19.17 -39.99
C PHE C 291 27.79 19.82 -41.07
N PRO C 292 29.11 19.55 -41.18
CA PRO C 292 29.91 20.14 -42.25
C PRO C 292 29.55 19.62 -43.65
N GLU C 293 29.10 18.37 -43.75
CA GLU C 293 28.71 17.72 -45.00
C GLU C 293 27.31 18.13 -45.48
N LEU C 294 26.52 18.78 -44.62
CA LEU C 294 25.13 19.10 -44.85
C LEU C 294 24.97 20.58 -45.18
N THR C 295 24.34 20.90 -46.30
CA THR C 295 24.29 22.27 -46.84
C THR C 295 22.87 22.79 -46.98
N MET C 296 22.65 24.04 -46.61
CA MET C 296 21.51 24.83 -47.07
C MET C 296 21.87 25.58 -48.36
N GLU C 297 20.88 26.02 -49.12
CA GLU C 297 21.07 26.79 -50.35
C GLU C 297 20.62 28.24 -50.18
N VAL C 298 21.45 29.18 -50.60
CA VAL C 298 21.23 30.63 -50.44
C VAL C 298 20.92 31.28 -51.79
N ASP C 299 21.86 32.00 -52.42
CA ASP C 299 21.64 32.72 -53.68
C ASP C 299 21.83 31.82 -54.92
N GLY C 300 21.25 30.63 -54.92
CA GLY C 300 21.52 29.59 -55.91
C GLY C 300 22.87 28.88 -55.70
N LYS C 301 23.45 29.02 -54.51
CA LYS C 301 24.75 28.48 -54.05
C LYS C 301 24.58 27.76 -52.72
N VAL C 302 25.28 26.65 -52.51
CA VAL C 302 25.23 25.88 -51.26
C VAL C 302 26.24 26.37 -50.21
N GLU C 303 25.83 26.35 -48.95
CA GLU C 303 26.62 26.72 -47.76
C GLU C 303 26.43 25.67 -46.65
N SER C 304 27.51 25.20 -46.02
CA SER C 304 27.40 24.21 -44.93
C SER C 304 26.73 24.78 -43.69
N ILE C 305 25.83 24.04 -43.05
CA ILE C 305 25.12 24.53 -41.86
C ILE C 305 26.05 24.72 -40.64
N MET C 306 27.27 24.19 -40.66
CA MET C 306 28.26 24.48 -39.63
C MET C 306 28.72 25.95 -39.63
N LYS C 307 28.59 26.68 -40.75
CA LYS C 307 28.90 28.12 -40.84
C LYS C 307 27.98 29.02 -40.00
N ARG C 308 26.81 28.54 -39.57
CA ARG C 308 25.81 29.24 -38.74
C ARG C 308 25.65 28.68 -37.32
N THR C 309 26.53 27.78 -36.89
CA THR C 309 26.34 26.94 -35.70
C THR C 309 27.47 27.14 -34.72
N ALA C 310 27.20 27.12 -33.42
CA ALA C 310 28.24 26.97 -32.39
C ALA C 310 27.81 25.93 -31.35
N LEU C 311 28.77 25.15 -30.86
CA LEU C 311 28.54 24.08 -29.89
C LEU C 311 29.20 24.39 -28.55
N VAL C 312 28.52 24.11 -27.45
CA VAL C 312 29.11 24.08 -26.10
C VAL C 312 29.00 22.67 -25.57
N ALA C 313 30.12 22.06 -25.20
CA ALA C 313 30.21 20.71 -24.68
C ALA C 313 30.56 20.70 -23.19
N ASN C 314 29.93 19.83 -22.41
CA ASN C 314 30.46 19.38 -21.12
C ASN C 314 29.92 17.98 -20.84
N THR C 315 30.57 16.95 -21.36
CA THR C 315 30.03 15.58 -21.44
C THR C 315 29.79 14.95 -20.06
N SER C 316 29.10 13.81 -19.99
CA SER C 316 28.67 13.20 -18.73
C SER C 316 29.82 12.84 -17.77
N ASN C 317 31.05 12.65 -18.27
CA ASN C 317 32.26 12.43 -17.49
C ASN C 317 33.15 13.67 -17.26
N MET C 318 32.80 14.86 -17.79
CA MET C 318 33.47 16.12 -17.45
C MET C 318 33.03 16.65 -16.07
N PRO C 319 33.66 17.71 -15.51
CA PRO C 319 33.35 18.20 -14.18
C PRO C 319 31.90 18.63 -14.02
N VAL C 320 31.28 18.23 -12.91
CA VAL C 320 29.83 18.38 -12.71
C VAL C 320 29.41 19.84 -12.58
N ALA C 321 30.20 20.69 -11.91
CA ALA C 321 29.90 22.11 -11.76
C ALA C 321 29.97 22.89 -13.09
N ALA C 322 30.74 22.41 -14.06
CA ALA C 322 30.83 23.05 -15.36
C ALA C 322 29.56 22.89 -16.20
N ARG C 323 28.60 22.03 -15.81
CA ARG C 323 27.27 21.92 -16.44
C ARG C 323 26.45 23.20 -16.31
N GLU C 324 26.52 23.85 -15.15
CA GLU C 324 25.94 25.17 -14.95
C GLU C 324 26.61 26.22 -15.84
N ALA C 325 27.94 26.22 -15.92
CA ALA C 325 28.68 27.12 -16.79
C ALA C 325 28.27 26.96 -18.26
N SER C 326 28.06 25.72 -18.75
CA SER C 326 27.59 25.47 -20.11
C SER C 326 26.25 26.14 -20.43
N ILE C 327 25.28 26.04 -19.53
CA ILE C 327 23.94 26.62 -19.72
C ILE C 327 24.02 28.14 -19.86
N TYR C 328 24.70 28.81 -18.94
CA TYR C 328 24.80 30.27 -18.96
C TYR C 328 25.67 30.79 -20.09
N THR C 329 26.75 30.08 -20.43
CA THR C 329 27.55 30.34 -21.62
C THR C 329 26.69 30.29 -22.88
N GLY C 330 25.91 29.23 -23.07
CA GLY C 330 25.07 29.05 -24.24
C GLY C 330 24.02 30.15 -24.42
N ILE C 331 23.27 30.52 -23.39
CA ILE C 331 22.27 31.58 -23.51
C ILE C 331 22.91 32.96 -23.66
N THR C 332 24.09 33.21 -23.10
CA THR C 332 24.81 34.47 -23.32
C THR C 332 25.34 34.59 -24.74
N LEU C 333 25.87 33.53 -25.34
CA LEU C 333 26.18 33.49 -26.77
C LEU C 333 24.92 33.68 -27.63
N SER C 334 23.78 33.13 -27.21
CA SER C 334 22.52 33.30 -27.94
C SER C 334 22.00 34.73 -27.91
N GLU C 335 22.03 35.40 -26.76
CA GLU C 335 21.65 36.80 -26.64
C GLU C 335 22.56 37.72 -27.44
N TYR C 336 23.84 37.44 -27.54
CA TYR C 336 24.76 38.24 -28.33
C TYR C 336 24.44 38.25 -29.83
N PHE C 337 24.02 37.13 -30.41
CA PHE C 337 23.57 37.10 -31.80
C PHE C 337 22.16 37.64 -31.99
N ARG C 338 21.24 37.47 -31.04
CA ARG C 338 19.94 38.17 -31.03
C ARG C 338 20.14 39.66 -31.14
N ASP C 339 21.09 40.22 -30.41
CA ASP C 339 21.41 41.64 -30.44
C ASP C 339 21.91 42.15 -31.79
N MET C 340 22.38 41.30 -32.70
CA MET C 340 22.69 41.66 -34.09
C MET C 340 21.45 41.71 -34.98
N GLY C 341 20.26 41.38 -34.46
CA GLY C 341 19.05 41.26 -35.24
C GLY C 341 18.88 39.90 -35.90
N TYR C 342 19.42 38.82 -35.32
CA TYR C 342 19.18 37.45 -35.75
C TYR C 342 18.06 36.75 -34.97
N HIS C 343 17.49 35.71 -35.57
CA HIS C 343 16.66 34.72 -34.90
C HIS C 343 17.51 33.51 -34.53
N VAL C 344 17.73 33.29 -33.25
CA VAL C 344 18.60 32.25 -32.70
C VAL C 344 17.76 31.15 -32.07
N SER C 345 18.10 29.88 -32.28
CA SER C 345 17.59 28.79 -31.45
C SER C 345 18.70 28.27 -30.56
N MET C 346 18.44 28.12 -29.27
CA MET C 346 19.33 27.48 -28.33
C MET C 346 18.76 26.12 -27.93
N MET C 347 19.56 25.08 -28.08
CA MET C 347 19.22 23.73 -27.60
C MET C 347 19.94 23.47 -26.28
N ALA C 348 19.25 22.96 -25.26
CA ALA C 348 19.88 22.42 -24.06
C ALA C 348 19.60 20.91 -23.97
N ASP C 349 20.60 20.06 -24.26
CA ASP C 349 20.40 18.63 -24.50
C ASP C 349 20.02 17.80 -23.26
N SER C 350 20.18 18.35 -22.05
CA SER C 350 19.30 17.94 -20.94
C SER C 350 19.44 18.91 -19.78
N THR C 351 18.34 19.57 -19.43
CA THR C 351 18.27 20.47 -18.27
C THR C 351 18.29 19.69 -16.95
N SER C 352 17.87 18.43 -16.94
CA SER C 352 17.97 17.54 -15.78
C SER C 352 19.39 17.32 -15.28
N ARG C 353 20.38 17.43 -16.17
CA ARG C 353 21.80 17.26 -15.82
C ARG C 353 22.38 18.47 -15.10
N TRP C 354 21.86 19.67 -15.35
CA TRP C 354 22.17 20.89 -14.61
C TRP C 354 21.51 20.87 -13.22
N ALA C 355 20.24 20.47 -13.12
CA ALA C 355 19.58 20.29 -11.84
C ALA C 355 20.29 19.28 -10.92
N GLU C 356 20.80 18.19 -11.49
CA GLU C 356 21.60 17.19 -10.79
C GLU C 356 22.94 17.73 -10.29
N ALA C 357 23.56 18.68 -11.01
CA ALA C 357 24.76 19.38 -10.55
C ALA C 357 24.47 20.34 -9.39
N LEU C 358 23.36 21.08 -9.44
CA LEU C 358 22.89 21.90 -8.32
C LEU C 358 22.73 21.05 -7.05
N ARG C 359 22.22 19.83 -7.17
CA ARG C 359 22.02 18.91 -6.04
C ARG C 359 23.32 18.44 -5.40
N GLU C 360 24.36 18.06 -6.14
CA GLU C 360 25.63 17.67 -5.51
C GLU C 360 26.29 18.84 -4.77
N ILE C 361 26.37 20.01 -5.39
CA ILE C 361 26.95 21.18 -4.72
C ILE C 361 26.13 21.56 -3.48
N SER C 362 24.80 21.54 -3.56
CA SER C 362 23.92 21.78 -2.41
C SER C 362 24.15 20.77 -1.28
N GLY C 363 24.33 19.50 -1.61
CA GLY C 363 24.71 18.45 -0.67
C GLY C 363 26.03 18.69 0.03
N ARG C 364 27.08 19.05 -0.71
CA ARG C 364 28.41 19.33 -0.15
C ARG C 364 28.53 20.65 0.59
N LEU C 365 27.70 21.64 0.27
CA LEU C 365 27.47 22.82 1.11
C LEU C 365 26.58 22.52 2.34
N ALA C 366 26.08 21.30 2.49
CA ALA C 366 25.24 20.81 3.58
C ALA C 366 23.95 21.63 3.78
N GLU C 367 23.28 21.98 2.69
CA GLU C 367 22.01 22.71 2.69
C GLU C 367 20.80 21.82 3.00
N MET C 368 19.69 22.41 3.46
CA MET C 368 18.40 21.73 3.61
C MET C 368 17.69 21.60 2.25
N PRO C 369 17.29 20.40 1.82
CA PRO C 369 16.70 20.19 0.50
C PRO C 369 15.20 20.51 0.40
N ALA C 370 14.73 20.69 -0.84
CA ALA C 370 13.34 20.59 -1.26
C ALA C 370 13.02 19.14 -1.69
N ASP C 371 12.09 18.93 -2.63
CA ASP C 371 11.70 17.61 -3.13
C ASP C 371 12.86 16.83 -3.77
N SER C 372 12.97 15.53 -3.51
CA SER C 372 13.98 14.61 -4.07
C SER C 372 15.44 15.07 -3.91
N GLY C 373 15.75 15.80 -2.83
CA GLY C 373 17.09 16.26 -2.52
C GLY C 373 17.53 17.53 -3.26
N TYR C 374 16.78 18.01 -4.25
CA TYR C 374 17.14 19.23 -4.98
C TYR C 374 17.12 20.47 -4.08
N PRO C 375 17.94 21.50 -4.33
CA PRO C 375 17.89 22.74 -3.54
C PRO C 375 16.60 23.53 -3.72
N ALA C 376 16.20 24.29 -2.70
CA ALA C 376 14.96 25.07 -2.71
C ALA C 376 14.91 26.15 -3.81
N TYR C 377 16.08 26.63 -4.25
CA TYR C 377 16.24 27.58 -5.35
C TYR C 377 16.15 27.00 -6.78
N LEU C 378 16.01 25.68 -6.97
CA LEU C 378 15.94 25.04 -8.30
C LEU C 378 14.88 25.65 -9.22
N GLY C 379 13.66 25.89 -8.76
CA GLY C 379 12.58 26.45 -9.59
C GLY C 379 12.86 27.87 -10.08
N ALA C 380 13.50 28.71 -9.26
CA ALA C 380 13.92 30.05 -9.60
C ALA C 380 15.07 30.08 -10.61
N ARG C 381 16.01 29.13 -10.52
CA ARG C 381 17.07 28.94 -11.51
C ARG C 381 16.47 28.61 -12.88
N LEU C 382 15.61 27.62 -12.98
CA LEU C 382 14.93 27.26 -14.22
C LEU C 382 14.09 28.41 -14.78
N ALA C 383 13.27 29.05 -13.95
CA ALA C 383 12.36 30.10 -14.40
C ALA C 383 13.10 31.33 -14.93
N SER C 384 14.19 31.75 -14.30
CA SER C 384 15.01 32.87 -14.77
C SER C 384 15.89 32.51 -15.96
N PHE C 385 16.25 31.24 -16.18
CA PHE C 385 16.89 30.79 -17.41
C PHE C 385 15.93 30.91 -18.61
N TYR C 386 14.74 30.33 -18.52
CA TYR C 386 13.78 30.38 -19.62
C TYR C 386 13.23 31.78 -19.89
N GLU C 387 13.23 32.71 -18.95
CA GLU C 387 12.86 34.11 -19.21
C GLU C 387 13.80 34.85 -20.16
N ARG C 388 14.99 34.33 -20.45
CA ARG C 388 15.95 34.93 -21.39
C ARG C 388 15.58 34.67 -22.85
N ALA C 389 14.64 33.79 -23.14
CA ALA C 389 14.00 33.67 -24.45
C ALA C 389 13.12 34.88 -24.78
N GLY C 390 12.73 35.03 -26.04
CA GLY C 390 11.76 36.03 -26.48
C GLY C 390 12.11 36.67 -27.81
N ARG C 391 11.20 37.46 -28.35
CA ARG C 391 11.39 38.32 -29.52
C ARG C 391 11.53 39.76 -29.07
N VAL C 392 12.41 40.54 -29.66
CA VAL C 392 12.86 41.81 -29.07
C VAL C 392 13.09 42.89 -30.11
N LYS C 393 12.97 44.16 -29.69
CA LYS C 393 13.70 45.28 -30.28
C LYS C 393 15.04 45.38 -29.58
N CYS C 394 16.15 45.33 -30.32
CA CYS C 394 17.49 45.32 -29.75
C CYS C 394 17.84 46.67 -29.10
N LEU C 395 18.88 46.73 -28.28
CA LEU C 395 19.47 48.04 -27.90
C LEU C 395 20.09 48.71 -29.12
N GLY C 396 20.32 50.01 -29.04
CA GLY C 396 21.06 50.71 -30.08
C GLY C 396 20.23 51.05 -31.29
N ASN C 397 20.81 51.80 -32.20
CA ASN C 397 20.02 52.70 -33.04
C ASN C 397 19.71 52.35 -34.50
N PRO C 398 20.34 51.36 -35.16
CA PRO C 398 19.82 50.82 -36.42
C PRO C 398 18.44 50.10 -36.33
N GLU C 399 17.73 50.20 -35.21
CA GLU C 399 16.27 50.01 -35.08
C GLU C 399 15.73 48.62 -35.46
N ARG C 400 16.59 47.60 -35.36
CA ARG C 400 16.38 46.17 -35.68
C ARG C 400 15.61 45.37 -34.64
N GLU C 401 15.19 44.17 -35.03
CA GLU C 401 14.57 43.16 -34.15
C GLU C 401 15.21 41.77 -34.31
N GLY C 402 15.18 40.96 -33.26
CA GLY C 402 15.75 39.61 -33.22
C GLY C 402 15.03 38.73 -32.20
N SER C 403 15.43 37.47 -32.05
CA SER C 403 14.85 36.58 -31.03
C SER C 403 15.76 35.47 -30.58
N VAL C 404 15.46 34.87 -29.41
CA VAL C 404 15.98 33.57 -28.99
C VAL C 404 14.80 32.64 -28.71
N SER C 405 14.76 31.46 -29.32
CA SER C 405 13.90 30.35 -28.91
C SER C 405 14.72 29.35 -28.12
N ILE C 406 14.21 28.85 -26.99
CA ILE C 406 14.90 27.83 -26.18
C ILE C 406 14.11 26.52 -26.21
N VAL C 407 14.79 25.42 -26.55
CA VAL C 407 14.25 24.07 -26.47
C VAL C 407 15.09 23.28 -25.49
N GLY C 408 14.48 22.87 -24.38
CA GLY C 408 15.17 22.13 -23.33
C GLY C 408 14.70 20.69 -23.21
N ALA C 409 15.59 19.74 -23.39
CA ALA C 409 15.27 18.36 -23.09
C ALA C 409 15.24 18.14 -21.57
N VAL C 410 14.43 17.19 -21.12
CA VAL C 410 14.31 16.82 -19.70
C VAL C 410 14.36 15.31 -19.64
N SER C 411 15.08 14.76 -18.67
CA SER C 411 15.36 13.34 -18.54
C SER C 411 14.82 12.80 -17.21
N PRO C 412 13.49 12.75 -17.01
CA PRO C 412 12.90 12.31 -15.75
C PRO C 412 13.33 10.89 -15.39
N PRO C 413 13.86 10.64 -14.18
CA PRO C 413 14.34 9.33 -13.80
C PRO C 413 13.18 8.34 -13.66
N GLY C 414 13.35 7.14 -14.22
CA GLY C 414 12.30 6.15 -14.38
C GLY C 414 11.22 6.52 -15.40
N GLY C 415 11.39 7.61 -16.16
CA GLY C 415 10.39 8.13 -17.10
C GLY C 415 9.21 8.84 -16.45
N ASP C 416 9.22 9.07 -15.13
CA ASP C 416 8.11 9.61 -14.35
C ASP C 416 8.05 11.15 -14.42
N PHE C 417 7.05 11.71 -15.10
CA PHE C 417 6.93 13.16 -15.29
C PHE C 417 6.57 13.92 -14.00
N SER C 418 6.26 13.23 -12.89
CA SER C 418 6.13 13.85 -11.57
C SER C 418 7.47 14.26 -10.94
N ASP C 419 8.59 13.88 -11.57
CA ASP C 419 9.95 14.41 -11.36
C ASP C 419 9.96 15.91 -11.03
N PRO C 420 10.60 16.37 -9.94
CA PRO C 420 10.71 17.77 -9.59
C PRO C 420 11.22 18.68 -10.70
N VAL C 421 12.16 18.24 -11.56
CA VAL C 421 12.67 19.07 -12.65
C VAL C 421 11.64 19.22 -13.75
N THR C 422 11.01 18.13 -14.18
CA THR C 422 9.91 18.16 -15.14
C THR C 422 8.76 18.99 -14.61
N SER C 423 8.35 18.77 -13.37
CA SER C 423 7.22 19.46 -12.75
C SER C 423 7.44 20.96 -12.58
N ALA C 424 8.65 21.40 -12.21
CA ALA C 424 9.04 22.80 -12.26
C ALA C 424 9.03 23.37 -13.69
N THR C 425 9.60 22.63 -14.66
CA THR C 425 9.74 23.06 -16.06
C THR C 425 8.40 23.28 -16.75
N LEU C 426 7.44 22.39 -16.56
CA LEU C 426 6.11 22.53 -17.16
C LEU C 426 5.30 23.67 -16.54
N GLY C 427 5.65 24.12 -15.33
CA GLY C 427 5.19 25.37 -14.76
C GLY C 427 5.73 26.64 -15.44
N ILE C 428 6.70 26.52 -16.36
CA ILE C 428 7.40 27.63 -17.01
C ILE C 428 7.15 27.65 -18.52
N VAL C 429 7.48 26.57 -19.24
CA VAL C 429 7.49 26.56 -20.71
C VAL C 429 6.11 26.64 -21.33
N GLN C 430 6.03 27.25 -22.52
CA GLN C 430 4.80 27.46 -23.26
C GLN C 430 4.48 26.33 -24.26
N VAL C 431 5.43 25.43 -24.54
CA VAL C 431 5.21 24.24 -25.36
C VAL C 431 5.76 23.03 -24.65
N PHE C 432 4.98 21.95 -24.66
CA PHE C 432 5.31 20.67 -24.05
C PHE C 432 5.15 19.56 -25.07
N TRP C 433 6.27 18.96 -25.48
CA TRP C 433 6.32 17.78 -26.33
C TRP C 433 6.67 16.58 -25.46
N GLY C 434 5.66 15.91 -24.90
CA GLY C 434 5.86 14.78 -24.02
C GLY C 434 6.10 13.50 -24.81
N LEU C 435 7.27 12.87 -24.65
CA LEU C 435 7.60 11.62 -25.34
C LEU C 435 7.14 10.37 -24.58
N ASP C 436 6.77 9.31 -25.29
CA ASP C 436 6.27 8.04 -24.74
C ASP C 436 7.16 6.84 -25.09
N LYS C 437 7.64 6.11 -24.07
CA LYS C 437 8.46 4.91 -24.27
C LYS C 437 7.72 3.78 -24.97
N LYS C 438 6.39 3.69 -24.86
CA LYS C 438 5.61 2.69 -25.62
C LYS C 438 5.51 3.00 -27.11
N LEU C 439 5.61 4.26 -27.53
CA LEU C 439 5.77 4.59 -28.94
C LEU C 439 7.19 4.28 -29.41
N ALA C 440 8.21 4.67 -28.64
CA ALA C 440 9.59 4.37 -29.00
C ALA C 440 9.87 2.86 -29.14
N GLN C 441 9.33 2.01 -28.27
CA GLN C 441 9.49 0.55 -28.35
C GLN C 441 8.82 -0.10 -29.57
N ARG C 442 7.77 0.51 -30.14
CA ARG C 442 7.17 0.15 -31.44
C ARG C 442 7.97 0.68 -32.65
N LYS C 443 9.11 1.34 -32.43
CA LYS C 443 9.79 2.20 -33.42
C LYS C 443 8.86 3.26 -34.02
N HIS C 444 7.87 3.73 -33.26
CA HIS C 444 7.05 4.88 -33.62
C HIS C 444 7.78 6.15 -33.19
N PHE C 445 8.25 6.90 -34.19
CA PHE C 445 9.02 8.12 -34.01
C PHE C 445 8.47 9.23 -34.92
N PRO C 446 8.56 10.52 -34.54
CA PRO C 446 8.85 11.04 -33.21
C PRO C 446 7.89 10.48 -32.15
N SER C 447 8.38 10.07 -30.99
CA SER C 447 7.58 9.35 -29.97
C SER C 447 6.65 10.28 -29.17
N VAL C 448 6.16 11.36 -29.78
CA VAL C 448 5.35 12.41 -29.14
C VAL C 448 3.96 11.88 -28.79
N ASN C 449 3.62 11.85 -27.52
CA ASN C 449 2.28 11.55 -27.04
C ASN C 449 1.34 12.71 -27.34
N TRP C 450 0.44 12.53 -28.32
CA TRP C 450 -0.50 13.55 -28.76
C TRP C 450 -1.66 13.81 -27.79
N LEU C 451 -1.83 13.00 -26.74
CA LEU C 451 -2.87 13.20 -25.73
C LEU C 451 -2.41 14.15 -24.62
N ILE C 452 -1.15 14.06 -24.18
CA ILE C 452 -0.60 14.91 -23.12
C ILE C 452 0.09 16.18 -23.65
N SER C 453 0.72 16.14 -24.82
CA SER C 453 1.45 17.27 -25.38
C SER C 453 0.55 18.47 -25.69
N TYR C 454 1.08 19.68 -25.63
CA TYR C 454 0.35 20.92 -25.93
C TYR C 454 1.26 22.06 -26.40
N SER C 455 0.65 23.06 -27.02
CA SER C 455 1.24 24.37 -27.27
C SER C 455 0.30 25.50 -26.85
N LYS C 456 0.82 26.50 -26.14
CA LYS C 456 0.11 27.73 -25.79
C LYS C 456 0.05 28.76 -26.94
N TYR C 457 0.86 28.59 -28.00
CA TYR C 457 1.00 29.57 -29.08
C TYR C 457 0.00 29.44 -30.23
N MET C 458 -0.91 28.48 -30.20
CA MET C 458 -1.83 28.21 -31.31
C MET C 458 -2.75 29.39 -31.68
N ARG C 459 -3.08 30.27 -30.75
CA ARG C 459 -3.81 31.52 -31.02
C ARG C 459 -2.93 32.62 -31.63
N ALA C 460 -1.66 32.72 -31.25
CA ALA C 460 -0.73 33.69 -31.84
C ALA C 460 -0.50 33.44 -33.34
N LEU C 461 -0.50 32.18 -33.74
CA LEU C 461 -0.30 31.74 -35.13
C LEU C 461 -1.56 31.79 -36.00
N ASP C 462 -2.72 32.16 -35.47
CA ASP C 462 -3.96 32.29 -36.24
C ASP C 462 -3.77 33.17 -37.48
N GLU C 463 -3.26 34.39 -37.29
CA GLU C 463 -3.08 35.35 -38.38
C GLU C 463 -2.03 34.90 -39.40
N TYR C 464 -1.07 34.07 -39.01
CA TYR C 464 -0.10 33.50 -39.93
C TYR C 464 -0.78 32.47 -40.86
N TYR C 465 -1.47 31.47 -40.31
CA TYR C 465 -2.16 30.47 -41.13
C TYR C 465 -3.30 31.09 -41.94
N ASP C 466 -4.07 32.01 -41.36
CA ASP C 466 -5.13 32.76 -42.06
C ASP C 466 -4.61 33.61 -43.23
N LYS C 467 -3.29 33.80 -43.38
CA LYS C 467 -2.67 34.43 -44.55
C LYS C 467 -1.99 33.42 -45.48
N HIS C 468 -1.19 32.50 -44.94
CA HIS C 468 -0.28 31.65 -45.74
C HIS C 468 -0.82 30.27 -46.07
N PHE C 469 -1.65 29.68 -45.20
CA PHE C 469 -2.16 28.31 -45.30
C PHE C 469 -3.64 28.30 -44.87
N THR C 470 -4.47 29.04 -45.61
CA THR C 470 -5.84 29.38 -45.18
C THR C 470 -6.77 28.18 -45.01
N GLU C 471 -6.43 27.01 -45.57
CA GLU C 471 -7.15 25.76 -45.39
C GLU C 471 -6.80 24.98 -44.10
N PHE C 472 -5.72 25.35 -43.40
CA PHE C 472 -5.09 24.45 -42.42
C PHE C 472 -5.82 24.28 -41.09
N VAL C 473 -6.24 25.36 -40.41
CA VAL C 473 -6.78 25.26 -39.04
C VAL C 473 -8.01 24.33 -38.90
N PRO C 474 -8.95 24.28 -39.86
CA PRO C 474 -9.98 23.25 -39.91
C PRO C 474 -9.45 21.81 -39.95
N LEU C 475 -8.42 21.53 -40.76
CA LEU C 475 -7.79 20.21 -40.82
C LEU C 475 -7.13 19.83 -39.49
N ARG C 476 -6.39 20.76 -38.87
CA ARG C 476 -5.79 20.57 -37.55
C ARG C 476 -6.84 20.23 -36.50
N THR C 477 -7.97 20.95 -36.52
CA THR C 477 -9.09 20.74 -35.60
C THR C 477 -9.72 19.36 -35.79
N LYS C 478 -10.01 18.95 -37.02
CA LYS C 478 -10.55 17.62 -37.33
C LYS C 478 -9.60 16.50 -36.90
N ALA C 479 -8.30 16.63 -37.15
CA ALA C 479 -7.31 15.64 -36.75
C ALA C 479 -7.26 15.43 -35.23
N LYS C 480 -7.25 16.49 -34.42
CA LYS C 480 -7.31 16.38 -32.96
C LYS C 480 -8.60 15.71 -32.48
N GLU C 481 -9.74 16.01 -33.11
CA GLU C 481 -11.00 15.33 -32.79
C GLU C 481 -11.00 13.85 -33.16
N ILE C 482 -10.50 13.45 -34.33
CA ILE C 482 -10.41 12.03 -34.71
C ILE C 482 -9.53 11.25 -33.73
N LEU C 483 -8.37 11.80 -33.36
CA LEU C 483 -7.46 11.17 -32.41
C LEU C 483 -8.06 11.08 -31.00
N GLN C 484 -8.81 12.10 -30.55
CA GLN C 484 -9.49 12.06 -29.26
C GLN C 484 -10.69 11.10 -29.26
N GLU C 485 -11.45 11.02 -30.35
CA GLU C 485 -12.52 10.05 -30.51
C GLU C 485 -11.98 8.61 -30.49
N GLU C 486 -10.89 8.35 -31.19
CA GLU C 486 -10.27 7.03 -31.15
C GLU C 486 -9.79 6.65 -29.75
N GLU C 487 -9.28 7.58 -28.97
CA GLU C 487 -8.88 7.30 -27.59
C GLU C 487 -10.07 6.93 -26.70
N ASP C 488 -11.24 7.52 -26.92
CA ASP C 488 -12.46 7.15 -26.20
C ASP C 488 -13.01 5.79 -26.66
N LEU C 489 -12.96 5.49 -27.97
CA LEU C 489 -13.36 4.18 -28.48
C LEU C 489 -12.44 3.06 -28.01
N ALA C 490 -11.11 3.27 -28.00
CA ALA C 490 -10.14 2.21 -27.70
C ALA C 490 -10.32 1.57 -26.31
N GLU C 491 -10.69 2.36 -25.29
CA GLU C 491 -10.99 1.84 -23.95
C GLU C 491 -12.22 0.91 -23.95
N ILE C 492 -13.26 1.23 -24.73
CA ILE C 492 -14.41 0.34 -24.92
C ILE C 492 -13.97 -0.91 -25.68
N VAL C 493 -13.28 -0.74 -26.81
CA VAL C 493 -12.82 -1.84 -27.67
C VAL C 493 -12.00 -2.86 -26.90
N GLN C 494 -11.09 -2.43 -26.03
CA GLN C 494 -10.24 -3.31 -25.23
C GLN C 494 -11.02 -4.26 -24.29
N LEU C 495 -12.17 -3.81 -23.76
CA LEU C 495 -12.99 -4.59 -22.82
C LEU C 495 -14.12 -5.34 -23.53
N VAL C 496 -14.75 -4.72 -24.52
CA VAL C 496 -15.96 -5.23 -25.18
C VAL C 496 -15.66 -6.05 -26.44
N GLY C 497 -14.51 -5.89 -27.07
CA GLY C 497 -14.04 -6.77 -28.16
C GLY C 497 -14.49 -6.37 -29.58
N LYS C 498 -14.63 -5.06 -29.85
CA LYS C 498 -14.78 -4.43 -31.19
C LYS C 498 -16.10 -4.70 -31.96
N ALA C 499 -16.79 -5.81 -31.72
CA ALA C 499 -17.94 -6.23 -32.51
C ALA C 499 -19.17 -5.31 -32.41
N SER C 500 -19.33 -4.56 -31.33
CA SER C 500 -20.49 -3.68 -31.08
C SER C 500 -20.44 -2.33 -31.80
N LEU C 501 -19.30 -1.95 -32.41
CA LEU C 501 -19.09 -0.61 -32.96
C LEU C 501 -20.03 -0.25 -34.13
N ALA C 502 -20.50 0.99 -34.17
CA ALA C 502 -21.13 1.58 -35.36
C ALA C 502 -20.15 1.71 -36.53
N GLU C 503 -20.64 1.77 -37.77
CA GLU C 503 -19.76 1.88 -38.94
C GLU C 503 -18.96 3.20 -38.95
N THR C 504 -19.54 4.30 -38.49
CA THR C 504 -18.81 5.57 -38.32
C THR C 504 -17.70 5.48 -37.26
N ASP C 505 -17.84 4.58 -36.29
CA ASP C 505 -16.79 4.34 -35.29
C ASP C 505 -15.68 3.47 -35.87
N LYS C 506 -16.03 2.44 -36.67
CA LYS C 506 -15.03 1.66 -37.41
C LYS C 506 -14.24 2.52 -38.40
N ILE C 507 -14.89 3.49 -39.06
CA ILE C 507 -14.21 4.50 -39.87
C ILE C 507 -13.27 5.34 -38.99
N THR C 508 -13.77 5.83 -37.84
CA THR C 508 -12.97 6.67 -36.94
C THR C 508 -11.72 5.96 -36.45
N LEU C 509 -11.83 4.70 -36.06
CA LEU C 509 -10.69 3.88 -35.67
C LEU C 509 -9.71 3.70 -36.83
N GLU C 510 -10.19 3.40 -38.02
CA GLU C 510 -9.31 3.17 -39.16
C GLU C 510 -8.59 4.44 -39.63
N VAL C 511 -9.27 5.59 -39.63
CA VAL C 511 -8.64 6.86 -40.02
C VAL C 511 -7.70 7.34 -38.93
N ALA C 512 -8.03 7.20 -37.65
CA ALA C 512 -7.08 7.45 -36.60
C ALA C 512 -5.84 6.57 -36.77
N LYS C 513 -5.99 5.28 -37.06
CA LYS C 513 -4.88 4.38 -37.39
C LYS C 513 -4.08 4.89 -38.60
N LEU C 514 -4.72 5.35 -39.66
CA LEU C 514 -4.06 5.94 -40.82
C LEU C 514 -3.22 7.18 -40.44
N ILE C 515 -3.78 8.10 -39.66
CA ILE C 515 -3.08 9.29 -39.18
C ILE C 515 -1.92 8.90 -38.26
N LYS C 516 -2.14 8.04 -37.28
CA LYS C 516 -1.13 7.58 -36.33
C LYS C 516 0.03 6.90 -37.02
N ASP C 517 -0.24 6.07 -38.02
CA ASP C 517 0.78 5.29 -38.72
C ASP C 517 1.47 6.07 -39.85
N ASP C 518 0.77 6.93 -40.59
CA ASP C 518 1.27 7.51 -41.84
C ASP C 518 1.33 9.05 -41.87
N PHE C 519 0.80 9.75 -40.87
CA PHE C 519 1.00 11.20 -40.72
C PHE C 519 1.93 11.52 -39.55
N LEU C 520 1.57 11.09 -38.34
CA LEU C 520 2.31 11.39 -37.10
C LEU C 520 3.68 10.70 -36.99
N GLN C 521 4.00 9.79 -37.92
CA GLN C 521 5.22 8.97 -37.91
C GLN C 521 6.19 9.43 -39.00
N GLN C 522 7.46 9.65 -38.65
CA GLN C 522 8.58 9.94 -39.54
C GLN C 522 9.81 9.15 -39.12
N ASN C 523 10.56 8.61 -40.09
CA ASN C 523 11.93 8.19 -39.85
C ASN C 523 12.85 9.37 -40.19
N GLY C 524 13.61 9.86 -39.21
CA GLY C 524 14.55 10.98 -39.39
C GLY C 524 15.81 10.61 -40.17
N TYR C 525 16.07 9.32 -40.36
CA TYR C 525 17.27 8.79 -41.01
C TYR C 525 16.97 8.16 -42.37
N THR C 526 16.06 8.76 -43.15
CA THR C 526 15.75 8.33 -44.52
C THR C 526 15.36 9.51 -45.42
N PRO C 527 15.75 9.58 -46.71
CA PRO C 527 15.80 10.85 -47.46
C PRO C 527 14.46 11.58 -47.63
N TYR C 528 13.37 10.86 -47.76
CA TYR C 528 12.03 11.43 -47.98
C TYR C 528 11.39 12.02 -46.71
N ASP C 529 11.85 11.63 -45.51
CA ASP C 529 11.27 12.06 -44.22
C ASP C 529 12.28 12.69 -43.25
N ARG C 530 13.55 12.88 -43.64
CA ARG C 530 14.51 13.78 -42.98
C ARG C 530 13.87 15.10 -42.56
N PHE C 531 13.24 15.76 -43.52
CA PHE C 531 12.54 17.03 -43.40
C PHE C 531 11.23 16.95 -44.15
N CYS C 532 10.13 17.42 -43.57
CA CYS C 532 8.84 17.53 -44.24
C CYS C 532 8.43 19.01 -44.34
N PRO C 533 8.36 19.59 -45.56
CA PRO C 533 7.86 20.95 -45.76
C PRO C 533 6.42 21.13 -45.29
N PHE C 534 6.02 22.37 -45.01
CA PHE C 534 4.63 22.59 -44.59
C PHE C 534 3.63 22.41 -45.73
N TYR C 535 4.01 22.60 -47.01
CA TYR C 535 3.15 22.23 -48.13
C TYR C 535 2.87 20.72 -48.16
N LYS C 536 3.88 19.87 -48.00
CA LYS C 536 3.72 18.40 -47.91
C LYS C 536 2.87 18.03 -46.69
N THR C 537 3.10 18.66 -45.55
CA THR C 537 2.35 18.45 -44.30
C THR C 537 0.85 18.80 -44.44
N VAL C 538 0.52 20.00 -44.91
CA VAL C 538 -0.88 20.41 -45.15
C VAL C 538 -1.53 19.55 -46.24
N GLY C 539 -0.81 19.22 -47.31
CA GLY C 539 -1.32 18.35 -48.38
C GLY C 539 -1.63 16.93 -47.92
N MET C 540 -0.75 16.28 -47.17
CA MET C 540 -1.00 14.95 -46.61
C MET C 540 -2.22 14.96 -45.69
N LEU C 541 -2.32 15.93 -44.78
CA LEU C 541 -3.43 15.97 -43.83
C LEU C 541 -4.76 16.24 -44.56
N SER C 542 -4.76 17.13 -45.53
CA SER C 542 -5.93 17.43 -46.36
C SER C 542 -6.50 16.18 -47.02
N ASN C 543 -5.67 15.33 -47.61
CA ASN C 543 -6.15 14.09 -48.25
C ASN C 543 -6.67 13.06 -47.24
N MET C 544 -6.02 12.89 -46.09
CA MET C 544 -6.50 11.95 -45.07
C MET C 544 -7.84 12.40 -44.50
N ILE C 545 -7.99 13.68 -44.18
CA ILE C 545 -9.24 14.25 -43.68
C ILE C 545 -10.33 14.25 -44.78
N SER C 546 -9.96 14.47 -46.04
CA SER C 546 -10.89 14.34 -47.16
C SER C 546 -11.44 12.93 -47.28
N PHE C 547 -10.60 11.90 -47.27
CA PHE C 547 -11.05 10.51 -47.29
C PHE C 547 -11.99 10.21 -46.11
N TYR C 548 -11.69 10.71 -44.90
CA TYR C 548 -12.57 10.55 -43.74
C TYR C 548 -13.96 11.12 -43.98
N ASP C 549 -14.04 12.37 -44.43
CA ASP C 549 -15.31 13.03 -44.69
C ASP C 549 -16.11 12.32 -45.79
N MET C 550 -15.46 11.81 -46.84
CA MET C 550 -16.15 11.03 -47.88
C MET C 550 -16.62 9.67 -47.37
N ALA C 551 -15.79 8.92 -46.65
CA ALA C 551 -16.15 7.60 -46.12
C ALA C 551 -17.30 7.71 -45.11
N ARG C 552 -17.24 8.71 -44.22
CA ARG C 552 -18.30 9.01 -43.25
C ARG C 552 -19.59 9.41 -43.96
N ARG C 553 -19.52 10.27 -44.99
CA ARG C 553 -20.71 10.64 -45.79
C ARG C 553 -21.35 9.43 -46.47
N ALA C 554 -20.57 8.55 -47.10
CA ALA C 554 -21.11 7.39 -47.80
C ALA C 554 -21.86 6.42 -46.86
N VAL C 555 -21.27 6.11 -45.71
CA VAL C 555 -21.92 5.32 -44.65
C VAL C 555 -23.16 6.04 -44.11
N GLU C 556 -23.02 7.27 -43.63
CA GLU C 556 -24.11 8.01 -42.98
C GLU C 556 -25.31 8.25 -43.91
N THR C 557 -25.07 8.44 -45.21
CA THR C 557 -26.14 8.62 -46.21
C THR C 557 -26.89 7.33 -46.50
N THR C 558 -26.18 6.20 -46.61
CA THR C 558 -26.78 4.92 -47.05
C THR C 558 -27.28 4.03 -45.91
N ALA C 559 -26.83 4.24 -44.67
CA ALA C 559 -27.11 3.33 -43.54
C ALA C 559 -28.59 3.07 -43.22
N GLN C 560 -29.51 3.95 -43.65
CA GLN C 560 -30.96 3.78 -43.47
C GLN C 560 -31.60 2.82 -44.51
N SER C 561 -30.98 2.64 -45.67
CA SER C 561 -31.51 1.84 -46.78
C SER C 561 -31.36 0.33 -46.57
N ASP C 562 -32.12 -0.47 -47.34
CA ASP C 562 -32.06 -1.94 -47.29
C ASP C 562 -30.72 -2.51 -47.77
N ASN C 563 -30.10 -1.85 -48.76
CA ASN C 563 -28.73 -2.08 -49.22
C ASN C 563 -27.88 -0.84 -48.89
N LYS C 564 -26.77 -1.01 -48.16
CA LYS C 564 -26.03 0.08 -47.51
C LYS C 564 -24.52 -0.15 -47.44
N ILE C 565 -23.75 0.94 -47.42
CA ILE C 565 -22.29 0.90 -47.33
C ILE C 565 -21.85 0.62 -45.88
N THR C 566 -20.71 -0.06 -45.73
CA THR C 566 -20.01 -0.37 -44.48
C THR C 566 -18.53 -0.07 -44.68
N TRP C 567 -17.76 0.07 -43.59
CA TRP C 567 -16.33 0.24 -43.76
C TRP C 567 -15.68 -0.97 -44.45
N SER C 568 -16.14 -2.19 -44.17
CA SER C 568 -15.68 -3.39 -44.87
C SER C 568 -15.93 -3.34 -46.39
N ILE C 569 -17.05 -2.77 -46.85
CA ILE C 569 -17.28 -2.54 -48.29
C ILE C 569 -16.28 -1.53 -48.83
N ILE C 570 -16.07 -0.42 -48.12
CA ILE C 570 -15.12 0.62 -48.53
C ILE C 570 -13.70 0.03 -48.61
N ARG C 571 -13.28 -0.77 -47.64
CA ARG C 571 -11.97 -1.45 -47.65
C ARG C 571 -11.78 -2.29 -48.92
N GLU C 572 -12.75 -3.16 -49.22
CA GLU C 572 -12.67 -4.04 -50.40
C GLU C 572 -12.74 -3.26 -51.72
N HIS C 573 -13.47 -2.15 -51.76
CA HIS C 573 -13.57 -1.29 -52.94
C HIS C 573 -12.37 -0.36 -53.15
N MET C 574 -11.63 -0.02 -52.09
CA MET C 574 -10.66 1.08 -52.09
C MET C 574 -9.27 0.74 -51.57
N GLY C 575 -8.89 -0.54 -51.53
CA GLY C 575 -7.57 -0.99 -51.08
C GLY C 575 -6.40 -0.29 -51.78
N GLU C 576 -6.51 0.04 -53.06
CA GLU C 576 -5.51 0.81 -53.79
C GLU C 576 -5.42 2.27 -53.31
N ILE C 577 -6.55 2.93 -53.04
CA ILE C 577 -6.57 4.30 -52.50
C ILE C 577 -6.01 4.29 -51.08
N LEU C 578 -6.38 3.32 -50.24
CA LEU C 578 -5.84 3.16 -48.90
C LEU C 578 -4.32 2.96 -48.93
N TYR C 579 -3.83 2.12 -49.84
CA TYR C 579 -2.39 1.92 -50.04
C TYR C 579 -1.69 3.16 -50.56
N LYS C 580 -2.29 3.90 -51.51
CA LYS C 580 -1.79 5.21 -51.99
C LYS C 580 -1.72 6.25 -50.88
N LEU C 581 -2.75 6.36 -50.03
CA LEU C 581 -2.76 7.24 -48.86
C LEU C 581 -1.63 6.90 -47.88
N SER C 582 -1.44 5.62 -47.53
CA SER C 582 -0.29 5.22 -46.70
C SER C 582 1.06 5.52 -47.37
N SER C 583 1.12 5.54 -48.70
CA SER C 583 2.34 5.78 -49.46
C SER C 583 2.67 7.27 -49.72
N MET C 584 1.81 8.21 -49.33
CA MET C 584 2.06 9.66 -49.54
C MET C 584 3.36 10.12 -48.87
N LYS C 585 3.70 9.55 -47.73
CA LYS C 585 4.90 9.86 -46.93
C LYS C 585 6.21 9.64 -47.66
N PHE C 586 6.27 8.66 -48.58
CA PHE C 586 7.49 8.26 -49.30
C PHE C 586 7.95 9.24 -50.38
N LYS C 587 7.12 10.23 -50.76
CA LYS C 587 7.53 11.26 -51.72
C LYS C 587 8.64 12.14 -51.17
N ASP C 588 9.67 12.40 -51.95
CA ASP C 588 10.92 12.99 -51.49
C ASP C 588 11.00 14.48 -51.87
N PRO C 589 11.08 15.42 -50.89
CA PRO C 589 10.99 16.85 -51.17
C PRO C 589 12.12 17.45 -52.02
N VAL C 590 13.22 16.72 -52.26
CA VAL C 590 14.35 17.21 -53.07
C VAL C 590 14.61 16.36 -54.31
N LYS C 591 14.23 15.08 -54.32
CA LYS C 591 14.24 14.27 -55.56
C LYS C 591 13.01 14.56 -56.42
N ASP C 592 11.83 14.61 -55.81
CA ASP C 592 10.61 15.14 -56.43
C ASP C 592 10.50 16.66 -56.23
N GLY C 593 9.83 17.38 -57.12
CA GLY C 593 9.57 18.81 -56.94
C GLY C 593 8.36 19.10 -56.05
N GLU C 594 8.21 20.35 -55.59
CA GLU C 594 6.97 20.80 -54.94
C GLU C 594 5.77 20.61 -55.86
N ALA C 595 5.94 20.97 -57.14
CA ALA C 595 4.91 20.83 -58.16
C ALA C 595 4.50 19.37 -58.38
N LYS C 596 5.46 18.45 -58.44
CA LYS C 596 5.22 17.00 -58.59
C LYS C 596 4.50 16.42 -57.37
N ILE C 597 4.93 16.76 -56.15
CA ILE C 597 4.26 16.31 -54.92
C ILE C 597 2.82 16.82 -54.86
N LYS C 598 2.58 18.11 -55.11
CA LYS C 598 1.23 18.68 -55.07
C LYS C 598 0.33 18.13 -56.19
N ALA C 599 0.86 17.92 -57.39
CA ALA C 599 0.15 17.27 -58.48
C ALA C 599 -0.23 15.83 -58.16
N ASP C 600 0.66 15.04 -57.57
CA ASP C 600 0.34 13.68 -57.12
C ASP C 600 -0.76 13.67 -56.05
N TYR C 601 -0.67 14.54 -55.04
CA TYR C 601 -1.71 14.60 -54.00
C TYR C 601 -3.06 15.08 -54.56
N ALA C 602 -3.07 15.95 -55.57
CA ALA C 602 -4.29 16.27 -56.32
C ALA C 602 -4.83 15.06 -57.11
N GLN C 603 -3.95 14.25 -57.71
CA GLN C 603 -4.37 13.04 -58.42
C GLN C 603 -4.97 11.99 -57.48
N LEU C 604 -4.42 11.80 -56.28
CA LEU C 604 -5.04 10.95 -55.26
C LEU C 604 -6.45 11.42 -54.91
N LEU C 605 -6.68 12.74 -54.85
CA LEU C 605 -8.01 13.27 -54.56
C LEU C 605 -9.00 12.93 -55.67
N GLU C 606 -8.60 13.08 -56.94
CA GLU C 606 -9.42 12.62 -58.06
C GLU C 606 -9.65 11.10 -58.05
N ASP C 607 -8.61 10.29 -57.83
CA ASP C 607 -8.72 8.84 -57.71
C ASP C 607 -9.71 8.41 -56.62
N MET C 608 -9.68 9.02 -55.43
CA MET C 608 -10.63 8.66 -54.37
C MET C 608 -12.03 9.22 -54.64
N GLN C 609 -12.16 10.42 -55.22
CA GLN C 609 -13.47 10.94 -55.62
C GLN C 609 -14.13 10.03 -56.66
N ASN C 610 -13.39 9.56 -57.66
CA ASN C 610 -13.91 8.60 -58.65
C ASN C 610 -14.28 7.25 -58.02
N ALA C 611 -13.57 6.80 -56.99
CA ALA C 611 -13.96 5.60 -56.25
C ALA C 611 -15.27 5.81 -55.46
N PHE C 612 -15.44 6.93 -54.75
CA PHE C 612 -16.70 7.22 -54.03
C PHE C 612 -17.88 7.52 -54.96
N ARG C 613 -17.66 8.13 -56.13
CA ARG C 613 -18.66 8.21 -57.21
C ARG C 613 -19.11 6.83 -57.68
N SER C 614 -18.19 5.88 -57.75
CA SER C 614 -18.49 4.48 -58.11
C SER C 614 -19.28 3.73 -57.03
N LEU C 615 -19.22 4.17 -55.76
CA LEU C 615 -20.18 3.78 -54.72
C LEU C 615 -21.47 4.62 -54.87
N ASN D 38 6.48 63.40 16.40
CA ASN D 38 6.80 61.96 16.60
C ASN D 38 7.57 61.38 15.41
N TYR D 39 8.85 61.74 15.27
CA TYR D 39 9.76 61.28 14.20
C TYR D 39 11.00 60.61 14.78
N LEU D 40 11.63 59.71 14.02
CA LEU D 40 12.99 59.26 14.28
C LEU D 40 13.97 60.34 13.79
N SER D 41 14.29 61.29 14.66
CA SER D 41 15.23 62.40 14.38
C SER D 41 16.69 62.06 14.72
N GLN D 42 16.94 60.86 15.26
CA GLN D 42 18.27 60.35 15.61
C GLN D 42 19.04 59.82 14.38
N PRO D 43 20.36 60.01 14.29
CA PRO D 43 21.16 59.55 13.15
C PRO D 43 21.18 58.03 12.97
N ARG D 44 21.20 57.55 11.73
CA ARG D 44 21.32 56.13 11.43
C ARG D 44 22.76 55.64 11.61
N LEU D 45 22.92 54.51 12.31
CA LEU D 45 24.18 53.78 12.36
C LEU D 45 24.42 53.00 11.06
N THR D 46 25.66 53.04 10.60
CA THR D 46 26.16 52.32 9.44
C THR D 46 27.27 51.37 9.88
N TYR D 47 27.19 50.11 9.49
CA TYR D 47 28.13 49.05 9.87
C TYR D 47 28.82 48.45 8.64
N LYS D 48 30.13 48.21 8.72
CA LYS D 48 30.93 47.33 7.84
C LYS D 48 31.29 46.02 8.54
N THR D 49 30.37 45.47 9.32
CA THR D 49 30.57 44.29 10.19
C THR D 49 29.86 43.03 9.68
N VAL D 50 29.74 42.85 8.36
CA VAL D 50 29.27 41.60 7.77
C VAL D 50 30.19 40.44 8.16
N SER D 51 29.62 39.32 8.56
CA SER D 51 30.33 38.15 9.08
C SER D 51 30.01 36.85 8.32
N GLY D 52 29.00 36.83 7.46
CA GLY D 52 28.70 35.72 6.60
C GLY D 52 27.67 36.07 5.54
N VAL D 53 27.76 35.44 4.38
CA VAL D 53 26.79 35.56 3.27
C VAL D 53 26.45 34.17 2.77
N ASN D 54 25.17 33.82 2.74
CA ASN D 54 24.72 32.45 2.49
C ASN D 54 23.31 32.44 1.89
N GLY D 55 23.17 32.10 0.61
CA GLY D 55 21.87 32.16 -0.06
C GLY D 55 21.30 33.58 -0.02
N PRO D 56 20.02 33.80 0.33
CA PRO D 56 19.45 35.15 0.45
C PRO D 56 19.87 35.93 1.72
N LEU D 57 20.71 35.36 2.59
CA LEU D 57 20.98 35.89 3.93
C LEU D 57 22.35 36.54 4.08
N VAL D 58 22.40 37.73 4.69
CA VAL D 58 23.60 38.38 5.20
C VAL D 58 23.56 38.36 6.73
N ILE D 59 24.66 38.02 7.38
CA ILE D 59 24.77 38.02 8.84
C ILE D 59 25.72 39.13 9.28
N LEU D 60 25.30 39.98 10.21
CA LEU D 60 26.09 41.04 10.82
C LEU D 60 26.34 40.76 12.30
N ASP D 61 27.43 41.30 12.85
CA ASP D 61 27.72 41.31 14.28
C ASP D 61 28.16 42.72 14.73
N HIS D 62 28.30 42.95 16.04
CA HIS D 62 28.58 44.24 16.66
C HIS D 62 27.48 45.30 16.47
N VAL D 63 26.27 44.86 16.13
CA VAL D 63 25.10 45.72 15.98
C VAL D 63 24.58 46.16 17.36
N LYS D 64 24.26 47.45 17.52
CA LYS D 64 23.82 48.08 18.77
C LYS D 64 22.31 47.95 18.98
N PHE D 65 21.89 47.24 20.02
CA PHE D 65 20.48 46.95 20.34
C PHE D 65 19.65 46.51 19.12
N PRO D 66 19.96 45.40 18.44
CA PRO D 66 19.29 45.02 17.21
C PRO D 66 17.77 44.86 17.39
N ARG D 67 16.98 45.26 16.39
CA ARG D 67 15.51 45.22 16.41
C ARG D 67 14.94 44.21 15.43
N TYR D 68 14.06 43.36 15.89
CA TYR D 68 13.42 42.36 15.04
C TYR D 68 12.50 43.03 13.99
N ALA D 69 12.49 42.51 12.76
CA ALA D 69 11.75 43.01 11.60
C ALA D 69 12.19 44.40 11.08
N GLU D 70 13.24 45.00 11.64
CA GLU D 70 13.80 46.27 11.17
C GLU D 70 14.31 46.21 9.73
N ILE D 71 14.17 47.32 9.00
CA ILE D 71 14.71 47.47 7.65
C ILE D 71 16.13 48.01 7.64
N VAL D 72 16.92 47.48 6.72
CA VAL D 72 18.34 47.73 6.51
C VAL D 72 18.56 48.10 5.06
N HIS D 73 19.44 49.04 4.76
CA HIS D 73 19.89 49.36 3.41
C HIS D 73 21.36 49.01 3.23
N LEU D 74 21.70 48.21 2.23
CA LEU D 74 23.03 47.71 1.95
C LEU D 74 23.60 48.46 0.75
N THR D 75 24.84 48.91 0.81
CA THR D 75 25.56 49.50 -0.33
C THR D 75 26.75 48.62 -0.68
N LEU D 76 26.76 48.08 -1.88
CA LEU D 76 27.81 47.21 -2.40
C LEU D 76 29.03 48.04 -2.86
N PRO D 77 30.23 47.46 -3.02
CA PRO D 77 31.45 48.24 -3.29
C PRO D 77 31.44 49.06 -4.58
N ASP D 78 30.68 48.63 -5.59
CA ASP D 78 30.46 49.34 -6.86
C ASP D 78 29.43 50.49 -6.76
N GLY D 79 28.84 50.72 -5.57
CA GLY D 79 27.85 51.76 -5.30
C GLY D 79 26.40 51.35 -5.51
N THR D 80 26.11 50.14 -5.97
CA THR D 80 24.75 49.58 -6.02
C THR D 80 24.13 49.53 -4.63
N LYS D 81 22.85 49.87 -4.50
CA LYS D 81 22.09 49.75 -3.26
C LYS D 81 21.04 48.65 -3.32
N ARG D 82 20.90 47.93 -2.21
CA ARG D 82 19.92 46.88 -1.96
C ARG D 82 19.24 47.13 -0.62
N SER D 83 18.10 46.51 -0.37
CA SER D 83 17.33 46.65 0.85
C SER D 83 17.04 45.29 1.46
N GLY D 84 16.85 45.23 2.77
CA GLY D 84 16.64 43.98 3.46
C GLY D 84 15.96 44.14 4.79
N GLN D 85 15.56 43.02 5.38
CA GLN D 85 14.82 42.98 6.64
C GLN D 85 15.47 42.00 7.63
N VAL D 86 15.56 42.41 8.89
CA VAL D 86 16.10 41.59 9.98
C VAL D 86 15.14 40.45 10.32
N LEU D 87 15.54 39.21 10.07
CA LEU D 87 14.80 37.98 10.39
C LEU D 87 15.06 37.42 11.79
N GLU D 88 16.21 37.68 12.40
CA GLU D 88 16.55 37.16 13.71
C GLU D 88 17.59 38.07 14.36
N VAL D 89 17.53 38.22 15.68
CA VAL D 89 18.50 38.95 16.48
C VAL D 89 18.94 38.11 17.67
N SER D 90 20.21 38.18 18.07
CA SER D 90 20.73 37.50 19.26
C SER D 90 21.97 38.21 19.78
N GLY D 91 21.90 38.92 20.89
CA GLY D 91 23.01 39.77 21.34
C GLY D 91 23.34 40.84 20.30
N SER D 92 24.61 41.01 19.94
CA SER D 92 25.03 41.95 18.89
C SER D 92 24.88 41.45 17.46
N LYS D 93 24.35 40.24 17.25
CA LYS D 93 24.22 39.59 15.94
C LYS D 93 22.83 39.78 15.35
N ALA D 94 22.75 40.08 14.07
CA ALA D 94 21.51 40.23 13.31
C ALA D 94 21.59 39.52 11.95
N VAL D 95 20.53 38.82 11.57
CA VAL D 95 20.41 38.09 10.29
C VAL D 95 19.45 38.85 9.38
N VAL D 96 19.89 39.21 8.18
CA VAL D 96 19.15 40.03 7.21
C VAL D 96 18.84 39.20 5.98
N GLN D 97 17.58 39.11 5.56
CA GLN D 97 17.24 38.69 4.20
C GLN D 97 17.31 39.88 3.25
N VAL D 98 17.95 39.71 2.09
CA VAL D 98 18.15 40.81 1.13
C VAL D 98 17.16 40.68 -0.01
N PHE D 99 16.34 41.69 -0.25
CA PHE D 99 15.21 41.56 -1.19
C PHE D 99 15.68 41.39 -2.63
N GLU D 100 16.73 42.09 -3.04
CA GLU D 100 17.31 42.02 -4.39
C GLU D 100 18.43 40.99 -4.55
N GLY D 101 18.60 40.07 -3.59
CA GLY D 101 19.60 39.01 -3.61
C GLY D 101 20.99 39.41 -3.09
N THR D 102 21.92 38.47 -3.08
CA THR D 102 23.23 38.60 -2.39
C THR D 102 24.46 38.53 -3.32
N SER D 103 24.27 38.48 -4.64
CA SER D 103 25.38 38.50 -5.59
C SER D 103 26.20 39.79 -5.44
N GLY D 104 27.52 39.70 -5.55
CA GLY D 104 28.42 40.85 -5.45
C GLY D 104 28.61 41.41 -4.04
N ILE D 105 27.91 40.92 -3.02
CA ILE D 105 28.16 41.26 -1.61
C ILE D 105 29.48 40.63 -1.17
N ASP D 106 30.21 41.32 -0.31
CA ASP D 106 31.48 40.89 0.23
C ASP D 106 31.57 41.21 1.73
N ALA D 107 32.44 40.53 2.47
CA ALA D 107 32.50 40.69 3.92
C ALA D 107 33.38 41.85 4.41
N LYS D 108 33.87 42.76 3.55
CA LYS D 108 34.82 43.81 3.93
C LYS D 108 34.42 45.24 3.52
N LYS D 109 33.93 45.44 2.30
CA LYS D 109 33.60 46.75 1.73
C LYS D 109 32.11 47.04 1.66
N THR D 110 31.24 46.04 1.55
CA THR D 110 29.79 46.21 1.63
C THR D 110 29.37 46.76 3.00
N SER D 111 28.56 47.82 3.04
CA SER D 111 28.11 48.47 4.28
C SER D 111 26.60 48.50 4.42
N CYS D 112 26.11 48.37 5.65
CA CYS D 112 24.69 48.28 5.98
C CYS D 112 24.26 49.42 6.90
N GLU D 113 23.24 50.16 6.52
CA GLU D 113 22.62 51.23 7.30
C GLU D 113 21.32 50.70 7.91
N PHE D 114 21.21 50.76 9.23
CA PHE D 114 20.03 50.29 9.95
C PHE D 114 19.08 51.46 10.15
N THR D 115 17.85 51.35 9.67
CA THR D 115 16.94 52.50 9.53
C THR D 115 16.17 52.89 10.79
N GLY D 116 16.27 52.12 11.87
CA GLY D 116 15.59 52.36 13.14
C GLY D 116 14.12 51.94 13.20
N ASP D 117 13.55 51.40 12.12
CA ASP D 117 12.13 51.10 12.02
C ASP D 117 11.84 49.86 11.17
N ILE D 118 10.65 49.31 11.35
CA ILE D 118 10.06 48.24 10.54
C ILE D 118 9.58 48.78 9.18
N LEU D 119 9.17 47.90 8.26
CA LEU D 119 8.75 48.30 6.92
C LEU D 119 7.37 48.97 6.90
N ARG D 120 7.34 50.28 6.70
CA ARG D 120 6.13 51.06 6.40
C ARG D 120 6.18 51.54 4.97
N THR D 121 5.18 51.20 4.17
CA THR D 121 5.05 51.69 2.80
C THR D 121 4.35 53.05 2.79
N PRO D 122 4.72 54.01 1.92
CA PRO D 122 3.84 55.12 1.59
C PRO D 122 2.55 54.61 0.97
N VAL D 123 1.44 55.33 1.17
CA VAL D 123 0.13 55.10 0.55
C VAL D 123 -0.50 56.42 0.11
N SER D 124 -1.34 56.37 -0.92
CA SER D 124 -2.20 57.47 -1.36
C SER D 124 -3.29 56.94 -2.29
N GLU D 125 -4.33 57.72 -2.55
CA GLU D 125 -5.34 57.41 -3.57
C GLU D 125 -4.80 57.61 -5.00
N ASP D 126 -3.77 58.43 -5.16
CA ASP D 126 -3.01 58.63 -6.40
C ASP D 126 -2.29 57.36 -6.90
N MET D 127 -2.22 56.30 -6.09
CA MET D 127 -1.70 55.00 -6.52
C MET D 127 -2.61 54.27 -7.52
N LEU D 128 -3.88 54.64 -7.67
CA LEU D 128 -4.71 54.13 -8.76
C LEU D 128 -4.29 54.75 -10.10
N GLY D 129 -4.11 53.91 -11.11
CA GLY D 129 -3.60 54.34 -12.41
C GLY D 129 -2.08 54.40 -12.50
N ARG D 130 -1.38 53.60 -11.69
CA ARG D 130 0.07 53.51 -11.60
C ARG D 130 0.54 52.06 -11.71
N VAL D 131 1.78 51.85 -12.11
CA VAL D 131 2.42 50.53 -12.21
C VAL D 131 3.72 50.53 -11.40
N PHE D 132 3.87 49.55 -10.53
CA PHE D 132 4.97 49.41 -9.58
C PHE D 132 5.58 48.01 -9.69
N ASN D 133 6.82 47.82 -9.23
CA ASN D 133 7.39 46.49 -9.09
C ASN D 133 7.00 45.82 -7.76
N GLY D 134 7.48 44.60 -7.50
CA GLY D 134 7.24 43.89 -6.24
C GLY D 134 7.79 44.57 -4.98
N SER D 135 8.69 45.54 -5.10
CA SER D 135 9.12 46.40 -4.00
C SER D 135 8.28 47.67 -3.84
N GLY D 136 7.30 47.92 -4.70
CA GLY D 136 6.49 49.14 -4.68
C GLY D 136 7.18 50.37 -5.28
N LYS D 137 8.32 50.19 -5.99
CA LYS D 137 8.99 51.25 -6.76
C LYS D 137 8.30 51.45 -8.11
N PRO D 138 8.20 52.67 -8.67
CA PRO D 138 7.52 52.90 -9.95
C PRO D 138 8.20 52.25 -11.15
N ILE D 139 7.43 51.73 -12.10
CA ILE D 139 7.94 51.23 -13.39
C ILE D 139 7.24 51.86 -14.60
N ASP D 140 6.32 52.80 -14.38
CA ASP D 140 5.56 53.51 -15.42
C ASP D 140 6.24 54.79 -15.93
N ARG D 141 7.48 55.05 -15.53
CA ARG D 141 8.20 56.35 -15.71
C ARG D 141 7.54 57.54 -15.02
N GLY D 142 6.59 57.32 -14.10
CA GLY D 142 6.10 58.35 -13.19
C GLY D 142 7.04 58.55 -11.99
N PRO D 143 6.75 59.53 -11.12
CA PRO D 143 7.49 59.76 -9.90
C PRO D 143 7.19 58.72 -8.80
N VAL D 144 7.97 58.74 -7.74
CA VAL D 144 7.68 58.00 -6.49
C VAL D 144 6.42 58.53 -5.79
N VAL D 145 5.78 57.72 -4.96
CA VAL D 145 4.55 58.10 -4.25
C VAL D 145 4.83 59.22 -3.23
N LEU D 146 4.19 60.38 -3.40
CA LEU D 146 4.12 61.42 -2.37
C LEU D 146 3.06 60.99 -1.35
N ALA D 147 3.48 60.57 -0.16
CA ALA D 147 2.59 59.89 0.78
C ALA D 147 1.41 60.77 1.24
N GLU D 148 0.21 60.19 1.32
CA GLU D 148 -0.87 60.66 2.21
C GLU D 148 -0.69 60.09 3.63
N ASP D 149 -0.06 58.92 3.77
CA ASP D 149 0.32 58.30 5.04
C ASP D 149 1.43 57.26 4.84
N PHE D 150 2.08 56.81 5.90
CA PHE D 150 2.93 55.61 5.89
C PHE D 150 2.27 54.51 6.72
N LEU D 151 2.03 53.34 6.13
CA LEU D 151 1.39 52.20 6.78
C LEU D 151 2.33 51.01 6.87
N ASP D 152 2.35 50.35 8.02
CA ASP D 152 3.02 49.08 8.25
C ASP D 152 2.46 48.02 7.29
N ILE D 153 3.31 47.39 6.49
CA ILE D 153 2.86 46.44 5.48
C ILE D 153 2.19 45.20 6.09
N MET D 154 2.37 44.94 7.39
CA MET D 154 1.72 43.85 8.11
C MET D 154 0.28 44.17 8.55
N GLY D 155 -0.18 45.41 8.40
CA GLY D 155 -1.50 45.84 8.81
C GLY D 155 -1.66 45.94 10.33
N GLN D 156 -2.89 46.01 10.82
CA GLN D 156 -3.25 46.00 12.24
C GLN D 156 -4.45 45.06 12.44
N PRO D 157 -4.51 44.21 13.48
CA PRO D 157 -5.61 43.25 13.63
C PRO D 157 -6.96 43.93 13.83
N ILE D 158 -7.94 43.64 12.97
CA ILE D 158 -9.32 44.12 13.11
C ILE D 158 -10.06 43.24 14.13
N ASN D 159 -10.73 43.86 15.09
CA ASN D 159 -11.49 43.19 16.13
C ASN D 159 -12.64 42.37 15.53
N PRO D 160 -12.83 41.08 15.87
CA PRO D 160 -13.93 40.27 15.36
C PRO D 160 -15.32 40.85 15.65
N GLN D 161 -15.46 41.64 16.72
CA GLN D 161 -16.68 42.38 17.06
C GLN D 161 -17.02 43.47 16.02
N CYS D 162 -16.03 44.00 15.31
CA CYS D 162 -16.17 45.11 14.36
C CYS D 162 -16.30 44.69 12.89
N ARG D 163 -16.29 43.40 12.56
CA ARG D 163 -16.51 42.91 11.20
C ARG D 163 -18.00 42.86 10.87
N ILE D 164 -18.37 43.07 9.60
CA ILE D 164 -19.73 42.86 9.10
C ILE D 164 -19.74 41.60 8.24
N TYR D 165 -20.69 40.70 8.47
CA TYR D 165 -20.85 39.49 7.66
C TYR D 165 -21.26 39.83 6.20
N PRO D 166 -20.55 39.34 5.17
CA PRO D 166 -20.82 39.68 3.78
C PRO D 166 -22.05 38.96 3.19
N GLU D 167 -22.98 39.71 2.59
CA GLU D 167 -24.21 39.17 1.98
C GLU D 167 -24.58 39.78 0.61
N GLU D 168 -23.92 40.85 0.16
CA GLU D 168 -24.14 41.42 -1.18
C GLU D 168 -23.54 40.49 -2.25
N MET D 169 -24.33 39.89 -3.13
CA MET D 169 -23.80 39.02 -4.18
C MET D 169 -23.14 39.81 -5.30
N ILE D 170 -21.91 39.41 -5.66
CA ILE D 170 -21.24 39.79 -6.90
C ILE D 170 -21.74 38.87 -8.02
N GLN D 171 -22.29 39.47 -9.07
CA GLN D 171 -22.52 38.83 -10.35
C GLN D 171 -21.23 38.90 -11.17
N THR D 172 -20.47 37.82 -11.24
CA THR D 172 -19.25 37.74 -12.05
C THR D 172 -19.51 37.61 -13.53
N GLY D 173 -20.74 37.28 -13.93
CA GLY D 173 -21.11 37.01 -15.32
C GLY D 173 -20.89 35.56 -15.74
N ILE D 174 -20.24 34.72 -14.93
CA ILE D 174 -19.87 33.35 -15.27
C ILE D 174 -20.84 32.38 -14.60
N SER D 175 -21.57 31.56 -15.36
CA SER D 175 -22.66 30.74 -14.81
C SER D 175 -22.21 29.70 -13.80
N ALA D 176 -21.06 29.05 -14.04
CA ALA D 176 -20.47 28.09 -13.10
C ALA D 176 -20.14 28.71 -11.74
N ILE D 177 -19.97 30.03 -11.68
CA ILE D 177 -19.75 30.79 -10.46
C ILE D 177 -21.08 31.34 -9.96
N ASP D 178 -21.74 32.20 -10.71
CA ASP D 178 -22.95 32.91 -10.27
C ASP D 178 -24.13 31.97 -9.96
N GLY D 179 -24.21 30.83 -10.63
CA GLY D 179 -25.24 29.82 -10.40
C GLY D 179 -24.93 28.97 -9.17
N MET D 180 -23.74 28.37 -9.11
CA MET D 180 -23.44 27.25 -8.19
C MET D 180 -22.34 27.51 -7.16
N ASN D 181 -21.53 28.57 -7.32
CA ASN D 181 -20.44 28.94 -6.40
C ASN D 181 -20.49 30.45 -6.14
N SER D 182 -21.69 30.99 -5.94
CA SER D 182 -21.95 32.43 -5.90
C SER D 182 -21.10 33.16 -4.86
N ILE D 183 -20.65 34.37 -5.19
CA ILE D 183 -19.61 35.12 -4.45
C ILE D 183 -20.24 36.32 -3.73
N ALA D 184 -20.01 36.45 -2.43
CA ALA D 184 -20.40 37.62 -1.64
C ALA D 184 -19.29 38.69 -1.62
N ARG D 185 -19.64 39.98 -1.65
CA ARG D 185 -18.68 41.09 -1.59
C ARG D 185 -18.06 41.19 -0.19
N GLY D 186 -16.74 40.97 -0.09
CA GLY D 186 -16.02 40.77 1.17
C GLY D 186 -15.54 39.33 1.43
N GLN D 187 -15.85 38.38 0.55
CA GLN D 187 -15.37 37.00 0.62
C GLN D 187 -13.90 36.88 0.19
N LYS D 188 -13.25 35.77 0.57
CA LYS D 188 -12.01 35.31 -0.09
C LYS D 188 -12.24 33.98 -0.75
N ILE D 189 -12.04 33.87 -2.05
CA ILE D 189 -12.28 32.63 -2.80
C ILE D 189 -11.25 32.48 -3.92
N PRO D 190 -10.28 31.56 -3.79
CA PRO D 190 -9.22 31.39 -4.75
C PRO D 190 -9.64 30.60 -5.99
N ILE D 191 -8.93 30.82 -7.08
CA ILE D 191 -8.95 29.94 -8.24
C ILE D 191 -7.82 28.91 -8.06
N PHE D 192 -8.17 27.63 -7.97
CA PHE D 192 -7.25 26.51 -7.93
C PHE D 192 -7.07 25.97 -9.34
N SER D 193 -5.85 26.02 -9.86
CA SER D 193 -5.55 25.70 -11.25
C SER D 193 -4.28 24.88 -11.37
N ALA D 194 -3.73 24.72 -12.57
CA ALA D 194 -2.50 23.99 -12.81
C ALA D 194 -1.79 24.52 -14.07
N ALA D 195 -0.55 24.09 -14.29
CA ALA D 195 0.25 24.49 -15.44
C ALA D 195 -0.45 24.17 -16.77
N GLY D 196 -0.41 25.10 -17.73
CA GLY D 196 -1.05 24.96 -19.04
C GLY D 196 -2.55 25.28 -19.09
N LEU D 197 -3.22 25.48 -17.95
CA LEU D 197 -4.65 25.82 -17.88
C LEU D 197 -4.89 27.34 -17.99
N PRO D 198 -6.10 27.79 -18.36
CA PRO D 198 -6.42 29.19 -18.67
C PRO D 198 -6.89 30.04 -17.48
N HIS D 199 -6.31 29.88 -16.28
CA HIS D 199 -6.74 30.64 -15.09
C HIS D 199 -6.59 32.16 -15.21
N ASN D 200 -5.66 32.66 -16.02
CA ASN D 200 -5.51 34.09 -16.24
C ASN D 200 -6.70 34.68 -17.02
N GLU D 201 -7.23 33.96 -18.01
CA GLU D 201 -8.44 34.33 -18.73
C GLU D 201 -9.66 34.34 -17.82
N ILE D 202 -9.81 33.38 -16.89
CA ILE D 202 -10.89 33.40 -15.89
C ILE D 202 -10.81 34.65 -15.01
N ALA D 203 -9.64 34.94 -14.44
CA ALA D 203 -9.44 36.10 -13.59
C ALA D 203 -9.69 37.42 -14.32
N ALA D 204 -9.17 37.57 -15.54
CA ALA D 204 -9.39 38.75 -16.36
C ALA D 204 -10.86 38.93 -16.73
N GLN D 205 -11.58 37.85 -17.08
CA GLN D 205 -13.00 37.91 -17.34
C GLN D 205 -13.79 38.38 -16.12
N ILE D 206 -13.45 37.90 -14.92
CA ILE D 206 -14.06 38.38 -13.68
C ILE D 206 -13.78 39.87 -13.46
N CYS D 207 -12.57 40.36 -13.71
CA CYS D 207 -12.26 41.78 -13.63
C CYS D 207 -13.08 42.63 -14.62
N ARG D 208 -13.32 42.14 -15.84
CA ARG D 208 -14.18 42.82 -16.82
C ARG D 208 -15.64 42.83 -16.39
N GLN D 209 -16.17 41.66 -16.02
CA GLN D 209 -17.61 41.41 -15.91
C GLN D 209 -18.20 41.61 -14.50
N ALA D 210 -17.41 41.61 -13.43
CA ALA D 210 -17.95 41.67 -12.07
C ALA D 210 -18.65 42.99 -11.74
N GLY D 211 -19.79 42.87 -11.06
CA GLY D 211 -20.57 43.96 -10.47
C GLY D 211 -21.64 43.38 -9.55
N LEU D 212 -22.48 44.20 -8.92
CA LEU D 212 -23.58 43.71 -8.08
C LEU D 212 -24.74 43.17 -8.91
N VAL D 213 -25.51 42.25 -8.33
CA VAL D 213 -26.80 41.80 -8.88
C VAL D 213 -27.79 42.97 -8.89
N LYS D 214 -28.53 43.17 -9.99
CA LYS D 214 -29.61 44.16 -10.11
C LYS D 214 -30.94 43.47 -10.42
N LYS D 215 -31.98 43.80 -9.64
CA LYS D 215 -33.29 43.14 -9.66
C LYS D 215 -33.97 43.23 -11.03
N GLU D 225 -22.17 51.57 -8.48
CA GLU D 225 -20.92 51.12 -7.86
C GLU D 225 -20.08 50.26 -8.83
N ASN D 226 -18.76 50.38 -8.74
CA ASN D 226 -17.78 49.60 -9.50
C ASN D 226 -16.50 49.38 -8.68
N PHE D 227 -15.74 48.34 -8.99
CA PHE D 227 -14.55 47.96 -8.24
C PHE D 227 -13.31 48.79 -8.59
N ALA D 228 -12.56 49.22 -7.57
CA ALA D 228 -11.14 49.45 -7.71
C ALA D 228 -10.45 48.09 -7.76
N ILE D 229 -9.39 47.94 -8.56
CA ILE D 229 -8.68 46.67 -8.67
C ILE D 229 -7.26 46.84 -8.14
N VAL D 230 -6.81 45.97 -7.24
CA VAL D 230 -5.39 45.90 -6.88
C VAL D 230 -4.87 44.55 -7.31
N PHE D 231 -3.83 44.57 -8.13
CA PHE D 231 -3.32 43.39 -8.81
C PHE D 231 -1.86 43.14 -8.41
N ALA D 232 -1.58 41.98 -7.83
CA ALA D 232 -0.22 41.54 -7.49
C ALA D 232 0.21 40.37 -8.37
N ALA D 233 1.35 40.52 -9.03
CA ALA D 233 2.03 39.44 -9.71
C ALA D 233 3.29 39.03 -8.96
N MET D 234 3.39 37.74 -8.61
CA MET D 234 4.62 37.15 -8.10
C MET D 234 5.10 36.10 -9.11
N GLY D 235 6.29 36.29 -9.70
CA GLY D 235 6.92 35.28 -10.54
C GLY D 235 6.21 34.94 -11.84
N VAL D 236 5.41 35.85 -12.40
CA VAL D 236 4.74 35.63 -13.70
C VAL D 236 5.70 35.79 -14.88
N ASN D 237 5.45 35.15 -16.01
CA ASN D 237 6.18 35.44 -17.24
C ASN D 237 5.76 36.78 -17.86
N MET D 238 6.58 37.32 -18.76
CA MET D 238 6.31 38.61 -19.42
C MET D 238 5.01 38.60 -20.21
N GLU D 239 4.64 37.47 -20.82
CA GLU D 239 3.38 37.32 -21.55
C GLU D 239 2.16 37.46 -20.64
N THR D 240 2.19 36.95 -19.41
CA THR D 240 1.12 37.13 -18.43
C THR D 240 1.01 38.58 -17.99
N ALA D 241 2.14 39.23 -17.71
CA ALA D 241 2.14 40.64 -17.32
C ALA D 241 1.59 41.53 -18.43
N ARG D 242 1.97 41.26 -19.69
CA ARG D 242 1.45 41.95 -20.87
C ARG D 242 -0.05 41.70 -21.05
N PHE D 243 -0.52 40.47 -20.90
CA PHE D 243 -1.93 40.11 -21.07
C PHE D 243 -2.86 40.90 -20.16
N PHE D 244 -2.62 40.88 -18.84
CA PHE D 244 -3.44 41.65 -17.90
C PHE D 244 -3.35 43.15 -18.15
N LYS D 245 -2.15 43.70 -18.27
CA LYS D 245 -1.94 45.14 -18.45
C LYS D 245 -2.62 45.65 -19.72
N SER D 246 -2.47 44.92 -20.81
CA SER D 246 -3.13 45.19 -22.08
C SER D 246 -4.65 45.12 -21.97
N ASP D 247 -5.21 44.14 -21.27
CA ASP D 247 -6.65 44.06 -21.08
C ASP D 247 -7.24 45.21 -20.24
N PHE D 248 -6.54 45.72 -19.23
CA PHE D 248 -6.99 46.91 -18.50
C PHE D 248 -6.92 48.18 -19.37
N GLU D 249 -5.89 48.32 -20.20
CA GLU D 249 -5.79 49.41 -21.17
C GLU D 249 -6.91 49.34 -22.22
N GLU D 250 -7.22 48.14 -22.73
CA GLU D 250 -8.23 47.92 -23.79
C GLU D 250 -9.66 47.97 -23.26
N ASN D 251 -9.91 47.52 -22.04
CA ASN D 251 -11.18 47.74 -21.33
C ASN D 251 -11.39 49.22 -20.96
N GLY D 252 -10.37 50.07 -21.07
CA GLY D 252 -10.41 51.50 -20.78
C GLY D 252 -10.46 51.86 -19.29
N SER D 253 -10.34 50.88 -18.39
CA SER D 253 -10.46 51.03 -16.94
C SER D 253 -9.11 51.16 -16.21
N MET D 254 -8.00 51.39 -16.93
CA MET D 254 -6.67 51.39 -16.32
C MET D 254 -6.45 52.48 -15.25
N ASP D 255 -7.31 53.49 -15.18
CA ASP D 255 -7.26 54.55 -14.16
C ASP D 255 -7.85 54.12 -12.81
N ASN D 256 -8.48 52.95 -12.71
CA ASN D 256 -9.06 52.40 -11.48
C ASN D 256 -8.38 51.11 -11.02
N VAL D 257 -7.17 50.84 -11.49
CA VAL D 257 -6.35 49.69 -11.09
C VAL D 257 -4.98 50.12 -10.58
N CYS D 258 -4.45 49.41 -9.60
CA CYS D 258 -3.07 49.51 -9.14
C CYS D 258 -2.35 48.18 -9.40
N LEU D 259 -1.22 48.19 -10.11
CA LEU D 259 -0.45 46.99 -10.41
C LEU D 259 0.88 46.97 -9.65
N PHE D 260 1.17 45.85 -8.98
CA PHE D 260 2.49 45.51 -8.47
C PHE D 260 2.99 44.28 -9.23
N LEU D 261 4.07 44.41 -9.98
CA LEU D 261 4.59 43.35 -10.83
C LEU D 261 5.97 42.88 -10.39
N ASN D 262 6.08 41.62 -9.99
CA ASN D 262 7.32 40.88 -9.91
C ASN D 262 7.25 39.74 -10.94
N LEU D 263 8.19 39.70 -11.88
CA LEU D 263 8.23 38.73 -12.97
C LEU D 263 9.23 37.60 -12.69
N ALA D 264 9.23 36.53 -13.48
CA ALA D 264 10.06 35.35 -13.28
C ALA D 264 11.58 35.60 -13.36
N ASN D 265 12.01 36.74 -13.91
CA ASN D 265 13.39 37.22 -13.91
C ASN D 265 13.70 38.21 -12.77
N ASP D 266 12.70 38.72 -12.05
CA ASP D 266 12.88 39.55 -10.85
C ASP D 266 13.26 38.71 -9.62
N PRO D 267 13.88 39.30 -8.58
CA PRO D 267 14.34 38.56 -7.42
C PRO D 267 13.21 37.81 -6.69
N THR D 268 13.49 36.63 -6.16
CA THR D 268 12.47 35.81 -5.50
C THR D 268 12.06 36.37 -4.14
N ILE D 269 12.94 37.07 -3.43
CA ILE D 269 12.69 37.48 -2.06
C ILE D 269 11.77 38.72 -1.97
N GLU D 270 11.64 39.52 -3.04
CA GLU D 270 10.60 40.55 -3.12
C GLU D 270 9.17 39.97 -3.03
N ARG D 271 8.97 38.71 -3.40
CA ARG D 271 7.67 38.06 -3.35
C ARG D 271 7.16 37.95 -1.92
N ILE D 272 8.05 37.94 -0.93
CA ILE D 272 7.65 37.92 0.47
C ILE D 272 6.82 39.17 0.82
N ILE D 273 7.15 40.32 0.26
CA ILE D 273 6.50 41.61 0.56
C ILE D 273 5.48 42.02 -0.49
N THR D 274 5.50 41.46 -1.70
CA THR D 274 4.60 41.90 -2.77
C THR D 274 3.11 41.80 -2.40
N PRO D 275 2.58 40.68 -1.87
CA PRO D 275 1.17 40.61 -1.48
C PRO D 275 0.82 41.60 -0.38
N ARG D 276 1.76 41.85 0.53
CA ARG D 276 1.59 42.72 1.67
C ARG D 276 1.56 44.19 1.25
N LEU D 277 2.32 44.60 0.24
CA LEU D 277 2.19 45.93 -0.37
C LEU D 277 0.83 46.11 -1.07
N ALA D 278 0.39 45.12 -1.84
CA ALA D 278 -0.94 45.13 -2.45
C ALA D 278 -2.07 45.24 -1.43
N LEU D 279 -2.06 44.44 -0.37
CA LEU D 279 -3.10 44.46 0.67
C LEU D 279 -3.04 45.70 1.55
N THR D 280 -1.87 46.26 1.82
CA THR D 280 -1.76 47.53 2.53
C THR D 280 -2.31 48.71 1.73
N THR D 281 -2.20 48.65 0.41
CA THR D 281 -2.83 49.61 -0.51
C THR D 281 -4.34 49.45 -0.53
N ALA D 282 -4.85 48.21 -0.60
CA ALA D 282 -6.28 47.93 -0.58
C ALA D 282 -6.96 48.37 0.74
N GLU D 283 -6.32 48.17 1.89
CA GLU D 283 -6.85 48.62 3.18
C GLU D 283 -6.95 50.14 3.29
N PHE D 284 -6.01 50.91 2.74
CA PHE D 284 -6.15 52.37 2.69
C PHE D 284 -7.35 52.78 1.83
N LEU D 285 -7.45 52.26 0.60
CA LEU D 285 -8.54 52.54 -0.31
C LEU D 285 -9.90 52.12 0.26
N ALA D 286 -10.01 50.96 0.90
CA ALA D 286 -11.26 50.44 1.42
C ALA D 286 -11.68 51.08 2.74
N TYR D 287 -10.77 51.19 3.70
CA TYR D 287 -11.11 51.55 5.09
C TYR D 287 -10.79 52.99 5.46
N GLN D 288 -10.20 53.78 4.56
CA GLN D 288 -10.03 55.22 4.75
C GLN D 288 -10.67 56.03 3.64
N CYS D 289 -10.53 55.61 2.37
CA CYS D 289 -11.18 56.27 1.22
C CYS D 289 -12.54 55.65 0.81
N GLU D 290 -13.06 54.68 1.56
CA GLU D 290 -14.39 54.08 1.36
C GLU D 290 -14.67 53.55 -0.06
N LYS D 291 -13.68 52.93 -0.72
CA LYS D 291 -13.87 52.23 -2.00
C LYS D 291 -14.28 50.77 -1.80
N HIS D 292 -14.80 50.15 -2.85
CA HIS D 292 -14.96 48.69 -2.94
C HIS D 292 -13.82 48.14 -3.81
N VAL D 293 -12.98 47.30 -3.23
CA VAL D 293 -11.72 46.84 -3.84
C VAL D 293 -11.80 45.35 -4.15
N LEU D 294 -11.41 44.97 -5.35
CA LEU D 294 -11.17 43.58 -5.73
C LEU D 294 -9.66 43.37 -5.86
N VAL D 295 -9.13 42.42 -5.08
CA VAL D 295 -7.69 42.16 -4.99
C VAL D 295 -7.36 40.83 -5.62
N ILE D 296 -6.43 40.80 -6.58
CA ILE D 296 -6.00 39.61 -7.29
C ILE D 296 -4.53 39.29 -6.97
N LEU D 297 -4.24 38.09 -6.46
CA LEU D 297 -2.89 37.64 -6.08
C LEU D 297 -2.50 36.44 -6.94
N THR D 298 -1.79 36.67 -8.06
CA THR D 298 -1.89 35.76 -9.22
C THR D 298 -1.04 34.49 -9.22
N ASP D 299 -0.07 34.30 -8.33
CA ASP D 299 0.37 32.93 -8.04
C ASP D 299 0.85 32.74 -6.61
N MET D 300 -0.04 32.32 -5.72
CA MET D 300 0.35 32.00 -4.36
C MET D 300 1.29 30.80 -4.27
N SER D 301 1.43 30.00 -5.33
CA SER D 301 2.44 28.95 -5.36
C SER D 301 3.85 29.51 -5.47
N SER D 302 4.06 30.63 -6.19
CA SER D 302 5.39 31.24 -6.28
C SER D 302 5.74 31.99 -4.99
N TYR D 303 4.74 32.54 -4.29
CA TYR D 303 4.89 33.08 -2.95
C TYR D 303 5.37 32.01 -1.96
N ALA D 304 4.72 30.84 -1.95
CA ALA D 304 5.08 29.73 -1.09
C ALA D 304 6.47 29.17 -1.38
N GLU D 305 6.88 29.14 -2.64
CA GLU D 305 8.23 28.72 -3.05
C GLU D 305 9.31 29.67 -2.53
N ALA D 306 9.08 30.99 -2.53
CA ALA D 306 10.01 31.96 -1.94
C ALA D 306 10.14 31.82 -0.42
N LEU D 307 9.07 31.48 0.28
CA LEU D 307 9.11 31.16 1.70
C LEU D 307 9.96 29.93 1.99
N ARG D 308 9.86 28.90 1.15
CA ARG D 308 10.71 27.71 1.24
C ARG D 308 12.18 28.02 0.96
N GLU D 309 12.53 28.93 0.05
CA GLU D 309 13.93 29.35 -0.14
C GLU D 309 14.54 29.95 1.13
N VAL D 310 13.84 30.87 1.81
CA VAL D 310 14.33 31.52 3.03
C VAL D 310 14.38 30.55 4.21
N SER D 311 13.34 29.74 4.40
CA SER D 311 13.29 28.79 5.52
C SER D 311 14.36 27.71 5.41
N ALA D 312 14.62 27.21 4.20
CA ALA D 312 15.73 26.30 3.93
C ALA D 312 17.09 26.96 4.19
N ALA D 313 17.29 28.21 3.77
CA ALA D 313 18.54 28.93 4.01
C ALA D 313 18.81 29.18 5.49
N ARG D 314 17.76 29.43 6.29
CA ARG D 314 17.83 29.56 7.75
C ARG D 314 17.99 28.24 8.51
N GLU D 315 17.94 27.10 7.81
CA GLU D 315 18.12 25.76 8.36
C GLU D 315 17.10 25.40 9.46
N GLU D 316 15.85 25.83 9.27
CA GLU D 316 14.73 25.55 10.17
C GLU D 316 14.18 24.12 10.03
N VAL D 317 13.42 23.63 11.02
CA VAL D 317 12.75 22.32 10.96
C VAL D 317 11.62 22.34 9.91
N PRO D 318 11.68 21.56 8.82
CA PRO D 318 10.71 21.62 7.74
C PRO D 318 9.31 21.15 8.14
N GLY D 319 8.31 21.70 7.47
CA GLY D 319 6.97 21.14 7.38
C GLY D 319 6.89 20.09 6.27
N ARG D 320 5.68 19.85 5.77
CA ARG D 320 5.45 18.94 4.64
C ARG D 320 6.11 19.47 3.38
N ARG D 321 6.66 18.58 2.54
CA ARG D 321 7.28 18.91 1.24
C ARG D 321 8.38 19.98 1.32
N GLY D 322 9.01 20.12 2.48
CA GLY D 322 10.09 21.09 2.73
C GLY D 322 9.62 22.52 3.04
N PHE D 323 8.33 22.85 2.93
CA PHE D 323 7.80 24.18 3.22
C PHE D 323 7.94 24.55 4.71
N PRO D 324 7.87 25.84 5.09
CA PRO D 324 8.03 26.24 6.48
C PRO D 324 6.95 25.64 7.40
N GLY D 325 7.30 25.29 8.64
CA GLY D 325 6.32 24.78 9.61
C GLY D 325 5.27 25.80 10.05
N TYR D 326 5.52 27.09 9.80
CA TYR D 326 4.64 28.24 10.04
C TYR D 326 3.85 28.72 8.82
N MET D 327 3.83 27.97 7.71
CA MET D 327 3.20 28.41 6.46
C MET D 327 1.69 28.66 6.57
N TYR D 328 0.95 27.90 7.39
CA TYR D 328 -0.47 28.17 7.61
C TYR D 328 -0.67 29.58 8.19
N THR D 329 0.06 29.89 9.25
CA THR D 329 0.02 31.18 9.93
C THR D 329 0.47 32.30 9.00
N ASP D 330 1.49 32.09 8.17
CA ASP D 330 1.91 33.08 7.18
C ASP D 330 0.83 33.36 6.13
N LEU D 331 0.29 32.33 5.46
CA LEU D 331 -0.78 32.49 4.48
C LEU D 331 -2.04 33.09 5.09
N ALA D 332 -2.38 32.78 6.35
CA ALA D 332 -3.50 33.39 7.02
C ALA D 332 -3.35 34.91 7.21
N THR D 333 -2.14 35.42 7.45
CA THR D 333 -1.90 36.88 7.50
C THR D 333 -2.01 37.57 6.15
N ILE D 334 -2.12 36.84 5.05
CA ILE D 334 -2.41 37.39 3.71
C ILE D 334 -3.91 37.26 3.43
N TYR D 335 -4.46 36.06 3.55
CA TYR D 335 -5.84 35.80 3.18
C TYR D 335 -6.88 36.44 4.11
N GLU D 336 -6.60 36.64 5.40
CA GLU D 336 -7.62 37.19 6.31
C GLU D 336 -7.74 38.73 6.22
N ARG D 337 -6.90 39.40 5.43
CA ARG D 337 -6.96 40.84 5.12
C ARG D 337 -8.00 41.12 4.04
N ALA D 338 -9.27 40.89 4.38
CA ALA D 338 -10.42 41.07 3.50
C ALA D 338 -11.72 41.21 4.32
N GLY D 339 -12.80 41.68 3.70
CA GLY D 339 -14.10 41.81 4.33
C GLY D 339 -14.59 43.25 4.46
N ARG D 340 -15.53 43.45 5.38
CA ARG D 340 -16.25 44.70 5.66
C ARG D 340 -16.13 45.05 7.15
N VAL D 341 -16.09 46.33 7.49
CA VAL D 341 -15.97 46.78 8.90
C VAL D 341 -17.11 47.71 9.30
N GLU D 342 -17.43 47.74 10.59
CA GLU D 342 -18.56 48.46 11.14
C GLU D 342 -18.44 49.99 10.95
N GLY D 343 -19.42 50.60 10.29
CA GLY D 343 -19.51 52.04 10.13
C GLY D 343 -18.63 52.67 9.03
N ARG D 344 -17.94 51.87 8.20
CA ARG D 344 -17.18 52.35 7.03
C ARG D 344 -17.76 51.77 5.74
N ASN D 345 -18.09 52.61 4.77
CA ASN D 345 -18.78 52.22 3.54
C ASN D 345 -17.80 51.75 2.43
N GLY D 346 -16.99 50.74 2.71
CA GLY D 346 -16.04 50.14 1.77
C GLY D 346 -15.81 48.66 2.05
N SER D 347 -15.16 47.94 1.13
CA SER D 347 -14.92 46.50 1.28
C SER D 347 -13.70 46.03 0.51
N ILE D 348 -13.10 44.91 0.92
CA ILE D 348 -12.05 44.21 0.15
C ILE D 348 -12.54 42.80 -0.15
N THR D 349 -12.55 42.40 -1.41
CA THR D 349 -12.76 41.01 -1.84
C THR D 349 -11.46 40.47 -2.39
N GLN D 350 -11.01 39.28 -1.97
CA GLN D 350 -9.80 38.66 -2.48
C GLN D 350 -10.09 37.51 -3.41
N ILE D 351 -9.39 37.46 -4.54
CA ILE D 351 -9.29 36.29 -5.41
C ILE D 351 -7.81 35.95 -5.58
N PRO D 352 -7.24 35.10 -4.72
CA PRO D 352 -5.94 34.50 -4.97
C PRO D 352 -6.01 33.52 -6.13
N ILE D 353 -4.88 33.20 -6.74
CA ILE D 353 -4.79 32.14 -7.76
C ILE D 353 -3.65 31.22 -7.41
N LEU D 354 -3.86 29.91 -7.52
CA LEU D 354 -2.88 28.88 -7.24
C LEU D 354 -2.66 28.03 -8.49
N THR D 355 -1.43 27.59 -8.70
CA THR D 355 -1.10 26.46 -9.57
C THR D 355 -0.73 25.28 -8.70
N MET D 356 -1.46 24.17 -8.79
CA MET D 356 -1.25 22.94 -8.04
C MET D 356 -0.16 22.09 -8.71
N PRO D 357 1.00 21.84 -8.07
CA PRO D 357 2.04 21.01 -8.68
C PRO D 357 1.55 19.57 -8.83
N ASN D 358 1.77 18.98 -10.01
CA ASN D 358 1.22 17.68 -10.41
C ASN D 358 -0.32 17.57 -10.28
N ASP D 359 -1.03 18.70 -10.40
CA ASP D 359 -2.49 18.85 -10.26
C ASP D 359 -3.07 18.37 -8.90
N ASP D 360 -2.25 18.21 -7.86
CA ASP D 360 -2.64 17.59 -6.60
C ASP D 360 -3.19 18.59 -5.56
N ILE D 361 -4.50 18.55 -5.29
CA ILE D 361 -5.16 19.40 -4.29
C ILE D 361 -4.75 19.08 -2.85
N THR D 362 -4.09 17.94 -2.59
CA THR D 362 -3.63 17.56 -1.25
C THR D 362 -2.21 18.06 -0.95
N HIS D 363 -1.54 18.70 -1.90
CA HIS D 363 -0.27 19.40 -1.71
C HIS D 363 -0.42 20.51 -0.65
N PRO D 364 0.59 20.82 0.19
CA PRO D 364 0.47 21.83 1.23
C PRO D 364 -0.10 23.19 0.78
N ILE D 365 0.24 23.70 -0.41
CA ILE D 365 -0.19 25.04 -0.83
C ILE D 365 -1.72 25.13 -1.00
N PRO D 366 -2.39 24.31 -1.83
CA PRO D 366 -3.84 24.27 -1.90
C PRO D 366 -4.51 23.71 -0.63
N ASP D 367 -3.90 22.75 0.05
CA ASP D 367 -4.43 22.15 1.26
C ASP D 367 -4.60 23.18 2.39
N LEU D 368 -3.55 23.92 2.76
CA LEU D 368 -3.62 25.00 3.74
C LEU D 368 -4.55 26.12 3.28
N THR D 369 -4.54 26.47 2.00
CA THR D 369 -5.38 27.54 1.48
C THR D 369 -6.88 27.25 1.64
N GLY D 370 -7.29 25.99 1.51
CA GLY D 370 -8.69 25.60 1.70
C GLY D 370 -9.18 25.73 3.13
N TYR D 371 -8.28 25.62 4.12
CA TYR D 371 -8.59 25.80 5.55
C TYR D 371 -8.73 27.25 5.99
N ILE D 372 -8.46 28.22 5.11
CA ILE D 372 -8.50 29.65 5.41
C ILE D 372 -9.54 30.37 4.55
N THR D 373 -9.61 30.06 3.26
CA THR D 373 -10.50 30.75 2.32
C THR D 373 -11.92 30.19 2.36
N GLU D 374 -12.91 30.97 1.93
CA GLU D 374 -14.33 30.61 1.98
C GLU D 374 -14.78 29.84 0.72
N GLY D 375 -14.11 28.75 0.40
CA GLY D 375 -14.35 27.94 -0.79
C GLY D 375 -13.18 27.94 -1.77
N GLN D 376 -13.38 27.44 -2.98
CA GLN D 376 -12.44 27.50 -4.09
C GLN D 376 -13.18 27.36 -5.41
N ILE D 377 -12.61 27.87 -6.50
CA ILE D 377 -13.06 27.59 -7.86
C ILE D 377 -11.99 26.70 -8.49
N TYR D 378 -12.36 25.52 -8.95
CA TYR D 378 -11.42 24.53 -9.41
C TYR D 378 -11.40 24.46 -10.93
N VAL D 379 -10.25 24.67 -11.56
CA VAL D 379 -10.07 24.67 -13.02
C VAL D 379 -9.42 23.36 -13.43
N ASP D 380 -10.03 22.65 -14.38
CA ASP D 380 -9.81 21.22 -14.61
C ASP D 380 -9.23 20.94 -16.01
N ARG D 381 -8.10 20.24 -16.03
CA ARG D 381 -7.43 19.76 -17.24
C ARG D 381 -8.32 18.83 -18.08
N GLN D 382 -9.20 18.05 -17.46
CA GLN D 382 -10.13 17.18 -18.18
C GLN D 382 -11.10 17.99 -19.06
N LEU D 383 -11.64 19.08 -18.54
CA LEU D 383 -12.52 19.98 -19.29
C LEU D 383 -11.73 20.78 -20.33
N HIS D 384 -10.53 21.23 -19.99
CA HIS D 384 -9.65 21.97 -20.91
C HIS D 384 -9.19 21.12 -22.10
N ASN D 385 -8.84 19.86 -21.90
CA ASN D 385 -8.51 18.90 -22.96
C ASN D 385 -9.70 18.61 -23.91
N ARG D 386 -10.94 18.81 -23.44
CA ARG D 386 -12.18 18.74 -24.23
C ARG D 386 -12.58 20.08 -24.87
N GLN D 387 -11.75 21.11 -24.75
CA GLN D 387 -12.00 22.50 -25.18
C GLN D 387 -13.29 23.11 -24.64
N ILE D 388 -13.71 22.73 -23.44
CA ILE D 388 -14.72 23.46 -22.66
C ILE D 388 -14.03 24.69 -22.06
N TYR D 389 -14.65 25.87 -22.16
CA TYR D 389 -14.21 27.08 -21.47
C TYR D 389 -15.43 27.85 -20.91
N PRO D 390 -15.41 28.31 -19.64
CA PRO D 390 -14.42 28.03 -18.59
C PRO D 390 -14.25 26.55 -18.22
N PRO D 391 -13.03 26.02 -18.00
CA PRO D 391 -12.82 24.64 -17.56
C PRO D 391 -13.15 24.38 -16.08
N ILE D 392 -14.17 25.04 -15.52
CA ILE D 392 -14.48 24.97 -14.08
C ILE D 392 -15.17 23.63 -13.77
N ASN D 393 -14.61 22.82 -12.87
CA ASN D 393 -15.27 21.63 -12.37
C ASN D 393 -16.08 21.96 -11.13
N VAL D 394 -17.39 21.87 -11.24
CA VAL D 394 -18.31 22.27 -10.17
C VAL D 394 -18.29 21.34 -8.96
N LEU D 395 -17.79 20.11 -9.07
CA LEU D 395 -17.79 19.15 -7.97
C LEU D 395 -16.80 19.50 -6.84
N PRO D 396 -15.48 19.69 -7.10
CA PRO D 396 -14.54 20.17 -6.09
C PRO D 396 -14.62 21.67 -5.80
N SER D 397 -15.25 22.48 -6.66
CA SER D 397 -15.51 23.89 -6.37
C SER D 397 -16.49 24.07 -5.23
N LEU D 398 -16.34 25.15 -4.46
CA LEU D 398 -17.22 25.51 -3.34
C LEU D 398 -17.25 27.03 -3.17
N SER D 399 -18.37 27.58 -2.67
CA SER D 399 -18.42 28.89 -2.02
C SER D 399 -19.07 28.74 -0.65
N ARG D 400 -18.39 29.14 0.43
CA ARG D 400 -18.89 28.99 1.82
C ARG D 400 -19.83 30.10 2.28
N LEU D 401 -19.93 31.20 1.51
CA LEU D 401 -20.78 32.35 1.82
C LEU D 401 -22.00 32.49 0.90
N MET D 402 -22.22 31.60 -0.07
CA MET D 402 -23.39 31.73 -0.97
C MET D 402 -24.74 31.49 -0.29
N LYS D 403 -24.77 30.64 0.76
CA LYS D 403 -26.00 30.22 1.46
C LYS D 403 -26.89 31.37 1.96
N SER D 404 -26.29 32.54 2.17
CA SER D 404 -26.90 33.75 2.70
C SER D 404 -26.90 34.92 1.71
N ALA D 405 -26.17 34.82 0.59
CA ALA D 405 -26.10 35.84 -0.45
C ALA D 405 -27.16 35.67 -1.56
N ILE D 406 -27.84 34.53 -1.61
CA ILE D 406 -28.86 34.18 -2.63
C ILE D 406 -30.26 34.08 -2.02
N GLY D 407 -31.28 33.95 -2.86
CA GLY D 407 -32.67 33.66 -2.46
C GLY D 407 -33.61 34.84 -2.67
N GLU D 408 -34.79 34.81 -2.04
CA GLU D 408 -35.81 35.85 -2.24
C GLU D 408 -35.30 37.25 -1.85
N GLY D 409 -35.50 38.23 -2.72
CA GLY D 409 -35.00 39.60 -2.57
C GLY D 409 -33.49 39.77 -2.81
N MET D 410 -32.69 38.74 -2.55
CA MET D 410 -31.25 38.72 -2.82
C MET D 410 -30.94 38.47 -4.30
N THR D 411 -31.53 37.41 -4.87
CA THR D 411 -31.42 36.98 -6.27
C THR D 411 -32.80 36.57 -6.80
N ARG D 412 -33.20 35.30 -6.64
CA ARG D 412 -34.52 34.73 -6.91
C ARG D 412 -34.74 33.52 -6.00
N LYS D 413 -35.99 33.18 -5.67
CA LYS D 413 -36.33 32.17 -4.64
C LYS D 413 -35.93 30.72 -4.97
N ASP D 414 -35.77 30.38 -6.24
CA ASP D 414 -35.40 29.06 -6.72
C ASP D 414 -33.88 28.79 -6.73
N HIS D 415 -33.05 29.82 -6.53
CA HIS D 415 -31.60 29.75 -6.73
C HIS D 415 -30.95 28.58 -5.97
N ALA D 416 -31.25 28.42 -4.69
CA ALA D 416 -30.71 27.32 -3.89
C ALA D 416 -31.15 25.93 -4.38
N ASP D 417 -32.39 25.80 -4.85
CA ASP D 417 -32.98 24.52 -5.24
C ASP D 417 -32.41 24.04 -6.58
N VAL D 418 -32.33 24.95 -7.55
CA VAL D 418 -31.66 24.72 -8.84
C VAL D 418 -30.19 24.37 -8.62
N SER D 419 -29.49 25.13 -7.77
CA SER D 419 -28.08 24.90 -7.46
C SER D 419 -27.84 23.51 -6.89
N ASN D 420 -28.63 23.09 -5.89
CA ASN D 420 -28.53 21.75 -5.33
C ASN D 420 -28.87 20.66 -6.34
N GLN D 421 -29.95 20.82 -7.12
CA GLN D 421 -30.38 19.78 -8.04
C GLN D 421 -29.41 19.62 -9.22
N LEU D 422 -28.89 20.70 -9.80
CA LEU D 422 -27.86 20.62 -10.84
C LEU D 422 -26.60 19.93 -10.32
N TYR D 423 -26.14 20.26 -9.10
CA TYR D 423 -24.98 19.60 -8.49
C TYR D 423 -25.22 18.08 -8.33
N ALA D 424 -26.36 17.70 -7.77
CA ALA D 424 -26.72 16.29 -7.57
C ALA D 424 -26.79 15.52 -8.89
N CYS D 425 -27.40 16.09 -9.93
CA CYS D 425 -27.47 15.44 -11.24
C CYS D 425 -26.11 15.27 -11.88
N TYR D 426 -25.22 16.26 -11.79
CA TYR D 426 -23.88 16.16 -12.36
C TYR D 426 -23.04 15.12 -11.61
N ALA D 427 -23.15 15.04 -10.28
CA ALA D 427 -22.51 13.99 -9.50
C ALA D 427 -23.01 12.58 -9.90
N ILE D 428 -24.32 12.38 -10.03
CA ILE D 428 -24.90 11.11 -10.49
C ILE D 428 -24.50 10.81 -11.95
N GLY D 429 -24.50 11.81 -12.83
CA GLY D 429 -24.06 11.66 -14.22
C GLY D 429 -22.62 11.16 -14.33
N LYS D 430 -21.69 11.68 -13.52
CA LYS D 430 -20.31 11.16 -13.46
C LYS D 430 -20.26 9.72 -12.95
N ASP D 431 -21.07 9.35 -11.96
CA ASP D 431 -21.16 7.96 -11.47
C ASP D 431 -21.73 7.00 -12.52
N VAL D 432 -22.74 7.41 -13.28
CA VAL D 432 -23.27 6.66 -14.44
C VAL D 432 -22.20 6.52 -15.53
N GLN D 433 -21.51 7.60 -15.87
CA GLN D 433 -20.49 7.60 -16.92
C GLN D 433 -19.32 6.66 -16.59
N ALA D 434 -18.87 6.65 -15.33
CA ALA D 434 -17.83 5.74 -14.86
C ALA D 434 -18.24 4.26 -14.90
N MET D 435 -19.52 3.95 -14.69
CA MET D 435 -20.07 2.59 -14.87
C MET D 435 -20.13 2.23 -16.35
N LYS D 436 -20.72 3.10 -17.18
CA LYS D 436 -20.94 2.88 -18.62
C LYS D 436 -19.64 2.58 -19.35
N ALA D 437 -18.55 3.24 -18.99
CA ALA D 437 -17.23 3.01 -19.56
C ALA D 437 -16.72 1.55 -19.42
N VAL D 438 -17.26 0.79 -18.46
CA VAL D 438 -17.00 -0.66 -18.32
C VAL D 438 -18.07 -1.47 -19.05
N VAL D 439 -19.35 -1.33 -18.68
CA VAL D 439 -20.41 -2.25 -19.11
C VAL D 439 -20.95 -2.00 -20.53
N GLY D 440 -20.69 -0.85 -21.13
CA GLY D 440 -21.25 -0.45 -22.43
C GLY D 440 -22.74 -0.03 -22.37
N GLU D 441 -23.18 0.76 -23.34
CA GLU D 441 -24.48 1.45 -23.29
C GLU D 441 -25.70 0.52 -23.18
N GLU D 442 -25.66 -0.72 -23.71
CA GLU D 442 -26.79 -1.64 -23.67
C GLU D 442 -27.21 -2.05 -22.24
N ALA D 443 -26.34 -1.91 -21.25
CA ALA D 443 -26.64 -2.20 -19.85
C ALA D 443 -27.39 -1.05 -19.12
N LEU D 444 -27.37 0.18 -19.64
CA LEU D 444 -27.97 1.34 -18.99
C LEU D 444 -29.50 1.32 -19.08
N THR D 445 -30.15 1.84 -18.04
CA THR D 445 -31.60 2.12 -18.04
C THR D 445 -31.91 3.42 -18.77
N SER D 446 -33.19 3.67 -19.08
CA SER D 446 -33.63 4.97 -19.58
C SER D 446 -33.26 6.10 -18.61
N ASP D 447 -33.37 5.88 -17.30
CA ASP D 447 -32.96 6.85 -16.28
C ASP D 447 -31.47 7.18 -16.36
N ASP D 448 -30.60 6.17 -16.54
CA ASP D 448 -29.17 6.41 -16.72
C ASP D 448 -28.88 7.24 -17.97
N LEU D 449 -29.62 7.00 -19.06
CA LEU D 449 -29.49 7.80 -20.26
C LEU D 449 -30.00 9.24 -20.07
N LEU D 450 -30.97 9.49 -19.19
CA LEU D 450 -31.35 10.87 -18.84
C LEU D 450 -30.20 11.60 -18.13
N TYR D 451 -29.53 10.97 -17.16
CA TYR D 451 -28.37 11.56 -16.51
C TYR D 451 -27.21 11.78 -17.47
N LEU D 452 -26.97 10.84 -18.40
CA LEU D 452 -25.90 10.93 -19.38
C LEU D 452 -26.17 12.03 -20.44
N GLU D 453 -27.43 12.20 -20.84
CA GLU D 453 -27.85 13.33 -21.67
C GLU D 453 -27.72 14.66 -20.91
N PHE D 454 -28.20 14.72 -19.67
CA PHE D 454 -28.06 15.92 -18.84
C PHE D 454 -26.60 16.32 -18.72
N LEU D 455 -25.69 15.39 -18.46
CA LEU D 455 -24.28 15.69 -18.29
C LEU D 455 -23.65 16.31 -19.54
N GLN D 456 -23.94 15.78 -20.72
CA GLN D 456 -23.48 16.36 -21.99
C GLN D 456 -24.08 17.76 -22.20
N LYS D 457 -25.39 17.91 -21.98
CA LYS D 457 -26.10 19.19 -22.17
C LYS D 457 -25.63 20.26 -21.18
N PHE D 458 -25.36 19.89 -19.94
CA PHE D 458 -24.87 20.76 -18.87
C PHE D 458 -23.49 21.33 -19.19
N GLU D 459 -22.56 20.50 -19.65
CA GLU D 459 -21.24 20.98 -20.09
C GLU D 459 -21.29 21.86 -21.35
N LYS D 460 -22.13 21.51 -22.34
CA LYS D 460 -22.30 22.30 -23.57
C LYS D 460 -23.01 23.64 -23.34
N ASN D 461 -24.02 23.69 -22.47
CA ASN D 461 -24.88 24.87 -22.32
C ASN D 461 -24.58 25.69 -21.06
N PHE D 462 -24.49 25.06 -19.89
CA PHE D 462 -24.27 25.75 -18.63
C PHE D 462 -22.80 26.14 -18.43
N ILE D 463 -21.88 25.17 -18.41
CA ILE D 463 -20.46 25.45 -18.14
C ILE D 463 -19.79 26.19 -19.30
N THR D 464 -19.93 25.72 -20.54
CA THR D 464 -19.34 26.43 -21.70
C THR D 464 -20.00 27.79 -21.89
N GLN D 465 -19.20 28.84 -22.13
CA GLN D 465 -19.70 30.22 -22.15
C GLN D 465 -18.96 31.19 -23.09
N GLY D 466 -17.63 31.12 -23.19
CA GLY D 466 -16.82 32.04 -24.00
C GLY D 466 -16.36 33.31 -23.28
N PRO D 467 -15.25 33.96 -23.69
CA PRO D 467 -14.51 34.89 -22.82
C PRO D 467 -15.12 36.27 -22.60
N TYR D 468 -16.13 36.66 -23.39
CA TYR D 468 -16.77 37.98 -23.34
C TYR D 468 -18.29 37.93 -23.14
N GLU D 469 -18.90 36.75 -23.16
CA GLU D 469 -20.31 36.55 -22.83
C GLU D 469 -20.53 36.82 -21.34
N ASN D 470 -21.49 37.68 -20.98
CA ASN D 470 -21.74 38.13 -19.62
C ASN D 470 -23.18 37.76 -19.19
N ARG D 471 -23.39 36.52 -18.75
CA ARG D 471 -24.71 36.04 -18.34
C ARG D 471 -25.09 36.59 -16.97
N THR D 472 -26.28 37.14 -16.84
CA THR D 472 -26.85 37.47 -15.53
C THR D 472 -27.13 36.22 -14.71
N VAL D 473 -27.40 36.42 -13.42
CA VAL D 473 -27.92 35.36 -12.54
C VAL D 473 -29.21 34.78 -13.10
N TYR D 474 -30.10 35.64 -13.60
CA TYR D 474 -31.41 35.24 -14.08
C TYR D 474 -31.33 34.42 -15.36
N GLU D 475 -30.49 34.82 -16.31
CA GLU D 475 -30.15 33.99 -17.46
C GLU D 475 -29.53 32.68 -17.01
N THR D 476 -28.60 32.70 -16.07
CA THR D 476 -27.97 31.50 -15.54
C THR D 476 -28.99 30.53 -14.94
N LEU D 477 -29.91 31.01 -14.11
CA LEU D 477 -30.93 30.17 -13.47
C LEU D 477 -31.93 29.60 -14.47
N ASP D 478 -32.31 30.36 -15.50
CA ASP D 478 -33.21 29.86 -16.53
C ASP D 478 -32.53 28.85 -17.48
N ILE D 479 -31.25 29.01 -17.81
CA ILE D 479 -30.48 27.95 -18.48
C ILE D 479 -30.45 26.69 -17.58
N GLY D 480 -30.35 26.87 -16.27
CA GLY D 480 -30.49 25.80 -15.28
C GLY D 480 -31.82 25.06 -15.40
N TRP D 481 -32.96 25.76 -15.41
CA TRP D 481 -34.27 25.10 -15.60
C TRP D 481 -34.41 24.41 -16.95
N GLN D 482 -33.88 24.96 -18.04
CA GLN D 482 -33.88 24.30 -19.34
C GLN D 482 -33.14 22.95 -19.34
N LEU D 483 -32.18 22.76 -18.43
CA LEU D 483 -31.51 21.48 -18.21
C LEU D 483 -32.25 20.60 -17.21
N LEU D 484 -32.85 21.15 -16.16
CA LEU D 484 -33.67 20.35 -15.24
C LEU D 484 -34.91 19.78 -15.93
N ARG D 485 -35.40 20.44 -17.00
CA ARG D 485 -36.45 19.94 -17.90
C ARG D 485 -36.13 18.59 -18.57
N ILE D 486 -34.89 18.13 -18.58
CA ILE D 486 -34.49 16.81 -19.08
C ILE D 486 -35.13 15.67 -18.26
N PHE D 487 -35.51 15.92 -17.00
CA PHE D 487 -36.06 14.91 -16.10
C PHE D 487 -37.56 15.14 -15.80
N PRO D 488 -38.35 14.07 -15.56
CA PRO D 488 -39.66 14.20 -14.93
C PRO D 488 -39.54 14.70 -13.48
N LYS D 489 -40.56 15.37 -12.96
CA LYS D 489 -40.56 15.97 -11.61
C LYS D 489 -40.26 14.98 -10.49
N GLU D 490 -40.65 13.73 -10.64
CA GLU D 490 -40.40 12.66 -9.67
C GLU D 490 -38.89 12.37 -9.45
N MET D 491 -38.01 12.72 -10.39
CA MET D 491 -36.57 12.59 -10.23
C MET D 491 -35.89 13.83 -9.62
N LEU D 492 -36.56 14.98 -9.59
CA LEU D 492 -36.02 16.26 -9.08
C LEU D 492 -36.14 16.36 -7.56
N LYS D 493 -35.66 15.34 -6.84
CA LYS D 493 -35.95 15.10 -5.42
C LYS D 493 -35.36 16.12 -4.44
N ARG D 494 -34.35 16.90 -4.84
CA ARG D 494 -33.74 17.96 -4.00
C ARG D 494 -34.57 19.25 -4.01
N ILE D 495 -35.57 19.36 -4.88
CA ILE D 495 -36.39 20.56 -5.05
C ILE D 495 -37.75 20.38 -4.34
N PRO D 496 -38.20 21.32 -3.48
CA PRO D 496 -39.50 21.25 -2.85
C PRO D 496 -40.65 21.46 -3.85
N GLN D 497 -41.82 20.89 -3.56
CA GLN D 497 -42.95 20.87 -4.50
C GLN D 497 -43.46 22.27 -4.88
N SER D 498 -43.37 23.27 -4.00
CA SER D 498 -43.72 24.66 -4.34
C SER D 498 -42.82 25.23 -5.43
N THR D 499 -41.50 25.02 -5.36
CA THR D 499 -40.57 25.46 -6.41
C THR D 499 -40.80 24.69 -7.71
N LEU D 500 -41.01 23.38 -7.65
CA LEU D 500 -41.36 22.61 -8.85
C LEU D 500 -42.63 23.18 -9.51
N SER D 501 -43.71 23.32 -8.74
CA SER D 501 -44.99 23.82 -9.23
C SER D 501 -44.89 25.22 -9.85
N GLU D 502 -44.12 26.13 -9.25
CA GLU D 502 -43.98 27.49 -9.74
C GLU D 502 -43.06 27.63 -10.96
N PHE D 503 -41.96 26.86 -11.05
CA PHE D 503 -40.89 27.10 -12.04
C PHE D 503 -40.70 26.01 -13.09
N TYR D 504 -41.04 24.75 -12.80
CA TYR D 504 -40.88 23.65 -13.76
C TYR D 504 -41.75 23.76 -15.03
N PRO D 505 -43.03 24.14 -14.97
CA PRO D 505 -43.92 24.07 -16.14
C PRO D 505 -43.72 25.16 -17.20
N ARG D 506 -42.91 26.19 -16.93
CA ARG D 506 -42.79 27.40 -17.76
C ARG D 506 -42.51 27.09 -19.23
N ASN E 38 23.72 -6.87 52.35
CA ASN E 38 22.33 -7.02 51.87
C ASN E 38 21.71 -5.66 51.53
N TYR E 39 21.28 -4.89 52.53
CA TYR E 39 20.51 -3.65 52.35
C TYR E 39 21.34 -2.48 51.79
N LEU E 40 20.64 -1.45 51.28
CA LEU E 40 21.25 -0.31 50.56
C LEU E 40 21.94 0.69 51.50
N SER E 41 21.45 0.79 52.75
CA SER E 41 22.05 1.37 53.97
C SER E 41 22.52 2.84 53.98
N GLN E 42 23.09 3.36 52.90
CA GLN E 42 23.65 4.71 52.79
C GLN E 42 22.55 5.79 52.79
N PRO E 43 22.80 6.99 53.35
CA PRO E 43 21.84 8.08 53.31
C PRO E 43 21.71 8.66 51.90
N ARG E 44 20.56 9.26 51.58
CA ARG E 44 20.29 9.83 50.25
C ARG E 44 20.85 11.24 50.10
N LEU E 45 21.28 11.58 48.89
CA LEU E 45 21.66 12.93 48.49
C LEU E 45 20.47 13.70 47.88
N THR E 46 20.31 14.95 48.28
CA THR E 46 19.34 15.89 47.74
C THR E 46 20.06 17.06 47.09
N TYR E 47 19.77 17.37 45.83
CA TYR E 47 20.44 18.39 45.03
C TYR E 47 19.49 19.55 44.72
N LYS E 48 19.98 20.79 44.75
CA LYS E 48 19.35 21.99 44.16
C LYS E 48 20.12 22.50 42.95
N THR E 49 20.75 21.61 42.20
CA THR E 49 21.69 21.89 41.10
C THR E 49 21.06 21.74 39.71
N VAL E 50 19.76 22.04 39.56
CA VAL E 50 19.05 22.04 38.28
C VAL E 50 19.67 23.04 37.29
N SER E 51 20.24 22.54 36.19
CA SER E 51 20.82 23.31 35.10
C SER E 51 19.78 23.85 34.13
N GLY E 52 18.74 23.08 33.84
CA GLY E 52 17.77 23.42 32.81
C GLY E 52 16.54 22.54 32.83
N VAL E 53 15.49 23.02 32.18
CA VAL E 53 14.18 22.35 32.09
C VAL E 53 13.68 22.50 30.67
N ASN E 54 13.23 21.42 30.06
CA ASN E 54 12.90 21.36 28.64
C ASN E 54 11.93 20.21 28.36
N GLY E 55 10.72 20.51 27.87
CA GLY E 55 9.70 19.47 27.65
C GLY E 55 9.42 18.70 28.95
N PRO E 56 9.39 17.36 28.96
CA PRO E 56 9.20 16.57 30.17
C PRO E 56 10.47 16.42 31.04
N LEU E 57 11.61 17.01 30.65
CA LEU E 57 12.93 16.70 31.16
C LEU E 57 13.49 17.80 32.07
N VAL E 58 14.09 17.40 33.19
CA VAL E 58 14.90 18.25 34.08
C VAL E 58 16.35 17.79 34.02
N ILE E 59 17.29 18.71 33.83
CA ILE E 59 18.73 18.44 33.79
C ILE E 59 19.37 18.93 35.08
N LEU E 60 20.17 18.10 35.74
CA LEU E 60 20.94 18.42 36.94
C LEU E 60 22.43 18.22 36.68
N ASP E 61 23.28 19.03 37.33
CA ASP E 61 24.74 18.87 37.32
C ASP E 61 25.29 18.64 38.74
N HIS E 62 26.58 18.35 38.88
CA HIS E 62 27.25 18.03 40.15
C HIS E 62 26.74 16.76 40.83
N VAL E 63 26.03 15.89 40.12
CA VAL E 63 25.53 14.62 40.66
C VAL E 63 26.67 13.63 40.84
N LYS E 64 26.70 12.95 41.99
CA LYS E 64 27.77 12.03 42.41
C LYS E 64 27.55 10.63 41.82
N PHE E 65 28.46 10.16 40.97
CA PHE E 65 28.39 8.88 40.24
C PHE E 65 26.97 8.52 39.76
N PRO E 66 26.36 9.30 38.84
CA PRO E 66 24.98 9.09 38.43
C PRO E 66 24.71 7.66 37.95
N ARG E 67 23.57 7.09 38.33
CA ARG E 67 23.13 5.73 37.97
C ARG E 67 22.03 5.82 36.93
N TYR E 68 22.20 5.12 35.81
CA TYR E 68 21.19 5.07 34.76
C TYR E 68 19.90 4.39 35.22
N ALA E 69 18.75 4.90 34.80
CA ALA E 69 17.40 4.42 35.14
C ALA E 69 17.02 4.52 36.63
N GLU E 70 17.79 5.20 37.46
CA GLU E 70 17.46 5.47 38.86
C GLU E 70 16.16 6.25 39.02
N ILE E 71 15.38 5.95 40.06
CA ILE E 71 14.19 6.72 40.44
C ILE E 71 14.59 7.88 41.37
N VAL E 72 14.03 9.06 41.13
CA VAL E 72 14.26 10.27 41.92
C VAL E 72 12.94 10.94 42.30
N HIS E 73 12.93 11.65 43.42
CA HIS E 73 11.80 12.42 43.89
C HIS E 73 12.08 13.91 43.85
N LEU E 74 11.23 14.69 43.19
CA LEU E 74 11.35 16.14 43.10
C LEU E 74 10.38 16.81 44.07
N THR E 75 10.82 17.84 44.79
CA THR E 75 9.95 18.73 45.57
C THR E 75 9.96 20.11 44.94
N LEU E 76 8.80 20.62 44.58
CA LEU E 76 8.61 21.91 43.91
C LEU E 76 8.67 23.09 44.89
N PRO E 77 8.78 24.33 44.38
CA PRO E 77 8.88 25.52 45.22
C PRO E 77 7.69 25.71 46.19
N ASP E 78 6.50 25.27 45.83
CA ASP E 78 5.29 25.28 46.68
C ASP E 78 5.12 24.05 47.59
N GLY E 79 6.11 23.14 47.64
CA GLY E 79 6.06 21.91 48.43
C GLY E 79 5.35 20.72 47.76
N THR E 80 4.79 20.87 46.56
CA THR E 80 4.26 19.74 45.76
C THR E 80 5.36 18.72 45.47
N LYS E 81 5.05 17.43 45.44
CA LYS E 81 6.00 16.36 45.13
C LYS E 81 5.66 15.64 43.84
N ARG E 82 6.68 15.35 43.05
CA ARG E 82 6.64 14.63 41.77
C ARG E 82 7.74 13.59 41.74
N SER E 83 7.70 12.63 40.84
CA SER E 83 8.79 11.68 40.68
C SER E 83 9.14 11.48 39.22
N GLY E 84 10.32 10.94 39.00
CA GLY E 84 10.89 10.79 37.68
C GLY E 84 11.97 9.74 37.68
N GLN E 85 12.52 9.50 36.50
CA GLN E 85 13.52 8.49 36.26
C GLN E 85 14.67 9.06 35.44
N VAL E 86 15.90 8.71 35.77
CA VAL E 86 17.09 9.17 35.05
C VAL E 86 17.13 8.56 33.65
N LEU E 87 16.93 9.39 32.63
CA LEU E 87 16.82 9.05 31.22
C LEU E 87 18.17 8.95 30.51
N GLU E 88 19.17 9.72 30.92
CA GLU E 88 20.55 9.63 30.46
C GLU E 88 21.49 10.15 31.55
N VAL E 89 22.73 9.67 31.57
CA VAL E 89 23.82 10.20 32.40
C VAL E 89 25.06 10.48 31.57
N SER E 90 25.80 11.54 31.91
CA SER E 90 27.07 11.87 31.28
C SER E 90 27.96 12.69 32.22
N GLY E 91 29.03 12.10 32.75
CA GLY E 91 29.86 12.72 33.77
C GLY E 91 29.08 13.06 35.04
N SER E 92 29.15 14.30 35.50
CA SER E 92 28.36 14.80 36.64
C SER E 92 26.93 15.21 36.28
N LYS E 93 26.49 15.09 35.02
CA LYS E 93 25.12 15.43 34.61
C LYS E 93 24.21 14.22 34.54
N ALA E 94 22.99 14.42 35.03
CA ALA E 94 21.87 13.52 34.86
C ALA E 94 20.69 14.27 34.24
N VAL E 95 19.91 13.62 33.39
CA VAL E 95 18.64 14.15 32.90
C VAL E 95 17.52 13.23 33.31
N VAL E 96 16.51 13.79 33.94
CA VAL E 96 15.39 13.10 34.57
C VAL E 96 14.15 13.37 33.74
N GLN E 97 13.44 12.34 33.31
CA GLN E 97 12.08 12.50 32.81
C GLN E 97 11.11 12.50 33.98
N VAL E 98 10.42 13.60 34.22
CA VAL E 98 9.41 13.71 35.28
C VAL E 98 8.11 13.08 34.81
N PHE E 99 7.43 12.30 35.66
CA PHE E 99 6.24 11.58 35.26
C PHE E 99 5.06 12.54 35.13
N GLU E 100 4.75 13.28 36.18
CA GLU E 100 3.91 14.47 36.11
C GLU E 100 4.58 15.57 35.26
N GLY E 101 3.96 16.73 35.10
CA GLY E 101 4.53 17.81 34.28
C GLY E 101 5.87 18.38 34.77
N THR E 102 6.51 19.20 33.95
CA THR E 102 7.60 20.11 34.36
C THR E 102 7.14 21.52 34.73
N SER E 103 5.85 21.85 34.67
CA SER E 103 5.35 23.18 35.03
C SER E 103 5.62 23.55 36.49
N GLY E 104 5.85 24.82 36.79
CA GLY E 104 6.16 25.28 38.14
C GLY E 104 7.57 24.97 38.64
N ILE E 105 8.37 24.17 37.93
CA ILE E 105 9.77 23.93 38.21
C ILE E 105 10.62 25.14 37.82
N ASP E 106 11.60 25.47 38.65
CA ASP E 106 12.62 26.50 38.42
C ASP E 106 14.02 26.02 38.85
N ALA E 107 15.06 26.72 38.42
CA ALA E 107 16.45 26.34 38.69
C ALA E 107 16.93 26.62 40.13
N LYS E 108 16.18 27.38 40.94
CA LYS E 108 16.63 27.90 42.24
C LYS E 108 16.08 27.14 43.43
N LYS E 109 14.76 26.90 43.49
CA LYS E 109 14.06 26.38 44.67
C LYS E 109 13.68 24.90 44.55
N THR E 110 13.58 24.35 43.34
CA THR E 110 13.24 22.93 43.14
C THR E 110 14.37 22.05 43.66
N SER E 111 14.08 21.03 44.45
CA SER E 111 15.08 20.06 44.92
C SER E 111 14.78 18.67 44.38
N CYS E 112 15.83 17.90 44.12
CA CYS E 112 15.72 16.54 43.61
C CYS E 112 16.49 15.57 44.51
N GLU E 113 15.82 14.53 45.00
CA GLU E 113 16.37 13.50 45.86
C GLU E 113 16.54 12.22 45.07
N PHE E 114 17.79 11.78 44.96
CA PHE E 114 18.18 10.59 44.23
C PHE E 114 18.10 9.39 45.18
N THR E 115 17.26 8.40 44.88
CA THR E 115 16.95 7.31 45.83
C THR E 115 18.00 6.21 45.91
N GLY E 116 18.96 6.20 44.99
CA GLY E 116 20.07 5.25 44.92
C GLY E 116 19.80 3.99 44.09
N ASP E 117 18.57 3.73 43.64
CA ASP E 117 18.17 2.46 43.03
C ASP E 117 17.15 2.61 41.89
N ILE E 118 17.06 1.58 41.05
CA ILE E 118 16.08 1.48 39.96
C ILE E 118 14.67 1.15 40.48
N LEU E 119 13.69 1.12 39.59
CA LEU E 119 12.31 0.75 39.91
C LEU E 119 12.16 -0.75 40.21
N ARG E 120 11.74 -1.08 41.43
CA ARG E 120 11.34 -2.42 41.86
C ARG E 120 9.93 -2.39 42.42
N THR E 121 9.15 -3.44 42.19
CA THR E 121 7.77 -3.56 42.68
C THR E 121 7.70 -4.54 43.84
N PRO E 122 7.01 -4.22 44.95
CA PRO E 122 6.60 -5.22 45.92
C PRO E 122 5.65 -6.21 45.26
N VAL E 123 5.73 -7.50 45.60
CA VAL E 123 4.88 -8.55 45.04
C VAL E 123 4.48 -9.57 46.10
N SER E 124 3.24 -10.04 46.07
CA SER E 124 2.68 -11.03 46.99
C SER E 124 1.39 -11.64 46.46
N GLU E 125 0.93 -12.75 47.03
CA GLU E 125 -0.40 -13.30 46.75
C GLU E 125 -1.56 -12.41 47.24
N ASP E 126 -1.30 -11.47 48.15
CA ASP E 126 -2.29 -10.48 48.58
C ASP E 126 -2.71 -9.50 47.49
N MET E 127 -2.04 -9.50 46.34
CA MET E 127 -2.40 -8.68 45.19
C MET E 127 -3.62 -9.18 44.41
N LEU E 128 -4.07 -10.43 44.60
CA LEU E 128 -5.32 -10.92 44.02
C LEU E 128 -6.51 -10.39 44.82
N GLY E 129 -7.45 -9.71 44.17
CA GLY E 129 -8.54 -9.00 44.83
C GLY E 129 -8.29 -7.50 44.99
N ARG E 130 -7.23 -6.96 44.39
CA ARG E 130 -6.79 -5.58 44.52
C ARG E 130 -6.84 -4.83 43.20
N VAL E 131 -7.03 -3.50 43.26
CA VAL E 131 -6.94 -2.60 42.11
C VAL E 131 -5.82 -1.58 42.31
N PHE E 132 -4.95 -1.47 41.31
CA PHE E 132 -3.76 -0.62 41.31
C PHE E 132 -3.79 0.32 40.11
N ASN E 133 -3.15 1.47 40.20
CA ASN E 133 -2.88 2.29 39.02
C ASN E 133 -1.62 1.79 38.26
N GLY E 134 -1.33 2.38 37.11
CA GLY E 134 -0.16 2.05 36.28
C GLY E 134 1.23 2.33 36.88
N SER E 135 1.33 2.82 38.11
CA SER E 135 2.57 2.90 38.87
C SER E 135 2.62 1.90 40.04
N GLY E 136 1.60 1.04 40.17
CA GLY E 136 1.48 0.03 41.22
C GLY E 136 0.91 0.54 42.54
N LYS E 137 0.48 1.81 42.62
CA LYS E 137 -0.15 2.41 43.79
C LYS E 137 -1.60 1.92 43.95
N PRO E 138 -2.11 1.62 45.16
CA PRO E 138 -3.48 1.15 45.34
C PRO E 138 -4.52 2.22 45.00
N ILE E 139 -5.63 1.82 44.38
CA ILE E 139 -6.77 2.71 44.10
C ILE E 139 -8.11 2.10 44.51
N ASP E 140 -8.10 1.14 45.43
CA ASP E 140 -9.26 0.38 45.90
C ASP E 140 -9.62 0.62 47.37
N ARG E 141 -9.03 1.64 48.01
CA ARG E 141 -9.15 1.93 49.46
C ARG E 141 -8.67 0.81 50.39
N GLY E 142 -8.01 -0.22 49.88
CA GLY E 142 -7.21 -1.13 50.71
C GLY E 142 -5.87 -0.49 51.08
N PRO E 143 -5.09 -1.10 51.98
CA PRO E 143 -3.76 -0.63 52.35
C PRO E 143 -2.73 -0.89 51.24
N VAL E 144 -1.55 -0.32 51.39
CA VAL E 144 -0.40 -0.61 50.52
C VAL E 144 0.17 -2.02 50.76
N VAL E 145 0.74 -2.63 49.72
CA VAL E 145 1.19 -4.02 49.71
C VAL E 145 2.33 -4.28 50.71
N LEU E 146 2.19 -5.28 51.59
CA LEU E 146 3.35 -5.90 52.23
C LEU E 146 4.01 -6.87 51.25
N ALA E 147 5.27 -6.65 50.94
CA ALA E 147 6.02 -7.47 50.01
C ALA E 147 6.27 -8.87 50.57
N GLU E 148 6.01 -9.92 49.79
CA GLU E 148 6.71 -11.19 49.95
C GLU E 148 8.09 -11.13 49.32
N ASP E 149 8.26 -10.31 48.28
CA ASP E 149 9.55 -9.96 47.66
C ASP E 149 9.50 -8.58 46.99
N PHE E 150 10.65 -8.00 46.65
CA PHE E 150 10.77 -6.85 45.74
C PHE E 150 11.45 -7.29 44.44
N LEU E 151 10.81 -7.07 43.30
CA LEU E 151 11.34 -7.53 42.00
C LEU E 151 11.58 -6.36 41.05
N ASP E 152 12.66 -6.43 40.28
CA ASP E 152 12.94 -5.55 39.15
C ASP E 152 11.92 -5.80 38.02
N ILE E 153 11.17 -4.76 37.65
CA ILE E 153 10.08 -4.88 36.69
C ILE E 153 10.56 -5.24 35.27
N MET E 154 11.83 -5.02 34.94
CA MET E 154 12.40 -5.41 33.64
C MET E 154 12.46 -6.92 33.47
N GLY E 155 12.48 -7.67 34.57
CA GLY E 155 12.63 -9.13 34.57
C GLY E 155 13.95 -9.61 33.98
N GLN E 156 13.97 -10.88 33.60
CA GLN E 156 15.03 -11.55 32.86
C GLN E 156 14.37 -12.48 31.82
N PRO E 157 14.98 -12.74 30.65
CA PRO E 157 14.44 -13.70 29.69
C PRO E 157 14.46 -15.12 30.26
N ILE E 158 13.37 -15.88 30.05
CA ILE E 158 13.31 -17.31 30.35
C ILE E 158 14.31 -18.03 29.43
N ASN E 159 15.10 -18.95 29.98
CA ASN E 159 16.04 -19.77 29.24
C ASN E 159 15.28 -20.70 28.27
N PRO E 160 15.61 -20.74 26.96
CA PRO E 160 14.97 -21.65 26.00
C PRO E 160 15.05 -23.13 26.40
N GLN E 161 16.08 -23.54 27.14
CA GLN E 161 16.22 -24.89 27.69
C GLN E 161 15.15 -25.23 28.75
N CYS E 162 14.64 -24.23 29.46
CA CYS E 162 13.69 -24.42 30.57
C CYS E 162 12.22 -24.33 30.16
N ARG E 163 11.88 -23.75 29.01
CA ARG E 163 10.52 -23.64 28.52
C ARG E 163 10.06 -24.97 27.91
N ILE E 164 9.01 -25.57 28.44
CA ILE E 164 8.37 -26.78 27.90
C ILE E 164 7.17 -26.42 27.03
N TYR E 165 6.75 -27.32 26.15
CA TYR E 165 5.72 -27.02 25.15
C TYR E 165 4.34 -26.82 25.80
N PRO E 166 3.45 -25.95 25.27
CA PRO E 166 2.09 -25.76 25.76
C PRO E 166 1.26 -27.03 25.77
N GLU E 167 0.23 -27.07 26.62
CA GLU E 167 -0.62 -28.27 26.75
C GLU E 167 -2.09 -27.92 26.91
N GLU E 168 -2.74 -28.23 28.03
CA GLU E 168 -4.20 -28.28 28.13
C GLU E 168 -4.92 -26.95 27.89
N MET E 169 -6.25 -26.97 27.81
CA MET E 169 -7.02 -25.77 27.48
C MET E 169 -7.08 -24.74 28.61
N ILE E 170 -7.21 -23.46 28.26
CA ILE E 170 -7.81 -22.39 29.06
C ILE E 170 -9.22 -22.15 28.52
N GLN E 171 -10.24 -22.37 29.33
CA GLN E 171 -11.64 -22.23 28.94
C GLN E 171 -12.10 -20.79 29.14
N THR E 172 -12.33 -20.04 28.07
CA THR E 172 -12.76 -18.64 28.13
C THR E 172 -14.26 -18.48 28.37
N GLY E 173 -15.07 -19.51 28.09
CA GLY E 173 -16.51 -19.48 28.22
C GLY E 173 -17.26 -18.97 26.98
N ILE E 174 -16.54 -18.58 25.93
CA ILE E 174 -17.09 -17.99 24.69
C ILE E 174 -16.94 -19.01 23.56
N SER E 175 -18.04 -19.42 22.91
CA SER E 175 -18.00 -20.56 21.97
C SER E 175 -17.14 -20.35 20.73
N ALA E 176 -17.12 -19.14 20.15
CA ALA E 176 -16.29 -18.85 18.98
C ALA E 176 -14.78 -18.97 19.28
N ILE E 177 -14.36 -18.80 20.53
CA ILE E 177 -12.98 -19.00 20.96
C ILE E 177 -12.79 -20.46 21.37
N ASP E 178 -13.46 -20.94 22.41
CA ASP E 178 -13.24 -22.29 22.96
C ASP E 178 -13.52 -23.42 21.96
N GLY E 179 -14.53 -23.26 21.11
CA GLY E 179 -14.97 -24.29 20.17
C GLY E 179 -14.11 -24.41 18.92
N MET E 180 -13.54 -23.31 18.42
CA MET E 180 -12.89 -23.23 17.11
C MET E 180 -11.54 -22.51 17.06
N ASN E 181 -11.17 -21.74 18.09
CA ASN E 181 -9.90 -21.03 18.20
C ASN E 181 -9.29 -21.30 19.59
N SER E 182 -9.41 -22.54 20.05
CA SER E 182 -9.10 -22.99 21.41
C SER E 182 -7.69 -22.61 21.88
N ILE E 183 -7.54 -22.22 23.15
CA ILE E 183 -6.32 -21.60 23.69
C ILE E 183 -5.61 -22.58 24.63
N ALA E 184 -4.34 -22.87 24.38
CA ALA E 184 -3.50 -23.75 25.19
C ALA E 184 -2.83 -23.02 26.37
N ARG E 185 -2.61 -23.71 27.49
CA ARG E 185 -1.83 -23.21 28.62
C ARG E 185 -0.39 -22.94 28.21
N GLY E 186 0.05 -21.69 28.26
CA GLY E 186 1.36 -21.24 27.80
C GLY E 186 1.37 -20.62 26.39
N GLN E 187 0.22 -20.53 25.72
CA GLN E 187 0.08 -19.83 24.45
C GLN E 187 0.06 -18.30 24.62
N LYS E 188 0.38 -17.59 23.56
CA LYS E 188 0.11 -16.16 23.42
C LYS E 188 -0.62 -15.86 22.11
N ILE E 189 -1.79 -15.23 22.20
CA ILE E 189 -2.73 -15.09 21.08
C ILE E 189 -3.48 -13.76 21.15
N PRO E 190 -3.29 -12.83 20.20
CA PRO E 190 -3.90 -11.52 20.21
C PRO E 190 -5.37 -11.53 19.76
N ILE E 191 -6.14 -10.59 20.29
CA ILE E 191 -7.40 -10.19 19.70
C ILE E 191 -7.15 -8.94 18.86
N PHE E 192 -7.49 -9.01 17.58
CA PHE E 192 -7.37 -7.91 16.63
C PHE E 192 -8.75 -7.26 16.46
N SER E 193 -8.79 -5.95 16.65
CA SER E 193 -10.01 -5.15 16.66
C SER E 193 -9.78 -3.77 16.04
N ALA E 194 -10.80 -2.91 16.06
CA ALA E 194 -10.76 -1.54 15.55
C ALA E 194 -11.57 -0.59 16.44
N ALA E 195 -11.39 0.73 16.31
CA ALA E 195 -12.11 1.69 17.14
C ALA E 195 -13.63 1.62 16.94
N GLY E 196 -14.37 1.60 18.05
CA GLY E 196 -15.83 1.47 18.06
C GLY E 196 -16.37 0.04 18.04
N LEU E 197 -15.51 -0.98 17.97
CA LEU E 197 -15.88 -2.40 18.14
C LEU E 197 -15.82 -2.83 19.61
N PRO E 198 -16.52 -3.90 20.03
CA PRO E 198 -16.73 -4.25 21.44
C PRO E 198 -15.60 -5.05 22.11
N HIS E 199 -14.34 -4.78 21.79
CA HIS E 199 -13.21 -5.57 22.30
C HIS E 199 -12.98 -5.45 23.82
N ASN E 200 -13.39 -4.35 24.46
CA ASN E 200 -13.34 -4.22 25.92
C ASN E 200 -14.46 -5.00 26.61
N GLU E 201 -15.63 -5.09 26.00
CA GLU E 201 -16.73 -5.91 26.47
C GLU E 201 -16.41 -7.41 26.35
N ILE E 202 -15.70 -7.81 25.29
CA ILE E 202 -15.17 -9.16 25.13
C ILE E 202 -14.08 -9.45 26.17
N ALA E 203 -13.11 -8.56 26.35
CA ALA E 203 -12.06 -8.70 27.36
C ALA E 203 -12.63 -8.88 28.77
N ALA E 204 -13.61 -8.05 29.13
CA ALA E 204 -14.29 -8.13 30.41
C ALA E 204 -15.04 -9.44 30.58
N GLN E 205 -15.70 -9.94 29.53
CA GLN E 205 -16.36 -11.23 29.56
C GLN E 205 -15.38 -12.38 29.72
N ILE E 206 -14.24 -12.38 29.02
CA ILE E 206 -13.19 -13.38 29.19
C ILE E 206 -12.69 -13.32 30.64
N CYS E 207 -12.41 -12.15 31.19
CA CYS E 207 -11.95 -12.01 32.57
C CYS E 207 -12.96 -12.61 33.58
N ARG E 208 -14.26 -12.28 33.46
CA ARG E 208 -15.29 -12.83 34.35
C ARG E 208 -15.45 -14.34 34.23
N GLN E 209 -15.34 -14.90 33.02
CA GLN E 209 -15.68 -16.28 32.72
C GLN E 209 -14.51 -17.26 32.68
N ALA E 210 -13.28 -16.81 32.45
CA ALA E 210 -12.16 -17.72 32.18
C ALA E 210 -11.82 -18.64 33.36
N GLY E 211 -11.33 -19.84 33.05
CA GLY E 211 -10.84 -20.81 34.02
C GLY E 211 -10.25 -22.05 33.37
N LEU E 212 -10.09 -23.12 34.15
CA LEU E 212 -9.76 -24.46 33.66
C LEU E 212 -11.05 -25.26 33.36
N VAL E 213 -10.98 -26.36 32.60
CA VAL E 213 -12.18 -26.99 31.99
C VAL E 213 -13.12 -27.74 32.94
N LYS E 214 -12.70 -28.06 34.17
CA LYS E 214 -13.51 -28.82 35.16
C LYS E 214 -13.97 -30.18 34.64
N LYS E 215 -13.01 -30.94 34.09
CA LYS E 215 -13.17 -32.32 33.63
C LYS E 215 -13.35 -33.31 34.79
N SER E 216 -14.00 -34.44 34.52
CA SER E 216 -14.25 -35.54 35.47
C SER E 216 -14.79 -35.09 36.83
N GLU E 224 -10.09 -24.34 38.86
CA GLU E 224 -9.39 -24.66 40.11
C GLU E 224 -8.97 -23.39 40.86
N GLU E 225 -8.66 -23.53 42.15
CA GLU E 225 -8.07 -22.45 42.96
C GLU E 225 -6.66 -22.06 42.49
N ASN E 226 -6.02 -22.92 41.68
CA ASN E 226 -4.75 -22.68 41.03
C ASN E 226 -4.85 -21.86 39.73
N PHE E 227 -5.97 -21.21 39.45
CA PHE E 227 -6.11 -20.29 38.33
C PHE E 227 -6.18 -18.84 38.84
N ALA E 228 -5.51 -17.91 38.18
CA ALA E 228 -5.59 -16.48 38.47
C ALA E 228 -5.56 -15.64 37.20
N ILE E 229 -5.97 -14.39 37.28
CA ILE E 229 -5.95 -13.44 36.16
C ILE E 229 -5.16 -12.20 36.57
N VAL E 230 -4.28 -11.72 35.70
CA VAL E 230 -3.76 -10.37 35.78
C VAL E 230 -4.31 -9.58 34.60
N PHE E 231 -5.03 -8.52 34.89
CA PHE E 231 -5.68 -7.69 33.88
C PHE E 231 -5.00 -6.34 33.87
N ALA E 232 -4.45 -5.94 32.73
CA ALA E 232 -3.75 -4.67 32.55
C ALA E 232 -4.36 -3.90 31.39
N ALA E 233 -4.60 -2.62 31.62
CA ALA E 233 -5.30 -1.78 30.67
C ALA E 233 -4.60 -0.43 30.51
N MET E 234 -4.17 -0.14 29.28
CA MET E 234 -3.32 1.00 28.96
C MET E 234 -4.07 2.09 28.21
N GLY E 235 -4.00 3.34 28.67
CA GLY E 235 -4.59 4.47 27.95
C GLY E 235 -6.11 4.45 27.95
N VAL E 236 -6.71 3.85 28.97
CA VAL E 236 -8.15 3.65 29.16
C VAL E 236 -8.88 4.97 29.43
N ASN E 237 -9.97 5.30 28.75
CA ASN E 237 -10.75 6.47 29.16
C ASN E 237 -11.52 6.20 30.46
N MET E 238 -11.87 7.23 31.23
CA MET E 238 -12.52 7.06 32.54
C MET E 238 -13.85 6.28 32.47
N GLU E 239 -14.58 6.34 31.37
CA GLU E 239 -15.79 5.52 31.16
C GLU E 239 -15.48 4.03 31.07
N THR E 240 -14.43 3.67 30.34
CA THR E 240 -13.97 2.28 30.20
C THR E 240 -13.36 1.77 31.49
N ALA E 241 -12.55 2.57 32.18
CA ALA E 241 -11.92 2.19 33.44
C ALA E 241 -12.94 1.95 34.56
N ARG E 242 -13.97 2.79 34.65
CA ARG E 242 -15.10 2.62 35.59
C ARG E 242 -15.90 1.37 35.26
N PHE E 243 -16.12 1.07 33.98
CA PHE E 243 -16.73 -0.18 33.55
C PHE E 243 -15.93 -1.40 34.01
N PHE E 244 -14.63 -1.51 33.73
CA PHE E 244 -13.84 -2.66 34.19
C PHE E 244 -13.92 -2.84 35.71
N LYS E 245 -13.65 -1.79 36.48
CA LYS E 245 -13.68 -1.88 37.95
C LYS E 245 -15.06 -2.25 38.49
N SER E 246 -16.10 -1.62 37.98
CA SER E 246 -17.49 -1.91 38.36
C SER E 246 -17.92 -3.33 37.98
N ASP E 247 -17.65 -3.78 36.76
CA ASP E 247 -18.11 -5.07 36.25
C ASP E 247 -17.52 -6.26 37.00
N PHE E 248 -16.26 -6.19 37.45
CA PHE E 248 -15.62 -7.28 38.20
C PHE E 248 -16.01 -7.33 39.68
N GLU E 249 -16.36 -6.20 40.29
CA GLU E 249 -16.97 -6.15 41.63
C GLU E 249 -18.44 -6.60 41.58
N GLU E 250 -19.23 -6.02 40.70
CA GLU E 250 -20.67 -6.29 40.58
C GLU E 250 -20.93 -7.77 40.26
N ASN E 251 -20.14 -8.35 39.36
CA ASN E 251 -20.22 -9.77 38.99
C ASN E 251 -19.20 -10.65 39.73
N GLY E 252 -18.73 -10.16 40.89
CA GLY E 252 -18.11 -10.91 41.97
C GLY E 252 -17.04 -11.93 41.58
N SER E 253 -15.97 -11.50 40.93
CA SER E 253 -14.84 -12.37 40.57
C SER E 253 -13.48 -11.86 41.07
N MET E 254 -13.42 -10.79 41.87
CA MET E 254 -12.15 -10.15 42.24
C MET E 254 -11.16 -11.08 42.97
N ASP E 255 -11.57 -12.12 43.68
CA ASP E 255 -10.63 -12.98 44.42
C ASP E 255 -9.62 -13.73 43.53
N ASN E 256 -9.86 -13.85 42.22
CA ASN E 256 -8.90 -14.39 41.25
C ASN E 256 -8.07 -13.33 40.52
N VAL E 257 -8.43 -12.05 40.62
CA VAL E 257 -7.99 -11.02 39.68
C VAL E 257 -7.07 -10.01 40.35
N CYS E 258 -5.93 -9.72 39.74
CA CYS E 258 -5.19 -8.49 39.99
C CYS E 258 -5.46 -7.52 38.84
N LEU E 259 -5.87 -6.28 39.13
CA LEU E 259 -6.22 -5.30 38.12
C LEU E 259 -5.30 -4.08 38.18
N PHE E 260 -4.67 -3.75 37.06
CA PHE E 260 -3.90 -2.52 36.87
C PHE E 260 -4.58 -1.61 35.85
N LEU E 261 -4.95 -0.39 36.25
CA LEU E 261 -5.59 0.60 35.37
C LEU E 261 -4.65 1.77 35.09
N ASN E 262 -4.38 2.06 33.83
CA ASN E 262 -3.70 3.26 33.40
C ASN E 262 -4.66 4.04 32.49
N LEU E 263 -5.03 5.25 32.90
CA LEU E 263 -6.00 6.06 32.18
C LEU E 263 -5.36 6.87 31.05
N ALA E 264 -6.18 7.40 30.14
CA ALA E 264 -5.75 8.12 28.94
C ALA E 264 -4.95 9.41 29.22
N ASN E 265 -5.14 10.02 30.40
CA ASN E 265 -4.41 11.19 30.87
C ASN E 265 -3.56 10.94 32.13
N ASP E 266 -3.21 9.69 32.43
CA ASP E 266 -2.08 9.37 33.32
C ASP E 266 -0.74 9.61 32.60
N PRO E 267 0.38 9.75 33.34
CA PRO E 267 1.71 9.88 32.75
C PRO E 267 2.04 8.81 31.72
N THR E 268 2.63 9.16 30.59
CA THR E 268 2.92 8.17 29.53
C THR E 268 4.00 7.18 29.93
N ILE E 269 4.89 7.50 30.87
CA ILE E 269 5.80 6.50 31.45
C ILE E 269 5.06 5.44 32.27
N GLU E 270 3.99 5.78 32.99
CA GLU E 270 3.21 4.76 33.69
C GLU E 270 2.60 3.76 32.72
N ARG E 271 2.33 4.15 31.48
CA ARG E 271 1.90 3.22 30.44
C ARG E 271 3.01 2.29 30.01
N ILE E 272 4.27 2.73 30.00
CA ILE E 272 5.42 1.88 29.71
C ILE E 272 5.68 0.89 30.85
N ILE E 273 5.47 1.31 32.08
CA ILE E 273 5.62 0.51 33.29
C ILE E 273 4.49 -0.51 33.46
N THR E 274 3.27 -0.17 33.05
CA THR E 274 2.08 -0.99 33.32
C THR E 274 2.19 -2.45 32.86
N PRO E 275 2.59 -2.78 31.62
CA PRO E 275 2.76 -4.18 31.22
C PRO E 275 3.84 -4.90 32.02
N ARG E 276 4.85 -4.17 32.47
CA ARG E 276 5.99 -4.71 33.21
C ARG E 276 5.64 -4.99 34.66
N LEU E 277 4.79 -4.18 35.32
CA LEU E 277 4.24 -4.51 36.64
C LEU E 277 3.32 -5.73 36.56
N ALA E 278 2.44 -5.77 35.57
CA ALA E 278 1.54 -6.87 35.34
C ALA E 278 2.28 -8.20 35.11
N LEU E 279 3.28 -8.21 34.23
CA LEU E 279 4.07 -9.41 33.94
C LEU E 279 5.03 -9.78 35.06
N THR E 280 5.58 -8.83 35.80
CA THR E 280 6.36 -9.15 37.01
C THR E 280 5.51 -9.79 38.10
N THR E 281 4.23 -9.43 38.21
CA THR E 281 3.27 -10.11 39.08
C THR E 281 2.91 -11.50 38.55
N ALA E 282 2.61 -11.66 37.27
CA ALA E 282 2.30 -12.96 36.69
C ALA E 282 3.45 -13.96 36.84
N GLU E 283 4.70 -13.52 36.72
CA GLU E 283 5.88 -14.34 36.94
C GLU E 283 6.06 -14.81 38.38
N PHE E 284 5.73 -13.99 39.38
CA PHE E 284 5.70 -14.43 40.77
C PHE E 284 4.58 -15.45 41.02
N LEU E 285 3.37 -15.16 40.56
CA LEU E 285 2.22 -16.04 40.75
C LEU E 285 2.37 -17.38 40.00
N ALA E 286 2.89 -17.39 38.79
CA ALA E 286 3.06 -18.61 38.02
C ALA E 286 4.27 -19.44 38.46
N TYR E 287 5.46 -18.85 38.54
CA TYR E 287 6.70 -19.60 38.67
C TYR E 287 7.25 -19.67 40.10
N GLN E 288 6.58 -19.07 41.07
CA GLN E 288 6.88 -19.24 42.50
C GLN E 288 5.69 -19.80 43.29
N CYS E 289 4.47 -19.37 43.01
CA CYS E 289 3.25 -19.89 43.64
C CYS E 289 2.53 -20.99 42.83
N GLU E 290 3.08 -21.41 41.70
CA GLU E 290 2.57 -22.50 40.86
C GLU E 290 1.13 -22.35 40.34
N LYS E 291 0.65 -21.13 40.09
CA LYS E 291 -0.67 -20.90 39.47
C LYS E 291 -0.62 -20.97 37.94
N HIS E 292 -1.74 -21.27 37.32
CA HIS E 292 -2.01 -20.96 35.92
C HIS E 292 -2.54 -19.53 35.84
N VAL E 293 -1.77 -18.60 35.27
CA VAL E 293 -2.15 -17.19 35.16
C VAL E 293 -2.58 -16.88 33.74
N LEU E 294 -3.72 -16.23 33.61
CA LEU E 294 -4.15 -15.59 32.38
C LEU E 294 -3.83 -14.11 32.46
N VAL E 295 -3.15 -13.58 31.46
CA VAL E 295 -2.78 -12.17 31.41
C VAL E 295 -3.51 -11.52 30.26
N ILE E 296 -4.26 -10.44 30.52
CA ILE E 296 -4.96 -9.70 29.47
C ILE E 296 -4.37 -8.30 29.42
N LEU E 297 -3.80 -7.92 28.27
CA LEU E 297 -3.10 -6.66 28.08
C LEU E 297 -3.88 -5.83 27.06
N THR E 298 -4.39 -4.68 27.48
CA THR E 298 -5.51 -4.04 26.75
C THR E 298 -5.08 -2.76 26.07
N ASP E 299 -5.22 -2.76 24.75
CA ASP E 299 -4.63 -1.84 23.78
C ASP E 299 -3.12 -1.74 23.86
N MET E 300 -2.46 -2.75 23.34
CA MET E 300 -1.05 -2.63 22.95
C MET E 300 -0.82 -1.54 21.91
N SER E 301 -1.86 -1.13 21.20
CA SER E 301 -1.87 0.09 20.39
C SER E 301 -1.72 1.38 21.21
N SER E 302 -2.27 1.46 22.43
CA SER E 302 -2.05 2.58 23.34
C SER E 302 -0.64 2.55 23.93
N TYR E 303 -0.11 1.37 24.21
CA TYR E 303 1.26 1.21 24.69
C TYR E 303 2.29 1.74 23.69
N ALA E 304 2.14 1.39 22.41
CA ALA E 304 3.01 1.85 21.33
C ALA E 304 2.99 3.37 21.13
N GLU E 305 1.85 4.04 21.37
CA GLU E 305 1.76 5.49 21.33
C GLU E 305 2.64 6.16 22.40
N ALA E 306 2.72 5.60 23.61
CA ALA E 306 3.61 6.05 24.67
C ALA E 306 5.08 5.74 24.37
N LEU E 307 5.35 4.58 23.78
CA LEU E 307 6.71 4.16 23.42
C LEU E 307 7.33 5.11 22.39
N ARG E 308 6.54 5.50 21.39
CA ARG E 308 6.89 6.51 20.38
C ARG E 308 7.16 7.88 21.00
N GLU E 309 6.45 8.26 22.05
CA GLU E 309 6.68 9.51 22.78
C GLU E 309 7.94 9.51 23.63
N VAL E 310 8.22 8.45 24.38
CA VAL E 310 9.48 8.33 25.13
C VAL E 310 10.67 8.30 24.18
N SER E 311 10.55 7.62 23.04
CA SER E 311 11.54 7.65 21.97
C SER E 311 11.81 9.04 21.42
N ALA E 312 10.76 9.83 21.17
CA ALA E 312 10.89 11.21 20.74
C ALA E 312 11.55 12.10 21.81
N ALA E 313 11.25 11.90 23.10
CA ALA E 313 11.87 12.65 24.19
C ALA E 313 13.39 12.39 24.33
N ARG E 314 13.87 11.20 23.96
CA ARG E 314 15.31 10.88 23.82
C ARG E 314 15.99 11.53 22.61
N GLU E 315 15.25 12.27 21.79
CA GLU E 315 15.70 12.88 20.53
C GLU E 315 16.20 11.86 19.48
N GLU E 316 15.67 10.64 19.48
CA GLU E 316 15.87 9.67 18.42
C GLU E 316 15.13 10.07 17.14
N VAL E 317 15.63 9.70 15.96
CA VAL E 317 14.92 9.91 14.68
C VAL E 317 13.79 8.88 14.54
N PRO E 318 12.57 9.25 14.10
CA PRO E 318 11.48 8.30 13.89
C PRO E 318 11.83 7.18 12.91
N GLY E 319 11.47 5.95 13.24
CA GLY E 319 11.72 4.77 12.42
C GLY E 319 10.63 4.51 11.37
N ARG E 320 10.66 3.31 10.80
CA ARG E 320 9.71 2.81 9.78
C ARG E 320 8.26 3.05 10.21
N ARG E 321 7.45 3.71 9.38
CA ARG E 321 6.05 4.13 9.66
C ARG E 321 5.86 5.07 10.86
N GLY E 322 6.93 5.64 11.42
CA GLY E 322 6.90 6.59 12.53
C GLY E 322 7.09 6.00 13.93
N PHE E 323 7.10 4.68 14.08
CA PHE E 323 7.41 4.00 15.34
C PHE E 323 8.92 3.79 15.53
N PRO E 324 9.41 3.53 16.75
CA PRO E 324 10.83 3.30 17.00
C PRO E 324 11.33 2.07 16.24
N GLY E 325 12.56 2.11 15.71
CA GLY E 325 13.12 0.96 14.96
C GLY E 325 13.21 -0.33 15.80
N TYR E 326 13.42 -0.17 17.11
CA TYR E 326 13.49 -1.23 18.12
C TYR E 326 12.13 -1.71 18.67
N MET E 327 11.00 -1.34 18.06
CA MET E 327 9.68 -1.73 18.57
C MET E 327 9.40 -3.24 18.53
N TYR E 328 10.00 -4.01 17.61
CA TYR E 328 9.91 -5.47 17.67
C TYR E 328 10.55 -6.02 18.94
N THR E 329 11.82 -5.69 19.22
CA THR E 329 12.52 -6.15 20.42
C THR E 329 11.82 -5.70 21.70
N ASP E 330 11.20 -4.54 21.71
CA ASP E 330 10.38 -4.08 22.83
C ASP E 330 9.10 -4.93 23.02
N LEU E 331 8.27 -5.12 21.99
CA LEU E 331 7.06 -5.94 22.08
C LEU E 331 7.39 -7.40 22.41
N ALA E 332 8.47 -7.95 21.86
CA ALA E 332 8.90 -9.30 22.15
C ALA E 332 9.33 -9.49 23.60
N THR E 333 9.83 -8.44 24.25
CA THR E 333 10.16 -8.44 25.68
C THR E 333 8.91 -8.52 26.57
N ILE E 334 7.75 -8.06 26.10
CA ILE E 334 6.46 -8.23 26.77
C ILE E 334 5.88 -9.61 26.44
N TYR E 335 5.73 -9.94 25.17
CA TYR E 335 5.01 -11.15 24.77
C TYR E 335 5.73 -12.45 25.15
N GLU E 336 7.05 -12.51 25.21
CA GLU E 336 7.77 -13.76 25.56
C GLU E 336 7.88 -14.01 27.06
N ARG E 337 7.34 -13.13 27.91
CA ARG E 337 7.11 -13.40 29.35
C ARG E 337 5.86 -14.26 29.50
N ALA E 338 5.92 -15.49 28.98
CA ALA E 338 4.81 -16.41 28.83
C ALA E 338 5.33 -17.86 28.71
N GLY E 339 4.48 -18.84 28.96
CA GLY E 339 4.79 -20.26 28.73
C GLY E 339 4.64 -21.14 29.95
N ARG E 340 4.95 -22.42 29.75
CA ARG E 340 5.18 -23.41 30.82
C ARG E 340 6.68 -23.62 30.98
N VAL E 341 7.15 -23.90 32.17
CA VAL E 341 8.58 -24.16 32.43
C VAL E 341 8.78 -25.50 33.13
N GLU E 342 9.92 -26.14 32.93
CA GLU E 342 10.21 -27.45 33.51
C GLU E 342 10.30 -27.43 35.05
N GLY E 343 9.62 -28.36 35.71
CA GLY E 343 9.75 -28.61 37.15
C GLY E 343 8.86 -27.75 38.04
N ARG E 344 8.04 -26.87 37.47
CA ARG E 344 7.09 -26.00 38.16
C ARG E 344 5.70 -26.16 37.56
N ASN E 345 4.67 -26.26 38.38
CA ASN E 345 3.32 -26.61 37.95
C ASN E 345 2.47 -25.43 37.45
N GLY E 346 2.98 -24.20 37.51
CA GLY E 346 2.31 -23.02 36.96
C GLY E 346 2.59 -22.75 35.48
N SER E 347 1.87 -21.77 34.93
CA SER E 347 2.07 -21.27 33.56
C SER E 347 1.57 -19.85 33.41
N ILE E 348 2.01 -19.12 32.39
CA ILE E 348 1.46 -17.81 32.01
C ILE E 348 0.93 -17.92 30.60
N THR E 349 -0.33 -17.55 30.37
CA THR E 349 -0.95 -17.46 29.04
C THR E 349 -1.32 -16.00 28.79
N GLN E 350 -0.95 -15.42 27.64
CA GLN E 350 -1.23 -14.01 27.34
C GLN E 350 -2.30 -13.85 26.24
N ILE E 351 -3.25 -12.95 26.47
CA ILE E 351 -4.17 -12.45 25.45
C ILE E 351 -3.94 -10.93 25.30
N PRO E 352 -3.03 -10.48 24.41
CA PRO E 352 -2.96 -9.10 24.02
C PRO E 352 -4.20 -8.65 23.27
N ILE E 353 -4.61 -7.40 23.41
CA ILE E 353 -5.76 -6.86 22.66
C ILE E 353 -5.32 -5.58 21.98
N LEU E 354 -5.63 -5.47 20.70
CA LEU E 354 -5.12 -4.43 19.82
C LEU E 354 -6.21 -3.81 18.97
N THR E 355 -6.06 -2.53 18.71
CA THR E 355 -6.87 -1.73 17.80
C THR E 355 -6.04 -1.37 16.57
N MET E 356 -6.54 -1.64 15.38
CA MET E 356 -5.87 -1.37 14.09
C MET E 356 -6.47 -0.12 13.42
N PRO E 357 -5.67 0.84 12.92
CA PRO E 357 -6.17 1.94 12.09
C PRO E 357 -6.65 1.45 10.73
N ASN E 358 -7.67 2.09 10.15
CA ASN E 358 -8.26 1.74 8.84
C ASN E 358 -8.72 0.27 8.70
N ASP E 359 -8.89 -0.46 9.79
CA ASP E 359 -9.05 -1.93 9.82
C ASP E 359 -7.90 -2.68 9.08
N ASP E 360 -6.72 -2.08 8.99
CA ASP E 360 -5.56 -2.55 8.22
C ASP E 360 -4.61 -3.44 9.05
N ILE E 361 -4.53 -4.73 8.70
CA ILE E 361 -3.67 -5.72 9.36
C ILE E 361 -2.18 -5.54 9.07
N THR E 362 -1.80 -4.70 8.11
CA THR E 362 -0.40 -4.54 7.64
C THR E 362 0.34 -3.39 8.31
N HIS E 363 -0.30 -2.64 9.19
CA HIS E 363 0.32 -1.62 10.06
C HIS E 363 1.36 -2.27 11.00
N PRO E 364 2.45 -1.59 11.40
CA PRO E 364 3.50 -2.18 12.23
C PRO E 364 3.03 -2.88 13.51
N ILE E 365 2.01 -2.35 14.20
CA ILE E 365 1.60 -2.90 15.49
C ILE E 365 1.00 -4.31 15.36
N PRO E 366 -0.06 -4.57 14.56
CA PRO E 366 -0.54 -5.92 14.32
C PRO E 366 0.45 -6.80 13.55
N ASP E 367 1.25 -6.23 12.65
CA ASP E 367 2.21 -6.97 11.84
C ASP E 367 3.35 -7.55 12.69
N LEU E 368 4.03 -6.74 13.50
CA LEU E 368 5.06 -7.22 14.42
C LEU E 368 4.48 -8.14 15.50
N THR E 369 3.28 -7.87 15.99
CA THR E 369 2.59 -8.78 16.92
C THR E 369 2.36 -10.16 16.30
N GLY E 370 2.04 -10.25 15.01
CA GLY E 370 1.89 -11.51 14.29
C GLY E 370 3.17 -12.33 14.19
N TYR E 371 4.33 -11.70 14.06
CA TYR E 371 5.62 -12.42 14.03
C TYR E 371 6.04 -13.01 15.38
N ILE E 372 5.46 -12.54 16.49
CA ILE E 372 5.87 -12.96 17.84
C ILE E 372 4.84 -13.90 18.46
N THR E 373 3.55 -13.62 18.32
CA THR E 373 2.46 -14.43 18.88
C THR E 373 2.07 -15.59 17.97
N GLU E 374 1.24 -16.53 18.43
CA GLU E 374 0.90 -17.75 17.68
C GLU E 374 -0.60 -17.97 17.50
N GLY E 375 -1.20 -17.12 16.68
CA GLY E 375 -2.60 -17.13 16.27
C GLY E 375 -3.16 -15.71 16.12
N GLN E 376 -4.44 -15.58 15.82
CA GLN E 376 -5.21 -14.34 15.98
C GLN E 376 -6.69 -14.65 16.19
N ILE E 377 -7.38 -13.86 17.00
CA ILE E 377 -8.84 -13.83 17.07
C ILE E 377 -9.28 -12.51 16.50
N TYR E 378 -10.16 -12.54 15.50
CA TYR E 378 -10.47 -11.39 14.68
C TYR E 378 -11.87 -10.88 14.99
N VAL E 379 -11.99 -9.62 15.39
CA VAL E 379 -13.26 -8.95 15.73
C VAL E 379 -13.70 -8.11 14.53
N ASP E 380 -14.92 -8.34 14.04
CA ASP E 380 -15.41 -7.90 12.74
C ASP E 380 -16.47 -6.80 12.79
N ARG E 381 -16.27 -5.72 12.03
CA ARG E 381 -17.24 -4.64 11.87
C ARG E 381 -18.56 -5.07 11.24
N GLN E 382 -18.59 -6.02 10.30
CA GLN E 382 -19.85 -6.40 9.66
C GLN E 382 -20.77 -7.19 10.60
N LEU E 383 -20.27 -8.18 11.33
CA LEU E 383 -21.04 -8.84 12.37
C LEU E 383 -21.52 -7.85 13.44
N HIS E 384 -20.69 -6.89 13.84
CA HIS E 384 -21.10 -5.84 14.77
C HIS E 384 -22.25 -4.99 14.21
N ASN E 385 -22.15 -4.53 12.96
CA ASN E 385 -23.23 -3.80 12.29
C ASN E 385 -24.51 -4.63 12.17
N ARG E 386 -24.44 -5.93 11.86
CA ARG E 386 -25.56 -6.89 11.88
C ARG E 386 -26.14 -7.16 13.27
N GLN E 387 -25.68 -6.46 14.31
CA GLN E 387 -26.15 -6.58 15.69
C GLN E 387 -25.85 -7.93 16.36
N ILE E 388 -24.85 -8.68 15.86
CA ILE E 388 -24.37 -9.92 16.47
C ILE E 388 -23.31 -9.59 17.54
N TYR E 389 -23.36 -10.27 18.68
CA TYR E 389 -22.33 -10.21 19.71
C TYR E 389 -22.04 -11.61 20.28
N PRO E 390 -20.78 -11.97 20.60
CA PRO E 390 -19.57 -11.23 20.25
C PRO E 390 -19.28 -11.32 18.75
N PRO E 391 -18.95 -10.21 18.07
CA PRO E 391 -18.73 -10.18 16.63
C PRO E 391 -17.34 -10.74 16.24
N ILE E 392 -17.08 -11.99 16.57
CA ILE E 392 -15.85 -12.71 16.24
C ILE E 392 -16.05 -13.40 14.89
N ASN E 393 -15.14 -13.18 13.94
CA ASN E 393 -15.19 -13.81 12.62
C ASN E 393 -14.26 -15.03 12.58
N VAL E 394 -14.83 -16.23 12.50
CA VAL E 394 -14.06 -17.48 12.61
C VAL E 394 -13.28 -17.86 11.36
N LEU E 395 -13.56 -17.28 10.18
CA LEU E 395 -12.85 -17.63 8.95
C LEU E 395 -11.39 -17.12 8.89
N PRO E 396 -11.08 -15.85 9.20
CA PRO E 396 -9.70 -15.36 9.30
C PRO E 396 -9.02 -15.64 10.64
N SER E 397 -9.76 -15.91 11.71
CA SER E 397 -9.21 -16.29 13.01
C SER E 397 -8.51 -17.65 12.96
N LEU E 398 -7.50 -17.86 13.82
CA LEU E 398 -6.74 -19.10 13.92
C LEU E 398 -6.09 -19.17 15.30
N SER E 399 -6.12 -20.33 15.96
CA SER E 399 -5.20 -20.65 17.06
C SER E 399 -4.22 -21.72 16.58
N ARG E 400 -2.92 -21.40 16.55
CA ARG E 400 -1.90 -22.30 15.99
C ARG E 400 -1.55 -23.48 16.89
N LEU E 401 -1.94 -23.42 18.16
CA LEU E 401 -1.70 -24.45 19.17
C LEU E 401 -2.96 -25.24 19.52
N MET E 402 -4.07 -25.07 18.80
CA MET E 402 -5.35 -25.70 19.15
C MET E 402 -5.27 -27.22 19.30
N LYS E 403 -4.56 -27.91 18.41
CA LYS E 403 -4.34 -29.36 18.49
C LYS E 403 -3.68 -29.85 19.79
N SER E 404 -2.96 -28.98 20.49
CA SER E 404 -2.29 -29.31 21.75
C SER E 404 -3.19 -29.12 22.99
N ALA E 405 -4.28 -28.36 22.87
CA ALA E 405 -5.23 -28.06 23.95
C ALA E 405 -6.43 -29.01 24.02
N ILE E 406 -6.83 -29.60 22.89
CA ILE E 406 -8.12 -30.29 22.73
C ILE E 406 -7.97 -31.81 22.61
N GLY E 407 -9.07 -32.53 22.80
CA GLY E 407 -9.16 -33.98 22.57
C GLY E 407 -9.33 -34.76 23.85
N GLU E 408 -9.18 -36.08 23.78
CA GLU E 408 -9.40 -36.97 24.93
C GLU E 408 -8.52 -36.61 26.13
N GLY E 409 -9.12 -36.52 27.32
CA GLY E 409 -8.44 -36.15 28.56
C GLY E 409 -8.16 -34.65 28.73
N MET E 410 -8.39 -33.82 27.72
CA MET E 410 -8.18 -32.37 27.77
C MET E 410 -9.45 -31.57 27.51
N THR E 411 -10.31 -32.03 26.61
CA THR E 411 -11.67 -31.52 26.40
C THR E 411 -12.62 -32.72 26.21
N ARG E 412 -12.91 -33.11 24.97
CA ARG E 412 -13.70 -34.29 24.57
C ARG E 412 -13.15 -34.82 23.24
N LYS E 413 -13.24 -36.12 22.99
CA LYS E 413 -12.62 -36.81 21.84
C LYS E 413 -13.03 -36.32 20.45
N ASP E 414 -14.24 -35.78 20.30
CA ASP E 414 -14.83 -35.28 19.06
C ASP E 414 -14.49 -33.80 18.74
N HIS E 415 -13.84 -33.07 19.65
CA HIS E 415 -13.64 -31.62 19.53
C HIS E 415 -12.95 -31.22 18.23
N ALA E 416 -11.86 -31.88 17.86
CA ALA E 416 -11.14 -31.58 16.63
C ALA E 416 -12.01 -31.77 15.38
N ASP E 417 -12.78 -32.85 15.35
CA ASP E 417 -13.67 -33.20 14.24
C ASP E 417 -14.83 -32.22 14.12
N VAL E 418 -15.47 -31.86 15.23
CA VAL E 418 -16.54 -30.86 15.27
C VAL E 418 -16.03 -29.49 14.84
N SER E 419 -14.87 -29.05 15.32
CA SER E 419 -14.25 -27.79 14.91
C SER E 419 -13.96 -27.76 13.41
N ASN E 420 -13.35 -28.81 12.86
CA ASN E 420 -13.07 -28.91 11.43
C ASN E 420 -14.35 -28.90 10.60
N GLN E 421 -15.38 -29.63 10.99
CA GLN E 421 -16.63 -29.67 10.26
C GLN E 421 -17.46 -28.39 10.35
N LEU E 422 -17.51 -27.71 11.50
CA LEU E 422 -18.18 -26.41 11.62
C LEU E 422 -17.49 -25.34 10.76
N TYR E 423 -16.15 -25.31 10.70
CA TYR E 423 -15.44 -24.41 9.80
C TYR E 423 -15.78 -24.69 8.34
N ALA E 424 -15.74 -25.96 7.93
CA ALA E 424 -16.03 -26.37 6.56
C ALA E 424 -17.46 -26.04 6.15
N CYS E 425 -18.46 -26.23 7.01
CA CYS E 425 -19.82 -25.86 6.69
C CYS E 425 -20.00 -24.35 6.56
N TYR E 426 -19.37 -23.55 7.42
CA TYR E 426 -19.51 -22.10 7.40
C TYR E 426 -18.85 -21.49 6.17
N ALA E 427 -17.67 -21.99 5.78
CA ALA E 427 -16.98 -21.57 4.56
C ALA E 427 -17.77 -21.88 3.27
N ILE E 428 -18.52 -22.99 3.23
CA ILE E 428 -19.45 -23.29 2.13
C ILE E 428 -20.71 -22.44 2.23
N GLY E 429 -21.29 -22.29 3.41
CA GLY E 429 -22.49 -21.49 3.64
C GLY E 429 -22.36 -20.06 3.16
N LYS E 430 -21.23 -19.39 3.43
CA LYS E 430 -20.95 -18.04 2.93
C LYS E 430 -20.81 -17.98 1.40
N ASP E 431 -20.40 -19.07 0.75
CA ASP E 431 -20.24 -19.15 -0.69
C ASP E 431 -21.59 -19.43 -1.40
N VAL E 432 -22.43 -20.29 -0.84
CA VAL E 432 -23.82 -20.45 -1.28
C VAL E 432 -24.61 -19.16 -1.10
N GLN E 433 -24.47 -18.46 0.02
CA GLN E 433 -25.15 -17.19 0.25
C GLN E 433 -24.77 -16.13 -0.79
N ALA E 434 -23.53 -16.12 -1.27
CA ALA E 434 -23.10 -15.24 -2.35
C ALA E 434 -23.74 -15.63 -3.68
N MET E 435 -23.67 -16.89 -4.10
CA MET E 435 -24.28 -17.29 -5.37
C MET E 435 -25.81 -17.17 -5.40
N LYS E 436 -26.51 -17.26 -4.26
CA LYS E 436 -27.97 -17.04 -4.18
C LYS E 436 -28.41 -15.71 -4.78
N ALA E 437 -27.61 -14.65 -4.66
CA ALA E 437 -27.92 -13.36 -5.26
C ALA E 437 -27.65 -13.30 -6.77
N VAL E 438 -26.82 -14.19 -7.31
CA VAL E 438 -26.54 -14.34 -8.74
C VAL E 438 -27.54 -15.26 -9.41
N VAL E 439 -27.71 -16.49 -8.93
CA VAL E 439 -28.52 -17.51 -9.60
C VAL E 439 -29.99 -17.53 -9.17
N GLY E 440 -30.34 -16.89 -8.06
CA GLY E 440 -31.69 -16.91 -7.49
C GLY E 440 -31.97 -18.22 -6.74
N GLU E 441 -32.81 -18.17 -5.71
CA GLU E 441 -33.01 -19.31 -4.80
C GLU E 441 -33.65 -20.55 -5.44
N GLU E 442 -34.31 -20.41 -6.59
CA GLU E 442 -34.91 -21.52 -7.34
C GLU E 442 -33.89 -22.34 -8.13
N ALA E 443 -32.67 -21.84 -8.34
CA ALA E 443 -31.57 -22.58 -8.96
C ALA E 443 -30.69 -23.34 -7.95
N LEU E 444 -30.83 -23.07 -6.65
CA LEU E 444 -30.10 -23.75 -5.59
C LEU E 444 -30.53 -25.21 -5.46
N THR E 445 -29.58 -26.11 -5.22
CA THR E 445 -29.88 -27.53 -4.97
C THR E 445 -30.40 -27.76 -3.55
N SER E 446 -30.93 -28.94 -3.26
CA SER E 446 -31.33 -29.31 -1.90
C SER E 446 -30.17 -29.22 -0.90
N ASP E 447 -28.94 -29.54 -1.31
CA ASP E 447 -27.75 -29.39 -0.47
C ASP E 447 -27.37 -27.93 -0.25
N ASP E 448 -27.51 -27.06 -1.24
CA ASP E 448 -27.35 -25.62 -1.04
C ASP E 448 -28.33 -25.10 -0.01
N LEU E 449 -29.59 -25.53 -0.05
CA LEU E 449 -30.60 -25.14 0.92
C LEU E 449 -30.30 -25.65 2.34
N LEU E 450 -29.61 -26.78 2.50
CA LEU E 450 -29.09 -27.20 3.81
C LEU E 450 -27.98 -26.28 4.31
N TYR E 451 -26.98 -25.93 3.49
CA TYR E 451 -25.97 -24.95 3.88
C TYR E 451 -26.56 -23.58 4.18
N LEU E 452 -27.60 -23.17 3.47
CA LEU E 452 -28.28 -21.91 3.71
C LEU E 452 -29.08 -21.91 5.03
N GLU E 453 -29.61 -23.06 5.46
CA GLU E 453 -30.23 -23.21 6.78
C GLU E 453 -29.18 -23.27 7.90
N PHE E 454 -28.11 -24.05 7.74
CA PHE E 454 -27.01 -24.10 8.69
C PHE E 454 -26.41 -22.72 8.94
N LEU E 455 -26.17 -21.93 7.89
CA LEU E 455 -25.54 -20.63 8.02
C LEU E 455 -26.31 -19.71 8.97
N GLN E 456 -27.63 -19.67 8.88
CA GLN E 456 -28.46 -18.81 9.71
C GLN E 456 -28.45 -19.30 11.16
N LYS E 457 -28.60 -20.60 11.38
CA LYS E 457 -28.68 -21.17 12.72
C LYS E 457 -27.31 -21.21 13.41
N PHE E 458 -26.21 -21.36 12.69
CA PHE E 458 -24.86 -21.20 13.24
C PHE E 458 -24.64 -19.80 13.82
N GLU E 459 -24.95 -18.74 13.08
CA GLU E 459 -24.74 -17.38 13.56
C GLU E 459 -25.68 -16.98 14.70
N LYS E 460 -26.93 -17.45 14.70
CA LYS E 460 -27.90 -17.18 15.77
C LYS E 460 -27.67 -17.96 17.06
N ASN E 461 -27.04 -19.14 17.01
CA ASN E 461 -26.93 -20.05 18.16
C ASN E 461 -25.50 -20.32 18.61
N PHE E 462 -24.56 -20.53 17.69
CA PHE E 462 -23.17 -20.79 18.05
C PHE E 462 -22.43 -19.47 18.30
N ILE E 463 -22.35 -18.59 17.31
CA ILE E 463 -21.63 -17.31 17.45
C ILE E 463 -22.35 -16.36 18.40
N THR E 464 -23.64 -16.09 18.20
CA THR E 464 -24.38 -15.20 19.11
C THR E 464 -24.47 -15.78 20.50
N GLN E 465 -24.03 -15.03 21.50
CA GLN E 465 -23.99 -15.42 22.91
C GLN E 465 -24.20 -14.17 23.77
N GLY E 466 -24.79 -14.29 24.96
CA GLY E 466 -24.98 -13.14 25.85
C GLY E 466 -23.68 -12.65 26.50
N PRO E 467 -23.57 -11.36 26.86
CA PRO E 467 -22.40 -10.82 27.57
C PRO E 467 -22.23 -11.33 29.01
N TYR E 468 -23.28 -11.92 29.58
CA TYR E 468 -23.30 -12.61 30.87
C TYR E 468 -23.76 -14.07 30.74
N GLU E 469 -23.66 -14.68 29.55
CA GLU E 469 -23.93 -16.10 29.33
C GLU E 469 -22.60 -16.84 29.25
N ASN E 470 -22.39 -17.87 30.09
CA ASN E 470 -21.15 -18.63 30.19
C ASN E 470 -21.39 -20.08 29.74
N ARG E 471 -20.73 -20.53 28.68
CA ARG E 471 -20.86 -21.89 28.16
C ARG E 471 -19.58 -22.64 28.42
N THR E 472 -19.62 -23.79 29.08
CA THR E 472 -18.46 -24.68 29.10
C THR E 472 -18.11 -25.16 27.70
N VAL E 473 -16.94 -25.77 27.53
CA VAL E 473 -16.56 -26.38 26.26
C VAL E 473 -17.52 -27.50 25.90
N TYR E 474 -18.03 -28.24 26.88
CA TYR E 474 -19.02 -29.28 26.67
C TYR E 474 -20.34 -28.73 26.16
N GLU E 475 -20.85 -27.63 26.71
CA GLU E 475 -22.01 -26.95 26.16
C GLU E 475 -21.76 -26.41 24.76
N THR E 476 -20.59 -25.82 24.52
CA THR E 476 -20.18 -25.37 23.19
C THR E 476 -20.20 -26.50 22.17
N LEU E 477 -19.69 -27.68 22.51
CA LEU E 477 -19.65 -28.83 21.62
C LEU E 477 -21.03 -29.43 21.38
N ASP E 478 -21.90 -29.40 22.37
CA ASP E 478 -23.27 -29.85 22.23
C ASP E 478 -24.11 -28.91 21.33
N ILE E 479 -23.92 -27.59 21.43
CA ILE E 479 -24.49 -26.62 20.48
C ILE E 479 -23.93 -26.85 19.09
N GLY E 480 -22.65 -27.21 18.97
CA GLY E 480 -22.03 -27.64 17.73
C GLY E 480 -22.72 -28.85 17.09
N TRP E 481 -23.02 -29.91 17.85
CA TRP E 481 -23.75 -31.07 17.33
C TRP E 481 -25.20 -30.79 16.96
N GLN E 482 -25.91 -29.90 17.65
CA GLN E 482 -27.28 -29.54 17.25
C GLN E 482 -27.32 -28.96 15.84
N LEU E 483 -26.29 -28.22 15.43
CA LEU E 483 -26.16 -27.65 14.10
C LEU E 483 -25.71 -28.68 13.07
N LEU E 484 -24.72 -29.52 13.38
CA LEU E 484 -24.29 -30.57 12.46
C LEU E 484 -25.41 -31.55 12.11
N ARG E 485 -26.33 -31.82 13.04
CA ARG E 485 -27.51 -32.66 12.81
C ARG E 485 -28.52 -32.08 11.83
N ILE E 486 -28.35 -30.86 11.32
CA ILE E 486 -29.14 -30.34 10.20
C ILE E 486 -28.87 -31.17 8.93
N PHE E 487 -27.69 -31.75 8.79
CA PHE E 487 -27.25 -32.46 7.57
C PHE E 487 -27.47 -33.97 7.65
N PRO E 488 -27.77 -34.67 6.53
CA PRO E 488 -27.55 -36.10 6.41
C PRO E 488 -26.11 -36.44 6.78
N LYS E 489 -25.85 -37.50 7.56
CA LYS E 489 -24.51 -37.79 8.07
C LYS E 489 -23.45 -38.11 7.01
N GLU E 490 -23.86 -38.42 5.78
CA GLU E 490 -22.98 -38.52 4.61
C GLU E 490 -22.32 -37.18 4.23
N MET E 491 -22.91 -36.04 4.58
CA MET E 491 -22.37 -34.71 4.27
C MET E 491 -21.16 -34.35 5.13
N LEU E 492 -21.04 -34.95 6.31
CA LEU E 492 -20.09 -34.59 7.37
C LEU E 492 -18.71 -35.21 7.12
N LYS E 493 -18.14 -34.93 5.94
CA LYS E 493 -16.94 -35.58 5.41
C LYS E 493 -15.65 -35.35 6.20
N ARG E 494 -15.57 -34.29 7.01
CA ARG E 494 -14.44 -34.00 7.91
C ARG E 494 -14.48 -34.82 9.20
N ILE E 495 -15.57 -35.53 9.49
CA ILE E 495 -15.75 -36.31 10.71
C ILE E 495 -15.61 -37.80 10.38
N PRO E 496 -14.74 -38.57 11.06
CA PRO E 496 -14.62 -40.01 10.86
C PRO E 496 -15.83 -40.80 11.39
N GLN E 497 -16.05 -41.99 10.84
CA GLN E 497 -17.19 -42.86 11.13
C GLN E 497 -17.34 -43.19 12.62
N SER E 498 -16.24 -43.34 13.35
CA SER E 498 -16.27 -43.62 14.80
C SER E 498 -16.88 -42.47 15.60
N THR E 499 -16.50 -41.22 15.30
CA THR E 499 -17.08 -40.03 15.91
C THR E 499 -18.54 -39.85 15.51
N LEU E 500 -18.90 -40.05 14.25
CA LEU E 500 -20.30 -40.00 13.82
C LEU E 500 -21.15 -41.04 14.54
N SER E 501 -20.63 -42.23 14.76
CA SER E 501 -21.36 -43.30 15.44
C SER E 501 -21.64 -42.99 16.90
N GLU E 502 -20.70 -42.39 17.62
CA GLU E 502 -20.85 -42.04 19.03
C GLU E 502 -21.67 -40.77 19.26
N PHE E 503 -21.64 -39.77 18.36
CA PHE E 503 -22.17 -38.43 18.64
C PHE E 503 -23.26 -37.93 17.70
N TYR E 504 -23.43 -38.44 16.47
CA TYR E 504 -24.48 -37.93 15.59
C TYR E 504 -25.90 -38.22 16.11
N PRO E 505 -26.23 -39.42 16.62
CA PRO E 505 -27.57 -39.70 17.14
C PRO E 505 -27.84 -38.99 18.48
N ARG E 506 -29.04 -38.41 18.64
CA ARG E 506 -29.58 -37.99 19.92
C ARG E 506 -29.82 -39.18 20.84
N ASP E 507 -29.85 -38.94 22.15
CA ASP E 507 -30.10 -39.96 23.18
C ASP E 507 -30.85 -39.37 24.38
N SER E 508 -31.62 -40.17 25.10
CA SER E 508 -32.44 -39.73 26.24
C SER E 508 -31.60 -39.18 27.39
N ASN F 38 59.09 14.35 -12.84
CA ASN F 38 60.21 13.79 -12.05
C ASN F 38 59.70 13.02 -10.83
N TYR F 39 60.57 12.21 -10.20
CA TYR F 39 60.21 11.31 -9.10
C TYR F 39 59.91 12.05 -7.79
N LEU F 40 59.10 11.45 -6.93
CA LEU F 40 58.99 11.83 -5.53
C LEU F 40 60.20 11.28 -4.76
N SER F 41 61.21 12.12 -4.56
CA SER F 41 62.52 11.74 -4.00
C SER F 41 62.72 12.15 -2.53
N GLN F 42 61.78 12.89 -1.94
CA GLN F 42 61.73 13.18 -0.49
C GLN F 42 61.07 12.01 0.27
N PRO F 43 61.37 11.77 1.55
CA PRO F 43 60.84 10.63 2.33
C PRO F 43 59.32 10.65 2.54
N ARG F 44 58.75 9.53 2.99
CA ARG F 44 57.34 9.40 3.38
C ARG F 44 57.15 9.56 4.88
N LEU F 45 56.19 10.39 5.26
CA LEU F 45 55.77 10.57 6.65
C LEU F 45 54.84 9.46 7.11
N THR F 46 55.06 8.99 8.34
CA THR F 46 54.26 7.96 8.99
C THR F 46 53.70 8.49 10.30
N TYR F 47 52.41 8.31 10.53
CA TYR F 47 51.62 8.91 11.60
C TYR F 47 50.95 7.85 12.48
N LYS F 48 51.05 8.01 13.80
CA LYS F 48 50.21 7.32 14.81
C LYS F 48 49.15 8.27 15.41
N THR F 49 48.74 9.27 14.64
CA THR F 49 47.84 10.35 15.04
C THR F 49 46.37 10.10 14.67
N VAL F 50 45.92 8.85 14.72
CA VAL F 50 44.50 8.50 14.56
C VAL F 50 43.69 9.09 15.70
N SER F 51 42.64 9.83 15.37
CA SER F 51 41.85 10.61 16.32
C SER F 51 40.39 10.16 16.41
N GLY F 52 39.89 9.45 15.41
CA GLY F 52 38.57 8.84 15.41
C GLY F 52 38.45 7.71 14.40
N VAL F 53 37.59 6.73 14.68
CA VAL F 53 37.21 5.66 13.75
C VAL F 53 35.69 5.47 13.80
N ASN F 54 35.05 5.43 12.65
CA ASN F 54 33.59 5.48 12.52
C ASN F 54 33.15 4.90 11.17
N GLY F 55 32.50 3.73 11.16
CA GLY F 55 32.15 3.06 9.91
C GLY F 55 33.41 2.74 9.09
N PRO F 56 33.41 2.90 7.75
CA PRO F 56 34.58 2.66 6.92
C PRO F 56 35.67 3.75 7.01
N LEU F 57 35.47 4.80 7.80
CA LEU F 57 36.31 6.00 7.83
C LEU F 57 37.21 6.04 9.07
N VAL F 58 38.49 6.36 8.86
CA VAL F 58 39.48 6.67 9.89
C VAL F 58 39.85 8.14 9.75
N ILE F 59 39.98 8.86 10.86
CA ILE F 59 40.34 10.29 10.86
C ILE F 59 41.68 10.48 11.53
N LEU F 60 42.63 11.08 10.83
CA LEU F 60 43.95 11.44 11.35
C LEU F 60 44.06 12.95 11.53
N ASP F 61 44.85 13.38 12.50
CA ASP F 61 45.15 14.79 12.76
C ASP F 61 46.67 15.05 12.79
N HIS F 62 47.11 16.30 12.86
CA HIS F 62 48.52 16.72 12.79
C HIS F 62 49.21 16.34 11.46
N VAL F 63 48.45 16.05 10.41
CA VAL F 63 48.97 15.73 9.09
C VAL F 63 49.53 17.00 8.43
N LYS F 64 50.72 16.90 7.84
CA LYS F 64 51.44 17.99 7.16
C LYS F 64 50.89 18.21 5.75
N PHE F 65 50.31 19.38 5.47
CA PHE F 65 49.74 19.79 4.17
C PHE F 65 48.94 18.67 3.46
N PRO F 66 47.81 18.20 4.01
CA PRO F 66 47.11 17.03 3.46
C PRO F 66 46.71 17.21 1.99
N ARG F 67 46.78 16.14 1.20
CA ARG F 67 46.41 16.10 -0.22
C ARG F 67 45.11 15.34 -0.44
N TYR F 68 44.15 15.95 -1.13
CA TYR F 68 42.89 15.31 -1.46
C TYR F 68 43.09 14.14 -2.44
N ALA F 69 42.37 13.04 -2.23
CA ALA F 69 42.44 11.79 -3.00
C ALA F 69 43.77 11.01 -2.93
N GLU F 70 44.68 11.37 -2.02
CA GLU F 70 45.91 10.64 -1.75
C GLU F 70 45.70 9.21 -1.22
N ILE F 71 46.67 8.33 -1.46
CA ILE F 71 46.68 6.95 -0.95
C ILE F 71 47.56 6.80 0.29
N VAL F 72 47.04 6.04 1.25
CA VAL F 72 47.59 5.82 2.59
C VAL F 72 47.69 4.32 2.84
N HIS F 73 48.79 3.86 3.43
CA HIS F 73 48.95 2.48 3.89
C HIS F 73 48.89 2.40 5.41
N LEU F 74 47.98 1.60 5.93
CA LEU F 74 47.75 1.40 7.35
C LEU F 74 48.37 0.08 7.79
N THR F 75 49.09 0.08 8.91
CA THR F 75 49.56 -1.14 9.57
C THR F 75 48.86 -1.26 10.91
N LEU F 76 48.09 -2.33 11.08
CA LEU F 76 47.28 -2.60 12.27
C LEU F 76 48.12 -3.08 13.46
N PRO F 77 47.56 -3.14 14.67
CA PRO F 77 48.31 -3.56 15.86
C PRO F 77 48.86 -4.99 15.77
N ASP F 78 48.18 -5.89 15.06
CA ASP F 78 48.62 -7.26 14.77
C ASP F 78 49.59 -7.39 13.57
N GLY F 79 49.98 -6.26 12.95
CA GLY F 79 50.88 -6.22 11.80
C GLY F 79 50.20 -6.39 10.43
N THR F 80 48.88 -6.53 10.34
CA THR F 80 48.15 -6.58 9.06
C THR F 80 48.27 -5.27 8.29
N LYS F 81 48.43 -5.31 6.96
CA LYS F 81 48.42 -4.12 6.10
C LYS F 81 47.06 -3.92 5.44
N ARG F 82 46.60 -2.68 5.39
CA ARG F 82 45.42 -2.22 4.65
C ARG F 82 45.74 -0.93 3.92
N SER F 83 44.94 -0.55 2.93
CA SER F 83 45.11 0.71 2.19
C SER F 83 43.83 1.50 2.15
N GLY F 84 43.94 2.82 2.13
CA GLY F 84 42.79 3.69 2.02
C GLY F 84 43.08 4.93 1.19
N GLN F 85 42.03 5.67 0.89
CA GLN F 85 42.10 6.92 0.14
C GLN F 85 41.56 8.10 0.93
N VAL F 86 42.24 9.24 0.89
CA VAL F 86 41.83 10.46 1.57
C VAL F 86 40.61 11.07 0.88
N LEU F 87 39.43 10.95 1.50
CA LEU F 87 38.14 11.43 0.98
C LEU F 87 37.79 12.86 1.35
N GLU F 88 38.46 13.45 2.34
CA GLU F 88 38.29 14.85 2.70
C GLU F 88 39.50 15.33 3.47
N VAL F 89 39.85 16.60 3.30
CA VAL F 89 40.95 17.25 4.02
C VAL F 89 40.47 18.59 4.55
N SER F 90 40.92 18.96 5.74
CA SER F 90 40.61 20.26 6.35
C SER F 90 41.63 20.61 7.42
N GLY F 91 42.39 21.69 7.24
CA GLY F 91 43.48 22.04 8.15
C GLY F 91 44.49 20.90 8.30
N SER F 92 44.85 20.55 9.53
CA SER F 92 45.72 19.40 9.82
C SER F 92 45.00 18.04 9.84
N LYS F 93 43.69 17.96 9.56
CA LYS F 93 42.91 16.72 9.56
C LYS F 93 42.70 16.14 8.17
N ALA F 94 42.76 14.82 8.09
CA ALA F 94 42.49 14.04 6.88
C ALA F 94 41.55 12.89 7.20
N VAL F 95 40.52 12.69 6.40
CA VAL F 95 39.56 11.58 6.53
C VAL F 95 39.87 10.57 5.44
N VAL F 96 40.19 9.35 5.83
CA VAL F 96 40.60 8.28 4.93
C VAL F 96 39.57 7.16 4.98
N GLN F 97 39.19 6.64 3.82
CA GLN F 97 38.33 5.46 3.72
C GLN F 97 39.17 4.24 3.43
N VAL F 98 39.02 3.17 4.20
CA VAL F 98 39.88 1.99 4.11
C VAL F 98 39.22 0.95 3.22
N PHE F 99 39.91 0.47 2.19
CA PHE F 99 39.31 -0.42 1.19
C PHE F 99 38.93 -1.79 1.79
N GLU F 100 39.76 -2.31 2.68
CA GLU F 100 39.51 -3.58 3.37
C GLU F 100 38.65 -3.45 4.64
N GLY F 101 38.27 -2.24 5.03
CA GLY F 101 37.45 -1.96 6.22
C GLY F 101 38.21 -1.65 7.50
N THR F 102 37.51 -1.20 8.55
CA THR F 102 38.09 -0.63 9.79
C THR F 102 38.07 -1.54 11.02
N SER F 103 37.57 -2.77 10.93
CA SER F 103 37.56 -3.70 12.05
C SER F 103 38.97 -3.97 12.58
N GLY F 104 39.20 -3.92 13.89
CA GLY F 104 40.52 -4.16 14.47
C GLY F 104 41.47 -2.97 14.45
N ILE F 105 41.12 -1.84 13.83
CA ILE F 105 41.87 -0.58 13.93
C ILE F 105 41.67 0.04 15.31
N ASP F 106 42.69 0.67 15.86
CA ASP F 106 42.64 1.41 17.14
C ASP F 106 43.22 2.83 17.00
N ALA F 107 43.04 3.66 18.01
CA ALA F 107 43.65 4.99 18.04
C ALA F 107 45.17 4.94 18.36
N LYS F 108 45.58 4.11 19.32
CA LYS F 108 46.95 4.13 19.87
C LYS F 108 48.02 3.49 18.99
N LYS F 109 47.88 2.23 18.57
CA LYS F 109 48.96 1.44 17.96
C LYS F 109 48.94 1.41 16.42
N THR F 110 47.80 1.65 15.78
CA THR F 110 47.70 1.66 14.31
C THR F 110 48.52 2.78 13.70
N SER F 111 49.32 2.47 12.67
CA SER F 111 50.30 3.36 12.06
C SER F 111 49.99 3.59 10.59
N CYS F 112 49.93 4.83 10.12
CA CYS F 112 49.54 5.20 8.77
C CYS F 112 50.66 5.91 8.01
N GLU F 113 51.06 5.38 6.87
CA GLU F 113 52.05 5.94 5.97
C GLU F 113 51.37 6.58 4.77
N PHE F 114 51.68 7.84 4.51
CA PHE F 114 51.09 8.63 3.42
C PHE F 114 52.04 8.59 2.23
N THR F 115 51.55 8.27 1.03
CA THR F 115 52.40 7.98 -0.13
C THR F 115 52.87 9.22 -0.89
N GLY F 116 52.27 10.39 -0.68
CA GLY F 116 52.56 11.61 -1.43
C GLY F 116 51.80 11.73 -2.76
N ASP F 117 50.98 10.75 -3.13
CA ASP F 117 50.36 10.68 -4.46
C ASP F 117 48.99 9.98 -4.46
N ILE F 118 48.24 10.20 -5.53
CA ILE F 118 46.96 9.54 -5.81
C ILE F 118 47.16 8.08 -6.24
N LEU F 119 46.07 7.34 -6.42
CA LEU F 119 46.15 5.96 -6.89
C LEU F 119 46.55 5.85 -8.36
N ARG F 120 47.73 5.31 -8.63
CA ARG F 120 48.22 4.97 -9.96
C ARG F 120 48.53 3.49 -10.03
N THR F 121 48.22 2.84 -11.15
CA THR F 121 48.43 1.40 -11.37
C THR F 121 49.58 1.16 -12.36
N PRO F 122 50.48 0.19 -12.12
CA PRO F 122 51.49 -0.22 -13.11
C PRO F 122 50.85 -0.95 -14.29
N VAL F 123 51.20 -0.57 -15.52
CA VAL F 123 50.58 -1.12 -16.74
C VAL F 123 51.63 -1.56 -17.75
N SER F 124 51.41 -2.69 -18.42
CA SER F 124 52.23 -3.23 -19.49
C SER F 124 51.44 -4.23 -20.33
N GLU F 125 51.89 -4.60 -21.52
CA GLU F 125 51.24 -5.67 -22.31
C GLU F 125 51.35 -7.06 -21.67
N ASP F 126 52.30 -7.27 -20.76
CA ASP F 126 52.45 -8.49 -19.98
C ASP F 126 51.25 -8.76 -19.05
N MET F 127 50.30 -7.84 -18.94
CA MET F 127 49.03 -8.05 -18.26
C MET F 127 48.05 -8.93 -19.05
N LEU F 128 48.18 -9.07 -20.37
CA LEU F 128 47.43 -10.07 -21.12
C LEU F 128 47.99 -11.46 -20.82
N GLY F 129 47.11 -12.40 -20.48
CA GLY F 129 47.48 -13.72 -19.99
C GLY F 129 47.76 -13.79 -18.49
N ARG F 130 47.18 -12.90 -17.67
CA ARG F 130 47.32 -12.81 -16.21
C ARG F 130 45.97 -12.73 -15.50
N VAL F 131 45.94 -13.12 -14.22
CA VAL F 131 44.79 -12.97 -13.33
C VAL F 131 45.17 -12.18 -12.08
N PHE F 132 44.39 -11.16 -11.78
CA PHE F 132 44.54 -10.25 -10.65
C PHE F 132 43.26 -10.24 -9.83
N ASN F 133 43.35 -9.97 -8.52
CA ASN F 133 42.16 -9.65 -7.74
C ASN F 133 41.69 -8.21 -7.98
N GLY F 134 40.55 -7.81 -7.41
CA GLY F 134 39.96 -6.49 -7.63
C GLY F 134 40.78 -5.29 -7.14
N SER F 135 41.89 -5.48 -6.45
CA SER F 135 42.84 -4.41 -6.10
C SER F 135 44.09 -4.40 -7.00
N GLY F 136 44.16 -5.28 -8.01
CA GLY F 136 45.25 -5.35 -8.98
C GLY F 136 46.42 -6.27 -8.60
N LYS F 137 46.38 -6.91 -7.43
CA LYS F 137 47.38 -7.88 -6.97
C LYS F 137 47.25 -9.22 -7.69
N PRO F 138 48.33 -9.92 -8.07
CA PRO F 138 48.24 -11.20 -8.76
C PRO F 138 47.59 -12.31 -7.94
N ILE F 139 46.86 -13.20 -8.61
CA ILE F 139 46.27 -14.41 -8.00
C ILE F 139 46.48 -15.67 -8.86
N ASP F 140 47.49 -15.65 -9.75
CA ASP F 140 47.83 -16.72 -10.70
C ASP F 140 49.19 -17.39 -10.41
N ARG F 141 49.80 -17.13 -9.26
CA ARG F 141 51.16 -17.53 -8.86
C ARG F 141 52.28 -16.94 -9.74
N GLY F 142 52.00 -15.94 -10.58
CA GLY F 142 53.00 -15.16 -11.28
C GLY F 142 53.58 -14.03 -10.42
N PRO F 143 54.58 -13.30 -10.93
CA PRO F 143 55.12 -12.14 -10.25
C PRO F 143 54.19 -10.92 -10.33
N VAL F 144 54.51 -9.88 -9.56
CA VAL F 144 53.96 -8.53 -9.76
C VAL F 144 54.33 -7.97 -11.13
N VAL F 145 53.54 -7.04 -11.64
CA VAL F 145 53.73 -6.41 -12.95
C VAL F 145 54.97 -5.50 -12.95
N LEU F 146 55.88 -5.65 -13.93
CA LEU F 146 56.78 -4.56 -14.31
C LEU F 146 56.01 -3.54 -15.15
N ALA F 147 56.06 -2.29 -14.74
CA ALA F 147 55.41 -1.20 -15.41
C ALA F 147 56.14 -0.80 -16.70
N GLU F 148 55.45 -0.72 -17.83
CA GLU F 148 55.83 0.14 -18.95
C GLU F 148 55.44 1.59 -18.64
N ASP F 149 54.41 1.80 -17.82
CA ASP F 149 54.02 3.10 -17.25
C ASP F 149 53.23 2.93 -15.96
N PHE F 150 53.13 3.98 -15.14
CA PHE F 150 52.16 4.07 -14.05
C PHE F 150 51.06 5.05 -14.41
N LEU F 151 49.80 4.59 -14.49
CA LEU F 151 48.67 5.40 -14.93
C LEU F 151 47.67 5.66 -13.82
N ASP F 152 47.16 6.89 -13.74
CA ASP F 152 46.07 7.29 -12.85
C ASP F 152 44.81 6.46 -13.13
N ILE F 153 44.34 5.76 -12.12
CA ILE F 153 43.18 4.86 -12.16
C ILE F 153 41.91 5.55 -12.67
N MET F 154 41.75 6.86 -12.44
CA MET F 154 40.58 7.61 -12.89
C MET F 154 40.57 7.91 -14.40
N GLY F 155 41.70 7.71 -15.09
CA GLY F 155 41.85 8.14 -16.47
C GLY F 155 41.70 9.65 -16.61
N GLN F 156 41.33 10.12 -17.79
CA GLN F 156 41.08 11.52 -18.08
C GLN F 156 40.06 11.63 -19.23
N PRO F 157 39.05 12.51 -19.18
CA PRO F 157 38.06 12.59 -20.25
C PRO F 157 38.68 12.95 -21.61
N ILE F 158 38.32 12.19 -22.64
CA ILE F 158 38.77 12.44 -24.00
C ILE F 158 38.02 13.65 -24.54
N ASN F 159 38.75 14.53 -25.24
CA ASN F 159 38.22 15.73 -25.87
C ASN F 159 37.20 15.34 -26.97
N PRO F 160 35.95 15.83 -26.94
CA PRO F 160 34.95 15.55 -27.96
C PRO F 160 35.35 15.88 -29.40
N GLN F 161 36.27 16.84 -29.60
CA GLN F 161 36.83 17.14 -30.92
C GLN F 161 37.76 16.03 -31.44
N CYS F 162 38.40 15.26 -30.56
CA CYS F 162 39.33 14.17 -30.89
C CYS F 162 38.67 12.80 -31.02
N ARG F 163 37.42 12.63 -30.57
CA ARG F 163 36.68 11.39 -30.73
C ARG F 163 36.36 11.14 -32.20
N ILE F 164 36.41 9.89 -32.61
CA ILE F 164 35.98 9.43 -33.94
C ILE F 164 34.67 8.67 -33.77
N TYR F 165 33.63 9.01 -34.55
CA TYR F 165 32.33 8.37 -34.43
C TYR F 165 32.41 6.88 -34.82
N PRO F 166 31.92 5.93 -34.00
CA PRO F 166 32.02 4.50 -34.27
C PRO F 166 31.04 4.02 -35.35
N GLU F 167 31.53 3.27 -36.35
CA GLU F 167 30.74 2.88 -37.54
C GLU F 167 31.04 1.48 -38.11
N GLU F 168 32.15 0.84 -37.75
CA GLU F 168 32.46 -0.50 -38.25
C GLU F 168 31.66 -1.56 -37.49
N MET F 169 30.74 -2.26 -38.15
CA MET F 169 29.88 -3.21 -37.46
C MET F 169 30.65 -4.45 -37.00
N ILE F 170 30.55 -4.75 -35.71
CA ILE F 170 30.88 -6.04 -35.12
C ILE F 170 29.74 -7.01 -35.39
N GLN F 171 30.03 -8.09 -36.10
CA GLN F 171 29.18 -9.27 -36.19
C GLN F 171 29.39 -10.12 -34.93
N THR F 172 28.41 -10.20 -34.03
CA THR F 172 28.43 -11.10 -32.87
C THR F 172 28.05 -12.52 -33.23
N GLY F 173 27.44 -12.71 -34.40
CA GLY F 173 26.90 -13.98 -34.85
C GLY F 173 25.51 -14.30 -34.30
N ILE F 174 24.93 -13.44 -33.43
CA ILE F 174 23.63 -13.64 -32.79
C ILE F 174 22.57 -12.79 -33.49
N SER F 175 21.54 -13.41 -34.08
CA SER F 175 20.59 -12.69 -34.95
C SER F 175 19.82 -11.54 -34.28
N ALA F 176 19.37 -11.73 -33.05
CA ALA F 176 18.64 -10.72 -32.27
C ALA F 176 19.45 -9.45 -32.01
N ILE F 177 20.79 -9.57 -31.96
CA ILE F 177 21.72 -8.45 -31.86
C ILE F 177 22.06 -7.95 -33.26
N ASP F 178 22.62 -8.78 -34.11
CA ASP F 178 23.17 -8.35 -35.40
C ASP F 178 22.11 -7.80 -36.37
N GLY F 179 20.89 -8.32 -36.39
CA GLY F 179 19.82 -7.88 -37.29
C GLY F 179 18.93 -6.77 -36.75
N MET F 180 18.79 -6.62 -35.42
CA MET F 180 17.84 -5.67 -34.81
C MET F 180 18.42 -4.71 -33.78
N ASN F 181 19.69 -4.87 -33.38
CA ASN F 181 20.40 -3.97 -32.46
C ASN F 181 21.90 -3.91 -32.80
N SER F 182 22.26 -3.80 -34.07
CA SER F 182 23.63 -3.97 -34.58
C SER F 182 24.67 -3.13 -33.82
N ILE F 183 25.84 -3.71 -33.53
CA ILE F 183 26.87 -3.12 -32.67
C ILE F 183 28.01 -2.58 -33.54
N ALA F 184 28.45 -1.34 -33.29
CA ALA F 184 29.63 -0.77 -33.90
C ALA F 184 30.86 -0.91 -33.00
N ARG F 185 32.06 -1.08 -33.58
CA ARG F 185 33.32 -1.15 -32.82
C ARG F 185 33.61 0.19 -32.15
N GLY F 186 33.68 0.20 -30.81
CA GLY F 186 33.78 1.42 -29.99
C GLY F 186 32.52 1.80 -29.21
N GLN F 187 31.45 1.00 -29.27
CA GLN F 187 30.18 1.24 -28.59
C GLN F 187 30.20 0.88 -27.09
N LYS F 188 29.31 1.50 -26.30
CA LYS F 188 28.84 0.96 -25.01
C LYS F 188 27.45 0.37 -25.19
N ILE F 189 27.28 -0.92 -24.93
CA ILE F 189 25.98 -1.57 -25.03
C ILE F 189 25.83 -2.68 -23.99
N PRO F 190 25.32 -2.37 -22.79
CA PRO F 190 25.14 -3.35 -21.72
C PRO F 190 24.08 -4.41 -22.01
N ILE F 191 24.23 -5.55 -21.33
CA ILE F 191 23.21 -6.58 -21.21
C ILE F 191 22.40 -6.32 -19.94
N PHE F 192 21.14 -5.98 -20.10
CA PHE F 192 20.15 -5.86 -19.03
C PHE F 192 19.50 -7.21 -18.82
N SER F 193 19.81 -7.85 -17.70
CA SER F 193 19.34 -9.18 -17.34
C SER F 193 18.76 -9.18 -15.93
N ALA F 194 18.46 -10.35 -15.39
CA ALA F 194 17.96 -10.53 -14.03
C ALA F 194 18.53 -11.81 -13.41
N ALA F 195 18.37 -11.98 -12.11
CA ALA F 195 18.94 -13.13 -11.41
C ALA F 195 18.38 -14.45 -11.98
N GLY F 196 19.27 -15.40 -12.26
CA GLY F 196 18.95 -16.73 -12.79
C GLY F 196 18.82 -16.86 -14.31
N LEU F 197 18.95 -15.77 -15.07
CA LEU F 197 18.92 -15.78 -16.55
C LEU F 197 20.32 -16.08 -17.15
N PRO F 198 20.42 -16.54 -18.41
CA PRO F 198 21.68 -17.02 -18.97
C PRO F 198 22.59 -15.92 -19.57
N HIS F 199 22.75 -14.79 -18.88
CA HIS F 199 23.52 -13.65 -19.38
C HIS F 199 25.02 -13.88 -19.46
N ASN F 200 25.60 -14.73 -18.60
CA ASN F 200 27.01 -15.08 -18.69
C ASN F 200 27.29 -15.90 -19.94
N GLU F 201 26.38 -16.82 -20.27
CA GLU F 201 26.45 -17.62 -21.47
C GLU F 201 26.31 -16.77 -22.74
N ILE F 202 25.47 -15.74 -22.74
CA ILE F 202 25.41 -14.76 -23.83
C ILE F 202 26.73 -13.99 -23.94
N ALA F 203 27.26 -13.46 -22.85
CA ALA F 203 28.52 -12.72 -22.86
C ALA F 203 29.70 -13.58 -23.32
N ALA F 204 29.80 -14.82 -22.85
CA ALA F 204 30.76 -15.80 -23.34
C ALA F 204 30.58 -16.10 -24.83
N GLN F 205 29.35 -16.26 -25.32
CA GLN F 205 29.10 -16.45 -26.75
C GLN F 205 29.54 -15.24 -27.57
N ILE F 206 29.34 -14.01 -27.10
CA ILE F 206 29.83 -12.81 -27.76
C ILE F 206 31.35 -12.76 -27.76
N CYS F 207 32.03 -13.02 -26.64
CA CYS F 207 33.49 -13.07 -26.57
C CYS F 207 34.09 -14.08 -27.54
N ARG F 208 33.45 -15.25 -27.65
CA ARG F 208 33.82 -16.35 -28.55
C ARG F 208 33.61 -16.00 -30.03
N GLN F 209 32.48 -15.41 -30.39
CA GLN F 209 32.06 -15.25 -31.78
C GLN F 209 32.32 -13.88 -32.43
N ALA F 210 32.55 -12.81 -31.66
CA ALA F 210 32.62 -11.47 -32.22
C ALA F 210 33.79 -11.27 -33.20
N GLY F 211 33.49 -10.65 -34.34
CA GLY F 211 34.44 -10.20 -35.37
C GLY F 211 33.81 -9.09 -36.21
N LEU F 212 34.46 -8.61 -37.27
CA LEU F 212 33.89 -7.57 -38.14
C LEU F 212 33.09 -8.18 -39.29
N VAL F 213 32.08 -7.46 -39.80
CA VAL F 213 31.34 -7.84 -41.01
C VAL F 213 32.25 -7.82 -42.24
N ASN F 226 41.37 -9.71 -34.30
CA ASN F 226 41.17 -10.21 -32.93
C ASN F 226 40.82 -9.08 -31.95
N PHE F 227 40.20 -9.45 -30.83
CA PHE F 227 40.04 -8.60 -29.65
C PHE F 227 40.98 -9.04 -28.53
N ALA F 228 41.69 -8.09 -27.92
CA ALA F 228 42.13 -8.27 -26.54
C ALA F 228 40.91 -8.17 -25.63
N ILE F 229 40.79 -9.00 -24.60
CA ILE F 229 39.66 -8.94 -23.67
C ILE F 229 40.14 -8.48 -22.30
N VAL F 230 39.49 -7.47 -21.74
CA VAL F 230 39.66 -7.12 -20.33
C VAL F 230 38.36 -7.42 -19.60
N PHE F 231 38.44 -8.31 -18.62
CA PHE F 231 37.30 -8.80 -17.88
C PHE F 231 37.37 -8.33 -16.43
N ALA F 232 36.29 -7.73 -15.92
CA ALA F 232 36.16 -7.39 -14.52
C ALA F 232 34.94 -8.07 -13.89
N ALA F 233 35.13 -8.59 -12.68
CA ALA F 233 34.07 -9.14 -11.85
C ALA F 233 33.98 -8.42 -10.52
N MET F 234 32.78 -7.98 -10.15
CA MET F 234 32.46 -7.41 -8.85
C MET F 234 31.44 -8.30 -8.13
N GLY F 235 31.81 -8.94 -7.03
CA GLY F 235 30.89 -9.68 -6.16
C GLY F 235 30.31 -10.98 -6.76
N VAL F 236 30.97 -11.58 -7.75
CA VAL F 236 30.56 -12.87 -8.35
C VAL F 236 30.77 -14.06 -7.40
N ASN F 237 30.02 -15.14 -7.56
CA ASN F 237 30.31 -16.41 -6.86
C ASN F 237 31.43 -17.22 -7.54
N MET F 238 31.98 -18.22 -6.85
CA MET F 238 33.05 -19.05 -7.41
C MET F 238 32.63 -19.80 -8.67
N GLU F 239 31.36 -20.15 -8.84
CA GLU F 239 30.88 -20.80 -10.06
C GLU F 239 30.99 -19.86 -11.27
N THR F 240 30.64 -18.60 -11.11
CA THR F 240 30.73 -17.60 -12.18
C THR F 240 32.17 -17.27 -12.53
N ALA F 241 33.06 -17.18 -11.54
CA ALA F 241 34.49 -17.01 -11.78
C ALA F 241 35.08 -18.21 -12.55
N ARG F 242 34.74 -19.44 -12.14
CA ARG F 242 35.14 -20.67 -12.85
C ARG F 242 34.58 -20.76 -14.26
N PHE F 243 33.33 -20.39 -14.50
CA PHE F 243 32.73 -20.44 -15.83
C PHE F 243 33.50 -19.60 -16.86
N PHE F 244 33.74 -18.32 -16.59
CA PHE F 244 34.42 -17.45 -17.56
C PHE F 244 35.86 -17.90 -17.78
N LYS F 245 36.60 -18.20 -16.71
CA LYS F 245 37.99 -18.66 -16.81
C LYS F 245 38.09 -19.96 -17.62
N SER F 246 37.20 -20.91 -17.36
CA SER F 246 37.07 -22.14 -18.12
C SER F 246 36.78 -21.87 -19.59
N ASP F 247 35.80 -21.02 -19.91
CA ASP F 247 35.43 -20.72 -21.28
C ASP F 247 36.58 -20.08 -22.07
N PHE F 248 37.33 -19.16 -21.46
CA PHE F 248 38.53 -18.60 -22.08
C PHE F 248 39.63 -19.65 -22.31
N GLU F 249 39.93 -20.50 -21.33
CA GLU F 249 40.92 -21.57 -21.47
C GLU F 249 40.49 -22.67 -22.46
N GLU F 250 39.22 -23.04 -22.49
CA GLU F 250 38.66 -24.09 -23.35
C GLU F 250 38.68 -23.66 -24.82
N ASN F 251 38.38 -22.40 -25.10
CA ASN F 251 38.50 -21.84 -26.45
C ASN F 251 39.93 -21.39 -26.78
N GLY F 252 40.95 -21.83 -26.02
CA GLY F 252 42.38 -21.59 -26.28
C GLY F 252 42.81 -20.12 -26.26
N SER F 253 41.94 -19.24 -25.79
CA SER F 253 42.02 -17.78 -25.99
C SER F 253 42.79 -17.03 -24.91
N MET F 254 43.16 -17.69 -23.81
CA MET F 254 43.63 -17.06 -22.57
C MET F 254 44.92 -16.23 -22.71
N ASP F 255 45.73 -16.39 -23.76
CA ASP F 255 46.89 -15.52 -23.99
C ASP F 255 46.52 -14.06 -24.32
N ASN F 256 45.28 -13.79 -24.70
CA ASN F 256 44.78 -12.47 -25.12
C ASN F 256 43.72 -11.91 -24.17
N VAL F 257 43.65 -12.40 -22.94
CA VAL F 257 42.65 -12.03 -21.92
C VAL F 257 43.34 -11.53 -20.66
N CYS F 258 42.80 -10.50 -20.01
CA CYS F 258 43.21 -10.05 -18.67
C CYS F 258 42.01 -10.13 -17.73
N LEU F 259 42.16 -10.73 -16.54
CA LEU F 259 41.07 -10.91 -15.58
C LEU F 259 41.35 -10.16 -14.27
N PHE F 260 40.42 -9.31 -13.85
CA PHE F 260 40.37 -8.73 -12.51
C PHE F 260 39.16 -9.31 -11.77
N LEU F 261 39.37 -10.06 -10.70
CA LEU F 261 38.30 -10.79 -10.00
C LEU F 261 38.12 -10.30 -8.56
N ASN F 262 36.95 -9.79 -8.23
CA ASN F 262 36.47 -9.62 -6.85
C ASN F 262 35.23 -10.50 -6.66
N LEU F 263 35.27 -11.43 -5.71
CA LEU F 263 34.21 -12.39 -5.44
C LEU F 263 33.26 -11.93 -4.33
N ALA F 264 32.15 -12.64 -4.13
CA ALA F 264 31.13 -12.33 -3.12
C ALA F 264 31.65 -12.25 -1.68
N ASN F 265 32.81 -12.86 -1.40
CA ASN F 265 33.49 -12.86 -0.10
C ASN F 265 34.69 -11.89 -0.04
N ASP F 266 35.03 -11.18 -1.12
CA ASP F 266 36.07 -10.15 -1.13
C ASP F 266 35.55 -8.78 -0.66
N PRO F 267 36.42 -7.85 -0.19
CA PRO F 267 36.00 -6.55 0.33
C PRO F 267 35.10 -5.75 -0.62
N THR F 268 34.07 -5.10 -0.10
CA THR F 268 33.08 -4.42 -0.95
C THR F 268 33.57 -3.09 -1.50
N ILE F 269 34.57 -2.43 -0.90
CA ILE F 269 35.09 -1.16 -1.40
C ILE F 269 36.14 -1.37 -2.51
N GLU F 270 36.81 -2.52 -2.60
CA GLU F 270 37.57 -2.87 -3.82
C GLU F 270 36.72 -2.78 -5.10
N ARG F 271 35.42 -3.06 -4.99
CA ARG F 271 34.51 -3.09 -6.14
C ARG F 271 34.41 -1.74 -6.83
N ILE F 272 34.62 -0.64 -6.12
CA ILE F 272 34.58 0.69 -6.71
C ILE F 272 35.88 1.11 -7.42
N ILE F 273 36.99 0.38 -7.20
CA ILE F 273 38.24 0.58 -7.94
C ILE F 273 38.49 -0.49 -8.99
N THR F 274 37.91 -1.68 -8.84
CA THR F 274 38.02 -2.80 -9.78
C THR F 274 37.75 -2.39 -11.23
N PRO F 275 36.61 -1.80 -11.61
CA PRO F 275 36.34 -1.46 -13.01
C PRO F 275 37.23 -0.33 -13.51
N ARG F 276 37.77 0.51 -12.62
CA ARG F 276 38.68 1.59 -12.97
C ARG F 276 40.09 1.08 -13.23
N LEU F 277 40.54 0.00 -12.57
CA LEU F 277 41.76 -0.74 -12.92
C LEU F 277 41.65 -1.42 -14.28
N ALA F 278 40.51 -2.06 -14.56
CA ALA F 278 40.24 -2.67 -15.85
C ALA F 278 40.24 -1.64 -16.98
N LEU F 279 39.50 -0.54 -16.85
CA LEU F 279 39.43 0.50 -17.89
C LEU F 279 40.74 1.25 -18.09
N THR F 280 41.57 1.38 -17.05
CA THR F 280 42.90 1.94 -17.21
C THR F 280 43.82 1.03 -18.02
N THR F 281 43.71 -0.29 -17.82
CA THR F 281 44.42 -1.30 -18.62
C THR F 281 43.96 -1.27 -20.08
N ALA F 282 42.65 -1.21 -20.33
CA ALA F 282 42.09 -1.07 -21.67
C ALA F 282 42.57 0.19 -22.40
N GLU F 283 42.69 1.33 -21.73
CA GLU F 283 43.17 2.57 -22.33
C GLU F 283 44.63 2.51 -22.76
N PHE F 284 45.52 1.85 -22.01
CA PHE F 284 46.89 1.63 -22.44
C PHE F 284 46.95 0.76 -23.69
N LEU F 285 46.24 -0.37 -23.67
CA LEU F 285 46.19 -1.31 -24.79
C LEU F 285 45.62 -0.66 -26.05
N ALA F 286 44.52 0.08 -25.95
CA ALA F 286 43.88 0.71 -27.09
C ALA F 286 44.61 1.97 -27.57
N TYR F 287 44.95 2.91 -26.68
CA TYR F 287 45.38 4.25 -27.09
C TYR F 287 46.89 4.48 -27.02
N GLN F 288 47.69 3.53 -26.52
CA GLN F 288 49.15 3.57 -26.62
C GLN F 288 49.71 2.43 -27.46
N CYS F 289 49.19 1.21 -27.33
CA CYS F 289 49.61 0.06 -28.12
C CYS F 289 48.74 -0.22 -29.36
N GLU F 290 47.70 0.57 -29.61
CA GLU F 290 46.81 0.46 -30.78
C GLU F 290 46.11 -0.90 -30.97
N LYS F 291 45.74 -1.60 -29.89
CA LYS F 291 44.90 -2.80 -29.98
C LYS F 291 43.41 -2.46 -30.13
N HIS F 292 42.60 -3.44 -30.52
CA HIS F 292 41.15 -3.40 -30.34
C HIS F 292 40.78 -4.20 -29.10
N VAL F 293 40.15 -3.56 -28.13
CA VAL F 293 39.87 -4.12 -26.80
C VAL F 293 38.37 -4.28 -26.62
N LEU F 294 37.96 -5.42 -26.08
CA LEU F 294 36.59 -5.69 -25.65
C LEU F 294 36.57 -5.80 -24.13
N VAL F 295 35.75 -4.98 -23.48
CA VAL F 295 35.72 -4.87 -22.02
C VAL F 295 34.40 -5.37 -21.48
N ILE F 296 34.46 -6.35 -20.58
CA ILE F 296 33.28 -6.97 -19.97
C ILE F 296 33.26 -6.63 -18.48
N LEU F 297 32.22 -5.96 -17.99
CA LEU F 297 32.09 -5.56 -16.58
C LEU F 297 30.91 -6.29 -15.94
N THR F 298 31.13 -7.11 -14.91
CA THR F 298 30.15 -8.13 -14.52
C THR F 298 29.45 -7.78 -13.21
N ASP F 299 28.12 -7.68 -13.28
CA ASP F 299 27.27 -7.00 -12.30
C ASP F 299 27.76 -5.59 -11.95
N MET F 300 27.47 -4.65 -12.85
CA MET F 300 27.38 -3.24 -12.47
C MET F 300 26.37 -3.02 -11.33
N SER F 301 25.41 -3.92 -11.16
CA SER F 301 24.53 -3.95 -9.99
C SER F 301 25.28 -4.15 -8.67
N SER F 302 26.36 -4.94 -8.64
CA SER F 302 27.22 -5.07 -7.48
C SER F 302 28.08 -3.83 -7.28
N TYR F 303 28.54 -3.19 -8.35
CA TYR F 303 29.25 -1.92 -8.28
C TYR F 303 28.36 -0.85 -7.66
N ALA F 304 27.15 -0.69 -8.16
CA ALA F 304 26.21 0.32 -7.73
C ALA F 304 25.76 0.10 -6.28
N GLU F 305 25.56 -1.15 -5.85
CA GLU F 305 25.27 -1.46 -4.46
C GLU F 305 26.46 -1.18 -3.52
N ALA F 306 27.70 -1.46 -3.93
CA ALA F 306 28.89 -1.06 -3.19
C ALA F 306 29.04 0.46 -3.10
N LEU F 307 28.64 1.19 -4.14
CA LEU F 307 28.62 2.64 -4.17
C LEU F 307 27.57 3.21 -3.19
N ARG F 308 26.35 2.64 -3.18
CA ARG F 308 25.32 2.96 -2.19
C ARG F 308 25.79 2.67 -0.78
N GLU F 309 26.43 1.54 -0.52
CA GLU F 309 26.99 1.21 0.80
C GLU F 309 28.01 2.25 1.28
N VAL F 310 28.95 2.66 0.43
CA VAL F 310 29.95 3.70 0.73
C VAL F 310 29.32 5.06 0.97
N SER F 311 28.41 5.49 0.11
CA SER F 311 27.80 6.81 0.19
C SER F 311 26.86 6.97 1.39
N ALA F 312 26.13 5.91 1.74
CA ALA F 312 25.31 5.87 2.95
C ALA F 312 26.16 6.05 4.22
N ALA F 313 27.34 5.41 4.27
CA ALA F 313 28.27 5.55 5.39
C ALA F 313 28.89 6.95 5.52
N ARG F 314 28.84 7.77 4.46
CA ARG F 314 29.26 9.18 4.50
C ARG F 314 28.12 10.18 4.73
N GLU F 315 26.88 9.71 4.79
CA GLU F 315 25.68 10.54 5.01
C GLU F 315 25.48 11.62 3.93
N GLU F 316 25.75 11.24 2.68
CA GLU F 316 25.58 12.06 1.47
C GLU F 316 24.12 12.08 1.00
N VAL F 317 23.74 13.03 0.14
CA VAL F 317 22.33 13.19 -0.33
C VAL F 317 21.86 11.93 -1.06
N PRO F 318 20.73 11.31 -0.69
CA PRO F 318 20.17 10.19 -1.43
C PRO F 318 19.43 10.63 -2.70
N GLY F 319 19.49 9.81 -3.73
CA GLY F 319 18.57 9.76 -4.85
C GLY F 319 17.53 8.64 -4.67
N ARG F 320 16.89 8.23 -5.76
CA ARG F 320 15.85 7.19 -5.76
C ARG F 320 16.35 5.89 -5.14
N ARG F 321 15.50 5.17 -4.40
CA ARG F 321 15.80 3.91 -3.68
C ARG F 321 17.06 3.97 -2.78
N GLY F 322 17.44 5.18 -2.37
CA GLY F 322 18.57 5.44 -1.48
C GLY F 322 19.94 5.42 -2.15
N PHE F 323 20.04 5.30 -3.48
CA PHE F 323 21.31 5.35 -4.20
C PHE F 323 21.97 6.74 -4.06
N PRO F 324 23.29 6.88 -4.26
CA PRO F 324 23.99 8.16 -4.11
C PRO F 324 23.41 9.22 -5.03
N GLY F 325 23.33 10.47 -4.59
CA GLY F 325 22.76 11.56 -5.39
C GLY F 325 23.52 11.87 -6.69
N TYR F 326 24.77 11.45 -6.78
CA TYR F 326 25.68 11.62 -7.92
C TYR F 326 25.91 10.34 -8.75
N MET F 327 25.13 9.27 -8.56
CA MET F 327 25.39 7.98 -9.21
C MET F 327 25.44 8.04 -10.75
N TYR F 328 24.62 8.86 -11.40
CA TYR F 328 24.71 9.07 -12.85
C TYR F 328 26.10 9.55 -13.25
N THR F 329 26.60 10.57 -12.56
CA THR F 329 27.92 11.16 -12.83
C THR F 329 29.03 10.16 -12.56
N ASP F 330 28.89 9.31 -11.54
CA ASP F 330 29.86 8.25 -11.27
C ASP F 330 29.87 7.18 -12.36
N LEU F 331 28.72 6.59 -12.70
CA LEU F 331 28.61 5.60 -13.76
C LEU F 331 29.08 6.13 -15.10
N ALA F 332 28.89 7.42 -15.37
CA ALA F 332 29.39 8.06 -16.57
C ALA F 332 30.91 8.08 -16.65
N THR F 333 31.63 8.23 -15.53
CA THR F 333 33.10 8.10 -15.54
C THR F 333 33.60 6.69 -15.86
N ILE F 334 32.75 5.67 -15.75
CA ILE F 334 33.06 4.30 -16.18
C ILE F 334 32.66 4.13 -17.64
N TYR F 335 31.42 4.40 -18.01
CA TYR F 335 30.92 4.06 -19.33
C TYR F 335 31.48 4.96 -20.44
N GLU F 336 31.81 6.23 -20.20
CA GLU F 336 32.38 7.09 -21.23
C GLU F 336 33.84 6.74 -21.60
N ARG F 337 34.53 5.88 -20.84
CA ARG F 337 35.88 5.35 -21.15
C ARG F 337 35.80 4.27 -22.23
N ALA F 338 35.34 4.63 -23.42
CA ALA F 338 35.14 3.76 -24.57
C ALA F 338 35.24 4.54 -25.88
N GLY F 339 35.41 3.86 -27.01
CA GLY F 339 35.35 4.45 -28.34
C GLY F 339 36.68 4.51 -29.09
N ARG F 340 36.71 5.34 -30.12
CA ARG F 340 37.84 5.59 -31.02
C ARG F 340 38.30 7.04 -30.92
N VAL F 341 39.56 7.31 -31.22
CA VAL F 341 40.15 8.65 -31.23
C VAL F 341 40.91 8.93 -32.53
N GLU F 342 41.02 10.19 -32.92
CA GLU F 342 41.63 10.60 -34.18
C GLU F 342 43.14 10.34 -34.19
N GLY F 343 43.64 9.71 -35.25
CA GLY F 343 45.07 9.45 -35.43
C GLY F 343 45.63 8.24 -34.69
N ARG F 344 44.80 7.44 -34.00
CA ARG F 344 45.23 6.20 -33.32
C ARG F 344 44.37 5.01 -33.75
N ASN F 345 45.00 3.88 -34.03
CA ASN F 345 44.34 2.76 -34.70
C ASN F 345 43.65 1.75 -33.76
N GLY F 346 43.65 1.98 -32.45
CA GLY F 346 42.95 1.12 -31.47
C GLY F 346 41.53 1.57 -31.14
N SER F 347 40.80 0.76 -30.38
CA SER F 347 39.45 1.07 -29.90
C SER F 347 39.12 0.33 -28.61
N ILE F 348 38.18 0.84 -27.81
CA ILE F 348 37.60 0.13 -26.65
C ILE F 348 36.11 -0.04 -26.87
N THR F 349 35.58 -1.27 -26.84
CA THR F 349 34.13 -1.56 -26.83
C THR F 349 33.75 -2.04 -25.45
N GLN F 350 32.74 -1.47 -24.81
CA GLN F 350 32.28 -1.91 -23.50
C GLN F 350 30.97 -2.68 -23.58
N ILE F 351 30.91 -3.83 -22.92
CA ILE F 351 29.71 -4.61 -22.69
C ILE F 351 29.56 -4.85 -21.17
N PRO F 352 28.99 -3.90 -20.41
CA PRO F 352 28.63 -4.12 -19.02
C PRO F 352 27.46 -5.10 -18.89
N ILE F 353 27.31 -5.73 -17.73
CA ILE F 353 26.21 -6.65 -17.47
C ILE F 353 25.51 -6.20 -16.19
N LEU F 354 24.19 -6.11 -16.23
CA LEU F 354 23.34 -5.69 -15.13
C LEU F 354 22.39 -6.82 -14.75
N THR F 355 22.14 -6.93 -13.46
CA THR F 355 20.96 -7.58 -12.91
C THR F 355 19.97 -6.50 -12.49
N MET F 356 18.79 -6.44 -13.10
CA MET F 356 17.70 -5.53 -12.74
C MET F 356 16.94 -6.07 -11.52
N PRO F 357 16.87 -5.36 -10.39
CA PRO F 357 16.21 -5.87 -9.19
C PRO F 357 14.70 -6.07 -9.39
N ASN F 358 14.16 -7.22 -8.99
CA ASN F 358 12.79 -7.65 -9.24
C ASN F 358 12.35 -7.50 -10.72
N ASP F 359 13.30 -7.63 -11.66
CA ASP F 359 13.14 -7.48 -13.12
C ASP F 359 12.73 -6.08 -13.60
N ASP F 360 12.78 -5.04 -12.74
CA ASP F 360 12.24 -3.70 -13.01
C ASP F 360 13.24 -2.80 -13.77
N ILE F 361 13.00 -2.54 -15.07
CA ILE F 361 13.86 -1.66 -15.87
C ILE F 361 13.85 -0.20 -15.40
N THR F 362 12.88 0.21 -14.58
CA THR F 362 12.77 1.57 -14.07
C THR F 362 13.53 1.80 -12.75
N HIS F 363 14.09 0.74 -12.17
CA HIS F 363 14.99 0.81 -11.02
C HIS F 363 16.21 1.69 -11.34
N PRO F 364 16.79 2.47 -10.40
CA PRO F 364 17.87 3.41 -10.68
C PRO F 364 19.08 2.87 -11.45
N ILE F 365 19.48 1.61 -11.29
CA ILE F 365 20.68 1.06 -11.92
C ILE F 365 20.50 0.93 -13.46
N PRO F 366 19.51 0.17 -13.98
CA PRO F 366 19.21 0.15 -15.41
C PRO F 366 18.76 1.51 -15.95
N ASP F 367 17.99 2.30 -15.20
CA ASP F 367 17.54 3.63 -15.60
C ASP F 367 18.70 4.58 -15.92
N LEU F 368 19.61 4.84 -14.98
CA LEU F 368 20.74 5.74 -15.21
C LEU F 368 21.76 5.17 -16.17
N THR F 369 21.91 3.85 -16.27
CA THR F 369 22.74 3.22 -17.30
C THR F 369 22.19 3.43 -18.71
N GLY F 370 20.87 3.34 -18.91
CA GLY F 370 20.24 3.54 -20.21
C GLY F 370 20.32 4.98 -20.69
N TYR F 371 20.36 5.95 -19.77
CA TYR F 371 20.65 7.35 -20.11
C TYR F 371 22.10 7.61 -20.54
N ILE F 372 23.05 6.71 -20.29
CA ILE F 372 24.48 6.92 -20.60
C ILE F 372 24.94 6.05 -21.77
N THR F 373 24.55 4.78 -21.81
CA THR F 373 25.06 3.83 -22.80
C THR F 373 24.38 3.99 -24.15
N GLU F 374 24.97 3.52 -25.25
CA GLU F 374 24.38 3.61 -26.60
C GLU F 374 23.39 2.48 -26.89
N GLY F 375 22.46 2.26 -25.97
CA GLY F 375 21.45 1.21 -26.04
C GLY F 375 21.73 0.07 -25.08
N GLN F 376 20.95 -1.00 -25.18
CA GLN F 376 20.99 -2.15 -24.29
C GLN F 376 20.47 -3.38 -25.01
N ILE F 377 20.93 -4.55 -24.59
CA ILE F 377 20.36 -5.84 -24.98
C ILE F 377 19.62 -6.37 -23.76
N TYR F 378 18.35 -6.72 -23.91
CA TYR F 378 17.47 -7.03 -22.79
C TYR F 378 17.13 -8.52 -22.78
N VAL F 379 17.41 -9.20 -21.67
CA VAL F 379 17.22 -10.64 -21.49
C VAL F 379 15.98 -10.87 -20.62
N ASP F 380 15.01 -11.61 -21.14
CA ASP F 380 13.65 -11.67 -20.63
C ASP F 380 13.33 -13.01 -19.95
N ARG F 381 12.90 -12.96 -18.69
CA ARG F 381 12.52 -14.14 -17.91
C ARG F 381 11.42 -14.97 -18.57
N GLN F 382 10.50 -14.33 -19.29
CA GLN F 382 9.39 -15.02 -19.93
C GLN F 382 9.83 -15.87 -21.12
N LEU F 383 10.83 -15.42 -21.88
CA LEU F 383 11.47 -16.22 -22.93
C LEU F 383 12.30 -17.36 -22.33
N HIS F 384 12.98 -17.13 -21.21
CA HIS F 384 13.75 -18.17 -20.52
C HIS F 384 12.87 -19.27 -19.92
N ASN F 385 11.75 -18.91 -19.31
CA ASN F 385 10.77 -19.87 -18.78
C ASN F 385 10.20 -20.78 -19.88
N ARG F 386 9.96 -20.22 -21.07
CA ARG F 386 9.55 -20.95 -22.29
C ARG F 386 10.67 -21.75 -22.95
N GLN F 387 11.88 -21.74 -22.39
CA GLN F 387 13.08 -22.42 -22.89
C GLN F 387 13.55 -21.98 -24.29
N ILE F 388 13.31 -20.72 -24.65
CA ILE F 388 13.95 -20.07 -25.80
C ILE F 388 15.37 -19.65 -25.40
N TYR F 389 16.34 -19.77 -26.31
CA TYR F 389 17.69 -19.26 -26.10
C TYR F 389 18.30 -18.67 -27.39
N PRO F 390 18.98 -17.51 -27.34
CA PRO F 390 19.13 -16.63 -26.18
C PRO F 390 17.80 -15.96 -25.81
N PRO F 391 17.48 -15.72 -24.52
CA PRO F 391 16.21 -15.11 -24.12
C PRO F 391 16.09 -13.60 -24.40
N ILE F 392 16.60 -13.11 -25.53
CA ILE F 392 16.64 -11.68 -25.84
C ILE F 392 15.26 -11.22 -26.32
N ASN F 393 14.68 -10.22 -25.66
CA ASN F 393 13.44 -9.58 -26.12
C ASN F 393 13.80 -8.29 -26.87
N VAL F 394 13.40 -8.20 -28.15
CA VAL F 394 13.79 -7.07 -28.98
C VAL F 394 13.12 -5.76 -28.55
N LEU F 395 11.89 -5.77 -28.01
CA LEU F 395 11.17 -4.51 -27.82
C LEU F 395 11.82 -3.56 -26.78
N PRO F 396 12.25 -4.00 -25.58
CA PRO F 396 12.95 -3.14 -24.63
C PRO F 396 14.41 -2.85 -25.00
N SER F 397 14.98 -3.56 -25.97
CA SER F 397 16.38 -3.42 -26.38
C SER F 397 16.59 -2.28 -27.38
N LEU F 398 17.81 -1.75 -27.49
CA LEU F 398 18.16 -0.65 -28.38
C LEU F 398 19.63 -0.74 -28.80
N SER F 399 19.99 -0.26 -29.99
CA SER F 399 21.34 0.19 -30.33
C SER F 399 21.27 1.58 -30.95
N ARG F 400 21.89 2.60 -30.33
CA ARG F 400 21.86 3.97 -30.85
C ARG F 400 22.79 4.19 -32.04
N LEU F 401 23.82 3.36 -32.19
CA LEU F 401 24.81 3.46 -33.26
C LEU F 401 24.48 2.57 -34.47
N MET F 402 23.47 1.69 -34.39
CA MET F 402 23.02 0.83 -35.49
C MET F 402 22.71 1.63 -36.76
N LYS F 403 22.03 2.77 -36.65
CA LYS F 403 21.50 3.58 -37.76
C LYS F 403 22.52 3.93 -38.85
N SER F 404 23.80 4.02 -38.49
CA SER F 404 24.92 4.40 -39.37
C SER F 404 26.06 3.39 -39.35
N ALA F 405 25.77 2.14 -39.01
CA ALA F 405 26.70 1.01 -39.09
C ALA F 405 26.23 -0.07 -40.10
N ILE F 406 25.15 0.22 -40.83
CA ILE F 406 24.37 -0.73 -41.65
C ILE F 406 24.02 -0.09 -42.99
N GLY F 407 23.59 -0.88 -43.97
CA GLY F 407 23.14 -0.41 -45.27
C GLY F 407 24.14 -0.68 -46.39
N GLU F 408 24.00 0.02 -47.52
CA GLU F 408 24.83 -0.18 -48.71
C GLU F 408 26.32 0.03 -48.42
N GLY F 409 27.16 -0.95 -48.80
CA GLY F 409 28.60 -0.95 -48.54
C GLY F 409 29.00 -1.25 -47.10
N MET F 410 28.09 -1.07 -46.13
CA MET F 410 28.28 -1.40 -44.72
C MET F 410 27.93 -2.86 -44.43
N THR F 411 26.74 -3.29 -44.83
CA THR F 411 26.18 -4.63 -44.63
C THR F 411 25.45 -5.08 -45.90
N ARG F 412 24.16 -4.75 -46.05
CA ARG F 412 23.29 -4.95 -47.22
C ARG F 412 22.24 -3.84 -47.24
N LYS F 413 21.75 -3.44 -48.41
CA LYS F 413 20.87 -2.29 -48.62
C LYS F 413 19.50 -2.36 -47.91
N ASP F 414 18.95 -3.55 -47.73
CA ASP F 414 17.64 -3.82 -47.10
C ASP F 414 17.66 -3.72 -45.56
N HIS F 415 18.82 -3.74 -44.91
CA HIS F 415 18.98 -4.04 -43.47
C HIS F 415 18.09 -3.16 -42.57
N ALA F 416 18.07 -1.85 -42.77
CA ALA F 416 17.25 -0.94 -41.99
C ALA F 416 15.75 -1.17 -42.16
N ASP F 417 15.29 -1.40 -43.40
CA ASP F 417 13.88 -1.61 -43.72
C ASP F 417 13.37 -2.92 -43.15
N VAL F 418 14.13 -4.01 -43.33
CA VAL F 418 13.86 -5.31 -42.72
C VAL F 418 13.75 -5.16 -41.22
N SER F 419 14.72 -4.52 -40.58
CA SER F 419 14.74 -4.37 -39.13
C SER F 419 13.51 -3.65 -38.60
N ASN F 420 13.16 -2.51 -39.17
CA ASN F 420 12.00 -1.73 -38.76
C ASN F 420 10.68 -2.46 -39.04
N GLN F 421 10.58 -3.23 -40.13
CA GLN F 421 9.37 -4.00 -40.37
C GLN F 421 9.25 -5.20 -39.43
N LEU F 422 10.34 -5.87 -39.05
CA LEU F 422 10.33 -6.89 -38.00
C LEU F 422 9.90 -6.32 -36.65
N TYR F 423 10.36 -5.12 -36.26
CA TYR F 423 9.88 -4.44 -35.06
C TYR F 423 8.38 -4.17 -35.10
N ALA F 424 7.86 -3.65 -36.23
CA ALA F 424 6.43 -3.38 -36.38
C ALA F 424 5.58 -4.65 -36.32
N CYS F 425 5.97 -5.71 -37.01
CA CYS F 425 5.23 -6.97 -37.00
C CYS F 425 5.27 -7.65 -35.65
N TYR F 426 6.42 -7.65 -34.96
CA TYR F 426 6.53 -8.24 -33.63
C TYR F 426 5.69 -7.48 -32.61
N ALA F 427 5.71 -6.14 -32.64
CA ALA F 427 4.89 -5.33 -31.75
C ALA F 427 3.38 -5.51 -31.99
N ILE F 428 2.92 -5.58 -33.23
CA ILE F 428 1.50 -5.85 -33.52
C ILE F 428 1.11 -7.29 -33.14
N GLY F 429 1.96 -8.28 -33.42
CA GLY F 429 1.72 -9.66 -33.00
C GLY F 429 1.56 -9.78 -31.49
N LYS F 430 2.38 -9.05 -30.72
CA LYS F 430 2.30 -9.00 -29.26
C LYS F 430 1.03 -8.32 -28.75
N ASP F 431 0.52 -7.31 -29.46
CA ASP F 431 -0.78 -6.69 -29.15
C ASP F 431 -1.98 -7.60 -29.50
N VAL F 432 -1.93 -8.35 -30.60
CA VAL F 432 -2.92 -9.41 -30.89
C VAL F 432 -2.91 -10.48 -29.81
N GLN F 433 -1.74 -10.95 -29.37
CA GLN F 433 -1.62 -11.96 -28.32
C GLN F 433 -2.22 -11.50 -26.98
N ALA F 434 -2.06 -10.22 -26.62
CA ALA F 434 -2.72 -9.63 -25.46
C ALA F 434 -4.24 -9.53 -25.65
N MET F 435 -4.71 -9.14 -26.84
CA MET F 435 -6.13 -9.05 -27.15
C MET F 435 -6.82 -10.41 -27.15
N LYS F 436 -6.20 -11.44 -27.75
CA LYS F 436 -6.75 -12.80 -27.82
C LYS F 436 -6.97 -13.41 -26.43
N ALA F 437 -6.19 -13.01 -25.42
CA ALA F 437 -6.42 -13.43 -24.04
C ALA F 437 -7.75 -12.90 -23.46
N VAL F 438 -8.28 -11.78 -23.94
CA VAL F 438 -9.61 -11.29 -23.57
C VAL F 438 -10.69 -11.96 -24.41
N VAL F 439 -10.59 -11.92 -25.75
CA VAL F 439 -11.70 -12.26 -26.66
C VAL F 439 -11.72 -13.69 -27.21
N GLY F 440 -10.65 -14.47 -27.04
CA GLY F 440 -10.50 -15.82 -27.59
C GLY F 440 -10.25 -15.86 -29.11
N GLU F 441 -9.77 -16.99 -29.61
CA GLU F 441 -9.40 -17.14 -31.03
C GLU F 441 -10.56 -16.90 -31.99
N GLU F 442 -11.78 -17.31 -31.65
CA GLU F 442 -12.96 -17.16 -32.51
C GLU F 442 -13.30 -15.71 -32.88
N ALA F 443 -12.87 -14.72 -32.10
CA ALA F 443 -13.12 -13.31 -32.41
C ALA F 443 -12.08 -12.68 -33.34
N LEU F 444 -10.93 -13.31 -33.54
CA LEU F 444 -9.85 -12.75 -34.36
C LEU F 444 -10.23 -12.66 -35.85
N THR F 445 -9.85 -11.58 -36.53
CA THR F 445 -9.95 -11.50 -38.00
C THR F 445 -8.74 -12.18 -38.68
N SER F 446 -8.82 -12.48 -39.97
CA SER F 446 -7.75 -13.14 -40.73
C SER F 446 -6.42 -12.38 -40.68
N ASP F 447 -6.46 -11.05 -40.62
CA ASP F 447 -5.27 -10.21 -40.45
C ASP F 447 -4.60 -10.42 -39.08
N ASP F 448 -5.37 -10.59 -38.00
CA ASP F 448 -4.83 -10.87 -36.67
C ASP F 448 -4.07 -12.19 -36.64
N LEU F 449 -4.60 -13.21 -37.32
CA LEU F 449 -3.98 -14.52 -37.41
C LEU F 449 -2.65 -14.49 -38.18
N LEU F 450 -2.43 -13.54 -39.11
CA LEU F 450 -1.11 -13.35 -39.73
C LEU F 450 -0.09 -12.85 -38.71
N TYR F 451 -0.38 -11.78 -37.96
CA TYR F 451 0.53 -11.28 -36.93
C TYR F 451 0.79 -12.31 -35.82
N LEU F 452 -0.21 -13.10 -35.44
CA LEU F 452 -0.08 -14.14 -34.44
C LEU F 452 0.73 -15.37 -34.94
N GLU F 453 0.69 -15.67 -36.24
CA GLU F 453 1.59 -16.65 -36.87
C GLU F 453 3.03 -16.12 -36.96
N PHE F 454 3.22 -14.86 -37.37
CA PHE F 454 4.53 -14.24 -37.40
C PHE F 454 5.20 -14.28 -36.03
N LEU F 455 4.48 -13.90 -34.97
CA LEU F 455 4.99 -13.90 -33.60
C LEU F 455 5.59 -15.26 -33.19
N GLN F 456 4.88 -16.34 -33.51
CA GLN F 456 5.28 -17.71 -33.17
C GLN F 456 6.47 -18.19 -34.01
N LYS F 457 6.48 -17.91 -35.32
CA LYS F 457 7.58 -18.28 -36.21
C LYS F 457 8.84 -17.45 -35.96
N PHE F 458 8.71 -16.17 -35.63
CA PHE F 458 9.82 -15.27 -35.32
C PHE F 458 10.63 -15.75 -34.11
N GLU F 459 9.97 -16.14 -33.02
CA GLU F 459 10.67 -16.61 -31.82
C GLU F 459 11.37 -17.97 -32.01
N LYS F 460 10.82 -18.87 -32.83
CA LYS F 460 11.44 -20.16 -33.19
C LYS F 460 12.58 -20.02 -34.20
N ASN F 461 12.43 -19.20 -35.23
CA ASN F 461 13.38 -19.13 -36.35
C ASN F 461 14.41 -18.01 -36.18
N PHE F 462 13.99 -16.77 -35.89
CA PHE F 462 14.90 -15.63 -35.76
C PHE F 462 15.60 -15.63 -34.40
N ILE F 463 14.85 -15.60 -33.28
CA ILE F 463 15.43 -15.44 -31.94
C ILE F 463 16.15 -16.70 -31.47
N THR F 464 15.52 -17.87 -31.53
CA THR F 464 16.14 -19.13 -31.06
C THR F 464 17.33 -19.53 -31.95
N GLN F 465 18.44 -19.94 -31.34
CA GLN F 465 19.71 -20.10 -32.04
C GLN F 465 20.63 -21.19 -31.50
N GLY F 466 20.81 -21.30 -30.18
CA GLY F 466 21.71 -22.28 -29.55
C GLY F 466 23.18 -21.82 -29.41
N PRO F 467 23.95 -22.32 -28.41
CA PRO F 467 25.07 -21.57 -27.84
C PRO F 467 26.36 -21.46 -28.68
N TYR F 468 26.48 -22.24 -29.76
CA TYR F 468 27.64 -22.25 -30.64
C TYR F 468 27.26 -22.06 -32.13
N GLU F 469 25.97 -21.87 -32.44
CA GLU F 469 25.54 -21.45 -33.79
C GLU F 469 25.92 -19.99 -34.03
N ASN F 470 26.57 -19.72 -35.16
CA ASN F 470 27.21 -18.46 -35.48
C ASN F 470 26.77 -18.01 -36.89
N ARG F 471 25.70 -17.22 -36.98
CA ARG F 471 25.05 -16.82 -38.23
C ARG F 471 25.68 -15.56 -38.80
N THR F 472 25.88 -15.45 -40.10
CA THR F 472 26.28 -14.17 -40.71
C THR F 472 25.13 -13.16 -40.66
N VAL F 473 25.44 -11.88 -40.86
CA VAL F 473 24.40 -10.84 -41.06
C VAL F 473 23.51 -11.21 -42.22
N TYR F 474 24.07 -11.76 -43.29
CA TYR F 474 23.33 -12.14 -44.50
C TYR F 474 22.38 -13.31 -44.25
N GLU F 475 22.81 -14.30 -43.47
CA GLU F 475 21.92 -15.35 -42.98
C GLU F 475 20.81 -14.75 -42.10
N THR F 476 21.15 -13.86 -41.19
CA THR F 476 20.19 -13.17 -40.33
C THR F 476 19.14 -12.39 -41.14
N LEU F 477 19.55 -11.66 -42.17
CA LEU F 477 18.65 -10.88 -43.01
C LEU F 477 17.78 -11.77 -43.89
N ASP F 478 18.29 -12.89 -44.37
CA ASP F 478 17.49 -13.83 -45.16
C ASP F 478 16.51 -14.65 -44.31
N ILE F 479 16.85 -15.00 -43.08
CA ILE F 479 15.86 -15.47 -42.10
C ILE F 479 14.81 -14.38 -41.88
N GLY F 480 15.22 -13.12 -41.74
CA GLY F 480 14.32 -11.97 -41.64
C GLY F 480 13.30 -11.89 -42.79
N TRP F 481 13.75 -11.93 -44.06
CA TRP F 481 12.85 -11.96 -45.21
C TRP F 481 11.94 -13.19 -45.26
N GLN F 482 12.41 -14.38 -44.89
CA GLN F 482 11.54 -15.56 -44.84
C GLN F 482 10.36 -15.37 -43.88
N LEU F 483 10.51 -14.56 -42.81
CA LEU F 483 9.44 -14.21 -41.89
C LEU F 483 8.60 -13.02 -42.36
N LEU F 484 9.19 -11.98 -42.95
CA LEU F 484 8.41 -10.88 -43.52
C LEU F 484 7.51 -11.32 -44.68
N ARG F 485 7.76 -12.23 -45.44
CA ARG F 485 6.93 -12.67 -46.59
C ARG F 485 5.69 -13.45 -46.14
N ILE F 486 5.63 -13.82 -44.77
CA ILE F 486 4.33 -14.31 -44.26
C ILE F 486 3.17 -13.41 -44.71
N PHE F 487 3.39 -12.09 -44.77
CA PHE F 487 2.38 -11.10 -45.13
C PHE F 487 2.33 -10.77 -46.63
N PRO F 488 1.19 -10.30 -47.16
CA PRO F 488 1.14 -9.57 -48.43
C PRO F 488 2.01 -8.30 -48.38
N LYS F 489 2.63 -7.92 -49.50
CA LYS F 489 3.52 -6.74 -49.53
C LYS F 489 2.82 -5.42 -49.18
N GLU F 490 1.50 -5.31 -49.39
CA GLU F 490 0.71 -4.14 -49.01
C GLU F 490 0.57 -3.94 -47.48
N MET F 491 0.85 -4.97 -46.67
CA MET F 491 0.87 -4.86 -45.20
C MET F 491 2.26 -4.44 -44.66
N LEU F 492 3.31 -4.47 -45.47
CA LEU F 492 4.68 -4.13 -45.11
C LEU F 492 4.94 -2.62 -45.16
N LYS F 493 4.15 -1.84 -44.42
CA LYS F 493 4.05 -0.37 -44.55
C LYS F 493 5.25 0.45 -44.05
N ARG F 494 6.26 -0.16 -43.43
CA ARG F 494 7.55 0.50 -43.12
C ARG F 494 8.49 0.51 -44.32
N ILE F 495 8.30 -0.38 -45.28
CA ILE F 495 9.27 -0.63 -46.37
C ILE F 495 8.83 0.15 -47.63
N PRO F 496 9.72 0.96 -48.25
CA PRO F 496 9.42 1.64 -49.50
C PRO F 496 9.36 0.65 -50.68
N GLN F 497 8.62 1.00 -51.74
CA GLN F 497 8.35 0.10 -52.86
C GLN F 497 9.61 -0.40 -53.58
N SER F 498 10.67 0.40 -53.65
CA SER F 498 11.95 -0.01 -54.25
C SER F 498 12.57 -1.21 -53.54
N THR F 499 12.62 -1.19 -52.20
CA THR F 499 13.13 -2.31 -51.41
C THR F 499 12.24 -3.54 -51.54
N LEU F 500 10.91 -3.37 -51.47
CA LEU F 500 9.96 -4.48 -51.65
C LEU F 500 10.17 -5.17 -53.00
N SER F 501 10.10 -4.41 -54.09
CA SER F 501 10.15 -4.94 -55.46
C SER F 501 11.45 -5.71 -55.75
N GLU F 502 12.58 -5.32 -55.16
CA GLU F 502 13.84 -6.03 -55.29
C GLU F 502 13.94 -7.29 -54.42
N PHE F 503 13.56 -7.24 -53.13
CA PHE F 503 13.87 -8.29 -52.15
C PHE F 503 12.71 -9.20 -51.75
N TYR F 504 11.45 -8.77 -51.86
CA TYR F 504 10.27 -9.54 -51.46
C TYR F 504 9.93 -10.73 -52.38
N PRO F 505 10.05 -10.66 -53.73
CA PRO F 505 9.66 -11.75 -54.64
C PRO F 505 10.41 -13.08 -54.51
N ARG F 506 11.54 -13.11 -53.79
CA ARG F 506 12.45 -14.26 -53.70
C ARG F 506 11.72 -15.50 -53.19
N THR G 2 -81.10 -57.07 -8.78
CA THR G 2 -81.94 -56.05 -8.14
C THR G 2 -81.66 -54.67 -8.71
N GLU G 3 -82.69 -53.96 -9.15
CA GLU G 3 -82.60 -52.57 -9.63
C GLU G 3 -83.40 -51.66 -8.71
N PHE G 4 -82.78 -50.63 -8.16
CA PHE G 4 -83.48 -49.59 -7.43
C PHE G 4 -83.80 -48.42 -8.32
N TRP G 5 -84.80 -47.63 -7.97
CA TRP G 5 -85.01 -46.28 -8.47
C TRP G 5 -84.89 -45.28 -7.34
N LEU G 6 -83.96 -44.34 -7.43
CA LEU G 6 -84.05 -43.11 -6.67
C LEU G 6 -85.05 -42.20 -7.36
N ILE G 7 -85.92 -41.57 -6.59
CA ILE G 7 -86.74 -40.46 -7.05
C ILE G 7 -86.73 -39.35 -6.03
N SER G 8 -87.19 -38.16 -6.40
CA SER G 8 -87.35 -37.08 -5.45
C SER G 8 -88.52 -36.20 -5.85
N ALA G 9 -89.24 -35.65 -4.88
CA ALA G 9 -90.38 -34.76 -5.08
C ALA G 9 -90.50 -33.75 -3.91
N PRO G 10 -91.10 -32.58 -4.11
CA PRO G 10 -91.17 -31.54 -3.09
C PRO G 10 -92.04 -31.96 -1.90
N GLY G 11 -91.74 -31.44 -0.70
CA GLY G 11 -92.57 -31.62 0.49
C GLY G 11 -93.89 -30.85 0.36
N GLU G 12 -95.03 -31.50 0.52
CA GLU G 12 -96.33 -30.83 0.28
C GLU G 12 -96.65 -29.74 1.33
N LYS G 13 -96.19 -29.94 2.57
CA LYS G 13 -95.88 -28.92 3.58
C LYS G 13 -94.61 -29.33 4.33
N THR G 14 -94.61 -30.58 4.79
CA THR G 14 -93.47 -31.25 5.43
C THR G 14 -93.13 -32.50 4.63
N CYS G 15 -91.85 -32.86 4.57
CA CYS G 15 -91.37 -33.96 3.74
C CYS G 15 -92.03 -35.30 4.09
N GLN G 16 -92.38 -35.51 5.35
CA GLN G 16 -93.00 -36.73 5.84
C GLN G 16 -94.36 -37.01 5.19
N GLN G 17 -95.13 -35.98 4.85
CA GLN G 17 -96.43 -36.14 4.18
C GLN G 17 -96.24 -36.65 2.76
N THR G 18 -95.27 -36.11 2.02
CA THR G 18 -94.90 -36.57 0.67
C THR G 18 -94.51 -38.05 0.69
N TRP G 19 -93.67 -38.47 1.63
CA TRP G 19 -93.34 -39.89 1.74
C TRP G 19 -94.55 -40.74 2.13
N GLU G 20 -95.39 -40.29 3.06
CA GLU G 20 -96.55 -41.07 3.47
C GLU G 20 -97.49 -41.34 2.29
N LYS G 21 -97.70 -40.35 1.41
CA LYS G 21 -98.53 -40.52 0.21
C LYS G 21 -97.96 -41.60 -0.71
N LEU G 22 -96.67 -41.55 -1.01
CA LEU G 22 -96.03 -42.53 -1.89
C LEU G 22 -95.97 -43.94 -1.28
N HIS G 23 -95.66 -44.06 0.00
CA HIS G 23 -95.62 -45.35 0.68
C HIS G 23 -96.99 -46.00 0.70
N ALA G 24 -98.05 -45.21 0.91
CA ALA G 24 -99.42 -45.68 0.76
C ALA G 24 -99.71 -46.15 -0.67
N ALA G 25 -99.44 -45.32 -1.68
CA ALA G 25 -99.75 -45.62 -3.08
C ALA G 25 -99.00 -46.85 -3.64
N THR G 26 -97.73 -47.05 -3.26
CA THR G 26 -96.88 -48.08 -3.90
C THR G 26 -96.66 -49.33 -3.05
N THR G 27 -96.63 -49.22 -1.73
CA THR G 27 -96.27 -50.33 -0.82
C THR G 27 -97.47 -50.83 -0.02
N LYS G 28 -98.26 -49.95 0.62
CA LYS G 28 -99.42 -50.39 1.43
C LYS G 28 -100.56 -50.98 0.59
N ASN G 29 -101.06 -50.22 -0.38
CA ASN G 29 -102.33 -50.55 -1.05
C ASN G 29 -102.18 -51.52 -2.24
N ASN G 30 -101.14 -51.34 -3.07
CA ASN G 30 -101.03 -52.02 -4.36
C ASN G 30 -99.87 -53.04 -4.44
N ASN G 31 -98.95 -53.07 -3.46
CA ASN G 31 -97.82 -54.00 -3.38
C ASN G 31 -96.94 -54.05 -4.67
N LEU G 32 -96.72 -52.88 -5.29
CA LEU G 32 -95.94 -52.75 -6.52
C LEU G 32 -94.43 -52.68 -6.28
N ALA G 33 -94.00 -52.14 -5.14
CA ALA G 33 -92.59 -51.98 -4.79
C ALA G 33 -92.37 -52.00 -3.27
N VAL G 34 -91.19 -52.44 -2.85
CA VAL G 34 -90.61 -52.01 -1.57
C VAL G 34 -90.16 -50.56 -1.73
N SER G 35 -90.25 -49.75 -0.68
CA SER G 35 -89.82 -48.35 -0.74
C SER G 35 -89.39 -47.82 0.62
N SER G 36 -88.58 -46.76 0.63
CA SER G 36 -88.15 -46.07 1.84
C SER G 36 -87.71 -44.65 1.51
N LYS G 37 -87.53 -43.83 2.53
CA LYS G 37 -86.79 -42.57 2.44
C LYS G 37 -85.33 -42.87 2.10
N PHE G 38 -84.62 -41.91 1.51
CA PHE G 38 -83.18 -41.97 1.24
C PHE G 38 -82.52 -40.66 1.71
N ASN G 39 -81.47 -40.74 2.53
CA ASN G 39 -80.97 -39.59 3.28
C ASN G 39 -79.92 -38.82 2.49
N ILE G 40 -80.20 -37.55 2.17
CA ILE G 40 -79.28 -36.61 1.51
C ILE G 40 -79.05 -35.45 2.48
N PRO G 41 -77.77 -35.06 2.76
CA PRO G 41 -77.53 -34.00 3.73
C PRO G 41 -77.81 -32.60 3.17
N ASP G 42 -77.74 -31.60 4.04
CA ASP G 42 -77.91 -30.20 3.61
C ASP G 42 -76.66 -29.69 2.88
N LEU G 43 -76.41 -30.23 1.69
CA LEU G 43 -75.33 -29.80 0.80
C LEU G 43 -75.50 -28.32 0.41
N LYS G 44 -74.38 -27.65 0.14
CA LYS G 44 -74.33 -26.22 -0.15
C LYS G 44 -74.66 -25.92 -1.62
N VAL G 45 -75.85 -25.38 -1.91
CA VAL G 45 -76.17 -24.89 -3.26
C VAL G 45 -75.24 -23.74 -3.63
N GLY G 46 -74.60 -23.81 -4.79
CA GLY G 46 -73.60 -22.81 -5.21
C GLY G 46 -74.27 -21.55 -5.74
N THR G 47 -74.58 -21.57 -7.02
CA THR G 47 -75.35 -20.56 -7.75
C THR G 47 -75.93 -21.19 -9.00
N LEU G 48 -76.99 -20.63 -9.59
CA LEU G 48 -77.67 -21.23 -10.74
C LEU G 48 -76.72 -21.52 -11.92
N ASP G 49 -75.81 -20.59 -12.21
CA ASP G 49 -74.82 -20.74 -13.29
C ASP G 49 -73.88 -21.94 -13.11
N VAL G 50 -73.65 -22.37 -11.86
CA VAL G 50 -72.83 -23.55 -11.54
C VAL G 50 -73.67 -24.82 -11.54
N LEU G 51 -74.88 -24.80 -10.98
CA LEU G 51 -75.72 -25.99 -10.93
C LEU G 51 -76.03 -26.50 -12.34
N VAL G 52 -76.36 -25.63 -13.29
CA VAL G 52 -76.61 -26.05 -14.68
C VAL G 52 -75.37 -26.61 -15.40
N GLY G 53 -74.17 -26.39 -14.87
CA GLY G 53 -72.95 -27.07 -15.30
C GLY G 53 -72.81 -28.43 -14.61
N LEU G 54 -73.01 -28.49 -13.29
CA LEU G 54 -72.85 -29.70 -12.52
C LEU G 54 -73.76 -30.83 -12.97
N SER G 55 -74.98 -30.57 -13.44
CA SER G 55 -75.81 -31.65 -13.99
C SER G 55 -75.14 -32.41 -15.13
N ASP G 56 -74.27 -31.76 -15.92
CA ASP G 56 -73.50 -32.44 -16.97
C ASP G 56 -72.23 -33.07 -16.41
N GLU G 57 -71.53 -32.36 -15.53
CA GLU G 57 -70.25 -32.83 -14.98
C GLU G 57 -70.45 -34.07 -14.10
N LEU G 58 -71.54 -34.14 -13.34
CA LEU G 58 -71.91 -35.31 -12.58
C LEU G 58 -72.37 -36.45 -13.49
N ALA G 59 -73.09 -36.17 -14.58
CA ALA G 59 -73.53 -37.22 -15.49
C ALA G 59 -72.38 -37.99 -16.15
N LYS G 60 -71.29 -37.31 -16.48
CA LYS G 60 -70.06 -37.94 -16.99
C LYS G 60 -69.33 -38.71 -15.89
N LEU G 61 -69.30 -38.17 -14.68
CA LEU G 61 -68.63 -38.79 -13.53
C LEU G 61 -69.35 -40.06 -13.04
N ASP G 62 -70.66 -40.13 -13.12
CA ASP G 62 -71.41 -41.34 -12.79
C ASP G 62 -71.07 -42.47 -13.74
N ALA G 63 -71.12 -42.24 -15.05
CA ALA G 63 -70.76 -43.24 -16.05
C ALA G 63 -69.31 -43.71 -15.89
N PHE G 64 -68.40 -42.85 -15.45
CA PHE G 64 -67.04 -43.24 -15.13
C PHE G 64 -66.99 -44.20 -13.95
N VAL G 65 -67.47 -43.79 -12.77
CA VAL G 65 -67.34 -44.61 -11.57
C VAL G 65 -68.17 -45.89 -11.65
N GLU G 66 -69.30 -45.91 -12.34
CA GLU G 66 -70.02 -47.15 -12.60
C GLU G 66 -69.16 -48.13 -13.41
N GLY G 67 -68.40 -47.63 -14.37
CA GLY G 67 -67.45 -48.42 -15.12
C GLY G 67 -66.34 -48.94 -14.22
N VAL G 68 -65.77 -48.13 -13.33
CA VAL G 68 -64.72 -48.61 -12.41
C VAL G 68 -65.25 -49.68 -11.47
N VAL G 69 -66.49 -49.54 -10.98
CA VAL G 69 -67.17 -50.55 -10.19
C VAL G 69 -67.35 -51.83 -11.00
N LYS G 70 -67.81 -51.78 -12.26
CA LYS G 70 -67.93 -52.99 -13.10
C LYS G 70 -66.59 -53.64 -13.40
N LYS G 71 -65.52 -52.89 -13.67
CA LYS G 71 -64.18 -53.42 -13.87
C LYS G 71 -63.65 -54.12 -12.63
N VAL G 72 -63.67 -53.49 -11.47
CA VAL G 72 -63.11 -54.07 -10.24
C VAL G 72 -63.94 -55.25 -9.73
N ALA G 73 -65.23 -55.33 -10.07
CA ALA G 73 -66.05 -56.51 -9.84
C ALA G 73 -65.73 -57.64 -10.83
N GLN G 74 -65.67 -57.34 -12.13
CA GLN G 74 -65.35 -58.33 -13.15
C GLN G 74 -63.98 -58.95 -12.90
N TYR G 75 -62.96 -58.16 -12.61
CA TYR G 75 -61.63 -58.72 -12.38
C TYR G 75 -61.57 -59.58 -11.13
N MET G 76 -62.42 -59.36 -10.14
CA MET G 76 -62.54 -60.28 -9.01
C MET G 76 -63.18 -61.60 -9.42
N ALA G 77 -64.13 -61.62 -10.35
CA ALA G 77 -64.66 -62.86 -10.88
C ALA G 77 -63.61 -63.62 -11.71
N ASP G 78 -62.80 -62.91 -12.49
CA ASP G 78 -61.69 -63.52 -13.22
C ASP G 78 -60.65 -64.11 -12.28
N VAL G 79 -60.40 -63.51 -11.11
CA VAL G 79 -59.45 -64.04 -10.13
C VAL G 79 -60.02 -65.22 -9.35
N LEU G 80 -61.21 -65.12 -8.79
CA LEU G 80 -61.80 -66.18 -7.96
C LEU G 80 -62.23 -67.41 -8.77
N GLU G 81 -62.67 -67.22 -10.01
CA GLU G 81 -63.08 -68.25 -11.00
C GLU G 81 -64.28 -69.16 -10.66
N ASP G 82 -64.63 -69.40 -9.39
CA ASP G 82 -65.48 -70.54 -9.02
C ASP G 82 -66.92 -70.52 -9.60
N SER G 83 -67.65 -69.41 -9.52
CA SER G 83 -68.91 -69.18 -10.28
C SER G 83 -69.39 -67.72 -10.24
N LYS G 84 -69.83 -67.16 -11.36
CA LYS G 84 -70.26 -65.75 -11.46
C LYS G 84 -71.41 -65.38 -10.53
N ASP G 85 -72.37 -66.27 -10.31
CA ASP G 85 -73.44 -66.05 -9.33
C ASP G 85 -72.91 -66.05 -7.89
N LYS G 86 -72.01 -66.96 -7.50
CA LYS G 86 -71.38 -66.95 -6.18
C LYS G 86 -70.55 -65.69 -5.94
N VAL G 87 -69.81 -65.21 -6.94
CA VAL G 87 -69.13 -63.92 -6.83
C VAL G 87 -70.15 -62.79 -6.67
N GLN G 88 -71.16 -62.69 -7.54
CA GLN G 88 -72.22 -61.66 -7.48
C GLN G 88 -72.99 -61.69 -6.15
N GLU G 89 -73.17 -62.86 -5.53
CA GLU G 89 -73.73 -63.00 -4.18
C GLU G 89 -72.77 -62.54 -3.07
N ASN G 90 -71.46 -62.69 -3.26
CA ASN G 90 -70.43 -62.37 -2.26
C ASN G 90 -69.77 -60.98 -2.44
N LEU G 91 -70.38 -60.10 -3.24
CA LEU G 91 -70.07 -58.66 -3.21
C LEU G 91 -70.61 -58.00 -1.93
N LEU G 92 -69.87 -57.06 -1.36
CA LEU G 92 -70.24 -56.34 -0.14
C LEU G 92 -69.75 -54.90 -0.24
N ALA G 93 -70.45 -53.98 0.41
CA ALA G 93 -69.99 -52.63 0.67
C ALA G 93 -70.13 -52.37 2.17
N SER G 94 -69.11 -51.83 2.83
CA SER G 94 -69.05 -51.71 4.30
C SER G 94 -69.38 -53.01 5.06
N GLY G 95 -69.04 -54.16 4.49
CA GLY G 95 -69.32 -55.46 5.10
C GLY G 95 -70.80 -55.87 5.13
N VAL G 96 -71.68 -55.18 4.38
CA VAL G 96 -73.07 -55.59 4.16
C VAL G 96 -73.38 -55.78 2.69
N ASP G 97 -74.34 -56.67 2.42
CA ASP G 97 -74.99 -56.86 1.14
C ASP G 97 -75.36 -55.52 0.50
N LEU G 98 -75.12 -55.34 -0.79
CA LEU G 98 -75.37 -54.07 -1.48
C LEU G 98 -76.80 -53.58 -1.36
N VAL G 99 -77.79 -54.48 -1.38
CA VAL G 99 -79.19 -54.12 -1.14
C VAL G 99 -79.37 -53.52 0.24
N THR G 100 -78.68 -54.05 1.25
CA THR G 100 -78.71 -53.48 2.60
C THR G 100 -77.98 -52.15 2.62
N TYR G 101 -76.80 -52.04 2.01
CA TYR G 101 -76.07 -50.78 1.95
C TYR G 101 -76.90 -49.65 1.36
N ILE G 102 -77.50 -49.82 0.18
CA ILE G 102 -78.28 -48.77 -0.47
C ILE G 102 -79.52 -48.45 0.34
N THR G 103 -80.24 -49.47 0.83
CA THR G 103 -81.47 -49.24 1.63
C THR G 103 -81.19 -48.40 2.86
N ARG G 104 -80.02 -48.55 3.48
CA ARG G 104 -79.64 -47.91 4.75
C ARG G 104 -78.69 -46.72 4.62
N PHE G 105 -78.53 -46.15 3.43
CA PHE G 105 -77.53 -45.13 3.12
C PHE G 105 -77.52 -43.92 4.08
N GLN G 106 -76.34 -43.57 4.58
CA GLN G 106 -76.03 -42.30 5.22
C GLN G 106 -74.72 -41.76 4.67
N TRP G 107 -74.67 -40.47 4.35
CA TRP G 107 -73.48 -39.85 3.73
C TRP G 107 -72.30 -40.01 4.67
N ASP G 108 -71.12 -40.29 4.12
CA ASP G 108 -69.90 -40.41 4.96
C ASP G 108 -69.24 -39.04 5.04
N MET G 109 -69.43 -38.35 6.16
CA MET G 109 -68.90 -36.98 6.34
C MET G 109 -67.37 -37.03 6.31
N ALA G 110 -66.77 -38.07 6.89
CA ALA G 110 -65.30 -38.12 6.98
C ALA G 110 -64.66 -38.20 5.60
N LYS G 111 -65.12 -39.10 4.74
CA LYS G 111 -64.51 -39.27 3.41
C LYS G 111 -64.80 -38.06 2.53
N TYR G 112 -66.04 -37.57 2.57
CA TYR G 112 -66.44 -36.46 1.66
C TYR G 112 -67.06 -35.35 2.50
N PRO G 113 -66.44 -34.15 2.57
CA PRO G 113 -66.95 -33.08 3.42
C PRO G 113 -68.20 -32.37 2.90
N ILE G 114 -69.24 -32.32 3.92
CA ILE G 114 -70.56 -31.72 3.52
C ILE G 114 -70.35 -30.23 3.27
N LYS G 115 -69.72 -29.51 4.08
CA LYS G 115 -69.63 -28.04 4.07
C LYS G 115 -68.80 -27.45 2.93
N GLN G 116 -68.16 -28.28 2.10
CA GLN G 116 -67.53 -27.84 0.86
C GLN G 116 -68.54 -27.60 -0.26
N SER G 117 -68.13 -26.95 -1.35
CA SER G 117 -68.99 -26.80 -2.52
C SER G 117 -69.27 -28.14 -3.20
N LEU G 118 -70.40 -28.24 -3.92
CA LEU G 118 -70.76 -29.43 -4.69
C LEU G 118 -69.65 -29.80 -5.69
N LYS G 119 -69.03 -28.81 -6.33
CA LYS G 119 -67.87 -29.00 -7.22
C LYS G 119 -66.69 -29.63 -6.49
N ASN G 120 -66.29 -29.12 -5.34
CA ASN G 120 -65.15 -29.68 -4.60
C ASN G 120 -65.41 -31.11 -4.13
N ILE G 121 -66.61 -31.41 -3.61
CA ILE G 121 -66.99 -32.78 -3.24
C ILE G 121 -66.93 -33.72 -4.45
N SER G 122 -67.46 -33.27 -5.58
CA SER G 122 -67.42 -34.02 -6.83
C SER G 122 -65.99 -34.36 -7.22
N GLU G 123 -65.06 -33.41 -7.16
CA GLU G 123 -63.64 -33.65 -7.44
C GLU G 123 -62.98 -34.59 -6.43
N ILE G 124 -63.35 -34.57 -5.14
CA ILE G 124 -62.83 -35.51 -4.15
C ILE G 124 -63.21 -36.94 -4.54
N ILE G 125 -64.47 -37.16 -4.90
CA ILE G 125 -64.95 -38.48 -5.32
C ILE G 125 -64.25 -38.90 -6.60
N ALA G 126 -64.11 -38.02 -7.58
CA ALA G 126 -63.42 -38.33 -8.82
C ALA G 126 -61.96 -38.73 -8.62
N LYS G 127 -61.21 -38.05 -7.75
CA LYS G 127 -59.79 -38.40 -7.52
C LYS G 127 -59.62 -39.80 -6.95
N GLY G 128 -60.41 -40.17 -5.93
CA GLY G 128 -60.33 -41.48 -5.31
C GLY G 128 -60.71 -42.61 -6.27
N VAL G 129 -61.75 -42.42 -7.06
CA VAL G 129 -62.15 -43.39 -8.08
C VAL G 129 -61.05 -43.58 -9.11
N THR G 130 -60.42 -42.48 -9.54
CA THR G 130 -59.32 -42.53 -10.51
C THR G 130 -58.12 -43.30 -9.94
N GLN G 131 -57.79 -43.12 -8.66
CA GLN G 131 -56.75 -43.90 -8.00
C GLN G 131 -57.08 -45.41 -7.99
N ILE G 132 -58.30 -45.79 -7.63
CA ILE G 132 -58.72 -47.19 -7.61
C ILE G 132 -58.60 -47.80 -9.00
N ASP G 133 -58.97 -47.06 -10.04
CA ASP G 133 -58.84 -47.50 -11.43
C ASP G 133 -57.37 -47.75 -11.82
N ASN G 134 -56.48 -46.80 -11.54
CA ASN G 134 -55.06 -46.92 -11.85
C ASN G 134 -54.41 -48.08 -11.10
N ASP G 135 -54.68 -48.21 -9.81
CA ASP G 135 -54.11 -49.29 -9.01
C ASP G 135 -54.64 -50.65 -9.39
N LEU G 136 -55.90 -50.76 -9.79
CA LEU G 136 -56.43 -52.01 -10.36
C LEU G 136 -55.65 -52.37 -11.61
N LYS G 137 -55.47 -51.41 -12.54
CA LYS G 137 -54.75 -51.65 -13.80
C LYS G 137 -53.33 -52.16 -13.56
N SER G 138 -52.62 -51.52 -12.64
CA SER G 138 -51.29 -51.94 -12.23
C SER G 138 -51.27 -53.35 -11.66
N ARG G 139 -52.12 -53.66 -10.67
CA ARG G 139 -52.15 -54.97 -10.03
C ARG G 139 -52.61 -56.08 -10.96
N ALA G 140 -53.62 -55.81 -11.79
CA ALA G 140 -54.12 -56.77 -12.75
C ALA G 140 -53.05 -57.15 -13.76
N SER G 141 -52.35 -56.15 -14.32
CA SER G 141 -51.26 -56.39 -15.26
C SER G 141 -50.17 -57.26 -14.64
N ALA G 142 -49.70 -56.90 -13.45
CA ALA G 142 -48.68 -57.64 -12.73
C ALA G 142 -49.09 -59.07 -12.38
N TYR G 143 -50.36 -59.33 -12.06
CA TYR G 143 -50.83 -60.69 -11.79
C TYR G 143 -50.99 -61.51 -13.08
N ASN G 144 -51.58 -60.93 -14.13
CA ASN G 144 -51.79 -61.61 -15.40
C ASN G 144 -50.47 -62.11 -16.02
N ASN G 145 -49.37 -61.38 -15.86
CA ASN G 145 -48.08 -61.82 -16.35
C ASN G 145 -47.66 -63.17 -15.76
N LEU G 146 -47.81 -63.40 -14.45
CA LEU G 146 -47.51 -64.72 -13.88
C LEU G 146 -48.41 -65.78 -14.50
N LYS G 147 -49.70 -65.49 -14.65
CA LYS G 147 -50.67 -66.44 -15.21
C LYS G 147 -50.32 -66.83 -16.64
N GLY G 148 -49.90 -65.86 -17.47
CA GLY G 148 -49.42 -66.11 -18.83
C GLY G 148 -48.12 -66.92 -18.87
N ASN G 149 -47.12 -66.54 -18.08
CA ASN G 149 -45.84 -67.24 -18.04
C ASN G 149 -46.00 -68.69 -17.57
N LEU G 150 -46.73 -68.95 -16.49
CA LEU G 150 -46.95 -70.30 -15.99
C LEU G 150 -47.65 -71.18 -17.03
N GLN G 151 -48.64 -70.64 -17.75
CA GLN G 151 -49.28 -71.36 -18.84
C GLN G 151 -48.34 -71.62 -20.01
N ASN G 152 -47.43 -70.70 -20.35
CA ASN G 152 -46.45 -70.94 -21.40
C ASN G 152 -45.44 -72.04 -21.03
N LEU G 153 -45.03 -72.16 -19.77
CA LEU G 153 -44.26 -73.33 -19.33
C LEU G 153 -45.07 -74.62 -19.48
N GLU G 154 -46.34 -74.64 -19.10
CA GLU G 154 -47.21 -75.79 -19.33
C GLU G 154 -47.33 -76.13 -20.83
N ARG G 155 -47.48 -75.14 -21.71
CA ARG G 155 -47.52 -75.33 -23.18
C ARG G 155 -46.23 -75.94 -23.75
N LYS G 156 -45.10 -75.84 -23.05
CA LYS G 156 -43.82 -76.50 -23.42
C LYS G 156 -43.61 -77.86 -22.73
N ASN G 157 -44.42 -78.20 -21.74
CA ASN G 157 -44.57 -79.60 -21.29
C ASN G 157 -45.49 -80.37 -22.24
N ALA G 158 -46.56 -79.72 -22.70
CA ALA G 158 -47.39 -80.14 -23.81
C ALA G 158 -46.69 -79.95 -25.18
N GLY G 159 -47.43 -80.17 -26.26
CA GLY G 159 -46.97 -79.96 -27.64
C GLY G 159 -46.17 -81.13 -28.22
N SER G 160 -45.67 -80.93 -29.44
CA SER G 160 -44.86 -81.90 -30.19
C SER G 160 -43.55 -82.25 -29.49
N LEU G 161 -43.01 -83.45 -29.78
CA LEU G 161 -41.64 -83.83 -29.44
C LEU G 161 -40.60 -82.86 -30.04
N LEU G 162 -40.93 -82.15 -31.12
CA LEU G 162 -40.11 -81.05 -31.65
C LEU G 162 -40.02 -79.87 -30.67
N THR G 163 -41.15 -79.45 -30.10
CA THR G 163 -41.28 -78.23 -29.30
C THR G 163 -41.04 -78.43 -27.80
N ARG G 164 -41.07 -79.68 -27.32
CA ARG G 164 -41.08 -80.04 -25.89
C ARG G 164 -39.81 -79.61 -25.15
N SER G 165 -39.95 -79.32 -23.85
CA SER G 165 -38.82 -79.07 -22.96
C SER G 165 -37.99 -80.33 -22.75
N LEU G 166 -36.75 -80.36 -23.25
CA LEU G 166 -35.91 -81.57 -23.25
C LEU G 166 -35.20 -81.85 -21.91
N ALA G 167 -35.26 -80.91 -20.96
CA ALA G 167 -34.72 -81.10 -19.61
C ALA G 167 -35.39 -82.27 -18.86
N GLU G 168 -36.60 -82.66 -19.24
CA GLU G 168 -37.31 -83.83 -18.74
C GLU G 168 -36.76 -85.16 -19.29
N ILE G 169 -35.85 -85.12 -20.27
CA ILE G 169 -35.40 -86.28 -21.05
C ILE G 169 -33.89 -86.48 -20.93
N VAL G 170 -33.10 -85.48 -21.33
CA VAL G 170 -31.67 -85.65 -21.61
C VAL G 170 -30.78 -85.58 -20.36
N LYS G 171 -29.59 -86.18 -20.43
CA LYS G 171 -28.54 -86.17 -19.40
C LYS G 171 -27.23 -85.64 -19.99
N LYS G 172 -26.34 -85.09 -19.16
CA LYS G 172 -25.01 -84.62 -19.58
C LYS G 172 -24.24 -85.68 -20.38
N ASP G 173 -24.33 -86.93 -19.95
CA ASP G 173 -23.66 -88.07 -20.57
C ASP G 173 -24.14 -88.38 -22.01
N ASP G 174 -25.28 -87.84 -22.43
CA ASP G 174 -25.84 -88.11 -23.76
C ASP G 174 -25.12 -87.36 -24.89
N PHE G 175 -24.21 -86.44 -24.58
CA PHE G 175 -23.55 -85.54 -25.55
C PHE G 175 -22.03 -85.63 -25.49
N VAL G 176 -21.35 -85.41 -26.61
CA VAL G 176 -19.96 -84.95 -26.59
C VAL G 176 -19.94 -83.46 -26.25
N LEU G 177 -19.15 -83.08 -25.25
CA LEU G 177 -19.09 -81.72 -24.70
C LEU G 177 -17.65 -81.19 -24.65
N ASP G 178 -17.49 -79.88 -24.83
CA ASP G 178 -16.22 -79.14 -24.77
C ASP G 178 -15.14 -79.57 -25.78
N SER G 179 -15.50 -80.36 -26.81
CA SER G 179 -14.59 -80.75 -27.89
C SER G 179 -14.23 -79.56 -28.79
N GLU G 180 -13.00 -79.54 -29.28
CA GLU G 180 -12.54 -78.61 -30.30
C GLU G 180 -13.10 -78.92 -31.70
N TYR G 181 -13.62 -80.12 -31.95
CA TYR G 181 -13.90 -80.63 -33.30
C TYR G 181 -15.20 -81.43 -33.46
N LEU G 182 -15.81 -81.96 -32.40
CA LEU G 182 -17.03 -82.76 -32.44
C LEU G 182 -18.23 -82.06 -31.80
N VAL G 183 -19.40 -82.27 -32.38
CA VAL G 183 -20.70 -81.86 -31.83
C VAL G 183 -21.66 -83.05 -31.88
N THR G 184 -22.50 -83.20 -30.86
CA THR G 184 -23.63 -84.13 -30.86
C THR G 184 -24.91 -83.34 -31.14
N LEU G 185 -25.68 -83.76 -32.14
CA LEU G 185 -26.97 -83.18 -32.50
C LEU G 185 -28.12 -84.08 -32.02
N LEU G 186 -29.30 -83.49 -31.85
CA LEU G 186 -30.54 -84.22 -31.64
C LEU G 186 -31.38 -84.16 -32.91
N VAL G 187 -31.75 -85.31 -33.45
CA VAL G 187 -32.61 -85.43 -34.64
C VAL G 187 -33.93 -86.05 -34.23
N VAL G 188 -35.03 -85.43 -34.66
CA VAL G 188 -36.37 -85.97 -34.50
C VAL G 188 -36.82 -86.54 -35.84
N VAL G 189 -37.31 -87.78 -35.81
CA VAL G 189 -37.59 -88.58 -37.01
C VAL G 189 -38.97 -89.21 -36.87
N PRO G 190 -39.81 -89.21 -37.92
CA PRO G 190 -41.09 -89.92 -37.88
C PRO G 190 -40.90 -91.42 -37.60
N LYS G 191 -41.77 -92.02 -36.80
CA LYS G 191 -41.61 -93.41 -36.33
C LYS G 191 -41.58 -94.42 -37.48
N LEU G 192 -42.39 -94.20 -38.52
CA LEU G 192 -42.35 -95.01 -39.75
C LEU G 192 -41.05 -94.86 -40.55
N ASN G 193 -40.33 -93.75 -40.37
CA ASN G 193 -39.08 -93.44 -41.07
C ASN G 193 -37.84 -93.92 -40.30
N HIS G 194 -38.02 -94.63 -39.18
CA HIS G 194 -36.94 -95.12 -38.33
C HIS G 194 -35.88 -95.90 -39.11
N ASN G 195 -36.30 -96.92 -39.86
CA ASN G 195 -35.36 -97.75 -40.63
C ASN G 195 -34.67 -96.96 -41.74
N ASP G 196 -35.36 -95.99 -42.36
CA ASP G 196 -34.76 -95.09 -43.35
C ASP G 196 -33.66 -94.22 -42.74
N TRP G 197 -33.89 -93.66 -41.55
CA TRP G 197 -32.87 -92.89 -40.86
C TRP G 197 -31.69 -93.74 -40.37
N ILE G 198 -31.95 -94.96 -39.86
CA ILE G 198 -30.90 -95.92 -39.49
C ILE G 198 -30.02 -96.27 -40.71
N LYS G 199 -30.61 -96.46 -41.90
CA LYS G 199 -29.88 -96.64 -43.16
C LYS G 199 -29.11 -95.38 -43.56
N GLN G 200 -29.69 -94.19 -43.44
CA GLN G 200 -29.03 -92.92 -43.76
C GLN G 200 -27.94 -92.47 -42.77
N TYR G 201 -27.95 -92.94 -41.53
CA TYR G 201 -27.06 -92.47 -40.46
C TYR G 201 -25.57 -92.48 -40.87
N GLU G 202 -25.13 -93.57 -41.49
CA GLU G 202 -23.74 -93.77 -41.92
C GLU G 202 -23.35 -92.90 -43.13
N THR G 203 -24.30 -92.24 -43.80
CA THR G 203 -24.15 -91.76 -45.18
C THR G 203 -24.64 -90.34 -45.42
N LEU G 204 -25.50 -89.78 -44.57
CA LEU G 204 -26.23 -88.56 -44.91
C LEU G 204 -25.33 -87.33 -45.12
N ALA G 205 -24.23 -87.21 -44.38
CA ALA G 205 -23.19 -86.20 -44.60
C ALA G 205 -21.78 -86.76 -44.26
N GLU G 206 -20.74 -86.07 -44.73
CA GLU G 206 -19.35 -86.41 -44.42
C GLU G 206 -19.03 -86.30 -42.92
N MET G 207 -17.97 -86.96 -42.48
CA MET G 207 -17.37 -86.79 -41.14
C MET G 207 -18.35 -86.98 -39.96
N VAL G 208 -19.37 -87.82 -40.14
CA VAL G 208 -20.19 -88.34 -39.02
C VAL G 208 -19.48 -89.50 -38.34
N VAL G 209 -19.57 -89.59 -37.01
CA VAL G 209 -19.03 -90.72 -36.25
C VAL G 209 -19.87 -91.98 -36.51
N PRO G 210 -19.29 -93.07 -37.08
CA PRO G 210 -20.07 -94.26 -37.45
C PRO G 210 -20.72 -94.97 -36.25
N ARG G 211 -21.89 -95.57 -36.50
CA ARG G 211 -22.57 -96.55 -35.62
C ARG G 211 -22.69 -96.10 -34.16
N SER G 212 -23.05 -94.83 -33.93
CA SER G 212 -23.16 -94.23 -32.59
C SER G 212 -24.45 -93.44 -32.38
N SER G 213 -25.55 -93.92 -32.97
CA SER G 213 -26.91 -93.43 -32.68
C SER G 213 -27.40 -93.87 -31.29
N ASN G 214 -28.33 -93.14 -30.70
CA ASN G 214 -29.00 -93.51 -29.44
C ASN G 214 -30.34 -92.77 -29.29
N VAL G 215 -31.46 -93.49 -29.26
CA VAL G 215 -32.80 -92.91 -29.10
C VAL G 215 -32.99 -92.47 -27.64
N LEU G 216 -33.13 -91.16 -27.41
CA LEU G 216 -33.34 -90.61 -26.08
C LEU G 216 -34.84 -90.52 -25.72
N SER G 217 -35.73 -90.37 -26.70
CA SER G 217 -37.19 -90.41 -26.46
C SER G 217 -37.98 -90.88 -27.68
N GLU G 218 -39.19 -91.37 -27.46
CA GLU G 218 -40.09 -91.86 -28.50
C GLU G 218 -41.54 -91.52 -28.16
N ASP G 219 -42.34 -91.25 -29.19
CA ASP G 219 -43.69 -90.72 -29.10
C ASP G 219 -44.55 -91.26 -30.26
N GLN G 220 -45.86 -90.99 -30.27
CA GLN G 220 -46.81 -91.57 -31.22
C GLN G 220 -46.43 -91.34 -32.70
N ASP G 221 -46.01 -90.13 -33.06
CA ASP G 221 -45.65 -89.78 -34.43
C ASP G 221 -44.16 -90.01 -34.77
N SER G 222 -43.27 -89.96 -33.78
CA SER G 222 -41.83 -89.72 -34.00
C SER G 222 -40.96 -90.12 -32.80
N TYR G 223 -39.65 -90.14 -33.01
CA TYR G 223 -38.66 -90.39 -31.97
C TYR G 223 -37.47 -89.42 -32.10
N LEU G 224 -36.77 -89.19 -30.99
CA LEU G 224 -35.68 -88.23 -30.83
C LEU G 224 -34.38 -88.99 -30.54
N CYS G 225 -33.34 -88.76 -31.33
CA CYS G 225 -32.12 -89.56 -31.33
C CYS G 225 -30.84 -88.74 -31.50
N ASN G 226 -29.77 -89.19 -30.86
CA ASN G 226 -28.41 -88.69 -31.04
C ASN G 226 -27.84 -88.98 -32.44
N VAL G 227 -26.98 -88.07 -32.88
CA VAL G 227 -25.90 -88.29 -33.86
C VAL G 227 -24.70 -87.45 -33.43
N THR G 228 -23.46 -87.86 -33.74
CA THR G 228 -22.26 -87.06 -33.46
C THR G 228 -21.41 -86.91 -34.72
N LEU G 229 -20.92 -85.70 -34.98
CA LEU G 229 -20.21 -85.37 -36.22
C LEU G 229 -19.14 -84.29 -36.00
N PHE G 230 -18.22 -84.20 -36.96
CA PHE G 230 -17.23 -83.14 -37.06
C PHE G 230 -17.90 -81.80 -37.34
N LYS G 231 -17.52 -80.75 -36.61
CA LYS G 231 -18.30 -79.50 -36.49
C LYS G 231 -18.55 -78.77 -37.82
N LYS G 232 -17.69 -78.94 -38.81
CA LYS G 232 -17.87 -78.44 -40.19
C LYS G 232 -19.15 -78.98 -40.86
N ALA G 233 -19.48 -80.25 -40.66
CA ALA G 233 -20.50 -80.96 -41.43
C ALA G 233 -21.96 -80.61 -41.05
N VAL G 234 -22.18 -79.90 -39.95
CA VAL G 234 -23.51 -79.63 -39.36
C VAL G 234 -24.51 -79.04 -40.37
N ASP G 235 -24.11 -78.10 -41.23
CA ASP G 235 -24.99 -77.50 -42.22
C ASP G 235 -25.41 -78.48 -43.32
N ASP G 236 -24.47 -79.25 -43.85
CA ASP G 236 -24.78 -80.29 -44.83
C ASP G 236 -25.69 -81.36 -44.21
N PHE G 237 -25.39 -81.76 -42.97
CA PHE G 237 -26.19 -82.72 -42.24
C PHE G 237 -27.61 -82.22 -42.04
N ARG G 238 -27.82 -81.04 -41.44
CA ARG G 238 -29.18 -80.55 -41.17
C ARG G 238 -29.95 -80.23 -42.46
N HIS G 239 -29.26 -79.76 -43.50
CA HIS G 239 -29.90 -79.53 -44.80
C HIS G 239 -30.35 -80.85 -45.44
N LYS G 240 -29.45 -81.83 -45.58
CA LYS G 240 -29.79 -83.12 -46.19
C LYS G 240 -30.75 -83.94 -45.32
N ALA G 241 -30.72 -83.76 -44.00
CA ALA G 241 -31.73 -84.30 -43.09
C ALA G 241 -33.11 -83.75 -43.45
N ARG G 242 -33.25 -82.42 -43.61
CA ARG G 242 -34.50 -81.79 -44.06
C ARG G 242 -34.94 -82.27 -45.44
N GLU G 243 -34.02 -82.50 -46.38
CA GLU G 243 -34.34 -83.13 -47.68
C GLU G 243 -34.86 -84.57 -47.53
N ASN G 244 -34.36 -85.33 -46.55
CA ASN G 244 -34.87 -86.66 -46.17
C ASN G 244 -36.07 -86.59 -45.19
N LYS G 245 -36.60 -85.39 -44.90
CA LYS G 245 -37.66 -85.10 -43.92
C LYS G 245 -37.33 -85.44 -42.46
N PHE G 246 -36.08 -85.76 -42.13
CA PHE G 246 -35.58 -85.85 -40.77
C PHE G 246 -35.36 -84.42 -40.22
N ILE G 247 -35.74 -84.14 -38.97
CA ILE G 247 -35.73 -82.76 -38.45
C ILE G 247 -34.68 -82.60 -37.37
N VAL G 248 -33.65 -81.79 -37.62
CA VAL G 248 -32.63 -81.47 -36.61
C VAL G 248 -33.20 -80.46 -35.61
N ARG G 249 -33.39 -80.89 -34.37
CA ARG G 249 -33.82 -80.03 -33.26
C ARG G 249 -32.64 -79.17 -32.83
N ASP G 250 -32.81 -77.86 -32.86
CA ASP G 250 -31.84 -76.92 -32.31
C ASP G 250 -31.81 -77.05 -30.77
N PHE G 251 -30.74 -77.61 -30.22
CA PHE G 251 -30.54 -77.76 -28.78
C PHE G 251 -29.05 -77.87 -28.44
N GLN G 252 -28.65 -77.31 -27.29
CA GLN G 252 -27.31 -77.45 -26.72
C GLN G 252 -27.42 -77.68 -25.21
N TYR G 253 -26.71 -78.68 -24.68
CA TYR G 253 -26.81 -79.00 -23.26
C TYR G 253 -26.12 -77.95 -22.39
N ASN G 254 -26.80 -77.52 -21.33
CA ASN G 254 -26.21 -76.83 -20.19
C ASN G 254 -27.05 -77.14 -18.95
N GLU G 255 -26.50 -77.93 -18.04
CA GLU G 255 -27.21 -78.40 -16.86
C GLU G 255 -27.75 -77.26 -15.99
N GLU G 256 -27.07 -76.12 -15.97
CA GLU G 256 -27.55 -74.95 -15.23
C GLU G 256 -28.87 -74.42 -15.79
N GLU G 257 -29.08 -74.47 -17.11
CA GLU G 257 -30.37 -74.12 -17.71
C GLU G 257 -31.41 -75.21 -17.47
N MET G 258 -31.03 -76.48 -17.49
CA MET G 258 -31.96 -77.57 -17.20
C MET G 258 -32.51 -77.44 -15.77
N ARG G 259 -31.60 -77.20 -14.81
CA ARG G 259 -31.93 -76.91 -13.41
C ARG G 259 -32.74 -75.63 -13.28
N ALA G 260 -32.37 -74.57 -13.99
CA ALA G 260 -33.15 -73.33 -13.98
C ALA G 260 -34.58 -73.55 -14.46
N ASP G 261 -34.81 -74.30 -15.53
CA ASP G 261 -36.16 -74.59 -16.00
C ASP G 261 -36.97 -75.44 -15.00
N LYS G 262 -36.32 -76.40 -14.32
CA LYS G 262 -36.94 -77.17 -13.23
C LYS G 262 -37.26 -76.31 -12.01
N GLU G 263 -36.45 -75.28 -11.73
CA GLU G 263 -36.70 -74.32 -10.65
C GLU G 263 -37.81 -73.31 -11.01
N GLU G 264 -37.80 -72.78 -12.23
CA GLU G 264 -38.67 -71.67 -12.63
C GLU G 264 -40.14 -72.04 -12.58
N MET G 265 -40.59 -73.19 -13.10
CA MET G 265 -42.02 -73.51 -13.05
C MET G 265 -42.54 -73.62 -11.61
N ASN G 266 -41.71 -74.12 -10.70
CA ASN G 266 -42.02 -74.12 -9.27
C ASN G 266 -42.01 -72.72 -8.68
N ARG G 267 -41.08 -71.84 -9.07
CA ARG G 267 -41.11 -70.43 -8.64
C ARG G 267 -42.38 -69.73 -9.11
N LEU G 268 -42.73 -69.84 -10.38
CA LEU G 268 -43.95 -69.25 -10.95
C LEU G 268 -45.19 -69.73 -10.19
N SER G 269 -45.30 -71.03 -9.93
CA SER G 269 -46.39 -71.56 -9.13
C SER G 269 -46.40 -70.98 -7.70
N THR G 270 -45.23 -70.87 -7.08
CA THR G 270 -45.10 -70.29 -5.74
C THR G 270 -45.50 -68.81 -5.71
N ASP G 271 -45.02 -68.02 -6.65
CA ASP G 271 -45.36 -66.61 -6.74
C ASP G 271 -46.84 -66.40 -7.01
N LYS G 272 -47.45 -67.15 -7.94
CA LYS G 272 -48.90 -67.12 -8.13
C LYS G 272 -49.62 -67.35 -6.82
N LYS G 273 -49.24 -68.38 -6.06
CA LYS G 273 -49.85 -68.69 -4.76
C LYS G 273 -49.64 -67.59 -3.72
N LYS G 274 -48.53 -66.85 -3.75
CA LYS G 274 -48.30 -65.70 -2.86
C LYS G 274 -49.10 -64.47 -3.28
N GLN G 275 -49.21 -64.18 -4.57
CA GLN G 275 -49.91 -62.99 -5.08
C GLN G 275 -51.43 -63.08 -4.92
N PHE G 276 -52.00 -64.28 -5.03
CA PHE G 276 -53.45 -64.48 -5.05
C PHE G 276 -54.15 -63.93 -3.82
N GLY G 277 -53.78 -64.34 -2.60
CA GLY G 277 -54.49 -63.96 -1.37
C GLY G 277 -54.57 -62.44 -1.16
N PRO G 278 -53.45 -61.71 -1.21
CA PRO G 278 -53.42 -60.26 -1.15
C PRO G 278 -54.16 -59.58 -2.29
N LEU G 279 -54.12 -60.11 -3.52
CA LEU G 279 -54.86 -59.54 -4.63
C LEU G 279 -56.35 -59.61 -4.39
N VAL G 280 -56.86 -60.76 -3.95
CA VAL G 280 -58.27 -60.90 -3.53
C VAL G 280 -58.62 -59.90 -2.43
N ARG G 281 -57.82 -59.76 -1.37
CA ARG G 281 -58.12 -58.78 -0.32
C ARG G 281 -58.15 -57.36 -0.85
N TRP G 282 -57.19 -56.97 -1.68
CA TRP G 282 -57.20 -55.64 -2.29
C TRP G 282 -58.44 -55.42 -3.14
N LEU G 283 -58.90 -56.40 -3.91
CA LEU G 283 -60.09 -56.27 -4.74
C LEU G 283 -61.35 -56.13 -3.90
N LYS G 284 -61.51 -56.89 -2.82
CA LYS G 284 -62.65 -56.77 -1.90
C LYS G 284 -62.69 -55.43 -1.19
N VAL G 285 -61.55 -54.91 -0.73
CA VAL G 285 -61.49 -53.59 -0.13
C VAL G 285 -61.85 -52.52 -1.14
N ASN G 286 -61.27 -52.56 -2.33
CA ASN G 286 -61.41 -51.47 -3.28
C ASN G 286 -62.71 -51.51 -4.06
N PHE G 287 -63.36 -52.66 -4.20
CA PHE G 287 -64.74 -52.71 -4.64
C PHE G 287 -65.65 -52.03 -3.62
N SER G 288 -65.49 -52.28 -2.33
CA SER G 288 -66.29 -51.60 -1.32
C SER G 288 -66.07 -50.09 -1.39
N GLU G 289 -64.83 -49.63 -1.48
CA GLU G 289 -64.54 -48.19 -1.67
C GLU G 289 -65.16 -47.58 -2.92
N ALA G 290 -65.11 -48.26 -4.07
CA ALA G 290 -65.66 -47.76 -5.32
C ALA G 290 -67.20 -47.75 -5.30
N PHE G 291 -67.83 -48.75 -4.71
CA PHE G 291 -69.27 -48.79 -4.58
C PHE G 291 -69.78 -47.71 -3.64
N ILE G 292 -69.12 -47.49 -2.50
CA ILE G 292 -69.49 -46.43 -1.58
C ILE G 292 -69.40 -45.07 -2.27
N ALA G 293 -68.34 -44.85 -3.05
CA ALA G 293 -68.15 -43.62 -3.80
C ALA G 293 -69.25 -43.42 -4.84
N TRP G 294 -69.72 -44.46 -5.47
CA TRP G 294 -70.73 -44.38 -6.51
C TRP G 294 -72.07 -43.92 -5.95
N ILE G 295 -72.51 -44.47 -4.82
CA ILE G 295 -73.77 -44.08 -4.18
C ILE G 295 -73.72 -42.64 -3.66
N HIS G 296 -72.56 -42.05 -3.36
CA HIS G 296 -72.46 -40.63 -3.07
C HIS G 296 -72.71 -39.75 -4.28
N ILE G 297 -72.24 -40.13 -5.47
CA ILE G 297 -72.57 -39.43 -6.71
C ILE G 297 -74.07 -39.49 -6.97
N LYS G 298 -74.76 -40.59 -6.65
CA LYS G 298 -76.21 -40.63 -6.80
C LYS G 298 -76.91 -39.61 -5.89
N ALA G 299 -76.46 -39.44 -4.66
CA ALA G 299 -76.99 -38.44 -3.76
C ALA G 299 -76.74 -37.01 -4.27
N LEU G 300 -75.57 -36.71 -4.83
CA LEU G 300 -75.32 -35.44 -5.48
C LEU G 300 -76.26 -35.22 -6.67
N ARG G 301 -76.36 -36.14 -7.61
CA ARG G 301 -77.23 -35.96 -8.78
C ARG G 301 -78.68 -35.75 -8.36
N VAL G 302 -79.19 -36.49 -7.38
CA VAL G 302 -80.55 -36.28 -6.87
C VAL G 302 -80.69 -34.92 -6.21
N PHE G 303 -79.70 -34.44 -5.48
CA PHE G 303 -79.73 -33.11 -4.89
C PHE G 303 -79.77 -32.03 -5.97
N VAL G 304 -78.75 -31.99 -6.83
CA VAL G 304 -78.57 -30.98 -7.87
C VAL G 304 -79.79 -30.91 -8.77
N GLU G 305 -80.29 -32.02 -9.27
CA GLU G 305 -81.45 -31.97 -10.15
C GLU G 305 -82.75 -31.63 -9.42
N SER G 306 -82.87 -31.90 -8.12
CA SER G 306 -84.05 -31.44 -7.36
C SER G 306 -84.00 -29.95 -7.09
N VAL G 307 -82.81 -29.38 -6.86
CA VAL G 307 -82.63 -27.94 -6.72
C VAL G 307 -82.88 -27.21 -8.04
N LEU G 308 -82.55 -27.83 -9.18
CA LEU G 308 -82.88 -27.27 -10.48
C LEU G 308 -84.36 -27.40 -10.87
N ARG G 309 -85.02 -28.52 -10.58
CA ARG G 309 -86.40 -28.74 -11.04
C ARG G 309 -87.47 -28.18 -10.09
N TYR G 310 -87.24 -28.18 -8.78
CA TYR G 310 -88.18 -27.66 -7.78
C TYR G 310 -87.72 -26.29 -7.25
N GLY G 311 -88.52 -25.67 -6.37
CA GLY G 311 -88.20 -24.36 -5.79
C GLY G 311 -86.89 -24.33 -5.00
N LEU G 312 -86.19 -23.19 -5.00
CA LEU G 312 -84.88 -23.05 -4.36
C LEU G 312 -84.86 -23.20 -2.83
N PRO G 313 -85.92 -22.89 -2.06
CA PRO G 313 -85.98 -23.23 -0.64
C PRO G 313 -86.00 -24.76 -0.47
N VAL G 314 -84.83 -25.37 -0.25
CA VAL G 314 -84.62 -26.80 -0.48
C VAL G 314 -85.44 -27.64 0.51
N ASN G 315 -86.50 -28.28 0.03
CA ASN G 315 -87.48 -28.97 0.89
C ASN G 315 -88.05 -30.26 0.26
N PHE G 316 -87.32 -30.88 -0.67
CA PHE G 316 -87.71 -32.13 -1.30
C PHE G 316 -87.48 -33.35 -0.41
N GLN G 317 -88.14 -34.45 -0.73
CA GLN G 317 -87.89 -35.76 -0.12
C GLN G 317 -87.35 -36.69 -1.19
N ALA G 318 -86.13 -37.22 -1.02
CA ALA G 318 -85.66 -38.33 -1.85
C ALA G 318 -86.19 -39.66 -1.32
N MET G 319 -86.60 -40.54 -2.22
CA MET G 319 -87.18 -41.82 -1.92
C MET G 319 -86.51 -42.88 -2.77
N LEU G 320 -86.31 -44.06 -2.21
CA LEU G 320 -85.73 -45.19 -2.87
C LEU G 320 -86.84 -46.22 -3.08
N LEU G 321 -87.06 -46.68 -4.30
CA LEU G 321 -88.02 -47.72 -4.64
C LEU G 321 -87.29 -48.94 -5.16
N GLN G 322 -87.81 -50.12 -4.90
CA GLN G 322 -87.37 -51.38 -5.48
C GLN G 322 -88.59 -52.10 -6.06
N PRO G 323 -88.85 -52.00 -7.37
CA PRO G 323 -90.05 -52.54 -7.99
C PRO G 323 -90.11 -54.05 -7.92
N ASN G 324 -91.30 -54.62 -7.79
CA ASN G 324 -91.54 -56.04 -8.07
C ASN G 324 -91.47 -56.31 -9.57
N LYS G 325 -91.05 -57.52 -9.95
CA LYS G 325 -91.04 -57.96 -11.35
C LYS G 325 -92.46 -58.00 -11.93
N LYS G 326 -92.56 -57.94 -13.26
CA LYS G 326 -93.83 -57.94 -14.02
C LYS G 326 -94.82 -56.83 -13.62
N SER G 327 -94.35 -55.79 -12.94
CA SER G 327 -95.19 -54.74 -12.33
C SER G 327 -94.81 -53.32 -12.78
N VAL G 328 -93.87 -53.17 -13.71
CA VAL G 328 -93.27 -51.88 -14.10
C VAL G 328 -94.31 -50.89 -14.59
N LYS G 329 -95.16 -51.26 -15.55
CA LYS G 329 -96.16 -50.34 -16.11
C LYS G 329 -97.11 -49.80 -15.06
N LYS G 330 -97.68 -50.68 -14.22
CA LYS G 330 -98.55 -50.29 -13.11
C LYS G 330 -97.88 -49.25 -12.21
N LEU G 331 -96.61 -49.46 -11.88
CA LEU G 331 -95.88 -48.54 -11.02
C LEU G 331 -95.56 -47.21 -11.71
N ARG G 332 -95.12 -47.22 -12.96
CA ARG G 332 -94.94 -45.98 -13.74
C ARG G 332 -96.21 -45.17 -13.78
N GLU G 333 -97.34 -45.81 -14.04
CA GLU G 333 -98.62 -45.13 -14.11
C GLU G 333 -99.06 -44.57 -12.75
N VAL G 334 -98.81 -45.29 -11.64
CA VAL G 334 -99.07 -44.77 -10.30
C VAL G 334 -98.19 -43.56 -10.00
N LEU G 335 -96.88 -43.62 -10.25
CA LEU G 335 -96.02 -42.46 -10.04
C LEU G 335 -96.43 -41.26 -10.90
N HIS G 336 -96.78 -41.48 -12.17
CA HIS G 336 -97.27 -40.41 -13.03
C HIS G 336 -98.55 -39.78 -12.49
N GLU G 337 -99.51 -40.60 -12.07
CA GLU G 337 -100.75 -40.12 -11.46
C GLU G 337 -100.48 -39.34 -10.17
N LEU G 338 -99.47 -39.70 -9.37
CA LEU G 338 -99.09 -38.91 -8.20
C LEU G 338 -98.51 -37.55 -8.56
N TYR G 339 -97.70 -37.44 -9.61
CA TYR G 339 -96.83 -36.28 -9.83
C TYR G 339 -97.05 -35.49 -11.12
N LYS G 340 -98.08 -35.79 -11.91
CA LYS G 340 -98.36 -35.04 -13.16
C LYS G 340 -98.48 -33.52 -12.98
N HIS G 341 -98.91 -33.04 -11.82
CA HIS G 341 -99.04 -31.60 -11.52
C HIS G 341 -97.70 -30.85 -11.41
N LEU G 342 -96.55 -31.53 -11.37
CA LEU G 342 -95.23 -30.89 -11.36
C LEU G 342 -94.89 -30.25 -12.72
N ASP G 343 -95.47 -30.71 -13.83
CA ASP G 343 -95.25 -30.11 -15.16
C ASP G 343 -95.97 -28.75 -15.28
N GLU G 365 -85.00 -39.88 -22.01
CA GLU G 365 -86.32 -39.95 -21.39
C GLU G 365 -86.60 -38.74 -20.48
N TYR G 366 -87.88 -38.51 -20.16
CA TYR G 366 -88.33 -37.53 -19.18
C TYR G 366 -89.47 -38.10 -18.32
N TYR G 367 -89.51 -37.72 -17.05
CA TYR G 367 -90.58 -38.04 -16.12
C TYR G 367 -90.87 -36.80 -15.26
N PRO G 368 -92.11 -36.58 -14.78
CA PRO G 368 -92.48 -35.40 -14.01
C PRO G 368 -91.88 -35.32 -12.59
N TYR G 369 -90.91 -36.17 -12.25
CA TYR G 369 -90.18 -36.20 -10.98
C TYR G 369 -88.69 -36.44 -11.26
N VAL G 370 -87.80 -36.10 -10.34
CA VAL G 370 -86.39 -36.49 -10.43
C VAL G 370 -86.30 -38.01 -10.34
N TYR G 371 -85.46 -38.65 -11.13
CA TYR G 371 -85.41 -40.10 -11.25
C TYR G 371 -84.01 -40.56 -11.65
N TYR G 372 -83.46 -41.55 -10.98
CA TYR G 372 -82.28 -42.32 -11.43
C TYR G 372 -82.43 -43.79 -11.09
N LYS G 373 -82.07 -44.70 -11.98
CA LYS G 373 -81.92 -46.11 -11.61
C LYS G 373 -80.55 -46.37 -11.02
N ILE G 374 -80.47 -47.32 -10.11
CA ILE G 374 -79.23 -47.93 -9.65
C ILE G 374 -79.34 -49.40 -10.00
N ASP G 375 -78.44 -49.93 -10.81
CA ASP G 375 -78.51 -51.29 -11.33
C ASP G 375 -77.40 -52.16 -10.72
N CYS G 376 -77.71 -52.86 -9.64
CA CYS G 376 -76.75 -53.61 -8.83
C CYS G 376 -76.35 -54.99 -9.39
N ASN G 377 -76.71 -55.30 -10.64
CA ASN G 377 -76.30 -56.51 -11.34
C ASN G 377 -74.96 -56.28 -12.07
N LEU G 378 -73.85 -56.16 -11.33
CA LEU G 378 -72.57 -55.77 -11.92
C LEU G 378 -71.98 -56.83 -12.87
N LEU G 379 -72.10 -58.13 -12.58
CA LEU G 379 -71.51 -59.20 -13.40
C LEU G 379 -72.41 -59.66 -14.57
N GLU G 380 -73.26 -58.80 -15.10
CA GLU G 380 -74.11 -59.06 -16.28
C GLU G 380 -74.90 -60.38 -16.18
N LYS H 4 -3.28 2.25 -20.39
CA LYS H 4 -2.52 2.89 -19.28
C LYS H 4 -2.11 1.85 -18.23
N ASP H 5 -0.90 1.95 -17.69
CA ASP H 5 -0.38 0.99 -16.68
C ASP H 5 -0.95 1.18 -15.28
N ARG H 6 -1.37 2.41 -14.92
CA ARG H 6 -1.80 2.80 -13.57
C ARG H 6 -3.02 3.71 -13.60
N ILE H 7 -3.69 3.84 -12.45
CA ILE H 7 -4.99 4.52 -12.26
C ILE H 7 -4.85 6.03 -11.91
N GLU H 8 -3.64 6.60 -11.98
CA GLU H 8 -3.34 8.04 -11.85
C GLU H 8 -3.58 8.70 -10.47
N ILE H 9 -4.07 7.96 -9.47
CA ILE H 9 -4.27 8.45 -8.10
C ILE H 9 -2.93 8.89 -7.45
N PHE H 10 -2.93 9.99 -6.69
CA PHE H 10 -1.69 10.51 -6.08
C PHE H 10 -1.28 9.73 -4.80
N PRO H 11 -0.01 9.32 -4.62
CA PRO H 11 0.42 8.50 -3.48
C PRO H 11 0.12 9.09 -2.10
N SER H 12 -0.54 8.30 -1.25
CA SER H 12 -0.90 8.62 0.15
C SER H 12 -1.45 7.35 0.82
N ARG H 13 -1.59 7.34 2.15
CA ARG H 13 -2.31 6.25 2.86
C ARG H 13 -3.81 6.23 2.53
N MET H 14 -4.39 7.38 2.19
CA MET H 14 -5.74 7.45 1.62
C MET H 14 -5.81 6.74 0.26
N ALA H 15 -4.85 6.97 -0.63
CA ALA H 15 -4.77 6.29 -1.92
C ALA H 15 -4.59 4.77 -1.75
N GLN H 16 -3.75 4.30 -0.83
CA GLN H 16 -3.68 2.87 -0.51
C GLN H 16 -5.03 2.29 -0.09
N THR H 17 -5.74 2.99 0.79
CA THR H 17 -7.05 2.54 1.30
C THR H 17 -8.06 2.41 0.15
N ILE H 18 -8.12 3.39 -0.75
CA ILE H 18 -8.96 3.36 -1.95
C ILE H 18 -8.55 2.22 -2.90
N MET H 19 -7.27 2.08 -3.21
CA MET H 19 -6.84 1.07 -4.18
C MET H 19 -6.98 -0.36 -3.67
N LYS H 20 -6.83 -0.60 -2.36
CA LYS H 20 -7.17 -1.88 -1.75
C LYS H 20 -8.68 -2.16 -1.74
N ALA H 21 -9.52 -1.13 -1.61
CA ALA H 21 -10.96 -1.26 -1.78
C ALA H 21 -11.32 -1.63 -3.23
N ARG H 22 -10.69 -1.02 -4.25
CA ARG H 22 -10.87 -1.44 -5.65
C ARG H 22 -10.42 -2.87 -5.89
N LEU H 23 -9.30 -3.30 -5.34
CA LEU H 23 -8.77 -4.66 -5.56
C LEU H 23 -9.74 -5.74 -5.05
N LYS H 24 -10.24 -5.59 -3.82
CA LYS H 24 -11.25 -6.49 -3.23
C LYS H 24 -12.56 -6.43 -4.00
N GLY H 25 -12.95 -5.26 -4.49
CA GLY H 25 -14.10 -5.09 -5.39
C GLY H 25 -13.95 -5.91 -6.67
N ALA H 26 -12.86 -5.77 -7.41
CA ALA H 26 -12.65 -6.49 -8.67
C ALA H 26 -12.53 -8.00 -8.48
N GLN H 27 -11.79 -8.46 -7.47
CA GLN H 27 -11.67 -9.88 -7.15
C GLN H 27 -12.99 -10.49 -6.69
N THR H 28 -13.87 -9.72 -6.05
CA THR H 28 -15.23 -10.18 -5.75
C THR H 28 -16.06 -10.25 -7.03
N GLY H 29 -16.02 -9.21 -7.86
CA GLY H 29 -16.76 -9.18 -9.13
C GLY H 29 -16.43 -10.37 -10.02
N ARG H 30 -15.15 -10.71 -10.17
CA ARG H 30 -14.68 -11.88 -10.92
C ARG H 30 -15.29 -13.18 -10.41
N ASN H 31 -15.36 -13.41 -9.10
CA ASN H 31 -15.90 -14.65 -8.56
C ASN H 31 -17.42 -14.76 -8.76
N LEU H 32 -18.17 -13.67 -8.62
CA LEU H 32 -19.60 -13.69 -8.92
C LEU H 32 -19.87 -13.88 -10.41
N LEU H 33 -19.10 -13.25 -11.30
CA LEU H 33 -19.25 -13.45 -12.74
C LEU H 33 -18.81 -14.85 -13.17
N LYS H 34 -17.82 -15.47 -12.53
CA LYS H 34 -17.47 -16.87 -12.78
C LYS H 34 -18.60 -17.81 -12.39
N LYS H 35 -19.33 -17.55 -11.29
CA LYS H 35 -20.55 -18.29 -10.93
C LYS H 35 -21.66 -18.08 -11.95
N LYS H 36 -21.88 -16.85 -12.42
CA LYS H 36 -22.86 -16.58 -13.48
C LYS H 36 -22.56 -17.32 -14.77
N SER H 37 -21.31 -17.31 -15.24
CA SER H 37 -20.86 -18.06 -16.41
C SER H 37 -21.14 -19.54 -16.28
N ASP H 38 -20.87 -20.16 -15.13
CA ASP H 38 -21.18 -21.58 -14.92
C ASP H 38 -22.68 -21.83 -14.95
N ALA H 39 -23.50 -21.03 -14.27
CA ALA H 39 -24.94 -21.25 -14.21
C ALA H 39 -25.62 -21.15 -15.58
N LEU H 40 -25.22 -20.17 -16.41
CA LEU H 40 -25.67 -20.07 -17.79
C LEU H 40 -25.17 -21.26 -18.62
N THR H 41 -23.92 -21.67 -18.45
CA THR H 41 -23.36 -22.80 -19.22
C THR H 41 -24.01 -24.12 -18.85
N LEU H 42 -24.40 -24.34 -17.59
CA LEU H 42 -25.08 -25.57 -17.21
C LEU H 42 -26.43 -25.67 -17.92
N ARG H 43 -27.21 -24.59 -17.99
CA ARG H 43 -28.46 -24.56 -18.75
C ARG H 43 -28.21 -24.74 -20.23
N PHE H 44 -27.16 -24.16 -20.79
CA PHE H 44 -26.84 -24.30 -22.22
C PHE H 44 -26.47 -25.73 -22.58
N ARG H 45 -25.67 -26.42 -21.77
CA ARG H 45 -25.39 -27.85 -21.96
C ARG H 45 -26.56 -28.76 -21.63
N GLN H 46 -27.56 -28.31 -20.87
CA GLN H 46 -28.83 -29.03 -20.75
C GLN H 46 -29.68 -28.89 -22.00
N ILE H 47 -30.02 -27.68 -22.46
CA ILE H 47 -30.96 -27.58 -23.57
C ILE H 47 -30.37 -28.03 -24.89
N LEU H 48 -29.06 -28.08 -25.06
CA LEU H 48 -28.47 -28.79 -26.19
C LEU H 48 -28.87 -30.27 -26.23
N LYS H 49 -28.97 -30.96 -25.09
CA LYS H 49 -29.48 -32.34 -25.08
C LYS H 49 -30.95 -32.38 -25.46
N LYS H 50 -31.75 -31.41 -25.00
CA LYS H 50 -33.17 -31.36 -25.36
C LYS H 50 -33.37 -31.12 -26.84
N ILE H 51 -32.51 -30.32 -27.48
CA ILE H 51 -32.57 -30.08 -28.91
C ILE H 51 -32.29 -31.36 -29.68
N ILE H 52 -31.18 -32.05 -29.47
CA ILE H 52 -30.91 -33.27 -30.24
C ILE H 52 -31.87 -34.40 -29.86
N GLU H 53 -32.45 -34.43 -28.67
CA GLU H 53 -33.53 -35.36 -28.35
C GLU H 53 -34.81 -35.04 -29.14
N THR H 54 -35.29 -33.81 -29.12
CA THR H 54 -36.58 -33.48 -29.75
C THR H 54 -36.53 -33.70 -31.25
N LYS H 55 -35.39 -33.42 -31.88
CA LYS H 55 -35.22 -33.64 -33.32
C LYS H 55 -35.30 -35.11 -33.70
N MET H 56 -35.01 -36.04 -32.78
CA MET H 56 -35.25 -37.48 -33.00
C MET H 56 -36.70 -37.93 -32.78
N LEU H 57 -37.62 -37.07 -32.36
CA LEU H 57 -39.06 -37.32 -32.45
C LEU H 57 -39.66 -36.82 -33.78
N MET H 58 -39.07 -35.84 -34.47
CA MET H 58 -39.54 -35.49 -35.82
C MET H 58 -39.54 -36.68 -36.76
N GLY H 59 -38.48 -37.49 -36.75
CA GLY H 59 -38.37 -38.71 -37.55
C GLY H 59 -39.42 -39.79 -37.26
N GLU H 60 -40.23 -39.62 -36.21
CA GLU H 60 -41.48 -40.36 -36.03
C GLU H 60 -42.65 -39.53 -36.55
N VAL H 61 -42.92 -38.35 -35.97
CA VAL H 61 -44.21 -37.71 -36.20
C VAL H 61 -44.37 -37.12 -37.60
N MET H 62 -43.31 -36.86 -38.30
CA MET H 62 -43.45 -36.42 -39.71
C MET H 62 -43.71 -37.65 -40.59
N ARG H 63 -43.04 -38.80 -40.30
CA ARG H 63 -43.32 -40.01 -41.08
C ARG H 63 -44.79 -40.32 -41.01
N GLU H 64 -45.34 -40.40 -39.81
CA GLU H 64 -46.75 -40.72 -39.64
C GLU H 64 -47.65 -39.67 -40.30
N ALA H 65 -47.30 -38.40 -40.21
CA ALA H 65 -48.03 -37.36 -40.92
C ALA H 65 -47.96 -37.52 -42.42
N ALA H 66 -46.79 -37.88 -42.97
CA ALA H 66 -46.62 -38.10 -44.41
C ALA H 66 -47.46 -39.28 -44.91
N PHE H 67 -47.41 -40.40 -44.20
CA PHE H 67 -48.25 -41.55 -44.51
C PHE H 67 -49.73 -41.17 -44.44
N SER H 68 -50.12 -40.37 -43.44
CA SER H 68 -51.49 -39.90 -43.33
C SER H 68 -51.89 -39.12 -44.57
N LEU H 69 -51.03 -38.24 -45.06
CA LEU H 69 -51.31 -37.44 -46.24
C LEU H 69 -51.42 -38.29 -47.50
N ALA H 70 -50.53 -39.26 -47.68
CA ALA H 70 -50.64 -40.18 -48.80
C ALA H 70 -51.99 -40.92 -48.78
N GLU H 71 -52.34 -41.51 -47.65
CA GLU H 71 -53.62 -42.22 -47.49
C GLU H 71 -54.81 -41.28 -47.68
N ALA H 72 -54.74 -40.07 -47.15
CA ALA H 72 -55.84 -39.12 -47.24
C ALA H 72 -56.04 -38.64 -48.68
N LYS H 73 -54.99 -38.21 -49.39
CA LYS H 73 -55.13 -37.81 -50.79
C LYS H 73 -55.52 -38.99 -51.67
N PHE H 74 -55.04 -40.19 -51.36
CA PHE H 74 -55.49 -41.41 -52.03
C PHE H 74 -57.00 -41.66 -51.80
N THR H 75 -57.50 -41.35 -50.60
CA THR H 75 -58.91 -41.54 -50.23
C THR H 75 -59.81 -40.51 -50.91
N ALA H 76 -59.49 -39.22 -50.77
CA ALA H 76 -60.35 -38.12 -51.20
C ALA H 76 -60.12 -37.64 -52.64
N GLY H 77 -58.99 -38.02 -53.26
CA GLY H 77 -58.55 -37.58 -54.58
C GLY H 77 -57.78 -36.26 -54.58
N ASP H 78 -58.24 -35.24 -53.86
CA ASP H 78 -57.56 -33.95 -53.73
C ASP H 78 -57.86 -33.22 -52.41
N PHE H 79 -56.91 -32.41 -51.98
CA PHE H 79 -57.10 -31.30 -51.06
C PHE H 79 -56.22 -30.14 -51.50
N SER H 80 -54.95 -30.39 -51.79
CA SER H 80 -53.96 -29.33 -51.91
C SER H 80 -54.22 -28.38 -53.08
N THR H 81 -55.05 -28.75 -54.07
CA THR H 81 -55.52 -27.78 -55.07
C THR H 81 -56.41 -26.68 -54.47
N THR H 82 -57.10 -26.94 -53.36
CA THR H 82 -58.09 -26.03 -52.78
C THR H 82 -57.77 -25.63 -51.33
N VAL H 83 -57.20 -26.49 -50.48
CA VAL H 83 -56.94 -26.13 -49.07
C VAL H 83 -55.76 -25.20 -48.89
N ILE H 84 -54.96 -24.96 -49.94
CA ILE H 84 -54.12 -23.77 -50.04
C ILE H 84 -54.97 -22.52 -50.29
N GLN H 85 -55.83 -22.54 -51.30
CA GLN H 85 -56.67 -21.39 -51.68
C GLN H 85 -57.73 -21.00 -50.65
N ASN H 86 -58.15 -21.90 -49.77
CA ASN H 86 -59.17 -21.64 -48.75
C ASN H 86 -58.65 -20.89 -47.50
N VAL H 87 -57.36 -20.53 -47.45
CA VAL H 87 -56.74 -19.90 -46.27
C VAL H 87 -57.40 -18.57 -45.87
N ASN H 88 -57.55 -18.33 -44.57
CA ASN H 88 -58.23 -17.18 -43.98
C ASN H 88 -57.66 -16.91 -42.57
N LYS H 89 -58.37 -16.25 -41.64
CA LYS H 89 -57.96 -16.16 -40.23
C LYS H 89 -57.91 -17.55 -39.61
N ALA H 90 -56.86 -17.92 -38.87
CA ALA H 90 -56.51 -19.33 -38.67
C ALA H 90 -56.03 -19.69 -37.25
N GLN H 91 -56.22 -20.96 -36.87
CA GLN H 91 -56.44 -21.34 -35.47
C GLN H 91 -55.27 -21.88 -34.64
N VAL H 92 -54.01 -21.77 -35.03
CA VAL H 92 -52.89 -22.01 -34.11
C VAL H 92 -51.89 -20.88 -34.20
N LYS H 93 -51.53 -20.29 -33.07
CA LYS H 93 -50.72 -19.09 -32.97
C LYS H 93 -49.73 -19.20 -31.83
N ILE H 94 -48.84 -18.24 -31.72
CA ILE H 94 -47.81 -18.21 -30.71
C ILE H 94 -47.97 -16.98 -29.84
N ARG H 95 -47.95 -17.12 -28.52
CA ARG H 95 -47.72 -16.01 -27.59
C ARG H 95 -46.28 -16.08 -27.10
N ALA H 96 -45.52 -15.00 -27.20
CA ALA H 96 -44.23 -14.97 -26.53
C ALA H 96 -44.41 -14.98 -25.02
N LYS H 97 -43.44 -15.56 -24.32
CA LYS H 97 -43.42 -15.79 -22.87
C LYS H 97 -41.96 -15.86 -22.41
N LYS H 98 -41.69 -15.76 -21.12
CA LYS H 98 -40.32 -15.54 -20.61
C LYS H 98 -39.88 -16.57 -19.58
N ASP H 99 -38.60 -16.89 -19.57
CA ASP H 99 -37.91 -17.66 -18.53
C ASP H 99 -36.64 -16.90 -18.09
N ASN H 100 -36.14 -17.12 -16.87
CA ASN H 100 -34.93 -16.47 -16.36
C ASN H 100 -33.88 -17.48 -15.91
N VAL H 101 -32.62 -17.19 -16.22
CA VAL H 101 -31.46 -18.04 -15.89
C VAL H 101 -30.33 -17.15 -15.41
N ALA H 102 -30.01 -17.17 -14.12
CA ALA H 102 -28.99 -16.32 -13.53
C ALA H 102 -29.12 -14.81 -13.84
N GLY H 103 -30.35 -14.34 -14.02
CA GLY H 103 -30.65 -12.94 -14.34
C GLY H 103 -30.66 -12.60 -15.84
N VAL H 104 -30.26 -13.52 -16.72
CA VAL H 104 -30.55 -13.43 -18.16
C VAL H 104 -31.99 -13.81 -18.41
N THR H 105 -32.72 -13.05 -19.23
CA THR H 105 -34.09 -13.39 -19.62
C THR H 105 -34.09 -14.03 -20.99
N LEU H 106 -34.71 -15.20 -21.10
CA LEU H 106 -34.79 -16.00 -22.32
C LEU H 106 -36.19 -15.88 -22.93
N PRO H 107 -36.32 -15.55 -24.22
CA PRO H 107 -37.60 -15.62 -24.90
C PRO H 107 -38.00 -17.07 -25.14
N VAL H 108 -39.26 -17.42 -24.93
CA VAL H 108 -39.86 -18.72 -25.28
C VAL H 108 -41.24 -18.51 -25.88
N PHE H 109 -41.85 -19.56 -26.43
CA PHE H 109 -43.13 -19.50 -27.11
C PHE H 109 -44.18 -20.38 -26.44
N GLU H 110 -45.44 -19.97 -26.52
CA GLU H 110 -46.58 -20.72 -26.00
C GLU H 110 -47.66 -20.87 -27.07
N HIS H 111 -47.99 -22.11 -27.41
CA HIS H 111 -49.00 -22.47 -28.39
C HIS H 111 -50.40 -22.18 -27.86
N TYR H 112 -51.28 -21.58 -28.52
CA TYR H 112 -52.70 -21.41 -28.10
C TYR H 112 -53.59 -21.53 -29.32
N HIS H 113 -54.70 -22.09 -29.25
CA HIS H 113 -55.58 -22.55 -30.33
C HIS H 113 -56.89 -21.77 -30.34
N GLU H 114 -57.24 -21.20 -31.49
CA GLU H 114 -58.27 -20.15 -31.60
C GLU H 114 -59.69 -20.70 -31.42
N GLY H 128 -65.42 -38.97 -42.89
CA GLY H 128 -64.40 -37.96 -42.59
C GLY H 128 -63.28 -38.42 -41.64
N GLU H 129 -63.29 -39.69 -41.21
CA GLU H 129 -62.40 -40.23 -40.19
C GLU H 129 -60.93 -40.19 -40.61
N GLN H 130 -60.60 -40.39 -41.89
CA GLN H 130 -59.22 -40.26 -42.38
C GLN H 130 -58.73 -38.81 -42.27
N LEU H 131 -59.58 -37.84 -42.60
CA LEU H 131 -59.25 -36.42 -42.43
C LEU H 131 -59.07 -36.08 -40.94
N ALA H 132 -59.91 -36.61 -40.05
CA ALA H 132 -59.74 -36.44 -38.61
C ALA H 132 -58.41 -37.05 -38.11
N LYS H 133 -58.06 -38.26 -38.57
CA LYS H 133 -56.76 -38.88 -38.30
C LYS H 133 -55.63 -37.99 -38.79
N LEU H 134 -55.75 -37.41 -39.99
CA LEU H 134 -54.75 -36.49 -40.50
C LEU H 134 -54.66 -35.23 -39.64
N LYS H 135 -55.79 -34.67 -39.21
CA LYS H 135 -55.81 -33.50 -38.32
C LYS H 135 -55.15 -33.78 -36.98
N ARG H 136 -55.37 -34.95 -36.38
CA ARG H 136 -54.59 -35.37 -35.20
C ARG H 136 -53.12 -35.49 -35.56
N ASN H 137 -52.78 -36.23 -36.60
CA ASN H 137 -51.40 -36.54 -36.91
C ASN H 137 -50.57 -35.33 -37.32
N TYR H 138 -51.17 -34.24 -37.82
CA TYR H 138 -50.47 -32.96 -37.98
C TYR H 138 -50.51 -32.09 -36.74
N ALA H 139 -51.61 -32.03 -36.00
CA ALA H 139 -51.66 -31.18 -34.81
C ALA H 139 -50.63 -31.62 -33.77
N LYS H 140 -50.42 -32.92 -33.59
CA LYS H 140 -49.36 -33.44 -32.72
C LYS H 140 -47.96 -33.15 -33.24
N ALA H 141 -47.77 -32.80 -34.52
CA ALA H 141 -46.49 -32.34 -35.02
C ALA H 141 -46.24 -30.88 -34.67
N VAL H 142 -47.21 -29.97 -34.81
CA VAL H 142 -46.96 -28.57 -34.41
C VAL H 142 -46.75 -28.42 -32.91
N GLU H 143 -47.18 -29.37 -32.09
CA GLU H 143 -46.76 -29.41 -30.69
C GLU H 143 -45.30 -29.82 -30.46
N LEU H 144 -44.61 -30.53 -31.37
CA LEU H 144 -43.15 -30.60 -31.28
C LEU H 144 -42.55 -29.29 -31.71
N LEU H 145 -42.98 -28.77 -32.85
CA LEU H 145 -42.34 -27.63 -33.50
C LEU H 145 -42.44 -26.35 -32.65
N VAL H 146 -43.57 -26.00 -32.07
CA VAL H 146 -43.61 -24.86 -31.14
C VAL H 146 -42.83 -25.11 -29.83
N GLU H 147 -42.65 -26.35 -29.38
CA GLU H 147 -41.68 -26.63 -28.31
C GLU H 147 -40.26 -26.44 -28.81
N LEU H 148 -39.87 -27.04 -29.91
CA LEU H 148 -38.50 -26.98 -30.39
C LEU H 148 -38.07 -25.56 -30.69
N ALA H 149 -38.93 -24.69 -31.20
CA ALA H 149 -38.56 -23.30 -31.34
C ALA H 149 -38.40 -22.56 -30.00
N SER H 150 -39.08 -22.97 -28.94
CA SER H 150 -38.78 -22.47 -27.60
C SER H 150 -37.38 -22.85 -27.18
N LEU H 151 -36.92 -24.06 -27.49
CA LEU H 151 -35.56 -24.48 -27.18
C LEU H 151 -34.55 -23.74 -28.05
N GLN H 152 -34.81 -23.52 -29.32
CA GLN H 152 -33.88 -22.82 -30.20
C GLN H 152 -33.83 -21.31 -29.97
N THR H 153 -34.93 -20.64 -29.64
CA THR H 153 -34.89 -19.22 -29.21
C THR H 153 -34.20 -19.06 -27.87
N SER H 154 -34.34 -20.01 -26.95
CA SER H 154 -33.56 -20.01 -25.71
C SER H 154 -32.10 -20.21 -25.99
N PHE H 155 -31.71 -21.28 -26.67
CA PHE H 155 -30.32 -21.65 -26.97
C PHE H 155 -29.53 -20.54 -27.65
N VAL H 156 -30.06 -19.93 -28.71
CA VAL H 156 -29.40 -18.82 -29.40
C VAL H 156 -29.29 -17.57 -28.54
N THR H 157 -30.20 -17.34 -27.59
CA THR H 157 -30.14 -16.19 -26.69
C THR H 157 -29.21 -16.41 -25.52
N LEU H 158 -29.09 -17.66 -25.08
CA LEU H 158 -28.24 -18.08 -23.98
C LEU H 158 -26.76 -18.16 -24.38
N ASP H 159 -26.46 -18.57 -25.61
CA ASP H 159 -25.11 -18.57 -26.18
C ASP H 159 -24.47 -17.18 -26.19
N GLU H 160 -25.25 -16.16 -26.56
CA GLU H 160 -24.79 -14.78 -26.53
C GLU H 160 -24.40 -14.33 -25.11
N ALA H 161 -25.22 -14.62 -24.10
CA ALA H 161 -24.96 -14.15 -22.75
C ALA H 161 -23.77 -14.84 -22.08
N ILE H 162 -23.47 -16.10 -22.44
CA ILE H 162 -22.25 -16.77 -21.99
C ILE H 162 -21.02 -16.05 -22.54
N LYS H 163 -20.99 -15.71 -23.83
CA LYS H 163 -19.85 -15.00 -24.43
C LYS H 163 -19.60 -13.67 -23.76
N ILE H 164 -20.64 -12.87 -23.54
CA ILE H 164 -20.50 -11.56 -22.88
C ILE H 164 -19.96 -11.72 -21.46
N THR H 165 -20.39 -12.75 -20.74
CA THR H 165 -19.94 -13.02 -19.37
C THR H 165 -18.52 -13.51 -19.32
N ASN H 166 -18.13 -14.47 -20.15
CA ASN H 166 -16.75 -14.95 -20.22
C ASN H 166 -15.77 -13.85 -20.62
N ARG H 167 -16.19 -12.90 -21.46
CA ARG H 167 -15.39 -11.74 -21.82
C ARG H 167 -15.16 -10.82 -20.63
N ARG H 168 -16.15 -10.58 -19.77
CA ARG H 168 -15.96 -9.85 -18.50
C ARG H 168 -15.09 -10.59 -17.51
N VAL H 169 -15.25 -11.88 -17.31
CA VAL H 169 -14.35 -12.66 -16.45
C VAL H 169 -12.91 -12.54 -16.96
N ASN H 170 -12.66 -12.63 -18.26
CA ASN H 170 -11.32 -12.43 -18.82
C ASN H 170 -10.82 -10.99 -18.66
N ALA H 171 -11.63 -9.98 -18.96
CA ALA H 171 -11.20 -8.60 -18.84
C ALA H 171 -10.86 -8.27 -17.38
N ILE H 172 -11.58 -8.78 -16.39
CA ILE H 172 -11.25 -8.49 -15.00
C ILE H 172 -9.93 -9.16 -14.61
N GLU H 173 -9.69 -10.37 -15.08
CA GLU H 173 -8.48 -11.13 -14.80
C GLU H 173 -7.24 -10.61 -15.53
N HIS H 174 -7.35 -10.18 -16.78
CA HIS H 174 -6.22 -9.81 -17.63
C HIS H 174 -5.98 -8.31 -17.77
N VAL H 175 -7.00 -7.47 -17.58
CA VAL H 175 -6.93 -6.04 -17.83
C VAL H 175 -7.14 -5.25 -16.57
N ILE H 176 -8.23 -5.48 -15.84
CA ILE H 176 -8.62 -4.60 -14.73
C ILE H 176 -7.80 -4.87 -13.45
N ILE H 177 -7.67 -6.12 -12.99
CA ILE H 177 -6.92 -6.43 -11.77
C ILE H 177 -5.44 -6.07 -11.89
N PRO H 178 -4.72 -6.37 -12.99
CA PRO H 178 -3.31 -6.00 -13.11
C PRO H 178 -3.05 -4.50 -13.05
N ARG H 179 -3.93 -3.65 -13.58
CA ARG H 179 -3.81 -2.18 -13.51
C ARG H 179 -3.92 -1.67 -12.08
N ILE H 180 -4.81 -2.27 -11.29
CA ILE H 180 -4.92 -1.98 -9.85
C ILE H 180 -3.64 -2.41 -9.13
N GLU H 181 -3.13 -3.61 -9.37
CA GLU H 181 -1.91 -4.09 -8.72
C GLU H 181 -0.66 -3.26 -9.06
N ARG H 182 -0.50 -2.82 -10.31
CA ARG H 182 0.58 -1.89 -10.69
C ARG H 182 0.47 -0.53 -10.01
N THR H 183 -0.75 -0.01 -9.89
CA THR H 183 -1.00 1.24 -9.16
C THR H 183 -0.62 1.11 -7.70
N LEU H 184 -1.06 0.03 -7.07
CA LEU H 184 -0.84 -0.23 -5.65
C LEU H 184 0.66 -0.47 -5.33
N ALA H 185 1.40 -1.10 -6.23
CA ALA H 185 2.85 -1.25 -6.12
C ALA H 185 3.62 0.08 -6.27
N TYR H 186 3.18 0.97 -7.16
CA TYR H 186 3.74 2.31 -7.30
C TYR H 186 3.55 3.14 -6.02
N ILE H 187 2.35 3.14 -5.44
CA ILE H 187 2.05 3.90 -4.22
C ILE H 187 3.00 3.48 -3.09
N ILE H 188 3.17 2.18 -2.84
CA ILE H 188 4.09 1.70 -1.80
C ILE H 188 5.53 2.16 -2.06
N THR H 189 5.96 2.15 -3.31
CA THR H 189 7.31 2.60 -3.70
C THR H 189 7.50 4.09 -3.45
N GLU H 190 6.53 4.94 -3.79
CA GLU H 190 6.60 6.37 -3.54
C GLU H 190 6.51 6.74 -2.05
N LEU H 191 5.74 6.01 -1.24
CA LEU H 191 5.70 6.24 0.20
C LEU H 191 7.03 5.91 0.90
N ASP H 192 7.76 4.89 0.44
CA ASP H 192 9.15 4.65 0.88
C ASP H 192 10.07 5.82 0.52
N GLU H 193 9.89 6.48 -0.63
CA GLU H 193 10.68 7.65 -1.00
C GLU H 193 10.43 8.81 -0.05
N ARG H 194 9.16 9.17 0.20
CA ARG H 194 8.82 10.25 1.12
C ARG H 194 9.39 10.00 2.51
N GLU H 195 9.33 8.78 3.01
CA GLU H 195 9.90 8.42 4.30
C GLU H 195 11.42 8.62 4.36
N ARG H 196 12.14 8.28 3.29
CA ARG H 196 13.59 8.43 3.19
C ARG H 196 14.01 9.90 3.05
N GLU H 197 13.26 10.70 2.31
CA GLU H 197 13.44 12.16 2.26
C GLU H 197 13.23 12.81 3.64
N GLU H 198 12.18 12.44 4.35
CA GLU H 198 11.91 12.94 5.71
C GLU H 198 13.01 12.53 6.69
N PHE H 199 13.39 11.26 6.73
CA PHE H 199 14.49 10.76 7.56
C PHE H 199 15.80 11.53 7.32
N TYR H 200 16.16 11.77 6.05
CA TYR H 200 17.37 12.52 5.73
C TYR H 200 17.34 13.99 6.20
N ARG H 201 16.16 14.62 6.20
CA ARG H 201 15.98 15.98 6.72
C ARG H 201 15.94 16.05 8.25
N LEU H 202 15.58 14.97 8.95
CA LEU H 202 15.55 14.93 10.43
C LEU H 202 16.93 14.61 11.02
N LYS H 203 17.72 13.75 10.36
CA LYS H 203 19.19 13.86 10.45
C LYS H 203 19.60 15.18 9.79
N LYS H 204 20.86 15.61 9.83
CA LYS H 204 21.27 17.01 9.50
C LYS H 204 20.75 18.07 10.49
N ILE H 205 19.48 18.07 10.91
CA ILE H 205 19.02 18.85 12.06
C ILE H 205 19.72 18.37 13.35
N GLN H 206 19.78 17.06 13.59
CA GLN H 206 20.57 16.49 14.68
C GLN H 206 22.05 16.92 14.65
N GLU H 207 22.69 16.91 13.48
CA GLU H 207 24.08 17.34 13.35
C GLU H 207 24.25 18.83 13.66
N LYS H 208 23.44 19.70 13.05
CA LYS H 208 23.50 21.15 13.27
C LYS H 208 23.25 21.49 14.75
N LYS H 209 22.36 20.78 15.44
CA LYS H 209 22.17 20.88 16.90
C LYS H 209 23.39 20.43 17.70
N LYS H 210 24.02 19.31 17.32
CA LYS H 210 25.25 18.82 17.95
C LYS H 210 26.39 19.82 17.82
N ILE H 211 26.56 20.41 16.63
CA ILE H 211 27.54 21.49 16.38
C ILE H 211 27.27 22.71 17.27
N ILE H 212 26.01 23.15 17.38
CA ILE H 212 25.64 24.27 18.26
C ILE H 212 25.98 23.97 19.72
N LYS H 213 25.69 22.76 20.21
CA LYS H 213 26.09 22.34 21.56
C LYS H 213 27.61 22.40 21.74
N GLU H 214 28.38 21.82 20.82
CA GLU H 214 29.84 21.84 20.89
C GLU H 214 30.43 23.26 20.87
N LYS H 215 29.88 24.16 20.04
CA LYS H 215 30.28 25.58 20.04
C LYS H 215 29.94 26.25 21.38
N SER H 216 28.78 25.95 21.96
CA SER H 216 28.37 26.46 23.27
C SER H 216 29.29 25.95 24.39
N GLU H 217 29.65 24.66 24.37
CA GLU H 217 30.62 24.08 25.30
C GLU H 217 32.01 24.72 25.16
N LYS H 218 32.50 24.92 23.93
CA LYS H 218 33.74 25.68 23.69
C LYS H 218 33.65 27.11 24.21
N ASP H 219 32.51 27.78 24.06
CA ASP H 219 32.32 29.12 24.63
C ASP H 219 32.34 29.10 26.16
N LEU H 220 31.78 28.07 26.80
CA LEU H 220 31.86 27.87 28.24
C LEU H 220 33.28 27.51 28.71
N GLU H 221 34.11 26.90 27.86
CA GLU H 221 35.55 26.75 28.10
C GLU H 221 36.32 28.07 27.89
N ARG H 222 35.87 28.97 27.01
CA ARG H 222 36.44 30.32 26.86
C ARG H 222 36.09 31.23 28.04
N ARG H 223 34.85 31.17 28.53
CA ARG H 223 34.34 31.97 29.68
C ARG H 223 35.05 31.64 31.00
N LYS I 60 -11.79 43.33 -39.89
CA LYS I 60 -11.19 44.70 -39.89
C LYS I 60 -11.78 45.60 -38.80
N GLU I 61 -13.08 45.97 -38.87
CA GLU I 61 -13.67 47.14 -38.18
C GLU I 61 -13.28 47.30 -36.70
N LYS I 62 -13.33 46.22 -35.89
CA LYS I 62 -13.02 46.28 -34.45
C LYS I 62 -11.63 46.83 -34.12
N GLN I 63 -10.66 46.71 -35.03
CA GLN I 63 -9.34 47.30 -34.83
C GLN I 63 -9.37 48.83 -34.70
N ILE I 64 -10.31 49.51 -35.36
CA ILE I 64 -10.49 50.97 -35.19
C ILE I 64 -10.93 51.27 -33.75
N GLU I 65 -11.86 50.48 -33.21
CA GLU I 65 -12.33 50.62 -31.82
C GLU I 65 -11.20 50.33 -30.82
N GLN I 66 -10.44 49.25 -31.03
CA GLN I 66 -9.30 48.90 -30.18
C GLN I 66 -8.24 49.99 -30.20
N GLN I 67 -7.84 50.48 -31.38
CA GLN I 67 -6.87 51.58 -31.50
C GLN I 67 -7.36 52.82 -30.77
N LYS I 68 -8.62 53.23 -30.97
CA LYS I 68 -9.23 54.38 -30.29
C LYS I 68 -9.20 54.20 -28.77
N LYS I 69 -9.62 53.04 -28.25
CA LYS I 69 -9.63 52.75 -26.80
C LYS I 69 -8.23 52.83 -26.21
N ILE I 70 -7.27 52.15 -26.84
CA ILE I 70 -5.87 52.17 -26.40
C ILE I 70 -5.30 53.59 -26.45
N GLN I 71 -5.54 54.35 -27.52
CA GLN I 71 -5.05 55.73 -27.64
C GLN I 71 -5.65 56.62 -26.56
N MET I 72 -6.94 56.48 -26.25
CA MET I 72 -7.56 57.24 -25.18
C MET I 72 -6.97 56.87 -23.80
N SER I 73 -6.76 55.59 -23.56
CA SER I 73 -6.07 55.10 -22.35
C SER I 73 -4.64 55.65 -22.23
N ASN I 74 -3.90 55.70 -23.33
CA ASN I 74 -2.55 56.26 -23.36
C ASN I 74 -2.53 57.78 -23.15
N LEU I 75 -3.46 58.53 -23.74
CA LEU I 75 -3.58 59.98 -23.53
C LEU I 75 -3.80 60.29 -22.05
N MET I 76 -4.78 59.64 -21.43
CA MET I 76 -5.13 59.91 -20.03
C MET I 76 -4.02 59.44 -19.08
N ASN I 77 -3.35 58.32 -19.36
CA ASN I 77 -2.16 57.90 -18.62
C ASN I 77 -1.07 58.98 -18.66
N GLN I 78 -0.68 59.45 -19.84
CA GLN I 78 0.33 60.50 -20.00
C GLN I 78 -0.07 61.79 -19.29
N ALA I 79 -1.34 62.18 -19.32
CA ALA I 79 -1.85 63.34 -18.58
C ALA I 79 -1.74 63.19 -17.05
N ARG I 80 -2.05 62.01 -16.48
CA ARG I 80 -1.81 61.76 -15.05
C ARG I 80 -0.33 61.89 -14.71
N LEU I 81 0.55 61.29 -15.51
CA LEU I 81 1.98 61.34 -15.26
C LEU I 81 2.54 62.77 -15.33
N LYS I 82 2.06 63.63 -16.24
CA LYS I 82 2.42 65.06 -16.24
C LYS I 82 2.08 65.76 -14.93
N VAL I 83 0.86 65.63 -14.42
CA VAL I 83 0.44 66.29 -13.18
C VAL I 83 1.14 65.70 -11.95
N LEU I 84 1.44 64.40 -11.93
CA LEU I 84 2.23 63.79 -10.86
C LEU I 84 3.68 64.30 -10.86
N ARG I 85 4.35 64.36 -12.02
CA ARG I 85 5.71 64.93 -12.15
C ARG I 85 5.73 66.40 -11.74
N ALA I 86 4.67 67.16 -12.04
CA ALA I 86 4.56 68.55 -11.62
C ALA I 86 4.67 68.68 -10.08
N ARG I 87 3.94 67.87 -9.31
CA ARG I 87 4.12 67.83 -7.84
C ARG I 87 5.55 67.46 -7.46
N ASP I 88 6.13 66.43 -8.06
CA ASP I 88 7.45 65.96 -7.66
C ASP I 88 8.53 67.03 -7.88
N ASP I 89 8.46 67.73 -9.01
CA ASP I 89 9.37 68.82 -9.32
C ASP I 89 9.22 69.99 -8.33
N LEU I 90 7.99 70.38 -7.98
CA LEU I 90 7.76 71.40 -6.96
C LEU I 90 8.28 70.96 -5.57
N ILE I 91 8.06 69.71 -5.17
CA ILE I 91 8.62 69.18 -3.91
C ILE I 91 10.15 69.22 -3.96
N THR I 92 10.75 68.86 -5.10
CA THR I 92 12.20 68.90 -5.27
C THR I 92 12.74 70.33 -5.16
N ASP I 93 12.05 71.32 -5.73
CA ASP I 93 12.41 72.73 -5.58
C ASP I 93 12.37 73.18 -4.12
N LEU I 94 11.39 72.74 -3.34
CA LEU I 94 11.32 73.08 -1.92
C LEU I 94 12.49 72.48 -1.13
N LEU I 95 12.88 71.24 -1.40
CA LEU I 95 14.05 70.65 -0.75
C LEU I 95 15.35 71.33 -1.18
N ASN I 96 15.47 71.79 -2.42
CA ASN I 96 16.62 72.62 -2.84
C ASN I 96 16.65 73.95 -2.06
N GLU I 97 15.52 74.62 -1.90
CA GLU I 97 15.44 75.83 -1.08
C GLU I 97 15.78 75.56 0.40
N ALA I 98 15.38 74.42 0.98
CA ALA I 98 15.79 74.08 2.35
C ALA I 98 17.30 73.92 2.50
N LYS I 99 17.99 73.31 1.52
CA LYS I 99 19.45 73.22 1.51
C LYS I 99 20.13 74.59 1.42
N GLN I 100 19.58 75.50 0.62
CA GLN I 100 20.07 76.88 0.54
C GLN I 100 19.84 77.63 1.85
N ARG I 101 18.64 77.54 2.44
CA ARG I 101 18.29 78.14 3.74
C ARG I 101 19.21 77.66 4.86
N LEU I 102 19.55 76.36 4.90
CA LEU I 102 20.51 75.81 5.87
C LEU I 102 21.93 76.35 5.68
N SER I 103 22.35 76.59 4.44
CA SER I 103 23.69 77.13 4.16
C SER I 103 23.90 78.54 4.76
N LYS I 104 22.83 79.34 4.90
CA LYS I 104 22.89 80.62 5.64
C LYS I 104 23.07 80.42 7.15
N VAL I 105 22.42 79.42 7.76
CA VAL I 105 22.60 79.06 9.18
C VAL I 105 24.05 78.63 9.44
N VAL I 106 24.68 77.91 8.50
CA VAL I 106 26.10 77.55 8.58
C VAL I 106 27.01 78.77 8.56
N LYS I 107 26.75 79.75 7.68
CA LYS I 107 27.54 80.98 7.59
C LYS I 107 27.35 81.91 8.80
N ASP I 108 26.23 81.82 9.51
CA ASP I 108 26.01 82.46 10.81
C ASP I 108 26.69 81.67 11.94
N THR I 109 28.01 81.81 12.06
CA THR I 109 28.85 80.88 12.86
C THR I 109 28.50 80.82 14.35
N THR I 110 27.85 81.85 14.91
CA THR I 110 27.33 81.80 16.30
C THR I 110 26.24 80.74 16.45
N ARG I 111 25.27 80.64 15.51
CA ARG I 111 24.31 79.54 15.49
C ARG I 111 24.96 78.23 15.11
N TYR I 112 25.87 78.24 14.15
CA TYR I 112 26.48 77.00 13.68
C TYR I 112 27.24 76.27 14.80
N GLN I 113 27.89 76.99 15.72
CA GLN I 113 28.46 76.35 16.91
C GLN I 113 27.39 75.66 17.76
N VAL I 114 26.25 76.31 18.02
CA VAL I 114 25.15 75.73 18.81
C VAL I 114 24.58 74.48 18.15
N LEU I 115 24.45 74.45 16.81
CA LEU I 115 24.09 73.24 16.09
C LEU I 115 25.18 72.17 16.27
N LEU I 116 26.43 72.51 15.99
CA LEU I 116 27.56 71.60 15.93
C LEU I 116 27.89 70.97 17.29
N ASP I 117 27.66 71.68 18.39
CA ASP I 117 27.66 71.12 19.74
C ASP I 117 26.66 69.96 19.91
N GLY I 118 25.46 70.11 19.35
CA GLY I 118 24.43 69.09 19.33
C GLY I 118 24.76 67.94 18.37
N LEU I 119 25.26 68.24 17.17
CA LEU I 119 25.63 67.22 16.18
C LEU I 119 26.72 66.27 16.69
N VAL I 120 27.73 66.78 17.38
CA VAL I 120 28.77 65.94 17.99
C VAL I 120 28.18 65.07 19.09
N LEU I 121 27.49 65.63 20.09
CA LEU I 121 27.01 64.86 21.24
C LEU I 121 25.99 63.78 20.83
N GLN I 122 25.12 64.09 19.88
CA GLN I 122 24.17 63.13 19.33
C GLN I 122 24.84 61.97 18.57
N GLY I 123 26.00 62.17 17.96
CA GLY I 123 26.76 61.09 17.35
C GLY I 123 27.39 60.17 18.38
N LEU I 124 28.00 60.75 19.42
CA LEU I 124 28.60 60.00 20.52
C LEU I 124 27.56 59.14 21.26
N TYR I 125 26.37 59.67 21.55
CA TYR I 125 25.28 58.90 22.16
C TYR I 125 24.71 57.77 21.28
N GLN I 126 24.89 57.81 19.97
CA GLN I 126 24.54 56.66 19.12
C GLN I 126 25.63 55.59 19.13
N LEU I 127 26.91 55.96 19.12
CA LEU I 127 28.02 55.00 19.10
C LEU I 127 28.32 54.34 20.45
N LEU I 128 28.43 55.11 21.54
CA LEU I 128 28.76 54.61 22.89
C LEU I 128 30.06 53.78 22.98
N GLU I 129 31.02 54.00 22.09
CA GLU I 129 32.29 53.26 22.07
C GLU I 129 33.30 53.76 23.13
N PRO I 130 34.30 52.94 23.52
CA PRO I 130 35.39 53.40 24.40
C PRO I 130 36.26 54.51 23.79
N ARG I 131 36.49 54.44 22.48
CA ARG I 131 37.28 55.40 21.69
C ARG I 131 36.56 55.73 20.39
N MET I 132 36.47 57.00 20.04
CA MET I 132 35.72 57.51 18.88
C MET I 132 36.53 58.55 18.11
N ILE I 133 36.31 58.59 16.80
CA ILE I 133 37.01 59.49 15.88
C ILE I 133 35.97 60.38 15.21
N VAL I 134 36.14 61.70 15.25
CA VAL I 134 35.21 62.69 14.67
C VAL I 134 35.82 63.24 13.39
N ARG I 135 35.09 63.23 12.28
CA ARG I 135 35.53 63.78 11.00
C ARG I 135 34.63 64.95 10.61
N CYS I 136 35.25 66.04 10.17
CA CYS I 136 34.59 67.31 9.89
C CYS I 136 35.05 67.87 8.56
N ARG I 137 34.34 68.88 8.07
CA ARG I 137 34.75 69.73 6.95
C ARG I 137 35.90 70.64 7.39
N LYS I 138 36.94 70.83 6.57
CA LYS I 138 38.22 71.45 6.99
C LYS I 138 38.09 72.89 7.50
N GLN I 139 37.21 73.68 6.89
CA GLN I 139 36.84 75.04 7.31
C GLN I 139 36.33 75.11 8.76
N ASP I 140 35.71 74.04 9.25
CA ASP I 140 34.94 74.01 10.50
C ASP I 140 35.75 73.49 11.69
N PHE I 141 37.04 73.17 11.50
CA PHE I 141 37.88 72.52 12.50
C PHE I 141 37.87 73.21 13.89
N PRO I 142 38.04 74.54 14.00
CA PRO I 142 38.04 75.20 15.31
C PRO I 142 36.69 75.09 16.03
N LEU I 143 35.59 75.08 15.26
CA LEU I 143 34.23 74.98 15.78
C LEU I 143 33.96 73.57 16.31
N VAL I 144 34.33 72.53 15.56
CA VAL I 144 34.13 71.14 16.01
C VAL I 144 35.06 70.80 17.18
N LYS I 145 36.28 71.35 17.24
CA LYS I 145 37.20 71.16 18.38
C LYS I 145 36.60 71.72 19.68
N ALA I 146 35.99 72.90 19.63
CA ALA I 146 35.21 73.43 20.74
C ALA I 146 34.00 72.55 21.08
N ALA I 147 33.23 72.11 20.07
CA ALA I 147 32.07 71.24 20.26
C ALA I 147 32.43 69.92 20.97
N VAL I 148 33.50 69.25 20.56
CA VAL I 148 34.02 68.04 21.20
C VAL I 148 34.43 68.29 22.66
N GLN I 149 35.12 69.40 22.95
CA GLN I 149 35.50 69.73 24.32
C GLN I 149 34.30 69.96 25.25
N LYS I 150 33.18 70.50 24.74
CA LYS I 150 31.91 70.55 25.48
C LYS I 150 31.22 69.19 25.60
N ALA I 151 31.26 68.37 24.54
CA ALA I 151 30.58 67.08 24.49
C ALA I 151 31.13 66.08 25.52
N ILE I 152 32.45 65.97 25.66
CA ILE I 152 33.10 64.97 26.53
C ILE I 152 32.60 64.98 28.00
N PRO I 153 32.55 66.10 28.74
CA PRO I 153 32.03 66.07 30.11
C PRO I 153 30.53 65.73 30.18
N MET I 154 29.70 66.20 29.25
CA MET I 154 28.28 65.80 29.16
C MET I 154 28.13 64.29 28.91
N TYR I 155 28.94 63.72 28.02
CA TYR I 155 28.96 62.29 27.75
C TYR I 155 29.31 61.49 29.00
N LYS I 156 30.38 61.85 29.73
CA LYS I 156 30.80 61.16 30.96
C LYS I 156 29.73 61.22 32.03
N ILE I 157 29.09 62.36 32.23
CA ILE I 157 28.01 62.54 33.21
C ILE I 157 26.78 61.69 32.86
N ALA I 158 26.38 61.64 31.59
CA ALA I 158 25.16 60.94 31.17
C ALA I 158 25.32 59.42 31.07
N THR I 159 26.48 58.93 30.57
CA THR I 159 26.72 57.50 30.36
C THR I 159 27.34 56.79 31.55
N LYS I 160 27.91 57.52 32.51
CA LYS I 160 28.70 57.01 33.66
C LYS I 160 29.94 56.18 33.27
N LYS I 161 30.48 56.37 32.07
CA LYS I 161 31.68 55.69 31.55
C LYS I 161 32.64 56.64 30.85
N ASP I 162 33.92 56.28 30.82
CA ASP I 162 35.01 57.06 30.23
C ASP I 162 34.96 57.05 28.69
N VAL I 163 35.64 58.01 28.04
CA VAL I 163 35.73 58.12 26.58
C VAL I 163 37.06 58.74 26.14
N ASP I 164 37.55 58.35 24.96
CA ASP I 164 38.59 59.05 24.20
C ASP I 164 37.98 59.54 22.88
N VAL I 165 38.00 60.84 22.62
CA VAL I 165 37.49 61.42 21.36
C VAL I 165 38.60 62.17 20.63
N GLN I 166 38.86 61.82 19.37
CA GLN I 166 39.89 62.44 18.53
C GLN I 166 39.30 63.02 17.25
N ILE I 167 39.53 64.30 16.96
CA ILE I 167 39.20 64.84 15.63
C ILE I 167 40.22 64.31 14.62
N ASP I 168 39.74 63.86 13.46
CA ASP I 168 40.56 63.40 12.35
C ASP I 168 41.23 64.62 11.66
N LEU I 169 42.53 64.82 11.92
CA LEU I 169 43.33 65.88 11.29
C LEU I 169 43.86 65.46 9.92
N GLU I 170 43.91 64.15 9.63
CA GLU I 170 44.54 63.59 8.44
C GLU I 170 43.59 63.55 7.23
N ALA I 171 42.28 63.45 7.44
CA ALA I 171 41.28 63.47 6.38
C ALA I 171 40.00 64.21 6.80
N TYR I 172 39.36 64.87 5.83
CA TYR I 172 38.24 65.81 6.05
C TYR I 172 37.06 65.49 5.14
N LEU I 173 35.86 65.89 5.55
CA LEU I 173 34.69 65.87 4.67
C LEU I 173 34.91 66.86 3.51
N PRO I 174 34.38 66.60 2.31
CA PRO I 174 34.58 67.48 1.15
C PRO I 174 34.08 68.91 1.40
N GLU I 175 34.71 69.89 0.75
CA GLU I 175 34.34 71.31 0.83
C GLU I 175 32.95 71.61 0.23
N ASP I 176 32.43 70.69 -0.57
CA ASP I 176 31.06 70.72 -1.12
C ASP I 176 29.97 70.45 -0.07
N ILE I 177 30.31 69.81 1.06
CA ILE I 177 29.37 69.51 2.15
C ILE I 177 28.86 70.81 2.78
N ALA I 178 27.55 70.93 2.96
CA ALA I 178 26.95 72.11 3.58
C ALA I 178 27.40 72.27 5.04
N GLY I 179 27.52 71.20 5.81
CA GLY I 179 28.06 71.24 7.17
C GLY I 179 27.79 69.99 7.99
N GLY I 180 28.19 70.02 9.25
CA GLY I 180 28.06 68.91 10.19
C GLY I 180 29.26 67.96 10.17
N VAL I 181 29.08 66.75 10.69
CA VAL I 181 30.17 65.83 11.07
C VAL I 181 29.83 64.38 10.75
N GLU I 182 30.82 63.51 10.77
CA GLU I 182 30.64 62.07 10.92
C GLU I 182 31.47 61.58 12.10
N ILE I 183 30.99 60.59 12.85
CA ILE I 183 31.71 60.02 13.97
C ILE I 183 31.89 58.52 13.71
N TYR I 184 33.06 57.98 14.02
CA TYR I 184 33.47 56.61 13.77
C TYR I 184 33.87 55.93 15.07
N ASN I 185 33.62 54.62 15.13
CA ASN I 185 34.26 53.71 16.07
C ASN I 185 35.79 53.75 15.93
N GLY I 186 36.55 53.32 16.93
CA GLY I 186 38.01 53.44 16.93
C GLY I 186 38.73 52.64 15.84
N ASP I 187 38.09 51.61 15.28
CA ASP I 187 38.59 50.83 14.12
C ASP I 187 37.91 51.23 12.79
N ARG I 188 37.04 52.23 12.81
CA ARG I 188 36.25 52.76 11.68
C ARG I 188 35.26 51.78 11.01
N LYS I 189 35.00 50.59 11.57
CA LYS I 189 34.01 49.64 11.02
C LYS I 189 32.57 49.96 11.35
N ILE I 190 32.32 50.94 12.21
CA ILE I 190 31.00 51.48 12.51
C ILE I 190 31.11 52.99 12.44
N LYS I 191 30.16 53.65 11.77
CA LYS I 191 30.06 55.11 11.77
C LYS I 191 28.62 55.55 11.95
N VAL I 192 28.48 56.80 12.36
CA VAL I 192 27.22 57.54 12.39
C VAL I 192 27.44 58.85 11.64
N SER I 193 26.56 59.16 10.69
CA SER I 193 26.71 60.34 9.84
C SER I 193 25.73 61.42 10.29
N ASN I 194 26.23 62.62 10.55
CA ASN I 194 25.46 63.71 11.12
C ASN I 194 25.78 65.02 10.38
N THR I 195 25.82 64.93 9.05
CA THR I 195 25.87 66.09 8.16
C THR I 195 24.49 66.75 8.06
N LEU I 196 24.44 68.02 7.69
CA LEU I 196 23.17 68.73 7.55
C LEU I 196 22.33 68.20 6.38
N GLU I 197 22.94 67.72 5.30
CA GLU I 197 22.24 66.99 4.24
C GLU I 197 21.63 65.68 4.75
N SER I 198 22.32 64.93 5.61
CA SER I 198 21.77 63.74 6.24
C SER I 198 20.57 64.09 7.12
N ARG I 199 20.65 65.12 7.97
CA ARG I 199 19.50 65.57 8.77
C ARG I 199 18.35 66.03 7.91
N LEU I 200 18.60 66.89 6.91
CA LEU I 200 17.54 67.42 6.07
C LEU I 200 16.78 66.29 5.38
N ASP I 201 17.47 65.32 4.80
CA ASP I 201 16.84 64.17 4.17
C ASP I 201 16.06 63.31 5.19
N LEU I 202 16.70 62.91 6.30
CA LEU I 202 16.08 62.10 7.35
C LEU I 202 14.80 62.74 7.89
N ILE I 203 14.78 64.05 8.10
CA ILE I 203 13.61 64.80 8.54
C ILE I 203 12.59 64.91 7.41
N ALA I 204 12.99 65.34 6.21
CA ALA I 204 12.06 65.66 5.14
C ALA I 204 11.23 64.46 4.71
N GLN I 205 11.82 63.26 4.58
CA GLN I 205 11.06 62.10 4.13
C GLN I 205 9.95 61.72 5.12
N GLN I 206 10.20 61.82 6.42
CA GLN I 206 9.20 61.58 7.46
C GLN I 206 8.10 62.65 7.46
N MET I 207 8.42 63.88 7.06
CA MET I 207 7.45 64.97 6.93
C MET I 207 6.56 64.87 5.68
N MET I 208 6.76 63.92 4.76
CA MET I 208 6.06 63.95 3.47
C MET I 208 4.52 64.03 3.50
N PRO I 209 3.80 63.32 4.39
CA PRO I 209 2.35 63.50 4.54
C PRO I 209 1.92 64.90 4.95
N GLU I 210 2.78 65.62 5.68
CA GLU I 210 2.52 66.96 6.18
C GLU I 210 2.88 68.04 5.17
N VAL I 211 3.96 67.87 4.39
CA VAL I 211 4.23 68.80 3.27
C VAL I 211 3.24 68.61 2.12
N ARG I 212 2.72 67.40 1.85
CA ARG I 212 1.58 67.21 0.94
C ARG I 212 0.35 67.99 1.42
N GLY I 213 -0.06 67.79 2.66
CA GLY I 213 -1.24 68.45 3.25
C GLY I 213 -1.12 69.98 3.27
N ALA I 214 0.06 70.51 3.61
CA ALA I 214 0.30 71.95 3.63
C ALA I 214 0.40 72.58 2.23
N LEU I 215 1.12 71.98 1.28
CA LEU I 215 1.33 72.56 -0.05
C LEU I 215 0.14 72.39 -0.99
N PHE I 216 -0.58 71.27 -0.91
CA PHE I 216 -1.59 70.89 -1.90
C PHE I 216 -2.97 70.54 -1.31
N GLY I 217 -3.13 70.60 0.01
CA GLY I 217 -4.39 70.35 0.71
C GLY I 217 -4.68 68.87 0.97
N ALA I 218 -5.47 68.61 2.00
CA ALA I 218 -5.90 67.27 2.39
C ALA I 218 -6.86 66.64 1.36
N ASN I 219 -6.82 65.31 1.22
CA ASN I 219 -7.69 64.57 0.32
C ASN I 219 -9.12 64.53 0.85
N ALA I 220 -10.08 65.10 0.12
CA ALA I 220 -11.48 65.14 0.51
C ALA I 220 -12.14 63.76 0.63
N ASN I 221 -11.62 62.73 -0.05
CA ASN I 221 -12.18 61.38 -0.04
C ASN I 221 -11.81 60.57 1.21
N ARG I 222 -10.71 60.92 1.89
CA ARG I 222 -10.19 60.22 3.07
C ARG I 222 -11.01 60.57 4.31
N LYS I 223 -12.10 59.82 4.54
CA LYS I 223 -13.04 60.08 5.64
C LYS I 223 -12.47 59.71 7.01
N PHE I 224 -11.63 58.68 7.09
CA PHE I 224 -11.03 58.18 8.34
C PHE I 224 -9.52 58.23 8.27
N LEU I 225 -8.86 58.66 9.34
CA LEU I 225 -7.39 58.65 9.45
C LEU I 225 -6.84 57.36 10.10
N ASP I 226 -7.68 56.62 10.82
CA ASP I 226 -7.29 55.42 11.57
C ASP I 226 -7.17 54.19 10.65
N SER J 4 -97.78 -14.44 -19.87
CA SER J 4 -96.44 -13.85 -19.69
C SER J 4 -96.11 -13.54 -18.23
N ASP J 5 -96.85 -12.64 -17.55
CA ASP J 5 -96.45 -12.07 -16.26
C ASP J 5 -96.18 -13.10 -15.14
N ALA J 6 -96.92 -14.21 -15.09
CA ALA J 6 -96.67 -15.28 -14.11
C ALA J 6 -95.26 -15.90 -14.24
N ASP J 7 -94.74 -16.04 -15.46
CA ASP J 7 -93.36 -16.49 -15.69
C ASP J 7 -92.35 -15.44 -15.22
N VAL J 8 -92.65 -14.15 -15.42
CA VAL J 8 -91.81 -13.05 -14.92
C VAL J 8 -91.80 -13.06 -13.38
N GLN J 9 -92.95 -13.25 -12.74
CA GLN J 9 -93.03 -13.40 -11.28
C GLN J 9 -92.19 -14.57 -10.79
N LYS J 10 -92.23 -15.72 -11.46
CA LYS J 10 -91.36 -16.88 -11.16
C LYS J 10 -89.88 -16.53 -11.35
N GLN J 11 -89.51 -15.86 -12.43
CA GLN J 11 -88.12 -15.43 -12.66
C GLN J 11 -87.64 -14.48 -11.55
N ILE J 12 -88.45 -13.48 -11.19
CA ILE J 12 -88.16 -12.58 -10.06
C ILE J 12 -88.00 -13.39 -8.76
N LYS J 13 -88.93 -14.30 -8.45
CA LYS J 13 -88.86 -15.14 -7.25
C LYS J 13 -87.59 -16.00 -7.22
N HIS J 14 -87.24 -16.66 -8.32
CA HIS J 14 -86.02 -17.45 -8.43
C HIS J 14 -84.78 -16.58 -8.22
N MET J 15 -84.66 -15.46 -8.94
CA MET J 15 -83.52 -14.56 -8.81
C MET J 15 -83.40 -14.02 -7.37
N MET J 16 -84.51 -13.58 -6.78
CA MET J 16 -84.55 -13.11 -5.40
C MET J 16 -84.10 -14.19 -4.42
N ALA J 17 -84.63 -15.41 -4.56
CA ALA J 17 -84.26 -16.52 -3.71
C ALA J 17 -82.78 -16.89 -3.86
N PHE J 18 -82.22 -16.90 -5.08
CA PHE J 18 -80.80 -17.12 -5.27
C PHE J 18 -79.97 -16.02 -4.61
N ILE J 19 -80.35 -14.75 -4.72
CA ILE J 19 -79.62 -13.65 -4.07
C ILE J 19 -79.61 -13.84 -2.55
N GLU J 20 -80.76 -14.14 -1.95
CA GLU J 20 -80.86 -14.38 -0.51
C GLU J 20 -80.08 -15.63 -0.06
N GLN J 21 -80.18 -16.73 -0.82
CA GLN J 21 -79.47 -17.95 -0.51
C GLN J 21 -77.95 -17.74 -0.60
N GLU J 22 -77.46 -17.11 -1.67
CA GLU J 22 -76.05 -16.77 -1.82
C GLU J 22 -75.57 -15.86 -0.70
N ALA J 23 -76.37 -14.89 -0.28
CA ALA J 23 -76.03 -14.05 0.87
C ALA J 23 -75.91 -14.86 2.16
N ASN J 24 -76.83 -15.79 2.41
CA ASN J 24 -76.76 -16.67 3.57
C ASN J 24 -75.52 -17.58 3.53
N GLU J 25 -75.18 -18.17 2.38
CA GLU J 25 -73.94 -18.96 2.26
C GLU J 25 -72.70 -18.09 2.50
N LYS J 26 -72.62 -16.91 1.88
CA LYS J 26 -71.46 -16.02 2.02
C LYS J 26 -71.30 -15.50 3.46
N ALA J 27 -72.39 -15.16 4.13
CA ALA J 27 -72.31 -14.76 5.54
C ALA J 27 -71.78 -15.92 6.41
N GLU J 28 -72.27 -17.14 6.18
CA GLU J 28 -71.79 -18.33 6.90
C GLU J 28 -70.32 -18.63 6.63
N GLU J 29 -69.84 -18.50 5.38
CA GLU J 29 -68.43 -18.64 5.06
C GLU J 29 -67.55 -17.61 5.78
N ILE J 30 -67.95 -16.33 5.75
CA ILE J 30 -67.19 -15.28 6.41
C ILE J 30 -67.16 -15.52 7.93
N ASP J 31 -68.25 -15.96 8.55
CA ASP J 31 -68.26 -16.38 9.95
C ASP J 31 -67.38 -17.61 10.22
N ALA J 32 -67.38 -18.62 9.34
CA ALA J 32 -66.53 -19.79 9.49
C ALA J 32 -65.04 -19.43 9.42
N LYS J 33 -64.63 -18.62 8.43
CA LYS J 33 -63.26 -18.10 8.36
C LYS J 33 -62.91 -17.21 9.54
N ALA J 34 -63.84 -16.43 10.08
CA ALA J 34 -63.59 -15.63 11.26
C ALA J 34 -63.21 -16.50 12.45
N GLU J 35 -63.91 -17.62 12.67
CA GLU J 35 -63.57 -18.51 13.77
C GLU J 35 -62.28 -19.29 13.50
N GLU J 36 -62.06 -19.74 12.27
CA GLU J 36 -60.85 -20.46 11.90
C GLU J 36 -59.60 -19.58 12.07
N GLU J 37 -59.58 -18.39 11.49
CA GLU J 37 -58.43 -17.51 11.58
C GLU J 37 -58.22 -16.97 12.99
N PHE J 38 -59.27 -16.87 13.82
CA PHE J 38 -59.11 -16.66 15.27
C PHE J 38 -58.34 -17.82 15.92
N ASN J 39 -58.72 -19.07 15.64
CA ASN J 39 -58.00 -20.24 16.15
C ASN J 39 -56.54 -20.24 15.70
N ILE J 40 -56.28 -19.98 14.41
CA ILE J 40 -54.88 -19.99 13.89
C ILE J 40 -54.08 -18.86 14.54
N GLU J 41 -54.56 -17.63 14.50
CA GLU J 41 -53.83 -16.47 15.04
C GLU J 41 -53.60 -16.59 16.54
N LYS J 42 -54.64 -16.91 17.33
CA LYS J 42 -54.49 -17.04 18.79
C LYS J 42 -53.47 -18.11 19.13
N GLY J 43 -53.58 -19.29 18.53
CA GLY J 43 -52.67 -20.41 18.74
C GLY J 43 -51.22 -20.07 18.36
N ARG J 44 -51.01 -19.47 17.19
CA ARG J 44 -49.67 -19.04 16.76
C ARG J 44 -49.08 -18.02 17.73
N LEU J 45 -49.87 -17.03 18.14
CA LEU J 45 -49.40 -15.94 18.99
C LEU J 45 -49.04 -16.43 20.40
N VAL J 46 -49.93 -17.17 21.07
CA VAL J 46 -49.63 -17.71 22.41
C VAL J 46 -48.44 -18.65 22.36
N GLN J 47 -48.37 -19.58 21.42
CA GLN J 47 -47.30 -20.56 21.34
C GLN J 47 -45.95 -19.92 21.02
N THR J 48 -45.91 -18.86 20.22
CA THR J 48 -44.65 -18.15 19.89
C THR J 48 -44.04 -17.49 21.12
N GLN J 49 -44.83 -16.71 21.86
CA GLN J 49 -44.33 -15.99 23.04
C GLN J 49 -44.05 -16.92 24.21
N ARG J 50 -44.89 -17.94 24.42
CA ARG J 50 -44.70 -18.97 25.45
C ARG J 50 -43.35 -19.67 25.34
N LEU J 51 -42.87 -19.92 24.13
CA LEU J 51 -41.57 -20.54 23.90
C LEU J 51 -40.40 -19.61 24.27
N LYS J 52 -40.49 -18.31 23.95
CA LYS J 52 -39.47 -17.32 24.34
C LYS J 52 -39.37 -17.17 25.86
N ILE J 53 -40.51 -17.12 26.55
CA ILE J 53 -40.56 -17.13 28.01
C ILE J 53 -39.90 -18.41 28.56
N MET J 54 -40.20 -19.56 27.97
CA MET J 54 -39.66 -20.83 28.42
C MET J 54 -38.13 -20.89 28.32
N GLU J 55 -37.54 -20.42 27.22
CA GLU J 55 -36.08 -20.35 27.07
C GLU J 55 -35.44 -19.31 28.01
N TYR J 56 -36.09 -18.17 28.22
CA TYR J 56 -35.60 -17.12 29.12
C TYR J 56 -35.51 -17.63 30.57
N TYR J 57 -36.58 -18.21 31.10
CA TYR J 57 -36.55 -18.76 32.44
C TYR J 57 -35.64 -19.98 32.58
N GLU J 58 -35.39 -20.75 31.52
CA GLU J 58 -34.38 -21.80 31.57
C GLU J 58 -32.97 -21.22 31.76
N LYS J 59 -32.59 -20.18 31.02
CA LYS J 59 -31.30 -19.49 31.22
C LYS J 59 -31.22 -18.79 32.58
N LYS J 60 -32.32 -18.18 33.07
CA LYS J 60 -32.37 -17.60 34.43
C LYS J 60 -32.10 -18.66 35.48
N GLU J 61 -32.82 -19.79 35.44
CA GLU J 61 -32.68 -20.87 36.42
C GLU J 61 -31.28 -21.49 36.41
N LYS J 62 -30.68 -21.65 35.22
CA LYS J 62 -29.33 -22.20 35.05
C LYS J 62 -28.25 -21.38 35.76
N GLN J 63 -28.48 -20.09 36.02
CA GLN J 63 -27.52 -19.18 36.65
C GLN J 63 -27.71 -18.98 38.17
N ILE J 64 -28.63 -19.70 38.83
CA ILE J 64 -28.87 -19.52 40.28
C ILE J 64 -27.61 -19.81 41.12
N GLU J 65 -26.77 -20.76 40.71
CA GLU J 65 -25.51 -21.04 41.41
C GLU J 65 -24.50 -19.88 41.30
N GLN J 66 -24.31 -19.32 40.10
CA GLN J 66 -23.43 -18.16 39.92
C GLN J 66 -23.93 -16.94 40.70
N GLN J 67 -25.24 -16.71 40.74
CA GLN J 67 -25.85 -15.64 41.53
C GLN J 67 -25.46 -15.75 43.01
N LYS J 68 -25.38 -16.97 43.58
CA LYS J 68 -24.90 -17.16 44.95
C LYS J 68 -23.38 -17.03 45.07
N LYS J 69 -22.60 -17.57 44.14
CA LYS J 69 -21.13 -17.39 44.13
C LYS J 69 -20.72 -15.91 44.14
N ILE J 70 -21.43 -15.05 43.41
CA ILE J 70 -21.21 -13.59 43.41
C ILE J 70 -21.34 -12.98 44.82
N GLN J 71 -22.33 -13.40 45.60
CA GLN J 71 -22.47 -12.95 46.99
C GLN J 71 -21.33 -13.49 47.87
N MET J 72 -21.02 -14.78 47.75
CA MET J 72 -19.98 -15.42 48.58
C MET J 72 -18.59 -14.83 48.32
N SER J 73 -18.19 -14.69 47.05
CA SER J 73 -16.89 -14.15 46.70
C SER J 73 -16.74 -12.69 47.14
N ASN J 74 -17.79 -11.87 47.03
CA ASN J 74 -17.79 -10.50 47.51
C ASN J 74 -17.68 -10.43 49.03
N LEU J 75 -18.41 -11.27 49.78
CA LEU J 75 -18.27 -11.36 51.22
C LEU J 75 -16.84 -11.75 51.62
N MET J 76 -16.26 -12.79 51.01
CA MET J 76 -14.91 -13.25 51.31
C MET J 76 -13.82 -12.23 50.94
N ASN J 77 -13.95 -11.50 49.82
CA ASN J 77 -12.95 -10.50 49.46
C ASN J 77 -13.02 -9.28 50.40
N GLN J 78 -14.21 -8.86 50.80
CA GLN J 78 -14.36 -7.80 51.82
C GLN J 78 -13.84 -8.23 53.19
N ALA J 79 -14.04 -9.47 53.61
CA ALA J 79 -13.37 -10.04 54.77
C ALA J 79 -11.84 -9.91 54.66
N ARG J 80 -11.26 -10.27 53.50
CA ARG J 80 -9.81 -10.14 53.28
C ARG J 80 -9.35 -8.68 53.35
N LEU J 81 -10.04 -7.71 52.77
CA LEU J 81 -9.65 -6.29 52.89
C LEU J 81 -9.56 -5.85 54.36
N LYS J 82 -10.53 -6.25 55.20
CA LYS J 82 -10.52 -5.94 56.63
C LYS J 82 -9.33 -6.60 57.34
N VAL J 83 -9.00 -7.84 57.01
CA VAL J 83 -7.80 -8.53 57.53
C VAL J 83 -6.50 -7.85 57.07
N LEU J 84 -6.43 -7.33 55.84
CA LEU J 84 -5.28 -6.55 55.39
C LEU J 84 -5.14 -5.24 56.17
N ARG J 85 -6.24 -4.52 56.45
CA ARG J 85 -6.20 -3.32 57.29
C ARG J 85 -5.78 -3.65 58.72
N ALA J 86 -6.26 -4.76 59.29
CA ALA J 86 -5.81 -5.22 60.59
C ALA J 86 -4.30 -5.44 60.63
N ARG J 87 -3.75 -6.14 59.62
CA ARG J 87 -2.32 -6.40 59.49
C ARG J 87 -1.49 -5.13 59.31
N ASP J 88 -1.99 -4.16 58.54
CA ASP J 88 -1.34 -2.86 58.35
C ASP J 88 -1.26 -2.05 59.66
N ASP J 89 -2.30 -2.09 60.49
CA ASP J 89 -2.27 -1.42 61.78
C ASP J 89 -1.20 -2.02 62.70
N LEU J 90 -1.07 -3.35 62.74
CA LEU J 90 0.00 -4.01 63.49
C LEU J 90 1.38 -3.58 63.01
N ILE J 91 1.62 -3.48 61.70
CA ILE J 91 2.88 -2.93 61.18
C ILE J 91 3.06 -1.47 61.59
N THR J 92 2.01 -0.67 61.59
CA THR J 92 2.07 0.73 62.01
C THR J 92 2.44 0.86 63.50
N ASP J 93 1.95 -0.03 64.35
CA ASP J 93 2.37 -0.12 65.75
C ASP J 93 3.84 -0.54 65.88
N LEU J 94 4.31 -1.49 65.08
CA LEU J 94 5.70 -1.96 65.09
C LEU J 94 6.66 -0.79 64.83
N LEU J 95 6.40 0.00 63.79
CA LEU J 95 7.22 1.17 63.47
C LEU J 95 7.17 2.24 64.57
N ASN J 96 6.03 2.42 65.25
CA ASN J 96 5.96 3.36 66.38
C ASN J 96 6.78 2.86 67.58
N GLU J 97 6.71 1.58 67.94
CA GLU J 97 7.59 1.02 68.97
C GLU J 97 9.06 1.18 68.59
N ALA J 98 9.44 0.93 67.33
CA ALA J 98 10.82 1.12 66.90
C ALA J 98 11.28 2.57 67.06
N LYS J 99 10.42 3.55 66.72
CA LYS J 99 10.69 4.98 66.90
C LYS J 99 10.84 5.37 68.37
N GLN J 100 10.04 4.78 69.26
CA GLN J 100 10.18 4.99 70.71
C GLN J 100 11.47 4.36 71.27
N ARG J 101 11.77 3.10 70.96
CA ARG J 101 13.02 2.46 71.43
C ARG J 101 14.26 3.21 70.94
N LEU J 102 14.25 3.69 69.71
CA LEU J 102 15.34 4.51 69.16
C LEU J 102 15.49 5.84 69.90
N SER J 103 14.37 6.49 70.25
CA SER J 103 14.39 7.71 71.06
C SER J 103 15.00 7.49 72.46
N LYS J 104 14.78 6.32 73.10
CA LYS J 104 15.48 5.96 74.33
C LYS J 104 16.99 5.85 74.14
N VAL J 105 17.48 5.30 73.02
CA VAL J 105 18.92 5.19 72.75
C VAL J 105 19.58 6.56 72.67
N VAL J 106 18.89 7.58 72.17
CA VAL J 106 19.40 8.98 72.14
C VAL J 106 19.63 9.55 73.55
N LYS J 107 18.92 9.08 74.58
CA LYS J 107 19.12 9.54 75.97
C LYS J 107 20.37 8.97 76.63
N ASP J 108 20.87 7.83 76.17
CA ASP J 108 22.19 7.32 76.54
C ASP J 108 23.26 8.06 75.73
N THR J 109 23.87 9.11 76.29
CA THR J 109 24.86 9.91 75.56
C THR J 109 26.12 9.14 75.19
N THR J 110 26.43 8.00 75.82
CA THR J 110 27.52 7.14 75.36
C THR J 110 27.16 6.46 74.05
N ARG J 111 26.03 5.74 74.00
CA ARG J 111 25.55 5.14 72.75
C ARG J 111 25.34 6.20 71.69
N TYR J 112 24.70 7.31 72.03
CA TYR J 112 24.41 8.37 71.08
C TYR J 112 25.68 9.07 70.56
N GLN J 113 26.76 9.18 71.33
CA GLN J 113 28.04 9.63 70.78
C GLN J 113 28.53 8.65 69.70
N VAL J 114 28.51 7.34 69.97
CA VAL J 114 28.94 6.34 68.99
C VAL J 114 28.07 6.35 67.74
N LEU J 115 26.78 6.64 67.88
CA LEU J 115 25.91 6.89 66.73
C LEU J 115 26.35 8.15 65.99
N LEU J 116 26.50 9.29 66.67
CA LEU J 116 26.95 10.55 66.06
C LEU J 116 28.27 10.38 65.30
N ASP J 117 29.24 9.66 65.86
CA ASP J 117 30.51 9.36 65.21
C ASP J 117 30.34 8.66 63.86
N GLY J 118 29.35 7.77 63.75
CA GLY J 118 29.03 7.05 62.52
C GLY J 118 28.21 7.87 61.54
N LEU J 119 27.18 8.57 62.02
CA LEU J 119 26.28 9.37 61.18
C LEU J 119 27.02 10.54 60.52
N VAL J 120 27.97 11.18 61.22
CA VAL J 120 28.79 12.25 60.65
C VAL J 120 29.67 11.72 59.52
N LEU J 121 30.50 10.70 59.77
CA LEU J 121 31.44 10.19 58.77
C LEU J 121 30.75 9.52 57.58
N GLN J 122 29.62 8.85 57.80
CA GLN J 122 28.77 8.35 56.71
C GLN J 122 28.21 9.48 55.84
N GLY J 123 27.95 10.65 56.41
CA GLY J 123 27.61 11.86 55.65
C GLY J 123 28.77 12.40 54.84
N LEU J 124 29.95 12.57 55.43
CA LEU J 124 31.13 13.09 54.73
C LEU J 124 31.53 12.22 53.53
N TYR J 125 31.45 10.89 53.65
CA TYR J 125 31.74 9.96 52.55
C TYR J 125 30.73 9.97 51.38
N GLN J 126 29.53 10.53 51.53
CA GLN J 126 28.61 10.71 50.40
C GLN J 126 28.92 11.97 49.61
N LEU J 127 29.21 13.08 50.30
CA LEU J 127 29.48 14.36 49.67
C LEU J 127 30.86 14.41 48.99
N LEU J 128 31.95 14.05 49.69
CA LEU J 128 33.33 14.12 49.18
C LEU J 128 33.78 15.50 48.65
N GLU J 129 33.17 16.57 49.17
CA GLU J 129 33.48 17.97 48.84
C GLU J 129 34.80 18.47 49.51
N PRO J 130 35.39 19.58 49.05
CA PRO J 130 36.50 20.26 49.75
C PRO J 130 36.06 20.95 51.05
N ARG J 131 34.83 21.43 51.11
CA ARG J 131 34.22 22.13 52.25
C ARG J 131 32.82 21.61 52.53
N MET J 132 32.50 21.36 53.80
CA MET J 132 31.20 20.83 54.23
C MET J 132 30.70 21.50 55.51
N ILE J 133 29.39 21.65 55.65
CA ILE J 133 28.72 22.21 56.83
C ILE J 133 27.80 21.15 57.44
N VAL J 134 27.95 20.88 58.72
CA VAL J 134 27.17 19.94 59.52
C VAL J 134 26.15 20.69 60.36
N ARG J 135 24.91 20.21 60.42
CA ARG J 135 23.82 20.80 61.17
C ARG J 135 23.18 19.75 62.09
N CYS J 136 22.87 20.14 63.31
CA CYS J 136 22.46 19.25 64.40
C CYS J 136 21.35 19.90 65.26
N ARG J 137 20.77 19.17 66.22
CA ARG J 137 19.96 19.81 67.27
C ARG J 137 20.88 20.58 68.22
N LYS J 138 20.43 21.73 68.74
CA LYS J 138 21.25 22.63 69.56
C LYS J 138 21.86 21.95 70.79
N GLN J 139 21.10 21.11 71.50
CA GLN J 139 21.60 20.39 72.67
C GLN J 139 22.58 19.24 72.34
N ASP J 140 22.64 18.77 71.09
CA ASP J 140 23.58 17.74 70.64
C ASP J 140 24.93 18.31 70.22
N PHE J 141 25.04 19.64 70.06
CA PHE J 141 26.24 20.31 69.55
C PHE J 141 27.57 19.84 70.18
N PRO J 142 27.71 19.65 71.51
CA PRO J 142 28.96 19.15 72.09
C PRO J 142 29.35 17.75 71.60
N LEU J 143 28.37 16.88 71.36
CA LEU J 143 28.60 15.52 70.86
C LEU J 143 28.94 15.56 69.37
N VAL J 144 28.28 16.44 68.63
CA VAL J 144 28.50 16.63 67.20
C VAL J 144 29.89 17.19 66.94
N LYS J 145 30.34 18.16 67.75
CA LYS J 145 31.71 18.70 67.70
C LYS J 145 32.76 17.62 67.95
N ALA J 146 32.55 16.76 68.95
CA ALA J 146 33.42 15.61 69.20
C ALA J 146 33.42 14.61 68.03
N ALA J 147 32.25 14.32 67.45
CA ALA J 147 32.12 13.44 66.28
C ALA J 147 32.86 13.99 65.06
N VAL J 148 32.71 15.28 64.74
CA VAL J 148 33.44 15.91 63.63
C VAL J 148 34.96 15.87 63.86
N GLN J 149 35.44 16.11 65.08
CA GLN J 149 36.86 15.99 65.40
C GLN J 149 37.40 14.57 65.27
N LYS J 150 36.62 13.52 65.57
CA LYS J 150 37.00 12.13 65.28
C LYS J 150 36.97 11.81 63.79
N ALA J 151 36.00 12.35 63.05
CA ALA J 151 35.76 12.03 61.65
C ALA J 151 36.80 12.62 60.70
N ILE J 152 37.31 13.84 60.91
CA ILE J 152 38.22 14.52 59.96
C ILE J 152 39.50 13.72 59.65
N PRO J 153 40.26 13.17 60.63
CA PRO J 153 41.43 12.36 60.33
C PRO J 153 41.09 11.08 59.55
N MET J 154 40.02 10.38 59.93
CA MET J 154 39.56 9.16 59.27
C MET J 154 39.14 9.43 57.82
N TYR J 155 38.46 10.53 57.57
CA TYR J 155 38.10 10.97 56.22
C TYR J 155 39.35 11.21 55.38
N LYS J 156 40.33 11.97 55.90
CA LYS J 156 41.56 12.32 55.18
C LYS J 156 42.42 11.10 54.87
N ILE J 157 42.58 10.19 55.83
CA ILE J 157 43.28 8.91 55.65
C ILE J 157 42.63 8.09 54.52
N ALA J 158 41.31 7.91 54.54
CA ALA J 158 40.61 7.06 53.58
C ALA J 158 40.50 7.66 52.17
N THR J 159 40.15 8.94 52.04
CA THR J 159 39.91 9.61 50.75
C THR J 159 41.16 10.15 50.07
N LYS J 160 42.24 10.41 50.83
CA LYS J 160 43.43 11.18 50.43
C LYS J 160 43.16 12.64 50.03
N LYS J 161 42.01 13.23 50.42
CA LYS J 161 41.68 14.65 50.23
C LYS J 161 41.91 15.46 51.50
N ASP J 162 42.37 16.70 51.35
CA ASP J 162 42.16 17.74 52.39
C ASP J 162 40.67 18.14 52.45
N VAL J 163 40.21 18.58 53.62
CA VAL J 163 38.81 18.97 53.85
C VAL J 163 38.69 20.05 54.92
N ASP J 164 37.66 20.89 54.82
CA ASP J 164 37.19 21.76 55.90
C ASP J 164 35.76 21.41 56.28
N VAL J 165 35.57 20.83 57.47
CA VAL J 165 34.25 20.49 58.01
C VAL J 165 33.90 21.48 59.12
N GLN J 166 32.78 22.16 58.97
CA GLN J 166 32.29 23.21 59.87
C GLN J 166 31.00 22.73 60.54
N ILE J 167 30.76 23.09 61.79
CA ILE J 167 29.45 22.87 62.44
C ILE J 167 28.68 24.19 62.41
N ASP J 168 27.43 24.14 62.00
CA ASP J 168 26.50 25.26 61.97
C ASP J 168 26.03 25.60 63.40
N LEU J 169 26.26 26.83 63.88
CA LEU J 169 25.73 27.33 65.15
C LEU J 169 24.62 28.36 64.92
N GLU J 170 24.42 28.80 63.69
CA GLU J 170 23.55 29.89 63.27
C GLU J 170 22.16 29.38 62.89
N ALA J 171 22.05 28.12 62.50
CA ALA J 171 20.80 27.37 62.36
C ALA J 171 20.96 25.93 62.87
N TYR J 172 19.86 25.34 63.31
CA TYR J 172 19.81 24.02 63.94
C TYR J 172 18.66 23.19 63.39
N LEU J 173 18.77 21.87 63.50
CA LEU J 173 17.62 20.99 63.34
C LEU J 173 16.61 21.27 64.46
N PRO J 174 15.29 21.11 64.23
CA PRO J 174 14.28 21.29 65.28
C PRO J 174 14.51 20.39 66.48
N GLU J 175 14.18 20.84 67.69
CA GLU J 175 14.20 19.99 68.89
C GLU J 175 13.12 18.88 68.87
N ASP J 176 12.17 18.96 67.94
CA ASP J 176 11.23 17.89 67.62
C ASP J 176 11.90 16.66 66.98
N ILE J 177 13.08 16.82 66.36
CA ILE J 177 13.83 15.72 65.73
C ILE J 177 14.30 14.73 66.79
N ALA J 178 14.19 13.43 66.51
CA ALA J 178 14.63 12.36 67.39
C ALA J 178 16.14 12.40 67.63
N GLY J 179 16.94 12.59 66.58
CA GLY J 179 18.39 12.77 66.70
C GLY J 179 19.09 12.71 65.35
N GLY J 180 20.42 12.68 65.35
CA GLY J 180 21.23 12.64 64.14
C GLY J 180 21.50 14.03 63.54
N VAL J 181 22.00 14.07 62.31
CA VAL J 181 22.59 15.27 61.69
C VAL J 181 22.20 15.41 60.22
N GLU J 182 22.37 16.59 59.66
CA GLU J 182 22.41 16.83 58.21
C GLU J 182 23.74 17.44 57.82
N ILE J 183 24.24 17.15 56.62
CA ILE J 183 25.50 17.69 56.11
C ILE J 183 25.26 18.29 54.74
N TYR J 184 25.87 19.43 54.47
CA TYR J 184 25.75 20.24 53.28
C TYR J 184 27.13 20.45 52.65
N ASN J 185 27.19 20.63 51.34
CA ASN J 185 28.36 21.20 50.68
C ASN J 185 28.51 22.71 51.02
N GLY J 186 29.62 23.34 50.61
CA GLY J 186 29.94 24.72 50.95
C GLY J 186 28.85 25.75 50.62
N ASP J 187 28.30 25.71 49.40
CA ASP J 187 27.24 26.63 48.97
C ASP J 187 25.81 26.14 49.25
N ARG J 188 25.65 25.07 50.04
CA ARG J 188 24.38 24.44 50.44
C ARG J 188 23.52 23.92 49.28
N LYS J 189 24.00 23.84 48.04
CA LYS J 189 23.22 23.27 46.92
C LYS J 189 23.19 21.74 46.90
N ILE J 190 23.94 21.03 47.74
CA ILE J 190 23.85 19.58 47.91
C ILE J 190 23.81 19.24 49.39
N LYS J 191 22.92 18.34 49.82
CA LYS J 191 22.86 17.86 51.20
C LYS J 191 22.64 16.36 51.31
N VAL J 192 23.01 15.81 52.45
CA VAL J 192 22.78 14.44 52.87
C VAL J 192 22.18 14.45 54.28
N SER J 193 21.16 13.63 54.50
CA SER J 193 20.41 13.60 55.75
C SER J 193 20.66 12.32 56.52
N ASN J 194 21.11 12.44 57.76
CA ASN J 194 21.38 11.34 58.69
C ASN J 194 20.60 11.53 60.00
N THR J 195 19.42 12.14 59.96
CA THR J 195 18.53 12.11 61.12
C THR J 195 18.07 10.68 61.39
N LEU J 196 17.85 10.33 62.64
CA LEU J 196 17.52 8.96 63.04
C LEU J 196 16.15 8.48 62.52
N GLU J 197 15.21 9.39 62.28
CA GLU J 197 13.97 9.11 61.56
C GLU J 197 14.24 8.65 60.11
N SER J 198 15.21 9.26 59.44
CA SER J 198 15.63 8.87 58.08
C SER J 198 16.28 7.49 58.07
N ARG J 199 17.21 7.22 58.99
CA ARG J 199 17.81 5.87 59.14
C ARG J 199 16.72 4.83 59.36
N LEU J 200 15.85 5.03 60.34
CA LEU J 200 14.79 4.08 60.66
C LEU J 200 13.85 3.84 59.49
N ASP J 201 13.39 4.89 58.80
CA ASP J 201 12.50 4.77 57.65
C ASP J 201 13.15 4.00 56.48
N LEU J 202 14.38 4.37 56.09
CA LEU J 202 15.08 3.67 55.02
C LEU J 202 15.36 2.20 55.36
N ILE J 203 15.80 1.89 56.57
CA ILE J 203 16.05 0.50 56.97
C ILE J 203 14.74 -0.29 57.05
N ALA J 204 13.70 0.26 57.68
CA ALA J 204 12.43 -0.44 57.88
C ALA J 204 11.76 -0.82 56.55
N GLN J 205 11.68 0.10 55.59
CA GLN J 205 11.07 -0.18 54.29
C GLN J 205 11.82 -1.23 53.47
N GLN J 206 13.15 -1.32 53.61
CA GLN J 206 13.95 -2.31 52.90
C GLN J 206 13.84 -3.72 53.50
N MET J 207 13.78 -3.87 54.83
CA MET J 207 13.63 -5.18 55.46
C MET J 207 12.17 -5.67 55.59
N MET J 208 11.21 -5.03 54.93
CA MET J 208 9.80 -5.38 55.01
C MET J 208 9.45 -6.83 54.59
N PRO J 209 10.10 -7.45 53.59
CA PRO J 209 9.95 -8.89 53.32
C PRO J 209 10.42 -9.81 54.45
N GLU J 210 11.37 -9.39 55.28
CA GLU J 210 11.79 -10.15 56.46
C GLU J 210 10.88 -9.91 57.66
N VAL J 211 10.39 -8.67 57.85
CA VAL J 211 9.37 -8.33 58.85
C VAL J 211 8.09 -9.14 58.62
N ARG J 212 7.57 -9.22 57.38
CA ARG J 212 6.35 -9.97 57.05
C ARG J 212 6.46 -11.45 57.42
N GLY J 213 7.58 -12.09 57.07
CA GLY J 213 7.82 -13.51 57.38
C GLY J 213 8.06 -13.78 58.86
N ALA J 214 8.76 -12.90 59.57
CA ALA J 214 9.02 -13.03 61.00
C ALA J 214 7.76 -12.84 61.86
N LEU J 215 6.92 -11.83 61.58
CA LEU J 215 5.68 -11.60 62.33
C LEU J 215 4.60 -12.64 61.97
N PHE J 216 4.22 -12.73 60.70
CA PHE J 216 3.00 -13.43 60.26
C PHE J 216 3.25 -14.81 59.61
N GLY J 217 4.49 -15.28 59.55
CA GLY J 217 4.86 -16.59 59.02
C GLY J 217 4.97 -16.65 57.49
N ALA J 218 5.64 -17.69 57.00
CA ALA J 218 5.88 -17.90 55.57
C ALA J 218 4.59 -18.28 54.80
N ASN J 219 4.59 -18.03 53.50
CA ASN J 219 3.51 -18.45 52.60
C ASN J 219 3.69 -19.91 52.20
N ALA J 220 2.71 -20.76 52.49
CA ALA J 220 2.73 -22.18 52.13
C ALA J 220 2.63 -22.45 50.60
N ASN J 221 2.12 -21.49 49.81
CA ASN J 221 2.02 -21.62 48.36
C ASN J 221 3.32 -21.31 47.63
N ARG J 222 4.21 -20.48 48.20
CA ARG J 222 5.46 -20.07 47.57
C ARG J 222 6.50 -21.19 47.65
N LYS J 223 6.61 -22.02 46.61
CA LYS J 223 7.52 -23.17 46.55
C LYS J 223 8.95 -22.82 46.11
N PHE J 224 9.12 -21.73 45.36
CA PHE J 224 10.40 -21.30 44.81
C PHE J 224 10.67 -19.85 45.16
N LEU J 225 11.95 -19.49 45.32
CA LEU J 225 12.38 -18.11 45.61
C LEU J 225 13.03 -17.45 44.37
N ASP J 226 13.47 -18.24 43.40
CA ASP J 226 13.89 -17.79 42.05
C ASP J 226 12.68 -17.31 41.24
N GLN K 9 -14.91 -99.58 -38.49
CA GLN K 9 -14.94 -99.04 -39.88
C GLN K 9 -13.92 -97.90 -40.05
N LYS K 10 -13.47 -97.65 -41.29
CA LYS K 10 -12.32 -96.77 -41.61
C LYS K 10 -12.47 -95.29 -41.21
N GLN K 11 -13.68 -94.75 -41.18
CA GLN K 11 -13.91 -93.30 -41.10
C GLN K 11 -13.36 -92.68 -39.81
N ILE K 12 -13.35 -93.38 -38.67
CA ILE K 12 -12.76 -92.85 -37.43
C ILE K 12 -11.26 -92.58 -37.58
N LYS K 13 -10.53 -93.46 -38.28
CA LYS K 13 -9.10 -93.30 -38.54
C LYS K 13 -8.84 -92.09 -39.43
N HIS K 14 -9.66 -91.92 -40.47
CA HIS K 14 -9.65 -90.73 -41.33
C HIS K 14 -9.90 -89.45 -40.52
N MET K 15 -10.91 -89.43 -39.65
CA MET K 15 -11.22 -88.26 -38.81
C MET K 15 -10.09 -87.94 -37.82
N MET K 16 -9.52 -88.95 -37.15
CA MET K 16 -8.34 -88.75 -36.29
C MET K 16 -7.17 -88.15 -37.07
N ALA K 17 -6.83 -88.74 -38.22
CA ALA K 17 -5.76 -88.25 -39.07
C ALA K 17 -6.05 -86.82 -39.58
N PHE K 18 -7.31 -86.49 -39.88
CA PHE K 18 -7.71 -85.17 -40.31
C PHE K 18 -7.43 -84.13 -39.22
N ILE K 19 -7.92 -84.34 -37.99
CA ILE K 19 -7.76 -83.34 -36.92
C ILE K 19 -6.32 -83.25 -36.42
N GLU K 20 -5.58 -84.36 -36.42
CA GLU K 20 -4.15 -84.32 -36.13
C GLU K 20 -3.36 -83.65 -37.28
N GLN K 21 -3.81 -83.76 -38.53
CA GLN K 21 -3.20 -83.01 -39.64
C GLN K 21 -3.48 -81.51 -39.54
N GLU K 22 -4.67 -81.11 -39.11
CA GLU K 22 -4.92 -79.70 -38.75
C GLU K 22 -3.95 -79.26 -37.66
N ALA K 23 -3.67 -80.08 -36.65
CA ALA K 23 -2.66 -79.73 -35.67
C ALA K 23 -1.23 -79.71 -36.22
N ASN K 24 -0.88 -80.60 -37.15
CA ASN K 24 0.42 -80.55 -37.83
C ASN K 24 0.59 -79.18 -38.52
N GLU K 25 -0.42 -78.76 -39.28
CA GLU K 25 -0.40 -77.48 -39.98
C GLU K 25 -0.41 -76.29 -39.00
N LYS K 26 -1.23 -76.32 -37.95
CA LYS K 26 -1.27 -75.27 -36.92
C LYS K 26 0.05 -75.14 -36.17
N ALA K 27 0.67 -76.27 -35.80
CA ALA K 27 1.98 -76.30 -35.17
C ALA K 27 3.05 -75.68 -36.08
N GLU K 28 3.07 -76.05 -37.36
CA GLU K 28 4.01 -75.49 -38.33
C GLU K 28 3.79 -73.99 -38.55
N GLU K 29 2.55 -73.52 -38.59
CA GLU K 29 2.26 -72.09 -38.69
C GLU K 29 2.72 -71.32 -37.45
N ILE K 30 2.55 -71.88 -36.24
CA ILE K 30 3.10 -71.28 -35.02
C ILE K 30 4.63 -71.25 -35.06
N ASP K 31 5.29 -72.33 -35.49
CA ASP K 31 6.75 -72.36 -35.65
C ASP K 31 7.24 -71.32 -36.68
N ALA K 32 6.52 -71.14 -37.79
CA ALA K 32 6.85 -70.16 -38.80
C ALA K 32 6.69 -68.72 -38.27
N LYS K 33 5.56 -68.42 -37.61
CA LYS K 33 5.30 -67.11 -36.99
C LYS K 33 6.32 -66.79 -35.88
N ALA K 34 6.74 -67.79 -35.13
CA ALA K 34 7.80 -67.64 -34.13
C ALA K 34 9.12 -67.19 -34.77
N GLU K 35 9.59 -67.89 -35.81
CA GLU K 35 10.81 -67.51 -36.54
C GLU K 35 10.74 -66.08 -37.10
N GLU K 36 9.61 -65.71 -37.70
CA GLU K 36 9.42 -64.35 -38.22
C GLU K 36 9.44 -63.28 -37.12
N GLU K 37 8.91 -63.56 -35.94
CA GLU K 37 8.99 -62.63 -34.82
C GLU K 37 10.44 -62.48 -34.32
N PHE K 38 11.21 -63.57 -34.23
CA PHE K 38 12.62 -63.51 -33.80
C PHE K 38 13.49 -62.70 -34.77
N ASN K 39 13.20 -62.78 -36.08
CA ASN K 39 13.88 -61.95 -37.08
C ASN K 39 13.56 -60.44 -36.96
N ILE K 40 12.42 -60.08 -36.36
CA ILE K 40 12.08 -58.68 -36.04
C ILE K 40 12.70 -58.27 -34.69
N GLU K 41 12.62 -59.15 -33.68
CA GLU K 41 13.04 -58.89 -32.30
C GLU K 41 14.54 -58.51 -32.20
N LYS K 42 15.42 -59.32 -32.79
CA LYS K 42 16.87 -59.05 -32.76
C LYS K 42 17.24 -57.75 -33.47
N GLY K 43 16.56 -57.43 -34.57
CA GLY K 43 16.72 -56.15 -35.29
C GLY K 43 16.41 -54.95 -34.39
N ARG K 44 15.25 -54.95 -33.73
CA ARG K 44 14.87 -53.89 -32.78
C ARG K 44 15.89 -53.73 -31.66
N LEU K 45 16.25 -54.82 -30.99
CA LEU K 45 17.17 -54.80 -29.84
C LEU K 45 18.58 -54.33 -30.24
N VAL K 46 19.23 -55.02 -31.18
CA VAL K 46 20.65 -54.80 -31.49
C VAL K 46 20.86 -53.39 -32.02
N GLN K 47 20.03 -52.93 -32.98
CA GLN K 47 20.20 -51.60 -33.55
C GLN K 47 19.98 -50.49 -32.51
N THR K 48 18.98 -50.63 -31.64
CA THR K 48 18.73 -49.66 -30.57
C THR K 48 19.95 -49.54 -29.65
N GLN K 49 20.44 -50.68 -29.16
CA GLN K 49 21.58 -50.69 -28.24
C GLN K 49 22.86 -50.20 -28.90
N ARG K 50 23.13 -50.57 -30.17
CA ARG K 50 24.25 -50.05 -30.96
C ARG K 50 24.19 -48.52 -31.04
N LEU K 51 23.02 -47.96 -31.36
CA LEU K 51 22.84 -46.51 -31.40
C LEU K 51 23.05 -45.87 -30.03
N LYS K 52 22.56 -46.47 -28.95
CA LYS K 52 22.82 -45.97 -27.58
C LYS K 52 24.31 -46.02 -27.21
N ILE K 53 25.02 -47.09 -27.59
CA ILE K 53 26.47 -47.21 -27.39
C ILE K 53 27.21 -46.09 -28.12
N MET K 54 26.81 -45.80 -29.36
CA MET K 54 27.41 -44.72 -30.14
C MET K 54 27.09 -43.33 -29.57
N GLU K 55 25.84 -43.09 -29.20
CA GLU K 55 25.40 -41.85 -28.55
C GLU K 55 26.14 -41.60 -27.22
N TYR K 56 26.50 -42.66 -26.50
CA TYR K 56 27.36 -42.59 -25.33
C TYR K 56 28.81 -42.25 -25.69
N TYR K 57 29.46 -43.02 -26.56
CA TYR K 57 30.89 -42.82 -26.84
C TYR K 57 31.22 -41.49 -27.53
N GLU K 58 30.33 -40.93 -28.36
CA GLU K 58 30.56 -39.59 -28.93
C GLU K 58 30.65 -38.49 -27.87
N LYS K 59 29.90 -38.58 -26.75
CA LYS K 59 30.04 -37.65 -25.63
C LYS K 59 31.42 -37.76 -24.97
N LYS K 60 31.91 -38.99 -24.78
CA LYS K 60 33.24 -39.24 -24.23
C LYS K 60 34.33 -38.70 -25.16
N GLU K 61 34.22 -38.89 -26.47
CA GLU K 61 35.18 -38.34 -27.43
C GLU K 61 35.22 -36.80 -27.40
N LYS K 62 34.07 -36.12 -27.25
CA LYS K 62 34.04 -34.65 -27.07
C LYS K 62 34.75 -34.20 -25.80
N GLN K 63 34.57 -34.93 -24.69
CA GLN K 63 35.28 -34.61 -23.44
C GLN K 63 36.80 -34.73 -23.57
N ILE K 64 37.33 -35.71 -24.31
CA ILE K 64 38.77 -35.79 -24.61
C ILE K 64 39.26 -34.54 -25.35
N GLU K 65 38.54 -34.08 -26.37
CA GLU K 65 38.92 -32.87 -27.12
C GLU K 65 38.90 -31.61 -26.24
N GLN K 66 37.87 -31.45 -25.40
CA GLN K 66 37.82 -30.34 -24.44
C GLN K 66 38.99 -30.39 -23.44
N GLN K 67 39.26 -31.56 -22.85
CA GLN K 67 40.37 -31.74 -21.92
C GLN K 67 41.73 -31.45 -22.57
N LYS K 68 41.93 -31.86 -23.83
CA LYS K 68 43.15 -31.54 -24.58
C LYS K 68 43.33 -30.03 -24.73
N LYS K 69 42.29 -29.28 -25.10
CA LYS K 69 42.37 -27.82 -25.21
C LYS K 69 42.67 -27.15 -23.88
N ILE K 70 42.08 -27.62 -22.78
CA ILE K 70 42.43 -27.16 -21.43
C ILE K 70 43.89 -27.46 -21.11
N GLN K 71 44.39 -28.67 -21.37
CA GLN K 71 45.78 -29.02 -21.09
C GLN K 71 46.78 -28.19 -21.89
N MET K 72 46.50 -27.93 -23.18
CA MET K 72 47.32 -27.02 -23.98
C MET K 72 47.29 -25.59 -23.43
N SER K 73 46.13 -25.08 -23.00
CA SER K 73 46.07 -23.78 -22.31
C SER K 73 46.90 -23.78 -21.02
N ASN K 74 46.80 -24.81 -20.19
CA ASN K 74 47.56 -24.88 -18.94
C ASN K 74 49.07 -24.96 -19.20
N LEU K 75 49.49 -25.75 -20.18
CA LEU K 75 50.89 -25.85 -20.62
C LEU K 75 51.44 -24.48 -21.06
N MET K 76 50.72 -23.79 -21.94
CA MET K 76 51.08 -22.44 -22.41
C MET K 76 51.09 -21.40 -21.29
N ASN K 77 50.13 -21.43 -20.36
CA ASN K 77 50.08 -20.52 -19.22
C ASN K 77 51.31 -20.68 -18.33
N GLN K 78 51.70 -21.90 -17.98
CA GLN K 78 52.89 -22.13 -17.17
C GLN K 78 54.18 -21.75 -17.90
N ALA K 79 54.27 -21.96 -19.20
CA ALA K 79 55.41 -21.51 -19.99
C ALA K 79 55.56 -19.98 -20.00
N ARG K 80 54.44 -19.25 -20.07
CA ARG K 80 54.43 -17.79 -19.99
C ARG K 80 54.84 -17.30 -18.60
N LEU K 81 54.27 -17.89 -17.54
CA LEU K 81 54.57 -17.54 -16.15
C LEU K 81 56.01 -17.89 -15.74
N LYS K 82 56.61 -18.98 -16.25
CA LYS K 82 58.03 -19.33 -16.07
C LYS K 82 58.97 -18.20 -16.49
N VAL K 83 58.75 -17.63 -17.67
CA VAL K 83 59.58 -16.54 -18.21
C VAL K 83 59.42 -15.26 -17.40
N LEU K 84 58.20 -14.92 -16.96
CA LEU K 84 57.95 -13.76 -16.12
C LEU K 84 58.66 -13.87 -14.77
N ARG K 85 58.59 -15.02 -14.08
CA ARG K 85 59.32 -15.23 -12.81
C ARG K 85 60.83 -15.10 -12.98
N ALA K 86 61.39 -15.60 -14.08
CA ALA K 86 62.82 -15.47 -14.35
C ALA K 86 63.23 -13.99 -14.49
N ARG K 87 62.47 -13.18 -15.23
CA ARG K 87 62.73 -11.74 -15.37
C ARG K 87 62.65 -10.99 -14.04
N ASP K 88 61.68 -11.35 -13.20
CA ASP K 88 61.54 -10.79 -11.86
C ASP K 88 62.70 -11.18 -10.94
N ASP K 89 63.21 -12.41 -11.04
CA ASP K 89 64.42 -12.83 -10.32
C ASP K 89 65.66 -12.03 -10.73
N LEU K 90 65.84 -11.71 -12.01
CA LEU K 90 66.94 -10.85 -12.45
C LEU K 90 66.86 -9.45 -11.82
N ILE K 91 65.68 -8.83 -11.78
CA ILE K 91 65.54 -7.53 -11.10
C ILE K 91 65.73 -7.66 -9.59
N THR K 92 65.31 -8.78 -8.99
CA THR K 92 65.59 -9.06 -7.58
C THR K 92 67.09 -9.14 -7.31
N ASP K 93 67.83 -9.83 -8.16
CA ASP K 93 69.30 -9.87 -8.10
C ASP K 93 69.91 -8.48 -8.28
N LEU K 94 69.37 -7.64 -9.17
CA LEU K 94 69.90 -6.30 -9.40
C LEU K 94 69.68 -5.37 -8.20
N LEU K 95 68.52 -5.43 -7.55
CA LEU K 95 68.29 -4.67 -6.32
C LEU K 95 69.15 -5.19 -5.17
N ASN K 96 69.40 -6.51 -5.07
CA ASN K 96 70.37 -7.04 -4.11
C ASN K 96 71.81 -6.56 -4.42
N GLU K 97 72.18 -6.44 -5.69
CA GLU K 97 73.47 -5.86 -6.05
C GLU K 97 73.57 -4.37 -5.74
N ALA K 98 72.48 -3.60 -5.89
CA ALA K 98 72.42 -2.22 -5.43
C ALA K 98 72.58 -2.12 -3.90
N LYS K 99 71.98 -2.99 -3.10
CA LYS K 99 72.22 -3.05 -1.64
C LYS K 99 73.69 -3.32 -1.32
N GLN K 100 74.33 -4.26 -2.03
CA GLN K 100 75.76 -4.55 -1.84
C GLN K 100 76.62 -3.33 -2.19
N ARG K 101 76.38 -2.68 -3.34
CA ARG K 101 77.09 -1.47 -3.76
C ARG K 101 76.97 -0.33 -2.75
N LEU K 102 75.78 -0.09 -2.18
CA LEU K 102 75.59 0.95 -1.15
C LEU K 102 76.42 0.71 0.12
N SER K 103 76.71 -0.52 0.50
CA SER K 103 77.57 -0.80 1.68
C SER K 103 79.00 -0.24 1.53
N LYS K 104 79.55 -0.16 0.32
CA LYS K 104 80.85 0.47 0.08
C LYS K 104 80.82 1.99 0.32
N VAL K 105 79.72 2.64 -0.07
CA VAL K 105 79.51 4.07 0.13
C VAL K 105 79.37 4.40 1.62
N VAL K 106 78.88 3.45 2.42
CA VAL K 106 78.84 3.53 3.89
C VAL K 106 80.22 3.33 4.53
N LYS K 107 81.06 2.43 3.99
CA LYS K 107 82.44 2.21 4.50
C LYS K 107 83.35 3.41 4.27
N ASP K 108 83.20 4.14 3.17
CA ASP K 108 83.87 5.43 2.96
C ASP K 108 83.28 6.51 3.87
N THR K 109 83.98 6.84 4.96
CA THR K 109 83.49 7.82 5.94
C THR K 109 83.30 9.22 5.35
N THR K 110 84.04 9.61 4.31
CA THR K 110 83.82 10.93 3.68
C THR K 110 82.48 10.95 2.95
N ARG K 111 82.22 9.97 2.09
CA ARG K 111 80.94 9.87 1.38
C ARG K 111 79.80 9.65 2.36
N TYR K 112 79.95 8.78 3.35
CA TYR K 112 78.88 8.52 4.29
C TYR K 112 78.55 9.74 5.15
N GLN K 113 79.52 10.57 5.54
CA GLN K 113 79.21 11.84 6.19
C GLN K 113 78.37 12.74 5.26
N VAL K 114 78.73 12.83 3.98
CA VAL K 114 77.99 13.65 3.03
C VAL K 114 76.57 13.12 2.80
N LEU K 115 76.37 11.80 2.81
CA LEU K 115 75.03 11.22 2.84
C LEU K 115 74.30 11.60 4.11
N LEU K 116 74.88 11.36 5.29
CA LEU K 116 74.24 11.66 6.57
C LEU K 116 73.89 13.14 6.72
N ASP K 117 74.74 14.06 6.26
CA ASP K 117 74.45 15.49 6.19
C ASP K 117 73.19 15.77 5.37
N GLY K 118 72.96 15.03 4.28
CA GLY K 118 71.78 15.12 3.45
C GLY K 118 70.56 14.48 4.09
N LEU K 119 70.67 13.23 4.51
CA LEU K 119 69.58 12.44 5.09
C LEU K 119 69.00 13.05 6.36
N VAL K 120 69.83 13.67 7.21
CA VAL K 120 69.38 14.37 8.40
C VAL K 120 68.57 15.62 8.02
N LEU K 121 69.15 16.55 7.27
CA LEU K 121 68.48 17.81 6.91
C LEU K 121 67.18 17.55 6.13
N GLN K 122 67.18 16.59 5.20
CA GLN K 122 66.00 16.21 4.45
C GLN K 122 64.86 15.72 5.33
N GLY K 123 65.14 14.96 6.39
CA GLY K 123 64.13 14.50 7.33
C GLY K 123 63.59 15.63 8.19
N LEU K 124 64.44 16.55 8.66
CA LEU K 124 64.00 17.74 9.39
C LEU K 124 63.04 18.60 8.56
N TYR K 125 63.30 18.76 7.26
CA TYR K 125 62.39 19.45 6.34
C TYR K 125 61.06 18.73 6.05
N GLN K 126 60.92 17.42 6.31
CA GLN K 126 59.61 16.77 6.21
C GLN K 126 58.77 17.04 7.45
N LEU K 127 59.38 17.02 8.64
CA LEU K 127 58.68 17.22 9.91
C LEU K 127 58.36 18.69 10.19
N LEU K 128 59.30 19.62 10.05
CA LEU K 128 59.15 21.04 10.40
C LEU K 128 58.69 21.32 11.85
N GLU K 129 58.99 20.40 12.77
CA GLU K 129 58.63 20.49 14.20
C GLU K 129 59.57 21.45 14.98
N PRO K 130 59.17 21.92 16.18
CA PRO K 130 60.04 22.69 17.05
C PRO K 130 61.05 21.82 17.82
N ARG K 131 60.78 20.52 17.96
CA ARG K 131 61.59 19.54 18.69
C ARG K 131 61.60 18.22 17.93
N MET K 132 62.78 17.68 17.64
CA MET K 132 62.94 16.45 16.85
C MET K 132 63.97 15.51 17.45
N ILE K 133 63.69 14.21 17.37
CA ILE K 133 64.58 13.15 17.83
C ILE K 133 65.12 12.41 16.61
N VAL K 134 66.44 12.27 16.50
CA VAL K 134 67.12 11.53 15.44
C VAL K 134 67.60 10.20 15.97
N ARG K 135 67.32 9.08 15.29
CA ARG K 135 67.78 7.73 15.65
C ARG K 135 68.67 7.15 14.56
N CYS K 136 69.76 6.52 14.94
CA CYS K 136 70.81 6.00 14.05
C CYS K 136 71.42 4.70 14.62
N ARG K 137 72.36 4.08 13.91
CA ARG K 137 73.11 2.91 14.41
C ARG K 137 74.17 3.31 15.42
N LYS K 138 74.50 2.43 16.38
CA LYS K 138 75.40 2.72 17.51
C LYS K 138 76.77 3.27 17.08
N GLN K 139 77.37 2.70 16.05
CA GLN K 139 78.68 3.08 15.55
C GLN K 139 78.67 4.31 14.63
N ASP K 140 77.51 4.73 14.13
CA ASP K 140 77.38 5.90 13.25
C ASP K 140 77.24 7.22 14.02
N PHE K 141 76.96 7.16 15.33
CA PHE K 141 76.69 8.33 16.17
C PHE K 141 77.69 9.50 16.00
N PRO K 142 79.02 9.29 15.93
CA PRO K 142 79.96 10.40 15.72
C PRO K 142 79.75 11.15 14.40
N LEU K 143 79.33 10.46 13.35
CA LEU K 143 79.04 11.10 12.06
C LEU K 143 77.68 11.80 12.08
N VAL K 144 76.69 11.17 12.71
CA VAL K 144 75.34 11.74 12.83
C VAL K 144 75.36 13.01 13.69
N LYS K 145 76.17 13.04 14.76
CA LYS K 145 76.40 14.24 15.58
C LYS K 145 76.95 15.40 14.73
N ALA K 146 77.94 15.14 13.88
CA ALA K 146 78.45 16.15 12.95
C ALA K 146 77.38 16.59 11.94
N ALA K 147 76.60 15.65 11.39
CA ALA K 147 75.53 15.93 10.45
C ALA K 147 74.42 16.82 11.06
N VAL K 148 73.96 16.51 12.28
CA VAL K 148 72.99 17.32 13.03
C VAL K 148 73.51 18.72 13.29
N GLN K 149 74.75 18.86 13.77
CA GLN K 149 75.36 20.16 14.03
C GLN K 149 75.54 21.01 12.77
N LYS K 150 75.77 20.39 11.60
CA LYS K 150 75.74 21.11 10.30
C LYS K 150 74.32 21.46 9.85
N ALA K 151 73.34 20.58 10.11
CA ALA K 151 71.96 20.74 9.69
C ALA K 151 71.21 21.85 10.46
N ILE K 152 71.41 22.01 11.77
CA ILE K 152 70.65 22.98 12.59
C ILE K 152 70.74 24.42 12.05
N PRO K 153 71.91 24.99 11.72
CA PRO K 153 71.98 26.31 11.08
C PRO K 153 71.22 26.39 9.76
N MET K 154 71.38 25.40 8.87
CA MET K 154 70.71 25.38 7.56
C MET K 154 69.18 25.28 7.69
N TYR K 155 68.68 24.52 8.66
CA TYR K 155 67.26 24.45 8.96
C TYR K 155 66.73 25.80 9.47
N LYS K 156 67.43 26.44 10.40
CA LYS K 156 66.99 27.74 10.94
C LYS K 156 67.01 28.82 9.86
N ILE K 157 68.06 28.88 9.05
CA ILE K 157 68.20 29.89 7.98
C ILE K 157 67.11 29.71 6.91
N ALA K 158 66.80 28.49 6.52
CA ALA K 158 65.78 28.23 5.50
C ALA K 158 64.34 28.40 6.02
N THR K 159 64.00 27.81 7.16
CA THR K 159 62.61 27.83 7.68
C THR K 159 62.25 29.07 8.50
N LYS K 160 63.24 29.81 9.02
CA LYS K 160 63.11 30.88 10.03
C LYS K 160 62.57 30.44 11.40
N LYS K 161 62.41 29.13 11.66
CA LYS K 161 62.04 28.60 12.99
C LYS K 161 63.25 28.37 13.89
N ASP K 162 63.05 28.46 15.21
CA ASP K 162 63.95 27.81 16.18
C ASP K 162 63.72 26.29 16.22
N VAL K 163 64.75 25.51 16.57
CA VAL K 163 64.65 24.04 16.64
C VAL K 163 65.50 23.45 17.76
N ASP K 164 65.02 22.37 18.35
CA ASP K 164 65.77 21.47 19.23
C ASP K 164 65.91 20.11 18.54
N VAL K 165 67.13 19.65 18.26
CA VAL K 165 67.38 18.33 17.68
C VAL K 165 68.20 17.49 18.66
N GLN K 166 67.68 16.34 19.07
CA GLN K 166 68.30 15.44 20.03
C GLN K 166 68.58 14.09 19.37
N ILE K 167 69.83 13.63 19.35
CA ILE K 167 70.13 12.28 18.88
C ILE K 167 69.82 11.27 19.99
N ASP K 168 69.07 10.22 19.66
CA ASP K 168 68.72 9.14 20.57
C ASP K 168 69.94 8.26 20.88
N LEU K 169 70.28 8.21 22.18
CA LEU K 169 71.34 7.38 22.74
C LEU K 169 70.81 6.22 23.60
N GLU K 170 69.50 6.15 23.84
CA GLU K 170 68.85 5.09 24.60
C GLU K 170 68.40 3.93 23.70
N ALA K 171 68.01 4.22 22.46
CA ALA K 171 67.63 3.24 21.45
C ALA K 171 68.27 3.58 20.09
N TYR K 172 68.55 2.55 19.30
CA TYR K 172 69.34 2.65 18.07
C TYR K 172 68.71 1.81 16.96
N LEU K 173 69.01 2.15 15.71
CA LEU K 173 68.70 1.29 14.58
C LEU K 173 69.55 0.00 14.67
N PRO K 174 69.01 -1.19 14.33
CA PRO K 174 69.75 -2.44 14.39
C PRO K 174 71.04 -2.46 13.57
N GLU K 175 72.01 -3.28 13.96
CA GLU K 175 73.25 -3.48 13.18
C GLU K 175 72.99 -4.13 11.80
N ASP K 176 71.82 -4.73 11.61
CA ASP K 176 71.36 -5.25 10.32
C ASP K 176 71.05 -4.14 9.28
N ILE K 177 70.75 -2.92 9.72
CA ILE K 177 70.41 -1.79 8.84
C ILE K 177 71.64 -1.35 8.05
N ALA K 178 71.48 -1.13 6.74
CA ALA K 178 72.58 -0.78 5.85
C ALA K 178 73.16 0.62 6.11
N GLY K 179 72.32 1.59 6.48
CA GLY K 179 72.77 2.92 6.88
C GLY K 179 71.64 3.96 6.92
N GLY K 180 71.98 5.21 7.25
CA GLY K 180 71.03 6.32 7.33
C GLY K 180 70.33 6.44 8.69
N VAL K 181 69.22 7.16 8.74
CA VAL K 181 68.60 7.64 9.99
C VAL K 181 67.08 7.52 9.97
N GLU K 182 66.46 7.58 11.14
CA GLU K 182 65.04 7.89 11.28
C GLU K 182 64.87 9.12 12.17
N ILE K 183 63.87 9.95 11.89
CA ILE K 183 63.63 11.18 12.63
C ILE K 183 62.18 11.19 13.10
N TYR K 184 61.97 11.64 14.33
CA TYR K 184 60.71 11.66 15.03
C TYR K 184 60.43 13.08 15.51
N ASN K 185 59.15 13.43 15.61
CA ASN K 185 58.74 14.56 16.42
C ASN K 185 58.93 14.28 17.93
N GLY K 186 58.76 15.28 18.78
CA GLY K 186 58.97 15.17 20.23
C GLY K 186 58.24 14.01 20.92
N ASP K 187 56.94 13.81 20.64
CA ASP K 187 56.13 12.75 21.25
C ASP K 187 56.15 11.40 20.51
N ARG K 188 57.00 11.26 19.48
CA ARG K 188 57.15 10.06 18.63
C ARG K 188 55.89 9.64 17.87
N LYS K 189 54.81 10.42 17.84
CA LYS K 189 53.59 10.07 17.08
C LYS K 189 53.73 10.34 15.58
N ILE K 190 54.76 11.06 15.14
CA ILE K 190 55.07 11.27 13.72
C ILE K 190 56.53 10.91 13.50
N LYS K 191 56.82 10.11 12.48
CA LYS K 191 58.19 9.77 12.09
C LYS K 191 58.40 9.83 10.60
N VAL K 192 59.66 9.97 10.22
CA VAL K 192 60.13 9.87 8.86
C VAL K 192 61.34 8.94 8.83
N SER K 193 61.37 8.00 7.89
CA SER K 193 62.42 6.99 7.79
C SER K 193 63.30 7.28 6.59
N ASN K 194 64.57 7.53 6.83
CA ASN K 194 65.55 7.96 5.83
C ASN K 194 66.80 7.07 5.91
N THR K 195 66.56 5.76 5.97
CA THR K 195 67.59 4.73 5.81
C THR K 195 67.94 4.55 4.34
N LEU K 196 69.09 3.95 4.05
CA LEU K 196 69.53 3.66 2.68
C LEU K 196 68.60 2.65 2.00
N GLU K 197 68.05 1.67 2.73
CA GLU K 197 67.03 0.78 2.21
C GLU K 197 65.74 1.53 1.85
N SER K 198 65.30 2.49 2.67
CA SER K 198 64.14 3.33 2.35
C SER K 198 64.35 4.12 1.07
N ARG K 199 65.49 4.79 0.87
CA ARG K 199 65.74 5.53 -0.37
C ARG K 199 65.83 4.61 -1.57
N LEU K 200 66.54 3.49 -1.46
CA LEU K 200 66.65 2.56 -2.58
C LEU K 200 65.28 2.06 -3.03
N ASP K 201 64.37 1.74 -2.11
CA ASP K 201 63.01 1.33 -2.44
C ASP K 201 62.15 2.46 -3.04
N LEU K 202 62.25 3.70 -2.55
CA LEU K 202 61.55 4.84 -3.16
C LEU K 202 62.00 5.05 -4.60
N ILE K 203 63.31 5.07 -4.83
CA ILE K 203 63.89 5.36 -6.13
C ILE K 203 63.63 4.20 -7.09
N ALA K 204 63.93 2.95 -6.70
CA ALA K 204 63.85 1.81 -7.60
C ALA K 204 62.42 1.56 -8.12
N GLN K 205 61.40 1.65 -7.28
CA GLN K 205 60.02 1.46 -7.71
C GLN K 205 59.58 2.52 -8.72
N GLN K 206 59.92 3.79 -8.50
CA GLN K 206 59.57 4.85 -9.44
C GLN K 206 60.37 4.77 -10.74
N MET K 207 61.63 4.33 -10.67
CA MET K 207 62.46 4.07 -11.84
C MET K 207 62.07 2.83 -12.64
N MET K 208 61.19 1.96 -12.13
CA MET K 208 60.97 0.65 -12.73
C MET K 208 60.65 0.64 -14.24
N PRO K 209 59.91 1.62 -14.82
CA PRO K 209 59.76 1.73 -16.27
C PRO K 209 61.03 2.04 -17.06
N GLU K 210 61.95 2.84 -16.51
CA GLU K 210 63.28 3.07 -17.10
C GLU K 210 64.16 1.82 -16.98
N VAL K 211 64.11 1.13 -15.85
CA VAL K 211 64.83 -0.14 -15.62
C VAL K 211 64.36 -1.23 -16.59
N ARG K 212 63.05 -1.45 -16.76
CA ARG K 212 62.49 -2.42 -17.72
C ARG K 212 62.99 -2.14 -19.14
N GLY K 213 62.95 -0.89 -19.58
CA GLY K 213 63.41 -0.48 -20.91
C GLY K 213 64.92 -0.62 -21.10
N ALA K 214 65.73 -0.31 -20.08
CA ALA K 214 67.18 -0.43 -20.16
C ALA K 214 67.68 -1.88 -20.15
N LEU K 215 67.11 -2.77 -19.33
CA LEU K 215 67.55 -4.17 -19.23
C LEU K 215 67.01 -5.08 -20.34
N PHE K 216 65.76 -4.88 -20.77
CA PHE K 216 65.05 -5.82 -21.63
C PHE K 216 64.52 -5.22 -22.94
N GLY K 217 64.87 -3.97 -23.24
CA GLY K 217 64.50 -3.27 -24.47
C GLY K 217 63.08 -2.71 -24.47
N ALA K 218 62.86 -1.67 -25.29
CA ALA K 218 61.57 -0.99 -25.41
C ALA K 218 60.53 -1.83 -26.17
N ASN K 219 59.25 -1.63 -25.87
CA ASN K 219 58.14 -2.31 -26.53
C ASN K 219 57.82 -1.69 -27.91
N ALA K 220 58.12 -2.42 -28.99
CA ALA K 220 57.91 -1.97 -30.36
C ALA K 220 56.44 -1.68 -30.73
N ASN K 221 55.48 -2.25 -29.97
CA ASN K 221 54.06 -2.02 -30.19
C ASN K 221 53.57 -0.67 -29.66
N ARG K 222 54.22 -0.09 -28.65
CA ARG K 222 53.77 1.14 -27.99
C ARG K 222 54.10 2.37 -28.83
N LYS K 223 53.13 2.84 -29.61
CA LYS K 223 53.31 3.96 -30.57
C LYS K 223 53.19 5.33 -29.92
N PHE K 224 52.51 5.44 -28.78
CA PHE K 224 52.28 6.71 -28.06
C PHE K 224 52.65 6.59 -26.58
N LEU K 225 53.11 7.68 -25.96
CA LEU K 225 53.61 7.68 -24.59
C LEU K 225 52.68 8.37 -23.57
N ASP K 226 51.59 9.02 -24.00
CA ASP K 226 50.70 9.78 -23.11
C ASP K 226 49.68 8.88 -22.40
N ARG L 4 -53.49 -11.28 -29.34
CA ARG L 4 -52.94 -11.32 -30.71
C ARG L 4 -51.98 -12.50 -30.89
N GLY L 5 -50.67 -12.31 -30.70
CA GLY L 5 -49.66 -13.35 -30.89
C GLY L 5 -49.18 -13.49 -32.34
N LYS L 6 -47.97 -14.00 -32.51
CA LYS L 6 -47.33 -14.23 -33.81
C LYS L 6 -48.01 -15.38 -34.56
N LEU L 7 -47.75 -15.47 -35.85
CA LEU L 7 -48.05 -16.67 -36.62
C LEU L 7 -46.88 -17.64 -36.57
N ILE L 8 -47.01 -18.75 -37.28
CA ILE L 8 -45.91 -19.63 -37.71
C ILE L 8 -45.89 -19.54 -39.24
N ALA L 9 -44.77 -19.56 -39.94
CA ALA L 9 -44.71 -19.51 -41.39
C ALA L 9 -44.13 -20.76 -41.99
N VAL L 10 -44.46 -21.13 -43.23
CA VAL L 10 -44.09 -22.43 -43.81
C VAL L 10 -43.44 -22.28 -45.16
N ILE L 11 -42.27 -22.87 -45.42
CA ILE L 11 -41.60 -22.77 -46.72
C ILE L 11 -41.31 -24.15 -47.23
N GLY L 12 -42.19 -24.76 -48.00
CA GLY L 12 -42.14 -26.20 -48.18
C GLY L 12 -42.56 -26.72 -49.53
N ASP L 13 -42.19 -27.95 -49.80
CA ASP L 13 -42.83 -28.76 -50.83
C ASP L 13 -44.35 -28.76 -50.64
N GLU L 14 -45.16 -28.84 -51.68
CA GLU L 14 -46.62 -28.69 -51.59
C GLU L 14 -47.32 -29.64 -50.58
N ASP L 15 -46.80 -30.84 -50.39
CA ASP L 15 -47.32 -31.76 -49.41
C ASP L 15 -47.05 -31.39 -47.96
N THR L 16 -45.97 -30.71 -47.59
CA THR L 16 -45.84 -30.10 -46.26
C THR L 16 -46.18 -28.62 -46.28
N VAL L 17 -47.05 -28.22 -47.18
CA VAL L 17 -47.89 -27.01 -47.07
C VAL L 17 -49.36 -27.41 -47.11
N THR L 18 -49.69 -28.69 -47.29
CA THR L 18 -51.01 -29.20 -46.96
C THR L 18 -50.97 -29.72 -45.54
N GLY L 19 -49.98 -30.52 -45.19
CA GLY L 19 -49.51 -30.56 -43.81
C GLY L 19 -49.13 -29.16 -43.33
N PHE L 20 -49.21 -28.89 -42.03
CA PHE L 20 -49.16 -27.53 -41.49
C PHE L 20 -50.16 -26.57 -42.09
N LEU L 21 -51.26 -27.04 -42.67
CA LEU L 21 -52.35 -26.15 -43.10
C LEU L 21 -53.69 -26.81 -42.79
N LEU L 22 -53.80 -28.10 -43.02
CA LEU L 22 -54.73 -28.96 -42.29
C LEU L 22 -54.37 -29.05 -40.79
N GLY L 23 -53.24 -28.49 -40.36
CA GLY L 23 -52.87 -28.31 -38.94
C GLY L 23 -53.26 -26.95 -38.34
N GLY L 24 -53.87 -26.06 -39.11
CA GLY L 24 -54.46 -24.80 -38.64
C GLY L 24 -53.52 -23.59 -38.55
N ILE L 25 -52.22 -23.78 -38.74
CA ILE L 25 -51.23 -22.71 -38.93
C ILE L 25 -51.66 -21.73 -40.01
N GLY L 26 -51.21 -20.49 -39.87
CA GLY L 26 -51.02 -19.60 -41.00
C GLY L 26 -52.27 -18.99 -41.65
N GLU L 27 -52.19 -17.69 -41.92
CA GLU L 27 -53.26 -16.86 -42.44
C GLU L 27 -52.90 -16.27 -43.80
N LEU L 28 -53.60 -15.23 -44.21
CA LEU L 28 -53.08 -14.21 -45.09
C LEU L 28 -53.56 -12.87 -44.52
N ASN L 29 -52.69 -11.88 -44.48
CA ASN L 29 -52.92 -10.67 -43.69
C ASN L 29 -53.86 -9.67 -44.39
N LYS L 30 -54.11 -8.52 -43.76
CA LYS L 30 -54.94 -7.43 -44.30
C LYS L 30 -54.44 -6.86 -45.63
N ASN L 31 -53.13 -6.90 -45.86
CA ASN L 31 -52.47 -6.55 -47.12
C ASN L 31 -52.56 -7.67 -48.17
N ARG L 32 -53.17 -8.82 -47.81
CA ARG L 32 -53.27 -10.07 -48.56
C ARG L 32 -51.92 -10.69 -48.91
N HIS L 33 -50.89 -10.42 -48.10
CA HIS L 33 -49.64 -11.17 -48.11
C HIS L 33 -49.88 -12.56 -47.49
N PRO L 34 -49.42 -13.65 -48.09
CA PRO L 34 -49.66 -14.98 -47.58
C PRO L 34 -48.73 -15.30 -46.43
N ASN L 35 -48.71 -16.55 -46.00
CA ASN L 35 -47.93 -17.04 -44.88
C ASN L 35 -47.11 -18.28 -45.20
N PHE L 36 -47.12 -18.72 -46.45
CA PHE L 36 -46.46 -19.93 -46.93
C PHE L 36 -45.80 -19.75 -48.29
N LEU L 37 -44.87 -20.61 -48.61
CA LEU L 37 -44.35 -20.70 -49.95
C LEU L 37 -44.34 -22.16 -50.38
N VAL L 38 -44.57 -22.40 -51.66
CA VAL L 38 -44.68 -23.71 -52.25
C VAL L 38 -43.59 -23.87 -53.27
N VAL L 39 -42.52 -24.58 -52.98
CA VAL L 39 -41.40 -24.83 -53.92
C VAL L 39 -41.75 -25.89 -54.97
N GLU L 40 -42.62 -25.54 -55.91
CA GLU L 40 -42.92 -26.37 -57.07
C GLU L 40 -41.65 -26.62 -57.91
N LYS L 41 -41.53 -27.75 -58.61
CA LYS L 41 -40.23 -28.22 -59.13
C LYS L 41 -39.44 -27.23 -60.01
N ASP L 42 -40.12 -26.31 -60.70
CA ASP L 42 -39.51 -25.30 -61.57
C ASP L 42 -39.33 -23.93 -60.90
N THR L 43 -39.37 -23.87 -59.57
CA THR L 43 -39.10 -22.66 -58.77
C THR L 43 -37.70 -22.11 -59.04
N THR L 44 -37.59 -20.80 -59.28
CA THR L 44 -36.31 -20.09 -59.41
C THR L 44 -35.63 -19.96 -58.06
N ILE L 45 -34.34 -20.25 -57.97
CA ILE L 45 -33.61 -20.28 -56.69
C ILE L 45 -33.72 -18.97 -55.89
N ASN L 46 -33.83 -17.83 -56.56
CA ASN L 46 -34.06 -16.55 -55.90
C ASN L 46 -35.34 -16.55 -55.06
N GLU L 47 -36.42 -17.18 -55.51
CA GLU L 47 -37.72 -17.10 -54.85
C GLU L 47 -37.66 -17.59 -53.40
N ILE L 48 -36.99 -18.71 -53.17
CA ILE L 48 -36.82 -19.31 -51.85
C ILE L 48 -35.87 -18.52 -50.97
N GLU L 49 -35.30 -17.41 -51.45
CA GLU L 49 -34.67 -16.38 -50.62
C GLU L 49 -35.54 -15.14 -50.55
N ASP L 50 -36.14 -14.73 -51.66
CA ASP L 50 -36.87 -13.50 -51.79
C ASP L 50 -38.02 -13.41 -50.80
N THR L 51 -38.78 -14.49 -50.62
CA THR L 51 -39.77 -14.58 -49.55
C THR L 51 -39.15 -14.91 -48.22
N PHE L 52 -38.09 -15.70 -48.16
CA PHE L 52 -37.47 -16.02 -46.88
C PHE L 52 -36.94 -14.77 -46.20
N ARG L 53 -36.37 -13.82 -46.93
CA ARG L 53 -36.00 -12.49 -46.39
C ARG L 53 -37.21 -11.67 -45.98
N GLN L 54 -38.34 -11.78 -46.67
CA GLN L 54 -39.57 -11.06 -46.28
C GLN L 54 -40.07 -11.58 -44.95
N PHE L 55 -40.21 -12.90 -44.77
CA PHE L 55 -40.51 -13.44 -43.46
C PHE L 55 -39.47 -12.99 -42.43
N LEU L 56 -38.18 -13.11 -42.72
CA LEU L 56 -37.11 -12.91 -41.75
C LEU L 56 -37.14 -11.53 -41.10
N ASN L 57 -37.69 -10.52 -41.77
CA ASN L 57 -37.79 -9.15 -41.27
C ASN L 57 -39.23 -8.59 -41.28
N ARG L 58 -40.24 -9.46 -41.24
CA ARG L 58 -41.60 -9.08 -40.82
C ARG L 58 -41.69 -9.13 -39.30
N ASP L 59 -42.66 -8.44 -38.70
CA ASP L 59 -42.92 -8.52 -37.25
C ASP L 59 -43.90 -9.62 -36.84
N ASP L 60 -44.77 -10.09 -37.74
CA ASP L 60 -45.85 -11.04 -37.42
C ASP L 60 -45.48 -12.52 -37.47
N ILE L 61 -44.28 -12.88 -37.95
CA ILE L 61 -43.86 -14.27 -38.06
C ILE L 61 -42.98 -14.62 -36.86
N GLY L 62 -43.37 -15.63 -36.10
CA GLY L 62 -42.65 -16.08 -34.92
C GLY L 62 -41.73 -17.26 -35.20
N ILE L 63 -42.18 -18.23 -35.97
CA ILE L 63 -41.39 -19.40 -36.37
C ILE L 63 -41.39 -19.47 -37.88
N ILE L 64 -40.35 -20.02 -38.51
CA ILE L 64 -40.33 -20.33 -39.93
C ILE L 64 -40.00 -21.80 -40.04
N LEU L 65 -40.82 -22.62 -40.67
CA LEU L 65 -40.61 -24.04 -40.82
C LEU L 65 -40.15 -24.30 -42.25
N ILE L 66 -38.95 -24.81 -42.50
CA ILE L 66 -38.41 -24.98 -43.86
C ILE L 66 -38.04 -26.41 -44.10
N ASN L 67 -38.47 -27.08 -45.15
CA ASN L 67 -37.97 -28.42 -45.40
C ASN L 67 -36.47 -28.35 -45.63
N GLN L 68 -35.63 -29.20 -45.05
CA GLN L 68 -34.20 -28.94 -45.06
C GLN L 68 -33.58 -28.79 -46.44
N TYR L 69 -34.01 -29.52 -47.43
CA TYR L 69 -33.40 -29.45 -48.78
C TYR L 69 -33.55 -28.09 -49.44
N ILE L 70 -34.49 -27.27 -48.99
CA ILE L 70 -34.69 -25.91 -49.51
C ILE L 70 -34.37 -24.84 -48.48
N ALA L 71 -33.82 -25.23 -47.34
CA ALA L 71 -32.92 -24.40 -46.58
C ALA L 71 -31.57 -24.48 -47.27
N GLU L 72 -31.18 -25.67 -47.73
CA GLU L 72 -29.89 -25.90 -48.37
C GLU L 72 -29.69 -25.07 -49.66
N MET L 73 -30.74 -24.90 -50.48
CA MET L 73 -30.72 -23.96 -51.62
C MET L 73 -30.45 -22.51 -51.23
N VAL L 74 -30.64 -22.12 -49.97
CA VAL L 74 -30.36 -20.78 -49.46
C VAL L 74 -29.48 -20.81 -48.21
N ARG L 75 -28.61 -21.82 -48.07
CA ARG L 75 -27.73 -21.99 -46.90
C ARG L 75 -26.92 -20.73 -46.59
N HIS L 76 -26.56 -20.00 -47.64
CA HIS L 76 -26.04 -18.62 -47.61
C HIS L 76 -26.87 -17.65 -46.76
N ALA L 77 -28.12 -17.39 -47.14
CA ALA L 77 -29.00 -16.42 -46.47
C ALA L 77 -29.49 -16.90 -45.10
N LEU L 78 -29.55 -18.21 -44.91
CA LEU L 78 -30.12 -18.85 -43.74
C LEU L 78 -29.15 -18.97 -42.56
N ASP L 79 -27.89 -19.37 -42.80
CA ASP L 79 -26.86 -19.33 -41.76
C ASP L 79 -26.48 -17.89 -41.36
N ALA L 80 -26.73 -16.90 -42.23
CA ALA L 80 -26.48 -15.49 -41.93
C ALA L 80 -27.44 -14.88 -40.89
N HIS L 81 -28.52 -15.58 -40.51
CA HIS L 81 -29.44 -15.11 -39.47
C HIS L 81 -28.90 -15.35 -38.06
N GLN L 82 -28.26 -14.36 -37.45
CA GLN L 82 -27.65 -14.50 -36.12
C GLN L 82 -28.59 -14.24 -34.94
N ARG L 83 -29.72 -13.56 -35.16
CA ARG L 83 -30.69 -13.20 -34.12
C ARG L 83 -31.46 -14.41 -33.62
N SER L 84 -32.23 -14.24 -32.56
CA SER L 84 -33.15 -15.24 -32.01
C SER L 84 -34.63 -14.92 -32.23
N ILE L 85 -34.97 -13.92 -33.06
CA ILE L 85 -36.33 -13.36 -33.16
C ILE L 85 -37.30 -14.31 -33.89
N PRO L 86 -37.19 -14.60 -35.20
CA PRO L 86 -37.93 -15.68 -35.84
C PRO L 86 -37.12 -16.97 -35.82
N ALA L 87 -37.59 -18.05 -35.21
CA ALA L 87 -36.80 -19.27 -35.13
C ALA L 87 -36.98 -20.14 -36.37
N VAL L 88 -35.93 -20.46 -37.11
CA VAL L 88 -36.01 -21.23 -38.35
C VAL L 88 -35.82 -22.72 -38.08
N LEU L 89 -36.85 -23.54 -38.16
CA LEU L 89 -36.74 -24.99 -37.94
C LEU L 89 -36.53 -25.72 -39.25
N GLU L 90 -35.40 -26.39 -39.42
CA GLU L 90 -35.12 -27.14 -40.64
C GLU L 90 -35.77 -28.52 -40.62
N ILE L 91 -37.08 -28.61 -40.80
CA ILE L 91 -37.83 -29.87 -40.73
C ILE L 91 -37.40 -30.90 -41.81
N PRO L 92 -37.69 -32.20 -41.67
CA PRO L 92 -37.50 -33.18 -42.73
C PRO L 92 -38.49 -33.01 -43.87
N SER L 93 -38.34 -33.82 -44.91
CA SER L 93 -39.19 -33.87 -46.10
C SER L 93 -39.77 -35.27 -46.31
N LYS L 94 -40.40 -35.53 -47.46
CA LYS L 94 -40.89 -36.85 -47.87
C LYS L 94 -39.74 -37.79 -48.27
N GLU L 95 -39.53 -38.02 -49.56
CA GLU L 95 -38.57 -39.01 -50.07
C GLU L 95 -37.12 -38.54 -49.97
N HIS L 96 -36.87 -37.22 -49.95
CA HIS L 96 -35.56 -36.68 -49.61
C HIS L 96 -35.23 -37.06 -48.14
N PRO L 97 -33.99 -37.49 -47.82
CA PRO L 97 -33.63 -37.98 -46.50
C PRO L 97 -33.92 -37.00 -45.34
N TYR L 98 -34.10 -37.55 -44.14
CA TYR L 98 -34.53 -36.79 -42.97
C TYR L 98 -33.44 -35.87 -42.38
N ASP L 99 -33.82 -35.08 -41.38
CA ASP L 99 -32.95 -34.13 -40.68
C ASP L 99 -31.72 -34.83 -40.05
N ALA L 100 -30.52 -34.41 -40.42
CA ALA L 100 -29.25 -35.05 -40.09
C ALA L 100 -28.27 -34.09 -39.37
N ALA L 101 -26.99 -34.10 -39.74
CA ALA L 101 -26.09 -32.97 -39.57
C ALA L 101 -26.50 -31.81 -40.51
N LYS L 102 -25.64 -30.81 -40.71
CA LYS L 102 -25.84 -29.67 -41.64
C LYS L 102 -26.91 -28.65 -41.23
N ASP L 103 -27.50 -28.79 -40.06
CA ASP L 103 -28.46 -27.85 -39.48
C ASP L 103 -27.77 -26.55 -39.02
N SER L 104 -28.32 -25.40 -39.42
CA SER L 104 -27.78 -24.07 -39.16
C SER L 104 -27.69 -23.62 -37.70
N ILE L 105 -28.44 -24.21 -36.77
CA ILE L 105 -28.46 -23.79 -35.37
C ILE L 105 -27.65 -24.72 -34.50
N LEU L 106 -27.74 -26.04 -34.70
CA LEU L 106 -26.97 -26.99 -33.89
C LEU L 106 -25.46 -26.74 -33.95
N ARG L 107 -24.97 -26.17 -35.06
CA ARG L 107 -23.54 -25.90 -35.29
C ARG L 107 -22.86 -25.01 -34.24
N ARG L 108 -23.60 -24.27 -33.41
CA ARG L 108 -23.04 -23.51 -32.27
C ARG L 108 -22.29 -24.38 -31.27
N ALA L 109 -22.70 -25.63 -31.09
CA ALA L 109 -22.13 -26.58 -30.13
C ALA L 109 -20.99 -27.44 -30.73
N LYS L 110 -20.16 -26.87 -31.62
CA LYS L 110 -19.26 -27.62 -32.52
C LYS L 110 -18.36 -28.67 -31.85
N GLY L 111 -17.85 -28.40 -30.66
CA GLY L 111 -16.99 -29.29 -29.87
C GLY L 111 -17.72 -30.11 -28.82
N MET L 112 -19.06 -30.14 -28.82
CA MET L 112 -19.88 -30.51 -27.67
C MET L 112 -21.04 -31.47 -28.01
N PHE L 113 -21.70 -31.32 -29.16
CA PHE L 113 -22.83 -32.19 -29.53
C PHE L 113 -22.39 -33.61 -29.91
N PHE M 55 -14.99 51.84 -44.96
CA PHE M 55 -13.99 51.92 -43.87
C PHE M 55 -13.39 53.32 -43.64
N LYS M 56 -12.80 53.99 -44.64
CA LYS M 56 -12.01 55.23 -44.46
C LYS M 56 -12.70 56.34 -43.65
N ALA M 57 -14.01 56.53 -43.83
CA ALA M 57 -14.78 57.52 -43.08
C ALA M 57 -14.76 57.27 -41.55
N LYS M 58 -14.84 56.00 -41.13
CA LYS M 58 -14.76 55.59 -39.71
C LYS M 58 -13.36 55.79 -39.14
N GLU M 59 -12.31 55.51 -39.92
CA GLU M 59 -10.93 55.81 -39.53
C GLU M 59 -10.71 57.33 -39.36
N ALA M 60 -11.18 58.15 -40.31
CA ALA M 60 -11.11 59.61 -40.22
C ALA M 60 -11.93 60.17 -39.04
N ALA M 61 -13.10 59.61 -38.75
CA ALA M 61 -13.90 60.00 -37.58
C ALA M 61 -13.19 59.65 -36.25
N ALA M 62 -12.55 58.48 -36.16
CA ALA M 62 -11.74 58.11 -35.00
C ALA M 62 -10.55 59.08 -34.82
N LEU M 63 -9.83 59.41 -35.89
CA LEU M 63 -8.71 60.35 -35.85
C LEU M 63 -9.13 61.78 -35.50
N GLY M 64 -10.26 62.26 -36.02
CA GLY M 64 -10.81 63.57 -35.70
C GLY M 64 -11.28 63.68 -34.24
N SER M 65 -11.93 62.64 -33.72
CA SER M 65 -12.31 62.53 -32.30
C SER M 65 -11.07 62.51 -31.39
N HIS M 66 -10.08 61.67 -31.72
CA HIS M 66 -8.82 61.57 -30.99
C HIS M 66 -8.04 62.90 -30.96
N GLY M 67 -7.87 63.55 -32.13
CA GLY M 67 -7.21 64.85 -32.23
C GLY M 67 -7.93 65.96 -31.46
N SER M 68 -9.26 65.90 -31.40
CA SER M 68 -10.07 66.80 -30.56
C SER M 68 -9.86 66.54 -29.07
N CYS M 69 -9.93 65.28 -28.64
CA CYS M 69 -9.76 64.89 -27.23
C CYS M 69 -8.35 65.22 -26.72
N SER M 70 -7.32 65.03 -27.53
CA SER M 70 -5.93 65.33 -27.16
C SER M 70 -5.72 66.78 -26.73
N SER M 71 -6.36 67.72 -27.42
CA SER M 71 -6.33 69.15 -27.08
C SER M 71 -7.00 69.45 -25.73
N GLU M 72 -8.18 68.88 -25.50
CA GLU M 72 -8.90 69.05 -24.23
C GLU M 72 -8.15 68.43 -23.05
N VAL M 73 -7.55 67.25 -23.24
CA VAL M 73 -6.70 66.59 -22.22
C VAL M 73 -5.51 67.47 -21.85
N GLU M 74 -4.84 68.09 -22.83
CA GLU M 74 -3.75 69.03 -22.55
C GLU M 74 -4.25 70.30 -21.84
N LYS M 75 -5.38 70.88 -22.26
CA LYS M 75 -5.97 72.05 -21.59
C LYS M 75 -6.28 71.77 -20.13
N GLU M 76 -6.93 70.65 -19.83
CA GLU M 76 -7.19 70.23 -18.46
C GLU M 76 -5.89 69.97 -17.67
N THR M 77 -4.87 69.43 -18.32
CA THR M 77 -3.55 69.26 -17.70
C THR M 77 -2.93 70.60 -17.34
N GLN M 78 -3.00 71.60 -18.22
CA GLN M 78 -2.46 72.93 -17.94
C GLN M 78 -3.23 73.66 -16.85
N GLU M 79 -4.55 73.47 -16.76
CA GLU M 79 -5.33 73.98 -15.64
C GLU M 79 -4.87 73.36 -14.32
N LYS M 80 -4.77 72.03 -14.25
CA LYS M 80 -4.31 71.32 -13.04
C LYS M 80 -2.91 71.74 -12.62
N MET M 81 -1.96 71.79 -13.55
CA MET M 81 -0.59 72.25 -13.26
C MET M 81 -0.55 73.70 -12.78
N THR M 82 -1.42 74.56 -13.30
CA THR M 82 -1.53 75.94 -12.81
C THR M 82 -2.03 75.97 -11.37
N ILE M 83 -3.04 75.17 -11.03
CA ILE M 83 -3.59 75.10 -9.67
C ILE M 83 -2.54 74.61 -8.67
N LEU M 84 -1.73 73.60 -9.02
CA LEU M 84 -0.61 73.17 -8.19
C LEU M 84 0.41 74.30 -7.97
N GLN M 85 0.82 75.01 -9.02
CA GLN M 85 1.78 76.10 -8.92
C GLN M 85 1.28 77.26 -8.05
N ASN M 86 -0.03 77.55 -8.07
CA ASN M 86 -0.64 78.53 -7.18
C ASN M 86 -0.60 78.07 -5.72
N TYR M 87 -1.12 76.87 -5.41
CA TYR M 87 -1.15 76.40 -4.02
C TYR M 87 0.24 76.18 -3.44
N PHE M 88 1.22 75.78 -4.25
CA PHE M 88 2.61 75.67 -3.84
C PHE M 88 3.15 77.03 -3.39
N GLU M 89 3.12 78.04 -4.27
CA GLU M 89 3.70 79.36 -3.96
C GLU M 89 2.98 80.08 -2.80
N GLN M 90 1.69 79.78 -2.58
CA GLN M 90 0.94 80.28 -1.42
C GLN M 90 1.35 79.65 -0.08
N ASN M 91 2.02 78.49 -0.07
CA ASN M 91 2.32 77.70 1.13
C ASN M 91 3.81 77.39 1.36
N ARG M 92 4.67 77.56 0.35
CA ARG M 92 6.11 77.26 0.37
C ARG M 92 6.84 77.81 1.60
N ASP M 93 6.57 79.05 1.98
CA ASP M 93 7.24 79.73 3.09
C ASP M 93 6.93 79.11 4.45
N GLU M 94 5.64 78.83 4.73
CA GLU M 94 5.21 78.21 5.98
C GLU M 94 5.78 76.80 6.14
N VAL M 95 5.91 76.06 5.03
CA VAL M 95 6.46 74.71 5.03
C VAL M 95 7.96 74.72 5.31
N LEU M 96 8.74 75.55 4.61
CA LEU M 96 10.18 75.69 4.86
C LEU M 96 10.49 76.13 6.29
N ASP M 97 9.70 77.06 6.83
CA ASP M 97 9.87 77.52 8.21
C ASP M 97 9.61 76.41 9.24
N ASN M 98 8.80 75.40 8.92
CA ASN M 98 8.66 74.19 9.74
C ASN M 98 9.84 73.22 9.52
N LEU M 99 10.25 72.93 8.29
CA LEU M 99 11.36 72.00 8.03
C LEU M 99 12.60 72.43 8.79
N LEU M 100 13.07 73.67 8.63
CA LEU M 100 14.28 74.11 9.31
C LEU M 100 14.10 74.22 10.83
N ALA M 101 12.89 74.43 11.35
CA ALA M 101 12.66 74.35 12.78
C ALA M 101 12.87 72.93 13.33
N PHE M 102 12.49 71.88 12.58
CA PHE M 102 12.84 70.50 12.91
C PHE M 102 14.33 70.24 12.74
N VAL M 103 14.93 70.63 11.60
CA VAL M 103 16.34 70.32 11.33
C VAL M 103 17.28 70.96 12.36
N CYS M 104 17.07 72.21 12.75
CA CYS M 104 17.98 72.96 13.63
C CYS M 104 17.78 72.70 15.13
N ASP M 105 16.78 71.93 15.55
CA ASP M 105 16.47 71.64 16.95
C ASP M 105 16.85 70.19 17.31
N ILE M 106 18.12 69.98 17.69
CA ILE M 106 18.77 68.64 17.71
C ILE M 106 18.26 67.74 18.85
N ARG M 107 18.40 68.16 20.12
CA ARG M 107 18.02 67.40 21.35
C ARG M 107 18.61 65.97 21.43
N PRO M 108 19.89 65.80 21.80
CA PRO M 108 20.55 64.48 21.91
C PRO M 108 19.88 63.52 22.90
N GLU M 109 19.87 62.22 22.60
CA GLU M 109 19.34 61.16 23.46
C GLU M 109 20.16 59.86 23.34
N ILE M 110 20.31 59.14 24.45
CA ILE M 110 20.85 57.76 24.51
C ILE M 110 19.68 56.77 24.27
N HIS M 111 19.95 55.60 23.70
CA HIS M 111 18.96 54.51 23.56
C HIS M 111 18.40 54.07 24.91
N GLU M 112 17.08 53.91 25.04
CA GLU M 112 16.45 53.61 26.33
C GLU M 112 16.82 52.24 26.92
N ASN M 113 17.34 51.30 26.12
CA ASN M 113 17.82 50.01 26.59
C ASN M 113 19.21 50.07 27.23
N TYR M 114 19.90 51.21 27.16
CA TYR M 114 21.20 51.41 27.80
C TYR M 114 21.09 51.38 29.34
N ARG M 115 21.95 50.57 29.97
CA ARG M 115 22.09 50.43 31.43
C ARG M 115 23.52 50.78 31.83
N ILE M 116 23.69 51.67 32.82
CA ILE M 116 25.00 52.12 33.30
C ILE M 116 25.80 50.97 33.91
N GLN N 4 -93.07 -5.57 -14.31
CA GLN N 4 -91.66 -6.06 -14.20
C GLN N 4 -90.77 -5.18 -13.32
N SER N 5 -90.70 -3.85 -13.54
CA SER N 5 -89.70 -2.96 -12.90
C SER N 5 -89.72 -2.97 -11.36
N GLN N 6 -90.89 -3.07 -10.72
CA GLN N 6 -91.00 -3.22 -9.26
C GLN N 6 -90.33 -4.51 -8.76
N GLY N 7 -90.44 -5.61 -9.52
CA GLY N 7 -89.69 -6.84 -9.26
C GLY N 7 -88.18 -6.62 -9.34
N ILE N 8 -87.70 -5.89 -10.35
CA ILE N 8 -86.28 -5.53 -10.47
C ILE N 8 -85.82 -4.66 -9.29
N GLN N 9 -86.65 -3.71 -8.82
CA GLN N 9 -86.37 -2.97 -7.59
C GLN N 9 -86.28 -3.91 -6.37
N GLN N 10 -87.15 -4.92 -6.29
CA GLN N 10 -87.06 -5.94 -5.23
C GLN N 10 -85.80 -6.81 -5.36
N LEU N 11 -85.32 -7.09 -6.57
CA LEU N 11 -84.00 -7.71 -6.76
C LEU N 11 -82.87 -6.79 -6.29
N LEU N 12 -82.89 -5.50 -6.65
CA LEU N 12 -81.90 -4.53 -6.19
C LEU N 12 -81.93 -4.37 -4.66
N GLN N 13 -83.11 -4.43 -4.04
CA GLN N 13 -83.27 -4.46 -2.58
C GLN N 13 -82.72 -5.76 -1.98
N ALA N 14 -82.94 -6.92 -2.60
CA ALA N 14 -82.32 -8.17 -2.18
C ALA N 14 -80.79 -8.11 -2.31
N GLU N 15 -80.25 -7.49 -3.36
CA GLU N 15 -78.80 -7.27 -3.48
C GLU N 15 -78.27 -6.30 -2.41
N LYS N 16 -79.04 -5.27 -2.04
CA LYS N 16 -78.72 -4.41 -0.90
C LYS N 16 -78.70 -5.21 0.41
N ARG N 17 -79.72 -6.05 0.67
CA ARG N 17 -79.73 -6.96 1.83
C ARG N 17 -78.56 -7.95 1.81
N ALA N 18 -78.18 -8.46 0.63
CA ALA N 18 -77.00 -9.30 0.48
C ALA N 18 -75.71 -8.55 0.86
N ALA N 19 -75.51 -7.36 0.30
CA ALA N 19 -74.38 -6.51 0.63
C ALA N 19 -74.34 -6.16 2.13
N GLU N 20 -75.50 -5.91 2.75
CA GLU N 20 -75.62 -5.71 4.19
C GLU N 20 -75.21 -6.96 4.96
N LYS N 21 -75.78 -8.13 4.66
CA LYS N 21 -75.46 -9.40 5.32
C LYS N 21 -73.95 -9.70 5.28
N VAL N 22 -73.34 -9.54 4.10
CA VAL N 22 -71.91 -9.73 3.90
C VAL N 22 -71.09 -8.68 4.66
N SER N 23 -71.50 -7.41 4.66
CA SER N 23 -70.79 -6.36 5.41
C SER N 23 -70.86 -6.59 6.92
N GLU N 24 -72.01 -7.03 7.45
CA GLU N 24 -72.12 -7.40 8.86
C GLU N 24 -71.22 -8.58 9.20
N ALA N 25 -71.18 -9.61 8.37
CA ALA N 25 -70.26 -10.74 8.56
C ALA N 25 -68.79 -10.29 8.52
N ARG N 26 -68.40 -9.43 7.57
CA ARG N 26 -67.03 -8.89 7.48
C ARG N 26 -66.68 -8.02 8.69
N LYS N 27 -67.63 -7.24 9.23
CA LYS N 27 -67.42 -6.50 10.48
C LYS N 27 -67.27 -7.43 11.68
N ARG N 28 -68.08 -8.49 11.77
CA ARG N 28 -67.86 -9.56 12.78
C ARG N 28 -66.47 -10.17 12.64
N LYS N 29 -66.02 -10.49 11.43
CA LYS N 29 -64.67 -11.03 11.17
C LYS N 29 -63.56 -10.11 11.66
N ASN N 30 -63.61 -8.81 11.34
CA ASN N 30 -62.64 -7.83 11.87
C ASN N 30 -62.61 -7.79 13.40
N ARG N 31 -63.78 -7.76 14.07
CA ARG N 31 -63.83 -7.77 15.54
C ARG N 31 -63.32 -9.08 16.14
N ARG N 32 -63.76 -10.22 15.61
CA ARG N 32 -63.37 -11.56 16.08
C ARG N 32 -61.87 -11.77 15.97
N LEU N 33 -61.23 -11.31 14.90
CA LEU N 33 -59.78 -11.41 14.77
C LEU N 33 -59.04 -10.58 15.84
N LYS N 34 -59.50 -9.36 16.15
CA LYS N 34 -58.89 -8.55 17.23
C LYS N 34 -58.98 -9.20 18.60
N GLN N 35 -60.01 -10.00 18.87
CA GLN N 35 -60.12 -10.75 20.13
C GLN N 35 -59.00 -11.78 20.32
N ALA N 36 -58.39 -12.29 19.24
CA ALA N 36 -57.28 -13.24 19.35
C ALA N 36 -56.09 -12.67 20.13
N LYS N 37 -55.72 -11.41 19.88
CA LYS N 37 -54.63 -10.72 20.58
C LYS N 37 -54.93 -10.52 22.07
N GLU N 38 -56.16 -10.12 22.39
CA GLU N 38 -56.59 -9.88 23.77
C GLU N 38 -56.59 -11.16 24.61
N GLU N 39 -57.07 -12.27 24.09
CA GLU N 39 -57.04 -13.55 24.80
C GLU N 39 -55.63 -14.18 24.86
N ALA N 40 -54.85 -14.08 23.78
CA ALA N 40 -53.49 -14.62 23.76
C ALA N 40 -52.62 -13.99 24.87
N GLN N 41 -52.66 -12.67 25.02
CA GLN N 41 -51.89 -11.98 26.06
C GLN N 41 -52.30 -12.38 27.48
N ALA N 42 -53.55 -12.73 27.75
CA ALA N 42 -53.96 -13.26 29.05
C ALA N 42 -53.28 -14.62 29.36
N GLU N 43 -53.23 -15.52 28.38
CA GLU N 43 -52.59 -16.83 28.54
C GLU N 43 -51.06 -16.74 28.58
N ILE N 44 -50.46 -15.83 27.80
CA ILE N 44 -49.02 -15.54 27.85
C ILE N 44 -48.62 -15.09 29.25
N GLU N 45 -49.30 -14.07 29.80
CA GLU N 45 -49.03 -13.59 31.15
C GLU N 45 -49.27 -14.67 32.20
N GLN N 46 -50.33 -15.46 32.09
CA GLN N 46 -50.56 -16.58 33.01
C GLN N 46 -49.38 -17.58 33.03
N TYR N 47 -48.81 -17.92 31.87
CA TYR N 47 -47.64 -18.78 31.83
C TYR N 47 -46.40 -18.09 32.43
N ARG N 48 -46.18 -16.82 32.08
CA ARG N 48 -45.07 -16.04 32.65
C ARG N 48 -45.14 -16.03 34.18
N LEU N 49 -46.31 -15.77 34.75
CA LEU N 49 -46.51 -15.79 36.20
C LEU N 49 -46.22 -17.17 36.81
N GLN N 50 -46.59 -18.26 36.14
CA GLN N 50 -46.24 -19.59 36.60
C GLN N 50 -44.72 -19.82 36.62
N ARG N 51 -44.02 -19.45 35.54
CA ARG N 51 -42.56 -19.62 35.44
C ARG N 51 -41.83 -18.70 36.40
N GLU N 52 -42.34 -17.50 36.62
CA GLU N 52 -41.84 -16.57 37.64
C GLU N 52 -41.94 -17.19 39.04
N LYS N 53 -43.10 -17.75 39.42
CA LYS N 53 -43.25 -18.40 40.72
C LYS N 53 -42.34 -19.61 40.88
N GLU N 54 -42.19 -20.42 39.83
CA GLU N 54 -41.26 -21.56 39.84
C GLU N 54 -39.80 -21.10 40.02
N PHE N 55 -39.38 -20.04 39.32
CA PHE N 55 -38.05 -19.48 39.47
C PHE N 55 -37.83 -18.87 40.86
N LYS N 56 -38.81 -18.13 41.39
CA LYS N 56 -38.77 -17.58 42.76
C LYS N 56 -38.62 -18.70 43.79
N ALA N 57 -39.33 -19.81 43.64
CA ALA N 57 -39.19 -20.97 44.51
C ALA N 57 -37.78 -21.60 44.42
N LYS N 58 -37.25 -21.78 43.19
CA LYS N 58 -35.89 -22.31 42.98
C LYS N 58 -34.81 -21.39 43.56
N GLU N 59 -34.94 -20.08 43.35
CA GLU N 59 -34.04 -19.08 43.90
C GLU N 59 -34.08 -19.08 45.44
N ALA N 60 -35.26 -19.03 46.05
CA ALA N 60 -35.41 -19.09 47.51
C ALA N 60 -34.87 -20.39 48.11
N ALA N 61 -35.12 -21.54 47.48
CA ALA N 61 -34.60 -22.83 47.92
C ALA N 61 -33.07 -22.92 47.85
N ALA N 62 -32.44 -22.29 46.86
CA ALA N 62 -30.99 -22.25 46.71
C ALA N 62 -30.31 -21.23 47.64
N LEU N 63 -30.89 -20.04 47.83
CA LEU N 63 -30.29 -18.96 48.63
C LEU N 63 -30.52 -19.11 50.14
N GLY N 64 -31.68 -19.60 50.57
CA GLY N 64 -32.17 -19.41 51.95
C GLY N 64 -31.29 -20.01 53.04
N SER N 65 -30.87 -21.28 52.89
CA SER N 65 -30.01 -21.97 53.88
C SER N 65 -28.62 -21.31 53.98
N HIS N 66 -27.96 -21.10 52.83
CA HIS N 66 -26.65 -20.45 52.76
C HIS N 66 -26.68 -18.97 53.19
N GLY N 67 -27.83 -18.30 53.12
CA GLY N 67 -28.05 -16.97 53.72
C GLY N 67 -27.77 -16.92 55.22
N SER N 68 -28.16 -17.96 55.96
CA SER N 68 -27.80 -18.11 57.38
C SER N 68 -26.32 -18.46 57.58
N CYS N 69 -25.80 -19.40 56.78
CA CYS N 69 -24.42 -19.90 56.88
C CYS N 69 -23.37 -18.84 56.48
N SER N 70 -23.74 -17.83 55.71
CA SER N 70 -22.88 -16.68 55.35
C SER N 70 -22.37 -15.90 56.57
N SER N 71 -23.01 -16.05 57.74
CA SER N 71 -22.51 -15.55 59.03
C SER N 71 -21.11 -16.08 59.38
N GLU N 72 -20.73 -17.26 58.87
CA GLU N 72 -19.41 -17.84 59.09
C GLU N 72 -18.27 -17.01 58.46
N VAL N 73 -18.54 -16.16 57.46
CA VAL N 73 -17.51 -15.23 56.94
C VAL N 73 -17.09 -14.22 58.01
N GLU N 74 -18.02 -13.72 58.82
CA GLU N 74 -17.68 -12.87 59.96
C GLU N 74 -16.92 -13.66 61.04
N LYS N 75 -17.36 -14.88 61.36
CA LYS N 75 -16.66 -15.75 62.32
C LYS N 75 -15.23 -16.04 61.88
N GLU N 76 -15.02 -16.37 60.61
CA GLU N 76 -13.70 -16.53 60.01
C GLU N 76 -12.89 -15.23 60.03
N THR N 77 -13.51 -14.07 59.76
CA THR N 77 -12.82 -12.78 59.87
C THR N 77 -12.26 -12.57 61.27
N GLN N 78 -13.07 -12.81 62.30
CA GLN N 78 -12.63 -12.67 63.69
C GLN N 78 -11.58 -13.72 64.09
N GLU N 79 -11.72 -14.97 63.64
CA GLU N 79 -10.69 -16.00 63.84
C GLU N 79 -9.36 -15.60 63.20
N LYS N 80 -9.38 -15.19 61.93
CA LYS N 80 -8.18 -14.75 61.19
C LYS N 80 -7.53 -13.55 61.87
N MET N 81 -8.30 -12.54 62.27
CA MET N 81 -7.76 -11.42 63.03
C MET N 81 -7.17 -11.86 64.37
N THR N 82 -7.81 -12.80 65.07
CA THR N 82 -7.26 -13.34 66.33
C THR N 82 -5.91 -14.03 66.09
N ILE N 83 -5.79 -14.76 64.99
CA ILE N 83 -4.54 -15.38 64.56
C ILE N 83 -3.47 -14.33 64.26
N LEU N 84 -3.80 -13.17 63.68
CA LEU N 84 -2.85 -12.06 63.55
C LEU N 84 -2.35 -11.57 64.91
N GLN N 85 -3.25 -11.34 65.88
CA GLN N 85 -2.86 -10.89 67.22
C GLN N 85 -1.89 -11.88 67.86
N ASN N 86 -2.20 -13.18 67.79
CA ASN N 86 -1.37 -14.23 68.37
C ASN N 86 0.01 -14.29 67.70
N TYR N 87 0.09 -14.16 66.38
CA TYR N 87 1.36 -14.15 65.66
C TYR N 87 2.22 -12.93 66.00
N PHE N 88 1.61 -11.74 65.99
CA PHE N 88 2.33 -10.50 66.20
C PHE N 88 2.90 -10.41 67.62
N GLU N 89 2.09 -10.67 68.64
CA GLU N 89 2.52 -10.52 70.04
C GLU N 89 3.60 -11.53 70.45
N GLN N 90 3.69 -12.70 69.81
CA GLN N 90 4.77 -13.65 70.05
C GLN N 90 6.10 -13.25 69.41
N ASN N 91 6.09 -12.46 68.32
CA ASN N 91 7.27 -12.24 67.47
C ASN N 91 7.82 -10.81 67.49
N ARG N 92 7.02 -9.79 67.83
CA ARG N 92 7.41 -8.38 67.67
C ARG N 92 8.69 -7.97 68.40
N ASP N 93 9.05 -8.62 69.50
CA ASP N 93 10.28 -8.30 70.23
C ASP N 93 11.55 -8.75 69.47
N GLU N 94 11.56 -9.91 68.84
CA GLU N 94 12.68 -10.30 67.96
C GLU N 94 12.77 -9.34 66.78
N VAL N 95 11.64 -8.96 66.20
CA VAL N 95 11.59 -8.07 65.04
C VAL N 95 12.10 -6.68 65.40
N LEU N 96 11.66 -6.11 66.53
CA LEU N 96 12.19 -4.84 67.04
C LEU N 96 13.67 -4.93 67.40
N ASP N 97 14.12 -6.01 68.04
CA ASP N 97 15.54 -6.20 68.36
C ASP N 97 16.41 -6.28 67.11
N ASN N 98 15.97 -6.97 66.06
CA ASN N 98 16.66 -7.00 64.77
C ASN N 98 16.64 -5.63 64.09
N LEU N 99 15.46 -4.99 63.96
CA LEU N 99 15.31 -3.71 63.29
C LEU N 99 16.18 -2.63 63.95
N LEU N 100 16.12 -2.51 65.28
CA LEU N 100 16.89 -1.51 66.01
C LEU N 100 18.39 -1.79 65.95
N ALA N 101 18.82 -3.06 65.93
CA ALA N 101 20.23 -3.41 65.71
C ALA N 101 20.72 -2.97 64.33
N PHE N 102 19.96 -3.19 63.26
CA PHE N 102 20.34 -2.71 61.93
C PHE N 102 20.41 -1.19 61.86
N VAL N 103 19.52 -0.47 62.54
CA VAL N 103 19.58 1.00 62.61
C VAL N 103 20.83 1.51 63.34
N CYS N 104 21.23 0.90 64.46
CA CYS N 104 22.37 1.36 65.24
C CYS N 104 23.75 0.91 64.72
N ASP N 105 23.85 -0.18 63.97
CA ASP N 105 25.08 -0.67 63.35
C ASP N 105 25.38 0.07 62.02
N ILE N 106 26.02 1.24 62.09
CA ILE N 106 26.07 2.21 60.98
C ILE N 106 27.02 1.81 59.84
N ARG N 107 28.31 1.58 60.12
CA ARG N 107 29.38 1.24 59.15
C ARG N 107 29.55 2.23 57.98
N PRO N 108 30.24 3.37 58.15
CA PRO N 108 30.56 4.29 57.05
C PRO N 108 31.41 3.65 55.94
N GLU N 109 31.12 3.94 54.67
CA GLU N 109 31.94 3.52 53.51
C GLU N 109 31.81 4.50 52.32
N ILE N 110 32.84 4.52 51.44
CA ILE N 110 32.88 5.33 50.21
C ILE N 110 32.33 4.53 49.01
N HIS N 111 31.74 5.19 48.02
CA HIS N 111 31.20 4.56 46.79
C HIS N 111 32.25 3.74 46.05
N GLU N 112 31.91 2.53 45.58
CA GLU N 112 32.85 1.62 44.94
C GLU N 112 33.48 2.14 43.64
N ASN N 113 32.93 3.19 43.03
CA ASN N 113 33.48 3.83 41.84
C ASN N 113 34.51 4.93 42.14
N TYR N 114 34.76 5.28 43.41
CA TYR N 114 35.73 6.29 43.79
C TYR N 114 37.18 5.89 43.47
N ARG N 115 37.98 6.83 42.96
CA ARG N 115 39.40 6.66 42.63
C ARG N 115 40.23 7.87 43.09
N ILE N 116 41.42 7.63 43.61
CA ILE N 116 42.30 8.67 44.18
C ILE N 116 42.75 9.69 43.13
N GLN O 4 -22.22 -94.79 -26.94
CA GLN O 4 -20.83 -94.23 -27.03
C GLN O 4 -19.98 -94.89 -28.12
N SER O 5 -20.01 -96.23 -28.32
CA SER O 5 -19.41 -96.95 -29.46
C SER O 5 -17.88 -96.87 -29.64
N GLN O 6 -17.14 -96.35 -28.65
CA GLN O 6 -15.67 -96.29 -28.54
C GLN O 6 -14.92 -95.43 -29.58
N GLY O 7 -15.45 -95.24 -30.78
CA GLY O 7 -14.86 -94.36 -31.81
C GLY O 7 -14.70 -92.92 -31.31
N ILE O 8 -15.70 -92.41 -30.59
CA ILE O 8 -15.66 -91.08 -29.96
C ILE O 8 -14.44 -90.94 -29.04
N GLN O 9 -14.15 -91.95 -28.23
CA GLN O 9 -13.02 -91.92 -27.30
C GLN O 9 -11.70 -91.78 -28.05
N GLN O 10 -11.55 -92.49 -29.17
CA GLN O 10 -10.37 -92.41 -30.02
C GLN O 10 -10.26 -91.04 -30.69
N LEU O 11 -11.36 -90.43 -31.12
CA LEU O 11 -11.33 -89.08 -31.67
C LEU O 11 -11.02 -88.04 -30.59
N LEU O 12 -11.47 -88.23 -29.36
CA LEU O 12 -11.08 -87.38 -28.24
C LEU O 12 -9.57 -87.51 -27.95
N GLN O 13 -9.03 -88.74 -27.98
CA GLN O 13 -7.58 -88.96 -27.89
C GLN O 13 -6.85 -88.28 -29.06
N ALA O 14 -7.38 -88.34 -30.27
CA ALA O 14 -6.83 -87.62 -31.41
C ALA O 14 -6.88 -86.10 -31.23
N GLU O 15 -7.99 -85.54 -30.74
CA GLU O 15 -8.04 -84.09 -30.50
C GLU O 15 -7.09 -83.68 -29.37
N LYS O 16 -6.85 -84.56 -28.40
CA LYS O 16 -5.85 -84.36 -27.35
C LYS O 16 -4.44 -84.36 -27.94
N ARG O 17 -4.10 -85.34 -28.78
CA ARG O 17 -2.83 -85.40 -29.52
C ARG O 17 -2.65 -84.17 -30.42
N ALA O 18 -3.72 -83.76 -31.09
CA ALA O 18 -3.76 -82.58 -31.93
C ALA O 18 -3.47 -81.31 -31.11
N ALA O 19 -4.21 -81.09 -30.02
CA ALA O 19 -3.99 -79.95 -29.12
C ALA O 19 -2.56 -79.94 -28.58
N GLU O 20 -2.04 -81.08 -28.16
CA GLU O 20 -0.67 -81.21 -27.66
C GLU O 20 0.37 -80.81 -28.72
N LYS O 21 0.19 -81.19 -29.99
CA LYS O 21 1.13 -80.79 -31.06
C LYS O 21 1.19 -79.27 -31.23
N VAL O 22 0.04 -78.59 -31.19
CA VAL O 22 0.00 -77.13 -31.32
C VAL O 22 0.53 -76.47 -30.04
N SER O 23 0.23 -77.02 -28.87
CA SER O 23 0.79 -76.58 -27.59
C SER O 23 2.32 -76.68 -27.56
N GLU O 24 2.88 -77.78 -28.06
CA GLU O 24 4.32 -77.95 -28.20
C GLU O 24 4.95 -76.88 -29.12
N ALA O 25 4.28 -76.48 -30.21
CA ALA O 25 4.75 -75.36 -31.02
C ALA O 25 4.74 -74.03 -30.25
N ARG O 26 3.73 -73.79 -29.41
CA ARG O 26 3.71 -72.62 -28.51
C ARG O 26 4.85 -72.68 -27.48
N LYS O 27 5.14 -73.86 -26.93
CA LYS O 27 6.26 -74.05 -26.00
C LYS O 27 7.62 -73.84 -26.68
N ARG O 28 7.80 -74.31 -27.92
CA ARG O 28 8.96 -73.95 -28.75
C ARG O 28 9.12 -72.44 -28.92
N LYS O 29 8.05 -71.72 -29.29
CA LYS O 29 8.08 -70.25 -29.39
C LYS O 29 8.55 -69.60 -28.08
N ASN O 30 7.96 -70.00 -26.95
CA ASN O 30 8.30 -69.45 -25.64
C ASN O 30 9.78 -69.64 -25.29
N ARG O 31 10.35 -70.83 -25.54
CA ARG O 31 11.79 -71.09 -25.34
C ARG O 31 12.66 -70.28 -26.31
N ARG O 32 12.36 -70.32 -27.61
CA ARG O 32 13.16 -69.64 -28.64
C ARG O 32 13.15 -68.11 -28.53
N LEU O 33 12.11 -67.50 -27.96
CA LEU O 33 12.11 -66.06 -27.67
C LEU O 33 13.27 -65.65 -26.74
N LYS O 34 13.53 -66.43 -25.68
CA LYS O 34 14.68 -66.20 -24.78
C LYS O 34 16.01 -66.38 -25.51
N GLN O 35 16.10 -67.37 -26.41
CA GLN O 35 17.28 -67.57 -27.24
C GLN O 35 17.55 -66.37 -28.16
N ALA O 36 16.53 -65.77 -28.77
CA ALA O 36 16.67 -64.57 -29.58
C ALA O 36 17.21 -63.37 -28.76
N LYS O 37 16.71 -63.17 -27.53
CA LYS O 37 17.24 -62.16 -26.61
C LYS O 37 18.72 -62.42 -26.27
N GLU O 38 19.09 -63.66 -25.93
CA GLU O 38 20.48 -64.01 -25.63
C GLU O 38 21.42 -63.83 -26.84
N GLU O 39 20.94 -64.06 -28.06
CA GLU O 39 21.70 -63.76 -29.28
C GLU O 39 21.91 -62.25 -29.48
N ALA O 40 20.86 -61.43 -29.30
CA ALA O 40 21.00 -59.98 -29.39
C ALA O 40 21.99 -59.42 -28.36
N GLN O 41 21.92 -59.91 -27.12
CA GLN O 41 22.81 -59.53 -26.02
C GLN O 41 24.29 -59.84 -26.28
N ALA O 42 24.62 -60.79 -27.15
CA ALA O 42 25.99 -61.05 -27.58
C ALA O 42 26.51 -59.97 -28.56
N GLU O 43 25.69 -59.59 -29.55
CA GLU O 43 26.10 -58.63 -30.60
C GLU O 43 26.36 -57.23 -30.04
N ILE O 44 25.50 -56.74 -29.16
CA ILE O 44 25.62 -55.40 -28.57
C ILE O 44 26.91 -55.25 -27.76
N GLU O 45 27.38 -56.34 -27.13
CA GLU O 45 28.67 -56.34 -26.44
C GLU O 45 29.85 -56.20 -27.42
N GLN O 46 29.74 -56.74 -28.64
CA GLN O 46 30.76 -56.52 -29.67
C GLN O 46 30.80 -55.06 -30.10
N TYR O 47 29.65 -54.44 -30.37
CA TYR O 47 29.61 -53.01 -30.69
C TYR O 47 30.20 -52.18 -29.53
N ARG O 48 29.88 -52.53 -28.28
CA ARG O 48 30.45 -51.88 -27.10
C ARG O 48 31.97 -52.03 -27.06
N LEU O 49 32.49 -53.25 -27.20
CA LEU O 49 33.93 -53.52 -27.22
C LEU O 49 34.65 -52.78 -28.35
N GLN O 50 34.04 -52.71 -29.53
CA GLN O 50 34.61 -51.98 -30.67
C GLN O 50 34.76 -50.49 -30.35
N ARG O 51 33.70 -49.84 -29.85
CA ARG O 51 33.78 -48.43 -29.47
C ARG O 51 34.70 -48.21 -28.27
N GLU O 52 34.78 -49.14 -27.33
CA GLU O 52 35.74 -49.09 -26.22
C GLU O 52 37.18 -49.07 -26.75
N LYS O 53 37.54 -49.99 -27.63
CA LYS O 53 38.90 -50.07 -28.21
C LYS O 53 39.22 -48.81 -29.02
N GLU O 54 38.27 -48.33 -29.81
CA GLU O 54 38.44 -47.07 -30.57
C GLU O 54 38.62 -45.86 -29.64
N PHE O 55 37.87 -45.78 -28.54
CA PHE O 55 38.00 -44.70 -27.56
C PHE O 55 39.35 -44.75 -26.82
N LYS O 56 39.81 -45.94 -26.44
CA LYS O 56 41.15 -46.14 -25.85
C LYS O 56 42.26 -45.72 -26.81
N ALA O 57 42.13 -46.04 -28.10
CA ALA O 57 43.06 -45.59 -29.13
C ALA O 57 43.09 -44.04 -29.26
N LYS O 58 41.93 -43.38 -29.25
CA LYS O 58 41.85 -41.90 -29.27
C LYS O 58 42.47 -41.26 -28.04
N GLU O 59 42.21 -41.79 -26.84
CA GLU O 59 42.83 -41.30 -25.60
C GLU O 59 44.36 -41.48 -25.62
N ALA O 60 44.86 -42.62 -26.10
CA ALA O 60 46.29 -42.84 -26.25
C ALA O 60 46.95 -41.86 -27.24
N ALA O 61 46.28 -41.56 -28.35
CA ALA O 61 46.76 -40.55 -29.30
C ALA O 61 46.80 -39.13 -28.70
N ALA O 62 45.79 -38.76 -27.90
CA ALA O 62 45.75 -37.47 -27.21
C ALA O 62 46.90 -37.32 -26.20
N LEU O 63 47.14 -38.35 -25.38
CA LEU O 63 48.26 -38.35 -24.42
C LEU O 63 49.62 -38.30 -25.10
N GLY O 64 49.79 -39.00 -26.23
CA GLY O 64 51.01 -38.92 -27.04
C GLY O 64 51.26 -37.52 -27.62
N SER O 65 50.23 -36.88 -28.15
CA SER O 65 50.31 -35.51 -28.67
C SER O 65 50.69 -34.50 -27.58
N HIS O 66 50.04 -34.56 -26.41
CA HIS O 66 50.36 -33.69 -25.28
C HIS O 66 51.80 -33.87 -24.77
N GLY O 67 52.24 -35.12 -24.58
CA GLY O 67 53.61 -35.42 -24.16
C GLY O 67 54.66 -34.92 -25.16
N SER O 68 54.36 -34.94 -26.46
CA SER O 68 55.22 -34.36 -27.50
C SER O 68 55.28 -32.82 -27.40
N CYS O 69 54.13 -32.15 -27.35
CA CYS O 69 54.06 -30.68 -27.32
C CYS O 69 54.72 -30.08 -26.07
N SER O 70 54.62 -30.74 -24.93
CA SER O 70 55.22 -30.27 -23.68
C SER O 70 56.74 -30.04 -23.78
N SER O 71 57.48 -30.97 -24.40
CA SER O 71 58.93 -30.83 -24.57
C SER O 71 59.31 -29.71 -25.54
N GLU O 72 58.50 -29.42 -26.56
CA GLU O 72 58.74 -28.27 -27.45
C GLU O 72 58.54 -26.94 -26.71
N VAL O 73 57.46 -26.82 -25.94
CA VAL O 73 57.19 -25.64 -25.11
C VAL O 73 58.29 -25.44 -24.05
N GLU O 74 58.76 -26.53 -23.43
CA GLU O 74 59.87 -26.46 -22.47
C GLU O 74 61.21 -26.07 -23.12
N LYS O 75 61.47 -26.43 -24.37
CA LYS O 75 62.64 -25.94 -25.11
C LYS O 75 62.54 -24.43 -25.33
N GLU O 76 61.42 -23.97 -25.90
CA GLU O 76 61.22 -22.55 -26.20
C GLU O 76 61.33 -21.66 -24.96
N THR O 77 60.75 -22.04 -23.83
CA THR O 77 60.84 -21.21 -22.62
C THR O 77 62.28 -21.09 -22.13
N GLN O 78 63.09 -22.15 -22.23
CA GLN O 78 64.52 -22.07 -21.86
C GLN O 78 65.33 -21.17 -22.79
N GLU O 79 65.02 -21.14 -24.08
CA GLU O 79 65.62 -20.17 -25.00
C GLU O 79 65.24 -18.73 -24.62
N LYS O 80 63.96 -18.46 -24.33
CA LYS O 80 63.49 -17.14 -23.90
C LYS O 80 64.16 -16.70 -22.60
N MET O 81 64.30 -17.58 -21.62
CA MET O 81 65.04 -17.30 -20.39
C MET O 81 66.54 -17.05 -20.67
N THR O 82 67.13 -17.76 -21.63
CA THR O 82 68.53 -17.52 -22.02
C THR O 82 68.70 -16.11 -22.61
N ILE O 83 67.80 -15.72 -23.51
CA ILE O 83 67.82 -14.39 -24.13
C ILE O 83 67.70 -13.30 -23.06
N LEU O 84 66.82 -13.46 -22.07
CA LEU O 84 66.72 -12.51 -20.95
C LEU O 84 68.03 -12.39 -20.18
N GLN O 85 68.65 -13.52 -19.83
CA GLN O 85 69.89 -13.54 -19.07
C GLN O 85 71.05 -12.86 -19.82
N ASN O 86 71.16 -13.10 -21.13
CA ASN O 86 72.15 -12.43 -21.97
C ASN O 86 71.88 -10.91 -22.06
N TYR O 87 70.64 -10.51 -22.31
CA TYR O 87 70.31 -9.10 -22.51
C TYR O 87 70.43 -8.29 -21.21
N PHE O 88 70.11 -8.89 -20.06
CA PHE O 88 70.40 -8.34 -18.74
C PHE O 88 71.88 -8.13 -18.50
N GLU O 89 72.71 -9.16 -18.75
CA GLU O 89 74.14 -9.11 -18.47
C GLU O 89 74.89 -8.05 -19.30
N GLN O 90 74.39 -7.70 -20.49
CA GLN O 90 74.93 -6.58 -21.27
C GLN O 90 74.60 -5.18 -20.70
N ASN O 91 73.60 -5.05 -19.82
CA ASN O 91 73.00 -3.76 -19.44
C ASN O 91 73.02 -3.46 -17.93
N ARG O 92 73.18 -4.45 -17.06
CA ARG O 92 73.10 -4.30 -15.58
C ARG O 92 74.00 -3.21 -15.00
N ASP O 93 75.19 -3.00 -15.57
CA ASP O 93 76.17 -2.04 -15.05
C ASP O 93 75.68 -0.59 -15.13
N GLU O 94 75.22 -0.15 -16.31
CA GLU O 94 74.73 1.22 -16.50
C GLU O 94 73.48 1.48 -15.64
N VAL O 95 72.61 0.48 -15.52
CA VAL O 95 71.38 0.58 -14.72
C VAL O 95 71.70 0.72 -13.24
N LEU O 96 72.66 -0.04 -12.70
CA LEU O 96 73.14 0.12 -11.32
C LEU O 96 73.79 1.48 -11.10
N ASP O 97 74.65 1.93 -12.02
CA ASP O 97 75.30 3.22 -11.89
C ASP O 97 74.26 4.36 -11.85
N ASN O 98 73.20 4.27 -12.65
CA ASN O 98 72.09 5.22 -12.62
C ASN O 98 71.29 5.16 -11.31
N LEU O 99 70.89 3.99 -10.84
CA LEU O 99 70.17 3.83 -9.56
C LEU O 99 70.96 4.45 -8.40
N LEU O 100 72.24 4.11 -8.27
CA LEU O 100 73.06 4.58 -7.18
C LEU O 100 73.30 6.09 -7.25
N ALA O 101 73.40 6.67 -8.45
CA ALA O 101 73.48 8.13 -8.62
C ALA O 101 72.20 8.83 -8.14
N PHE O 102 71.02 8.32 -8.50
CA PHE O 102 69.76 8.87 -7.99
C PHE O 102 69.62 8.70 -6.48
N VAL O 103 70.04 7.56 -5.91
CA VAL O 103 69.98 7.35 -4.46
C VAL O 103 70.88 8.35 -3.72
N CYS O 104 72.12 8.54 -4.15
CA CYS O 104 73.11 9.33 -3.41
C CYS O 104 72.99 10.86 -3.59
N ASP O 105 72.45 11.36 -4.70
CA ASP O 105 72.22 12.80 -4.91
C ASP O 105 70.91 13.26 -4.22
N ILE O 106 70.98 13.54 -2.91
CA ILE O 106 69.82 13.60 -2.01
C ILE O 106 68.88 14.80 -2.24
N ARG O 107 69.40 16.02 -2.41
CA ARG O 107 68.64 17.28 -2.63
C ARG O 107 67.48 17.53 -1.63
N PRO O 108 67.76 18.00 -0.40
CA PRO O 108 66.72 18.35 0.58
C PRO O 108 65.79 19.47 0.10
N GLU O 109 64.48 19.34 0.31
CA GLU O 109 63.48 20.36 -0.05
C GLU O 109 62.42 20.54 1.06
N ILE O 110 61.99 21.78 1.30
CA ILE O 110 60.78 22.11 2.06
C ILE O 110 59.56 22.09 1.12
N HIS O 111 58.37 21.72 1.62
CA HIS O 111 57.11 21.74 0.86
C HIS O 111 56.79 23.13 0.32
N GLU O 112 56.36 23.26 -0.93
CA GLU O 112 56.08 24.54 -1.58
C GLU O 112 54.94 25.35 -0.92
N ASN O 113 54.10 24.73 -0.10
CA ASN O 113 53.03 25.40 0.65
C ASN O 113 53.50 25.99 1.98
N TYR O 114 54.76 25.80 2.38
CA TYR O 114 55.32 26.43 3.57
C TYR O 114 55.44 27.96 3.42
N ARG O 115 55.14 28.70 4.50
CA ARG O 115 55.14 30.17 4.54
C ARG O 115 55.86 30.70 5.78
N ILE O 116 56.44 31.89 5.68
CA ILE O 116 57.30 32.52 6.69
C ILE O 116 58.51 31.65 7.02
N LEU P 13 -8.32 13.97 44.63
CA LEU P 13 -8.07 14.99 45.68
C LEU P 13 -6.76 14.68 46.42
N THR P 14 -6.00 15.72 46.81
CA THR P 14 -4.92 15.55 47.82
C THR P 14 -5.51 15.22 49.20
N SER P 15 -4.74 14.60 50.09
CA SER P 15 -5.23 14.33 51.45
C SER P 15 -5.56 15.62 52.22
N GLU P 16 -4.84 16.70 51.96
CA GLU P 16 -5.11 18.02 52.52
C GLU P 16 -6.49 18.53 52.09
N GLN P 17 -6.83 18.43 50.80
CA GLN P 17 -8.17 18.75 50.32
C GLN P 17 -9.22 17.79 50.89
N TYR P 18 -8.96 16.49 50.91
CA TYR P 18 -9.89 15.48 51.45
C TYR P 18 -10.28 15.77 52.90
N HIS P 19 -9.31 15.98 53.79
CA HIS P 19 -9.59 16.32 55.18
C HIS P 19 -10.24 17.69 55.32
N SER P 20 -9.93 18.65 54.45
CA SER P 20 -10.63 19.94 54.41
C SER P 20 -12.09 19.82 53.95
N GLN P 21 -12.43 18.85 53.11
CA GLN P 21 -13.82 18.60 52.70
C GLN P 21 -14.61 17.92 53.81
N VAL P 22 -13.98 17.05 54.61
CA VAL P 22 -14.60 16.40 55.77
C VAL P 22 -15.02 17.40 56.84
N VAL P 23 -14.14 18.33 57.23
CA VAL P 23 -14.49 19.43 58.15
C VAL P 23 -15.63 20.28 57.59
N GLY P 24 -15.61 20.53 56.27
CA GLY P 24 -16.71 21.17 55.55
C GLY P 24 -18.05 20.47 55.77
N LYS P 25 -18.16 19.16 55.49
CA LYS P 25 -19.43 18.43 55.60
C LYS P 25 -19.90 18.26 57.03
N ILE P 26 -19.00 18.10 57.99
CA ILE P 26 -19.32 18.17 59.42
C ILE P 26 -19.98 19.52 59.75
N GLY P 27 -19.46 20.63 59.21
CA GLY P 27 -20.06 21.95 59.34
C GLY P 27 -21.42 22.07 58.66
N TYR P 28 -21.58 21.63 57.41
CA TYR P 28 -22.85 21.74 56.69
C TYR P 28 -23.97 20.88 57.29
N ILE P 29 -23.63 19.69 57.79
CA ILE P 29 -24.58 18.85 58.54
C ILE P 29 -25.05 19.57 59.80
N ALA P 30 -24.15 20.22 60.54
CA ALA P 30 -24.52 21.02 61.69
C ALA P 30 -25.47 22.18 61.32
N ARG P 31 -25.14 22.96 60.28
CA ARG P 31 -26.00 24.05 59.79
C ARG P 31 -27.36 23.55 59.31
N CYS P 32 -27.44 22.41 58.65
CA CYS P 32 -28.71 21.80 58.24
C CYS P 32 -29.54 21.38 59.45
N MET P 33 -28.97 20.67 60.43
CA MET P 33 -29.72 20.22 61.60
C MET P 33 -30.27 21.40 62.43
N GLN P 34 -29.46 22.43 62.65
CA GLN P 34 -29.86 23.66 63.33
C GLN P 34 -30.88 24.50 62.55
N THR P 35 -31.08 24.25 61.25
CA THR P 35 -32.11 24.90 60.42
C THR P 35 -33.40 24.08 60.36
N ILE P 36 -33.33 22.74 60.26
CA ILE P 36 -34.52 21.86 60.23
C ILE P 36 -35.28 21.94 61.56
N ASP P 37 -34.54 21.96 62.67
CA ASP P 37 -35.10 21.78 64.01
C ASP P 37 -34.39 22.69 65.04
N PRO P 38 -34.72 23.99 65.09
CA PRO P 38 -34.11 24.91 66.06
C PRO P 38 -34.48 24.59 67.52
N GLU P 39 -35.68 24.06 67.78
CA GLU P 39 -36.18 23.72 69.11
C GLU P 39 -35.63 22.41 69.70
N ASN P 40 -34.86 21.63 68.93
CA ASN P 40 -34.38 20.29 69.31
C ASN P 40 -35.51 19.26 69.52
N ASN P 41 -36.63 19.37 68.81
CA ASN P 41 -37.81 18.52 68.98
C ASN P 41 -37.59 17.06 68.53
N LEU P 42 -37.15 16.82 67.29
CA LEU P 42 -37.26 15.50 66.66
C LEU P 42 -36.04 14.61 66.94
N LYS P 43 -35.95 14.07 68.17
CA LYS P 43 -34.75 13.44 68.73
C LYS P 43 -34.16 12.29 67.91
N LYS P 44 -34.96 11.46 67.24
CA LYS P 44 -34.45 10.29 66.48
C LYS P 44 -33.44 10.66 65.40
N ILE P 45 -33.69 11.75 64.67
CA ILE P 45 -32.76 12.27 63.67
C ILE P 45 -31.49 12.76 64.37
N ARG P 46 -31.61 13.56 65.43
CA ARG P 46 -30.45 14.10 66.17
C ARG P 46 -29.56 13.01 66.78
N GLU P 47 -30.14 11.89 67.19
CA GLU P 47 -29.37 10.71 67.62
C GLU P 47 -28.60 10.04 66.47
N ASP P 48 -29.17 9.88 65.27
CA ASP P 48 -28.44 9.36 64.11
C ASP P 48 -27.21 10.22 63.76
N TYR P 49 -27.38 11.55 63.78
CA TYR P 49 -26.31 12.49 63.44
C TYR P 49 -25.38 12.86 64.61
N GLN P 50 -25.54 12.26 65.81
CA GLN P 50 -24.74 12.60 66.99
C GLN P 50 -23.22 12.42 66.77
N ASP P 51 -22.82 11.47 65.92
CA ASP P 51 -21.41 11.25 65.54
C ASP P 51 -20.74 12.50 64.96
N VAL P 52 -21.54 13.33 64.28
CA VAL P 52 -21.13 14.58 63.64
C VAL P 52 -21.37 15.76 64.58
N LEU P 53 -22.55 15.80 65.21
CA LEU P 53 -22.99 16.94 66.03
C LEU P 53 -22.15 17.16 67.30
N ILE P 54 -21.43 16.15 67.79
CA ILE P 54 -20.40 16.29 68.85
C ILE P 54 -19.32 17.32 68.49
N TRP P 55 -19.00 17.48 67.20
CA TRP P 55 -18.00 18.43 66.71
C TRP P 55 -18.55 19.83 66.41
N ALA P 56 -19.87 20.04 66.53
CA ALA P 56 -20.52 21.27 66.08
C ALA P 56 -20.54 22.39 67.13
N GLU P 57 -21.09 22.12 68.31
CA GLU P 57 -21.56 23.17 69.23
C GLU P 57 -20.53 23.61 70.29
N LYS P 58 -19.45 22.85 70.45
CA LYS P 58 -18.21 23.29 71.14
C LYS P 58 -17.24 23.90 70.12
N ASN P 59 -16.34 24.77 70.56
CA ASN P 59 -15.29 25.34 69.70
C ASN P 59 -14.19 24.31 69.41
N TYR P 60 -13.92 24.05 68.11
CA TYR P 60 -12.79 23.24 67.63
C TYR P 60 -11.99 23.96 66.52
N ARG P 61 -12.08 25.29 66.45
CA ARG P 61 -11.18 26.21 65.71
C ARG P 61 -10.99 25.93 64.21
N PHE P 62 -11.83 25.12 63.57
CA PHE P 62 -11.59 24.42 62.30
C PHE P 62 -10.41 23.43 62.38
N GLU P 63 -9.25 23.91 62.82
CA GLU P 63 -7.98 23.19 62.77
C GLU P 63 -7.90 22.01 63.74
N GLU P 64 -8.65 22.02 64.86
CA GLU P 64 -8.74 20.82 65.70
C GLU P 64 -9.64 19.75 65.07
N ILE P 65 -10.72 20.12 64.36
CA ILE P 65 -11.48 19.14 63.57
C ILE P 65 -10.63 18.60 62.42
N LEU P 66 -9.82 19.44 61.77
CA LEU P 66 -8.93 19.00 60.70
C LEU P 66 -7.91 17.97 61.19
N GLU P 67 -7.28 18.21 62.35
CA GLU P 67 -6.39 17.25 62.98
C GLU P 67 -7.14 16.00 63.50
N ALA P 68 -8.32 16.14 64.09
CA ALA P 68 -9.15 15.00 64.49
C ALA P 68 -9.56 14.15 63.27
N SER P 69 -9.84 14.76 62.12
CA SER P 69 -10.15 14.10 60.85
C SER P 69 -8.93 13.34 60.32
N LYS P 70 -7.75 13.97 60.30
CA LYS P 70 -6.47 13.35 59.94
C LYS P 70 -6.11 12.18 60.87
N SER P 71 -6.46 12.30 62.15
CA SER P 71 -6.21 11.28 63.18
C SER P 71 -7.25 10.14 63.20
N GLY P 72 -8.34 10.24 62.44
CA GLY P 72 -9.39 9.23 62.41
C GLY P 72 -10.36 9.26 63.60
N LYS P 73 -10.40 10.36 64.37
CA LYS P 73 -11.29 10.54 65.52
C LYS P 73 -12.70 10.97 65.10
N CYS P 74 -12.79 11.84 64.10
CA CYS P 74 -14.05 12.18 63.42
C CYS P 74 -14.54 11.02 62.54
N PRO P 75 -15.83 10.99 62.14
CA PRO P 75 -16.20 10.32 60.91
C PRO P 75 -15.45 10.99 59.75
N ASN P 76 -14.76 10.21 58.90
CA ASN P 76 -13.94 10.75 57.82
C ASN P 76 -14.07 9.98 56.49
N ASP P 77 -15.08 9.10 56.37
CA ASP P 77 -15.51 8.59 55.07
C ASP P 77 -16.33 9.67 54.36
N LEU P 78 -15.71 10.35 53.39
CA LEU P 78 -16.32 11.46 52.68
C LEU P 78 -17.54 11.04 51.84
N ASP P 79 -17.64 9.78 51.42
CA ASP P 79 -18.81 9.27 50.69
C ASP P 79 -19.97 8.97 51.63
N ALA P 80 -19.70 8.42 52.82
CA ALA P 80 -20.72 8.25 53.85
C ALA P 80 -21.24 9.61 54.34
N LEU P 81 -20.35 10.58 54.57
CA LEU P 81 -20.73 11.94 54.91
C LEU P 81 -21.54 12.60 53.77
N SER P 82 -21.23 12.34 52.50
CA SER P 82 -22.05 12.84 51.39
C SER P 82 -23.47 12.26 51.40
N ARG P 83 -23.63 10.94 51.61
CA ARG P 83 -24.97 10.32 51.71
C ARG P 83 -25.76 10.83 52.91
N ARG P 84 -25.12 10.94 54.07
CA ARG P 84 -25.70 11.56 55.28
C ARG P 84 -26.11 13.02 55.05
N SER P 85 -25.28 13.80 54.39
CA SER P 85 -25.52 15.21 54.04
C SER P 85 -26.72 15.37 53.10
N LEU P 86 -26.83 14.53 52.08
CA LEU P 86 -27.92 14.57 51.11
C LEU P 86 -29.27 14.30 51.76
N ILE P 87 -29.35 13.37 52.73
CA ILE P 87 -30.59 13.08 53.46
C ILE P 87 -31.12 14.33 54.19
N LEU P 88 -30.29 15.02 54.98
CA LEU P 88 -30.70 16.28 55.61
C LEU P 88 -31.05 17.36 54.59
N GLN P 89 -30.29 17.48 53.49
CA GLN P 89 -30.56 18.48 52.47
C GLN P 89 -31.90 18.26 51.77
N GLU P 90 -32.19 17.06 51.28
CA GLU P 90 -33.43 16.79 50.57
C GLU P 90 -34.64 16.71 51.53
N LEU P 91 -34.43 16.49 52.83
CA LEU P 91 -35.46 16.70 53.85
C LEU P 91 -35.72 18.20 54.09
N LEU P 92 -34.66 18.99 54.27
CA LEU P 92 -34.75 20.45 54.43
C LEU P 92 -35.34 21.13 53.19
N ARG P 93 -35.10 20.62 51.98
CA ARG P 93 -35.78 21.08 50.76
C ARG P 93 -37.29 20.92 50.86
N LEU P 94 -37.81 19.82 51.38
CA LEU P 94 -39.25 19.67 51.59
C LEU P 94 -39.78 20.72 52.58
N VAL P 95 -39.15 20.81 53.76
CA VAL P 95 -39.52 21.78 54.79
C VAL P 95 -39.47 23.23 54.28
N SER P 96 -38.52 23.56 53.41
CA SER P 96 -38.33 24.92 52.88
C SER P 96 -39.20 25.24 51.66
N SER P 97 -39.59 24.23 50.87
CA SER P 97 -40.49 24.41 49.71
C SER P 97 -41.95 24.62 50.11
N ILE P 98 -42.27 24.39 51.38
CA ILE P 98 -43.61 24.50 51.97
C ILE P 98 -43.52 25.50 53.12
N SER P 99 -43.37 26.79 52.78
CA SER P 99 -43.01 27.84 53.75
C SER P 99 -44.09 28.08 54.83
N PRO P 100 -45.38 28.32 54.51
CA PRO P 100 -46.40 28.52 55.54
C PRO P 100 -46.94 27.21 56.14
N PHE P 101 -47.21 26.19 55.32
CA PHE P 101 -47.92 24.97 55.75
C PHE P 101 -47.02 23.97 56.50
N LYS P 102 -46.57 24.31 57.71
CA LYS P 102 -45.71 23.45 58.55
C LYS P 102 -46.30 22.05 58.75
N MET P 103 -45.49 21.02 58.53
CA MET P 103 -45.88 19.61 58.71
C MET P 103 -45.84 19.17 60.17
N LYS P 104 -46.57 18.10 60.50
CA LYS P 104 -46.49 17.40 61.80
C LYS P 104 -45.21 16.58 61.89
N LEU P 105 -44.64 16.43 63.09
CA LEU P 105 -43.39 15.68 63.29
C LEU P 105 -43.50 14.19 62.94
N ASP P 106 -44.70 13.59 62.99
CA ASP P 106 -44.93 12.24 62.48
C ASP P 106 -44.62 12.14 60.97
N LEU P 107 -44.97 13.17 60.19
CA LEU P 107 -44.68 13.22 58.76
C LEU P 107 -43.19 13.48 58.53
N ILE P 108 -42.57 14.39 59.28
CA ILE P 108 -41.11 14.62 59.17
C ILE P 108 -40.35 13.31 59.45
N GLU P 109 -40.71 12.57 60.50
CA GLU P 109 -40.11 11.27 60.81
C GLU P 109 -40.40 10.21 59.73
N SER P 110 -41.62 10.14 59.22
CA SER P 110 -41.99 9.24 58.13
C SER P 110 -41.18 9.52 56.86
N GLN P 111 -41.09 10.78 56.43
CA GLN P 111 -40.32 11.17 55.27
C GLN P 111 -38.83 10.94 55.50
N TYR P 112 -38.27 11.29 56.66
CA TYR P 112 -36.88 11.00 56.99
C TYR P 112 -36.55 9.51 56.84
N GLU P 113 -37.37 8.61 57.37
CA GLU P 113 -37.15 7.18 57.22
C GLU P 113 -37.20 6.73 55.75
N LYS P 114 -38.08 7.33 54.94
CA LYS P 114 -38.10 7.13 53.49
C LYS P 114 -36.85 7.67 52.78
N MET P 115 -36.19 8.72 53.30
CA MET P 115 -34.86 9.13 52.81
C MET P 115 -33.83 8.04 53.12
N LYS P 116 -33.78 7.63 54.38
CA LYS P 116 -32.76 6.75 54.94
C LYS P 116 -32.76 5.36 54.29
N GLN P 117 -33.94 4.83 53.94
CA GLN P 117 -34.07 3.53 53.27
C GLN P 117 -33.82 3.55 51.76
N HIS P 118 -33.82 4.71 51.09
CA HIS P 118 -33.71 4.79 49.62
C HIS P 118 -32.32 4.39 49.11
N VAL P 119 -32.25 3.74 47.95
CA VAL P 119 -31.00 3.23 47.36
C VAL P 119 -30.10 4.35 46.83
N ASN P 120 -30.68 5.38 46.20
CA ASN P 120 -29.97 6.53 45.63
C ASN P 120 -30.91 7.74 45.52
N LEU P 121 -30.80 8.68 46.46
CA LEU P 121 -31.80 9.73 46.61
C LEU P 121 -31.84 10.71 45.42
N TRP P 122 -30.76 10.90 44.68
CA TRP P 122 -30.78 11.67 43.43
C TRP P 122 -31.67 11.05 42.35
N LYS P 123 -31.73 9.72 42.28
CA LYS P 123 -32.61 9.00 41.33
C LYS P 123 -34.06 8.97 41.79
N SER P 124 -34.35 9.33 43.04
CA SER P 124 -35.68 9.16 43.61
C SER P 124 -36.74 10.05 42.97
N ASP P 125 -37.97 9.53 42.85
CA ASP P 125 -39.13 10.35 42.46
C ASP P 125 -39.38 11.46 43.48
N TYR P 126 -39.01 11.25 44.75
CA TYR P 126 -39.04 12.25 45.79
C TYR P 126 -38.21 13.49 45.41
N HIS P 127 -36.95 13.30 45.01
CA HIS P 127 -36.09 14.37 44.54
C HIS P 127 -36.67 15.07 43.31
N VAL P 128 -37.18 14.31 42.33
CA VAL P 128 -37.83 14.89 41.13
C VAL P 128 -39.05 15.72 41.48
N LYS P 129 -39.92 15.24 42.39
CA LYS P 129 -41.10 16.00 42.83
C LYS P 129 -40.69 17.30 43.50
N LEU P 130 -39.63 17.29 44.31
CA LEU P 130 -39.11 18.53 44.87
C LEU P 130 -38.56 19.46 43.78
N ASN P 131 -37.90 18.94 42.75
CA ASN P 131 -37.45 19.76 41.63
C ASN P 131 -38.62 20.43 40.92
N GLN P 132 -39.70 19.69 40.65
CA GLN P 132 -40.91 20.25 40.04
C GLN P 132 -41.56 21.30 40.95
N LEU P 133 -41.63 21.06 42.25
CA LEU P 133 -42.16 22.03 43.22
C LEU P 133 -41.32 23.32 43.26
N ASN P 134 -39.99 23.23 43.29
CA ASN P 134 -39.12 24.40 43.23
C ASN P 134 -39.20 25.12 41.88
N GLN P 135 -39.30 24.40 40.76
CA GLN P 135 -39.48 25.00 39.43
C GLN P 135 -40.76 25.86 39.36
N LEU P 136 -41.87 25.34 39.90
CA LEU P 136 -43.12 26.10 40.04
C LEU P 136 -42.96 27.30 40.97
N THR P 137 -42.33 27.11 42.13
CA THR P 137 -42.20 28.14 43.16
C THR P 137 -41.27 29.28 42.73
N ASP P 138 -40.17 28.98 42.06
CA ASP P 138 -39.15 29.95 41.64
C ASP P 138 -39.64 30.87 40.50
N TYR P 139 -40.51 30.38 39.61
CA TYR P 139 -41.07 31.19 38.52
C TYR P 139 -41.85 32.41 39.02
N LEU P 140 -42.65 32.23 40.09
CA LEU P 140 -43.53 33.27 40.64
C LEU P 140 -43.00 33.92 41.93
N LYS P 141 -41.73 33.69 42.28
CA LYS P 141 -41.05 34.33 43.43
C LYS P 141 -41.00 35.86 43.29
N ASN P 142 -40.83 36.35 42.05
CA ASN P 142 -40.99 37.75 41.66
C ASN P 142 -41.60 37.81 40.24
N ALA P 143 -42.89 38.15 40.14
CA ALA P 143 -43.63 38.22 38.88
C ALA P 143 -44.82 39.19 38.93
N ALA P 144 -45.27 39.68 37.77
CA ALA P 144 -46.45 40.53 37.64
C ALA P 144 -47.78 39.76 37.86
N PRO P 145 -48.86 40.40 38.32
CA PRO P 145 -50.14 39.75 38.63
C PRO P 145 -51.01 39.45 37.38
N THR P 146 -50.44 38.82 36.37
CA THR P 146 -51.16 38.36 35.16
C THR P 146 -52.08 37.17 35.47
N PRO P 147 -53.07 36.84 34.61
CA PRO P 147 -53.98 35.71 34.85
C PRO P 147 -53.23 34.38 35.02
N LYS P 148 -52.29 34.06 34.12
CA LYS P 148 -51.38 32.90 34.24
C LYS P 148 -50.70 32.86 35.60
N ASN P 149 -50.13 33.97 36.05
CA ASN P 149 -49.38 34.01 37.30
C ASN P 149 -50.31 33.88 38.52
N ASN P 150 -51.49 34.52 38.53
CA ASN P 150 -52.45 34.41 39.62
C ASN P 150 -53.04 32.99 39.73
N PHE P 151 -53.44 32.38 38.62
CA PHE P 151 -53.92 31.00 38.57
C PHE P 151 -52.85 30.03 39.08
N LEU P 152 -51.61 30.19 38.61
CA LEU P 152 -50.50 29.35 39.03
C LEU P 152 -50.15 29.54 40.51
N ARG P 153 -50.24 30.76 41.05
CA ARG P 153 -50.03 31.03 42.48
C ARG P 153 -51.11 30.37 43.33
N ALA P 154 -52.36 30.39 42.88
CA ALA P 154 -53.45 29.68 43.55
C ALA P 154 -53.21 28.17 43.56
N MET P 155 -52.98 27.56 42.38
CA MET P 155 -52.66 26.14 42.27
C MET P 155 -51.42 25.75 43.10
N THR P 156 -50.36 26.56 43.09
CA THR P 156 -49.13 26.31 43.86
C THR P 156 -49.39 26.34 45.36
N SER P 157 -50.25 27.24 45.83
CA SER P 157 -50.61 27.31 47.26
C SER P 157 -51.32 26.03 47.70
N VAL P 158 -52.26 25.54 46.90
CA VAL P 158 -52.93 24.27 47.14
C VAL P 158 -51.93 23.11 47.07
N LEU P 159 -51.03 23.12 46.11
CA LEU P 159 -50.05 22.05 45.94
C LEU P 159 -49.13 21.93 47.15
N GLN P 160 -48.59 23.04 47.64
CA GLN P 160 -47.80 23.05 48.86
C GLN P 160 -48.63 22.54 50.05
N MET P 161 -49.87 23.01 50.20
CA MET P 161 -50.75 22.61 51.29
C MET P 161 -51.07 21.11 51.26
N GLN P 162 -51.38 20.56 50.09
CA GLN P 162 -51.67 19.14 49.97
C GLN P 162 -50.41 18.29 50.16
N ILE P 163 -49.24 18.72 49.68
CA ILE P 163 -48.00 18.01 49.98
C ILE P 163 -47.69 18.07 51.49
N ALA P 164 -48.01 19.17 52.18
CA ALA P 164 -47.88 19.23 53.63
C ALA P 164 -48.81 18.22 54.34
N GLN P 165 -49.95 17.89 53.74
CA GLN P 165 -50.88 16.89 54.25
C GLN P 165 -50.39 15.45 54.01
N TYR P 166 -50.03 15.11 52.77
CA TYR P 166 -49.76 13.72 52.35
C TYR P 166 -48.29 13.31 52.33
N GLY P 167 -47.36 14.27 52.33
CA GLY P 167 -45.94 14.05 52.02
C GLY P 167 -45.66 13.90 50.53
N ILE P 168 -44.38 13.94 50.15
CA ILE P 168 -43.92 13.78 48.76
C ILE P 168 -43.95 12.31 48.33
N THR P 169 -43.63 11.38 49.23
CA THR P 169 -43.39 9.96 48.90
C THR P 169 -44.65 9.18 48.51
N GLU P 170 -45.84 9.70 48.78
CA GLU P 170 -47.12 9.02 48.57
C GLU P 170 -47.83 9.57 47.33
N ASP P 171 -48.22 8.69 46.40
CA ASP P 171 -48.88 9.05 45.14
C ASP P 171 -50.37 9.37 45.30
N ASN P 172 -50.66 10.44 46.05
CA ASN P 172 -51.98 11.08 46.03
C ASN P 172 -52.27 11.65 44.62
N GLU P 173 -53.39 11.26 44.04
CA GLU P 173 -53.77 11.67 42.69
C GLU P 173 -54.02 13.18 42.58
N GLY P 174 -54.43 13.82 43.69
CA GLY P 174 -54.60 15.27 43.77
C GLY P 174 -53.30 16.01 43.48
N ILE P 175 -52.25 15.77 44.27
CA ILE P 175 -50.94 16.41 44.04
C ILE P 175 -50.34 15.96 42.71
N ASN P 176 -50.43 14.67 42.35
CA ASN P 176 -49.85 14.19 41.10
C ASN P 176 -50.51 14.79 39.86
N GLN P 177 -51.81 15.08 39.88
CA GLN P 177 -52.47 15.82 38.81
C GLN P 177 -52.13 17.32 38.89
N LEU P 178 -52.12 17.90 40.09
CA LEU P 178 -51.88 19.32 40.30
C LEU P 178 -50.45 19.74 39.91
N PHE P 179 -49.47 18.84 40.06
CA PHE P 179 -48.14 18.99 39.45
C PHE P 179 -48.25 19.18 37.93
N LYS P 180 -48.90 18.25 37.21
CA LYS P 180 -49.05 18.35 35.75
C LYS P 180 -49.75 19.64 35.34
N LEU P 181 -50.83 20.01 36.02
CA LEU P 181 -51.59 21.22 35.73
C LEU P 181 -50.73 22.49 35.93
N GLY P 182 -50.01 22.59 37.04
CA GLY P 182 -49.14 23.73 37.31
C GLY P 182 -47.99 23.81 36.29
N LEU P 183 -47.33 22.68 36.01
CA LEU P 183 -46.22 22.62 35.06
C LEU P 183 -46.67 22.96 33.64
N HIS P 184 -47.85 22.52 33.24
CA HIS P 184 -48.44 22.86 31.94
C HIS P 184 -48.76 24.36 31.87
N LEU P 185 -49.40 24.94 32.89
CA LEU P 185 -49.68 26.38 32.90
C LEU P 185 -48.41 27.22 32.90
N LEU P 186 -47.37 26.82 33.63
CA LEU P 186 -46.06 27.47 33.64
C LEU P 186 -45.40 27.45 32.25
N ALA P 187 -45.43 26.30 31.57
CA ALA P 187 -44.85 26.14 30.24
C ALA P 187 -45.67 26.84 29.13
N MET P 188 -46.97 27.03 29.33
CA MET P 188 -47.89 27.57 28.34
C MET P 188 -47.55 29.02 27.94
N ALA P 189 -47.58 29.33 26.64
CA ALA P 189 -47.20 30.62 26.10
C ALA P 189 -48.04 31.78 26.67
N ASN P 190 -47.39 32.87 27.08
CA ASN P 190 -48.04 33.94 27.83
C ASN P 190 -49.15 34.67 27.05
N GLU P 191 -49.09 34.70 25.72
CA GLU P 191 -50.11 35.32 24.87
C GLU P 191 -51.41 34.48 24.77
N LYS P 192 -51.35 33.17 25.03
CA LYS P 192 -52.47 32.22 24.85
C LYS P 192 -53.47 32.24 26.01
N ILE P 193 -54.01 33.41 26.35
CA ILE P 193 -54.93 33.55 27.51
C ILE P 193 -56.15 32.63 27.40
N ASP P 194 -56.67 32.37 26.21
CA ASP P 194 -57.80 31.43 26.03
C ASP P 194 -57.46 30.00 26.49
N GLU P 195 -56.23 29.55 26.28
CA GLU P 195 -55.74 28.27 26.78
C GLU P 195 -55.51 28.31 28.29
N GLN P 196 -54.95 29.42 28.81
CA GLN P 196 -54.65 29.58 30.23
C GLN P 196 -55.95 29.56 31.07
N TYR P 197 -56.96 30.30 30.63
CA TYR P 197 -58.29 30.29 31.24
C TYR P 197 -58.98 28.93 31.09
N HIS P 198 -58.92 28.29 29.91
CA HIS P 198 -59.50 26.97 29.73
C HIS P 198 -58.87 25.92 30.66
N LEU P 199 -57.54 25.91 30.78
CA LEU P 199 -56.83 24.98 31.65
C LEU P 199 -57.20 25.19 33.13
N PHE P 200 -57.19 26.43 33.61
CA PHE P 200 -57.55 26.73 34.99
C PHE P 200 -59.03 26.46 35.31
N LYS P 201 -59.94 26.82 34.41
CA LYS P 201 -61.37 26.46 34.51
C LYS P 201 -61.54 24.94 34.55
N GLY P 202 -60.83 24.23 33.68
CA GLY P 202 -60.82 22.77 33.64
C GLY P 202 -60.39 22.15 34.97
N TYR P 203 -59.39 22.70 35.65
CA TYR P 203 -59.00 22.23 36.99
C TYR P 203 -60.13 22.39 38.01
N VAL P 204 -60.68 23.59 38.16
CA VAL P 204 -61.75 23.83 39.16
C VAL P 204 -63.01 23.02 38.85
N LYS P 205 -63.31 22.78 37.56
CA LYS P 205 -64.42 21.92 37.11
C LYS P 205 -64.16 20.42 37.34
N ASP P 206 -62.93 19.95 37.16
CA ASP P 206 -62.55 18.55 37.38
C ASP P 206 -62.38 18.18 38.86
N GLN P 207 -61.95 19.12 39.72
CA GLN P 207 -61.79 18.90 41.15
C GLN P 207 -63.15 18.59 41.83
N PRO P 208 -63.28 17.53 42.66
CA PRO P 208 -64.56 17.18 43.28
C PRO P 208 -65.14 18.25 44.21
N GLU P 209 -64.31 18.90 45.03
CA GLU P 209 -64.73 19.92 45.99
C GLU P 209 -65.34 21.15 45.30
N GLU P 210 -66.43 21.67 45.87
CA GLU P 210 -67.03 22.93 45.39
C GLU P 210 -66.09 24.13 45.61
N SER P 211 -65.39 24.15 46.75
CA SER P 211 -64.43 25.18 47.15
C SER P 211 -62.99 24.62 47.22
N PRO P 212 -62.18 24.72 46.15
CA PRO P 212 -60.80 24.26 46.18
C PRO P 212 -59.84 25.21 46.92
N PHE P 213 -59.94 26.52 46.69
CA PHE P 213 -58.98 27.52 47.22
C PHE P 213 -59.33 28.09 48.60
N GLU P 214 -60.57 27.91 49.04
CA GLU P 214 -61.16 28.63 50.19
C GLU P 214 -60.38 28.41 51.48
N GLY P 215 -59.81 29.49 52.03
CA GLY P 215 -59.03 29.47 53.26
C GLY P 215 -57.58 29.00 53.12
N ILE P 216 -57.21 28.42 51.96
CA ILE P 216 -55.80 28.18 51.59
C ILE P 216 -55.19 29.50 51.09
N LEU P 217 -55.89 30.19 50.18
CA LEU P 217 -55.56 31.54 49.72
C LEU P 217 -56.06 32.61 50.72
N PRO P 218 -55.42 33.80 50.77
CA PRO P 218 -56.00 34.97 51.41
C PRO P 218 -57.28 35.44 50.70
N ALA P 219 -58.28 35.93 51.44
CA ALA P 219 -59.58 36.32 50.85
C ALA P 219 -59.47 37.45 49.82
N GLU P 220 -58.50 38.36 49.98
CA GLU P 220 -58.21 39.41 49.00
C GLU P 220 -57.73 38.82 47.66
N ASP P 221 -56.87 37.79 47.72
CA ASP P 221 -56.43 37.06 46.54
C ASP P 221 -57.56 36.21 45.95
N GLN P 222 -58.44 35.62 46.77
CA GLN P 222 -59.63 34.93 46.26
C GLN P 222 -60.57 35.89 45.52
N LYS P 223 -60.80 37.10 46.05
CA LYS P 223 -61.59 38.14 45.39
C LYS P 223 -60.95 38.57 44.07
N ILE P 224 -59.63 38.76 44.03
CA ILE P 224 -58.89 39.03 42.78
C ILE P 224 -59.03 37.86 41.80
N LEU P 225 -58.98 36.62 42.28
CA LEU P 225 -59.11 35.42 41.44
C LEU P 225 -60.50 35.34 40.82
N VAL P 226 -61.56 35.61 41.60
CA VAL P 226 -62.92 35.78 41.07
C VAL P 226 -62.97 36.90 40.03
N LYS P 227 -62.45 38.09 40.35
CA LYS P 227 -62.43 39.24 39.43
C LYS P 227 -61.70 38.90 38.13
N THR P 228 -60.61 38.15 38.22
CA THR P 228 -59.82 37.69 37.07
C THR P 228 -60.64 36.79 36.15
N MET P 229 -61.50 35.93 36.70
CA MET P 229 -62.45 35.15 35.91
C MET P 229 -63.55 36.02 35.30
N ILE P 230 -64.18 36.89 36.09
CA ILE P 230 -65.28 37.76 35.66
C ILE P 230 -64.86 38.68 34.50
N ASP P 231 -63.70 39.34 34.61
CA ASP P 231 -63.23 40.29 33.61
C ASP P 231 -62.87 39.66 32.25
N TYR P 232 -62.65 38.35 32.20
CA TYR P 232 -62.54 37.59 30.94
C TYR P 232 -63.89 37.16 30.39
N ALA P 233 -64.86 36.85 31.26
CA ALA P 233 -66.22 36.49 30.85
C ALA P 233 -67.07 37.69 30.38
N MET P 234 -66.84 38.89 30.93
CA MET P 234 -67.63 40.11 30.65
C MET P 234 -67.61 40.65 29.19
N PRO P 235 -66.46 40.74 28.48
CA PRO P 235 -66.45 41.28 27.10
C PRO P 235 -67.22 40.40 26.10
N LYS P 236 -67.77 41.03 25.06
CA LYS P 236 -68.49 40.40 23.92
C LYS P 236 -69.79 39.64 24.28
N LEU P 237 -70.33 39.80 25.49
CA LEU P 237 -71.63 39.23 25.87
C LEU P 237 -72.80 39.93 25.15
N SER P 238 -73.74 39.14 24.63
CA SER P 238 -74.87 39.54 23.78
C SER P 238 -75.88 40.53 24.40
N SER P 239 -76.06 40.59 25.73
CA SER P 239 -77.02 41.56 26.32
C SER P 239 -76.62 42.11 27.70
N LYS P 240 -77.06 43.35 27.95
CA LYS P 240 -76.78 44.12 29.17
C LYS P 240 -77.38 43.49 30.44
N VAL P 241 -78.57 42.90 30.35
CA VAL P 241 -79.20 42.19 31.47
C VAL P 241 -78.33 41.00 31.90
N LEU P 242 -77.81 40.23 30.95
CA LEU P 242 -76.94 39.11 31.27
C LEU P 242 -75.56 39.58 31.76
N GLN P 243 -75.02 40.66 31.22
CA GLN P 243 -73.83 41.32 31.77
C GLN P 243 -74.06 41.79 33.23
N ASP P 244 -75.23 42.33 33.54
CA ASP P 244 -75.60 42.72 34.91
C ASP P 244 -75.78 41.50 35.82
N LYS P 245 -76.26 40.37 35.31
CA LYS P 245 -76.26 39.11 36.07
C LYS P 245 -74.84 38.57 36.29
N LEU P 246 -73.92 38.71 35.34
CA LEU P 246 -72.51 38.44 35.59
C LEU P 246 -71.91 39.39 36.64
N SER P 247 -72.30 40.67 36.62
CA SER P 247 -71.95 41.62 37.68
C SER P 247 -72.52 41.20 39.04
N ALA P 248 -73.75 40.66 39.11
CA ALA P 248 -74.28 40.07 40.33
C ALA P 248 -73.45 38.87 40.81
N LEU P 249 -73.04 37.95 39.92
CA LEU P 249 -72.13 36.86 40.26
C LEU P 249 -70.78 37.36 40.80
N SER P 250 -70.29 38.51 40.33
CA SER P 250 -69.04 39.12 40.81
C SER P 250 -69.04 39.52 42.30
N SER P 251 -70.20 39.49 42.97
CA SER P 251 -70.30 39.67 44.43
C SER P 251 -69.65 38.54 45.25
N SER P 252 -69.34 37.38 44.63
CA SER P 252 -68.62 36.29 45.31
C SER P 252 -67.17 36.64 45.67
N ASP P 253 -66.66 36.05 46.76
CA ASP P 253 -65.23 36.05 47.14
C ASP P 253 -64.61 34.63 47.19
N VAL P 254 -65.28 33.62 46.61
CA VAL P 254 -64.71 32.30 46.31
C VAL P 254 -65.10 31.90 44.87
N LEU P 255 -64.15 31.49 44.03
CA LEU P 255 -64.46 30.96 42.70
C LEU P 255 -64.75 29.45 42.77
N THR P 256 -65.91 29.11 43.30
CA THR P 256 -66.37 27.72 43.41
C THR P 256 -66.74 27.11 42.06
N LYS P 257 -66.83 25.78 41.96
CA LYS P 257 -67.33 25.14 40.72
C LYS P 257 -68.76 25.58 40.38
N THR P 258 -69.55 25.97 41.37
CA THR P 258 -70.88 26.56 41.19
C THR P 258 -70.81 27.97 40.60
N LEU P 259 -69.79 28.77 40.93
CA LEU P 259 -69.53 30.04 40.24
C LEU P 259 -69.16 29.77 38.77
N LEU P 260 -68.30 28.79 38.48
CA LEU P 260 -67.99 28.39 37.09
C LEU P 260 -69.26 28.01 36.33
N ASP P 261 -70.08 27.13 36.89
CA ASP P 261 -71.34 26.72 36.26
C ASP P 261 -72.28 27.93 36.04
N SER P 262 -72.34 28.87 36.98
CA SER P 262 -73.16 30.08 36.85
C SER P 262 -72.64 31.04 35.78
N ILE P 263 -71.33 31.29 35.74
CA ILE P 263 -70.70 32.14 34.73
C ILE P 263 -70.86 31.51 33.35
N ASP P 264 -70.61 30.21 33.22
CA ASP P 264 -70.83 29.46 31.99
C ASP P 264 -72.31 29.45 31.56
N ARG P 265 -73.25 29.37 32.51
CA ARG P 265 -74.69 29.51 32.21
C ARG P 265 -75.01 30.90 31.66
N ILE P 266 -74.49 31.97 32.25
CA ILE P 266 -74.65 33.32 31.69
C ILE P 266 -74.06 33.42 30.28
N VAL P 267 -72.90 32.81 30.02
CA VAL P 267 -72.34 32.74 28.67
C VAL P 267 -73.28 31.95 27.73
N LYS P 268 -73.80 30.79 28.15
CA LYS P 268 -74.75 29.99 27.36
C LYS P 268 -76.04 30.75 27.05
N GLU P 269 -76.56 31.53 27.98
CA GLU P 269 -77.68 32.45 27.70
C GLU P 269 -77.29 33.50 26.66
N ASN P 270 -76.10 34.09 26.75
CA ASN P 270 -75.63 35.01 25.71
C ASN P 270 -75.43 34.31 24.35
N GLU P 271 -74.97 33.06 24.31
CA GLU P 271 -74.87 32.27 23.09
C GLU P 271 -76.26 31.96 22.49
N LYS P 272 -77.28 31.74 23.32
CA LYS P 272 -78.67 31.61 22.85
C LYS P 272 -79.24 32.93 22.33
N LEU P 273 -78.82 34.08 22.87
CA LEU P 273 -79.14 35.40 22.32
C LEU P 273 -78.31 35.79 21.09
N ASN P 274 -77.20 35.10 20.80
CA ASN P 274 -76.30 35.46 19.68
C ASN P 274 -76.98 35.24 18.31
N GLY Q 12 42.12 -17.99 -2.30
CA GLY Q 12 43.58 -18.17 -2.37
C GLY Q 12 44.24 -17.85 -1.05
N LEU Q 13 45.28 -18.61 -0.70
CA LEU Q 13 46.08 -18.41 0.50
C LEU Q 13 46.94 -17.13 0.42
N THR Q 14 47.21 -16.48 1.56
CA THR Q 14 48.25 -15.43 1.62
C THR Q 14 49.63 -16.02 1.39
N SER Q 15 50.66 -15.23 1.07
CA SER Q 15 52.01 -15.77 0.83
C SER Q 15 52.57 -16.50 2.06
N GLU Q 16 52.40 -15.92 3.25
CA GLU Q 16 52.85 -16.53 4.51
C GLU Q 16 52.12 -17.84 4.81
N GLN Q 17 50.81 -17.91 4.53
CA GLN Q 17 50.08 -19.17 4.59
C GLN Q 17 50.64 -20.15 3.55
N TYR Q 18 50.73 -19.76 2.28
CA TYR Q 18 51.11 -20.63 1.18
C TYR Q 18 52.48 -21.27 1.40
N HIS Q 19 53.50 -20.48 1.75
CA HIS Q 19 54.83 -21.01 2.03
C HIS Q 19 54.88 -21.81 3.34
N SER Q 20 54.12 -21.46 4.38
CA SER Q 20 54.00 -22.30 5.58
C SER Q 20 53.42 -23.68 5.27
N GLN Q 21 52.42 -23.75 4.40
CA GLN Q 21 51.85 -25.01 3.93
C GLN Q 21 52.87 -25.82 3.13
N VAL Q 22 53.72 -25.20 2.30
CA VAL Q 22 54.82 -25.89 1.60
C VAL Q 22 55.83 -26.48 2.60
N VAL Q 23 56.32 -25.70 3.56
CA VAL Q 23 57.23 -26.21 4.60
C VAL Q 23 56.60 -27.36 5.37
N GLY Q 24 55.33 -27.24 5.75
CA GLY Q 24 54.61 -28.29 6.44
C GLY Q 24 54.46 -29.56 5.61
N LYS Q 25 54.12 -29.44 4.32
CA LYS Q 25 53.87 -30.58 3.43
C LYS Q 25 55.15 -31.29 2.99
N ILE Q 26 56.26 -30.57 2.90
CA ILE Q 26 57.60 -31.18 2.81
C ILE Q 26 57.89 -31.97 4.09
N GLY Q 27 57.64 -31.39 5.27
CA GLY Q 27 57.82 -32.08 6.55
C GLY Q 27 56.95 -33.33 6.70
N TYR Q 28 55.71 -33.32 6.20
CA TYR Q 28 54.81 -34.47 6.27
C TYR Q 28 55.22 -35.64 5.38
N ILE Q 29 55.78 -35.38 4.19
CA ILE Q 29 56.31 -36.44 3.32
C ILE Q 29 57.46 -37.19 4.03
N ALA Q 30 58.33 -36.49 4.76
CA ALA Q 30 59.36 -37.14 5.57
C ALA Q 30 58.77 -38.05 6.65
N ARG Q 31 57.75 -37.59 7.38
CA ARG Q 31 57.02 -38.41 8.37
C ARG Q 31 56.38 -39.64 7.74
N CYS Q 32 55.73 -39.50 6.58
CA CYS Q 32 55.21 -40.65 5.84
C CYS Q 32 56.30 -41.63 5.41
N MET Q 33 57.40 -41.16 4.83
CA MET Q 33 58.48 -42.03 4.34
C MET Q 33 59.16 -42.80 5.48
N GLN Q 34 59.45 -42.13 6.61
CA GLN Q 34 59.95 -42.79 7.82
C GLN Q 34 58.96 -43.80 8.42
N THR Q 35 57.67 -43.73 8.09
CA THR Q 35 56.65 -44.66 8.60
C THR Q 35 56.42 -45.85 7.66
N ILE Q 36 56.36 -45.64 6.34
CA ILE Q 36 56.23 -46.73 5.35
C ILE Q 36 57.51 -47.59 5.31
N ASP Q 37 58.68 -47.00 5.50
CA ASP Q 37 59.96 -47.67 5.30
C ASP Q 37 61.07 -47.11 6.22
N PRO Q 38 61.24 -47.67 7.44
CA PRO Q 38 62.30 -47.28 8.37
C PRO Q 38 63.71 -47.71 7.95
N GLU Q 39 63.87 -48.40 6.81
CA GLU Q 39 65.08 -49.18 6.48
C GLU Q 39 65.68 -48.86 5.11
N ASN Q 40 65.01 -48.03 4.30
CA ASN Q 40 65.34 -47.76 2.90
C ASN Q 40 65.25 -49.02 2.00
N ASN Q 41 64.25 -49.87 2.24
CA ASN Q 41 63.95 -51.02 1.39
C ASN Q 41 63.22 -50.63 0.08
N LEU Q 42 62.34 -49.64 0.10
CA LEU Q 42 61.47 -49.24 -1.02
C LEU Q 42 62.18 -48.26 -1.98
N LYS Q 43 63.34 -48.66 -2.50
CA LYS Q 43 64.26 -47.75 -3.21
C LYS Q 43 63.68 -47.13 -4.48
N LYS Q 44 62.82 -47.83 -5.23
CA LYS Q 44 62.16 -47.23 -6.41
C LYS Q 44 61.20 -46.11 -6.03
N ILE Q 45 60.56 -46.20 -4.85
CA ILE Q 45 59.71 -45.14 -4.31
C ILE Q 45 60.58 -43.97 -3.85
N ARG Q 46 61.59 -44.21 -2.99
CA ARG Q 46 62.44 -43.14 -2.47
C ARG Q 46 63.11 -42.31 -3.57
N GLU Q 47 63.54 -42.92 -4.66
CA GLU Q 47 64.14 -42.19 -5.79
C GLU Q 47 63.19 -41.21 -6.50
N ASP Q 48 61.87 -41.33 -6.36
CA ASP Q 48 60.92 -40.28 -6.80
C ASP Q 48 60.83 -39.13 -5.78
N TYR Q 49 60.84 -39.44 -4.49
CA TYR Q 49 60.67 -38.46 -3.40
C TYR Q 49 61.97 -37.83 -2.90
N GLN Q 50 63.15 -38.28 -3.34
CA GLN Q 50 64.43 -37.74 -2.87
C GLN Q 50 64.55 -36.21 -3.06
N ASP Q 51 63.88 -35.65 -4.07
CA ASP Q 51 63.83 -34.21 -4.33
C ASP Q 51 63.12 -33.38 -3.24
N VAL Q 52 62.28 -34.01 -2.40
CA VAL Q 52 61.77 -33.39 -1.15
C VAL Q 52 62.49 -33.91 0.08
N LEU Q 53 62.82 -35.21 0.15
CA LEU Q 53 63.46 -35.81 1.32
C LEU Q 53 64.85 -35.23 1.63
N ILE Q 54 65.55 -34.68 0.64
CA ILE Q 54 66.80 -33.93 0.85
C ILE Q 54 66.66 -32.80 1.89
N TRP Q 55 65.51 -32.14 1.98
CA TRP Q 55 65.23 -31.10 2.96
C TRP Q 55 64.95 -31.63 4.37
N ALA Q 56 64.70 -32.92 4.53
CA ALA Q 56 64.55 -33.57 5.83
C ALA Q 56 65.86 -34.21 6.34
N GLU Q 57 66.82 -34.46 5.44
CA GLU Q 57 68.10 -35.13 5.75
C GLU Q 57 69.06 -34.31 6.64
N LYS Q 58 68.79 -33.01 6.81
CA LYS Q 58 69.55 -32.05 7.63
C LYS Q 58 68.58 -31.10 8.36
N ASN Q 59 68.98 -30.54 9.49
CA ASN Q 59 68.12 -29.59 10.23
C ASN Q 59 67.98 -28.26 9.47
N TYR Q 60 66.75 -27.79 9.27
CA TYR Q 60 66.41 -26.51 8.65
C TYR Q 60 65.36 -25.70 9.44
N ARG Q 61 65.12 -26.04 10.72
CA ARG Q 61 64.49 -25.18 11.74
C ARG Q 61 63.11 -24.57 11.40
N PHE Q 62 62.35 -25.16 10.47
CA PHE Q 62 61.20 -24.57 9.76
C PHE Q 62 61.58 -23.35 8.91
N GLU Q 63 62.17 -22.34 9.53
CA GLU Q 63 62.47 -21.02 8.98
C GLU Q 63 63.41 -21.06 7.76
N GLU Q 64 64.32 -22.02 7.70
CA GLU Q 64 65.27 -22.09 6.60
C GLU Q 64 64.66 -22.77 5.37
N ILE Q 65 63.71 -23.70 5.56
CA ILE Q 65 62.86 -24.17 4.45
C ILE Q 65 61.89 -23.06 4.03
N LEU Q 66 61.41 -22.24 4.95
CA LEU Q 66 60.50 -21.14 4.63
C LEU Q 66 61.17 -20.14 3.67
N GLU Q 67 62.41 -19.74 3.95
CA GLU Q 67 63.20 -18.93 3.03
C GLU Q 67 63.52 -19.67 1.72
N ALA Q 68 63.92 -20.94 1.78
CA ALA Q 68 64.21 -21.72 0.57
C ALA Q 68 62.97 -21.86 -0.34
N SER Q 69 61.79 -22.04 0.25
CA SER Q 69 60.50 -22.12 -0.43
C SER Q 69 60.12 -20.80 -1.10
N LYS Q 70 60.27 -19.67 -0.38
CA LYS Q 70 60.07 -18.32 -0.94
C LYS Q 70 61.07 -18.02 -2.07
N SER Q 71 62.29 -18.52 -1.94
CA SER Q 71 63.37 -18.37 -2.94
C SER Q 71 63.20 -19.25 -4.18
N GLY Q 72 62.24 -20.19 -4.19
CA GLY Q 72 62.06 -21.15 -5.28
C GLY Q 72 63.09 -22.28 -5.32
N LYS Q 73 63.89 -22.46 -4.26
CA LYS Q 73 64.87 -23.57 -4.16
C LYS Q 73 64.18 -24.90 -3.89
N CYS Q 74 63.21 -24.93 -2.97
CA CYS Q 74 62.32 -26.07 -2.78
C CYS Q 74 61.39 -26.28 -3.97
N PRO Q 75 60.87 -27.50 -4.18
CA PRO Q 75 59.57 -27.62 -4.85
C PRO Q 75 58.53 -26.88 -4.02
N ASN Q 76 57.70 -26.05 -4.65
CA ASN Q 76 56.77 -25.17 -3.95
C ASN Q 76 55.42 -25.00 -4.66
N ASP Q 77 55.14 -25.80 -5.69
CA ASP Q 77 53.80 -25.95 -6.24
C ASP Q 77 52.96 -26.83 -5.30
N LEU Q 78 52.04 -26.23 -4.54
CA LEU Q 78 51.17 -26.99 -3.63
C LEU Q 78 50.33 -28.02 -4.36
N ASP Q 79 50.02 -27.88 -5.65
CA ASP Q 79 49.23 -28.86 -6.37
C ASP Q 79 50.05 -30.13 -6.61
N ALA Q 80 51.30 -29.99 -7.04
CA ALA Q 80 52.22 -31.10 -7.22
C ALA Q 80 52.56 -31.76 -5.88
N LEU Q 81 52.82 -30.96 -4.85
CA LEU Q 81 53.06 -31.48 -3.50
C LEU Q 81 51.83 -32.20 -2.92
N SER Q 82 50.62 -31.71 -3.18
CA SER Q 82 49.38 -32.41 -2.81
C SER Q 82 49.22 -33.74 -3.54
N ARG Q 83 49.46 -33.78 -4.86
CA ARG Q 83 49.38 -35.02 -5.65
C ARG Q 83 50.40 -36.05 -5.17
N ARG Q 84 51.65 -35.64 -4.93
CA ARG Q 84 52.73 -36.47 -4.36
C ARG Q 84 52.38 -37.01 -2.97
N SER Q 85 51.84 -36.16 -2.09
CA SER Q 85 51.48 -36.53 -0.71
C SER Q 85 50.32 -37.52 -0.66
N LEU Q 86 49.29 -37.36 -1.49
CA LEU Q 86 48.15 -38.25 -1.51
C LEU Q 86 48.55 -39.68 -1.93
N ILE Q 87 49.46 -39.84 -2.91
CA ILE Q 87 49.96 -41.16 -3.32
C ILE Q 87 50.69 -41.84 -2.15
N LEU Q 88 51.62 -41.15 -1.49
CA LEU Q 88 52.39 -41.73 -0.39
C LEU Q 88 51.51 -42.01 0.85
N GLN Q 89 50.52 -41.17 1.13
CA GLN Q 89 49.54 -41.37 2.21
C GLN Q 89 48.62 -42.56 1.93
N GLU Q 90 48.05 -42.69 0.73
CA GLU Q 90 47.17 -43.80 0.36
C GLU Q 90 47.91 -45.14 0.27
N LEU Q 91 49.22 -45.14 0.01
CA LEU Q 91 50.08 -46.31 0.17
C LEU Q 91 50.25 -46.69 1.64
N LEU Q 92 50.59 -45.72 2.49
CA LEU Q 92 50.76 -45.96 3.92
C LEU Q 92 49.46 -46.40 4.60
N ARG Q 93 48.29 -45.90 4.19
CA ARG Q 93 47.01 -46.41 4.68
C ARG Q 93 46.85 -47.89 4.42
N LEU Q 94 47.22 -48.39 3.25
CA LEU Q 94 47.12 -49.81 2.94
C LEU Q 94 48.03 -50.64 3.84
N VAL Q 95 49.31 -50.30 3.87
CA VAL Q 95 50.32 -50.97 4.70
C VAL Q 95 50.00 -50.87 6.20
N SER Q 96 49.31 -49.83 6.65
CA SER Q 96 48.87 -49.67 8.05
C SER Q 96 47.56 -50.39 8.37
N SER Q 97 46.68 -50.59 7.38
CA SER Q 97 45.39 -51.27 7.56
C SER Q 97 45.53 -52.78 7.62
N ILE Q 98 46.56 -53.33 6.98
CA ILE Q 98 46.99 -54.72 7.08
C ILE Q 98 47.89 -54.85 8.33
N SER Q 99 47.31 -55.12 9.51
CA SER Q 99 48.05 -54.97 10.77
C SER Q 99 49.09 -56.08 11.03
N PRO Q 100 48.72 -57.38 11.22
CA PRO Q 100 49.71 -58.43 11.45
C PRO Q 100 50.44 -58.83 10.16
N PHE Q 101 49.72 -59.08 9.07
CA PHE Q 101 50.28 -59.56 7.81
C PHE Q 101 51.19 -58.52 7.13
N LYS Q 102 52.01 -58.94 6.18
CA LYS Q 102 53.00 -58.10 5.48
C LYS Q 102 52.98 -58.34 3.97
N MET Q 103 53.09 -57.28 3.18
CA MET Q 103 53.28 -57.38 1.74
C MET Q 103 54.75 -57.65 1.39
N LYS Q 104 55.00 -58.32 0.26
CA LYS Q 104 56.32 -58.38 -0.37
C LYS Q 104 56.73 -56.99 -0.86
N LEU Q 105 58.01 -56.63 -0.80
CA LEU Q 105 58.51 -55.35 -1.33
C LEU Q 105 58.16 -55.18 -2.82
N ASP Q 106 58.21 -56.27 -3.60
CA ASP Q 106 57.83 -56.28 -5.01
C ASP Q 106 56.33 -55.97 -5.23
N LEU Q 107 55.49 -56.31 -4.25
CA LEU Q 107 54.06 -55.99 -4.25
C LEU Q 107 53.86 -54.51 -3.87
N ILE Q 108 54.51 -54.02 -2.80
CA ILE Q 108 54.40 -52.63 -2.36
C ILE Q 108 54.79 -51.66 -3.48
N GLU Q 109 55.94 -51.87 -4.14
CA GLU Q 109 56.39 -51.06 -5.27
C GLU Q 109 55.49 -51.21 -6.51
N SER Q 110 54.75 -52.31 -6.64
CA SER Q 110 53.70 -52.46 -7.66
C SER Q 110 52.44 -51.64 -7.31
N GLN Q 111 51.99 -51.63 -6.05
CA GLN Q 111 50.87 -50.79 -5.62
C GLN Q 111 51.19 -49.32 -5.83
N TYR Q 112 52.41 -48.89 -5.48
CA TYR Q 112 52.87 -47.53 -5.71
C TYR Q 112 52.83 -47.13 -7.19
N GLU Q 113 53.36 -47.94 -8.11
CA GLU Q 113 53.30 -47.62 -9.53
C GLU Q 113 51.86 -47.49 -10.05
N LYS Q 114 50.96 -48.41 -9.65
CA LYS Q 114 49.54 -48.36 -10.02
C LYS Q 114 48.84 -47.11 -9.48
N MET Q 115 49.16 -46.69 -8.25
CA MET Q 115 48.65 -45.41 -7.72
C MET Q 115 49.22 -44.18 -8.43
N LYS Q 116 50.53 -44.13 -8.70
CA LYS Q 116 51.15 -43.01 -9.42
C LYS Q 116 50.54 -42.81 -10.82
N GLN Q 117 50.20 -43.90 -11.50
CA GLN Q 117 49.54 -43.85 -12.81
C GLN Q 117 48.07 -43.39 -12.76
N HIS Q 118 47.39 -43.47 -11.62
CA HIS Q 118 45.96 -43.14 -11.52
C HIS Q 118 45.70 -41.65 -11.77
N VAL Q 119 44.60 -41.30 -12.44
CA VAL Q 119 44.23 -39.91 -12.71
C VAL Q 119 43.92 -39.13 -11.44
N ASN Q 120 43.13 -39.71 -10.54
CA ASN Q 120 42.58 -39.05 -9.34
C ASN Q 120 42.31 -40.09 -8.23
N LEU Q 121 43.15 -40.12 -7.18
CA LEU Q 121 43.00 -41.11 -6.13
C LEU Q 121 41.69 -40.95 -5.33
N TRP Q 122 41.23 -39.73 -5.04
CA TRP Q 122 39.97 -39.55 -4.29
C TRP Q 122 38.77 -40.24 -4.95
N LYS Q 123 38.68 -40.19 -6.28
CA LYS Q 123 37.61 -40.84 -7.05
C LYS Q 123 37.93 -42.30 -7.43
N SER Q 124 39.05 -42.87 -6.99
CA SER Q 124 39.49 -44.22 -7.34
C SER Q 124 38.76 -45.33 -6.56
N ASP Q 125 38.63 -46.50 -7.17
CA ASP Q 125 38.15 -47.70 -6.48
C ASP Q 125 39.13 -48.18 -5.38
N TYR Q 126 40.42 -47.88 -5.54
CA TYR Q 126 41.43 -48.12 -4.51
C TYR Q 126 41.09 -47.39 -3.22
N HIS Q 127 40.76 -46.09 -3.32
CA HIS Q 127 40.37 -45.29 -2.18
C HIS Q 127 39.07 -45.79 -1.54
N VAL Q 128 38.09 -46.18 -2.35
CA VAL Q 128 36.85 -46.81 -1.85
C VAL Q 128 37.16 -48.07 -1.04
N LYS Q 129 37.96 -49.00 -1.57
CA LYS Q 129 38.30 -50.25 -0.89
C LYS Q 129 39.04 -50.01 0.42
N LEU Q 130 39.92 -49.01 0.47
CA LEU Q 130 40.57 -48.59 1.71
C LEU Q 130 39.58 -48.01 2.73
N ASN Q 131 38.66 -47.13 2.32
CA ASN Q 131 37.66 -46.58 3.23
C ASN Q 131 36.76 -47.69 3.80
N GLN Q 132 36.37 -48.67 2.98
CA GLN Q 132 35.64 -49.86 3.42
C GLN Q 132 36.45 -50.71 4.39
N LEU Q 133 37.75 -50.93 4.15
CA LEU Q 133 38.59 -51.68 5.08
C LEU Q 133 38.76 -50.96 6.42
N ASN Q 134 38.90 -49.63 6.43
CA ASN Q 134 38.98 -48.85 7.67
C ASN Q 134 37.65 -48.74 8.41
N GLN Q 135 36.53 -48.58 7.69
CA GLN Q 135 35.18 -48.66 8.26
C GLN Q 135 34.97 -49.99 8.99
N LEU Q 136 35.40 -51.08 8.38
CA LEU Q 136 35.33 -52.43 8.93
C LEU Q 136 36.30 -52.66 10.10
N THR Q 137 37.53 -52.16 10.01
CA THR Q 137 38.58 -52.35 11.03
C THR Q 137 38.38 -51.49 12.28
N ASP Q 138 38.02 -50.20 12.16
CA ASP Q 138 37.89 -49.30 13.32
C ASP Q 138 36.78 -49.69 14.29
N TYR Q 139 35.69 -50.28 13.80
CA TYR Q 139 34.64 -50.84 14.64
C TYR Q 139 35.18 -51.88 15.63
N LEU Q 140 36.16 -52.69 15.19
CA LEU Q 140 36.75 -53.79 15.96
C LEU Q 140 37.82 -53.36 16.97
N LYS Q 141 38.32 -52.12 16.91
CA LYS Q 141 39.30 -51.59 17.88
C LYS Q 141 38.73 -51.43 19.31
N ASN Q 142 37.41 -51.34 19.46
CA ASN Q 142 36.72 -51.20 20.75
C ASN Q 142 35.60 -52.23 20.97
N ALA Q 143 35.43 -53.20 20.08
CA ALA Q 143 34.33 -54.16 20.12
C ALA Q 143 34.46 -55.20 21.24
N ALA Q 144 33.38 -55.40 22.01
CA ALA Q 144 33.27 -56.42 23.05
C ALA Q 144 32.97 -57.82 22.46
N PRO Q 145 33.34 -58.93 23.14
CA PRO Q 145 33.07 -60.28 22.66
C PRO Q 145 31.58 -60.61 22.57
N THR Q 146 31.10 -60.89 21.36
CA THR Q 146 29.73 -61.34 21.04
C THR Q 146 29.73 -61.95 19.62
N PRO Q 147 28.76 -62.77 19.18
CA PRO Q 147 28.86 -63.52 17.93
C PRO Q 147 29.16 -62.66 16.69
N LYS Q 148 28.43 -61.56 16.48
CA LYS Q 148 28.69 -60.60 15.39
C LYS Q 148 30.13 -60.10 15.38
N ASN Q 149 30.68 -59.75 16.53
CA ASN Q 149 32.03 -59.20 16.61
C ASN Q 149 33.10 -60.29 16.41
N ASN Q 150 32.88 -61.52 16.87
CA ASN Q 150 33.76 -62.66 16.57
C ASN Q 150 33.78 -63.01 15.08
N PHE Q 151 32.62 -63.03 14.43
CA PHE Q 151 32.51 -63.29 12.99
C PHE Q 151 33.20 -62.19 12.18
N LEU Q 152 33.02 -60.93 12.55
CA LEU Q 152 33.72 -59.80 11.93
C LEU Q 152 35.24 -59.85 12.16
N ARG Q 153 35.74 -60.18 13.36
CA ARG Q 153 37.20 -60.34 13.56
C ARG Q 153 37.76 -61.44 12.67
N ALA Q 154 37.07 -62.57 12.52
CA ALA Q 154 37.48 -63.63 11.61
C ALA Q 154 37.53 -63.13 10.16
N MET Q 155 36.41 -62.67 9.61
CA MET Q 155 36.36 -62.21 8.21
C MET Q 155 37.32 -61.06 7.91
N THR Q 156 37.51 -60.12 8.85
CA THR Q 156 38.45 -59.01 8.66
C THR Q 156 39.89 -59.50 8.65
N SER Q 157 40.23 -60.48 9.49
CA SER Q 157 41.57 -61.08 9.47
C SER Q 157 41.82 -61.82 8.15
N VAL Q 158 40.84 -62.56 7.65
CA VAL Q 158 40.94 -63.20 6.33
C VAL Q 158 41.12 -62.15 5.25
N LEU Q 159 40.33 -61.08 5.29
CA LEU Q 159 40.36 -60.03 4.30
C LEU Q 159 41.73 -59.32 4.26
N GLN Q 160 42.25 -58.92 5.41
CA GLN Q 160 43.59 -58.36 5.53
C GLN Q 160 44.64 -59.30 4.98
N MET Q 161 44.54 -60.59 5.29
CA MET Q 161 45.48 -61.59 4.78
C MET Q 161 45.39 -61.71 3.25
N GLN Q 162 44.19 -61.76 2.68
CA GLN Q 162 44.06 -61.84 1.22
C GLN Q 162 44.56 -60.56 0.54
N ILE Q 163 44.28 -59.39 1.10
CA ILE Q 163 44.79 -58.13 0.57
C ILE Q 163 46.33 -58.08 0.67
N ALA Q 164 46.94 -58.69 1.70
CA ALA Q 164 48.39 -58.85 1.75
C ALA Q 164 48.95 -59.79 0.67
N GLN Q 165 48.16 -60.73 0.15
CA GLN Q 165 48.55 -61.60 -0.97
C GLN Q 165 48.32 -60.95 -2.35
N TYR Q 166 47.25 -60.19 -2.54
CA TYR Q 166 46.79 -59.77 -3.87
C TYR Q 166 46.69 -58.25 -4.07
N GLY Q 167 46.90 -57.45 -3.02
CA GLY Q 167 46.76 -56.00 -3.06
C GLY Q 167 45.33 -55.50 -3.25
N ILE Q 168 45.20 -54.20 -3.50
CA ILE Q 168 43.91 -53.51 -3.71
C ILE Q 168 43.65 -53.21 -5.20
N THR Q 169 44.71 -53.07 -5.99
CA THR Q 169 44.68 -52.45 -7.33
C THR Q 169 43.97 -53.27 -8.42
N GLU Q 170 43.73 -54.55 -8.20
CA GLU Q 170 43.03 -55.47 -9.12
C GLU Q 170 41.89 -56.21 -8.42
N ASP Q 171 40.78 -56.43 -9.12
CA ASP Q 171 39.66 -57.19 -8.56
C ASP Q 171 40.00 -58.67 -8.34
N ASN Q 172 39.65 -59.16 -7.14
CA ASN Q 172 39.76 -60.54 -6.72
C ASN Q 172 38.41 -60.94 -6.12
N GLU Q 173 37.82 -62.04 -6.58
CA GLU Q 173 36.47 -62.44 -6.20
C GLU Q 173 36.36 -62.78 -4.71
N GLY Q 174 37.42 -63.34 -4.11
CA GLY Q 174 37.49 -63.63 -2.69
C GLY Q 174 37.46 -62.35 -1.85
N ILE Q 175 38.33 -61.40 -2.16
CA ILE Q 175 38.39 -60.09 -1.51
C ILE Q 175 37.06 -59.34 -1.70
N ASN Q 176 36.57 -59.21 -2.93
CA ASN Q 176 35.36 -58.44 -3.22
C ASN Q 176 34.10 -59.07 -2.60
N GLN Q 177 33.99 -60.40 -2.57
CA GLN Q 177 32.89 -61.06 -1.85
C GLN Q 177 33.02 -60.85 -0.34
N LEU Q 178 34.23 -60.91 0.20
CA LEU Q 178 34.46 -60.77 1.64
C LEU Q 178 34.27 -59.32 2.13
N PHE Q 179 34.48 -58.31 1.28
CA PHE Q 179 34.01 -56.95 1.52
C PHE Q 179 32.48 -56.90 1.64
N LYS Q 180 31.73 -57.47 0.68
CA LYS Q 180 30.26 -57.48 0.72
C LYS Q 180 29.74 -58.17 1.98
N LEU Q 181 30.29 -59.33 2.33
CA LEU Q 181 29.92 -60.07 3.52
C LEU Q 181 30.21 -59.27 4.80
N GLY Q 182 31.43 -58.76 4.95
CA GLY Q 182 31.85 -58.02 6.14
C GLY Q 182 31.02 -56.76 6.39
N LEU Q 183 30.81 -55.95 5.36
CA LEU Q 183 30.01 -54.73 5.47
C LEU Q 183 28.52 -55.00 5.68
N HIS Q 184 27.98 -56.07 5.10
CA HIS Q 184 26.58 -56.45 5.33
C HIS Q 184 26.36 -56.89 6.78
N LEU Q 185 27.26 -57.70 7.35
CA LEU Q 185 27.17 -58.08 8.75
C LEU Q 185 27.38 -56.88 9.69
N LEU Q 186 28.32 -55.99 9.38
CA LEU Q 186 28.56 -54.78 10.19
C LEU Q 186 27.29 -53.92 10.28
N ALA Q 187 26.60 -53.71 9.17
CA ALA Q 187 25.37 -52.95 9.10
C ALA Q 187 24.14 -53.66 9.71
N MET Q 188 24.19 -54.97 9.91
CA MET Q 188 23.06 -55.77 10.39
C MET Q 188 22.74 -55.53 11.86
N ALA Q 189 21.45 -55.44 12.22
CA ALA Q 189 20.98 -55.19 13.58
C ALA Q 189 21.52 -56.20 14.61
N ASN Q 190 22.02 -55.72 15.74
CA ASN Q 190 22.74 -56.55 16.71
C ASN Q 190 21.84 -57.59 17.39
N GLU Q 191 20.53 -57.37 17.44
CA GLU Q 191 19.55 -58.32 17.99
C GLU Q 191 19.30 -59.55 17.09
N LYS Q 192 19.57 -59.46 15.79
CA LYS Q 192 19.25 -60.48 14.77
C LYS Q 192 20.28 -61.61 14.71
N ILE Q 193 20.56 -62.27 15.84
CA ILE Q 193 21.60 -63.30 15.92
C ILE Q 193 21.38 -64.45 14.92
N ASP Q 194 20.13 -64.82 14.63
CA ASP Q 194 19.84 -65.87 13.65
C ASP Q 194 20.36 -65.51 12.25
N GLU Q 195 20.19 -64.26 11.82
CA GLU Q 195 20.71 -63.77 10.55
C GLU Q 195 22.24 -63.68 10.56
N GLN Q 196 22.84 -63.30 11.69
CA GLN Q 196 24.29 -63.17 11.83
C GLN Q 196 24.97 -64.54 11.71
N TYR Q 197 24.46 -65.56 12.40
CA TYR Q 197 24.96 -66.94 12.26
C TYR Q 197 24.69 -67.49 10.85
N HIS Q 198 23.50 -67.28 10.29
CA HIS Q 198 23.17 -67.73 8.93
C HIS Q 198 24.11 -67.14 7.88
N LEU Q 199 24.38 -65.83 7.95
CA LEU Q 199 25.31 -65.14 7.06
C LEU Q 199 26.74 -65.67 7.20
N PHE Q 200 27.23 -65.84 8.42
CA PHE Q 200 28.60 -66.33 8.64
C PHE Q 200 28.79 -67.79 8.23
N LYS Q 201 27.83 -68.68 8.53
CA LYS Q 201 27.85 -70.06 8.03
C LYS Q 201 27.79 -70.09 6.50
N GLY Q 202 26.94 -69.27 5.88
CA GLY Q 202 26.84 -69.14 4.43
C GLY Q 202 28.15 -68.70 3.78
N TYR Q 203 28.88 -67.77 4.40
CA TYR Q 203 30.25 -67.44 4.01
C TYR Q 203 31.17 -68.66 4.07
N VAL Q 204 31.31 -69.33 5.22
CA VAL Q 204 32.24 -70.46 5.36
C VAL Q 204 31.92 -71.60 4.38
N LYS Q 205 30.65 -71.83 4.07
CA LYS Q 205 30.21 -72.80 3.07
C LYS Q 205 30.64 -72.44 1.64
N ASP Q 206 30.82 -71.15 1.34
CA ASP Q 206 31.30 -70.63 0.04
C ASP Q 206 32.82 -70.37 -0.01
N GLN Q 207 33.57 -70.54 1.10
CA GLN Q 207 35.04 -70.55 1.10
C GLN Q 207 35.57 -71.68 0.18
N PRO Q 208 36.67 -71.51 -0.57
CA PRO Q 208 37.30 -72.60 -1.31
C PRO Q 208 37.86 -73.71 -0.42
N GLU Q 209 38.56 -73.36 0.66
CA GLU Q 209 39.21 -74.27 1.61
C GLU Q 209 38.23 -74.97 2.58
N GLU Q 210 38.65 -76.13 3.11
CA GLU Q 210 37.96 -76.85 4.19
C GLU Q 210 38.04 -76.11 5.53
N SER Q 211 39.20 -75.52 5.83
CA SER Q 211 39.43 -74.64 6.97
C SER Q 211 39.67 -73.20 6.48
N PRO Q 212 38.78 -72.23 6.76
CA PRO Q 212 38.92 -70.86 6.29
C PRO Q 212 39.99 -70.06 7.05
N PHE Q 213 40.19 -70.34 8.34
CA PHE Q 213 40.99 -69.52 9.26
C PHE Q 213 42.39 -70.07 9.56
N GLU Q 214 42.83 -71.08 8.80
CA GLU Q 214 44.07 -71.83 9.00
C GLU Q 214 45.33 -70.94 9.00
N GLY Q 215 45.84 -70.61 10.19
CA GLY Q 215 46.97 -69.68 10.36
C GLY Q 215 46.62 -68.19 10.17
N ILE Q 216 45.41 -67.84 9.74
CA ILE Q 216 44.89 -66.46 9.72
C ILE Q 216 44.64 -65.99 11.16
N LEU Q 217 44.09 -66.87 12.00
CA LEU Q 217 43.42 -66.53 13.25
C LEU Q 217 44.01 -67.35 14.43
N PRO Q 218 44.13 -66.79 15.66
CA PRO Q 218 44.56 -67.55 16.83
C PRO Q 218 43.70 -68.79 17.10
N ALA Q 219 44.31 -69.90 17.49
CA ALA Q 219 43.59 -71.13 17.79
C ALA Q 219 42.57 -70.96 18.93
N GLU Q 220 42.83 -70.05 19.86
CA GLU Q 220 41.91 -69.65 20.93
C GLU Q 220 40.61 -69.07 20.35
N ASP Q 221 40.72 -68.23 19.32
CA ASP Q 221 39.56 -67.66 18.63
C ASP Q 221 38.86 -68.70 17.75
N GLN Q 222 39.62 -69.59 17.10
CA GLN Q 222 39.05 -70.71 16.34
C GLN Q 222 38.25 -71.67 17.24
N LYS Q 223 38.76 -71.97 18.44
CA LYS Q 223 38.04 -72.74 19.48
C LYS Q 223 36.74 -72.03 19.84
N ILE Q 224 36.76 -70.71 20.06
CA ILE Q 224 35.56 -69.93 20.37
C ILE Q 224 34.57 -69.95 19.20
N LEU Q 225 35.02 -69.90 17.94
CA LEU Q 225 34.14 -70.00 16.78
C LEU Q 225 33.45 -71.37 16.69
N VAL Q 226 34.13 -72.48 17.01
CA VAL Q 226 33.48 -73.79 17.13
C VAL Q 226 32.47 -73.78 18.28
N LYS Q 227 32.93 -73.38 19.48
CA LYS Q 227 32.11 -73.35 20.69
C LYS Q 227 30.83 -72.54 20.50
N THR Q 228 30.92 -71.34 19.93
CA THR Q 228 29.77 -70.44 19.81
C THR Q 228 28.71 -70.95 18.82
N MET Q 229 29.09 -71.80 17.85
CA MET Q 229 28.12 -72.52 17.02
C MET Q 229 27.49 -73.70 17.75
N ILE Q 230 28.27 -74.45 18.54
CA ILE Q 230 27.72 -75.53 19.37
C ILE Q 230 26.73 -74.97 20.40
N ASP Q 231 27.06 -73.86 21.06
CA ASP Q 231 26.16 -73.16 21.98
C ASP Q 231 24.89 -72.62 21.29
N TYR Q 232 24.95 -72.29 19.99
CA TYR Q 232 23.77 -71.86 19.24
C TYR Q 232 22.89 -73.04 18.80
N ALA Q 233 23.48 -74.18 18.45
CA ALA Q 233 22.75 -75.37 18.01
C ALA Q 233 22.13 -76.17 19.17
N MET Q 234 22.83 -76.30 20.31
CA MET Q 234 22.43 -77.21 21.38
C MET Q 234 21.01 -76.98 21.95
N PRO Q 235 20.51 -75.74 22.14
CA PRO Q 235 19.15 -75.50 22.60
C PRO Q 235 18.03 -76.05 21.69
N LYS Q 236 18.31 -76.36 20.42
CA LYS Q 236 17.35 -77.02 19.51
C LYS Q 236 17.16 -78.50 19.81
N LEU Q 237 18.20 -79.18 20.30
CA LEU Q 237 18.28 -80.64 20.36
C LEU Q 237 17.47 -81.22 21.53
N SER Q 238 16.41 -81.99 21.24
CA SER Q 238 15.57 -82.62 22.28
C SER Q 238 16.12 -83.97 22.76
N SER Q 239 16.75 -84.73 21.87
CA SER Q 239 17.40 -86.01 22.21
C SER Q 239 18.75 -85.78 22.89
N LYS Q 240 18.94 -86.40 24.07
CA LYS Q 240 20.23 -86.41 24.78
C LYS Q 240 21.34 -87.04 23.94
N VAL Q 241 21.04 -88.07 23.15
CA VAL Q 241 22.02 -88.68 22.23
C VAL Q 241 22.51 -87.65 21.21
N LEU Q 242 21.61 -86.87 20.62
CA LEU Q 242 21.99 -85.81 19.69
C LEU Q 242 22.75 -84.68 20.38
N GLN Q 243 22.35 -84.28 21.61
CA GLN Q 243 23.13 -83.34 22.42
C GLN Q 243 24.55 -83.84 22.70
N ASP Q 244 24.70 -85.12 23.03
CA ASP Q 244 26.00 -85.73 23.31
C ASP Q 244 26.87 -85.87 22.06
N LYS Q 245 26.26 -86.17 20.91
CA LYS Q 245 26.96 -86.15 19.61
C LYS Q 245 27.39 -84.75 19.21
N LEU Q 246 26.54 -83.73 19.40
CA LEU Q 246 26.94 -82.34 19.22
C LEU Q 246 28.07 -81.96 20.19
N SER Q 247 27.98 -82.35 21.46
CA SER Q 247 29.03 -82.12 22.45
C SER Q 247 30.35 -82.77 22.03
N ALA Q 248 30.35 -83.95 21.42
CA ALA Q 248 31.56 -84.57 20.89
C ALA Q 248 32.28 -83.71 19.82
N LEU Q 249 31.55 -82.89 19.05
CA LEU Q 249 32.14 -81.96 18.09
C LEU Q 249 32.96 -80.85 18.75
N SER Q 250 32.71 -80.53 20.03
CA SER Q 250 33.50 -79.55 20.80
C SER Q 250 34.96 -79.96 21.00
N SER Q 251 35.30 -81.22 20.72
CA SER Q 251 36.69 -81.70 20.67
C SER Q 251 37.54 -81.01 19.59
N SER Q 252 36.93 -80.43 18.54
CA SER Q 252 37.66 -79.60 17.58
C SER Q 252 37.98 -78.21 18.14
N ASP Q 253 39.22 -77.78 17.97
CA ASP Q 253 39.65 -76.37 18.12
C ASP Q 253 39.78 -75.65 16.77
N VAL Q 254 39.44 -76.30 15.65
CA VAL Q 254 39.46 -75.71 14.30
C VAL Q 254 38.05 -75.64 13.73
N LEU Q 255 37.65 -74.45 13.27
CA LEU Q 255 36.41 -74.25 12.53
C LEU Q 255 36.62 -74.74 11.09
N THR Q 256 35.80 -75.69 10.63
CA THR Q 256 35.88 -76.25 9.26
C THR Q 256 34.50 -76.49 8.66
N LYS Q 257 34.42 -76.63 7.33
CA LYS Q 257 33.16 -77.04 6.69
C LYS Q 257 32.61 -78.34 7.27
N THR Q 258 33.46 -79.30 7.60
CA THR Q 258 33.08 -80.54 8.29
C THR Q 258 32.43 -80.26 9.64
N LEU Q 259 32.93 -79.32 10.44
CA LEU Q 259 32.29 -78.98 11.70
C LEU Q 259 30.89 -78.43 11.47
N LEU Q 260 30.73 -77.45 10.58
CA LEU Q 260 29.43 -76.88 10.26
C LEU Q 260 28.47 -77.94 9.70
N ASP Q 261 28.95 -78.77 8.77
CA ASP Q 261 28.18 -79.89 8.22
C ASP Q 261 27.79 -80.91 9.29
N SER Q 262 28.65 -81.16 10.29
CA SER Q 262 28.36 -82.08 11.38
C SER Q 262 27.32 -81.50 12.33
N ILE Q 263 27.44 -80.22 12.70
CA ILE Q 263 26.43 -79.55 13.51
C ILE Q 263 25.08 -79.55 12.76
N ASP Q 264 25.10 -79.19 11.47
CA ASP Q 264 23.93 -79.24 10.61
C ASP Q 264 23.35 -80.67 10.51
N ARG Q 265 24.19 -81.70 10.36
CA ARG Q 265 23.74 -83.10 10.32
C ARG Q 265 23.03 -83.48 11.61
N ILE Q 266 23.58 -83.14 12.79
CA ILE Q 266 22.95 -83.41 14.08
C ILE Q 266 21.64 -82.61 14.24
N VAL Q 267 21.59 -81.38 13.74
CA VAL Q 267 20.34 -80.59 13.69
C VAL Q 267 19.31 -81.23 12.76
N LYS Q 268 19.70 -81.75 11.58
CA LYS Q 268 18.80 -82.47 10.67
C LYS Q 268 18.31 -83.79 11.26
N GLU Q 269 19.15 -84.52 12.00
CA GLU Q 269 18.67 -85.69 12.77
C GLU Q 269 17.63 -85.27 13.81
N ASN Q 270 17.81 -84.13 14.49
CA ASN Q 270 16.80 -83.61 15.42
C ASN Q 270 15.51 -83.19 14.71
N GLU Q 271 15.60 -82.54 13.56
CA GLU Q 271 14.43 -82.17 12.75
C GLU Q 271 13.67 -83.40 12.24
N LYS Q 272 14.37 -84.51 11.92
CA LYS Q 272 13.73 -85.79 11.59
C LYS Q 272 13.17 -86.51 12.82
N LEU Q 273 13.84 -86.43 13.97
CA LEU Q 273 13.46 -87.11 15.21
C LEU Q 273 12.16 -86.55 15.80
N ASN Q 274 11.99 -85.23 15.82
CA ASN Q 274 10.82 -84.56 16.38
C ASN Q 274 9.63 -84.55 15.40
N LYS R 9 13.96 51.58 -12.65
CA LYS R 9 13.54 50.91 -13.91
C LYS R 9 12.67 51.84 -14.77
N MET R 10 13.12 52.15 -15.99
CA MET R 10 12.37 52.93 -17.00
C MET R 10 12.27 52.12 -18.28
N GLY R 11 11.04 51.85 -18.77
CA GLY R 11 10.84 50.73 -19.71
C GLY R 11 11.28 49.41 -19.06
N GLY R 12 12.16 48.66 -19.72
CA GLY R 12 12.90 47.54 -19.11
C GLY R 12 14.28 47.91 -18.55
N LEU R 13 14.74 49.15 -18.77
CA LEU R 13 16.12 49.59 -18.61
C LEU R 13 16.39 50.21 -17.24
N THR R 14 17.66 50.36 -16.83
CA THR R 14 18.00 51.34 -15.78
C THR R 14 17.74 52.76 -16.28
N SER R 15 17.58 53.74 -15.40
CA SER R 15 17.41 55.14 -15.82
C SER R 15 18.64 55.66 -16.56
N GLU R 16 19.85 55.26 -16.16
CA GLU R 16 21.07 55.60 -16.87
C GLU R 16 21.07 55.03 -18.29
N GLN R 17 20.69 53.77 -18.48
CA GLN R 17 20.53 53.18 -19.81
C GLN R 17 19.47 53.92 -20.61
N TYR R 18 18.30 54.17 -20.02
CA TYR R 18 17.19 54.82 -20.69
C TYR R 18 17.56 56.23 -21.22
N HIS R 19 18.14 57.08 -20.37
CA HIS R 19 18.58 58.40 -20.81
C HIS R 19 19.77 58.34 -21.77
N SER R 20 20.68 57.36 -21.65
CA SER R 20 21.72 57.14 -22.66
C SER R 20 21.15 56.73 -24.03
N GLN R 21 20.09 55.92 -24.08
CA GLN R 21 19.45 55.51 -25.31
C GLN R 21 18.67 56.64 -25.97
N VAL R 22 18.13 57.59 -25.18
CA VAL R 22 17.53 58.82 -25.69
C VAL R 22 18.57 59.69 -26.41
N VAL R 23 19.74 59.91 -25.82
CA VAL R 23 20.84 60.63 -26.48
C VAL R 23 21.23 59.92 -27.78
N GLY R 24 21.31 58.58 -27.76
CA GLY R 24 21.56 57.77 -28.96
C GLY R 24 20.56 58.00 -30.10
N LYS R 25 19.25 58.03 -29.83
CA LYS R 25 18.23 58.28 -30.88
C LYS R 25 18.25 59.70 -31.41
N ILE R 26 18.47 60.69 -30.56
CA ILE R 26 18.63 62.08 -31.01
C ILE R 26 19.84 62.18 -31.95
N GLY R 27 20.97 61.53 -31.62
CA GLY R 27 22.14 61.48 -32.48
C GLY R 27 21.91 60.73 -33.80
N TYR R 28 21.26 59.57 -33.77
CA TYR R 28 20.98 58.76 -34.97
C TYR R 28 19.99 59.42 -35.94
N ILE R 29 18.95 60.09 -35.42
CA ILE R 29 18.04 60.89 -36.24
C ILE R 29 18.79 61.99 -36.99
N ALA R 30 19.76 62.66 -36.37
CA ALA R 30 20.58 63.66 -37.03
C ALA R 30 21.40 63.07 -38.19
N ARG R 31 22.05 61.92 -37.97
CA ARG R 31 22.81 61.23 -39.02
C ARG R 31 21.92 60.76 -40.17
N CYS R 32 20.68 60.33 -39.90
CA CYS R 32 19.73 60.03 -40.95
C CYS R 32 19.32 61.27 -41.73
N MET R 33 18.94 62.36 -41.05
CA MET R 33 18.49 63.58 -41.74
C MET R 33 19.58 64.16 -42.66
N GLN R 34 20.83 64.20 -42.19
CA GLN R 34 21.99 64.63 -42.98
C GLN R 34 22.30 63.78 -44.22
N THR R 35 21.82 62.53 -44.30
CA THR R 35 22.13 61.60 -45.39
C THR R 35 20.93 61.33 -46.31
N ILE R 36 19.69 61.54 -45.87
CA ILE R 36 18.52 61.64 -46.78
C ILE R 36 18.59 62.95 -47.58
N ASP R 37 18.94 64.05 -46.93
CA ASP R 37 18.94 65.40 -47.49
C ASP R 37 20.20 66.20 -47.07
N PRO R 38 21.33 66.06 -47.79
CA PRO R 38 22.55 66.82 -47.53
C PRO R 38 22.45 68.33 -47.81
N GLU R 39 21.31 68.85 -48.26
CA GLU R 39 21.19 70.16 -48.91
C GLU R 39 20.10 71.07 -48.31
N ASN R 40 19.36 70.59 -47.31
CA ASN R 40 18.18 71.25 -46.73
C ASN R 40 17.03 71.45 -47.74
N ASN R 41 16.89 70.55 -48.73
CA ASN R 41 15.78 70.58 -49.70
C ASN R 41 14.44 70.14 -49.08
N LEU R 42 14.46 69.34 -48.01
CA LEU R 42 13.32 68.55 -47.55
C LEU R 42 12.53 69.23 -46.41
N LYS R 43 12.10 70.47 -46.64
CA LYS R 43 11.60 71.41 -45.62
C LYS R 43 10.51 70.84 -44.69
N LYS R 44 9.49 70.15 -45.22
CA LYS R 44 8.39 69.60 -44.39
C LYS R 44 8.86 68.57 -43.37
N ILE R 45 9.77 67.68 -43.76
CA ILE R 45 10.34 66.68 -42.85
C ILE R 45 11.24 67.35 -41.81
N ARG R 46 12.12 68.28 -42.23
CA ARG R 46 12.97 69.03 -41.27
C ARG R 46 12.16 69.86 -40.26
N GLU R 47 10.95 70.31 -40.60
CA GLU R 47 10.02 70.89 -39.63
C GLU R 47 9.39 69.83 -38.69
N ASP R 48 8.90 68.70 -39.20
CA ASP R 48 8.35 67.63 -38.33
C ASP R 48 9.37 67.06 -37.33
N TYR R 49 10.67 67.03 -37.67
CA TYR R 49 11.75 66.58 -36.78
C TYR R 49 12.45 67.72 -36.01
N GLN R 50 11.94 68.95 -36.07
CA GLN R 50 12.60 70.12 -35.49
C GLN R 50 12.90 69.97 -33.99
N ASP R 51 12.03 69.31 -33.21
CA ASP R 51 12.23 69.11 -31.78
C ASP R 51 13.53 68.40 -31.40
N VAL R 52 13.98 67.45 -32.23
CA VAL R 52 15.22 66.68 -32.01
C VAL R 52 16.39 67.26 -32.79
N LEU R 53 16.13 67.78 -34.00
CA LEU R 53 17.15 68.44 -34.82
C LEU R 53 17.65 69.78 -34.24
N ILE R 54 16.94 70.39 -33.28
CA ILE R 54 17.45 71.54 -32.50
C ILE R 54 18.63 71.15 -31.59
N TRP R 55 18.68 69.93 -31.07
CA TRP R 55 19.74 69.47 -30.16
C TRP R 55 20.99 69.03 -30.90
N ALA R 56 20.83 68.31 -32.01
CA ALA R 56 21.89 68.15 -33.00
C ALA R 56 22.12 69.46 -33.80
N GLU R 57 23.05 69.44 -34.77
CA GLU R 57 23.43 70.56 -35.66
C GLU R 57 24.12 71.75 -34.97
N LYS R 58 23.57 72.23 -33.85
CA LYS R 58 24.21 73.10 -32.86
C LYS R 58 25.40 72.40 -32.21
N ASN R 59 26.40 73.15 -31.74
CA ASN R 59 27.50 72.58 -30.96
C ASN R 59 27.01 72.13 -29.57
N TYR R 60 27.23 70.85 -29.26
CA TYR R 60 26.79 70.26 -27.96
C TYR R 60 27.66 69.05 -27.58
N ARG R 61 27.53 68.55 -26.35
CA ARG R 61 28.28 67.39 -25.82
C ARG R 61 27.33 66.33 -25.29
N PHE R 62 27.73 65.05 -25.34
CA PHE R 62 26.91 63.91 -24.92
C PHE R 62 26.37 64.09 -23.50
N GLU R 63 27.21 64.57 -22.58
CA GLU R 63 26.83 64.76 -21.18
C GLU R 63 25.83 65.93 -20.98
N GLU R 64 25.78 66.89 -21.89
CA GLU R 64 24.82 68.00 -21.83
C GLU R 64 23.43 67.58 -22.31
N ILE R 65 23.34 66.85 -23.42
CA ILE R 65 22.07 66.29 -23.89
C ILE R 65 21.59 65.16 -22.97
N LEU R 66 22.49 64.47 -22.26
CA LEU R 66 22.12 63.54 -21.21
C LEU R 66 21.45 64.27 -20.02
N GLU R 67 22.02 65.38 -19.56
CA GLU R 67 21.40 66.20 -18.52
C GLU R 67 20.07 66.82 -18.99
N ALA R 68 19.98 67.28 -20.24
CA ALA R 68 18.73 67.76 -20.81
C ALA R 68 17.65 66.67 -20.87
N SER R 69 18.01 65.43 -21.22
CA SER R 69 17.12 64.27 -21.20
C SER R 69 16.65 63.93 -19.79
N LYS R 70 17.55 63.90 -18.80
CA LYS R 70 17.20 63.68 -17.39
C LYS R 70 16.31 64.79 -16.83
N SER R 71 16.52 66.02 -17.29
CA SER R 71 15.73 67.20 -16.92
C SER R 71 14.43 67.36 -17.70
N GLY R 72 14.16 66.53 -18.70
CA GLY R 72 12.95 66.61 -19.53
C GLY R 72 12.90 67.79 -20.51
N LYS R 73 14.03 68.42 -20.82
CA LYS R 73 14.11 69.60 -21.71
C LYS R 73 14.06 69.21 -23.19
N CYS R 74 14.76 68.15 -23.59
CA CYS R 74 14.62 67.52 -24.90
C CYS R 74 13.51 66.46 -24.88
N PRO R 75 13.10 65.90 -26.03
CA PRO R 75 12.27 64.71 -26.07
C PRO R 75 12.95 63.54 -25.34
N ASN R 76 12.20 62.79 -24.53
CA ASN R 76 12.74 61.68 -23.75
C ASN R 76 11.78 60.49 -23.59
N ASP R 77 10.74 60.37 -24.44
CA ASP R 77 9.98 59.12 -24.57
C ASP R 77 10.61 58.21 -25.63
N LEU R 78 11.27 57.12 -25.21
CA LEU R 78 11.84 56.14 -26.14
C LEU R 78 10.81 55.49 -27.07
N ASP R 79 9.52 55.40 -26.74
CA ASP R 79 8.55 54.82 -27.67
C ASP R 79 8.27 55.79 -28.83
N ALA R 80 8.10 57.09 -28.52
CA ALA R 80 7.93 58.13 -29.53
C ALA R 80 9.20 58.30 -30.38
N LEU R 81 10.38 58.34 -29.76
CA LEU R 81 11.65 58.41 -30.48
C LEU R 81 11.88 57.16 -31.34
N SER R 82 11.53 55.95 -30.90
CA SER R 82 11.63 54.74 -31.75
C SER R 82 10.77 54.84 -33.00
N ARG R 83 9.51 55.29 -32.87
CA ARG R 83 8.62 55.48 -34.02
C ARG R 83 9.14 56.54 -34.99
N ARG R 84 9.51 57.71 -34.47
CA ARG R 84 10.13 58.80 -35.24
C ARG R 84 11.39 58.35 -35.98
N SER R 85 12.27 57.65 -35.29
CA SER R 85 13.54 57.14 -35.79
C SER R 85 13.35 56.14 -36.93
N LEU R 86 12.41 55.20 -36.81
CA LEU R 86 12.15 54.19 -37.83
C LEU R 86 11.64 54.79 -39.14
N ILE R 87 10.81 55.83 -39.10
CA ILE R 87 10.30 56.45 -40.32
C ILE R 87 11.43 57.07 -41.15
N LEU R 88 12.42 57.72 -40.55
CA LEU R 88 13.60 58.19 -41.29
C LEU R 88 14.47 57.04 -41.80
N GLN R 89 14.64 55.97 -41.02
CA GLN R 89 15.42 54.82 -41.45
C GLN R 89 14.80 54.14 -42.68
N GLU R 90 13.49 53.93 -42.68
CA GLU R 90 12.76 53.33 -43.79
C GLU R 90 12.67 54.26 -45.01
N LEU R 91 12.71 55.59 -44.82
CA LEU R 91 12.88 56.54 -45.91
C LEU R 91 14.30 56.50 -46.48
N LEU R 92 15.31 56.51 -45.61
CA LEU R 92 16.72 56.45 -46.00
C LEU R 92 17.03 55.15 -46.73
N ARG R 93 16.45 54.02 -46.34
CA ARG R 93 16.61 52.76 -47.07
C ARG R 93 16.10 52.85 -48.49
N LEU R 94 14.93 53.44 -48.73
CA LEU R 94 14.43 53.65 -50.09
C LEU R 94 15.40 54.53 -50.88
N VAL R 95 15.75 55.69 -50.35
CA VAL R 95 16.67 56.64 -51.00
C VAL R 95 18.06 56.03 -51.26
N SER R 96 18.56 55.16 -50.39
CA SER R 96 19.87 54.50 -50.53
C SER R 96 19.84 53.26 -51.41
N SER R 97 18.71 52.55 -51.45
CA SER R 97 18.46 51.39 -52.30
C SER R 97 18.42 51.80 -53.78
N ILE R 98 17.76 52.92 -54.05
CA ILE R 98 17.68 53.57 -55.37
C ILE R 98 18.92 54.45 -55.58
N SER R 99 20.06 53.82 -55.86
CA SER R 99 21.37 54.48 -55.75
C SER R 99 21.68 55.50 -56.87
N PRO R 100 21.76 55.14 -58.17
CA PRO R 100 22.05 56.12 -59.23
C PRO R 100 20.87 57.04 -59.52
N PHE R 101 19.66 56.49 -59.66
CA PHE R 101 18.41 57.23 -59.90
C PHE R 101 18.02 58.11 -58.70
N LYS R 102 17.09 59.06 -58.90
CA LYS R 102 16.59 59.97 -57.85
C LYS R 102 15.08 60.14 -57.96
N MET R 103 14.39 60.14 -56.82
CA MET R 103 12.96 60.47 -56.73
C MET R 103 12.74 62.00 -56.77
N LYS R 104 11.57 62.44 -57.23
CA LYS R 104 11.12 63.83 -57.09
C LYS R 104 10.82 64.18 -55.63
N LEU R 105 11.04 65.42 -55.21
CA LEU R 105 10.75 65.87 -53.83
C LEU R 105 9.27 65.68 -53.46
N ASP R 106 8.36 65.89 -54.39
CA ASP R 106 6.93 65.63 -54.19
C ASP R 106 6.64 64.15 -53.86
N LEU R 107 7.33 63.24 -54.53
CA LEU R 107 7.20 61.80 -54.30
C LEU R 107 7.85 61.40 -52.96
N ILE R 108 9.00 61.97 -52.61
CA ILE R 108 9.67 61.73 -51.32
C ILE R 108 8.77 62.15 -50.15
N GLU R 109 8.18 63.36 -50.19
CA GLU R 109 7.23 63.80 -49.17
C GLU R 109 5.96 62.94 -49.14
N SER R 110 5.49 62.46 -50.30
CA SER R 110 4.37 61.52 -50.38
C SER R 110 4.70 60.18 -49.69
N GLN R 111 5.86 59.56 -49.99
CA GLN R 111 6.29 58.33 -49.32
C GLN R 111 6.40 58.55 -47.80
N TYR R 112 7.03 59.66 -47.36
CA TYR R 112 7.11 59.98 -45.94
C TYR R 112 5.74 60.07 -45.27
N GLU R 113 4.80 60.79 -45.86
CA GLU R 113 3.47 60.95 -45.26
C GLU R 113 2.71 59.61 -45.22
N LYS R 114 2.83 58.80 -46.28
CA LYS R 114 2.21 57.46 -46.33
C LYS R 114 2.81 56.50 -45.31
N MET R 115 4.11 56.59 -45.04
CA MET R 115 4.77 55.86 -43.95
C MET R 115 4.33 56.36 -42.57
N LYS R 116 4.35 57.67 -42.32
CA LYS R 116 4.00 58.27 -41.02
C LYS R 116 2.58 57.90 -40.57
N GLN R 117 1.63 57.80 -41.51
CA GLN R 117 0.25 57.37 -41.24
C GLN R 117 0.09 55.86 -40.97
N HIS R 118 1.09 55.02 -41.27
CA HIS R 118 0.97 53.56 -41.09
C HIS R 118 0.89 53.16 -39.62
N VAL R 119 0.11 52.13 -39.30
CA VAL R 119 -0.15 51.69 -37.91
C VAL R 119 1.12 51.18 -37.23
N ASN R 120 1.85 50.29 -37.90
CA ASN R 120 3.07 49.66 -37.41
C ASN R 120 4.01 49.39 -38.59
N LEU R 121 4.87 50.35 -38.93
CA LEU R 121 5.63 50.37 -40.17
C LEU R 121 6.48 49.11 -40.37
N TRP R 122 6.96 48.49 -39.29
CA TRP R 122 7.77 47.27 -39.36
C TRP R 122 7.01 46.08 -40.00
N LYS R 123 5.68 46.03 -39.88
CA LYS R 123 4.83 45.00 -40.52
C LYS R 123 4.45 45.33 -41.97
N SER R 124 4.68 46.56 -42.43
CA SER R 124 4.17 47.04 -43.71
C SER R 124 4.73 46.26 -44.91
N ASP R 125 3.98 46.21 -46.01
CA ASP R 125 4.50 45.71 -47.28
C ASP R 125 5.54 46.69 -47.88
N TYR R 126 5.60 47.93 -47.41
CA TYR R 126 6.69 48.86 -47.69
C TYR R 126 8.02 48.31 -47.14
N HIS R 127 8.03 47.88 -45.87
CA HIS R 127 9.17 47.24 -45.24
C HIS R 127 9.58 45.98 -46.03
N VAL R 128 8.62 45.14 -46.40
CA VAL R 128 8.89 43.94 -47.22
C VAL R 128 9.46 44.27 -48.60
N LYS R 129 8.89 45.21 -49.34
CA LYS R 129 9.43 45.61 -50.66
C LYS R 129 10.86 46.14 -50.53
N LEU R 130 11.17 46.93 -49.50
CA LEU R 130 12.55 47.33 -49.26
C LEU R 130 13.46 46.17 -48.86
N ASN R 131 12.97 45.17 -48.12
CA ASN R 131 13.75 43.96 -47.85
C ASN R 131 14.10 43.25 -49.17
N GLN R 132 13.17 43.20 -50.13
CA GLN R 132 13.40 42.58 -51.42
C GLN R 132 14.37 43.38 -52.29
N LEU R 133 14.30 44.72 -52.33
CA LEU R 133 15.34 45.50 -53.00
C LEU R 133 16.71 45.31 -52.36
N ASN R 134 16.81 45.36 -51.02
CA ASN R 134 18.09 45.15 -50.34
C ASN R 134 18.63 43.74 -50.58
N GLN R 135 17.77 42.73 -50.65
CA GLN R 135 18.16 41.35 -50.99
C GLN R 135 18.77 41.26 -52.40
N LEU R 136 18.18 41.93 -53.40
CA LEU R 136 18.75 42.00 -54.76
C LEU R 136 20.03 42.83 -54.81
N THR R 137 20.06 43.96 -54.10
CA THR R 137 21.21 44.88 -54.10
C THR R 137 22.43 44.29 -53.39
N ASP R 138 22.24 43.62 -52.25
CA ASP R 138 23.29 42.95 -51.48
C ASP R 138 24.00 41.88 -52.31
N TYR R 139 23.27 41.11 -53.12
CA TYR R 139 23.86 40.16 -54.05
C TYR R 139 24.71 40.86 -55.12
N LEU R 140 24.15 41.85 -55.82
CA LEU R 140 24.83 42.56 -56.91
C LEU R 140 26.08 43.33 -56.45
N LYS R 141 26.19 43.68 -55.16
CA LYS R 141 27.33 44.41 -54.61
C LYS R 141 28.67 43.67 -54.79
N ASN R 142 28.66 42.33 -54.78
CA ASN R 142 29.85 41.50 -54.98
C ASN R 142 29.52 40.28 -55.86
N ALA R 143 29.71 40.40 -57.17
CA ALA R 143 29.47 39.31 -58.13
C ALA R 143 30.41 39.40 -59.37
N ALA R 144 30.68 38.25 -59.97
CA ALA R 144 31.37 38.11 -61.25
C ALA R 144 30.39 38.27 -62.44
N PRO R 145 30.84 38.60 -63.67
CA PRO R 145 29.98 38.80 -64.85
C PRO R 145 29.43 37.50 -65.47
N THR R 146 28.75 36.68 -64.66
CA THR R 146 28.00 35.49 -65.09
C THR R 146 26.67 35.84 -65.76
N PRO R 147 25.97 34.90 -66.42
CA PRO R 147 24.63 35.14 -66.96
C PRO R 147 23.63 35.60 -65.88
N LYS R 148 23.65 35.00 -64.68
CA LYS R 148 22.86 35.45 -63.52
C LYS R 148 23.15 36.91 -63.19
N ASN R 149 24.42 37.30 -63.03
CA ASN R 149 24.77 38.70 -62.73
C ASN R 149 24.23 39.66 -63.78
N ASN R 150 24.50 39.39 -65.06
CA ASN R 150 24.18 40.33 -66.13
C ASN R 150 22.67 40.55 -66.25
N PHE R 151 21.87 39.47 -66.22
CA PHE R 151 20.41 39.56 -66.25
C PHE R 151 19.82 40.15 -64.96
N LEU R 152 20.30 39.74 -63.79
CA LEU R 152 19.76 40.23 -62.53
C LEU R 152 20.05 41.72 -62.34
N ARG R 153 21.24 42.19 -62.72
CA ARG R 153 21.61 43.61 -62.71
C ARG R 153 20.77 44.42 -63.68
N ALA R 154 20.53 43.90 -64.88
CA ALA R 154 19.67 44.54 -65.86
C ALA R 154 18.24 44.70 -65.32
N MET R 155 17.61 43.62 -64.87
CA MET R 155 16.30 43.65 -64.24
C MET R 155 16.26 44.58 -63.03
N THR R 156 17.27 44.52 -62.17
CA THR R 156 17.31 45.32 -60.94
C THR R 156 17.44 46.80 -61.26
N SER R 157 18.17 47.17 -62.31
CA SER R 157 18.26 48.56 -62.74
C SER R 157 16.92 49.07 -63.28
N VAL R 158 16.18 48.24 -64.02
CA VAL R 158 14.81 48.56 -64.44
C VAL R 158 13.88 48.70 -63.24
N LEU R 159 14.00 47.79 -62.26
CA LEU R 159 13.20 47.84 -61.04
C LEU R 159 13.48 49.13 -60.25
N GLN R 160 14.74 49.45 -60.01
CA GLN R 160 15.13 50.64 -59.29
C GLN R 160 14.65 51.92 -59.99
N MET R 161 14.74 51.99 -61.33
CA MET R 161 14.17 53.10 -62.09
C MET R 161 12.65 53.19 -61.90
N GLN R 162 11.91 52.10 -62.01
CA GLN R 162 10.46 52.16 -61.83
C GLN R 162 10.07 52.50 -60.39
N ILE R 163 10.82 52.04 -59.38
CA ILE R 163 10.62 52.46 -58.00
C ILE R 163 10.93 53.95 -57.83
N ALA R 164 11.97 54.48 -58.48
CA ALA R 164 12.28 55.91 -58.46
C ALA R 164 11.17 56.76 -59.10
N GLN R 165 10.38 56.20 -60.02
CA GLN R 165 9.24 56.86 -60.64
C GLN R 165 7.93 56.76 -59.83
N TYR R 166 7.62 55.58 -59.29
CA TYR R 166 6.28 55.30 -58.70
C TYR R 166 6.27 55.14 -57.18
N GLY R 167 7.43 55.01 -56.53
CA GLY R 167 7.54 54.76 -55.11
C GLY R 167 7.19 53.31 -54.72
N ILE R 168 7.40 52.99 -53.44
CA ILE R 168 7.14 51.67 -52.87
C ILE R 168 5.66 51.49 -52.52
N THR R 169 4.99 52.53 -52.04
CA THR R 169 3.62 52.43 -51.50
C THR R 169 2.55 52.13 -52.56
N GLU R 170 2.76 52.56 -53.80
CA GLU R 170 1.79 52.39 -54.89
C GLU R 170 1.90 50.99 -55.51
N ASP R 171 0.83 50.20 -55.41
CA ASP R 171 0.80 48.85 -55.97
C ASP R 171 0.83 48.89 -57.51
N ASN R 172 1.91 48.43 -58.12
CA ASN R 172 2.16 48.55 -59.56
C ASN R 172 2.69 47.23 -60.15
N GLU R 173 2.06 46.80 -61.24
CA GLU R 173 2.32 45.50 -61.86
C GLU R 173 3.72 45.39 -62.45
N GLY R 174 4.32 46.51 -62.87
CA GLY R 174 5.68 46.56 -63.39
C GLY R 174 6.71 46.21 -62.31
N ILE R 175 6.70 46.95 -61.19
CA ILE R 175 7.59 46.64 -60.08
C ILE R 175 7.29 45.25 -59.49
N ASN R 176 6.03 44.85 -59.38
CA ASN R 176 5.66 43.52 -58.88
C ASN R 176 6.22 42.40 -59.78
N GLN R 177 6.13 42.52 -61.10
CA GLN R 177 6.71 41.56 -62.03
C GLN R 177 8.24 41.52 -61.91
N LEU R 178 8.89 42.67 -61.81
CA LEU R 178 10.35 42.73 -61.63
C LEU R 178 10.80 42.15 -60.28
N PHE R 179 10.07 42.35 -59.19
CA PHE R 179 10.36 41.70 -57.91
C PHE R 179 10.29 40.18 -58.05
N LYS R 180 9.20 39.65 -58.62
CA LYS R 180 9.00 38.20 -58.81
C LYS R 180 10.11 37.59 -59.65
N LEU R 181 10.45 38.19 -60.78
CA LEU R 181 11.50 37.71 -61.68
C LEU R 181 12.89 37.82 -61.07
N GLY R 182 13.23 38.97 -60.47
CA GLY R 182 14.54 39.17 -59.87
C GLY R 182 14.83 38.19 -58.73
N LEU R 183 13.86 38.01 -57.82
CA LEU R 183 13.99 37.05 -56.72
C LEU R 183 14.01 35.60 -57.21
N HIS R 184 13.27 35.25 -58.26
CA HIS R 184 13.32 33.91 -58.85
C HIS R 184 14.69 33.63 -59.51
N LEU R 185 15.27 34.58 -60.25
CA LEU R 185 16.62 34.42 -60.78
C LEU R 185 17.67 34.37 -59.67
N LEU R 186 17.51 35.12 -58.58
CA LEU R 186 18.42 35.06 -57.44
C LEU R 186 18.45 33.65 -56.84
N ALA R 187 17.29 33.05 -56.61
CA ALA R 187 17.12 31.70 -56.08
C ALA R 187 17.46 30.57 -57.06
N MET R 188 17.52 30.84 -58.37
CA MET R 188 17.87 29.85 -59.40
C MET R 188 19.26 29.28 -59.15
N ALA R 189 19.45 27.95 -59.21
CA ALA R 189 20.78 27.37 -59.00
C ALA R 189 21.80 27.87 -60.04
N ASN R 190 23.02 28.18 -59.61
CA ASN R 190 24.02 28.88 -60.43
C ASN R 190 24.43 28.10 -61.70
N GLU R 191 24.43 26.77 -61.67
CA GLU R 191 24.71 25.93 -62.85
C GLU R 191 23.57 25.85 -63.88
N LYS R 192 22.32 26.21 -63.52
CA LYS R 192 21.12 26.06 -64.37
C LYS R 192 21.00 27.17 -65.42
N ILE R 193 22.03 27.39 -66.22
CA ILE R 193 22.07 28.51 -67.17
C ILE R 193 20.92 28.48 -68.17
N ASP R 194 20.48 27.30 -68.63
CA ASP R 194 19.31 27.22 -69.52
C ASP R 194 18.05 27.84 -68.91
N GLU R 195 17.85 27.68 -67.60
CA GLU R 195 16.73 28.29 -66.89
C GLU R 195 16.96 29.79 -66.67
N GLN R 196 18.20 30.22 -66.44
CA GLN R 196 18.54 31.64 -66.29
C GLN R 196 18.30 32.40 -67.61
N TYR R 197 18.71 31.82 -68.74
CA TYR R 197 18.42 32.33 -70.08
C TYR R 197 16.93 32.29 -70.41
N HIS R 198 16.23 31.18 -70.11
CA HIS R 198 14.79 31.07 -70.33
C HIS R 198 13.98 32.11 -69.54
N LEU R 199 14.34 32.35 -68.27
CA LEU R 199 13.72 33.37 -67.44
C LEU R 199 13.88 34.76 -68.07
N PHE R 200 15.11 35.15 -68.40
CA PHE R 200 15.38 36.49 -68.90
C PHE R 200 14.82 36.73 -70.31
N LYS R 201 14.96 35.76 -71.23
CA LYS R 201 14.38 35.87 -72.58
C LYS R 201 12.85 35.91 -72.53
N GLY R 202 12.23 35.18 -71.60
CA GLY R 202 10.80 35.30 -71.30
C GLY R 202 10.42 36.71 -70.85
N TYR R 203 11.15 37.29 -69.90
CA TYR R 203 10.92 38.64 -69.43
C TYR R 203 11.04 39.70 -70.55
N VAL R 204 12.16 39.78 -71.25
CA VAL R 204 12.39 40.85 -72.25
C VAL R 204 11.40 40.73 -73.43
N LYS R 205 10.87 39.53 -73.69
CA LYS R 205 9.79 39.28 -74.66
C LYS R 205 8.41 39.69 -74.12
N ASP R 206 8.17 39.53 -72.82
CA ASP R 206 6.92 39.92 -72.16
C ASP R 206 6.82 41.42 -71.85
N GLN R 207 7.93 42.12 -71.66
CA GLN R 207 7.96 43.57 -71.43
C GLN R 207 7.47 44.34 -72.69
N PRO R 208 6.50 45.28 -72.57
CA PRO R 208 5.92 45.97 -73.73
C PRO R 208 6.85 47.00 -74.39
N GLU R 209 7.84 47.52 -73.64
CA GLU R 209 8.88 48.40 -74.17
C GLU R 209 9.80 47.66 -75.15
N GLU R 210 10.12 48.27 -76.29
CA GLU R 210 10.94 47.62 -77.33
C GLU R 210 12.40 47.39 -76.88
N SER R 211 12.96 48.32 -76.11
CA SER R 211 14.38 48.38 -75.74
C SER R 211 14.55 48.69 -74.24
N PRO R 212 14.17 47.79 -73.32
CA PRO R 212 13.96 48.13 -71.91
C PRO R 212 15.18 48.72 -71.18
N PHE R 213 16.38 48.31 -71.59
CA PHE R 213 17.65 48.68 -70.94
C PHE R 213 18.30 49.97 -71.48
N GLU R 214 17.74 50.53 -72.55
CA GLU R 214 18.27 51.72 -73.23
C GLU R 214 18.27 52.94 -72.30
N GLY R 215 19.46 53.44 -71.96
CA GLY R 215 19.66 54.52 -70.99
C GLY R 215 19.54 54.12 -69.51
N ILE R 216 19.09 52.89 -69.21
CA ILE R 216 18.99 52.34 -67.85
C ILE R 216 20.33 51.75 -67.38
N LEU R 217 21.10 51.14 -68.28
CA LEU R 217 22.43 50.60 -68.03
C LEU R 217 23.48 51.29 -68.93
N PRO R 218 24.75 51.41 -68.51
CA PRO R 218 25.84 51.94 -69.34
C PRO R 218 26.00 51.18 -70.66
N ALA R 219 26.46 51.87 -71.71
CA ALA R 219 26.58 51.28 -73.05
C ALA R 219 27.46 50.01 -73.08
N GLU R 220 28.52 49.94 -72.28
CA GLU R 220 29.34 48.74 -72.15
C GLU R 220 28.53 47.57 -71.57
N ASP R 221 27.68 47.82 -70.58
CA ASP R 221 26.78 46.79 -70.05
C ASP R 221 25.68 46.41 -71.05
N GLN R 222 25.19 47.35 -71.88
CA GLN R 222 24.26 47.04 -72.96
C GLN R 222 24.91 46.10 -74.00
N LYS R 223 26.14 46.43 -74.43
CA LYS R 223 26.93 45.59 -75.34
C LYS R 223 27.20 44.21 -74.74
N ILE R 224 27.61 44.15 -73.47
CA ILE R 224 27.84 42.89 -72.76
C ILE R 224 26.52 42.11 -72.60
N LEU R 225 25.38 42.74 -72.38
CA LEU R 225 24.09 42.06 -72.30
C LEU R 225 23.72 41.42 -73.65
N VAL R 226 23.92 42.13 -74.77
CA VAL R 226 23.77 41.55 -76.11
C VAL R 226 24.73 40.38 -76.28
N LYS R 227 26.02 40.56 -75.96
CA LYS R 227 27.02 39.49 -76.02
C LYS R 227 26.60 38.28 -75.17
N THR R 228 26.03 38.51 -74.00
CA THR R 228 25.55 37.45 -73.09
C THR R 228 24.48 36.61 -73.76
N MET R 229 23.52 37.25 -74.46
CA MET R 229 22.50 36.54 -75.22
C MET R 229 23.09 35.81 -76.44
N ILE R 230 23.94 36.49 -77.21
CA ILE R 230 24.55 35.98 -78.46
C ILE R 230 25.46 34.77 -78.20
N ASP R 231 26.30 34.79 -77.16
CA ASP R 231 27.23 33.69 -76.86
C ASP R 231 26.52 32.38 -76.47
N TYR R 232 25.27 32.44 -76.03
CA TYR R 232 24.42 31.28 -75.77
C TYR R 232 23.58 30.87 -77.00
N ALA R 233 23.24 31.81 -77.87
CA ALA R 233 22.55 31.54 -79.13
C ALA R 233 23.46 30.94 -80.22
N MET R 234 24.76 31.26 -80.20
CA MET R 234 25.76 30.84 -81.19
C MET R 234 26.06 29.32 -81.27
N PRO R 235 26.23 28.57 -80.15
CA PRO R 235 26.45 27.12 -80.21
C PRO R 235 25.24 26.37 -80.81
N LYS R 236 25.50 25.18 -81.34
CA LYS R 236 24.58 24.31 -82.09
C LYS R 236 24.10 24.85 -83.46
N LEU R 237 24.39 26.10 -83.84
CA LEU R 237 24.14 26.60 -85.19
C LEU R 237 25.05 25.86 -86.20
N SER R 238 24.48 24.98 -87.03
CA SER R 238 25.28 24.15 -87.96
C SER R 238 25.76 24.92 -89.20
N SER R 239 24.91 25.81 -89.72
CA SER R 239 25.24 26.67 -90.87
C SER R 239 26.07 27.88 -90.46
N LYS R 240 27.17 28.12 -91.19
CA LYS R 240 27.96 29.35 -91.11
C LYS R 240 27.11 30.59 -91.38
N VAL R 241 26.15 30.51 -92.29
CA VAL R 241 25.25 31.65 -92.62
C VAL R 241 24.41 32.05 -91.40
N LEU R 242 23.91 31.08 -90.62
CA LEU R 242 23.17 31.39 -89.40
C LEU R 242 24.08 32.01 -88.32
N GLN R 243 25.31 31.52 -88.16
CA GLN R 243 26.29 32.14 -87.26
C GLN R 243 26.63 33.58 -87.70
N ASP R 244 26.84 33.80 -89.00
CA ASP R 244 27.11 35.12 -89.57
C ASP R 244 25.91 36.08 -89.44
N LYS R 245 24.68 35.60 -89.62
CA LYS R 245 23.47 36.39 -89.34
C LYS R 245 23.31 36.72 -87.86
N LEU R 246 23.61 35.78 -86.96
CA LEU R 246 23.64 36.06 -85.52
C LEU R 246 24.74 37.09 -85.19
N SER R 247 25.91 36.98 -85.81
CA SER R 247 26.97 37.98 -85.69
C SER R 247 26.53 39.35 -86.22
N ALA R 248 25.82 39.41 -87.34
CA ALA R 248 25.25 40.65 -87.85
C ALA R 248 24.25 41.28 -86.87
N LEU R 249 23.34 40.50 -86.26
CA LEU R 249 22.46 40.98 -85.19
C LEU R 249 23.28 41.49 -83.98
N SER R 250 24.39 40.83 -83.64
CA SER R 250 25.27 41.21 -82.53
C SER R 250 25.97 42.57 -82.69
N SER R 251 25.96 43.15 -83.90
CA SER R 251 26.46 44.52 -84.12
C SER R 251 25.64 45.59 -83.38
N SER R 252 24.42 45.27 -82.96
CA SER R 252 23.53 46.15 -82.18
C SER R 252 24.06 46.41 -80.77
N ASP R 253 23.97 47.64 -80.28
CA ASP R 253 24.50 48.02 -78.96
C ASP R 253 23.64 47.58 -77.78
N VAL R 254 22.30 47.49 -77.94
CA VAL R 254 21.36 47.18 -76.85
C VAL R 254 20.33 46.16 -77.28
N LEU R 255 19.97 45.22 -76.39
CA LEU R 255 19.00 44.18 -76.67
C LEU R 255 17.60 44.79 -76.85
N THR R 256 16.86 44.32 -77.84
CA THR R 256 15.48 44.74 -78.12
C THR R 256 14.60 43.50 -78.36
N LYS R 257 13.29 43.64 -78.20
CA LYS R 257 12.37 42.52 -78.46
C LYS R 257 12.52 42.03 -79.91
N THR R 258 12.67 42.93 -80.87
CA THR R 258 12.90 42.59 -82.28
C THR R 258 14.19 41.81 -82.48
N LEU R 259 15.28 42.16 -81.78
CA LEU R 259 16.51 41.37 -81.82
C LEU R 259 16.29 40.00 -81.19
N LEU R 260 15.60 39.91 -80.05
CA LEU R 260 15.34 38.64 -79.37
C LEU R 260 14.48 37.71 -80.25
N ASP R 261 13.41 38.23 -80.85
CA ASP R 261 12.58 37.52 -81.82
C ASP R 261 13.37 37.11 -83.07
N SER R 262 14.37 37.90 -83.48
CA SER R 262 15.27 37.56 -84.59
C SER R 262 16.29 36.48 -84.22
N ILE R 263 16.80 36.47 -82.99
CA ILE R 263 17.68 35.41 -82.49
C ILE R 263 16.89 34.09 -82.41
N ASP R 264 15.65 34.12 -81.92
CA ASP R 264 14.74 32.98 -81.99
C ASP R 264 14.48 32.55 -83.44
N ARG R 265 14.29 33.49 -84.39
CA ARG R 265 14.13 33.15 -85.81
C ARG R 265 15.36 32.42 -86.37
N ILE R 266 16.57 32.85 -86.04
CA ILE R 266 17.80 32.16 -86.43
C ILE R 266 17.88 30.76 -85.81
N VAL R 267 17.50 30.59 -84.54
CA VAL R 267 17.40 29.26 -83.91
C VAL R 267 16.34 28.39 -84.62
N LYS R 268 15.19 28.95 -84.99
CA LYS R 268 14.16 28.23 -85.74
C LYS R 268 14.64 27.82 -87.14
N GLU R 269 15.38 28.69 -87.85
CA GLU R 269 16.00 28.30 -89.12
C GLU R 269 17.04 27.19 -88.92
N ASN R 270 17.79 27.18 -87.82
CA ASN R 270 18.68 26.06 -87.50
C ASN R 270 17.89 24.75 -87.27
N GLU R 271 16.80 24.80 -86.50
CA GLU R 271 15.94 23.64 -86.27
C GLU R 271 15.25 23.14 -87.54
N LYS R 272 14.94 24.05 -88.48
CA LYS R 272 14.37 23.72 -89.80
C LYS R 272 15.41 23.13 -90.76
N LEU R 273 16.66 23.58 -90.72
CA LEU R 273 17.75 23.03 -91.52
C LEU R 273 18.31 21.71 -90.95
N ASN R 274 18.24 21.49 -89.63
CA ASN R 274 18.71 20.27 -88.97
C ASN R 274 17.95 19.01 -89.45
N LEU S 52 -49.37 -61.60 7.43
CA LEU S 52 -50.39 -60.65 7.95
C LEU S 52 -49.81 -59.25 8.23
N PRO S 53 -48.74 -59.05 9.04
CA PRO S 53 -48.12 -57.73 9.18
C PRO S 53 -47.64 -57.17 7.85
N ILE S 54 -47.69 -55.85 7.72
CA ILE S 54 -47.44 -55.13 6.48
C ILE S 54 -45.97 -55.13 6.06
N LEU S 55 -45.70 -54.69 4.84
CA LEU S 55 -44.36 -54.64 4.25
C LEU S 55 -43.82 -53.21 4.30
N GLN S 56 -42.63 -53.01 4.88
CA GLN S 56 -41.94 -51.73 4.91
C GLN S 56 -40.62 -51.82 4.17
N SER S 57 -40.21 -50.76 3.48
CA SER S 57 -38.92 -50.72 2.79
C SER S 57 -37.69 -50.49 3.70
N HIS S 58 -37.87 -50.04 4.95
CA HIS S 58 -36.90 -50.11 6.08
C HIS S 58 -37.64 -50.00 7.44
N SER S 59 -37.02 -49.73 8.59
CA SER S 59 -37.67 -49.07 9.76
C SER S 59 -36.69 -48.65 10.88
N ALA S 60 -37.10 -47.79 11.83
CA ALA S 60 -36.26 -47.40 12.98
C ALA S 60 -36.98 -47.00 14.29
N LEU S 61 -38.06 -46.21 14.27
CA LEU S 61 -38.80 -45.86 15.52
C LEU S 61 -39.82 -46.92 15.93
N LEU S 62 -40.30 -47.75 15.00
CA LEU S 62 -41.36 -48.73 15.21
C LEU S 62 -40.79 -50.16 15.31
N GLU S 63 -41.16 -50.90 16.35
CA GLU S 63 -40.98 -52.35 16.43
C GLU S 63 -42.20 -53.09 15.91
N ASN S 64 -42.14 -54.40 15.67
CA ASN S 64 -43.25 -55.15 15.08
C ASN S 64 -44.56 -55.05 15.87
N MET S 65 -44.54 -54.99 17.20
CA MET S 65 -45.76 -54.79 17.99
C MET S 65 -46.41 -53.41 17.80
N HIS S 66 -45.66 -52.42 17.35
CA HIS S 66 -46.21 -51.11 16.96
C HIS S 66 -46.79 -51.19 15.55
N ILE S 67 -46.09 -51.82 14.62
CA ILE S 67 -46.58 -52.07 13.26
C ILE S 67 -47.90 -52.83 13.29
N GLU S 68 -48.00 -53.91 14.05
CA GLU S 68 -49.22 -54.72 14.14
C GLU S 68 -50.41 -53.90 14.61
N GLN S 69 -50.25 -53.11 15.67
CA GLN S 69 -51.34 -52.34 16.24
C GLN S 69 -51.74 -51.13 15.40
N LEU S 70 -50.80 -50.46 14.74
CA LEU S 70 -51.13 -49.42 13.76
C LEU S 70 -51.84 -50.01 12.54
N ALA S 71 -51.34 -51.10 11.95
CA ALA S 71 -51.90 -51.61 10.71
C ALA S 71 -53.35 -52.11 10.83
N ARG S 72 -53.80 -52.50 12.03
CA ARG S 72 -55.22 -52.80 12.30
C ARG S 72 -56.14 -51.59 12.19
N ARG S 73 -55.62 -50.36 12.31
CA ARG S 73 -56.41 -49.13 12.40
C ARG S 73 -56.40 -48.25 11.16
N LEU S 74 -55.42 -48.41 10.26
CA LEU S 74 -55.33 -47.55 9.09
C LEU S 74 -56.54 -47.72 8.16
N PRO S 75 -57.01 -46.68 7.44
CA PRO S 75 -58.23 -46.76 6.64
C PRO S 75 -58.13 -47.70 5.44
N ALA S 76 -59.26 -48.12 4.88
CA ALA S 76 -59.34 -48.93 3.68
C ALA S 76 -58.49 -48.40 2.50
N ARG S 77 -58.41 -46.93 2.55
CA ARG S 77 -57.56 -46.32 1.48
C ARG S 77 -56.17 -46.98 1.44
N VAL S 78 -55.54 -47.29 2.47
CA VAL S 78 -54.12 -47.65 2.58
C VAL S 78 -53.87 -49.08 3.08
N GLN S 79 -54.90 -49.88 3.31
CA GLN S 79 -54.72 -51.30 3.61
C GLN S 79 -54.20 -52.06 2.38
N GLY S 80 -53.16 -52.88 2.55
CA GLY S 80 -52.57 -53.68 1.47
C GLY S 80 -51.56 -52.94 0.57
N TYR S 81 -51.04 -51.79 1.01
CA TYR S 81 -49.98 -51.04 0.34
C TYR S 81 -48.68 -51.16 1.14
N PRO S 82 -47.50 -51.29 0.49
CA PRO S 82 -46.22 -51.23 1.19
C PRO S 82 -45.92 -49.82 1.68
N TRP S 83 -45.19 -49.71 2.79
CA TRP S 83 -44.87 -48.44 3.43
C TRP S 83 -43.50 -47.98 2.99
N ARG S 84 -43.38 -46.75 2.52
CA ARG S 84 -42.12 -46.13 2.09
C ARG S 84 -41.76 -44.99 3.02
N LEU S 85 -40.50 -44.89 3.42
CA LEU S 85 -40.02 -43.84 4.32
C LEU S 85 -39.80 -42.54 3.54
N ALA S 86 -40.68 -41.56 3.68
CA ALA S 86 -40.58 -40.30 2.98
C ALA S 86 -39.52 -39.39 3.62
N TYR S 87 -39.50 -39.30 4.95
CA TYR S 87 -38.57 -38.48 5.71
C TYR S 87 -38.21 -39.17 7.02
N SER S 88 -36.95 -39.12 7.43
CA SER S 88 -36.53 -39.48 8.78
C SER S 88 -35.42 -38.57 9.25
N THR S 89 -35.52 -38.03 10.46
CA THR S 89 -34.46 -37.18 11.02
C THR S 89 -33.11 -37.88 11.07
N LEU S 90 -33.11 -39.20 11.21
CA LEU S 90 -31.94 -40.06 11.29
C LEU S 90 -31.33 -40.42 9.92
N GLU S 91 -32.08 -40.27 8.83
CA GLU S 91 -31.62 -40.48 7.45
C GLU S 91 -31.26 -39.17 6.73
N HIS S 92 -32.03 -38.10 6.97
CA HIS S 92 -32.07 -36.91 6.12
C HIS S 92 -31.66 -35.63 6.83
N GLY S 93 -31.20 -35.71 8.08
CA GLY S 93 -30.96 -34.54 8.91
C GLY S 93 -32.26 -33.95 9.46
N THR S 94 -32.14 -33.10 10.48
CA THR S 94 -33.28 -32.65 11.28
C THR S 94 -33.69 -31.22 10.95
N SER S 95 -34.68 -31.00 10.06
CA SER S 95 -35.38 -29.72 9.99
C SER S 95 -36.76 -29.78 9.36
N LEU S 96 -37.66 -28.88 9.76
CA LEU S 96 -39.01 -28.81 9.20
C LEU S 96 -38.99 -28.47 7.71
N LYS S 97 -38.08 -27.60 7.26
CA LYS S 97 -37.90 -27.32 5.83
C LYS S 97 -37.52 -28.56 5.04
N THR S 98 -36.70 -29.45 5.56
CA THR S 98 -36.41 -30.73 4.91
C THR S 98 -37.64 -31.64 4.89
N LEU S 99 -38.41 -31.71 5.98
CA LEU S 99 -39.66 -32.48 6.05
C LEU S 99 -40.66 -32.04 4.98
N TYR S 100 -40.79 -30.73 4.75
CA TYR S 100 -41.73 -30.24 3.70
C TYR S 100 -41.13 -30.51 2.32
N ARG S 101 -39.82 -30.33 2.15
CA ARG S 101 -39.13 -30.60 0.88
C ARG S 101 -39.26 -32.07 0.44
N LYS S 102 -39.05 -33.02 1.35
CA LYS S 102 -39.27 -34.45 1.09
C LYS S 102 -40.74 -34.80 0.86
N SER S 103 -41.67 -34.09 1.48
CA SER S 103 -43.13 -34.32 1.31
C SER S 103 -43.74 -33.68 0.07
N ALA S 104 -43.07 -32.73 -0.57
CA ALA S 104 -43.68 -31.87 -1.60
C ALA S 104 -44.11 -32.62 -2.86
N SER S 105 -43.47 -33.74 -3.20
CA SER S 105 -43.80 -34.55 -4.38
C SER S 105 -44.97 -35.52 -4.18
N LEU S 106 -45.42 -35.76 -2.94
CA LEU S 106 -46.38 -36.80 -2.59
C LEU S 106 -47.82 -36.46 -2.97
N ASP S 107 -48.66 -37.49 -3.16
CA ASP S 107 -50.09 -37.36 -3.43
C ASP S 107 -50.86 -38.59 -2.89
N SER S 108 -50.60 -38.95 -1.64
CA SER S 108 -51.26 -40.01 -0.89
C SER S 108 -51.12 -39.75 0.63
N PRO S 109 -51.88 -40.44 1.50
CA PRO S 109 -51.80 -40.24 2.94
C PRO S 109 -50.42 -40.50 3.53
N VAL S 110 -50.19 -40.03 4.76
CA VAL S 110 -48.94 -40.21 5.48
C VAL S 110 -49.18 -40.57 6.93
N LEU S 111 -48.22 -41.29 7.50
CA LEU S 111 -48.14 -41.60 8.91
C LEU S 111 -46.95 -40.86 9.48
N LEU S 112 -47.16 -40.11 10.55
CA LEU S 112 -46.15 -39.43 11.31
C LEU S 112 -45.85 -40.23 12.57
N VAL S 113 -44.57 -40.47 12.82
CA VAL S 113 -44.08 -41.16 14.00
C VAL S 113 -43.08 -40.28 14.70
N ILE S 114 -43.23 -40.09 15.99
CA ILE S 114 -42.36 -39.30 16.83
C ILE S 114 -41.97 -40.13 18.03
N LYS S 115 -40.70 -40.07 18.39
CA LYS S 115 -40.19 -40.51 19.67
C LYS S 115 -39.71 -39.27 20.42
N ASP S 116 -40.18 -39.03 21.62
CA ASP S 116 -39.68 -37.94 22.45
C ASP S 116 -38.47 -38.37 23.30
N MET S 117 -37.83 -37.43 23.98
CA MET S 117 -36.71 -37.73 24.87
C MET S 117 -37.07 -38.58 26.10
N ASP S 118 -38.34 -38.76 26.41
CA ASP S 118 -38.81 -39.71 27.44
C ASP S 118 -39.16 -41.08 26.84
N ASN S 119 -38.82 -41.29 25.57
CA ASN S 119 -38.99 -42.50 24.78
C ASN S 119 -40.44 -42.86 24.44
N GLN S 120 -41.42 -41.99 24.67
CA GLN S 120 -42.81 -42.28 24.30
C GLN S 120 -42.97 -42.16 22.78
N ILE S 121 -43.70 -43.10 22.16
CA ILE S 121 -44.01 -43.11 20.74
C ILE S 121 -45.43 -42.63 20.50
N PHE S 122 -45.59 -41.71 19.57
CA PHE S 122 -46.86 -41.10 19.24
C PHE S 122 -46.80 -40.44 17.88
N GLY S 123 -47.94 -39.95 17.40
CA GLY S 123 -47.99 -39.20 16.17
C GLY S 123 -49.40 -39.12 15.63
N ALA S 124 -49.50 -39.11 14.31
CA ALA S 124 -50.75 -38.95 13.60
C ALA S 124 -50.75 -39.79 12.34
N TYR S 125 -51.93 -40.18 11.89
CA TYR S 125 -52.18 -40.57 10.52
C TYR S 125 -52.95 -39.44 9.86
N ALA S 126 -52.48 -38.96 8.72
CA ALA S 126 -53.00 -37.78 8.06
C ALA S 126 -53.36 -38.08 6.61
N THR S 127 -54.51 -37.62 6.16
CA THR S 127 -55.06 -37.87 4.82
C THR S 127 -54.33 -37.16 3.69
N HIS S 128 -53.49 -36.18 3.99
CA HIS S 128 -52.79 -35.34 3.03
C HIS S 128 -51.35 -35.13 3.48
N PRO S 129 -50.37 -35.03 2.57
CA PRO S 129 -49.00 -34.70 2.92
C PRO S 129 -48.86 -33.37 3.68
N PHE S 130 -47.80 -33.28 4.47
CA PHE S 130 -47.52 -32.05 5.25
C PHE S 130 -46.98 -30.96 4.32
N ARG S 131 -47.79 -29.94 4.05
CA ARG S 131 -47.38 -28.85 3.14
C ARG S 131 -47.70 -27.49 3.77
N PHE S 132 -47.05 -26.42 3.31
CA PHE S 132 -47.36 -25.05 3.80
C PHE S 132 -48.77 -24.68 3.35
N SER S 133 -49.63 -24.27 4.28
CA SER S 133 -51.03 -23.96 3.91
C SER S 133 -51.52 -22.69 4.61
N ASP S 134 -52.25 -21.85 3.90
CA ASP S 134 -52.84 -20.62 4.50
C ASP S 134 -53.89 -21.02 5.54
N HIS S 135 -54.67 -22.06 5.25
CA HIS S 135 -55.79 -22.44 6.13
C HIS S 135 -55.71 -23.92 6.49
N TYR S 136 -56.51 -24.36 7.45
CA TYR S 136 -56.52 -25.79 7.85
C TYR S 136 -56.96 -26.66 6.67
N TYR S 137 -56.44 -27.88 6.58
CA TYR S 137 -56.73 -28.83 5.51
C TYR S 137 -56.75 -30.25 6.05
N GLY S 138 -57.19 -31.23 5.26
CA GLY S 138 -57.35 -32.64 5.66
C GLY S 138 -58.81 -33.07 5.73
N THR S 139 -59.08 -34.35 6.00
CA THR S 139 -60.45 -34.86 6.21
C THR S 139 -60.54 -35.80 7.40
N GLY S 140 -61.76 -36.13 7.82
CA GLY S 140 -62.08 -36.84 9.07
C GLY S 140 -61.55 -38.27 9.23
N GLU S 141 -60.88 -38.82 8.24
CA GLU S 141 -60.11 -40.05 8.42
C GLU S 141 -58.74 -39.82 9.06
N THR S 142 -58.32 -38.57 9.26
CA THR S 142 -57.16 -38.18 10.08
C THR S 142 -57.35 -38.63 11.51
N PHE S 143 -56.31 -39.11 12.17
CA PHE S 143 -56.35 -39.43 13.60
C PHE S 143 -55.01 -39.20 14.27
N LEU S 144 -55.04 -38.96 15.59
CA LEU S 144 -53.86 -38.94 16.44
C LEU S 144 -53.70 -40.28 17.14
N TYR S 145 -52.49 -40.67 17.53
CA TYR S 145 -52.27 -41.91 18.27
C TYR S 145 -51.13 -41.79 19.26
N THR S 146 -51.09 -42.69 20.23
CA THR S 146 -49.99 -42.82 21.16
C THR S 146 -49.87 -44.24 21.68
N PHE S 147 -48.68 -44.65 22.05
CA PHE S 147 -48.42 -45.85 22.85
C PHE S 147 -47.98 -45.38 24.22
N SER S 148 -48.78 -45.62 25.26
CA SER S 148 -48.67 -44.88 26.51
C SER S 148 -48.70 -45.70 27.82
N PRO S 149 -48.09 -46.90 27.94
CA PRO S 149 -47.47 -47.72 26.90
C PRO S 149 -48.47 -48.53 26.06
N ASN S 150 -49.75 -48.61 26.48
CA ASN S 150 -50.82 -49.22 25.70
C ASN S 150 -51.23 -48.33 24.53
N PHE S 151 -51.57 -48.91 23.38
CA PHE S 151 -51.95 -48.18 22.18
C PHE S 151 -53.34 -47.55 22.29
N LYS S 152 -53.43 -46.24 22.06
CA LYS S 152 -54.68 -45.48 21.98
C LYS S 152 -54.73 -44.67 20.70
N VAL S 153 -55.89 -44.58 20.06
CA VAL S 153 -56.11 -43.80 18.85
C VAL S 153 -57.31 -42.87 19.01
N PHE S 154 -57.12 -41.61 18.67
CA PHE S 154 -58.07 -40.52 18.83
C PHE S 154 -58.57 -40.08 17.46
N LYS S 155 -59.64 -40.72 16.98
CA LYS S 155 -60.29 -40.35 15.73
C LYS S 155 -61.13 -39.10 15.90
N TRP S 156 -61.49 -38.49 14.76
CA TRP S 156 -62.26 -37.23 14.70
C TRP S 156 -63.46 -37.22 15.64
N SER S 157 -63.64 -36.13 16.38
CA SER S 157 -64.79 -35.95 17.26
C SER S 157 -66.08 -35.60 16.52
N GLY S 158 -65.96 -35.10 15.29
CA GLY S 158 -67.04 -34.46 14.54
C GLY S 158 -67.24 -32.97 14.84
N GLU S 159 -66.53 -32.38 15.81
CA GLU S 159 -66.82 -31.02 16.27
C GLU S 159 -66.30 -29.93 15.33
N ASN S 160 -65.06 -30.04 14.84
CA ASN S 160 -64.47 -29.09 13.92
C ASN S 160 -63.53 -29.81 12.94
N SER S 161 -63.17 -29.14 11.85
CA SER S 161 -62.36 -29.69 10.77
C SER S 161 -60.93 -29.12 10.74
N TYR S 162 -60.38 -28.75 11.90
CA TYR S 162 -59.04 -28.18 12.03
C TYR S 162 -57.94 -29.25 12.00
N PHE S 163 -57.94 -30.13 11.00
CA PHE S 163 -57.10 -31.32 11.04
C PHE S 163 -55.60 -31.03 10.97
N ILE S 164 -55.12 -30.38 9.90
CA ILE S 164 -53.70 -30.15 9.65
C ILE S 164 -53.48 -28.68 9.32
N ASN S 165 -52.44 -28.06 9.88
CA ASN S 165 -52.05 -26.69 9.48
C ASN S 165 -50.51 -26.64 9.47
N GLY S 166 -49.93 -26.17 8.39
CA GLY S 166 -48.46 -26.06 8.28
C GLY S 166 -48.02 -24.64 8.01
N ASP S 167 -46.99 -24.18 8.70
CA ASP S 167 -46.47 -22.80 8.55
C ASP S 167 -44.96 -22.90 8.35
N ILE S 168 -44.34 -21.78 7.88
CA ILE S 168 -42.87 -21.75 7.68
C ILE S 168 -42.16 -22.14 8.99
N SER S 169 -42.73 -21.81 10.14
CA SER S 169 -42.03 -22.04 11.44
C SER S 169 -42.67 -23.12 12.30
N SER S 170 -43.74 -23.79 11.86
CA SER S 170 -44.32 -24.89 12.63
C SER S 170 -45.21 -25.80 11.81
N LEU S 171 -45.48 -26.96 12.37
CA LEU S 171 -46.47 -27.89 11.88
C LEU S 171 -47.35 -28.28 13.06
N GLU S 172 -48.65 -28.35 12.83
CA GLU S 172 -49.60 -28.64 13.88
C GLU S 172 -50.84 -29.37 13.38
N LEU S 173 -51.47 -30.09 14.31
CA LEU S 173 -52.68 -30.84 14.10
C LEU S 173 -53.70 -30.58 15.19
N GLY S 174 -54.94 -30.43 14.79
CA GLY S 174 -56.06 -30.12 15.67
C GLY S 174 -56.24 -28.63 15.92
N GLY S 175 -57.35 -28.30 16.55
CA GLY S 175 -57.74 -26.94 16.91
C GLY S 175 -58.97 -26.95 17.82
N GLY S 176 -59.43 -25.76 18.18
CA GLY S 176 -60.50 -25.55 19.16
C GLY S 176 -60.01 -24.65 20.30
N GLY S 177 -60.05 -23.34 20.08
CA GLY S 177 -59.36 -22.36 20.93
C GLY S 177 -57.85 -22.32 20.63
N GLY S 178 -57.03 -22.08 21.66
CA GLY S 178 -55.57 -22.07 21.53
C GLY S 178 -54.90 -23.45 21.54
N ARG S 179 -55.68 -24.54 21.65
CA ARG S 179 -55.18 -25.91 21.76
C ARG S 179 -54.70 -26.48 20.44
N PHE S 180 -53.70 -27.37 20.49
CA PHE S 180 -53.32 -28.27 19.40
C PHE S 180 -53.11 -29.68 19.94
N GLY S 181 -53.59 -30.70 19.25
CA GLY S 181 -53.30 -32.08 19.62
C GLY S 181 -51.83 -32.40 19.45
N LEU S 182 -51.19 -31.74 18.51
CA LEU S 182 -49.74 -31.92 18.26
C LEU S 182 -49.18 -30.69 17.54
N TRP S 183 -48.19 -30.00 18.05
CA TRP S 183 -47.48 -28.88 17.46
C TRP S 183 -45.98 -29.15 17.51
N LEU S 184 -45.26 -28.80 16.44
CA LEU S 184 -43.82 -28.96 16.26
C LEU S 184 -43.18 -27.67 15.75
N ASP S 185 -42.02 -27.31 16.28
CA ASP S 185 -41.26 -26.13 15.88
C ASP S 185 -40.46 -26.31 14.57
N ALA S 186 -39.87 -25.23 14.07
CA ALA S 186 -39.11 -25.23 12.82
C ALA S 186 -37.87 -26.15 12.83
N ASP S 187 -37.36 -26.46 14.01
CA ASP S 187 -36.16 -27.28 14.19
C ASP S 187 -36.49 -28.75 14.34
N LEU S 188 -37.77 -29.10 14.52
CA LEU S 188 -38.20 -30.40 15.02
C LEU S 188 -37.48 -30.72 16.33
N TYR S 189 -37.40 -29.73 17.22
CA TYR S 189 -36.77 -29.86 18.51
C TYR S 189 -37.81 -29.77 19.62
N HIS S 190 -38.42 -28.60 19.83
CA HIS S 190 -39.55 -28.49 20.75
C HIS S 190 -40.86 -28.88 20.06
N GLY S 191 -41.72 -29.57 20.80
CA GLY S 191 -43.12 -29.75 20.43
C GLY S 191 -44.03 -29.58 21.64
N ARG S 192 -45.33 -29.58 21.39
CA ARG S 192 -46.35 -29.54 22.44
C ARG S 192 -47.56 -30.37 22.05
N SER S 193 -48.19 -31.00 23.04
CA SER S 193 -49.47 -31.67 22.88
C SER S 193 -50.39 -31.34 24.03
N ASN S 194 -51.64 -31.01 23.72
CA ASN S 194 -52.69 -30.83 24.70
C ASN S 194 -54.01 -31.35 24.11
N SER S 195 -55.03 -31.63 24.91
CA SER S 195 -56.33 -32.03 24.36
C SER S 195 -56.93 -30.91 23.52
N CYS S 196 -57.32 -31.22 22.29
CA CYS S 196 -58.03 -30.30 21.40
C CYS S 196 -59.35 -30.93 20.98
N SER S 197 -60.37 -30.12 20.72
CA SER S 197 -61.69 -30.67 20.44
C SER S 197 -61.84 -31.28 19.06
N THR S 198 -60.88 -31.14 18.14
CA THR S 198 -60.90 -31.89 16.87
C THR S 198 -60.84 -33.39 17.09
N PHE S 199 -60.04 -33.86 18.05
CA PHE S 199 -59.79 -35.28 18.29
C PHE S 199 -60.20 -35.73 19.70
N ASN S 200 -60.39 -34.81 20.66
CA ASN S 200 -60.59 -35.10 22.08
C ASN S 200 -59.46 -35.97 22.67
N ASN S 201 -58.24 -35.77 22.20
CA ASN S 201 -57.07 -36.57 22.55
C ASN S 201 -56.60 -36.41 24.01
N ASP S 202 -55.86 -37.39 24.52
CA ASP S 202 -54.98 -37.20 25.68
C ASP S 202 -53.75 -36.35 25.33
N ILE S 203 -52.90 -36.08 26.31
CA ILE S 203 -51.50 -35.71 26.03
C ILE S 203 -50.83 -36.90 25.31
N LEU S 204 -50.27 -36.68 24.13
CA LEU S 204 -49.67 -37.76 23.31
C LEU S 204 -48.29 -38.19 23.81
N SER S 205 -47.53 -37.28 24.42
CA SER S 205 -46.22 -37.48 25.04
C SER S 205 -46.35 -37.81 26.54
N LYS S 206 -45.25 -38.06 27.26
CA LYS S 206 -45.26 -38.07 28.74
C LYS S 206 -45.52 -36.71 29.36
N LYS S 207 -45.32 -35.60 28.63
CA LYS S 207 -45.52 -34.23 29.11
C LYS S 207 -46.22 -33.38 28.06
N GLU S 208 -46.85 -32.29 28.48
CA GLU S 208 -47.44 -31.33 27.54
C GLU S 208 -46.38 -30.72 26.64
N ASP S 209 -45.24 -30.32 27.20
CA ASP S 209 -44.09 -29.78 26.50
C ASP S 209 -43.01 -30.84 26.41
N PHE S 210 -42.48 -31.09 25.22
CA PHE S 210 -41.55 -32.19 24.99
C PHE S 210 -40.46 -31.82 24.00
N ILE S 211 -39.39 -32.62 24.01
CA ILE S 211 -38.31 -32.56 23.03
C ILE S 211 -38.40 -33.79 22.13
N VAL S 212 -38.38 -33.59 20.82
CA VAL S 212 -38.28 -34.68 19.84
C VAL S 212 -36.92 -35.35 20.00
N GLN S 213 -36.89 -36.64 20.25
CA GLN S 213 -35.65 -37.41 20.13
C GLN S 213 -35.41 -37.75 18.67
N ASP S 214 -36.41 -38.25 17.94
CA ASP S 214 -36.35 -38.45 16.50
C ASP S 214 -37.77 -38.58 15.92
N LEU S 215 -37.89 -38.41 14.60
CA LEU S 215 -39.17 -38.27 13.91
C LEU S 215 -39.10 -38.88 12.51
N GLU S 216 -40.19 -39.50 12.06
CA GLU S 216 -40.31 -40.11 10.73
C GLU S 216 -41.65 -39.83 10.09
N VAL S 217 -41.66 -39.66 8.77
CA VAL S 217 -42.88 -39.60 7.97
C VAL S 217 -42.85 -40.73 6.96
N TRP S 218 -43.87 -41.58 6.99
CA TRP S 218 -44.08 -42.69 6.08
C TRP S 218 -45.20 -42.37 5.14
N THR S 219 -45.10 -42.83 3.91
CA THR S 219 -46.16 -42.72 2.91
C THR S 219 -46.51 -44.06 2.31
N PHE S 220 -47.75 -44.22 1.87
CA PHE S 220 -48.28 -45.47 1.34
C PHE S 220 -48.30 -45.36 -0.17
N GLU S 221 -47.45 -46.15 -0.83
CA GLU S 221 -47.04 -45.90 -2.20
C GLU S 221 -46.31 -47.11 -2.79
#